data_7CLV
#
_entry.id   7CLV
#
loop_
_entity.id
_entity.type
_entity.pdbx_description
1 polymer 'TIM23 isoform 1'
2 polymer 'COX4 isoform 1'
#
loop_
_entity_poly.entity_id
_entity_poly.type
_entity_poly.pdbx_seq_one_letter_code
_entity_poly.pdbx_strand_id
1 'polypeptide(L)'
;MSWLFGDKTPTDDANAAVGGQDTTKPKELSLKQSLGFEPNINNIISGPGGMHVDTARLHPLAGLDKGVEYLDLEEEQLSS
LEGSQGLIPSRGWTDDLCYGTGAVYLLGLGIGGFSGMMQGLQNIPPNSPGKLQLNTVLNHITKRGPFLGNNAGILALSYN
IINSTIDALRGKHDTAGSIGAGALTGALFKSSKGLKPMGYSSAMVAAACAVWCSVKKRLLEK
;
A,B
2 'polypeptide(L)' MLSLRQSIRFFKPATRTLCSSRYLL C
#
# COMPACT_ATOMS: atom_id res chain seq x y z
N MET A 1 -52.90 10.40 -101.51
CA MET A 1 -52.59 9.73 -100.20
C MET A 1 -52.14 8.29 -100.44
N SER A 2 -50.97 8.11 -100.99
CA SER A 2 -50.47 6.73 -101.24
C SER A 2 -48.93 6.72 -101.29
N TRP A 3 -48.29 6.46 -100.19
CA TRP A 3 -46.80 6.44 -100.18
C TRP A 3 -46.28 5.01 -100.37
N LEU A 4 -47.11 4.12 -100.85
CA LEU A 4 -46.67 2.70 -101.05
C LEU A 4 -46.11 2.52 -102.47
N PHE A 5 -45.78 3.59 -103.14
CA PHE A 5 -45.24 3.47 -104.52
C PHE A 5 -43.72 3.33 -104.48
N GLY A 6 -43.10 3.71 -103.40
CA GLY A 6 -41.62 3.60 -103.31
C GLY A 6 -40.99 4.99 -103.27
N ASP A 7 -41.52 5.86 -102.45
CA ASP A 7 -40.97 7.26 -102.37
C ASP A 7 -39.56 7.22 -101.78
N LYS A 8 -38.94 8.36 -101.62
CA LYS A 8 -37.56 8.39 -101.06
C LYS A 8 -37.57 7.92 -99.60
N THR A 9 -36.50 7.31 -99.16
CA THR A 9 -36.43 6.82 -97.76
C THR A 9 -35.94 7.94 -96.83
N PRO A 10 -36.80 8.42 -95.98
CA PRO A 10 -36.42 9.50 -95.04
C PRO A 10 -35.50 8.97 -93.95
N THR A 11 -34.52 9.75 -93.56
CA THR A 11 -33.57 9.29 -92.49
C THR A 11 -34.11 9.66 -91.11
N ASP A 12 -34.99 10.63 -91.03
CA ASP A 12 -35.55 11.03 -89.71
C ASP A 12 -36.17 9.82 -89.01
N ASP A 13 -36.66 8.88 -89.75
CA ASP A 13 -37.28 7.67 -89.13
C ASP A 13 -36.19 6.68 -88.71
N ALA A 14 -35.09 6.67 -89.40
CA ALA A 14 -33.99 5.73 -89.05
C ALA A 14 -33.45 6.02 -87.64
N ASN A 15 -33.55 7.26 -87.22
CA ASN A 15 -33.06 7.63 -85.86
C ASN A 15 -34.04 7.16 -84.80
N ALA A 16 -35.31 7.13 -85.12
CA ALA A 16 -36.33 6.68 -84.13
C ALA A 16 -36.11 5.21 -83.77
N ALA A 17 -35.95 4.36 -84.75
CA ALA A 17 -35.73 2.92 -84.46
C ALA A 17 -34.30 2.52 -84.81
N VAL A 18 -33.36 2.82 -83.95
CA VAL A 18 -31.94 2.45 -84.25
C VAL A 18 -31.34 1.68 -83.06
N GLY A 19 -32.13 0.87 -82.41
CA GLY A 19 -31.62 0.09 -81.26
C GLY A 19 -31.63 -1.40 -81.60
N GLY A 20 -30.67 -2.14 -81.12
CA GLY A 20 -30.63 -3.60 -81.42
C GLY A 20 -30.01 -4.35 -80.23
N GLN A 21 -30.20 -5.64 -80.16
CA GLN A 21 -29.62 -6.44 -79.04
C GLN A 21 -29.68 -7.93 -79.35
N ASP A 22 -28.73 -8.43 -80.09
CA ASP A 22 -28.73 -9.88 -80.43
C ASP A 22 -28.67 -10.73 -79.15
N THR A 23 -28.02 -10.23 -78.14
CA THR A 23 -27.93 -10.99 -76.86
C THR A 23 -29.11 -10.65 -75.95
N THR A 24 -29.83 -11.65 -75.49
CA THR A 24 -30.99 -11.37 -74.60
C THR A 24 -30.75 -11.97 -73.20
N LYS A 25 -29.88 -12.94 -73.11
CA LYS A 25 -29.61 -13.57 -71.78
C LYS A 25 -29.06 -12.51 -70.80
N PRO A 26 -29.10 -12.83 -69.53
CA PRO A 26 -28.61 -11.90 -68.49
C PRO A 26 -27.07 -11.84 -68.52
N LYS A 27 -26.44 -12.89 -68.95
CA LYS A 27 -24.94 -12.89 -68.99
C LYS A 27 -24.45 -12.07 -70.18
N GLU A 28 -23.59 -11.12 -69.94
CA GLU A 28 -23.07 -10.28 -71.06
C GLU A 28 -21.76 -10.87 -71.60
N LEU A 29 -21.30 -11.96 -71.04
CA LEU A 29 -20.03 -12.57 -71.53
C LEU A 29 -20.19 -13.05 -72.99
N SER A 30 -21.39 -13.30 -73.41
CA SER A 30 -21.62 -13.76 -74.81
C SER A 30 -20.98 -12.79 -75.80
N LEU A 31 -20.85 -11.54 -75.43
CA LEU A 31 -20.22 -10.55 -76.35
C LEU A 31 -18.75 -10.88 -76.56
N LYS A 32 -18.05 -11.24 -75.51
CA LYS A 32 -16.60 -11.57 -75.65
C LYS A 32 -16.45 -12.98 -76.22
N GLN A 33 -17.46 -13.80 -76.09
CA GLN A 33 -17.36 -15.20 -76.61
C GLN A 33 -17.07 -15.18 -78.12
N SER A 34 -17.49 -14.15 -78.80
CA SER A 34 -17.24 -14.07 -80.27
C SER A 34 -15.74 -14.04 -80.55
N LEU A 35 -14.96 -13.57 -79.62
CA LEU A 35 -13.47 -13.51 -79.83
C LEU A 35 -12.85 -14.88 -79.50
N GLY A 36 -13.37 -15.55 -78.51
CA GLY A 36 -12.80 -16.87 -78.14
C GLY A 36 -11.45 -16.70 -77.45
N PHE A 37 -11.38 -15.83 -76.48
CA PHE A 37 -10.08 -15.60 -75.77
C PHE A 37 -9.75 -16.81 -74.88
N GLU A 38 -8.49 -17.15 -74.77
CA GLU A 38 -8.10 -18.31 -73.93
C GLU A 38 -7.42 -17.83 -72.64
N PRO A 39 -7.50 -18.65 -71.62
CA PRO A 39 -6.89 -18.29 -70.32
C PRO A 39 -5.37 -18.43 -70.39
N ASN A 40 -4.88 -19.42 -71.08
CA ASN A 40 -3.40 -19.61 -71.19
C ASN A 40 -2.77 -18.40 -71.89
N ILE A 41 -3.23 -18.09 -73.07
CA ILE A 41 -2.66 -16.92 -73.81
C ILE A 41 -2.79 -15.64 -72.98
N ASN A 42 -3.74 -15.60 -72.07
CA ASN A 42 -3.92 -14.38 -71.24
C ASN A 42 -3.03 -14.45 -69.99
N ASN A 43 -2.70 -15.64 -69.55
CA ASN A 43 -1.84 -15.78 -68.34
C ASN A 43 -0.46 -15.16 -68.59
N ILE A 44 -0.09 -15.00 -69.83
CA ILE A 44 1.25 -14.41 -70.15
C ILE A 44 1.37 -13.00 -69.55
N ILE A 45 0.29 -12.25 -69.56
CA ILE A 45 0.34 -10.87 -69.00
C ILE A 45 -0.19 -10.86 -67.57
N SER A 46 -0.02 -11.94 -66.85
CA SER A 46 -0.51 -12.00 -65.45
C SER A 46 0.63 -11.72 -64.47
N GLY A 47 1.38 -10.68 -64.71
CA GLY A 47 2.51 -10.35 -63.80
C GLY A 47 2.00 -9.46 -62.65
N PRO A 48 2.20 -8.17 -62.80
CA PRO A 48 1.75 -7.21 -61.75
C PRO A 48 0.22 -7.06 -61.81
N GLY A 49 -0.40 -6.86 -60.68
CA GLY A 49 -1.89 -6.70 -60.66
C GLY A 49 -2.47 -7.47 -59.48
N GLY A 50 -3.75 -7.39 -59.28
CA GLY A 50 -4.39 -8.12 -58.14
C GLY A 50 -3.92 -7.50 -56.82
N MET A 51 -4.50 -6.40 -56.44
CA MET A 51 -4.09 -5.75 -55.15
C MET A 51 -5.24 -4.89 -54.61
N HIS A 52 -5.04 -4.29 -53.47
CA HIS A 52 -6.12 -3.44 -52.88
C HIS A 52 -5.51 -2.25 -52.13
N VAL A 53 -6.32 -1.49 -51.44
CA VAL A 53 -5.79 -0.32 -50.68
C VAL A 53 -6.38 -0.29 -49.27
N ASP A 54 -5.68 0.29 -48.33
CA ASP A 54 -6.19 0.36 -46.94
C ASP A 54 -7.06 1.61 -46.75
N THR A 55 -8.18 1.48 -46.09
CA THR A 55 -9.06 2.66 -45.88
C THR A 55 -8.70 3.37 -44.57
N ALA A 56 -8.32 2.62 -43.57
CA ALA A 56 -7.95 3.26 -42.26
C ALA A 56 -6.66 4.07 -42.42
N ARG A 57 -5.90 3.81 -43.44
CA ARG A 57 -4.63 4.58 -43.64
C ARG A 57 -4.91 6.08 -43.69
N LEU A 58 -5.94 6.47 -44.40
CA LEU A 58 -6.28 7.93 -44.50
C LEU A 58 -6.73 8.45 -43.14
N HIS A 59 -7.30 7.61 -42.32
CA HIS A 59 -7.77 8.06 -40.98
C HIS A 59 -6.63 7.95 -39.96
N PRO A 60 -6.64 8.83 -39.00
CA PRO A 60 -5.59 8.82 -37.95
C PRO A 60 -5.80 7.66 -36.99
N LEU A 61 -4.74 7.04 -36.53
CA LEU A 61 -4.89 5.90 -35.59
C LEU A 61 -4.22 6.22 -34.25
N ALA A 62 -4.18 7.48 -33.89
CA ALA A 62 -3.55 7.86 -32.60
C ALA A 62 -4.61 8.11 -31.53
N GLY A 63 -5.75 7.47 -31.66
CA GLY A 63 -6.83 7.66 -30.65
C GLY A 63 -6.43 6.99 -29.34
N LEU A 64 -6.22 5.70 -29.37
CA LEU A 64 -5.82 4.97 -28.12
C LEU A 64 -4.47 5.48 -27.61
N ASP A 65 -3.71 6.14 -28.44
CA ASP A 65 -2.38 6.66 -28.01
C ASP A 65 -2.56 7.61 -26.83
N LYS A 66 -3.61 8.38 -26.82
CA LYS A 66 -3.84 9.34 -25.70
C LYS A 66 -4.17 8.57 -24.41
N GLY A 67 -4.73 7.39 -24.54
CA GLY A 67 -5.08 6.59 -23.33
C GLY A 67 -3.82 5.94 -22.76
N VAL A 68 -2.96 5.44 -23.61
CA VAL A 68 -1.71 4.79 -23.13
C VAL A 68 -0.80 5.84 -22.47
N GLU A 69 -0.91 7.07 -22.85
CA GLU A 69 -0.05 8.13 -22.24
C GLU A 69 -0.32 8.23 -20.74
N TYR A 70 -1.56 8.39 -20.36
CA TYR A 70 -1.89 8.48 -18.90
C TYR A 70 -2.01 7.09 -18.28
N LEU A 71 -1.97 6.06 -19.08
CA LEU A 71 -2.09 4.68 -18.52
C LEU A 71 -1.00 4.41 -17.48
N ASP A 72 0.24 4.44 -17.89
CA ASP A 72 1.35 4.18 -16.92
C ASP A 72 1.82 5.49 -16.26
N LEU A 73 1.64 6.60 -16.93
CA LEU A 73 2.08 7.90 -16.36
C LEU A 73 1.38 8.15 -15.02
N GLU A 74 0.08 8.02 -14.98
CA GLU A 74 -0.66 8.25 -13.70
C GLU A 74 -0.51 7.06 -12.77
N GLU A 75 -0.33 5.89 -13.31
CA GLU A 75 -0.16 4.67 -12.44
C GLU A 75 1.03 4.86 -11.49
N GLU A 76 2.04 5.55 -11.94
CA GLU A 76 3.23 5.78 -11.07
C GLU A 76 3.06 7.06 -10.23
N GLN A 77 2.14 7.90 -10.61
CA GLN A 77 1.92 9.16 -9.85
C GLN A 77 1.67 8.86 -8.37
N LEU A 78 0.77 7.96 -8.08
CA LEU A 78 0.47 7.63 -6.66
C LEU A 78 1.54 6.67 -6.10
N SER A 79 2.18 5.92 -6.95
CA SER A 79 3.23 4.98 -6.47
C SER A 79 4.40 5.76 -5.85
N SER A 80 4.69 6.92 -6.37
CA SER A 80 5.81 7.73 -5.81
C SER A 80 5.51 8.14 -4.36
N LEU A 81 4.25 8.23 -4.02
CA LEU A 81 3.90 8.62 -2.62
C LEU A 81 4.39 7.55 -1.63
N GLU A 82 4.15 6.30 -1.92
CA GLU A 82 4.60 5.23 -1.00
C GLU A 82 6.11 5.00 -1.16
N GLY A 83 6.58 4.87 -2.37
CA GLY A 83 8.04 4.65 -2.59
C GLY A 83 8.24 3.41 -3.44
N SER A 84 9.05 3.50 -4.47
CA SER A 84 9.30 2.32 -5.34
C SER A 84 10.37 1.42 -4.73
N GLN A 85 11.39 2.00 -4.15
CA GLN A 85 12.46 1.18 -3.53
C GLN A 85 11.96 0.55 -2.23
N GLY A 86 11.53 1.36 -1.30
CA GLY A 86 11.03 0.81 0.00
C GLY A 86 12.19 0.24 0.81
N LEU A 87 12.97 1.09 1.42
CA LEU A 87 14.13 0.61 2.23
C LEU A 87 13.79 0.63 3.71
N ILE A 88 13.75 -0.51 4.34
CA ILE A 88 13.43 -0.56 5.81
C ILE A 88 12.10 0.16 6.08
N PRO A 89 11.05 -0.37 5.53
CA PRO A 89 9.70 0.23 5.72
C PRO A 89 9.18 -0.05 7.13
N SER A 90 9.23 -1.29 7.55
CA SER A 90 8.73 -1.63 8.92
C SER A 90 9.77 -2.47 9.66
N ARG A 91 10.41 -3.38 8.98
CA ARG A 91 11.45 -4.24 9.65
C ARG A 91 10.85 -5.00 10.85
N GLY A 92 9.55 -5.02 10.98
CA GLY A 92 8.94 -5.75 12.12
C GLY A 92 8.74 -4.82 13.33
N TRP A 93 9.57 -3.84 13.50
CA TRP A 93 9.40 -2.92 14.68
C TRP A 93 9.75 -1.48 14.30
N THR A 94 9.63 -1.12 13.06
CA THR A 94 9.94 0.27 12.65
C THR A 94 8.68 0.98 12.14
N ASP A 95 7.53 0.54 12.59
CA ASP A 95 6.26 1.20 12.13
C ASP A 95 6.18 2.62 12.67
N ASP A 96 6.79 2.87 13.81
CA ASP A 96 6.76 4.24 14.39
C ASP A 96 7.62 5.20 13.56
N LEU A 97 8.48 4.67 12.73
CA LEU A 97 9.35 5.55 11.89
C LEU A 97 8.51 6.57 11.12
N CYS A 98 7.26 6.26 10.87
CA CYS A 98 6.39 7.21 10.13
C CYS A 98 5.81 8.25 11.08
N TYR A 99 5.55 7.87 12.31
CA TYR A 99 4.97 8.84 13.29
C TYR A 99 5.91 9.01 14.48
N GLY A 100 7.19 8.89 14.26
CA GLY A 100 8.16 9.05 15.39
C GLY A 100 9.59 8.93 14.85
N THR A 101 10.53 8.63 15.70
CA THR A 101 11.95 8.49 15.25
C THR A 101 12.40 7.03 15.36
N GLY A 102 11.81 6.28 16.24
CA GLY A 102 12.20 4.85 16.41
C GLY A 102 13.13 4.71 17.61
N ALA A 103 12.82 5.36 18.70
CA ALA A 103 13.68 5.27 19.91
C ALA A 103 13.49 3.91 20.59
N VAL A 104 12.41 3.24 20.30
CA VAL A 104 12.15 1.90 20.93
C VAL A 104 13.37 0.98 20.75
N TYR A 105 14.01 1.06 19.61
CA TYR A 105 15.22 0.20 19.36
C TYR A 105 16.44 0.80 20.04
N LEU A 106 16.81 2.01 19.67
CA LEU A 106 18.01 2.66 20.27
C LEU A 106 17.82 2.87 21.79
N LEU A 107 16.83 3.62 22.17
CA LEU A 107 16.60 3.87 23.63
C LEU A 107 16.61 2.56 24.41
N GLY A 108 16.28 1.47 23.77
CA GLY A 108 16.27 0.15 24.47
C GLY A 108 17.69 -0.19 24.93
N LEU A 109 18.68 0.36 24.26
CA LEU A 109 20.09 0.07 24.66
C LEU A 109 20.48 0.89 25.89
N GLY A 110 20.16 2.15 25.89
CA GLY A 110 20.51 3.02 27.06
C GLY A 110 19.88 2.45 28.33
N ILE A 111 18.78 1.77 28.19
CA ILE A 111 18.11 1.18 29.40
C ILE A 111 18.99 0.10 30.02
N GLY A 112 19.63 -0.70 29.20
CA GLY A 112 20.51 -1.78 29.74
C GLY A 112 21.70 -1.17 30.47
N GLY A 113 22.08 0.04 30.12
CA GLY A 113 23.23 0.69 30.79
C GLY A 113 22.80 1.24 32.14
N PHE A 114 21.61 1.78 32.22
CA PHE A 114 21.12 2.35 33.52
C PHE A 114 20.41 1.27 34.34
N SER A 115 19.78 0.33 33.70
CA SER A 115 19.06 -0.74 34.44
C SER A 115 20.06 -1.55 35.29
N GLY A 116 21.29 -1.61 34.88
CA GLY A 116 22.30 -2.38 35.66
C GLY A 116 22.83 -1.52 36.81
N MET A 117 22.91 -0.24 36.61
CA MET A 117 23.42 0.67 37.69
C MET A 117 22.62 0.44 39.00
N MET A 118 21.42 -0.05 38.88
CA MET A 118 20.59 -0.29 40.11
C MET A 118 21.32 -1.25 41.06
N GLN A 119 21.67 -2.41 40.60
CA GLN A 119 22.38 -3.38 41.47
C GLN A 119 23.87 -3.06 41.52
N GLY A 120 24.42 -2.56 40.45
CA GLY A 120 25.87 -2.22 40.43
C GLY A 120 26.15 -1.10 41.44
N LEU A 121 25.13 -0.38 41.84
CA LEU A 121 25.32 0.73 42.82
C LEU A 121 26.04 0.21 44.08
N GLN A 122 25.85 -1.04 44.40
CA GLN A 122 26.52 -1.60 45.61
C GLN A 122 27.95 -2.02 45.26
N ASN A 123 28.19 -2.42 44.04
CA ASN A 123 29.55 -2.84 43.64
C ASN A 123 30.49 -1.61 43.59
N ILE A 124 29.96 -0.48 43.22
CA ILE A 124 30.80 0.75 43.15
C ILE A 124 30.45 1.70 44.31
N PRO A 125 31.36 2.60 44.59
CA PRO A 125 31.14 3.57 45.69
C PRO A 125 30.09 4.62 45.28
N PRO A 126 29.12 4.83 46.14
CA PRO A 126 28.05 5.82 45.84
C PRO A 126 28.60 7.24 45.96
N ASN A 127 27.86 8.20 45.46
CA ASN A 127 28.33 9.61 45.53
C ASN A 127 27.35 10.46 46.34
N SER A 128 26.66 9.86 47.29
CA SER A 128 25.68 10.63 48.10
C SER A 128 26.39 11.76 48.87
N PRO A 129 25.68 12.84 49.07
CA PRO A 129 26.26 14.00 49.80
C PRO A 129 26.37 13.69 51.30
N GLY A 130 27.54 13.82 51.85
CA GLY A 130 27.70 13.54 53.32
C GLY A 130 28.75 12.44 53.50
N LYS A 131 30.00 12.80 53.58
CA LYS A 131 31.06 11.77 53.76
C LYS A 131 31.36 11.57 55.25
N LEU A 132 30.91 12.47 56.09
CA LEU A 132 31.17 12.32 57.55
C LEU A 132 30.36 11.14 58.11
N GLN A 133 29.14 10.99 57.70
CA GLN A 133 28.30 9.86 58.21
C GLN A 133 28.97 8.52 57.88
N LEU A 134 29.86 8.49 56.92
CA LEU A 134 30.54 7.21 56.57
C LEU A 134 31.82 7.03 57.40
N ASN A 135 32.00 7.83 58.42
CA ASN A 135 33.24 7.70 59.26
C ASN A 135 33.38 6.26 59.77
N THR A 136 32.30 5.56 59.91
CA THR A 136 32.37 4.15 60.41
C THR A 136 33.16 3.29 59.41
N VAL A 137 33.00 3.54 58.15
CA VAL A 137 33.73 2.73 57.12
C VAL A 137 35.16 3.26 56.97
N LEU A 138 35.33 4.55 57.00
CA LEU A 138 36.70 5.13 56.87
C LEU A 138 37.56 4.75 58.07
N ASN A 139 36.96 4.55 59.22
CA ASN A 139 37.75 4.18 60.42
C ASN A 139 38.23 2.73 60.31
N HIS A 140 37.38 1.84 59.85
CA HIS A 140 37.80 0.42 59.71
C HIS A 140 36.77 -0.34 58.88
N ILE A 141 37.20 -1.37 58.19
CA ILE A 141 36.25 -2.16 57.34
C ILE A 141 35.43 -3.11 58.22
N THR A 142 34.13 -3.10 58.07
CA THR A 142 33.28 -4.00 58.89
C THR A 142 32.11 -4.53 58.06
N LYS A 143 32.14 -5.78 57.68
CA LYS A 143 31.03 -6.36 56.86
C LYS A 143 30.76 -5.49 55.63
N ARG A 144 31.40 -5.79 54.53
CA ARG A 144 31.19 -4.99 53.29
C ARG A 144 31.05 -5.91 52.08
N GLY A 145 30.43 -7.05 52.25
CA GLY A 145 30.25 -7.99 51.11
C GLY A 145 28.98 -7.62 50.33
N PRO A 146 28.42 -8.60 49.67
CA PRO A 146 27.19 -8.37 48.88
C PRO A 146 25.99 -8.19 49.81
N PHE A 147 25.07 -7.33 49.44
CA PHE A 147 23.88 -7.09 50.30
C PHE A 147 22.77 -6.39 49.50
N LEU A 148 21.69 -7.06 49.25
CA LEU A 148 20.58 -6.42 48.47
C LEU A 148 19.56 -5.80 49.42
N GLY A 149 19.33 -4.52 49.32
CA GLY A 149 18.34 -3.86 50.22
C GLY A 149 17.02 -3.68 49.47
N ASN A 150 16.00 -3.26 50.17
CA ASN A 150 14.68 -3.05 49.50
C ASN A 150 14.49 -1.59 49.12
N ASN A 151 15.10 -0.69 49.85
CA ASN A 151 14.96 0.76 49.54
C ASN A 151 15.45 1.05 48.12
N ALA A 152 16.40 0.27 47.64
CA ALA A 152 16.92 0.49 46.25
C ALA A 152 16.10 -0.32 45.25
N GLY A 153 15.47 -1.37 45.69
CA GLY A 153 14.67 -2.21 44.75
C GLY A 153 13.44 -1.43 44.28
N ILE A 154 12.79 -0.71 45.16
CA ILE A 154 11.58 0.06 44.76
C ILE A 154 11.93 1.08 43.67
N LEU A 155 13.18 1.48 43.60
CA LEU A 155 13.58 2.47 42.56
C LEU A 155 13.41 1.86 41.16
N ALA A 156 13.52 0.56 41.06
CA ALA A 156 13.36 -0.10 39.73
C ALA A 156 11.93 0.11 39.21
N LEU A 157 10.99 0.33 40.09
CA LEU A 157 9.58 0.55 39.65
C LEU A 157 9.38 2.00 39.22
N SER A 158 9.95 2.93 39.95
CA SER A 158 9.79 4.36 39.59
C SER A 158 10.49 4.67 38.26
N TYR A 159 11.33 3.79 37.80
CA TYR A 159 12.04 4.04 36.51
C TYR A 159 11.18 3.57 35.33
N ASN A 160 10.24 2.70 35.57
CA ASN A 160 9.37 2.22 34.46
C ASN A 160 8.20 3.17 34.22
N ILE A 161 7.80 3.90 35.23
CA ILE A 161 6.66 4.85 35.06
C ILE A 161 7.13 6.14 34.38
N ILE A 162 8.39 6.45 34.50
CA ILE A 162 8.91 7.70 33.85
C ILE A 162 9.29 7.42 32.40
N ASN A 163 9.58 6.19 32.06
CA ASN A 163 9.96 5.85 30.66
C ASN A 163 8.71 5.52 29.83
N SER A 164 7.62 5.21 30.47
CA SER A 164 6.37 4.88 29.72
C SER A 164 5.85 6.12 28.98
N THR A 165 6.13 7.29 29.50
CA THR A 165 5.64 8.53 28.85
C THR A 165 6.31 8.70 27.47
N ILE A 166 7.60 8.51 27.40
CA ILE A 166 8.30 8.66 26.10
C ILE A 166 7.79 7.62 25.10
N ASP A 167 7.34 6.50 25.59
CA ASP A 167 6.82 5.44 24.67
C ASP A 167 5.32 5.62 24.42
N ALA A 168 4.59 6.03 25.44
CA ALA A 168 3.13 6.24 25.26
C ALA A 168 2.86 7.29 24.19
N LEU A 169 3.78 8.20 23.99
CA LEU A 169 3.59 9.26 22.96
C LEU A 169 3.27 8.63 21.60
N ARG A 170 3.73 7.43 21.37
CA ARG A 170 3.45 6.77 20.06
C ARG A 170 2.06 6.12 20.09
N GLY A 171 1.83 5.23 21.00
CA GLY A 171 0.50 4.56 21.08
C GLY A 171 0.41 3.47 20.01
N LYS A 172 -0.07 2.32 20.35
CA LYS A 172 -0.18 1.21 19.36
C LYS A 172 -1.38 0.32 19.69
N HIS A 173 -1.73 -0.59 18.81
CA HIS A 173 -2.89 -1.48 19.06
C HIS A 173 -2.71 -2.23 20.39
N ASP A 174 -3.79 -2.58 21.03
CA ASP A 174 -3.69 -3.30 22.34
C ASP A 174 -3.11 -4.71 22.14
N THR A 175 -3.04 -5.18 20.91
CA THR A 175 -2.48 -6.53 20.64
C THR A 175 -3.32 -7.61 21.36
N ALA A 176 -3.17 -7.73 22.65
CA ALA A 176 -3.96 -8.76 23.38
C ALA A 176 -4.31 -8.30 24.80
N GLY A 177 -5.22 -7.37 24.92
CA GLY A 177 -5.60 -6.89 26.28
C GLY A 177 -6.30 -8.04 27.04
N SER A 178 -6.76 -9.03 26.32
CA SER A 178 -7.43 -10.19 26.96
C SER A 178 -6.38 -11.18 27.48
N ILE A 179 -5.17 -11.09 26.99
CA ILE A 179 -4.09 -12.01 27.45
C ILE A 179 -3.54 -11.57 28.81
N GLY A 180 -3.79 -10.33 29.18
CA GLY A 180 -3.28 -9.82 30.48
C GLY A 180 -3.61 -10.81 31.61
N ALA A 181 -4.63 -11.59 31.46
CA ALA A 181 -4.98 -12.57 32.53
C ALA A 181 -4.07 -13.80 32.48
N GLY A 182 -3.89 -14.38 31.33
CA GLY A 182 -3.02 -15.58 31.22
C GLY A 182 -1.60 -15.27 31.73
N ALA A 183 -1.24 -14.01 31.76
CA ALA A 183 0.13 -13.65 32.24
C ALA A 183 0.15 -13.41 33.75
N LEU A 184 -1.00 -13.21 34.36
CA LEU A 184 -1.04 -12.97 35.83
C LEU A 184 -0.66 -14.24 36.59
N THR A 185 -1.43 -15.28 36.47
CA THR A 185 -1.11 -16.55 37.21
C THR A 185 0.29 -17.03 36.83
N GLY A 186 0.77 -16.68 35.67
CA GLY A 186 2.13 -17.13 35.24
C GLY A 186 3.17 -16.57 36.21
N ALA A 187 2.91 -15.42 36.78
CA ALA A 187 3.89 -14.82 37.73
C ALA A 187 3.59 -15.29 39.16
N LEU A 188 2.34 -15.57 39.46
CA LEU A 188 1.99 -16.03 40.84
C LEU A 188 2.73 -17.33 41.17
N PHE A 189 2.88 -18.20 40.21
CA PHE A 189 3.58 -19.49 40.47
C PHE A 189 5.10 -19.28 40.39
N LYS A 190 5.54 -18.21 39.79
CA LYS A 190 7.00 -17.96 39.69
C LYS A 190 7.63 -17.91 41.08
N SER A 191 6.86 -17.55 42.08
CA SER A 191 7.41 -17.49 43.46
C SER A 191 6.51 -18.30 44.42
N SER A 192 7.09 -19.16 45.20
CA SER A 192 6.28 -19.98 46.14
C SER A 192 7.17 -20.51 47.28
N LYS A 193 8.16 -19.76 47.67
CA LYS A 193 9.07 -20.21 48.76
C LYS A 193 8.94 -19.29 49.98
N GLY A 194 7.83 -18.63 50.11
CA GLY A 194 7.65 -17.70 51.27
C GLY A 194 6.72 -16.55 50.86
N LEU A 195 7.11 -15.34 51.16
CA LEU A 195 6.25 -14.17 50.79
C LEU A 195 6.40 -13.85 49.29
N LYS A 196 5.37 -14.05 48.53
CA LYS A 196 5.46 -13.76 47.07
C LYS A 196 5.57 -12.25 46.83
N PRO A 197 6.67 -11.83 46.26
CA PRO A 197 6.88 -10.39 45.98
C PRO A 197 5.99 -9.93 44.82
N MET A 198 5.52 -10.85 44.02
CA MET A 198 4.65 -10.48 42.87
C MET A 198 3.42 -9.69 43.35
N GLY A 199 3.07 -9.82 44.62
CA GLY A 199 1.89 -9.08 45.13
C GLY A 199 1.99 -7.60 44.77
N TYR A 200 3.10 -6.99 45.07
CA TYR A 200 3.27 -5.54 44.73
C TYR A 200 3.76 -5.39 43.28
N SER A 201 4.45 -6.39 42.77
CA SER A 201 4.94 -6.31 41.37
C SER A 201 3.77 -6.28 40.39
N SER A 202 2.61 -6.74 40.81
CA SER A 202 1.43 -6.73 39.90
C SER A 202 1.12 -5.30 39.45
N ALA A 203 1.28 -4.35 40.33
CA ALA A 203 1.00 -2.93 39.96
C ALA A 203 1.86 -2.51 38.77
N MET A 204 2.99 -3.15 38.59
CA MET A 204 3.87 -2.80 37.44
C MET A 204 3.23 -3.27 36.13
N VAL A 205 2.90 -4.54 36.05
CA VAL A 205 2.26 -5.05 34.80
C VAL A 205 0.86 -4.44 34.63
N ALA A 206 0.25 -4.04 35.72
CA ALA A 206 -1.11 -3.42 35.62
C ALA A 206 -1.03 -2.13 34.83
N ALA A 207 -0.04 -1.30 35.11
CA ALA A 207 0.09 -0.03 34.36
C ALA A 207 0.25 -0.31 32.87
N ALA A 208 0.83 -1.44 32.53
CA ALA A 208 1.00 -1.78 31.08
C ALA A 208 -0.36 -1.90 30.40
N CYS A 209 -1.36 -2.34 31.12
CA CYS A 209 -2.72 -2.47 30.51
C CYS A 209 -3.19 -1.10 30.02
N ALA A 210 -2.86 -0.05 30.74
CA ALA A 210 -3.29 1.31 30.33
C ALA A 210 -2.56 1.72 29.05
N VAL A 211 -1.27 1.52 29.00
CA VAL A 211 -0.49 1.89 27.78
C VAL A 211 -1.00 1.08 26.57
N TRP A 212 -1.27 -0.18 26.76
CA TRP A 212 -1.77 -1.02 25.63
C TRP A 212 -3.25 -0.72 25.38
N CYS A 213 -4.03 -0.60 26.44
CA CYS A 213 -5.47 -0.26 26.24
C CYS A 213 -5.58 1.06 25.50
N SER A 214 -4.50 1.83 25.50
CA SER A 214 -4.50 3.13 24.77
C SER A 214 -5.01 2.93 23.33
N VAL A 215 -5.04 1.70 22.86
CA VAL A 215 -5.52 1.40 21.48
C VAL A 215 -6.81 2.19 21.17
N LYS A 216 -7.60 2.49 22.17
CA LYS A 216 -8.86 3.24 21.92
C LYS A 216 -8.72 4.68 22.40
N LYS A 217 -9.42 5.60 21.77
CA LYS A 217 -9.33 7.03 22.19
C LYS A 217 -9.84 7.19 23.63
N ARG A 218 -9.04 7.77 24.49
CA ARG A 218 -9.47 7.96 25.91
C ARG A 218 -10.70 8.88 25.97
N LEU A 219 -10.83 9.76 25.00
CA LEU A 219 -12.00 10.69 25.00
C LEU A 219 -13.29 9.93 24.66
N LEU A 220 -13.17 8.86 23.92
CA LEU A 220 -14.38 8.07 23.56
C LEU A 220 -15.08 7.54 24.82
N GLU A 221 -14.32 7.21 25.83
CA GLU A 221 -14.93 6.69 27.09
C GLU A 221 -15.06 7.82 28.11
N LYS A 222 -14.09 8.70 28.18
CA LYS A 222 -14.14 9.82 29.15
C LYS A 222 -13.87 11.14 28.45
N MET B 1 -18.67 37.09 -88.40
CA MET B 1 -20.00 37.72 -88.66
C MET B 1 -20.41 37.49 -90.12
N SER B 2 -21.53 36.85 -90.34
CA SER B 2 -21.99 36.59 -91.73
C SER B 2 -22.97 37.68 -92.17
N TRP B 3 -22.86 38.14 -93.39
CA TRP B 3 -23.80 39.19 -93.88
C TRP B 3 -25.05 38.55 -94.47
N LEU B 4 -24.93 37.36 -94.99
CA LEU B 4 -26.11 36.68 -95.59
C LEU B 4 -27.12 36.32 -94.49
N PHE B 5 -26.64 36.04 -93.31
CA PHE B 5 -27.57 35.68 -92.19
C PHE B 5 -27.91 36.92 -91.36
N GLY B 6 -27.10 37.94 -91.44
CA GLY B 6 -27.37 39.17 -90.65
C GLY B 6 -27.19 38.88 -89.16
N ASP B 7 -26.08 38.30 -88.79
CA ASP B 7 -25.84 37.99 -87.35
C ASP B 7 -25.98 39.25 -86.50
N LYS B 8 -26.41 39.11 -85.27
CA LYS B 8 -26.57 40.30 -84.38
C LYS B 8 -25.43 40.34 -83.36
N THR B 9 -24.94 41.52 -83.07
CA THR B 9 -23.84 41.64 -82.07
C THR B 9 -24.39 41.52 -80.65
N PRO B 10 -23.83 40.61 -79.89
CA PRO B 10 -24.30 40.41 -78.49
C PRO B 10 -23.82 41.56 -77.60
N THR B 11 -24.11 41.49 -76.33
CA THR B 11 -23.67 42.59 -75.41
C THR B 11 -22.38 42.19 -74.69
N ASP B 12 -21.57 41.36 -75.31
CA ASP B 12 -20.29 40.95 -74.66
C ASP B 12 -19.23 42.03 -74.86
N ASP B 13 -19.27 42.72 -75.96
CA ASP B 13 -18.26 43.79 -76.22
C ASP B 13 -18.45 44.95 -75.23
N ALA B 14 -19.68 45.31 -74.96
CA ALA B 14 -19.93 46.42 -73.99
C ALA B 14 -19.41 46.06 -72.61
N ASN B 15 -19.41 44.80 -72.27
CA ASN B 15 -18.91 44.38 -70.93
C ASN B 15 -17.39 44.26 -70.93
N ALA B 16 -16.82 43.89 -72.05
CA ALA B 16 -15.33 43.76 -72.12
C ALA B 16 -14.69 45.12 -72.45
N ALA B 17 -15.47 46.10 -72.80
CA ALA B 17 -14.90 47.44 -73.12
C ALA B 17 -14.11 47.99 -71.93
N VAL B 18 -12.98 48.60 -72.18
CA VAL B 18 -12.16 49.16 -71.08
C VAL B 18 -12.31 50.68 -71.02
N GLY B 19 -12.18 51.34 -72.14
CA GLY B 19 -12.32 52.82 -72.16
C GLY B 19 -13.75 53.21 -71.79
N GLY B 20 -14.01 54.48 -71.62
CA GLY B 20 -15.39 54.92 -71.26
C GLY B 20 -15.50 56.43 -71.45
N GLN B 21 -16.27 56.87 -72.42
CA GLN B 21 -16.43 58.33 -72.65
C GLN B 21 -17.90 58.72 -72.57
N ASP B 22 -18.66 58.04 -71.75
CA ASP B 22 -20.11 58.38 -71.62
C ASP B 22 -20.40 58.91 -70.22
N THR B 23 -19.64 58.50 -69.24
CA THR B 23 -19.88 58.99 -67.85
C THR B 23 -19.70 60.51 -67.78
N THR B 24 -20.68 61.21 -67.27
CA THR B 24 -20.56 62.69 -67.17
C THR B 24 -20.79 63.14 -65.72
N LYS B 25 -20.33 62.37 -64.77
CA LYS B 25 -20.52 62.75 -63.34
C LYS B 25 -19.30 63.55 -62.84
N PRO B 26 -19.57 64.58 -62.09
CA PRO B 26 -18.47 65.43 -61.55
C PRO B 26 -17.71 64.68 -60.44
N LYS B 27 -18.37 63.77 -59.77
CA LYS B 27 -17.68 63.01 -58.69
C LYS B 27 -18.50 61.78 -58.30
N GLU B 28 -17.87 60.66 -58.12
CA GLU B 28 -18.61 59.42 -57.74
C GLU B 28 -18.31 59.03 -56.29
N LEU B 29 -17.40 59.72 -55.65
CA LEU B 29 -17.06 59.37 -54.23
C LEU B 29 -17.68 60.41 -53.27
N SER B 30 -17.55 61.66 -53.59
CA SER B 30 -18.12 62.71 -52.70
C SER B 30 -19.64 62.77 -52.84
N LEU B 31 -20.13 62.65 -54.05
CA LEU B 31 -21.61 62.69 -54.25
C LEU B 31 -22.27 61.45 -53.64
N LYS B 32 -21.54 60.37 -53.53
CA LYS B 32 -22.12 59.13 -52.94
C LYS B 32 -22.60 59.40 -51.51
N GLN B 33 -21.96 60.31 -50.82
CA GLN B 33 -22.37 60.61 -49.42
C GLN B 33 -23.56 61.58 -49.43
N SER B 34 -23.65 62.42 -50.43
CA SER B 34 -24.80 63.38 -50.49
C SER B 34 -26.13 62.64 -50.50
N LEU B 35 -26.18 61.52 -51.17
CA LEU B 35 -27.44 60.73 -51.23
C LEU B 35 -27.56 59.80 -50.03
N GLY B 36 -26.62 59.87 -49.11
CA GLY B 36 -26.67 58.98 -47.92
C GLY B 36 -26.39 57.53 -48.33
N PHE B 37 -25.57 57.35 -49.34
CA PHE B 37 -25.25 55.97 -49.78
C PHE B 37 -23.91 55.52 -49.19
N GLU B 38 -23.95 54.85 -48.06
CA GLU B 38 -22.68 54.38 -47.44
C GLU B 38 -22.60 52.85 -47.51
N PRO B 39 -21.38 52.35 -47.42
CA PRO B 39 -21.16 50.89 -47.48
C PRO B 39 -21.64 50.21 -46.19
N ASN B 40 -21.85 50.97 -45.15
CA ASN B 40 -22.31 50.37 -43.86
C ASN B 40 -23.64 49.63 -44.07
N ILE B 41 -24.64 50.31 -44.56
CA ILE B 41 -25.96 49.65 -44.78
C ILE B 41 -25.82 48.51 -45.81
N ASN B 42 -24.85 48.61 -46.69
CA ASN B 42 -24.66 47.54 -47.71
C ASN B 42 -23.93 46.35 -47.10
N ASN B 43 -23.06 46.60 -46.16
CA ASN B 43 -22.30 45.48 -45.52
C ASN B 43 -23.28 44.50 -44.86
N ILE B 44 -24.48 44.93 -44.58
CA ILE B 44 -25.46 44.02 -43.92
C ILE B 44 -25.97 42.99 -44.93
N ILE B 45 -26.30 43.41 -46.13
CA ILE B 45 -26.80 42.46 -47.16
C ILE B 45 -25.71 42.16 -48.20
N SER B 46 -24.51 42.61 -47.97
CA SER B 46 -23.41 42.36 -48.94
C SER B 46 -22.21 41.72 -48.23
N GLY B 47 -21.92 42.16 -47.03
CA GLY B 47 -20.76 41.58 -46.30
C GLY B 47 -21.04 40.11 -45.98
N PRO B 48 -19.99 39.33 -45.94
CA PRO B 48 -20.14 37.88 -45.65
C PRO B 48 -20.45 37.66 -44.17
N GLY B 49 -20.84 36.47 -43.81
CA GLY B 49 -21.15 36.19 -42.38
C GLY B 49 -20.09 35.26 -41.79
N GLY B 50 -20.42 34.55 -40.74
CA GLY B 50 -19.42 33.62 -40.13
C GLY B 50 -19.93 32.19 -40.21
N MET B 51 -19.31 31.37 -41.03
CA MET B 51 -19.75 29.95 -41.16
C MET B 51 -18.64 29.01 -40.72
N HIS B 52 -18.90 28.21 -39.71
CA HIS B 52 -17.86 27.25 -39.23
C HIS B 52 -18.52 26.00 -38.65
N VAL B 53 -18.27 24.86 -39.24
CA VAL B 53 -18.88 23.60 -38.73
C VAL B 53 -17.81 22.52 -38.58
N ASP B 54 -17.52 22.12 -37.37
CA ASP B 54 -16.48 21.07 -37.15
C ASP B 54 -17.09 19.88 -36.39
N THR B 55 -16.63 18.69 -36.68
CA THR B 55 -17.17 17.49 -35.98
C THR B 55 -16.39 17.24 -34.69
N ALA B 56 -15.13 17.56 -34.68
CA ALA B 56 -14.31 17.34 -33.45
C ALA B 56 -14.49 18.51 -32.47
N ARG B 57 -14.82 19.66 -32.98
CA ARG B 57 -15.01 20.84 -32.08
C ARG B 57 -16.18 20.59 -31.12
N LEU B 58 -17.25 20.03 -31.61
CA LEU B 58 -18.43 19.75 -30.72
C LEU B 58 -18.40 18.30 -30.24
N HIS B 59 -18.42 17.36 -31.15
CA HIS B 59 -18.40 15.93 -30.74
C HIS B 59 -17.10 15.61 -29.97
N PRO B 60 -17.23 14.76 -28.98
CA PRO B 60 -16.06 14.38 -28.15
C PRO B 60 -15.14 13.44 -28.94
N LEU B 61 -13.85 13.64 -28.85
CA LEU B 61 -12.90 12.75 -29.59
C LEU B 61 -12.57 11.53 -28.74
N ALA B 62 -12.91 10.35 -29.21
CA ALA B 62 -12.61 9.12 -28.43
C ALA B 62 -11.11 8.98 -28.20
N GLY B 63 -10.31 9.57 -29.05
CA GLY B 63 -8.83 9.49 -28.88
C GLY B 63 -8.43 10.21 -27.59
N LEU B 64 -8.58 11.52 -27.56
CA LEU B 64 -8.20 12.28 -26.34
C LEU B 64 -9.11 11.89 -25.16
N ASP B 65 -10.29 11.43 -25.43
CA ASP B 65 -11.22 11.05 -24.33
C ASP B 65 -10.62 9.89 -23.52
N LYS B 66 -9.79 9.09 -24.13
CA LYS B 66 -9.17 7.94 -23.41
C LYS B 66 -8.11 8.45 -22.43
N GLY B 67 -7.36 9.45 -22.83
CA GLY B 67 -6.30 9.98 -21.93
C GLY B 67 -6.95 10.66 -20.71
N VAL B 68 -8.13 11.17 -20.87
CA VAL B 68 -8.82 11.84 -19.74
C VAL B 68 -9.40 10.80 -18.78
N GLU B 69 -9.71 9.63 -19.27
CA GLU B 69 -10.29 8.57 -18.39
C GLU B 69 -9.18 7.90 -17.57
N TYR B 70 -8.10 7.52 -18.21
CA TYR B 70 -6.99 6.87 -17.48
C TYR B 70 -6.41 7.82 -16.43
N LEU B 71 -6.66 9.09 -16.56
CA LEU B 71 -6.13 10.08 -15.58
C LEU B 71 -6.55 9.69 -14.15
N ASP B 72 -7.82 9.50 -13.93
CA ASP B 72 -8.29 9.12 -12.57
C ASP B 72 -8.31 7.60 -12.41
N LEU B 73 -8.54 6.89 -13.48
CA LEU B 73 -8.58 5.40 -13.39
C LEU B 73 -7.20 4.86 -12.98
N GLU B 74 -6.16 5.32 -13.61
CA GLU B 74 -4.79 4.83 -13.26
C GLU B 74 -4.39 5.32 -11.87
N GLU B 75 -4.69 6.56 -11.54
CA GLU B 75 -4.34 7.08 -10.20
C GLU B 75 -5.02 6.26 -9.10
N GLU B 76 -6.16 5.71 -9.39
CA GLU B 76 -6.88 4.89 -8.36
C GLU B 76 -6.47 3.42 -8.48
N GLN B 77 -5.88 3.03 -9.58
CA GLN B 77 -5.46 1.61 -9.74
C GLN B 77 -4.50 1.21 -8.61
N LEU B 78 -3.34 1.79 -8.57
CA LEU B 78 -2.36 1.43 -7.49
C LEU B 78 -2.92 1.82 -6.12
N SER B 79 -3.76 2.83 -6.07
CA SER B 79 -4.35 3.25 -4.77
C SER B 79 -5.17 2.12 -4.17
N SER B 80 -6.15 1.64 -4.88
CA SER B 80 -7.00 0.52 -4.35
C SER B 80 -6.21 -0.79 -4.37
N LEU B 81 -5.25 -0.90 -5.25
CA LEU B 81 -4.44 -2.15 -5.33
C LEU B 81 -3.74 -2.41 -4.00
N GLU B 82 -3.42 -1.37 -3.27
CA GLU B 82 -2.74 -1.57 -1.95
C GLU B 82 -3.71 -2.19 -0.94
N GLY B 83 -4.96 -1.83 -1.00
CA GLY B 83 -5.95 -2.41 -0.04
C GLY B 83 -6.63 -3.62 -0.69
N SER B 84 -6.51 -4.78 -0.08
CA SER B 84 -7.15 -5.99 -0.65
C SER B 84 -8.46 -6.30 0.07
N GLN B 85 -8.39 -6.61 1.34
CA GLN B 85 -9.63 -6.93 2.10
C GLN B 85 -9.97 -5.78 3.06
N GLY B 86 -9.00 -5.31 3.80
CA GLY B 86 -9.27 -4.21 4.76
C GLY B 86 -9.08 -4.70 6.19
N LEU B 87 -8.04 -5.47 6.41
CA LEU B 87 -7.79 -5.99 7.79
C LEU B 87 -6.32 -6.38 7.94
N ILE B 88 -5.74 -6.15 9.09
CA ILE B 88 -4.31 -6.51 9.30
C ILE B 88 -4.16 -7.36 10.56
N PRO B 89 -4.24 -8.66 10.39
CA PRO B 89 -4.11 -9.59 11.53
C PRO B 89 -2.67 -9.65 12.03
N SER B 90 -1.72 -9.43 11.15
CA SER B 90 -0.29 -9.48 11.58
C SER B 90 -0.05 -8.51 12.74
N ARG B 91 -0.66 -7.35 12.68
CA ARG B 91 -0.49 -6.35 13.78
C ARG B 91 1.00 -6.02 13.98
N GLY B 92 1.81 -6.27 12.99
CA GLY B 92 3.27 -5.96 13.13
C GLY B 92 3.91 -6.82 14.22
N TRP B 93 3.27 -7.90 14.59
CA TRP B 93 3.86 -8.78 15.65
C TRP B 93 4.17 -10.17 15.06
N THR B 94 3.45 -10.59 14.06
CA THR B 94 3.68 -11.93 13.46
C THR B 94 3.58 -11.88 11.93
N ASP B 95 4.41 -11.09 11.28
CA ASP B 95 4.35 -11.02 9.79
C ASP B 95 4.34 -12.42 9.17
N ASP B 96 4.88 -13.38 9.86
CA ASP B 96 4.90 -14.78 9.32
C ASP B 96 3.47 -15.30 9.15
N LEU B 97 2.52 -14.68 9.81
CA LEU B 97 1.10 -15.15 9.70
C LEU B 97 0.69 -15.25 8.22
N CYS B 98 1.12 -14.32 7.41
CA CYS B 98 0.76 -14.36 5.96
C CYS B 98 1.30 -15.64 5.32
N TYR B 99 2.41 -16.13 5.80
CA TYR B 99 2.99 -17.38 5.23
C TYR B 99 3.10 -18.47 6.31
N GLY B 100 2.29 -18.38 7.33
CA GLY B 100 2.33 -19.40 8.41
C GLY B 100 1.07 -19.30 9.27
N THR B 101 1.23 -19.15 10.56
CA THR B 101 0.03 -19.04 11.45
C THR B 101 0.18 -17.84 12.40
N GLY B 102 1.29 -17.76 13.09
CA GLY B 102 1.49 -16.62 14.02
C GLY B 102 1.19 -17.07 15.45
N ALA B 103 1.76 -18.17 15.87
CA ALA B 103 1.52 -18.67 17.26
C ALA B 103 2.21 -17.77 18.28
N VAL B 104 3.00 -16.83 17.85
CA VAL B 104 3.70 -15.92 18.81
C VAL B 104 2.72 -15.36 19.84
N TYR B 105 1.55 -15.01 19.42
CA TYR B 105 0.53 -14.47 20.38
C TYR B 105 -0.08 -15.60 21.19
N LEU B 106 -0.70 -16.55 20.54
CA LEU B 106 -1.33 -17.69 21.27
C LEU B 106 -0.30 -18.42 22.14
N LEU B 107 0.73 -18.97 21.53
CA LEU B 107 1.76 -19.69 22.33
C LEU B 107 2.24 -18.81 23.49
N GLY B 108 2.16 -17.53 23.35
CA GLY B 108 2.61 -16.62 24.44
C GLY B 108 1.76 -16.86 25.68
N LEU B 109 0.54 -17.31 25.51
CA LEU B 109 -0.35 -17.56 26.68
C LEU B 109 0.00 -18.91 27.31
N GLY B 110 0.09 -19.95 26.52
CA GLY B 110 0.43 -21.29 27.08
C GLY B 110 1.76 -21.23 27.81
N ILE B 111 2.64 -20.35 27.40
CA ILE B 111 3.96 -20.24 28.08
C ILE B 111 3.79 -19.63 29.48
N GLY B 112 2.94 -18.65 29.62
CA GLY B 112 2.73 -18.03 30.95
C GLY B 112 2.15 -19.06 31.92
N GLY B 113 1.46 -20.04 31.41
CA GLY B 113 0.87 -21.09 32.30
C GLY B 113 1.95 -22.09 32.71
N PHE B 114 2.69 -22.62 31.78
CA PHE B 114 3.75 -23.61 32.13
C PHE B 114 4.93 -22.90 32.79
N SER B 115 5.19 -21.67 32.41
CA SER B 115 6.33 -20.93 33.02
C SER B 115 6.15 -20.80 34.54
N GLY B 116 4.94 -20.88 35.01
CA GLY B 116 4.69 -20.77 36.47
C GLY B 116 4.83 -22.16 37.11
N MET B 117 4.32 -23.18 36.48
CA MET B 117 4.43 -24.55 37.05
C MET B 117 5.87 -24.86 37.46
N MET B 118 6.82 -24.22 36.82
CA MET B 118 8.25 -24.48 37.17
C MET B 118 8.50 -24.22 38.66
N GLN B 119 8.12 -23.07 39.14
CA GLN B 119 8.32 -22.75 40.58
C GLN B 119 7.13 -23.24 41.42
N GLY B 120 6.00 -23.41 40.80
CA GLY B 120 4.79 -23.87 41.55
C GLY B 120 4.77 -25.41 41.60
N LEU B 121 5.79 -26.06 41.11
CA LEU B 121 5.81 -27.55 41.15
C LEU B 121 5.75 -28.06 42.58
N GLN B 122 6.22 -27.27 43.51
CA GLN B 122 6.19 -27.70 44.95
C GLN B 122 4.83 -27.38 45.57
N ASN B 123 4.15 -26.38 45.06
CA ASN B 123 2.82 -26.02 45.62
C ASN B 123 1.76 -27.02 45.16
N ILE B 124 1.96 -27.64 44.04
CA ILE B 124 0.97 -28.63 43.54
C ILE B 124 1.34 -30.04 44.02
N PRO B 125 0.58 -30.56 44.94
CA PRO B 125 0.85 -31.91 45.48
C PRO B 125 0.48 -32.99 44.45
N PRO B 126 1.31 -34.00 44.36
CA PRO B 126 1.06 -35.10 43.39
C PRO B 126 -0.08 -35.99 43.89
N ASN B 127 -1.21 -35.93 43.24
CA ASN B 127 -2.37 -36.78 43.68
C ASN B 127 -2.68 -37.85 42.63
N SER B 128 -2.24 -37.65 41.41
CA SER B 128 -2.51 -38.65 40.34
C SER B 128 -1.83 -39.98 40.68
N PRO B 129 -2.46 -41.06 40.30
CA PRO B 129 -1.89 -42.41 40.56
C PRO B 129 -0.69 -42.68 39.65
N GLY B 130 0.33 -43.29 40.17
CA GLY B 130 1.54 -43.60 39.33
C GLY B 130 1.58 -45.10 39.03
N LYS B 131 2.32 -45.49 38.02
CA LYS B 131 2.40 -46.93 37.68
C LYS B 131 3.78 -47.49 38.06
N LEU B 132 4.47 -46.85 38.97
CA LEU B 132 5.82 -47.34 39.38
C LEU B 132 5.79 -47.80 40.84
N GLN B 133 4.62 -48.09 41.36
CA GLN B 133 4.54 -48.54 42.78
C GLN B 133 5.05 -49.97 42.91
N LEU B 134 4.78 -50.80 41.94
CA LEU B 134 5.26 -52.21 42.00
C LEU B 134 6.76 -52.27 41.73
N ASN B 135 7.28 -51.32 40.99
CA ASN B 135 8.74 -51.31 40.70
C ASN B 135 9.54 -50.91 41.94
N THR B 136 8.94 -50.17 42.83
CA THR B 136 9.67 -49.75 44.06
C THR B 136 9.65 -50.87 45.10
N VAL B 137 8.65 -51.72 45.06
CA VAL B 137 8.58 -52.83 46.05
C VAL B 137 9.79 -53.76 45.89
N LEU B 138 10.32 -53.85 44.70
CA LEU B 138 11.51 -54.75 44.48
C LEU B 138 12.75 -54.14 45.13
N ASN B 139 12.92 -52.85 45.03
CA ASN B 139 14.12 -52.20 45.65
C ASN B 139 13.85 -51.89 47.12
N HIS B 140 12.64 -51.51 47.45
CA HIS B 140 12.30 -51.20 48.87
C HIS B 140 13.29 -50.16 49.42
N ILE B 141 13.00 -48.90 49.23
CA ILE B 141 13.92 -47.83 49.74
C ILE B 141 13.28 -47.13 50.94
N THR B 142 14.06 -46.85 51.96
CA THR B 142 13.51 -46.18 53.17
C THR B 142 14.12 -44.78 53.32
N LYS B 143 15.28 -44.57 52.76
CA LYS B 143 15.93 -43.22 52.87
C LYS B 143 15.56 -42.35 51.67
N ARG B 144 14.45 -41.67 51.76
CA ARG B 144 14.03 -40.78 50.62
C ARG B 144 14.20 -39.31 51.01
N GLY B 145 15.41 -38.85 51.09
CA GLY B 145 15.64 -37.42 51.47
C GLY B 145 15.17 -36.51 50.35
N PRO B 146 14.82 -35.30 50.70
CA PRO B 146 14.34 -34.31 49.71
C PRO B 146 15.51 -33.82 48.84
N PHE B 147 15.34 -33.82 47.55
CA PHE B 147 16.43 -33.36 46.64
C PHE B 147 15.85 -32.64 45.42
N LEU B 148 14.96 -31.70 45.64
CA LEU B 148 14.35 -30.98 44.49
C LEU B 148 14.64 -29.47 44.61
N GLY B 149 15.40 -28.94 43.69
CA GLY B 149 15.72 -27.47 43.75
C GLY B 149 16.52 -27.09 42.49
N ASN B 150 17.52 -27.85 42.15
CA ASN B 150 18.33 -27.53 40.95
C ASN B 150 17.73 -28.21 39.71
N ASN B 151 17.02 -29.29 39.89
CA ASN B 151 16.42 -30.00 38.72
C ASN B 151 15.43 -29.08 38.00
N ALA B 152 14.55 -28.45 38.73
CA ALA B 152 13.55 -27.54 38.09
C ALA B 152 14.22 -26.20 37.74
N GLY B 153 15.21 -25.81 38.48
CA GLY B 153 15.90 -24.51 38.19
C GLY B 153 16.54 -24.57 36.81
N ILE B 154 17.44 -25.49 36.59
CA ILE B 154 18.12 -25.59 35.26
C ILE B 154 17.09 -25.95 34.18
N LEU B 155 15.99 -26.55 34.56
CA LEU B 155 14.95 -26.92 33.55
C LEU B 155 14.44 -25.68 32.83
N ALA B 156 14.39 -24.56 33.51
CA ALA B 156 13.90 -23.31 32.85
C ALA B 156 14.80 -22.92 31.68
N LEU B 157 15.99 -23.46 31.64
CA LEU B 157 16.93 -23.11 30.52
C LEU B 157 16.59 -23.96 29.29
N SER B 158 16.63 -25.26 29.40
CA SER B 158 16.32 -26.13 28.23
C SER B 158 14.91 -25.84 27.71
N TYR B 159 14.01 -25.45 28.58
CA TYR B 159 12.62 -25.15 28.15
C TYR B 159 12.62 -24.04 27.08
N ASN B 160 13.65 -23.23 27.04
CA ASN B 160 13.71 -22.14 26.03
C ASN B 160 14.37 -22.65 24.74
N ILE B 161 15.29 -23.57 24.85
CA ILE B 161 15.96 -24.10 23.62
C ILE B 161 14.96 -24.88 22.77
N ILE B 162 14.10 -25.65 23.39
CA ILE B 162 13.10 -26.44 22.60
C ILE B 162 12.07 -25.49 21.96
N ASN B 163 11.85 -24.36 22.56
CA ASN B 163 10.86 -23.39 21.98
C ASN B 163 11.50 -22.57 20.86
N SER B 164 12.81 -22.53 20.81
CA SER B 164 13.49 -21.74 19.74
C SER B 164 13.20 -22.34 18.36
N THR B 165 12.81 -23.58 18.30
CA THR B 165 12.51 -24.21 16.97
C THR B 165 11.20 -23.68 16.41
N ILE B 166 10.12 -23.86 17.12
CA ILE B 166 8.80 -23.36 16.61
C ILE B 166 8.91 -21.89 16.23
N ASP B 167 9.77 -21.16 16.90
CA ASP B 167 9.94 -19.71 16.58
C ASP B 167 11.04 -19.51 15.54
N ALA B 168 12.03 -20.36 15.54
CA ALA B 168 13.15 -20.20 14.55
C ALA B 168 12.60 -20.09 13.13
N LEU B 169 11.62 -20.89 12.80
CA LEU B 169 11.04 -20.83 11.42
C LEU B 169 9.96 -19.73 11.32
N ARG B 170 9.97 -18.78 12.23
CA ARG B 170 8.95 -17.70 12.18
C ARG B 170 8.97 -16.97 10.83
N GLY B 171 10.08 -16.37 10.48
CA GLY B 171 10.16 -15.65 9.17
C GLY B 171 11.53 -15.02 9.00
N LYS B 172 11.58 -13.79 8.55
CA LYS B 172 12.89 -13.11 8.35
C LYS B 172 12.98 -11.84 9.20
N HIS B 173 13.67 -11.90 10.32
CA HIS B 173 13.79 -10.70 11.20
C HIS B 173 15.22 -10.15 11.16
N ASP B 174 15.36 -8.86 11.12
CA ASP B 174 16.73 -8.24 11.09
C ASP B 174 16.81 -7.14 12.16
N THR B 175 16.18 -7.36 13.29
CA THR B 175 16.18 -6.34 14.38
C THR B 175 17.57 -5.73 14.62
N ALA B 176 18.31 -6.23 15.58
CA ALA B 176 19.65 -5.63 15.85
C ALA B 176 20.64 -6.65 16.43
N GLY B 177 21.53 -7.16 15.61
CA GLY B 177 22.53 -8.13 16.11
C GLY B 177 23.69 -7.36 16.76
N SER B 178 23.81 -6.10 16.45
CA SER B 178 24.90 -5.27 17.04
C SER B 178 24.48 -4.76 18.43
N ILE B 179 23.20 -4.81 18.73
CA ILE B 179 22.72 -4.35 20.07
C ILE B 179 22.94 -5.43 21.13
N GLY B 180 23.16 -6.66 20.71
CA GLY B 180 23.38 -7.76 21.69
C GLY B 180 24.42 -7.35 22.73
N ALA B 181 25.30 -6.44 22.39
CA ALA B 181 26.35 -6.02 23.38
C ALA B 181 25.74 -5.18 24.51
N GLY B 182 25.08 -4.11 24.17
CA GLY B 182 24.48 -3.22 25.21
C GLY B 182 23.62 -4.05 26.18
N ALA B 183 23.13 -5.18 25.75
CA ALA B 183 22.27 -6.01 26.65
C ALA B 183 23.14 -6.91 27.55
N LEU B 184 24.39 -7.09 27.21
CA LEU B 184 25.27 -7.97 28.05
C LEU B 184 25.57 -7.30 29.40
N THR B 185 26.30 -6.21 29.39
CA THR B 185 26.63 -5.52 30.68
C THR B 185 25.35 -5.17 31.45
N GLY B 186 24.24 -5.06 30.77
CA GLY B 186 22.97 -4.73 31.46
C GLY B 186 22.65 -5.80 32.50
N ALA B 187 22.98 -7.03 32.21
CA ALA B 187 22.70 -8.13 33.19
C ALA B 187 23.89 -8.31 34.15
N LEU B 188 25.05 -7.88 33.75
CA LEU B 188 26.25 -8.03 34.63
C LEU B 188 26.01 -7.32 35.97
N PHE B 189 25.65 -6.06 35.94
CA PHE B 189 25.41 -5.32 37.20
C PHE B 189 24.18 -5.89 37.92
N LYS B 190 23.24 -6.44 37.19
CA LYS B 190 22.02 -7.01 37.83
C LYS B 190 22.41 -8.18 38.74
N SER B 191 23.45 -8.89 38.40
CA SER B 191 23.86 -10.05 39.26
C SER B 191 24.61 -9.55 40.50
N SER B 192 25.00 -10.45 41.36
CA SER B 192 25.72 -10.03 42.60
C SER B 192 27.18 -10.48 42.53
N LYS B 193 27.95 -10.20 43.56
CA LYS B 193 29.37 -10.60 43.56
C LYS B 193 29.51 -12.08 43.95
N GLY B 194 28.64 -12.56 44.79
CA GLY B 194 28.71 -13.99 45.22
C GLY B 194 28.35 -14.89 44.03
N LEU B 195 27.18 -15.48 44.05
CA LEU B 195 26.77 -16.37 42.94
C LEU B 195 26.39 -15.53 41.71
N LYS B 196 27.16 -15.62 40.65
CA LYS B 196 26.85 -14.83 39.42
C LYS B 196 26.16 -15.72 38.39
N PRO B 197 24.87 -15.55 38.26
CA PRO B 197 24.08 -16.34 37.29
C PRO B 197 24.39 -15.90 35.86
N MET B 198 24.87 -14.69 35.69
CA MET B 198 25.19 -14.20 34.31
C MET B 198 26.19 -15.12 33.62
N GLY B 199 26.93 -15.90 34.38
CA GLY B 199 27.92 -16.83 33.75
C GLY B 199 27.18 -17.89 32.94
N TYR B 200 26.22 -18.55 33.54
CA TYR B 200 25.46 -19.60 32.81
C TYR B 200 24.23 -18.99 32.13
N SER B 201 23.71 -17.92 32.67
CA SER B 201 22.52 -17.27 32.06
C SER B 201 22.88 -16.65 30.71
N SER B 202 24.13 -16.28 30.53
CA SER B 202 24.55 -15.67 29.23
C SER B 202 24.32 -16.66 28.09
N ALA B 203 24.58 -17.92 28.33
CA ALA B 203 24.37 -18.94 27.26
C ALA B 203 22.92 -18.90 26.77
N MET B 204 22.02 -18.44 27.58
CA MET B 204 20.59 -18.37 27.16
C MET B 204 20.40 -17.21 26.18
N VAL B 205 20.89 -16.05 26.51
CA VAL B 205 20.74 -14.89 25.58
C VAL B 205 21.64 -15.09 24.36
N ALA B 206 22.75 -15.75 24.53
CA ALA B 206 23.66 -15.99 23.38
C ALA B 206 22.94 -16.81 22.31
N ALA B 207 22.19 -17.81 22.71
CA ALA B 207 21.45 -18.64 21.71
C ALA B 207 20.48 -17.76 20.93
N ALA B 208 19.96 -16.74 21.56
CA ALA B 208 19.00 -15.83 20.86
C ALA B 208 19.71 -15.15 19.69
N CYS B 209 21.00 -14.96 19.79
CA CYS B 209 21.75 -14.30 18.67
C CYS B 209 21.64 -15.15 17.41
N ALA B 210 21.62 -16.45 17.56
CA ALA B 210 21.51 -17.34 16.37
C ALA B 210 20.13 -17.19 15.72
N VAL B 211 19.08 -17.39 16.48
CA VAL B 211 17.71 -17.26 15.91
C VAL B 211 17.53 -15.89 15.26
N TRP B 212 18.04 -14.85 15.89
CA TRP B 212 17.92 -13.48 15.32
C TRP B 212 18.92 -13.31 14.18
N CYS B 213 20.16 -13.69 14.38
CA CYS B 213 21.16 -13.57 13.28
C CYS B 213 20.70 -14.41 12.08
N SER B 214 19.77 -15.31 12.31
CA SER B 214 19.25 -16.17 11.21
C SER B 214 18.90 -15.29 9.98
N VAL B 215 18.75 -14.00 10.18
CA VAL B 215 18.42 -13.09 9.05
C VAL B 215 19.30 -13.40 7.82
N LYS B 216 20.49 -13.90 8.04
CA LYS B 216 21.40 -14.23 6.91
C LYS B 216 22.42 -15.28 7.33
N LYS B 217 22.29 -16.48 6.85
CA LYS B 217 23.27 -17.55 7.23
C LYS B 217 23.12 -18.76 6.30
N ARG B 218 23.56 -18.64 5.08
CA ARG B 218 23.44 -19.78 4.12
C ARG B 218 24.51 -20.83 4.42
N LEU B 219 25.53 -20.48 5.15
CA LEU B 219 26.61 -21.47 5.48
C LEU B 219 26.01 -22.70 6.15
N LEU B 220 25.04 -22.52 7.01
CA LEU B 220 24.42 -23.68 7.70
C LEU B 220 22.98 -23.89 7.21
N GLU B 221 22.64 -23.32 6.08
CA GLU B 221 21.25 -23.48 5.55
C GLU B 221 21.25 -24.50 4.40
N LYS B 222 22.09 -25.49 4.46
CA LYS B 222 22.15 -26.52 3.39
C LYS B 222 22.31 -25.84 2.02
N MET C 1 1.81 -2.10 10.43
CA MET C 1 2.34 -1.77 9.08
C MET C 1 1.68 -0.49 8.56
N LEU C 2 2.38 0.28 7.76
CA LEU C 2 1.80 1.53 7.22
C LEU C 2 1.06 1.26 5.92
N SER C 3 -0.20 0.93 6.00
CA SER C 3 -0.98 0.64 4.76
C SER C 3 -2.47 0.89 5.00
N LEU C 4 -2.90 2.12 5.00
CA LEU C 4 -4.34 2.42 5.24
C LEU C 4 -4.75 3.69 4.50
N ARG C 5 -5.54 3.57 3.47
CA ARG C 5 -5.97 4.78 2.71
C ARG C 5 -7.12 5.49 3.44
N GLN C 6 -7.63 6.54 2.87
CA GLN C 6 -8.75 7.28 3.53
C GLN C 6 -9.83 7.63 2.50
N SER C 7 -11.03 7.14 2.71
CA SER C 7 -12.14 7.44 1.74
C SER C 7 -11.80 6.90 0.35
N ILE C 8 -12.65 6.06 -0.20
CA ILE C 8 -12.38 5.50 -1.55
C ILE C 8 -13.51 5.88 -2.51
N ARG C 9 -13.19 6.12 -3.75
CA ARG C 9 -14.24 6.49 -4.74
C ARG C 9 -14.72 5.25 -5.50
N PHE C 10 -15.76 4.63 -5.04
CA PHE C 10 -16.28 3.40 -5.74
C PHE C 10 -15.16 2.38 -5.93
N PHE C 11 -15.39 1.38 -6.74
CA PHE C 11 -14.33 0.34 -6.98
C PHE C 11 -14.12 0.16 -8.48
N LYS C 12 -12.89 0.21 -8.92
CA LYS C 12 -12.61 0.02 -10.38
C LYS C 12 -11.14 -0.36 -10.58
N PRO C 13 -10.80 -1.54 -10.14
CA PRO C 13 -9.41 -2.04 -10.28
C PRO C 13 -9.13 -2.42 -11.74
N ALA C 14 -7.90 -2.74 -12.05
CA ALA C 14 -7.56 -3.12 -13.44
C ALA C 14 -6.19 -3.78 -13.50
N THR C 15 -6.09 -4.96 -14.04
CA THR C 15 -4.78 -5.66 -14.12
C THR C 15 -3.82 -4.88 -15.01
N ARG C 16 -2.57 -5.28 -15.05
CA ARG C 16 -1.57 -4.55 -15.89
C ARG C 16 -1.95 -4.66 -17.36
N THR C 17 -2.08 -3.54 -18.04
CA THR C 17 -2.45 -3.57 -19.48
C THR C 17 -1.55 -2.63 -20.28
N LEU C 18 -1.16 -3.03 -21.46
CA LEU C 18 -0.28 -2.15 -22.30
C LEU C 18 1.01 -1.82 -21.56
N CYS C 19 1.99 -1.29 -22.24
CA CYS C 19 3.28 -0.94 -21.57
C CYS C 19 4.18 -0.17 -22.53
N SER C 20 3.70 0.93 -23.07
CA SER C 20 4.53 1.73 -24.01
C SER C 20 4.17 3.22 -23.90
N SER C 21 4.99 4.08 -24.46
CA SER C 21 4.71 5.54 -24.38
C SER C 21 5.01 6.20 -25.73
N ARG C 22 4.29 7.25 -26.05
CA ARG C 22 4.53 7.95 -27.35
C ARG C 22 4.35 9.46 -27.18
N TYR C 23 3.15 9.89 -26.91
CA TYR C 23 2.90 11.35 -26.72
C TYR C 23 2.75 11.69 -25.25
N LEU C 24 2.73 12.95 -24.92
CA LEU C 24 2.57 13.34 -23.48
C LEU C 24 1.68 14.59 -23.37
N LEU C 25 0.62 14.50 -22.60
CA LEU C 25 -0.29 15.67 -22.46
C LEU C 25 -0.26 16.18 -21.01
N MET A 1 -42.55 8.69 -107.75
CA MET A 1 -42.33 9.56 -108.95
C MET A 1 -40.87 9.50 -109.37
N SER A 2 -39.99 10.11 -108.61
CA SER A 2 -38.54 10.10 -108.96
C SER A 2 -37.75 9.29 -107.94
N TRP A 3 -37.34 8.10 -108.29
CA TRP A 3 -36.57 7.26 -107.34
C TRP A 3 -35.09 7.67 -107.34
N LEU A 4 -34.71 8.55 -108.24
CA LEU A 4 -33.28 8.98 -108.29
C LEU A 4 -32.99 10.04 -107.23
N PHE A 5 -34.00 10.48 -106.52
CA PHE A 5 -33.77 11.52 -105.46
C PHE A 5 -33.41 10.86 -104.13
N GLY A 6 -33.74 9.61 -103.96
CA GLY A 6 -33.43 8.91 -102.68
C GLY A 6 -34.72 8.66 -101.89
N ASP A 7 -35.78 8.34 -102.58
CA ASP A 7 -37.08 8.08 -101.86
C ASP A 7 -37.30 6.57 -101.72
N LYS A 8 -37.27 6.07 -100.52
CA LYS A 8 -37.47 4.61 -100.31
C LYS A 8 -38.69 4.38 -99.39
N THR A 9 -38.93 3.15 -99.01
CA THR A 9 -40.09 2.86 -98.12
C THR A 9 -39.87 3.49 -96.74
N PRO A 10 -40.95 3.91 -96.13
CA PRO A 10 -40.86 4.53 -94.78
C PRO A 10 -40.56 3.47 -93.72
N THR A 11 -39.43 3.57 -93.07
CA THR A 11 -39.08 2.58 -92.01
C THR A 11 -39.32 3.18 -90.62
N ASP A 12 -40.24 4.10 -90.52
CA ASP A 12 -40.52 4.72 -89.19
C ASP A 12 -41.46 3.84 -88.38
N ASP A 13 -42.46 3.27 -89.02
CA ASP A 13 -43.41 2.40 -88.28
C ASP A 13 -42.74 1.09 -87.87
N ALA A 14 -41.80 0.63 -88.66
CA ALA A 14 -41.11 -0.65 -88.32
C ALA A 14 -40.20 -0.45 -87.10
N ASN A 15 -39.68 0.73 -86.93
CA ASN A 15 -38.78 0.98 -85.77
C ASN A 15 -39.59 1.49 -84.57
N ALA A 16 -40.81 1.90 -84.79
CA ALA A 16 -41.65 2.40 -83.66
C ALA A 16 -41.96 1.26 -82.68
N ALA A 17 -42.47 0.16 -83.18
CA ALA A 17 -42.79 -0.98 -82.28
C ALA A 17 -42.76 -2.29 -83.06
N VAL A 18 -43.04 -3.39 -82.40
CA VAL A 18 -43.02 -4.72 -83.09
C VAL A 18 -44.37 -4.97 -83.77
N GLY A 19 -45.43 -4.42 -83.23
CA GLY A 19 -46.77 -4.62 -83.85
C GLY A 19 -47.54 -5.69 -83.04
N GLY A 20 -47.78 -5.44 -81.80
CA GLY A 20 -48.52 -6.43 -80.97
C GLY A 20 -49.84 -5.82 -80.48
N GLN A 21 -50.94 -6.28 -81.02
CA GLN A 21 -52.26 -5.73 -80.60
C GLN A 21 -52.82 -6.52 -79.41
N ASP A 22 -52.90 -7.82 -79.54
CA ASP A 22 -53.44 -8.65 -78.41
C ASP A 22 -52.31 -9.43 -77.74
N THR A 23 -51.33 -9.85 -78.50
CA THR A 23 -50.20 -10.62 -77.89
C THR A 23 -49.52 -9.79 -76.79
N THR A 24 -49.46 -10.32 -75.60
CA THR A 24 -48.82 -9.57 -74.48
C THR A 24 -47.44 -10.15 -74.18
N LYS A 25 -47.24 -11.41 -74.44
CA LYS A 25 -45.91 -12.04 -74.17
C LYS A 25 -44.85 -11.41 -75.09
N PRO A 26 -43.66 -11.24 -74.56
CA PRO A 26 -42.56 -10.65 -75.33
C PRO A 26 -42.03 -11.65 -76.38
N LYS A 27 -42.28 -12.93 -76.17
CA LYS A 27 -41.80 -13.96 -77.13
C LYS A 27 -40.29 -13.81 -77.36
N GLU A 28 -39.59 -13.23 -76.43
CA GLU A 28 -38.11 -13.06 -76.59
C GLU A 28 -37.36 -13.98 -75.62
N LEU A 29 -38.06 -14.84 -74.92
CA LEU A 29 -37.38 -15.75 -73.96
C LEU A 29 -36.65 -16.87 -74.70
N SER A 30 -37.24 -17.40 -75.73
CA SER A 30 -36.59 -18.49 -76.51
C SER A 30 -35.34 -17.95 -77.21
N LEU A 31 -35.41 -16.76 -77.73
CA LEU A 31 -34.24 -16.18 -78.44
C LEU A 31 -33.15 -15.78 -77.42
N LYS A 32 -33.56 -15.41 -76.24
CA LYS A 32 -32.56 -15.01 -75.20
C LYS A 32 -31.88 -16.25 -74.63
N GLN A 33 -32.64 -17.21 -74.17
CA GLN A 33 -32.02 -18.44 -73.60
C GLN A 33 -31.25 -19.20 -74.69
N SER A 34 -31.66 -19.07 -75.92
CA SER A 34 -30.95 -19.79 -77.02
C SER A 34 -29.54 -19.23 -77.19
N LEU A 35 -29.33 -17.98 -76.83
CA LEU A 35 -27.97 -17.39 -76.97
C LEU A 35 -27.09 -17.81 -75.78
N GLY A 36 -27.66 -17.89 -74.61
CA GLY A 36 -26.86 -18.29 -73.42
C GLY A 36 -26.46 -17.04 -72.62
N PHE A 37 -27.41 -16.18 -72.34
CA PHE A 37 -27.09 -14.95 -71.57
C PHE A 37 -27.61 -15.07 -70.14
N GLU A 38 -26.76 -14.91 -69.16
CA GLU A 38 -27.20 -15.01 -67.75
C GLU A 38 -26.22 -14.25 -66.83
N PRO A 39 -26.59 -13.03 -66.50
CA PRO A 39 -25.72 -12.21 -65.61
C PRO A 39 -25.76 -12.73 -64.17
N ASN A 40 -26.63 -13.67 -63.89
CA ASN A 40 -26.71 -14.22 -62.49
C ASN A 40 -25.34 -14.71 -62.02
N ILE A 41 -24.75 -15.62 -62.76
CA ILE A 41 -23.41 -16.14 -62.36
C ILE A 41 -22.36 -15.02 -62.41
N ASN A 42 -22.62 -14.00 -63.18
CA ASN A 42 -21.64 -12.87 -63.26
C ASN A 42 -21.65 -12.06 -61.96
N ASN A 43 -22.76 -12.05 -61.27
CA ASN A 43 -22.83 -11.28 -59.98
C ASN A 43 -21.82 -11.83 -58.98
N ILE A 44 -21.44 -13.08 -59.12
CA ILE A 44 -20.45 -13.67 -58.18
C ILE A 44 -19.09 -13.00 -58.34
N ILE A 45 -18.70 -12.74 -59.56
CA ILE A 45 -17.38 -12.08 -59.81
C ILE A 45 -17.56 -10.56 -59.86
N SER A 46 -18.68 -10.10 -60.34
CA SER A 46 -18.92 -8.63 -60.42
C SER A 46 -19.77 -8.16 -59.24
N GLY A 47 -19.36 -8.49 -58.04
CA GLY A 47 -20.14 -8.06 -56.85
C GLY A 47 -19.18 -7.56 -55.76
N PRO A 48 -19.69 -7.42 -54.57
CA PRO A 48 -18.87 -6.93 -53.44
C PRO A 48 -17.90 -8.03 -52.98
N GLY A 49 -16.90 -7.67 -52.21
CA GLY A 49 -15.92 -8.68 -51.73
C GLY A 49 -16.36 -9.23 -50.38
N GLY A 50 -16.96 -8.39 -49.57
CA GLY A 50 -17.41 -8.86 -48.23
C GLY A 50 -16.91 -7.89 -47.15
N MET A 51 -15.61 -7.73 -47.06
CA MET A 51 -15.05 -6.81 -46.04
C MET A 51 -15.41 -5.35 -46.37
N HIS A 52 -16.36 -4.79 -45.68
CA HIS A 52 -16.74 -3.38 -45.97
C HIS A 52 -16.37 -2.47 -44.79
N VAL A 53 -15.91 -1.28 -45.07
CA VAL A 53 -15.52 -0.35 -43.97
C VAL A 53 -16.71 0.57 -43.62
N ASP A 54 -17.03 0.67 -42.36
CA ASP A 54 -18.17 1.55 -41.95
C ASP A 54 -17.67 2.98 -41.74
N THR A 55 -18.50 3.83 -41.17
CA THR A 55 -18.08 5.24 -40.94
C THR A 55 -17.28 5.35 -39.64
N ALA A 56 -17.11 4.27 -38.92
CA ALA A 56 -16.34 4.32 -37.65
C ALA A 56 -14.84 4.34 -37.95
N ARG A 57 -14.43 3.75 -39.03
CA ARG A 57 -12.98 3.73 -39.38
C ARG A 57 -12.59 5.04 -40.08
N LEU A 58 -13.52 5.68 -40.73
CA LEU A 58 -13.20 6.96 -41.43
C LEU A 58 -12.79 8.03 -40.42
N HIS A 59 -13.27 7.94 -39.21
CA HIS A 59 -12.90 8.95 -38.17
C HIS A 59 -11.53 8.60 -37.56
N PRO A 60 -10.66 9.58 -37.53
CA PRO A 60 -9.31 9.36 -36.96
C PRO A 60 -9.38 9.25 -35.43
N LEU A 61 -8.51 8.49 -34.83
CA LEU A 61 -8.52 8.36 -33.35
C LEU A 61 -7.37 9.14 -32.72
N ALA A 62 -7.48 10.44 -32.65
CA ALA A 62 -6.39 11.26 -32.05
C ALA A 62 -6.76 11.67 -30.63
N GLY A 63 -7.53 10.86 -29.94
CA GLY A 63 -7.91 11.20 -28.55
C GLY A 63 -7.69 9.98 -27.64
N LEU A 64 -8.05 8.81 -28.11
CA LEU A 64 -7.85 7.58 -27.28
C LEU A 64 -6.38 7.42 -26.90
N ASP A 65 -5.49 7.95 -27.69
CA ASP A 65 -4.04 7.82 -27.38
C ASP A 65 -3.71 8.52 -26.06
N LYS A 66 -4.47 9.52 -25.70
CA LYS A 66 -4.20 10.25 -24.42
C LYS A 66 -4.60 9.38 -23.22
N GLY A 67 -5.62 8.57 -23.38
CA GLY A 67 -6.07 7.71 -22.25
C GLY A 67 -5.04 6.60 -22.03
N VAL A 68 -4.64 5.92 -23.08
CA VAL A 68 -3.65 4.82 -22.93
C VAL A 68 -2.32 5.38 -22.39
N GLU A 69 -2.05 6.63 -22.63
CA GLU A 69 -0.78 7.24 -22.13
C GLU A 69 -0.72 7.16 -20.60
N TYR A 70 -1.67 7.75 -19.94
CA TYR A 70 -1.67 7.71 -18.44
C TYR A 70 -2.10 6.32 -17.93
N LEU A 71 -2.54 5.46 -18.81
CA LEU A 71 -2.98 4.10 -18.38
C LEU A 71 -1.81 3.35 -17.73
N ASP A 72 -0.76 3.12 -18.46
CA ASP A 72 0.41 2.38 -17.88
C ASP A 72 1.40 3.35 -17.25
N LEU A 73 1.20 4.63 -17.42
CA LEU A 73 2.15 5.63 -16.83
C LEU A 73 1.75 5.96 -15.40
N GLU A 74 0.48 6.16 -15.15
CA GLU A 74 0.02 6.49 -13.77
C GLU A 74 -0.05 5.22 -12.90
N GLU A 75 -0.20 4.08 -13.52
CA GLU A 75 -0.28 2.82 -12.73
C GLU A 75 1.02 2.59 -11.97
N GLU A 76 2.14 2.88 -12.58
CA GLU A 76 3.45 2.67 -11.88
C GLU A 76 3.85 3.93 -11.10
N GLN A 77 3.11 5.00 -11.23
CA GLN A 77 3.47 6.23 -10.49
C GLN A 77 3.50 5.98 -8.98
N LEU A 78 2.49 5.34 -8.46
CA LEU A 78 2.46 5.05 -6.99
C LEU A 78 3.32 3.82 -6.68
N SER A 79 3.58 3.00 -7.66
CA SER A 79 4.42 1.78 -7.42
C SER A 79 5.78 2.18 -6.83
N SER A 80 6.31 3.30 -7.24
CA SER A 80 7.63 3.74 -6.71
C SER A 80 7.44 4.61 -5.46
N LEU A 81 6.22 4.80 -5.02
CA LEU A 81 5.98 5.64 -3.81
C LEU A 81 6.12 4.79 -2.55
N GLU A 82 5.79 3.53 -2.65
CA GLU A 82 5.88 2.65 -1.44
C GLU A 82 7.34 2.52 -1.00
N GLY A 83 8.26 2.59 -1.92
CA GLY A 83 9.70 2.49 -1.55
C GLY A 83 10.34 3.88 -1.57
N SER A 84 9.97 4.72 -0.64
CA SER A 84 10.55 6.09 -0.60
C SER A 84 12.05 6.03 -0.27
N GLN A 85 12.40 5.52 0.87
CA GLN A 85 13.84 5.44 1.26
C GLN A 85 14.49 4.22 0.58
N GLY A 86 13.75 3.16 0.41
CA GLY A 86 14.33 1.95 -0.25
C GLY A 86 14.09 0.73 0.64
N LEU A 87 15.09 0.29 1.35
CA LEU A 87 14.93 -0.91 2.24
C LEU A 87 15.07 -0.50 3.71
N ILE A 88 14.14 -0.89 4.53
CA ILE A 88 14.22 -0.53 5.98
C ILE A 88 14.68 -1.74 6.80
N PRO A 89 15.88 -1.64 7.34
CA PRO A 89 16.42 -2.76 8.15
C PRO A 89 15.70 -2.85 9.50
N SER A 90 14.98 -1.82 9.88
CA SER A 90 14.26 -1.85 11.18
C SER A 90 12.79 -2.28 10.96
N ARG A 91 12.55 -3.09 9.96
CA ARG A 91 11.15 -3.54 9.71
C ARG A 91 10.68 -4.48 10.82
N GLY A 92 9.39 -4.53 11.07
CA GLY A 92 8.87 -5.42 12.13
C GLY A 92 8.67 -4.63 13.42
N TRP A 93 9.45 -3.60 13.63
CA TRP A 93 9.29 -2.79 14.88
C TRP A 93 9.47 -1.30 14.55
N THR A 94 8.96 -0.86 13.43
CA THR A 94 9.10 0.58 13.06
C THR A 94 7.74 1.28 13.14
N ASP A 95 6.85 0.81 13.95
CA ASP A 95 5.50 1.46 14.08
C ASP A 95 5.63 2.78 14.85
N ASP A 96 6.61 2.87 15.72
CA ASP A 96 6.78 4.12 16.51
C ASP A 96 7.49 5.18 15.67
N LEU A 97 8.25 4.76 14.68
CA LEU A 97 8.97 5.74 13.81
C LEU A 97 7.98 6.70 13.15
N CYS A 98 6.73 6.32 13.06
CA CYS A 98 5.72 7.21 12.42
C CYS A 98 5.66 8.56 13.14
N TYR A 99 5.37 8.55 14.42
CA TYR A 99 5.30 9.84 15.18
C TYR A 99 6.47 9.92 16.17
N GLY A 100 6.92 8.81 16.66
CA GLY A 100 8.05 8.82 17.63
C GLY A 100 9.35 9.19 16.91
N THR A 101 10.44 8.58 17.29
CA THR A 101 11.74 8.90 16.63
C THR A 101 12.68 7.68 16.70
N GLY A 102 12.14 6.50 16.57
CA GLY A 102 13.00 5.28 16.63
C GLY A 102 13.62 5.16 18.02
N ALA A 103 12.90 5.53 19.04
CA ALA A 103 13.44 5.45 20.42
C ALA A 103 13.28 4.02 20.97
N VAL A 104 12.28 3.32 20.52
CA VAL A 104 12.06 1.92 21.01
C VAL A 104 13.35 1.10 20.85
N TYR A 105 13.92 1.10 19.68
CA TYR A 105 15.19 0.32 19.46
C TYR A 105 16.35 1.01 20.19
N LEU A 106 16.60 2.25 19.86
CA LEU A 106 17.72 3.01 20.49
C LEU A 106 17.59 3.02 22.02
N LEU A 107 16.59 3.69 22.53
CA LEU A 107 16.40 3.76 24.02
C LEU A 107 16.45 2.36 24.63
N GLY A 108 16.12 1.35 23.87
CA GLY A 108 16.17 -0.04 24.40
C GLY A 108 17.61 -0.39 24.78
N LEU A 109 18.58 0.25 24.17
CA LEU A 109 20.00 -0.05 24.49
C LEU A 109 20.43 0.75 25.73
N GLY A 110 20.12 2.02 25.76
CA GLY A 110 20.52 2.85 26.94
C GLY A 110 19.86 2.30 28.20
N ILE A 111 18.69 1.73 28.07
CA ILE A 111 17.99 1.17 29.26
C ILE A 111 18.83 0.05 29.88
N GLY A 112 19.63 -0.62 29.10
CA GLY A 112 20.47 -1.72 29.65
C GLY A 112 21.56 -1.14 30.56
N GLY A 113 21.98 0.06 30.30
CA GLY A 113 23.04 0.68 31.14
C GLY A 113 22.41 1.32 32.38
N PHE A 114 21.27 1.96 32.21
CA PHE A 114 20.61 2.61 33.38
C PHE A 114 19.90 1.56 34.24
N SER A 115 19.37 0.54 33.64
CA SER A 115 18.67 -0.53 34.42
C SER A 115 19.68 -1.54 34.98
N GLY A 116 20.89 -1.53 34.48
CA GLY A 116 21.91 -2.49 34.98
C GLY A 116 22.64 -1.90 36.19
N MET A 117 22.96 -0.64 36.14
CA MET A 117 23.67 0.01 37.28
C MET A 117 22.82 -0.04 38.55
N MET A 118 21.54 -0.31 38.42
CA MET A 118 20.67 -0.38 39.62
C MET A 118 21.27 -1.29 40.69
N GLN A 119 21.74 -2.45 40.30
CA GLN A 119 22.34 -3.39 41.28
C GLN A 119 23.84 -3.10 41.44
N GLY A 120 24.47 -2.60 40.42
CA GLY A 120 25.93 -2.30 40.51
C GLY A 120 26.16 -1.16 41.51
N LEU A 121 25.14 -0.42 41.84
CA LEU A 121 25.31 0.71 42.81
C LEU A 121 25.86 0.18 44.14
N GLN A 122 25.59 -1.06 44.46
CA GLN A 122 26.09 -1.62 45.74
C GLN A 122 27.47 -2.26 45.54
N ASN A 123 27.74 -2.73 44.35
CA ASN A 123 29.07 -3.36 44.08
C ASN A 123 30.19 -2.33 44.28
N ILE A 124 30.00 -1.13 43.82
CA ILE A 124 31.06 -0.09 43.98
C ILE A 124 31.31 0.19 45.47
N PRO A 125 32.54 0.45 45.80
CA PRO A 125 32.90 0.74 47.21
C PRO A 125 32.41 2.12 47.62
N PRO A 126 32.19 2.29 48.91
CA PRO A 126 31.71 3.60 49.42
C PRO A 126 32.83 4.64 49.38
N ASN A 127 32.60 5.76 48.77
CA ASN A 127 33.65 6.82 48.70
C ASN A 127 33.33 7.98 49.65
N SER A 128 32.30 7.84 50.44
CA SER A 128 31.93 8.93 51.39
C SER A 128 32.65 8.74 52.74
N PRO A 129 33.08 9.82 53.32
CA PRO A 129 33.78 9.75 54.63
C PRO A 129 32.80 9.43 55.75
N GLY A 130 33.23 8.74 56.77
CA GLY A 130 32.32 8.40 57.89
C GLY A 130 32.65 9.29 59.09
N LYS A 131 31.65 9.82 59.75
CA LYS A 131 31.90 10.70 60.92
C LYS A 131 31.12 10.20 62.14
N LEU A 132 29.89 9.78 61.94
CA LEU A 132 29.08 9.28 63.08
C LEU A 132 28.73 7.80 62.89
N GLN A 133 29.47 7.11 62.07
CA GLN A 133 29.18 5.66 61.85
C GLN A 133 30.07 4.79 62.74
N LEU A 134 31.22 5.29 63.11
CA LEU A 134 32.13 4.49 64.00
C LEU A 134 31.83 4.79 65.47
N ASN A 135 31.34 5.96 65.76
CA ASN A 135 31.02 6.31 67.18
C ASN A 135 29.75 5.59 67.64
N THR A 136 28.86 5.30 66.72
CA THR A 136 27.61 4.59 67.11
C THR A 136 27.93 3.23 67.72
N VAL A 137 28.58 2.37 66.96
CA VAL A 137 28.93 1.03 67.51
C VAL A 137 29.90 1.16 68.69
N LEU A 138 30.62 2.24 68.76
CA LEU A 138 31.59 2.43 69.88
C LEU A 138 30.87 2.36 71.23
N ASN A 139 29.59 2.65 71.24
CA ASN A 139 28.84 2.61 72.53
C ASN A 139 28.42 1.17 72.84
N HIS A 140 27.62 0.58 71.98
CA HIS A 140 27.17 -0.82 72.23
C HIS A 140 27.37 -1.67 70.97
N ILE A 141 27.68 -2.93 71.12
CA ILE A 141 27.88 -3.80 69.93
C ILE A 141 27.03 -5.07 70.06
N THR A 142 26.83 -5.76 68.97
CA THR A 142 26.02 -7.01 69.02
C THR A 142 26.31 -7.89 67.80
N LYS A 143 25.70 -9.04 67.72
CA LYS A 143 25.94 -9.94 66.56
C LYS A 143 24.85 -9.75 65.50
N ARG A 144 24.96 -8.71 64.71
CA ARG A 144 23.92 -8.47 63.66
C ARG A 144 24.52 -7.61 62.54
N GLY A 145 24.76 -8.20 61.39
CA GLY A 145 25.33 -7.41 60.26
C GLY A 145 24.20 -6.68 59.52
N PRO A 146 24.34 -5.38 59.41
CA PRO A 146 23.30 -4.57 58.71
C PRO A 146 23.38 -4.81 57.21
N PHE A 147 22.26 -4.71 56.53
CA PHE A 147 22.26 -4.93 55.06
C PHE A 147 21.48 -3.80 54.36
N LEU A 148 22.17 -2.86 53.78
CA LEU A 148 21.47 -1.74 53.08
C LEU A 148 21.47 -1.98 51.57
N GLY A 149 20.64 -1.28 50.85
CA GLY A 149 20.59 -1.47 49.37
C GLY A 149 19.22 -1.99 48.95
N ASN A 150 18.54 -2.69 49.84
CA ASN A 150 17.19 -3.22 49.49
C ASN A 150 16.24 -2.06 49.13
N ASN A 151 16.49 -0.90 49.66
CA ASN A 151 15.60 0.26 49.35
C ASN A 151 15.63 0.57 47.85
N ALA A 152 16.71 0.24 47.19
CA ALA A 152 16.80 0.51 45.72
C ALA A 152 15.88 -0.44 44.94
N GLY A 153 15.43 -1.50 45.56
CA GLY A 153 14.53 -2.47 44.86
C GLY A 153 13.27 -1.75 44.40
N ILE A 154 12.82 -0.77 45.15
CA ILE A 154 11.59 -0.03 44.76
C ILE A 154 11.92 0.97 43.63
N LEU A 155 13.13 1.41 43.56
CA LEU A 155 13.51 2.39 42.49
C LEU A 155 13.28 1.76 41.11
N ALA A 156 13.54 0.49 40.97
CA ALA A 156 13.34 -0.18 39.65
C ALA A 156 11.87 -0.06 39.21
N LEU A 157 10.98 0.19 40.13
CA LEU A 157 9.54 0.32 39.76
C LEU A 157 9.25 1.72 39.23
N SER A 158 9.83 2.73 39.82
CA SER A 158 9.59 4.12 39.35
C SER A 158 10.29 4.35 38.00
N TYR A 159 11.38 3.68 37.76
CA TYR A 159 12.11 3.86 36.47
C TYR A 159 11.22 3.45 35.29
N ASN A 160 10.27 2.57 35.53
CA ASN A 160 9.38 2.13 34.41
C ASN A 160 8.24 3.13 34.21
N ILE A 161 7.92 3.90 35.23
CA ILE A 161 6.81 4.90 35.08
C ILE A 161 7.27 6.08 34.23
N ILE A 162 8.38 6.68 34.57
CA ILE A 162 8.88 7.84 33.77
C ILE A 162 9.14 7.42 32.32
N ASN A 163 9.30 6.15 32.07
CA ASN A 163 9.57 5.69 30.68
C ASN A 163 8.26 5.38 29.95
N SER A 164 7.20 5.20 30.68
CA SER A 164 5.88 4.90 30.04
C SER A 164 5.38 6.10 29.23
N THR A 165 5.88 7.28 29.53
CA THR A 165 5.43 8.49 28.78
C THR A 165 6.08 8.53 27.40
N ILE A 166 7.38 8.56 27.34
CA ILE A 166 8.08 8.59 26.02
C ILE A 166 7.55 7.46 25.13
N ASP A 167 7.16 6.36 25.72
CA ASP A 167 6.64 5.22 24.93
C ASP A 167 5.12 5.32 24.76
N ALA A 168 4.43 5.86 25.75
CA ALA A 168 2.94 5.98 25.64
C ALA A 168 2.56 6.66 24.33
N LEU A 169 3.34 7.62 23.90
CA LEU A 169 3.03 8.32 22.62
C LEU A 169 3.55 7.52 21.42
N ARG A 170 3.80 6.24 21.59
CA ARG A 170 4.32 5.42 20.45
C ARG A 170 3.38 5.52 19.24
N GLY A 171 2.15 5.13 19.38
CA GLY A 171 1.21 5.21 18.23
C GLY A 171 -0.12 4.53 18.59
N LYS A 172 -0.59 3.66 17.73
CA LYS A 172 -1.89 2.96 18.01
C LYS A 172 -1.70 1.44 17.95
N HIS A 173 -1.58 0.81 19.09
CA HIS A 173 -1.40 -0.68 19.10
C HIS A 173 -2.64 -1.37 19.66
N ASP A 174 -3.03 -2.47 19.07
CA ASP A 174 -4.24 -3.22 19.57
C ASP A 174 -3.87 -4.70 19.75
N THR A 175 -2.68 -4.97 20.19
CA THR A 175 -2.22 -6.39 20.36
C THR A 175 -3.26 -7.24 21.11
N ALA A 176 -3.11 -7.40 22.41
CA ALA A 176 -4.09 -8.25 23.15
C ALA A 176 -4.38 -7.72 24.56
N GLY A 177 -5.51 -7.10 24.75
CA GLY A 177 -5.87 -6.60 26.10
C GLY A 177 -6.49 -7.75 26.91
N SER A 178 -6.98 -8.76 26.24
CA SER A 178 -7.61 -9.92 26.93
C SER A 178 -6.53 -10.92 27.38
N ILE A 179 -5.35 -10.85 26.82
CA ILE A 179 -4.27 -11.79 27.22
C ILE A 179 -3.69 -11.41 28.58
N GLY A 180 -3.90 -10.20 29.01
CA GLY A 180 -3.34 -9.75 30.33
C GLY A 180 -3.67 -10.77 31.42
N ALA A 181 -4.70 -11.55 31.25
CA ALA A 181 -5.05 -12.56 32.30
C ALA A 181 -4.06 -13.73 32.29
N GLY A 182 -3.88 -14.35 31.15
CA GLY A 182 -2.94 -15.52 31.06
C GLY A 182 -1.57 -15.14 31.60
N ALA A 183 -1.23 -13.89 31.62
CA ALA A 183 0.12 -13.48 32.13
C ALA A 183 0.08 -13.26 33.64
N LEU A 184 -1.08 -13.11 34.21
CA LEU A 184 -1.17 -12.88 35.69
C LEU A 184 -0.76 -14.14 36.46
N THR A 185 -1.50 -15.20 36.35
CA THR A 185 -1.14 -16.45 37.09
C THR A 185 0.29 -16.88 36.75
N GLY A 186 0.79 -16.48 35.62
CA GLY A 186 2.17 -16.87 35.23
C GLY A 186 3.18 -16.21 36.18
N ALA A 187 2.82 -15.11 36.78
CA ALA A 187 3.75 -14.43 37.73
C ALA A 187 3.64 -15.04 39.12
N LEU A 188 2.50 -15.58 39.46
CA LEU A 188 2.32 -16.19 40.80
C LEU A 188 3.18 -17.45 40.93
N PHE A 189 2.97 -18.41 40.07
CA PHE A 189 3.77 -19.66 40.13
C PHE A 189 5.25 -19.36 39.86
N LYS A 190 5.53 -18.24 39.23
CA LYS A 190 6.95 -17.89 38.93
C LYS A 190 7.78 -17.84 40.22
N SER A 191 7.33 -17.08 41.19
CA SER A 191 8.09 -16.98 42.47
C SER A 191 7.14 -17.18 43.66
N SER A 192 7.26 -18.28 44.35
CA SER A 192 6.36 -18.52 45.53
C SER A 192 7.17 -19.12 46.68
N LYS A 193 8.40 -18.71 46.83
CA LYS A 193 9.24 -19.25 47.95
C LYS A 193 9.25 -18.29 49.13
N GLY A 194 8.22 -17.48 49.26
CA GLY A 194 8.16 -16.52 50.39
C GLY A 194 6.94 -15.60 50.21
N LEU A 195 7.06 -14.36 50.62
CA LEU A 195 5.91 -13.43 50.48
C LEU A 195 5.52 -13.28 49.01
N LYS A 196 4.25 -13.25 48.71
CA LYS A 196 3.81 -13.10 47.29
C LYS A 196 4.46 -11.86 46.65
N PRO A 197 5.38 -12.10 45.74
CA PRO A 197 6.08 -10.98 45.05
C PRO A 197 5.14 -10.32 44.03
N MET A 198 4.37 -11.11 43.33
CA MET A 198 3.43 -10.54 42.31
C MET A 198 2.46 -9.56 42.98
N GLY A 199 2.27 -9.67 44.26
CA GLY A 199 1.33 -8.75 44.98
C GLY A 199 1.70 -7.30 44.68
N TYR A 200 2.94 -6.94 44.91
CA TYR A 200 3.37 -5.53 44.65
C TYR A 200 3.89 -5.41 43.21
N SER A 201 4.42 -6.46 42.66
CA SER A 201 4.93 -6.40 41.25
C SER A 201 3.76 -6.35 40.26
N SER A 202 2.61 -6.82 40.66
CA SER A 202 1.44 -6.80 39.74
C SER A 202 1.14 -5.36 39.30
N ALA A 203 1.26 -4.42 40.21
CA ALA A 203 0.98 -3.00 39.85
C ALA A 203 1.88 -2.58 38.68
N MET A 204 3.01 -3.23 38.51
CA MET A 204 3.92 -2.87 37.39
C MET A 204 3.32 -3.36 36.06
N VAL A 205 2.94 -4.60 35.99
CA VAL A 205 2.33 -5.12 34.73
C VAL A 205 0.93 -4.52 34.54
N ALA A 206 0.26 -4.25 35.63
CA ALA A 206 -1.11 -3.67 35.52
C ALA A 206 -1.05 -2.32 34.79
N ALA A 207 -0.09 -1.49 35.13
CA ALA A 207 0.03 -0.18 34.45
C ALA A 207 0.21 -0.38 32.94
N ALA A 208 0.79 -1.48 32.56
CA ALA A 208 0.99 -1.75 31.11
C ALA A 208 -0.36 -1.87 30.41
N CYS A 209 -1.37 -2.30 31.12
CA CYS A 209 -2.72 -2.43 30.50
C CYS A 209 -3.22 -1.05 30.04
N ALA A 210 -2.93 -0.03 30.78
CA ALA A 210 -3.38 1.34 30.38
C ALA A 210 -2.68 1.77 29.09
N VAL A 211 -1.37 1.65 29.04
CA VAL A 211 -0.63 2.05 27.81
C VAL A 211 -1.13 1.24 26.61
N TRP A 212 -1.27 -0.06 26.78
CA TRP A 212 -1.75 -0.91 25.66
C TRP A 212 -3.24 -0.64 25.41
N CYS A 213 -4.02 -0.56 26.47
CA CYS A 213 -5.48 -0.26 26.27
C CYS A 213 -5.62 1.09 25.60
N SER A 214 -4.59 1.90 25.63
CA SER A 214 -4.64 3.24 24.97
C SER A 214 -5.19 3.10 23.54
N VAL A 215 -5.21 1.90 23.01
CA VAL A 215 -5.74 1.66 21.63
C VAL A 215 -7.06 2.42 21.42
N LYS A 216 -7.81 2.64 22.47
CA LYS A 216 -9.10 3.37 22.33
C LYS A 216 -9.06 4.67 23.13
N LYS A 217 -8.42 5.68 22.60
CA LYS A 217 -8.34 6.99 23.32
C LYS A 217 -8.63 8.15 22.37
N ARG A 218 -9.58 7.98 21.48
CA ARG A 218 -9.90 9.07 20.52
C ARG A 218 -11.17 9.82 20.96
N LEU A 219 -11.86 9.32 21.95
CA LEU A 219 -13.09 10.02 22.43
C LEU A 219 -12.77 11.46 22.82
N LEU A 220 -11.55 11.73 23.19
CA LEU A 220 -11.17 13.13 23.58
C LEU A 220 -11.40 14.09 22.41
N GLU A 221 -11.15 13.64 21.21
CA GLU A 221 -11.36 14.54 20.03
C GLU A 221 -11.29 13.71 18.73
N LYS A 222 -12.14 14.01 17.79
CA LYS A 222 -12.14 13.24 16.51
C LYS A 222 -12.34 14.19 15.32
N MET B 1 -52.64 45.64 -57.21
CA MET B 1 -54.11 45.58 -57.42
C MET B 1 -54.51 46.36 -58.67
N SER B 2 -55.56 45.95 -59.34
CA SER B 2 -55.99 46.67 -60.58
C SER B 2 -57.35 46.12 -61.06
N TRP B 3 -57.54 44.84 -60.96
CA TRP B 3 -58.83 44.24 -61.42
C TRP B 3 -60.00 44.82 -60.62
N LEU B 4 -59.74 45.34 -59.44
CA LEU B 4 -60.84 45.92 -58.62
C LEU B 4 -61.50 47.09 -59.37
N PHE B 5 -60.75 47.80 -60.17
CA PHE B 5 -61.33 48.94 -60.92
C PHE B 5 -61.69 48.52 -62.35
N GLY B 6 -61.12 47.44 -62.82
CA GLY B 6 -61.43 46.98 -64.20
C GLY B 6 -60.73 47.87 -65.22
N ASP B 7 -59.51 48.27 -64.93
CA ASP B 7 -58.77 49.15 -65.88
C ASP B 7 -58.55 48.42 -67.21
N LYS B 8 -58.70 49.12 -68.31
CA LYS B 8 -58.51 48.47 -69.64
C LYS B 8 -57.08 48.72 -70.16
N THR B 9 -56.61 47.89 -71.05
CA THR B 9 -55.24 48.08 -71.60
C THR B 9 -55.30 48.78 -72.96
N PRO B 10 -54.30 49.59 -73.23
CA PRO B 10 -54.25 50.32 -74.52
C PRO B 10 -53.88 49.37 -75.66
N THR B 11 -54.81 49.08 -76.54
CA THR B 11 -54.51 48.15 -77.66
C THR B 11 -53.43 48.75 -78.57
N ASP B 12 -53.34 50.05 -78.62
CA ASP B 12 -52.31 50.71 -79.48
C ASP B 12 -50.93 50.59 -78.84
N ASP B 13 -50.80 51.03 -77.62
CA ASP B 13 -49.47 50.95 -76.94
C ASP B 13 -49.14 49.50 -76.59
N ALA B 14 -50.14 48.66 -76.46
CA ALA B 14 -49.89 47.23 -76.12
C ALA B 14 -48.97 46.59 -77.18
N ASN B 15 -49.00 47.09 -78.39
CA ASN B 15 -48.14 46.52 -79.46
C ASN B 15 -46.68 46.95 -79.25
N ALA B 16 -46.47 48.08 -78.66
CA ALA B 16 -45.07 48.56 -78.43
C ALA B 16 -44.36 47.64 -77.43
N ALA B 17 -45.08 47.06 -76.52
CA ALA B 17 -44.44 46.15 -75.52
C ALA B 17 -44.53 44.69 -76.01
N VAL B 18 -43.44 44.16 -76.50
CA VAL B 18 -43.46 42.75 -76.99
C VAL B 18 -42.46 41.90 -76.18
N GLY B 19 -41.28 42.40 -75.98
CA GLY B 19 -40.27 41.64 -75.20
C GLY B 19 -39.25 41.01 -76.17
N GLY B 20 -38.33 41.80 -76.65
CA GLY B 20 -37.31 41.26 -77.60
C GLY B 20 -36.37 40.30 -76.85
N GLN B 21 -36.75 39.07 -76.72
CA GLN B 21 -35.88 38.09 -75.99
C GLN B 21 -36.35 36.66 -76.25
N ASP B 22 -35.64 35.94 -77.07
CA ASP B 22 -36.06 34.53 -77.37
C ASP B 22 -35.88 33.65 -76.13
N THR B 23 -34.90 33.93 -75.31
CA THR B 23 -34.69 33.12 -74.08
C THR B 23 -35.88 33.29 -73.13
N THR B 24 -36.15 32.28 -72.33
CA THR B 24 -37.29 32.37 -71.39
C THR B 24 -36.80 32.79 -70.00
N LYS B 25 -35.62 33.33 -69.91
CA LYS B 25 -35.10 33.77 -68.59
C LYS B 25 -35.04 35.30 -68.52
N PRO B 26 -35.42 35.85 -67.39
CA PRO B 26 -35.40 37.32 -67.22
C PRO B 26 -33.97 37.82 -67.04
N LYS B 27 -33.22 37.22 -66.15
CA LYS B 27 -31.81 37.66 -65.93
C LYS B 27 -31.75 39.16 -65.64
N GLU B 28 -32.72 39.67 -64.93
CA GLU B 28 -32.73 41.13 -64.61
C GLU B 28 -32.46 41.35 -63.12
N LEU B 29 -32.70 40.35 -62.31
CA LEU B 29 -32.44 40.51 -60.84
C LEU B 29 -30.97 40.84 -60.59
N SER B 30 -30.11 40.53 -61.52
CA SER B 30 -28.66 40.83 -61.32
C SER B 30 -28.31 42.20 -61.94
N LEU B 31 -29.27 43.08 -62.04
CA LEU B 31 -28.99 44.42 -62.63
C LEU B 31 -28.03 45.20 -61.72
N LYS B 32 -28.03 44.91 -60.45
CA LYS B 32 -27.13 45.64 -59.51
C LYS B 32 -25.66 45.29 -59.81
N GLN B 33 -25.39 44.05 -60.13
CA GLN B 33 -23.99 43.65 -60.45
C GLN B 33 -23.65 43.98 -61.90
N SER B 34 -24.65 44.18 -62.73
CA SER B 34 -24.37 44.51 -64.15
C SER B 34 -23.49 45.76 -64.26
N LEU B 35 -23.57 46.63 -63.29
CA LEU B 35 -22.74 47.86 -63.34
C LEU B 35 -21.27 47.53 -63.06
N GLY B 36 -21.02 46.52 -62.29
CA GLY B 36 -19.60 46.15 -61.99
C GLY B 36 -19.07 47.01 -60.84
N PHE B 37 -19.92 47.37 -59.92
CA PHE B 37 -19.47 48.22 -58.77
C PHE B 37 -19.99 47.64 -57.46
N GLU B 38 -19.16 46.91 -56.75
CA GLU B 38 -19.61 46.32 -55.46
C GLU B 38 -18.40 45.93 -54.61
N PRO B 39 -17.94 46.85 -53.81
CA PRO B 39 -16.76 46.59 -52.94
C PRO B 39 -17.15 45.71 -51.76
N ASN B 40 -18.42 45.40 -51.61
CA ASN B 40 -18.85 44.53 -50.47
C ASN B 40 -18.14 43.17 -50.52
N ILE B 41 -18.36 42.42 -51.57
CA ILE B 41 -17.70 41.09 -51.67
C ILE B 41 -16.47 41.15 -52.58
N ASN B 42 -16.12 42.32 -53.05
CA ASN B 42 -14.93 42.43 -53.96
C ASN B 42 -13.66 42.69 -53.14
N ASN B 43 -13.73 43.57 -52.17
CA ASN B 43 -12.52 43.87 -51.35
C ASN B 43 -12.44 42.96 -50.12
N ILE B 44 -13.53 42.35 -49.74
CA ILE B 44 -13.51 41.45 -48.56
C ILE B 44 -12.49 40.33 -48.75
N ILE B 45 -12.25 39.94 -49.98
CA ILE B 45 -11.26 38.85 -50.24
C ILE B 45 -9.84 39.42 -50.36
N SER B 46 -9.73 40.70 -50.64
CA SER B 46 -8.38 41.32 -50.77
C SER B 46 -8.17 42.38 -49.69
N GLY B 47 -8.12 41.99 -48.46
CA GLY B 47 -7.92 42.98 -47.36
C GLY B 47 -8.29 42.35 -46.02
N PRO B 48 -8.07 43.09 -44.96
CA PRO B 48 -8.40 42.59 -43.60
C PRO B 48 -9.92 42.58 -43.39
N GLY B 49 -10.40 41.63 -42.61
CA GLY B 49 -11.87 41.56 -42.37
C GLY B 49 -12.29 40.09 -42.23
N GLY B 50 -11.64 39.22 -42.95
CA GLY B 50 -12.00 37.77 -42.88
C GLY B 50 -11.65 37.23 -41.49
N MET B 51 -12.39 36.28 -41.00
CA MET B 51 -12.09 35.70 -39.66
C MET B 51 -12.77 34.34 -39.50
N HIS B 52 -12.02 33.31 -39.23
CA HIS B 52 -12.63 31.97 -39.06
C HIS B 52 -12.55 31.53 -37.59
N VAL B 53 -13.68 31.35 -36.96
CA VAL B 53 -13.67 30.93 -35.52
C VAL B 53 -13.87 29.42 -35.42
N ASP B 54 -12.85 28.71 -35.03
CA ASP B 54 -12.97 27.23 -34.90
C ASP B 54 -13.95 26.88 -33.77
N THR B 55 -15.14 26.47 -34.11
CA THR B 55 -16.13 26.11 -33.05
C THR B 55 -15.64 24.90 -32.25
N ALA B 56 -14.81 24.08 -32.84
CA ALA B 56 -14.29 22.88 -32.11
C ALA B 56 -13.51 23.32 -30.87
N ARG B 57 -12.92 24.49 -30.91
CA ARG B 57 -12.14 24.96 -29.72
C ARG B 57 -13.07 25.12 -28.51
N LEU B 58 -14.18 25.78 -28.68
CA LEU B 58 -15.13 25.98 -27.55
C LEU B 58 -15.72 24.62 -27.13
N HIS B 59 -16.46 23.99 -27.99
CA HIS B 59 -17.06 22.67 -27.63
C HIS B 59 -15.96 21.65 -27.35
N PRO B 60 -15.89 21.20 -26.12
CA PRO B 60 -14.86 20.20 -25.72
C PRO B 60 -15.20 18.83 -26.32
N LEU B 61 -14.20 18.01 -26.54
CA LEU B 61 -14.47 16.66 -27.12
C LEU B 61 -14.07 15.57 -26.12
N ALA B 62 -14.28 14.33 -26.47
CA ALA B 62 -13.92 13.22 -25.54
C ALA B 62 -12.58 12.60 -25.95
N GLY B 63 -11.71 13.37 -26.53
CA GLY B 63 -10.39 12.82 -26.96
C GLY B 63 -9.33 13.15 -25.90
N LEU B 64 -9.32 14.36 -25.42
CA LEU B 64 -8.31 14.73 -24.38
C LEU B 64 -8.83 14.36 -22.99
N ASP B 65 -10.12 14.29 -22.82
CA ASP B 65 -10.69 13.93 -21.48
C ASP B 65 -10.23 12.52 -21.08
N LYS B 66 -9.91 11.69 -22.03
CA LYS B 66 -9.47 10.30 -21.70
C LYS B 66 -8.14 10.34 -20.95
N GLY B 67 -7.28 11.28 -21.29
CA GLY B 67 -5.96 11.37 -20.61
C GLY B 67 -6.17 11.86 -19.17
N VAL B 68 -7.19 12.65 -18.94
CA VAL B 68 -7.45 13.16 -17.56
C VAL B 68 -8.16 12.08 -16.73
N GLU B 69 -8.93 11.24 -17.36
CA GLU B 69 -9.63 10.16 -16.62
C GLU B 69 -8.64 9.12 -16.09
N TYR B 70 -7.82 8.59 -16.95
CA TYR B 70 -6.81 7.59 -16.50
C TYR B 70 -5.74 8.24 -15.63
N LEU B 71 -5.70 9.54 -15.60
CA LEU B 71 -4.67 10.25 -14.77
C LEU B 71 -4.81 9.84 -13.30
N ASP B 72 -5.92 10.17 -12.68
CA ASP B 72 -6.12 9.80 -11.25
C ASP B 72 -6.77 8.42 -11.14
N LEU B 73 -7.52 8.02 -12.13
CA LEU B 73 -8.18 6.69 -12.08
C LEU B 73 -7.14 5.57 -11.94
N GLU B 74 -6.13 5.59 -12.77
CA GLU B 74 -5.08 4.54 -12.69
C GLU B 74 -4.23 4.72 -11.42
N GLU B 75 -3.99 5.93 -11.03
CA GLU B 75 -3.17 6.17 -9.80
C GLU B 75 -3.80 5.46 -8.59
N GLU B 76 -5.10 5.27 -8.62
CA GLU B 76 -5.78 4.59 -7.49
C GLU B 76 -5.82 3.07 -7.71
N GLN B 77 -5.62 2.64 -8.94
CA GLN B 77 -5.65 1.17 -9.22
C GLN B 77 -4.64 0.43 -8.31
N LEU B 78 -3.43 0.89 -8.26
CA LEU B 78 -2.41 0.23 -7.41
C LEU B 78 -2.66 0.56 -5.93
N SER B 79 -3.17 1.73 -5.67
CA SER B 79 -3.44 2.12 -4.25
C SER B 79 -4.45 1.17 -3.62
N SER B 80 -5.30 0.58 -4.41
CA SER B 80 -6.32 -0.38 -3.86
C SER B 80 -5.70 -1.76 -3.67
N LEU B 81 -4.69 -2.08 -4.45
CA LEU B 81 -4.04 -3.41 -4.32
C LEU B 81 -3.44 -3.58 -2.92
N GLU B 82 -3.01 -2.51 -2.31
CA GLU B 82 -2.41 -2.61 -0.95
C GLU B 82 -3.46 -3.10 0.06
N GLY B 83 -4.68 -2.64 -0.07
CA GLY B 83 -5.75 -3.08 0.87
C GLY B 83 -6.89 -3.73 0.08
N SER B 84 -6.58 -4.47 -0.95
CA SER B 84 -7.64 -5.14 -1.76
C SER B 84 -8.45 -6.09 -0.88
N GLN B 85 -7.80 -7.07 -0.30
CA GLN B 85 -8.54 -8.03 0.57
C GLN B 85 -9.00 -7.35 1.86
N GLY B 86 -8.27 -6.37 2.32
CA GLY B 86 -8.66 -5.66 3.56
C GLY B 86 -7.98 -6.33 4.76
N LEU B 87 -6.79 -6.82 4.59
CA LEU B 87 -6.07 -7.48 5.71
C LEU B 87 -5.27 -6.44 6.51
N ILE B 88 -4.89 -6.77 7.72
CA ILE B 88 -4.11 -5.81 8.55
C ILE B 88 -2.81 -6.47 9.05
N PRO B 89 -1.96 -6.81 8.12
CA PRO B 89 -0.67 -7.45 8.48
C PRO B 89 0.30 -6.44 9.10
N SER B 90 -0.07 -5.19 9.15
CA SER B 90 0.84 -4.15 9.73
C SER B 90 0.52 -3.93 11.21
N ARG B 91 0.10 -4.97 11.90
CA ARG B 91 -0.23 -4.82 13.35
C ARG B 91 1.06 -4.54 14.15
N GLY B 92 2.18 -4.99 13.67
CA GLY B 92 3.46 -4.74 14.39
C GLY B 92 3.96 -6.03 15.05
N TRP B 93 3.27 -7.13 14.84
CA TRP B 93 3.72 -8.42 15.45
C TRP B 93 3.46 -9.58 14.49
N THR B 94 4.14 -10.69 14.68
CA THR B 94 3.92 -11.87 13.80
C THR B 94 4.13 -11.51 12.32
N ASP B 95 5.26 -10.96 11.97
CA ASP B 95 5.51 -10.59 10.54
C ASP B 95 5.24 -11.80 9.64
N ASP B 96 5.51 -12.99 10.11
CA ASP B 96 5.27 -14.20 9.29
C ASP B 96 3.76 -14.42 9.06
N LEU B 97 2.94 -13.74 9.82
CA LEU B 97 1.45 -13.90 9.65
C LEU B 97 1.07 -13.80 8.17
N CYS B 98 1.84 -13.08 7.39
CA CYS B 98 1.51 -12.94 5.94
C CYS B 98 1.44 -14.33 5.27
N TYR B 99 2.15 -15.28 5.82
CA TYR B 99 2.14 -16.65 5.23
C TYR B 99 1.07 -17.50 5.91
N GLY B 100 0.74 -17.19 7.14
CA GLY B 100 -0.29 -17.99 7.87
C GLY B 100 0.32 -18.59 9.14
N THR B 101 0.18 -17.91 10.25
CA THR B 101 0.75 -18.44 11.52
C THR B 101 -0.03 -17.90 12.73
N GLY B 102 0.24 -16.69 13.13
CA GLY B 102 -0.47 -16.10 14.29
C GLY B 102 -0.21 -16.96 15.54
N ALA B 103 0.94 -17.55 15.63
CA ALA B 103 1.26 -18.40 16.81
C ALA B 103 1.98 -17.59 17.88
N VAL B 104 2.78 -16.63 17.49
CA VAL B 104 3.53 -15.81 18.49
C VAL B 104 2.56 -15.25 19.55
N TYR B 105 1.45 -14.71 19.13
CA TYR B 105 0.47 -14.16 20.11
C TYR B 105 -0.15 -15.30 20.92
N LEU B 106 -0.81 -16.22 20.26
CA LEU B 106 -1.47 -17.35 20.98
C LEU B 106 -0.43 -18.19 21.75
N LEU B 107 0.52 -18.77 21.05
CA LEU B 107 1.57 -19.59 21.74
C LEU B 107 2.17 -18.82 22.92
N GLY B 108 2.16 -17.52 22.85
CA GLY B 108 2.74 -16.71 23.96
C GLY B 108 1.84 -16.85 25.20
N LEU B 109 0.58 -17.11 25.00
CA LEU B 109 -0.34 -17.26 26.16
C LEU B 109 -0.10 -18.60 26.86
N GLY B 110 0.04 -19.65 26.10
CA GLY B 110 0.29 -20.99 26.71
C GLY B 110 1.57 -20.96 27.54
N ILE B 111 2.44 -20.03 27.28
CA ILE B 111 3.71 -19.93 28.04
C ILE B 111 3.51 -19.07 29.30
N GLY B 112 2.49 -19.35 30.06
CA GLY B 112 2.23 -18.55 31.30
C GLY B 112 1.95 -19.49 32.47
N GLY B 113 1.14 -20.50 32.25
CA GLY B 113 0.82 -21.45 33.36
C GLY B 113 1.92 -22.51 33.45
N PHE B 114 2.51 -22.86 32.34
CA PHE B 114 3.58 -23.89 32.36
C PHE B 114 4.91 -23.28 32.82
N SER B 115 5.25 -22.13 32.28
CA SER B 115 6.53 -21.47 32.68
C SER B 115 6.49 -21.09 34.17
N GLY B 116 5.32 -20.84 34.69
CA GLY B 116 5.22 -20.46 36.14
C GLY B 116 5.20 -21.73 36.99
N MET B 117 4.60 -22.78 36.50
CA MET B 117 4.56 -24.05 37.30
C MET B 117 5.97 -24.51 37.65
N MET B 118 6.96 -24.06 36.93
CA MET B 118 8.37 -24.48 37.24
C MET B 118 8.69 -24.22 38.71
N GLN B 119 8.46 -23.03 39.18
CA GLN B 119 8.75 -22.72 40.61
C GLN B 119 7.61 -23.19 41.51
N GLY B 120 6.42 -23.28 40.97
CA GLY B 120 5.26 -23.74 41.79
C GLY B 120 5.41 -25.21 42.12
N LEU B 121 6.09 -25.95 41.28
CA LEU B 121 6.27 -27.41 41.55
C LEU B 121 7.01 -27.62 42.88
N GLN B 122 7.79 -26.66 43.29
CA GLN B 122 8.54 -26.79 44.58
C GLN B 122 7.58 -26.61 45.77
N ASN B 123 6.64 -25.72 45.65
CA ASN B 123 5.68 -25.50 46.78
C ASN B 123 4.62 -26.61 46.80
N ILE B 124 4.15 -27.00 45.65
CA ILE B 124 3.12 -28.08 45.59
C ILE B 124 3.71 -29.41 46.08
N PRO B 125 3.23 -29.89 47.19
CA PRO B 125 3.74 -31.17 47.74
C PRO B 125 3.22 -32.36 46.91
N PRO B 126 4.05 -33.36 46.78
CA PRO B 126 3.66 -34.56 46.00
C PRO B 126 2.66 -35.41 46.80
N ASN B 127 1.39 -35.18 46.61
CA ASN B 127 0.37 -35.97 47.35
C ASN B 127 -0.21 -37.08 46.45
N SER B 128 0.57 -37.56 45.53
CA SER B 128 0.08 -38.64 44.62
C SER B 128 -0.11 -39.95 45.40
N PRO B 129 -1.04 -40.74 44.95
CA PRO B 129 -1.30 -42.04 45.63
C PRO B 129 -0.18 -43.04 45.35
N GLY B 130 0.31 -43.70 46.35
CA GLY B 130 1.41 -44.68 46.15
C GLY B 130 1.77 -45.34 47.48
N LYS B 131 2.21 -46.57 47.45
CA LYS B 131 2.57 -47.27 48.72
C LYS B 131 4.06 -47.62 48.72
N LEU B 132 4.60 -47.96 47.58
CA LEU B 132 6.05 -48.31 47.51
C LEU B 132 6.88 -47.07 47.20
N GLN B 133 6.31 -46.12 46.49
CA GLN B 133 7.07 -44.88 46.15
C GLN B 133 7.04 -43.91 47.33
N LEU B 134 6.06 -44.02 48.19
CA LEU B 134 5.99 -43.11 49.36
C LEU B 134 7.02 -43.50 50.42
N ASN B 135 7.69 -44.61 50.24
CA ASN B 135 8.71 -45.04 51.24
C ASN B 135 9.81 -43.98 51.37
N THR B 136 10.10 -43.28 50.31
CA THR B 136 11.16 -42.24 50.37
C THR B 136 10.78 -41.16 51.38
N VAL B 137 9.63 -40.57 51.24
CA VAL B 137 9.20 -39.50 52.21
C VAL B 137 8.97 -40.10 53.60
N LEU B 138 8.72 -41.39 53.67
CA LEU B 138 8.50 -42.02 55.01
C LEU B 138 9.76 -41.89 55.86
N ASN B 139 10.85 -42.47 55.44
CA ASN B 139 12.11 -42.39 56.24
C ASN B 139 12.56 -40.93 56.35
N HIS B 140 13.01 -40.34 55.27
CA HIS B 140 13.47 -38.92 55.32
C HIS B 140 12.28 -37.99 55.67
N ILE B 141 12.55 -36.92 56.35
CA ILE B 141 11.46 -35.99 56.73
C ILE B 141 11.74 -34.58 56.16
N THR B 142 10.72 -33.83 55.87
CA THR B 142 10.93 -32.46 55.31
C THR B 142 10.16 -31.43 56.14
N LYS B 143 10.15 -31.59 57.44
CA LYS B 143 9.43 -30.63 58.32
C LYS B 143 10.39 -29.53 58.80
N ARG B 144 11.63 -29.87 59.00
CA ARG B 144 12.62 -28.85 59.48
C ARG B 144 13.61 -28.53 58.36
N GLY B 145 13.96 -29.51 57.56
CA GLY B 145 14.94 -29.26 56.47
C GLY B 145 14.28 -28.40 55.38
N PRO B 146 15.09 -27.62 54.70
CA PRO B 146 14.57 -26.74 53.63
C PRO B 146 14.20 -27.57 52.39
N PHE B 147 13.49 -26.99 51.47
CA PHE B 147 13.10 -27.73 50.24
C PHE B 147 14.26 -27.74 49.23
N LEU B 148 14.60 -28.88 48.71
CA LEU B 148 15.72 -28.96 47.73
C LEU B 148 15.32 -28.26 46.43
N GLY B 149 16.28 -27.97 45.59
CA GLY B 149 15.97 -27.28 44.30
C GLY B 149 17.07 -26.28 43.97
N ASN B 150 18.30 -26.70 44.03
CA ASN B 150 19.43 -25.77 43.72
C ASN B 150 19.67 -25.71 42.20
N ASN B 151 19.55 -26.81 41.53
CA ASN B 151 19.77 -26.83 40.06
C ASN B 151 18.45 -27.03 39.31
N ALA B 152 17.33 -26.89 39.99
CA ALA B 152 16.02 -27.07 39.33
C ALA B 152 15.81 -26.00 38.24
N GLY B 153 16.49 -24.90 38.36
CA GLY B 153 16.33 -23.81 37.35
C GLY B 153 16.88 -24.28 36.00
N ILE B 154 17.67 -25.32 35.98
CA ILE B 154 18.23 -25.82 34.68
C ILE B 154 17.09 -26.19 33.72
N LEU B 155 15.97 -26.60 34.25
CA LEU B 155 14.83 -26.98 33.36
C LEU B 155 14.28 -25.75 32.65
N ALA B 156 14.37 -24.60 33.27
CA ALA B 156 13.85 -23.35 32.63
C ALA B 156 14.72 -22.98 31.42
N LEU B 157 15.89 -23.54 31.33
CA LEU B 157 16.79 -23.22 30.16
C LEU B 157 16.48 -24.15 28.99
N SER B 158 16.08 -25.37 29.26
CA SER B 158 15.76 -26.32 28.16
C SER B 158 14.42 -25.98 27.54
N TYR B 159 13.53 -25.40 28.30
CA TYR B 159 12.18 -25.04 27.76
C TYR B 159 12.30 -23.92 26.73
N ASN B 160 13.37 -23.16 26.79
CA ASN B 160 13.56 -22.04 25.81
C ASN B 160 14.18 -22.56 24.51
N ILE B 161 14.84 -23.68 24.56
CA ILE B 161 15.48 -24.23 23.33
C ILE B 161 14.46 -25.03 22.51
N ILE B 162 13.67 -25.85 23.16
CA ILE B 162 12.65 -26.66 22.42
C ILE B 162 11.61 -25.74 21.78
N ASN B 163 11.41 -24.57 22.33
CA ASN B 163 10.42 -23.63 21.74
C ASN B 163 11.09 -22.72 20.70
N SER B 164 12.37 -22.53 20.81
CA SER B 164 13.08 -21.67 19.81
C SER B 164 12.91 -22.22 18.39
N THR B 165 12.72 -23.51 18.27
CA THR B 165 12.55 -24.12 16.92
C THR B 165 11.21 -23.68 16.31
N ILE B 166 10.15 -23.82 17.04
CA ILE B 166 8.82 -23.42 16.50
C ILE B 166 8.87 -21.96 16.03
N ASP B 167 9.66 -21.15 16.70
CA ASP B 167 9.76 -19.71 16.31
C ASP B 167 10.91 -19.52 15.30
N ALA B 168 11.92 -20.33 15.36
CA ALA B 168 13.07 -20.19 14.41
C ALA B 168 12.57 -20.12 12.97
N LEU B 169 11.62 -20.96 12.63
CA LEU B 169 11.08 -20.95 11.23
C LEU B 169 9.97 -19.90 11.09
N ARG B 170 9.90 -18.95 11.97
CA ARG B 170 8.84 -17.90 11.89
C ARG B 170 8.89 -17.19 10.53
N GLY B 171 9.98 -16.56 10.21
CA GLY B 171 10.09 -15.85 8.90
C GLY B 171 11.49 -15.27 8.73
N LYS B 172 11.59 -14.00 8.39
CA LYS B 172 12.93 -13.38 8.20
C LYS B 172 13.04 -12.09 9.03
N HIS B 173 13.63 -12.18 10.20
CA HIS B 173 13.77 -10.96 11.05
C HIS B 173 15.24 -10.55 11.19
N ASP B 174 15.49 -9.29 11.45
CA ASP B 174 16.89 -8.80 11.61
C ASP B 174 17.00 -7.97 12.90
N THR B 175 16.17 -6.97 13.01
CA THR B 175 16.17 -6.10 14.23
C THR B 175 17.57 -5.53 14.52
N ALA B 176 18.30 -6.08 15.47
CA ALA B 176 19.63 -5.50 15.78
C ALA B 176 20.60 -6.56 16.32
N GLY B 177 21.48 -7.05 15.49
CA GLY B 177 22.47 -8.06 15.97
C GLY B 177 23.63 -7.32 16.66
N SER B 178 23.78 -6.06 16.37
CA SER B 178 24.88 -5.25 17.00
C SER B 178 24.46 -4.79 18.40
N ILE B 179 23.19 -4.80 18.69
CA ILE B 179 22.72 -4.35 20.04
C ILE B 179 22.98 -5.44 21.10
N GLY B 180 23.22 -6.65 20.67
CA GLY B 180 23.48 -7.76 21.64
C GLY B 180 24.53 -7.34 22.67
N ALA B 181 25.36 -6.40 22.33
CA ALA B 181 26.41 -5.95 23.30
C ALA B 181 25.81 -5.05 24.38
N GLY B 182 25.12 -4.02 23.99
CA GLY B 182 24.51 -3.08 25.00
C GLY B 182 23.62 -3.85 25.98
N ALA B 183 23.16 -5.02 25.60
CA ALA B 183 22.28 -5.80 26.52
C ALA B 183 23.11 -6.73 27.42
N LEU B 184 24.34 -6.99 27.05
CA LEU B 184 25.20 -7.90 27.88
C LEU B 184 25.54 -7.25 29.22
N THR B 185 26.27 -6.17 29.22
CA THR B 185 26.64 -5.50 30.51
C THR B 185 25.37 -5.11 31.28
N GLY B 186 24.27 -4.95 30.60
CA GLY B 186 23.01 -4.56 31.30
C GLY B 186 22.64 -5.64 32.32
N ALA B 187 22.89 -6.87 32.01
CA ALA B 187 22.56 -7.98 32.96
C ALA B 187 23.74 -8.24 33.89
N LEU B 188 24.93 -7.93 33.47
CA LEU B 188 26.13 -8.16 34.33
C LEU B 188 26.01 -7.34 35.62
N PHE B 189 25.61 -6.11 35.52
CA PHE B 189 25.50 -5.25 36.74
C PHE B 189 24.36 -5.76 37.63
N LYS B 190 23.36 -6.38 37.05
CA LYS B 190 22.22 -6.89 37.87
C LYS B 190 22.73 -7.88 38.93
N SER B 191 23.49 -8.87 38.51
CA SER B 191 24.02 -9.88 39.48
C SER B 191 22.87 -10.46 40.32
N SER B 192 23.20 -11.15 41.39
CA SER B 192 22.13 -11.74 42.24
C SER B 192 22.58 -11.80 43.70
N LYS B 193 21.96 -12.63 44.49
CA LYS B 193 22.35 -12.74 45.93
C LYS B 193 23.48 -13.75 46.08
N GLY B 194 23.50 -14.77 45.26
CA GLY B 194 24.58 -15.80 45.36
C GLY B 194 25.57 -15.63 44.21
N LEU B 195 26.03 -16.72 43.65
CA LEU B 195 26.99 -16.62 42.51
C LEU B 195 26.33 -15.93 41.31
N LYS B 196 27.08 -15.15 40.58
CA LYS B 196 26.49 -14.44 39.41
C LYS B 196 25.90 -15.44 38.40
N PRO B 197 24.60 -15.44 38.28
CA PRO B 197 23.93 -16.38 37.34
C PRO B 197 24.14 -15.92 35.89
N MET B 198 24.42 -14.66 35.69
CA MET B 198 24.64 -14.15 34.31
C MET B 198 25.78 -14.92 33.63
N GLY B 199 26.64 -15.52 34.41
CA GLY B 199 27.77 -16.28 33.81
C GLY B 199 27.23 -17.45 32.99
N TYR B 200 26.38 -18.25 33.55
CA TYR B 200 25.80 -19.41 32.81
C TYR B 200 24.52 -18.99 32.07
N SER B 201 23.83 -17.99 32.58
CA SER B 201 22.58 -17.54 31.91
C SER B 201 22.91 -16.88 30.56
N SER B 202 24.12 -16.43 30.38
CA SER B 202 24.49 -15.78 29.09
C SER B 202 24.22 -16.74 27.93
N ALA B 203 24.50 -18.01 28.12
CA ALA B 203 24.26 -19.00 27.04
C ALA B 203 22.79 -18.95 26.60
N MET B 204 21.92 -18.52 27.47
CA MET B 204 20.48 -18.44 27.11
C MET B 204 20.25 -17.29 26.13
N VAL B 205 20.80 -16.13 26.42
CA VAL B 205 20.62 -14.96 25.51
C VAL B 205 21.57 -15.11 24.32
N ALA B 206 22.70 -15.75 24.52
CA ALA B 206 23.66 -15.94 23.40
C ALA B 206 22.99 -16.74 22.27
N ALA B 207 22.24 -17.75 22.61
CA ALA B 207 21.56 -18.55 21.57
C ALA B 207 20.57 -17.67 20.80
N ALA B 208 20.03 -16.67 21.44
CA ALA B 208 19.07 -15.77 20.74
C ALA B 208 19.75 -15.10 19.56
N CYS B 209 21.03 -14.88 19.63
CA CYS B 209 21.76 -14.24 18.50
C CYS B 209 21.63 -15.10 17.24
N ALA B 210 21.65 -16.40 17.40
CA ALA B 210 21.52 -17.31 16.21
C ALA B 210 20.14 -17.15 15.57
N VAL B 211 19.09 -17.27 16.35
CA VAL B 211 17.72 -17.12 15.79
C VAL B 211 17.57 -15.76 15.10
N TRP B 212 18.00 -14.72 15.75
CA TRP B 212 17.91 -13.36 15.14
C TRP B 212 18.90 -13.24 13.98
N CYS B 213 20.11 -13.68 14.18
CA CYS B 213 21.11 -13.62 13.07
C CYS B 213 20.60 -14.42 11.88
N SER B 214 19.63 -15.29 12.12
CA SER B 214 19.06 -16.11 11.01
C SER B 214 18.70 -15.19 9.82
N VAL B 215 18.60 -13.90 10.05
CA VAL B 215 18.27 -12.93 8.96
C VAL B 215 19.09 -13.24 7.69
N LYS B 216 20.25 -13.79 7.85
CA LYS B 216 21.10 -14.13 6.66
C LYS B 216 20.41 -15.18 5.80
N LYS B 217 20.11 -14.85 4.57
CA LYS B 217 19.44 -15.83 3.67
C LYS B 217 20.43 -16.89 3.19
N ARG B 218 20.54 -17.98 3.89
CA ARG B 218 21.49 -19.04 3.47
C ARG B 218 20.93 -19.84 2.28
N LEU B 219 19.69 -19.59 1.90
CA LEU B 219 19.10 -20.33 0.75
C LEU B 219 19.95 -20.13 -0.51
N LEU B 220 20.66 -19.04 -0.60
CA LEU B 220 21.51 -18.79 -1.80
C LEU B 220 22.69 -19.77 -1.83
N GLU B 221 23.14 -20.20 -0.68
CA GLU B 221 24.29 -21.15 -0.63
C GLU B 221 24.07 -22.19 0.46
N LYS B 222 23.30 -23.22 0.18
CA LYS B 222 23.02 -24.27 1.20
C LYS B 222 22.49 -23.65 2.49
N MET C 1 -0.05 3.72 8.61
CA MET C 1 1.42 3.59 8.86
C MET C 1 2.18 4.69 8.11
N LEU C 2 2.03 4.75 6.81
CA LEU C 2 2.75 5.80 6.03
C LEU C 2 1.76 6.83 5.49
N SER C 3 1.52 7.88 6.24
CA SER C 3 0.56 8.94 5.78
C SER C 3 -0.78 8.30 5.39
N LEU C 4 -1.25 7.37 6.17
CA LEU C 4 -2.55 6.70 5.86
C LEU C 4 -2.45 5.95 4.52
N ARG C 5 -3.05 4.79 4.43
CA ARG C 5 -3.00 4.02 3.16
C ARG C 5 -4.37 3.42 2.86
N GLN C 6 -5.42 4.15 3.09
CA GLN C 6 -6.78 3.63 2.82
C GLN C 6 -7.52 4.55 1.83
N SER C 7 -8.07 4.00 0.79
CA SER C 7 -8.79 4.84 -0.21
C SER C 7 -9.93 4.04 -0.85
N ILE C 8 -11.14 4.52 -0.74
CA ILE C 8 -12.29 3.79 -1.34
C ILE C 8 -12.84 4.56 -2.54
N ARG C 9 -11.98 5.04 -3.39
CA ARG C 9 -12.45 5.81 -4.59
C ARG C 9 -13.06 4.86 -5.62
N PHE C 10 -12.61 3.63 -5.65
CA PHE C 10 -13.17 2.66 -6.63
C PHE C 10 -12.87 1.22 -6.18
N PHE C 11 -13.36 0.26 -6.91
CA PHE C 11 -13.11 -1.17 -6.54
C PHE C 11 -13.12 -2.05 -7.78
N LYS C 12 -11.96 -2.42 -8.27
CA LYS C 12 -11.90 -3.28 -9.48
C LYS C 12 -10.67 -4.21 -9.41
N PRO C 13 -10.62 -5.00 -8.37
CA PRO C 13 -9.49 -5.95 -8.19
C PRO C 13 -9.62 -7.11 -9.18
N ALA C 14 -9.20 -6.91 -10.41
CA ALA C 14 -9.30 -8.01 -11.41
C ALA C 14 -8.00 -8.09 -12.23
N THR C 15 -7.84 -9.13 -13.00
CA THR C 15 -6.59 -9.27 -13.82
C THR C 15 -6.59 -8.20 -14.94
N ARG C 16 -5.54 -8.17 -15.71
CA ARG C 16 -5.45 -7.16 -16.81
C ARG C 16 -4.29 -7.51 -17.75
N THR C 17 -4.50 -7.38 -19.04
CA THR C 17 -3.40 -7.69 -20.00
C THR C 17 -3.36 -6.65 -21.12
N LEU C 18 -2.22 -6.06 -21.34
CA LEU C 18 -2.10 -5.03 -22.43
C LEU C 18 -0.79 -5.21 -23.18
N CYS C 19 -0.77 -4.89 -24.45
CA CYS C 19 0.49 -5.03 -25.23
C CYS C 19 1.06 -3.65 -25.58
N SER C 20 2.28 -3.40 -25.17
CA SER C 20 2.91 -2.07 -25.47
C SER C 20 1.98 -0.93 -25.02
N SER C 21 2.36 0.29 -25.29
CA SER C 21 1.51 1.45 -24.90
C SER C 21 2.02 2.74 -25.56
N ARG C 22 1.15 3.69 -25.76
CA ARG C 22 1.58 4.96 -26.41
C ARG C 22 2.13 5.92 -25.35
N TYR C 23 2.88 6.92 -25.77
CA TYR C 23 3.45 7.88 -24.79
C TYR C 23 3.81 9.19 -25.50
N LEU C 24 3.34 10.30 -24.99
CA LEU C 24 3.67 11.62 -25.62
C LEU C 24 3.26 12.76 -24.70
N LEU C 25 2.10 12.68 -24.10
CA LEU C 25 1.66 13.77 -23.18
C LEU C 25 2.32 13.61 -21.81
N MET A 1 -37.75 -34.42 -94.35
CA MET A 1 -37.12 -34.41 -95.70
C MET A 1 -35.62 -34.14 -95.58
N SER A 2 -34.86 -35.12 -95.18
CA SER A 2 -33.39 -34.92 -95.04
C SER A 2 -32.66 -35.43 -96.29
N TRP A 3 -32.98 -36.61 -96.74
CA TRP A 3 -32.31 -37.16 -97.95
C TRP A 3 -33.06 -36.70 -99.22
N LEU A 4 -34.33 -36.45 -99.10
CA LEU A 4 -35.11 -36.00 -100.29
C LEU A 4 -34.66 -34.60 -100.74
N PHE A 5 -34.26 -33.78 -99.80
CA PHE A 5 -33.80 -32.40 -100.17
C PHE A 5 -32.30 -32.26 -99.90
N GLY A 6 -31.75 -33.10 -99.07
CA GLY A 6 -30.29 -33.00 -98.77
C GLY A 6 -30.06 -31.95 -97.69
N ASP A 7 -31.06 -31.64 -96.92
CA ASP A 7 -30.89 -30.62 -95.84
C ASP A 7 -31.20 -31.25 -94.47
N LYS A 8 -30.18 -31.61 -93.74
CA LYS A 8 -30.41 -32.23 -92.40
C LYS A 8 -30.49 -31.15 -91.32
N THR A 9 -30.85 -31.51 -90.12
CA THR A 9 -30.95 -30.50 -89.03
C THR A 9 -29.58 -29.83 -88.80
N PRO A 10 -29.60 -28.54 -88.60
CA PRO A 10 -28.35 -27.79 -88.37
C PRO A 10 -27.80 -28.09 -86.97
N THR A 11 -26.61 -28.63 -86.89
CA THR A 11 -26.01 -28.94 -85.56
C THR A 11 -25.50 -27.65 -84.90
N ASP A 12 -25.21 -26.64 -85.69
CA ASP A 12 -24.69 -25.37 -85.11
C ASP A 12 -25.86 -24.39 -84.87
N ASP A 13 -27.07 -24.87 -84.90
CA ASP A 13 -28.25 -23.97 -84.69
C ASP A 13 -28.10 -23.23 -83.35
N ALA A 14 -27.40 -23.81 -82.41
CA ALA A 14 -27.24 -23.15 -81.08
C ALA A 14 -26.16 -22.06 -81.17
N ASN A 15 -25.25 -22.19 -82.09
CA ASN A 15 -24.17 -21.16 -82.22
C ASN A 15 -24.75 -19.85 -82.75
N ALA A 16 -25.63 -19.93 -83.73
CA ALA A 16 -26.23 -18.69 -84.29
C ALA A 16 -27.63 -18.46 -83.71
N ALA A 17 -27.93 -19.07 -82.59
CA ALA A 17 -29.28 -18.89 -81.96
C ALA A 17 -30.37 -19.16 -82.99
N VAL A 18 -31.60 -18.84 -82.66
CA VAL A 18 -32.72 -19.09 -83.62
C VAL A 18 -33.94 -18.25 -83.23
N GLY A 19 -34.81 -18.00 -84.16
CA GLY A 19 -36.03 -17.18 -83.85
C GLY A 19 -36.89 -17.04 -85.11
N GLY A 20 -36.43 -16.26 -86.06
CA GLY A 20 -37.21 -16.07 -87.32
C GLY A 20 -38.21 -14.92 -87.14
N GLN A 21 -37.78 -13.84 -86.54
CA GLN A 21 -38.68 -12.68 -86.34
C GLN A 21 -39.09 -12.08 -87.70
N ASP A 22 -39.68 -10.92 -87.69
CA ASP A 22 -40.09 -10.27 -88.97
C ASP A 22 -39.08 -9.20 -89.37
N THR A 23 -37.86 -9.34 -88.96
CA THR A 23 -36.82 -8.32 -89.32
C THR A 23 -36.10 -8.73 -90.61
N THR A 24 -36.13 -7.88 -91.61
CA THR A 24 -35.45 -8.21 -92.89
C THR A 24 -34.51 -7.08 -93.30
N LYS A 25 -34.28 -6.12 -92.44
CA LYS A 25 -33.37 -4.99 -92.79
C LYS A 25 -31.93 -5.52 -92.97
N PRO A 26 -31.45 -5.46 -94.19
CA PRO A 26 -30.07 -5.93 -94.48
C PRO A 26 -29.03 -4.96 -93.91
N LYS A 27 -29.35 -3.70 -93.88
CA LYS A 27 -28.39 -2.69 -93.34
C LYS A 27 -29.06 -1.84 -92.26
N GLU A 28 -28.74 -2.08 -91.02
CA GLU A 28 -29.36 -1.29 -89.91
C GLU A 28 -28.44 -0.13 -89.51
N LEU A 29 -27.16 -0.29 -89.70
CA LEU A 29 -26.20 0.80 -89.32
C LEU A 29 -26.53 2.07 -90.10
N SER A 30 -27.16 1.95 -91.24
CA SER A 30 -27.50 3.16 -92.04
C SER A 30 -28.68 3.91 -91.40
N LEU A 31 -29.53 3.20 -90.70
CA LEU A 31 -30.69 3.87 -90.06
C LEU A 31 -30.32 4.37 -88.66
N LYS A 32 -29.09 4.18 -88.25
CA LYS A 32 -28.68 4.66 -86.89
C LYS A 32 -28.70 6.20 -86.85
N GLN A 33 -28.06 6.83 -87.80
CA GLN A 33 -28.03 8.32 -87.82
C GLN A 33 -29.45 8.87 -87.97
N SER A 34 -30.34 8.11 -88.55
CA SER A 34 -31.74 8.60 -88.73
C SER A 34 -32.50 8.52 -87.41
N LEU A 35 -32.18 7.57 -86.58
CA LEU A 35 -32.88 7.45 -85.27
C LEU A 35 -32.36 8.51 -84.29
N GLY A 36 -31.08 8.77 -84.31
CA GLY A 36 -30.51 9.79 -83.38
C GLY A 36 -30.37 9.19 -81.98
N PHE A 37 -30.18 7.90 -81.89
CA PHE A 37 -30.04 7.25 -80.56
C PHE A 37 -28.57 7.05 -80.21
N GLU A 38 -28.19 7.36 -78.99
CA GLU A 38 -26.77 7.19 -78.59
C GLU A 38 -26.66 6.22 -77.41
N PRO A 39 -25.86 5.19 -77.58
CA PRO A 39 -25.68 4.19 -76.50
C PRO A 39 -24.85 4.76 -75.35
N ASN A 40 -24.24 5.90 -75.55
CA ASN A 40 -23.43 6.52 -74.47
C ASN A 40 -24.33 7.14 -73.39
N ILE A 41 -25.61 7.16 -73.60
CA ILE A 41 -26.53 7.75 -72.59
C ILE A 41 -26.37 7.04 -71.24
N ASN A 42 -25.91 5.81 -71.27
CA ASN A 42 -25.72 5.06 -69.99
C ASN A 42 -24.49 5.58 -69.24
N ASN A 43 -23.53 6.12 -69.96
CA ASN A 43 -22.31 6.64 -69.29
C ASN A 43 -22.57 8.04 -68.74
N ILE A 44 -23.30 8.84 -69.46
CA ILE A 44 -23.60 10.22 -68.97
C ILE A 44 -24.38 10.17 -67.66
N ILE A 45 -25.19 9.15 -67.47
CA ILE A 45 -25.98 9.04 -66.22
C ILE A 45 -25.13 8.42 -65.11
N SER A 46 -24.25 7.51 -65.46
CA SER A 46 -23.39 6.85 -64.44
C SER A 46 -22.09 7.64 -64.28
N GLY A 47 -22.19 8.92 -64.02
CA GLY A 47 -20.97 9.76 -63.84
C GLY A 47 -20.50 9.67 -62.38
N PRO A 48 -20.11 10.79 -61.84
CA PRO A 48 -19.64 10.82 -60.43
C PRO A 48 -20.81 10.62 -59.47
N GLY A 49 -20.72 9.63 -58.62
CA GLY A 49 -21.83 9.37 -57.65
C GLY A 49 -21.49 8.16 -56.79
N GLY A 50 -22.48 7.48 -56.29
CA GLY A 50 -22.21 6.28 -55.44
C GLY A 50 -22.76 6.50 -54.02
N MET A 51 -23.13 7.71 -53.70
CA MET A 51 -23.68 7.98 -52.33
C MET A 51 -22.69 7.52 -51.26
N HIS A 52 -21.64 8.26 -51.03
CA HIS A 52 -20.64 7.87 -50.00
C HIS A 52 -19.70 9.04 -49.70
N VAL A 53 -19.83 9.64 -48.55
CA VAL A 53 -18.94 10.78 -48.21
C VAL A 53 -18.87 10.95 -46.69
N ASP A 54 -17.76 11.45 -46.18
CA ASP A 54 -17.63 11.64 -44.70
C ASP A 54 -17.95 10.32 -43.96
N THR A 55 -17.01 9.42 -43.93
CA THR A 55 -17.24 8.12 -43.24
C THR A 55 -16.97 8.26 -41.74
N ALA A 56 -16.09 9.15 -41.36
CA ALA A 56 -15.78 9.35 -39.91
C ALA A 56 -17.05 9.75 -39.15
N ARG A 57 -17.84 10.63 -39.71
CA ARG A 57 -19.08 11.07 -39.03
C ARG A 57 -20.03 9.88 -38.82
N LEU A 58 -20.03 8.95 -39.74
CA LEU A 58 -20.92 7.77 -39.60
C LEU A 58 -20.34 6.79 -38.57
N HIS A 59 -19.07 6.52 -38.64
CA HIS A 59 -18.45 5.58 -37.66
C HIS A 59 -18.64 6.11 -36.23
N PRO A 60 -19.45 5.41 -35.46
CA PRO A 60 -19.71 5.82 -34.06
C PRO A 60 -18.48 5.56 -33.19
N LEU A 61 -17.98 6.57 -32.52
CA LEU A 61 -16.79 6.38 -31.65
C LEU A 61 -17.22 6.13 -30.20
N ALA A 62 -16.82 5.02 -29.64
CA ALA A 62 -17.22 4.72 -28.23
C ALA A 62 -16.01 4.83 -27.31
N GLY A 63 -14.83 4.59 -27.81
CA GLY A 63 -13.61 4.68 -26.96
C GLY A 63 -12.77 3.40 -27.13
N LEU A 64 -11.95 3.34 -28.14
CA LEU A 64 -11.11 2.13 -28.35
C LEU A 64 -9.83 2.22 -27.53
N ASP A 65 -9.03 3.23 -27.75
CA ASP A 65 -7.76 3.37 -26.99
C ASP A 65 -8.01 4.18 -25.71
N LYS A 66 -8.98 5.05 -25.73
CA LYS A 66 -9.27 5.88 -24.51
C LYS A 66 -9.64 4.98 -23.33
N GLY A 67 -10.33 3.90 -23.61
CA GLY A 67 -10.73 2.97 -22.50
C GLY A 67 -9.59 2.00 -22.21
N VAL A 68 -8.90 1.56 -23.21
CA VAL A 68 -7.76 0.62 -22.99
C VAL A 68 -6.57 1.35 -22.36
N GLU A 69 -6.45 2.63 -22.62
CA GLU A 69 -5.32 3.40 -22.03
C GLU A 69 -5.39 3.38 -20.50
N TYR A 70 -6.46 3.87 -19.94
CA TYR A 70 -6.59 3.88 -18.46
C TYR A 70 -6.85 2.46 -17.92
N LEU A 71 -7.07 1.52 -18.80
CA LEU A 71 -7.33 0.12 -18.33
C LEU A 71 -6.19 -0.37 -17.44
N ASP A 72 -4.99 -0.38 -17.96
CA ASP A 72 -3.82 -0.84 -17.14
C ASP A 72 -3.20 0.33 -16.38
N LEU A 73 -3.41 1.53 -16.84
CA LEU A 73 -2.82 2.72 -16.14
C LEU A 73 -3.31 2.77 -14.69
N GLU A 74 -4.59 2.86 -14.48
CA GLU A 74 -5.12 2.93 -13.09
C GLU A 74 -4.96 1.57 -12.40
N GLU A 75 -4.99 0.50 -13.15
CA GLU A 75 -4.83 -0.85 -12.54
C GLU A 75 -3.48 -0.96 -11.82
N GLU A 76 -2.49 -0.26 -12.31
CA GLU A 76 -1.14 -0.32 -11.67
C GLU A 76 -1.02 0.78 -10.59
N GLN A 77 -1.84 1.80 -10.67
CA GLN A 77 -1.77 2.89 -9.66
C GLN A 77 -1.97 2.33 -8.25
N LEU A 78 -3.01 1.57 -8.05
CA LEU A 78 -3.26 0.98 -6.71
C LEU A 78 -2.21 -0.09 -6.38
N SER A 79 -1.66 -0.71 -7.39
CA SER A 79 -0.63 -1.77 -7.15
C SER A 79 0.67 -1.12 -6.67
N SER A 80 0.93 0.10 -7.06
CA SER A 80 2.18 0.78 -6.62
C SER A 80 2.01 1.35 -5.22
N LEU A 81 0.80 1.68 -4.84
CA LEU A 81 0.57 2.25 -3.48
C LEU A 81 0.99 1.24 -2.40
N GLU A 82 0.50 0.04 -2.47
CA GLU A 82 0.88 -0.98 -1.45
C GLU A 82 2.04 -1.85 -1.96
N GLY A 83 2.78 -1.35 -2.91
CA GLY A 83 3.94 -2.13 -3.45
C GLY A 83 3.41 -3.37 -4.18
N SER A 84 3.73 -3.52 -5.43
CA SER A 84 3.26 -4.71 -6.19
C SER A 84 3.96 -5.97 -5.68
N GLN A 85 5.15 -5.83 -5.16
CA GLN A 85 5.88 -7.03 -4.64
C GLN A 85 5.55 -7.25 -3.17
N GLY A 86 5.35 -6.19 -2.42
CA GLY A 86 5.02 -6.35 -0.98
C GLY A 86 6.31 -6.32 -0.16
N LEU A 87 6.62 -5.21 0.46
CA LEU A 87 7.86 -5.12 1.28
C LEU A 87 7.54 -4.54 2.66
N ILE A 88 8.43 -4.71 3.60
CA ILE A 88 8.17 -4.17 4.98
C ILE A 88 9.38 -3.34 5.45
N PRO A 89 9.32 -2.06 5.18
CA PRO A 89 10.42 -1.15 5.60
C PRO A 89 10.42 -0.94 7.11
N SER A 90 9.37 -1.37 7.78
CA SER A 90 9.32 -1.20 9.27
C SER A 90 10.33 -2.13 9.96
N ARG A 91 10.91 -3.04 9.23
CA ARG A 91 11.90 -3.98 9.84
C ARG A 91 11.27 -4.78 10.99
N GLY A 92 9.96 -4.80 11.07
CA GLY A 92 9.29 -5.58 12.16
C GLY A 92 9.05 -4.69 13.38
N TRP A 93 9.88 -3.71 13.61
CA TRP A 93 9.68 -2.83 14.81
C TRP A 93 9.99 -1.37 14.45
N THR A 94 9.05 -0.68 13.86
CA THR A 94 9.31 0.75 13.50
C THR A 94 7.98 1.48 13.27
N ASP A 95 7.05 1.36 14.19
CA ASP A 95 5.75 2.06 14.03
C ASP A 95 5.83 3.48 14.58
N ASP A 96 6.77 3.74 15.46
CA ASP A 96 6.91 5.10 16.04
C ASP A 96 7.33 6.10 14.95
N LEU A 97 7.80 5.62 13.83
CA LEU A 97 8.22 6.54 12.72
C LEU A 97 7.14 7.59 12.45
N CYS A 98 5.90 7.27 12.74
CA CYS A 98 4.80 8.25 12.48
C CYS A 98 4.97 9.50 13.37
N TYR A 99 5.54 9.34 14.54
CA TYR A 99 5.71 10.52 15.43
C TYR A 99 7.19 10.76 15.74
N GLY A 100 7.99 9.71 15.75
CA GLY A 100 9.44 9.88 16.03
C GLY A 100 10.26 9.12 14.99
N THR A 101 11.35 8.54 15.40
CA THR A 101 12.21 7.79 14.43
C THR A 101 12.42 6.35 14.91
N GLY A 102 11.48 5.82 15.67
CA GLY A 102 11.62 4.42 16.16
C GLY A 102 12.75 4.36 17.19
N ALA A 103 12.76 5.22 18.16
CA ALA A 103 13.84 5.21 19.19
C ALA A 103 13.71 3.98 20.09
N VAL A 104 12.61 3.26 19.99
CA VAL A 104 12.43 2.04 20.84
C VAL A 104 13.65 1.12 20.73
N TYR A 105 14.34 1.16 19.62
CA TYR A 105 15.54 0.30 19.43
C TYR A 105 16.74 0.91 20.15
N LEU A 106 17.13 2.10 19.76
CA LEU A 106 18.31 2.76 20.41
C LEU A 106 18.00 3.10 21.86
N LEU A 107 16.90 3.76 22.11
CA LEU A 107 16.55 4.13 23.51
C LEU A 107 16.56 2.89 24.40
N GLY A 108 16.37 1.73 23.84
CA GLY A 108 16.38 0.48 24.65
C GLY A 108 17.82 0.10 24.99
N LEU A 109 18.76 0.50 24.17
CA LEU A 109 20.19 0.15 24.45
C LEU A 109 20.68 0.89 25.70
N GLY A 110 20.25 2.10 25.90
CA GLY A 110 20.68 2.86 27.11
C GLY A 110 20.03 2.28 28.35
N ILE A 111 18.87 1.69 28.22
CA ILE A 111 18.18 1.10 29.39
C ILE A 111 19.03 -0.01 30.01
N GLY A 112 19.90 -0.61 29.24
CA GLY A 112 20.77 -1.70 29.79
C GLY A 112 21.72 -1.13 30.84
N GLY A 113 22.07 0.13 30.72
CA GLY A 113 22.99 0.74 31.71
C GLY A 113 22.24 1.07 33.00
N PHE A 114 21.11 1.72 32.88
CA PHE A 114 20.32 2.07 34.09
C PHE A 114 19.87 0.80 34.83
N SER A 115 19.30 -0.14 34.12
CA SER A 115 18.84 -1.40 34.77
C SER A 115 20.02 -2.14 35.40
N GLY A 116 21.23 -1.86 34.96
CA GLY A 116 22.42 -2.55 35.53
C GLY A 116 22.93 -1.79 36.74
N MET A 117 23.17 -0.51 36.60
CA MET A 117 23.68 0.30 37.75
C MET A 117 22.79 0.11 38.98
N MET A 118 21.55 -0.27 38.78
CA MET A 118 20.63 -0.46 39.95
C MET A 118 21.24 -1.44 40.95
N GLN A 119 21.63 -2.61 40.51
CA GLN A 119 22.23 -3.59 41.44
C GLN A 119 23.75 -3.39 41.52
N GLY A 120 24.33 -2.76 40.54
CA GLY A 120 25.81 -2.53 40.57
C GLY A 120 26.13 -1.26 41.35
N LEU A 121 25.14 -0.64 41.94
CA LEU A 121 25.40 0.61 42.72
C LEU A 121 26.30 0.32 43.92
N GLN A 122 26.27 -0.89 44.41
CA GLN A 122 27.12 -1.24 45.59
C GLN A 122 28.60 -1.10 45.23
N ASN A 123 28.95 -1.36 43.99
CA ASN A 123 30.38 -1.23 43.58
C ASN A 123 30.90 0.18 43.89
N ILE A 124 30.05 1.15 43.87
CA ILE A 124 30.48 2.55 44.17
C ILE A 124 30.79 2.70 45.66
N PRO A 125 31.81 3.46 45.96
CA PRO A 125 32.21 3.67 47.38
C PRO A 125 31.18 4.56 48.09
N PRO A 126 31.06 4.36 49.39
CA PRO A 126 30.10 5.16 50.18
C PRO A 126 30.60 6.59 50.35
N ASN A 127 30.13 7.50 49.53
CA ASN A 127 30.58 8.91 49.63
C ASN A 127 29.43 9.80 50.12
N SER A 128 28.54 9.26 50.90
CA SER A 128 27.39 10.08 51.40
C SER A 128 27.91 11.25 52.24
N PRO A 129 27.15 12.31 52.23
CA PRO A 129 27.54 13.53 53.00
C PRO A 129 27.37 13.28 54.50
N GLY A 130 28.35 13.61 55.29
CA GLY A 130 28.24 13.40 56.76
C GLY A 130 28.71 11.99 57.12
N LYS A 131 29.99 11.75 57.09
CA LYS A 131 30.53 10.40 57.42
C LYS A 131 31.25 10.43 58.77
N LEU A 132 31.88 11.52 59.09
CA LEU A 132 32.62 11.62 60.39
C LEU A 132 31.69 12.13 61.50
N GLN A 133 30.42 12.30 61.21
CA GLN A 133 29.48 12.79 62.24
C GLN A 133 28.88 11.62 63.03
N LEU A 134 29.36 10.42 62.78
CA LEU A 134 28.81 9.24 63.52
C LEU A 134 29.62 9.00 64.80
N ASN A 135 30.48 9.90 65.16
CA ASN A 135 31.29 9.72 66.40
C ASN A 135 30.38 9.70 67.62
N THR A 136 29.28 10.40 67.57
CA THR A 136 28.34 10.42 68.73
C THR A 136 27.82 9.01 69.01
N VAL A 137 27.72 8.19 68.01
CA VAL A 137 27.23 6.80 68.21
C VAL A 137 28.35 5.91 68.77
N LEU A 138 29.59 6.29 68.55
CA LEU A 138 30.73 5.48 69.06
C LEU A 138 30.62 5.31 70.58
N ASN A 139 30.20 6.34 71.27
CA ASN A 139 30.09 6.25 72.75
C ASN A 139 28.93 5.32 73.13
N HIS A 140 27.94 5.22 72.29
CA HIS A 140 26.77 4.33 72.60
C HIS A 140 27.02 2.93 72.03
N ILE A 141 25.99 2.12 71.96
CA ILE A 141 26.16 0.75 71.41
C ILE A 141 25.91 0.75 69.90
N THR A 142 26.86 0.29 69.14
CA THR A 142 26.68 0.26 67.66
C THR A 142 25.96 -1.03 67.24
N LYS A 143 25.08 -0.94 66.28
CA LYS A 143 24.34 -2.16 65.82
C LYS A 143 25.29 -3.09 65.07
N ARG A 144 25.23 -4.36 65.36
CA ARG A 144 26.13 -5.33 64.66
C ARG A 144 25.38 -6.01 63.52
N GLY A 145 24.46 -5.31 62.89
CA GLY A 145 23.68 -5.91 61.77
C GLY A 145 24.10 -5.25 60.46
N PRO A 146 23.87 -5.94 59.38
CA PRO A 146 24.22 -5.42 58.03
C PRO A 146 23.25 -4.31 57.63
N PHE A 147 23.73 -3.32 56.93
CA PHE A 147 22.83 -2.20 56.50
C PHE A 147 21.76 -2.72 55.52
N LEU A 148 20.52 -2.41 55.77
CA LEU A 148 19.44 -2.88 54.86
C LEU A 148 19.35 -1.98 53.62
N GLY A 149 18.92 -2.52 52.52
CA GLY A 149 18.81 -1.69 51.27
C GLY A 149 17.45 -1.94 50.62
N ASN A 150 16.38 -1.53 51.25
CA ASN A 150 15.03 -1.74 50.66
C ASN A 150 14.59 -0.49 49.88
N ASN A 151 15.51 0.36 49.52
CA ASN A 151 15.14 1.60 48.76
C ASN A 151 15.51 1.44 47.28
N ALA A 152 16.73 1.05 47.00
CA ALA A 152 17.16 0.88 45.58
C ALA A 152 16.28 -0.16 44.88
N GLY A 153 15.82 -1.14 45.61
CA GLY A 153 14.96 -2.19 45.00
C GLY A 153 13.66 -1.55 44.49
N ILE A 154 13.05 -0.72 45.29
CA ILE A 154 11.78 -0.06 44.85
C ILE A 154 12.07 0.94 43.73
N LEU A 155 13.29 1.39 43.62
CA LEU A 155 13.64 2.37 42.55
C LEU A 155 13.43 1.75 41.16
N ALA A 156 13.62 0.46 41.05
CA ALA A 156 13.44 -0.21 39.74
C ALA A 156 11.98 -0.08 39.26
N LEU A 157 11.08 0.21 40.15
CA LEU A 157 9.65 0.36 39.74
C LEU A 157 9.39 1.76 39.17
N SER A 158 9.74 2.78 39.90
CA SER A 158 9.52 4.18 39.39
C SER A 158 10.29 4.39 38.09
N TYR A 159 11.37 3.69 37.90
CA TYR A 159 12.16 3.85 36.64
C TYR A 159 11.34 3.39 35.43
N ASN A 160 10.36 2.56 35.65
CA ASN A 160 9.53 2.07 34.51
C ASN A 160 8.37 3.03 34.24
N ILE A 161 7.96 3.78 35.23
CA ILE A 161 6.83 4.74 35.02
C ILE A 161 7.32 5.98 34.27
N ILE A 162 8.42 6.55 34.69
CA ILE A 162 8.95 7.77 33.99
C ILE A 162 9.24 7.46 32.52
N ASN A 163 9.49 6.22 32.20
CA ASN A 163 9.80 5.85 30.79
C ASN A 163 8.50 5.52 30.05
N SER A 164 7.49 5.08 30.75
CA SER A 164 6.20 4.73 30.08
C SER A 164 5.65 5.94 29.32
N THR A 165 6.05 7.13 29.69
CA THR A 165 5.54 8.34 29.00
C THR A 165 6.19 8.48 27.62
N ILE A 166 7.49 8.43 27.55
CA ILE A 166 8.18 8.54 26.23
C ILE A 166 7.60 7.52 25.25
N ASP A 167 7.25 6.36 25.73
CA ASP A 167 6.68 5.32 24.85
C ASP A 167 5.14 5.41 24.80
N ALA A 168 4.54 5.93 25.85
CA ALA A 168 3.05 6.05 25.87
C ALA A 168 2.54 6.74 24.60
N LEU A 169 3.24 7.76 24.17
CA LEU A 169 2.82 8.48 22.93
C LEU A 169 3.44 7.84 21.69
N ARG A 170 3.87 6.60 21.79
CA ARG A 170 4.50 5.92 20.62
C ARG A 170 3.59 6.02 19.39
N GLY A 171 2.40 5.48 19.46
CA GLY A 171 1.48 5.55 18.28
C GLY A 171 0.14 4.88 18.62
N LYS A 172 -0.24 3.87 17.89
CA LYS A 172 -1.54 3.19 18.15
C LYS A 172 -1.39 1.67 18.05
N HIS A 173 -1.26 1.00 19.16
CA HIS A 173 -1.12 -0.49 19.14
C HIS A 173 -2.36 -1.18 19.70
N ASP A 174 -2.76 -2.27 19.11
CA ASP A 174 -3.96 -3.01 19.62
C ASP A 174 -3.62 -4.50 19.78
N THR A 175 -2.43 -4.79 20.20
CA THR A 175 -1.98 -6.21 20.36
C THR A 175 -3.04 -7.06 21.09
N ALA A 176 -2.93 -7.23 22.39
CA ALA A 176 -3.93 -8.10 23.10
C ALA A 176 -4.23 -7.58 24.51
N GLY A 177 -5.36 -6.94 24.68
CA GLY A 177 -5.74 -6.43 26.03
C GLY A 177 -6.37 -7.58 26.84
N SER A 178 -6.90 -8.56 26.15
CA SER A 178 -7.54 -9.72 26.85
C SER A 178 -6.47 -10.73 27.28
N ILE A 179 -5.29 -10.65 26.71
CA ILE A 179 -4.20 -11.61 27.09
C ILE A 179 -3.61 -11.23 28.45
N GLY A 180 -3.83 -10.01 28.89
CA GLY A 180 -3.28 -9.57 30.20
C GLY A 180 -3.60 -10.59 31.30
N ALA A 181 -4.64 -11.36 31.13
CA ALA A 181 -5.00 -12.37 32.18
C ALA A 181 -4.04 -13.57 32.17
N GLY A 182 -3.93 -14.23 31.04
CA GLY A 182 -3.03 -15.43 30.96
C GLY A 182 -1.63 -15.08 31.48
N ALA A 183 -1.25 -13.84 31.46
CA ALA A 183 0.11 -13.45 31.95
C ALA A 183 0.10 -13.25 33.47
N LEU A 184 -1.07 -13.09 34.06
CA LEU A 184 -1.13 -12.88 35.53
C LEU A 184 -0.71 -14.14 36.29
N THR A 185 -1.47 -15.20 36.19
CA THR A 185 -1.12 -16.46 36.92
C THR A 185 0.28 -16.93 36.50
N GLY A 186 0.74 -16.52 35.35
CA GLY A 186 2.10 -16.94 34.89
C GLY A 186 3.16 -16.42 35.86
N ALA A 187 2.91 -15.29 36.48
CA ALA A 187 3.90 -14.73 37.44
C ALA A 187 3.64 -15.25 38.86
N LEU A 188 2.40 -15.53 39.17
CA LEU A 188 2.08 -16.04 40.54
C LEU A 188 2.79 -17.37 40.79
N PHE A 189 2.67 -18.31 39.90
CA PHE A 189 3.34 -19.63 40.08
C PHE A 189 4.86 -19.43 40.15
N LYS A 190 5.37 -18.34 39.63
CA LYS A 190 6.83 -18.10 39.67
C LYS A 190 7.34 -18.12 41.11
N SER A 191 6.51 -17.76 42.05
CA SER A 191 6.93 -17.75 43.48
C SER A 191 5.73 -17.95 44.39
N SER A 192 5.64 -19.09 45.03
CA SER A 192 4.48 -19.35 45.94
C SER A 192 4.94 -20.14 47.17
N LYS A 193 5.73 -19.51 48.02
CA LYS A 193 6.21 -20.22 49.23
C LYS A 193 5.55 -19.61 50.48
N GLY A 194 5.31 -18.33 50.47
CA GLY A 194 4.67 -17.67 51.64
C GLY A 194 3.87 -16.45 51.17
N LEU A 195 4.15 -15.30 51.73
CA LEU A 195 3.40 -14.07 51.32
C LEU A 195 3.63 -13.80 49.82
N LYS A 196 2.58 -13.80 49.05
CA LYS A 196 2.73 -13.54 47.59
C LYS A 196 3.52 -12.24 47.34
N PRO A 197 4.73 -12.39 46.87
CA PRO A 197 5.59 -11.20 46.59
C PRO A 197 5.13 -10.50 45.31
N MET A 198 4.67 -11.26 44.34
CA MET A 198 4.20 -10.64 43.07
C MET A 198 3.05 -9.67 43.32
N GLY A 199 2.38 -9.80 44.44
CA GLY A 199 1.25 -8.88 44.76
C GLY A 199 1.66 -7.42 44.55
N TYR A 200 2.86 -7.08 44.94
CA TYR A 200 3.34 -5.67 44.76
C TYR A 200 3.87 -5.48 43.34
N SER A 201 4.39 -6.53 42.75
CA SER A 201 4.93 -6.41 41.36
C SER A 201 3.78 -6.33 40.36
N SER A 202 2.61 -6.79 40.73
CA SER A 202 1.45 -6.73 39.79
C SER A 202 1.19 -5.29 39.36
N ALA A 203 1.32 -4.36 40.28
CA ALA A 203 1.09 -2.93 39.94
C ALA A 203 2.00 -2.52 38.78
N MET A 204 3.09 -3.20 38.60
CA MET A 204 4.01 -2.87 37.47
C MET A 204 3.41 -3.33 36.15
N VAL A 205 2.96 -4.56 36.09
CA VAL A 205 2.35 -5.08 34.83
C VAL A 205 0.94 -4.50 34.66
N ALA A 206 0.27 -4.23 35.76
CA ALA A 206 -1.09 -3.66 35.67
C ALA A 206 -1.06 -2.32 34.92
N ALA A 207 -0.07 -1.51 35.20
CA ALA A 207 0.03 -0.20 34.50
C ALA A 207 0.23 -0.43 33.01
N ALA A 208 0.85 -1.52 32.64
CA ALA A 208 1.06 -1.81 31.19
C ALA A 208 -0.28 -1.89 30.47
N CYS A 209 -1.31 -2.33 31.16
CA CYS A 209 -2.65 -2.43 30.53
C CYS A 209 -3.10 -1.04 30.04
N ALA A 210 -2.82 -0.01 30.81
CA ALA A 210 -3.22 1.36 30.40
C ALA A 210 -2.49 1.77 29.12
N VAL A 211 -1.19 1.69 29.11
CA VAL A 211 -0.42 2.08 27.89
C VAL A 211 -0.93 1.29 26.67
N TRP A 212 -1.07 0.01 26.83
CA TRP A 212 -1.57 -0.82 25.68
C TRP A 212 -3.04 -0.53 25.43
N CYS A 213 -3.84 -0.45 26.47
CA CYS A 213 -5.28 -0.13 26.28
C CYS A 213 -5.41 1.23 25.60
N SER A 214 -4.36 2.03 25.63
CA SER A 214 -4.39 3.37 24.98
C SER A 214 -4.95 3.25 23.56
N VAL A 215 -4.98 2.05 23.01
CA VAL A 215 -5.53 1.84 21.63
C VAL A 215 -6.86 2.59 21.46
N LYS A 216 -7.58 2.77 22.52
CA LYS A 216 -8.90 3.49 22.43
C LYS A 216 -8.68 5.00 22.50
N LYS A 217 -8.04 5.56 21.52
CA LYS A 217 -7.80 7.04 21.52
C LYS A 217 -8.86 7.75 20.67
N ARG A 218 -9.88 7.06 20.26
CA ARG A 218 -10.94 7.71 19.43
C ARG A 218 -12.20 7.96 20.27
N LEU A 219 -12.08 7.93 21.57
CA LEU A 219 -13.27 8.17 22.43
C LEU A 219 -13.18 9.54 23.11
N LEU A 220 -11.98 9.98 23.41
CA LEU A 220 -11.81 11.31 24.06
C LEU A 220 -11.54 12.39 23.00
N GLU A 221 -11.10 11.99 21.84
CA GLU A 221 -10.80 13.00 20.77
C GLU A 221 -11.26 12.46 19.41
N LYS A 222 -11.21 13.27 18.39
CA LYS A 222 -11.64 12.81 17.04
C LYS A 222 -10.63 13.29 15.98
N MET B 1 -43.40 59.03 -96.73
CA MET B 1 -44.68 58.29 -96.96
C MET B 1 -45.01 57.40 -95.76
N SER B 2 -44.81 57.91 -94.57
CA SER B 2 -45.10 57.10 -93.35
C SER B 2 -45.15 58.00 -92.12
N TRP B 3 -44.24 58.92 -92.01
CA TRP B 3 -44.22 59.84 -90.83
C TRP B 3 -45.32 60.89 -90.96
N LEU B 4 -45.69 61.22 -92.17
CA LEU B 4 -46.76 62.24 -92.37
C LEU B 4 -48.12 61.56 -92.59
N PHE B 5 -48.24 60.32 -92.21
CA PHE B 5 -49.53 59.60 -92.39
C PHE B 5 -50.13 59.22 -91.04
N GLY B 6 -49.51 59.63 -89.95
CA GLY B 6 -50.04 59.30 -88.60
C GLY B 6 -49.80 57.82 -88.31
N ASP B 7 -48.62 57.33 -88.56
CA ASP B 7 -48.31 55.90 -88.28
C ASP B 7 -47.64 55.74 -86.92
N LYS B 8 -47.74 54.58 -86.33
CA LYS B 8 -47.11 54.36 -84.99
C LYS B 8 -45.60 54.17 -85.15
N THR B 9 -44.91 53.98 -84.06
CA THR B 9 -43.42 53.78 -84.14
C THR B 9 -43.10 52.52 -84.97
N PRO B 10 -42.48 52.72 -86.10
CA PRO B 10 -42.12 51.58 -86.98
C PRO B 10 -40.97 50.78 -86.37
N THR B 11 -40.46 49.81 -87.08
CA THR B 11 -39.34 48.99 -86.54
C THR B 11 -37.99 49.56 -87.00
N ASP B 12 -37.95 50.83 -87.31
CA ASP B 12 -36.67 51.44 -87.77
C ASP B 12 -35.81 51.85 -86.56
N ASP B 13 -36.44 52.24 -85.49
CA ASP B 13 -35.67 52.65 -84.28
C ASP B 13 -34.99 51.43 -83.65
N ALA B 14 -35.60 50.28 -83.76
CA ALA B 14 -35.00 49.05 -83.17
C ALA B 14 -33.69 48.71 -83.89
N ASN B 15 -33.69 48.78 -85.20
CA ASN B 15 -32.45 48.45 -85.96
C ASN B 15 -31.34 49.46 -85.60
N ALA B 16 -31.71 50.66 -85.24
CA ALA B 16 -30.68 51.67 -84.88
C ALA B 16 -29.89 51.20 -83.66
N ALA B 17 -30.56 50.95 -82.57
CA ALA B 17 -29.85 50.49 -81.34
C ALA B 17 -30.62 49.35 -80.67
N VAL B 18 -30.03 48.19 -80.57
CA VAL B 18 -30.73 47.04 -79.94
C VAL B 18 -29.72 45.96 -79.54
N GLY B 19 -29.59 45.70 -78.26
CA GLY B 19 -28.63 44.67 -77.81
C GLY B 19 -27.21 45.07 -78.19
N GLY B 20 -26.60 44.36 -79.10
CA GLY B 20 -25.22 44.71 -79.53
C GLY B 20 -24.21 43.86 -78.74
N GLN B 21 -23.02 43.71 -79.25
CA GLN B 21 -22.01 42.88 -78.54
C GLN B 21 -20.60 43.46 -78.77
N ASP B 22 -20.50 44.76 -78.92
CA ASP B 22 -19.18 45.39 -79.14
C ASP B 22 -18.51 45.69 -77.79
N THR B 23 -19.26 46.20 -76.85
CA THR B 23 -18.67 46.52 -75.51
C THR B 23 -18.93 45.36 -74.54
N THR B 24 -17.96 45.04 -73.73
CA THR B 24 -18.14 43.92 -72.75
C THR B 24 -18.05 44.45 -71.32
N LYS B 25 -18.72 45.54 -71.03
CA LYS B 25 -18.67 46.12 -69.66
C LYS B 25 -19.16 45.08 -68.63
N PRO B 26 -18.58 45.15 -67.45
CA PRO B 26 -18.97 44.20 -66.38
C PRO B 26 -20.34 44.56 -65.80
N LYS B 27 -20.72 45.82 -65.90
CA LYS B 27 -22.04 46.24 -65.36
C LYS B 27 -23.18 45.48 -66.07
N GLU B 28 -23.04 45.26 -67.35
CA GLU B 28 -24.10 44.53 -68.10
C GLU B 28 -23.96 43.02 -67.87
N LEU B 29 -22.78 42.55 -67.59
CA LEU B 29 -22.58 41.09 -67.35
C LEU B 29 -23.29 40.67 -66.06
N SER B 30 -23.10 41.39 -64.99
CA SER B 30 -23.76 41.02 -63.70
C SER B 30 -25.01 41.87 -63.50
N LEU B 31 -25.60 42.37 -64.55
CA LEU B 31 -26.83 43.20 -64.41
C LEU B 31 -28.03 42.32 -64.09
N LYS B 32 -28.00 41.07 -64.48
CA LYS B 32 -29.14 40.16 -64.19
C LYS B 32 -29.13 39.72 -62.72
N GLN B 33 -28.00 39.28 -62.24
CA GLN B 33 -27.91 38.84 -60.82
C GLN B 33 -28.17 40.03 -59.88
N SER B 34 -27.84 41.22 -60.31
CA SER B 34 -28.07 42.42 -59.45
C SER B 34 -29.56 42.78 -59.44
N LEU B 35 -30.24 42.58 -60.53
CA LEU B 35 -31.69 42.91 -60.58
C LEU B 35 -32.52 41.82 -59.90
N GLY B 36 -31.91 40.70 -59.57
CA GLY B 36 -32.68 39.61 -58.91
C GLY B 36 -33.03 38.53 -59.95
N PHE B 37 -32.95 38.86 -61.21
CA PHE B 37 -33.27 37.85 -62.26
C PHE B 37 -32.42 36.59 -62.09
N GLU B 38 -32.96 35.60 -61.42
CA GLU B 38 -32.18 34.33 -61.22
C GLU B 38 -33.13 33.14 -61.16
N PRO B 39 -33.38 32.55 -62.31
CA PRO B 39 -34.29 31.38 -62.39
C PRO B 39 -33.62 30.13 -61.81
N ASN B 40 -32.32 30.15 -61.69
CA ASN B 40 -31.61 28.96 -61.14
C ASN B 40 -32.17 28.59 -59.76
N ILE B 41 -32.69 29.56 -59.05
CA ILE B 41 -33.25 29.27 -57.70
C ILE B 41 -34.45 28.31 -57.82
N ASN B 42 -35.09 28.29 -58.95
CA ASN B 42 -36.26 27.37 -59.14
C ASN B 42 -35.84 25.91 -58.94
N ASN B 43 -34.56 25.63 -59.06
CA ASN B 43 -34.09 24.23 -58.88
C ASN B 43 -34.22 23.80 -57.41
N ILE B 44 -34.51 24.72 -56.53
CA ILE B 44 -34.65 24.36 -55.08
C ILE B 44 -35.65 23.21 -54.92
N ILE B 45 -36.55 23.05 -55.84
CA ILE B 45 -37.55 21.95 -55.73
C ILE B 45 -36.86 20.59 -55.92
N SER B 46 -35.73 20.57 -56.59
CA SER B 46 -35.02 19.28 -56.80
C SER B 46 -34.05 19.02 -55.65
N GLY B 47 -34.53 19.07 -54.43
CA GLY B 47 -33.64 18.83 -53.27
C GLY B 47 -34.03 19.77 -52.12
N PRO B 48 -35.17 19.48 -51.52
CA PRO B 48 -35.66 20.32 -50.40
C PRO B 48 -34.83 20.07 -49.14
N GLY B 49 -34.35 21.12 -48.52
CA GLY B 49 -33.54 20.96 -47.28
C GLY B 49 -34.15 21.79 -46.15
N GLY B 50 -35.39 21.55 -45.83
CA GLY B 50 -36.04 22.32 -44.73
C GLY B 50 -35.92 21.55 -43.41
N MET B 51 -34.71 21.25 -43.00
CA MET B 51 -34.52 20.51 -41.72
C MET B 51 -33.09 20.69 -41.22
N HIS B 52 -32.90 20.70 -39.93
CA HIS B 52 -31.53 20.88 -39.37
C HIS B 52 -31.40 20.12 -38.05
N VAL B 53 -30.20 19.76 -37.67
CA VAL B 53 -30.01 19.03 -36.38
C VAL B 53 -28.73 19.51 -35.69
N ASP B 54 -28.84 19.88 -34.43
CA ASP B 54 -27.63 20.36 -33.70
C ASP B 54 -27.27 19.37 -32.59
N THR B 55 -27.63 18.13 -32.75
CA THR B 55 -27.29 17.11 -31.70
C THR B 55 -25.93 16.50 -31.97
N ALA B 56 -25.50 16.50 -33.21
CA ALA B 56 -24.16 15.91 -33.54
C ALA B 56 -23.06 16.64 -32.77
N ARG B 57 -23.06 17.94 -32.81
CA ARG B 57 -22.01 18.71 -32.08
C ARG B 57 -22.38 18.85 -30.61
N LEU B 58 -23.65 18.98 -30.31
CA LEU B 58 -24.08 19.13 -28.89
C LEU B 58 -23.83 17.82 -28.14
N HIS B 59 -24.27 16.71 -28.68
CA HIS B 59 -24.06 15.40 -28.00
C HIS B 59 -22.58 14.98 -28.10
N PRO B 60 -22.03 14.55 -27.00
CA PRO B 60 -20.62 14.11 -26.98
C PRO B 60 -20.46 12.76 -27.69
N LEU B 61 -19.67 12.72 -28.74
CA LEU B 61 -19.48 11.44 -29.47
C LEU B 61 -17.99 11.24 -29.79
N ALA B 62 -17.14 11.50 -28.83
CA ALA B 62 -15.67 11.32 -29.07
C ALA B 62 -15.24 9.91 -28.65
N GLY B 63 -15.91 9.34 -27.70
CA GLY B 63 -15.53 7.97 -27.23
C GLY B 63 -14.69 8.05 -25.96
N LEU B 64 -14.25 9.23 -25.60
CA LEU B 64 -13.41 9.38 -24.37
C LEU B 64 -14.19 8.89 -23.14
N ASP B 65 -15.49 8.81 -23.23
CA ASP B 65 -16.30 8.35 -22.07
C ASP B 65 -15.79 7.00 -21.57
N LYS B 66 -15.14 6.24 -22.40
CA LYS B 66 -14.62 4.91 -21.97
C LYS B 66 -13.42 5.10 -21.03
N GLY B 67 -12.51 5.97 -21.39
CA GLY B 67 -11.32 6.21 -20.52
C GLY B 67 -11.77 6.77 -19.17
N VAL B 68 -12.72 7.66 -19.18
CA VAL B 68 -13.21 8.25 -17.91
C VAL B 68 -13.85 7.17 -17.03
N GLU B 69 -14.37 6.14 -17.64
CA GLU B 69 -15.02 5.06 -16.85
C GLU B 69 -13.95 4.15 -16.25
N TYR B 70 -13.06 3.64 -17.05
CA TYR B 70 -11.99 2.74 -16.52
C TYR B 70 -11.11 3.48 -15.51
N LEU B 71 -11.16 4.78 -15.49
CA LEU B 71 -10.32 5.55 -14.52
C LEU B 71 -10.55 5.05 -13.10
N ASP B 72 -11.77 5.03 -12.65
CA ASP B 72 -12.05 4.54 -11.26
C ASP B 72 -12.33 3.03 -11.27
N LEU B 73 -12.86 2.53 -12.36
CA LEU B 73 -13.16 1.07 -12.43
C LEU B 73 -11.87 0.25 -12.34
N GLU B 74 -10.79 0.76 -12.89
CA GLU B 74 -9.50 0.01 -12.83
C GLU B 74 -8.83 0.21 -11.48
N GLU B 75 -8.89 1.40 -10.94
CA GLU B 75 -8.24 1.66 -9.63
C GLU B 75 -8.86 0.77 -8.55
N GLU B 76 -10.16 0.63 -8.55
CA GLU B 76 -10.82 -0.23 -7.53
C GLU B 76 -10.74 -1.71 -7.95
N GLN B 77 -10.35 -1.97 -9.17
CA GLN B 77 -10.24 -3.39 -9.62
C GLN B 77 -9.28 -4.17 -8.73
N LEU B 78 -8.04 -3.74 -8.66
CA LEU B 78 -7.05 -4.46 -7.81
C LEU B 78 -7.32 -4.18 -6.33
N SER B 79 -8.04 -3.13 -6.03
CA SER B 79 -8.33 -2.80 -4.61
C SER B 79 -9.07 -3.96 -3.93
N SER B 80 -10.10 -4.45 -4.56
CA SER B 80 -10.87 -5.58 -3.96
C SER B 80 -10.04 -6.87 -4.01
N LEU B 81 -9.06 -6.92 -4.88
CA LEU B 81 -8.21 -8.15 -4.98
C LEU B 81 -7.57 -8.47 -3.63
N GLU B 82 -7.11 -7.47 -2.93
CA GLU B 82 -6.49 -7.71 -1.60
C GLU B 82 -7.56 -7.84 -0.52
N GLY B 83 -8.56 -7.01 -0.56
CA GLY B 83 -9.64 -7.09 0.47
C GLY B 83 -10.50 -5.82 0.40
N SER B 84 -11.79 -5.96 0.50
CA SER B 84 -12.68 -4.77 0.44
C SER B 84 -12.47 -3.90 1.68
N GLN B 85 -12.48 -4.50 2.85
CA GLN B 85 -12.28 -3.71 4.10
C GLN B 85 -10.92 -4.04 4.71
N GLY B 86 -10.53 -5.29 4.70
CA GLY B 86 -9.21 -5.68 5.28
C GLY B 86 -9.23 -5.45 6.79
N LEU B 87 -9.13 -6.51 7.56
CA LEU B 87 -9.15 -6.36 9.04
C LEU B 87 -8.11 -7.29 9.68
N ILE B 88 -7.06 -6.75 10.23
CA ILE B 88 -6.02 -7.60 10.87
C ILE B 88 -5.83 -7.20 12.33
N PRO B 89 -6.37 -8.00 13.23
CA PRO B 89 -6.24 -7.71 14.68
C PRO B 89 -4.80 -7.97 15.15
N SER B 90 -4.05 -8.73 14.40
CA SER B 90 -2.64 -9.02 14.81
C SER B 90 -1.68 -8.04 14.12
N ARG B 91 -2.12 -6.84 13.89
CA ARG B 91 -1.23 -5.84 13.22
C ARG B 91 -0.12 -5.39 14.17
N GLY B 92 1.07 -5.22 13.67
CA GLY B 92 2.20 -4.78 14.54
C GLY B 92 3.07 -5.99 14.89
N TRP B 93 2.50 -7.16 14.96
CA TRP B 93 3.28 -8.37 15.29
C TRP B 93 2.77 -9.57 14.47
N THR B 94 2.94 -9.52 13.18
CA THR B 94 2.46 -10.65 12.33
C THR B 94 3.38 -10.87 11.14
N ASP B 95 4.67 -10.79 11.34
CA ASP B 95 5.62 -11.01 10.20
C ASP B 95 5.72 -12.50 9.89
N ASP B 96 5.45 -13.34 10.86
CA ASP B 96 5.53 -14.81 10.62
C ASP B 96 4.17 -15.35 10.11
N LEU B 97 3.12 -14.58 10.30
CA LEU B 97 1.78 -15.06 9.82
C LEU B 97 1.82 -15.41 8.34
N CYS B 98 2.76 -14.85 7.61
CA CYS B 98 2.86 -15.16 6.15
C CYS B 98 3.04 -16.66 5.93
N TYR B 99 3.85 -17.29 6.74
CA TYR B 99 4.07 -18.76 6.57
C TYR B 99 3.58 -19.52 7.81
N GLY B 100 3.63 -18.90 8.95
CA GLY B 100 3.16 -19.58 10.20
C GLY B 100 1.67 -19.34 10.38
N THR B 101 1.22 -19.19 11.60
CA THR B 101 -0.23 -18.96 11.85
C THR B 101 -0.43 -17.92 12.96
N GLY B 102 0.52 -17.05 13.14
CA GLY B 102 0.40 -16.02 14.22
C GLY B 102 0.34 -16.70 15.58
N ALA B 103 1.19 -17.67 15.81
CA ALA B 103 1.19 -18.37 17.12
C ALA B 103 1.97 -17.56 18.16
N VAL B 104 2.82 -16.67 17.73
CA VAL B 104 3.62 -15.85 18.68
C VAL B 104 2.69 -15.17 19.70
N TYR B 105 1.50 -14.81 19.30
CA TYR B 105 0.54 -14.16 20.24
C TYR B 105 -0.13 -15.22 21.13
N LEU B 106 -0.83 -16.14 20.52
CA LEU B 106 -1.53 -17.19 21.32
C LEU B 106 -0.52 -18.08 22.05
N LEU B 107 0.38 -18.69 21.33
CA LEU B 107 1.40 -19.57 21.99
C LEU B 107 2.08 -18.82 23.14
N GLY B 108 2.13 -17.51 23.05
CA GLY B 108 2.79 -16.73 24.14
C GLY B 108 1.96 -16.87 25.43
N LEU B 109 0.68 -17.08 25.30
CA LEU B 109 -0.18 -17.24 26.52
C LEU B 109 0.04 -18.61 27.15
N GLY B 110 0.06 -19.65 26.34
CA GLY B 110 0.28 -21.03 26.90
C GLY B 110 1.61 -21.09 27.63
N ILE B 111 2.56 -20.28 27.22
CA ILE B 111 3.89 -20.30 27.90
C ILE B 111 3.74 -19.90 29.37
N GLY B 112 2.68 -19.19 29.71
CA GLY B 112 2.48 -18.79 31.12
C GLY B 112 2.03 -20.00 31.95
N GLY B 113 1.46 -20.98 31.31
CA GLY B 113 1.00 -22.19 32.06
C GLY B 113 2.16 -23.19 32.19
N PHE B 114 3.04 -23.21 31.21
CA PHE B 114 4.18 -24.16 31.28
C PHE B 114 5.32 -23.58 32.14
N SER B 115 5.64 -22.33 31.94
CA SER B 115 6.73 -21.71 32.75
C SER B 115 6.29 -21.58 34.22
N GLY B 116 5.03 -21.40 34.46
CA GLY B 116 4.54 -21.26 35.86
C GLY B 116 4.70 -22.60 36.59
N MET B 117 4.41 -23.69 35.92
CA MET B 117 4.55 -25.02 36.58
C MET B 117 5.98 -25.23 37.10
N MET B 118 6.92 -24.51 36.55
CA MET B 118 8.34 -24.64 37.02
C MET B 118 8.43 -24.41 38.52
N GLN B 119 8.05 -23.24 38.97
CA GLN B 119 8.12 -22.94 40.44
C GLN B 119 6.85 -23.44 41.13
N GLY B 120 5.74 -23.44 40.43
CA GLY B 120 4.46 -23.91 41.04
C GLY B 120 4.60 -25.39 41.43
N LEU B 121 5.53 -26.08 40.84
CA LEU B 121 5.71 -27.53 41.16
C LEU B 121 5.87 -27.72 42.67
N GLN B 122 6.32 -26.71 43.37
CA GLN B 122 6.50 -26.82 44.84
C GLN B 122 5.25 -26.33 45.57
N ASN B 123 4.14 -26.24 44.88
CA ASN B 123 2.89 -25.77 45.54
C ASN B 123 2.30 -26.88 46.41
N ILE B 124 2.22 -28.07 45.89
CA ILE B 124 1.65 -29.20 46.68
C ILE B 124 2.49 -29.42 47.95
N PRO B 125 1.82 -29.61 49.05
CA PRO B 125 2.53 -29.83 50.34
C PRO B 125 3.16 -31.24 50.36
N PRO B 126 4.26 -31.35 51.06
CA PRO B 126 4.96 -32.66 51.15
C PRO B 126 4.17 -33.61 52.07
N ASN B 127 3.18 -34.27 51.54
CA ASN B 127 2.37 -35.21 52.36
C ASN B 127 2.85 -36.65 52.15
N SER B 128 4.11 -36.82 51.84
CA SER B 128 4.65 -38.20 51.63
C SER B 128 4.66 -38.98 52.94
N PRO B 129 4.31 -40.24 52.87
CA PRO B 129 4.29 -41.09 54.08
C PRO B 129 5.72 -41.41 54.54
N GLY B 130 5.88 -41.78 55.78
CA GLY B 130 7.25 -42.11 56.29
C GLY B 130 7.27 -42.02 57.81
N LYS B 131 7.66 -43.07 58.48
CA LYS B 131 7.70 -43.04 59.97
C LYS B 131 9.14 -42.82 60.46
N LEU B 132 9.99 -42.28 59.62
CA LEU B 132 11.41 -42.04 60.03
C LEU B 132 11.61 -40.59 60.45
N GLN B 133 10.62 -39.75 60.24
CA GLN B 133 10.77 -38.31 60.63
C GLN B 133 11.04 -38.19 62.13
N LEU B 134 10.57 -39.14 62.89
CA LEU B 134 10.80 -39.09 64.37
C LEU B 134 11.89 -40.08 64.79
N ASN B 135 12.58 -40.65 63.84
CA ASN B 135 13.65 -41.63 64.19
C ASN B 135 14.99 -40.90 64.36
N THR B 136 15.27 -39.94 63.51
CA THR B 136 16.56 -39.19 63.63
C THR B 136 16.67 -38.51 65.00
N VAL B 137 15.55 -38.11 65.55
CA VAL B 137 15.58 -37.45 66.88
C VAL B 137 15.56 -38.49 68.01
N LEU B 138 15.09 -39.67 67.72
CA LEU B 138 15.05 -40.74 68.77
C LEU B 138 16.46 -41.10 69.21
N ASN B 139 17.34 -41.36 68.29
CA ASN B 139 18.75 -41.71 68.66
C ASN B 139 19.41 -40.55 69.39
N HIS B 140 19.54 -39.42 68.74
CA HIS B 140 20.19 -38.25 69.40
C HIS B 140 19.93 -36.98 68.57
N ILE B 141 20.64 -35.92 68.86
CA ILE B 141 20.45 -34.65 68.10
C ILE B 141 21.16 -34.73 66.75
N THR B 142 20.46 -34.44 65.67
CA THR B 142 21.10 -34.49 64.33
C THR B 142 20.44 -33.49 63.39
N LYS B 143 21.18 -32.51 62.94
CA LYS B 143 20.60 -31.49 62.02
C LYS B 143 20.19 -32.14 60.69
N ARG B 144 19.69 -31.38 59.77
CA ARG B 144 19.28 -31.95 58.45
C ARG B 144 20.38 -31.71 57.41
N GLY B 145 20.39 -32.51 56.36
CA GLY B 145 21.43 -32.33 55.31
C GLY B 145 20.92 -31.36 54.25
N PRO B 146 21.73 -31.11 53.25
CA PRO B 146 21.35 -30.18 52.16
C PRO B 146 20.32 -30.84 51.25
N PHE B 147 19.23 -30.17 51.00
CA PHE B 147 18.17 -30.75 50.12
C PHE B 147 17.76 -29.74 49.05
N LEU B 148 18.69 -28.94 48.60
CA LEU B 148 18.35 -27.92 47.55
C LEU B 148 18.33 -28.59 46.17
N GLY B 149 17.16 -28.70 45.58
CA GLY B 149 17.07 -29.33 44.24
C GLY B 149 17.13 -28.26 43.16
N ASN B 150 18.27 -28.10 42.53
CA ASN B 150 18.40 -27.06 41.46
C ASN B 150 17.95 -27.62 40.11
N ASN B 151 17.47 -28.84 40.09
CA ASN B 151 17.02 -29.44 38.79
C ASN B 151 15.82 -28.66 38.24
N ALA B 152 15.04 -28.05 39.11
CA ALA B 152 13.87 -27.28 38.63
C ALA B 152 14.32 -25.96 37.98
N GLY B 153 15.45 -25.45 38.39
CA GLY B 153 15.95 -24.18 37.80
C GLY B 153 16.56 -24.45 36.43
N ILE B 154 17.45 -25.42 36.35
CA ILE B 154 18.08 -25.75 35.04
C ILE B 154 17.01 -26.13 34.00
N LEU B 155 15.89 -26.62 34.46
CA LEU B 155 14.81 -27.02 33.50
C LEU B 155 14.27 -25.79 32.79
N ALA B 156 14.33 -24.65 33.42
CA ALA B 156 13.82 -23.41 32.76
C ALA B 156 14.72 -23.00 31.59
N LEU B 157 15.88 -23.61 31.48
CA LEU B 157 16.80 -23.25 30.36
C LEU B 157 16.50 -24.11 29.12
N SER B 158 16.50 -25.41 29.28
CA SER B 158 16.21 -26.31 28.13
C SER B 158 14.83 -26.02 27.55
N TYR B 159 13.92 -25.54 28.36
CA TYR B 159 12.55 -25.23 27.86
C TYR B 159 12.60 -24.09 26.84
N ASN B 160 13.58 -23.24 26.93
CA ASN B 160 13.68 -22.10 25.97
C ASN B 160 14.36 -22.55 24.67
N ILE B 161 15.09 -23.65 24.71
CA ILE B 161 15.77 -24.13 23.48
C ILE B 161 14.84 -25.03 22.67
N ILE B 162 13.91 -25.69 23.31
CA ILE B 162 12.97 -26.59 22.58
C ILE B 162 11.87 -25.76 21.90
N ASN B 163 11.49 -24.66 22.50
CA ASN B 163 10.43 -23.81 21.90
C ASN B 163 11.02 -22.86 20.85
N SER B 164 12.30 -22.60 20.94
CA SER B 164 12.94 -21.68 19.95
C SER B 164 12.76 -22.23 18.52
N THR B 165 12.71 -23.53 18.37
CA THR B 165 12.54 -24.13 17.01
C THR B 165 11.21 -23.68 16.40
N ILE B 166 10.13 -23.77 17.13
CA ILE B 166 8.82 -23.34 16.58
C ILE B 166 8.90 -21.89 16.11
N ASP B 167 9.71 -21.10 16.76
CA ASP B 167 9.85 -19.67 16.37
C ASP B 167 10.98 -19.50 15.34
N ALA B 168 11.99 -20.32 15.42
CA ALA B 168 13.13 -20.21 14.44
C ALA B 168 12.61 -20.21 13.02
N LEU B 169 11.58 -20.98 12.75
CA LEU B 169 11.00 -21.04 11.38
C LEU B 169 10.00 -19.89 11.17
N ARG B 170 10.07 -18.86 11.98
CA ARG B 170 9.12 -17.72 11.82
C ARG B 170 9.20 -17.14 10.41
N GLY B 171 10.35 -16.65 10.02
CA GLY B 171 10.49 -16.07 8.65
C GLY B 171 11.86 -15.41 8.49
N LYS B 172 11.89 -14.11 8.32
CA LYS B 172 13.20 -13.41 8.16
C LYS B 172 13.28 -12.20 9.09
N HIS B 173 13.92 -12.34 10.23
CA HIS B 173 14.04 -11.20 11.17
C HIS B 173 15.49 -10.75 11.30
N ASP B 174 15.72 -9.48 11.50
CA ASP B 174 17.11 -8.97 11.65
C ASP B 174 17.21 -8.09 12.90
N THR B 175 16.25 -7.23 13.10
CA THR B 175 16.23 -6.33 14.30
C THR B 175 17.61 -5.70 14.57
N ALA B 176 18.38 -6.26 15.47
CA ALA B 176 19.71 -5.65 15.79
C ALA B 176 20.69 -6.68 16.36
N GLY B 177 21.59 -7.17 15.56
CA GLY B 177 22.59 -8.14 16.07
C GLY B 177 23.73 -7.38 16.75
N SER B 178 23.87 -6.12 16.45
CA SER B 178 24.95 -5.29 17.07
C SER B 178 24.52 -4.81 18.46
N ILE B 179 23.25 -4.83 18.75
CA ILE B 179 22.77 -4.37 20.09
C ILE B 179 23.04 -5.44 21.15
N GLY B 180 23.27 -6.66 20.74
CA GLY B 180 23.52 -7.76 21.72
C GLY B 180 24.58 -7.34 22.75
N ALA B 181 25.43 -6.42 22.40
CA ALA B 181 26.49 -5.98 23.38
C ALA B 181 25.88 -5.08 24.47
N GLY B 182 25.20 -4.03 24.08
CA GLY B 182 24.61 -3.10 25.08
C GLY B 182 23.73 -3.87 26.07
N ALA B 183 23.23 -5.02 25.69
CA ALA B 183 22.35 -5.79 26.62
C ALA B 183 23.19 -6.74 27.48
N LEU B 184 24.41 -7.01 27.11
CA LEU B 184 25.25 -7.94 27.92
C LEU B 184 25.57 -7.33 29.29
N THR B 185 26.32 -6.25 29.30
CA THR B 185 26.67 -5.60 30.61
C THR B 185 25.39 -5.23 31.38
N GLY B 186 24.29 -5.08 30.69
CA GLY B 186 23.03 -4.71 31.39
C GLY B 186 22.64 -5.81 32.36
N ALA B 187 22.96 -7.04 32.04
CA ALA B 187 22.61 -8.18 32.95
C ALA B 187 23.74 -8.42 33.95
N LEU B 188 24.96 -8.10 33.57
CA LEU B 188 26.11 -8.32 34.50
C LEU B 188 25.92 -7.51 35.79
N PHE B 189 25.57 -6.26 35.66
CA PHE B 189 25.37 -5.42 36.88
C PHE B 189 24.10 -5.84 37.62
N LYS B 190 23.18 -6.47 36.95
CA LYS B 190 21.93 -6.92 37.62
C LYS B 190 22.25 -7.96 38.71
N SER B 191 23.27 -8.74 38.51
CA SER B 191 23.64 -9.77 39.52
C SER B 191 25.01 -9.45 40.12
N SER B 192 25.08 -9.28 41.41
CA SER B 192 26.38 -8.97 42.06
C SER B 192 26.28 -9.14 43.58
N LYS B 193 25.83 -10.28 44.03
CA LYS B 193 25.70 -10.51 45.50
C LYS B 193 26.42 -11.80 45.90
N GLY B 194 27.40 -12.21 45.13
CA GLY B 194 28.14 -13.46 45.46
C GLY B 194 28.19 -14.35 44.23
N LEU B 195 27.32 -15.34 44.15
CA LEU B 195 27.32 -16.25 42.98
C LEU B 195 26.98 -15.46 41.71
N LYS B 196 27.58 -15.80 40.61
CA LYS B 196 27.29 -15.07 39.34
C LYS B 196 26.33 -15.88 38.46
N PRO B 197 25.07 -15.51 38.50
CA PRO B 197 24.04 -16.22 37.69
C PRO B 197 24.20 -15.86 36.20
N MET B 198 24.59 -14.66 35.91
CA MET B 198 24.77 -14.25 34.48
C MET B 198 25.79 -15.14 33.79
N GLY B 199 26.64 -15.80 34.56
CA GLY B 199 27.67 -16.68 33.94
C GLY B 199 26.98 -17.81 33.16
N TYR B 200 26.14 -18.57 33.82
CA TYR B 200 25.44 -19.68 33.13
C TYR B 200 24.20 -19.16 32.40
N SER B 201 23.70 -18.02 32.79
CA SER B 201 22.49 -17.46 32.11
C SER B 201 22.87 -16.85 30.76
N SER B 202 24.12 -16.49 30.58
CA SER B 202 24.53 -15.88 29.28
C SER B 202 24.27 -16.86 28.12
N ALA B 203 24.57 -18.12 28.33
CA ALA B 203 24.32 -19.12 27.25
C ALA B 203 22.88 -19.05 26.77
N MET B 204 21.98 -18.60 27.61
CA MET B 204 20.55 -18.49 27.20
C MET B 204 20.37 -17.33 26.22
N VAL B 205 20.87 -16.16 26.55
CA VAL B 205 20.73 -15.00 25.64
C VAL B 205 21.66 -15.19 24.43
N ALA B 206 22.76 -15.86 24.62
CA ALA B 206 23.71 -16.08 23.49
C ALA B 206 23.01 -16.88 22.39
N ALA B 207 22.26 -17.88 22.75
CA ALA B 207 21.55 -18.69 21.72
C ALA B 207 20.57 -17.80 20.94
N ALA B 208 20.06 -16.79 21.57
CA ALA B 208 19.11 -15.88 20.85
C ALA B 208 19.83 -15.20 19.68
N CYS B 209 21.12 -15.03 19.78
CA CYS B 209 21.88 -14.40 18.66
C CYS B 209 21.76 -15.27 17.41
N ALA B 210 21.74 -16.56 17.56
CA ALA B 210 21.61 -17.45 16.38
C ALA B 210 20.23 -17.28 15.73
N VAL B 211 19.18 -17.40 16.51
CA VAL B 211 17.80 -17.24 15.94
C VAL B 211 17.67 -15.87 15.26
N TRP B 212 18.16 -14.84 15.89
CA TRP B 212 18.07 -13.48 15.30
C TRP B 212 19.06 -13.36 14.15
N CYS B 213 20.29 -13.78 14.35
CA CYS B 213 21.29 -13.72 13.25
C CYS B 213 20.79 -14.54 12.05
N SER B 214 19.83 -15.40 12.29
CA SER B 214 19.27 -16.24 11.18
C SER B 214 18.94 -15.35 9.96
N VAL B 215 18.85 -14.05 10.16
CA VAL B 215 18.54 -13.13 9.03
C VAL B 215 19.36 -13.49 7.78
N LYS B 216 20.53 -14.08 7.97
CA LYS B 216 21.38 -14.46 6.81
C LYS B 216 21.64 -13.26 5.90
N LYS B 217 22.41 -13.44 4.86
CA LYS B 217 22.70 -12.31 3.94
C LYS B 217 21.94 -12.50 2.62
N ARG B 218 20.63 -12.42 2.67
CA ARG B 218 19.83 -12.59 1.42
C ARG B 218 19.29 -11.23 0.95
N LEU B 219 19.13 -10.30 1.86
CA LEU B 219 18.61 -8.96 1.47
C LEU B 219 19.77 -7.99 1.24
N LEU B 220 20.89 -8.22 1.89
CA LEU B 220 22.06 -7.30 1.71
C LEU B 220 22.71 -7.54 0.34
N GLU B 221 22.97 -8.76 0.00
CA GLU B 221 23.61 -9.05 -1.32
C GLU B 221 22.54 -9.09 -2.41
N LYS B 222 22.89 -8.69 -3.60
CA LYS B 222 21.91 -8.70 -4.72
C LYS B 222 21.56 -10.13 -5.11
N MET C 1 0.91 -1.37 7.31
CA MET C 1 0.51 -0.33 8.30
C MET C 1 -0.17 0.85 7.58
N LEU C 2 0.48 1.40 6.58
CA LEU C 2 -0.11 2.54 5.83
C LEU C 2 -1.19 2.04 4.87
N SER C 3 -2.31 1.61 5.38
CA SER C 3 -3.39 1.12 4.49
C SER C 3 -4.77 1.53 5.04
N LEU C 4 -5.62 2.06 4.21
CA LEU C 4 -6.97 2.48 4.68
C LEU C 4 -8.03 2.14 3.63
N ARG C 5 -9.18 1.68 4.06
CA ARG C 5 -10.25 1.33 3.10
C ARG C 5 -11.62 1.70 3.66
N GLN C 6 -12.32 2.60 3.02
CA GLN C 6 -13.66 3.00 3.52
C GLN C 6 -14.47 3.68 2.41
N SER C 7 -14.78 2.94 1.37
CA SER C 7 -15.57 3.55 0.24
C SER C 7 -16.12 2.44 -0.66
N ILE C 8 -17.39 2.18 -0.56
CA ILE C 8 -18.01 1.11 -1.42
C ILE C 8 -18.43 1.69 -2.77
N ARG C 9 -18.59 0.85 -3.76
CA ARG C 9 -18.99 1.34 -5.10
C ARG C 9 -19.53 0.18 -5.95
N PHE C 10 -20.42 0.46 -6.86
CA PHE C 10 -20.98 -0.62 -7.72
C PHE C 10 -20.18 -0.74 -9.02
N PHE C 11 -19.63 -1.90 -9.29
CA PHE C 11 -18.85 -2.08 -10.54
C PHE C 11 -19.08 -3.49 -11.11
N LYS C 12 -18.59 -3.75 -12.29
CA LYS C 12 -18.79 -5.09 -12.91
C LYS C 12 -17.63 -6.02 -12.53
N PRO C 13 -17.95 -7.28 -12.32
CA PRO C 13 -16.91 -8.27 -11.95
C PRO C 13 -16.05 -8.63 -13.17
N ALA C 14 -15.25 -7.71 -13.63
CA ALA C 14 -14.39 -7.99 -14.82
C ALA C 14 -12.91 -7.88 -14.44
N THR C 15 -12.35 -8.91 -13.86
CA THR C 15 -10.92 -8.86 -13.46
C THR C 15 -10.03 -8.66 -14.70
N ARG C 16 -9.99 -9.62 -15.58
CA ARG C 16 -9.15 -9.48 -16.81
C ARG C 16 -9.97 -9.85 -18.05
N THR C 17 -10.80 -8.95 -18.51
CA THR C 17 -11.62 -9.25 -19.71
C THR C 17 -10.98 -8.64 -20.96
N LEU C 18 -9.68 -8.54 -20.97
CA LEU C 18 -8.99 -7.95 -22.15
C LEU C 18 -7.54 -8.42 -22.21
N CYS C 19 -6.91 -8.33 -23.36
CA CYS C 19 -5.50 -8.79 -23.49
C CYS C 19 -4.68 -7.74 -24.26
N SER C 20 -4.77 -6.50 -23.86
CA SER C 20 -4.00 -5.43 -24.56
C SER C 20 -3.68 -4.29 -23.59
N SER C 21 -2.66 -3.52 -23.88
CA SER C 21 -2.29 -2.39 -22.98
C SER C 21 -1.64 -1.26 -23.78
N ARG C 22 -2.35 -0.70 -24.71
CA ARG C 22 -1.78 0.41 -25.53
C ARG C 22 -1.83 1.72 -24.74
N TYR C 23 -1.16 2.74 -25.23
CA TYR C 23 -1.16 4.04 -24.51
C TYR C 23 -1.37 5.19 -25.50
N LEU C 24 -2.59 5.60 -25.71
CA LEU C 24 -2.86 6.71 -26.67
C LEU C 24 -3.09 8.02 -25.90
N LEU C 25 -3.94 7.99 -24.91
CA LEU C 25 -4.23 9.22 -24.12
C LEU C 25 -3.10 9.48 -23.12
N MET A 1 -79.57 -12.24 -86.78
CA MET A 1 -79.29 -10.81 -86.51
C MET A 1 -80.50 -10.14 -85.88
N SER A 2 -81.61 -10.14 -86.57
CA SER A 2 -82.85 -9.49 -86.02
C SER A 2 -83.26 -10.20 -84.72
N TRP A 3 -84.14 -9.59 -83.96
CA TRP A 3 -84.60 -10.21 -82.69
C TRP A 3 -85.95 -10.90 -82.90
N LEU A 4 -86.76 -10.38 -83.77
CA LEU A 4 -88.10 -11.01 -84.02
C LEU A 4 -87.93 -12.32 -84.79
N PHE A 5 -86.84 -12.48 -85.50
CA PHE A 5 -86.63 -13.74 -86.27
C PHE A 5 -86.65 -14.95 -85.34
N GLY A 6 -86.42 -14.75 -84.07
CA GLY A 6 -86.43 -15.89 -83.12
C GLY A 6 -85.00 -16.27 -82.75
N ASP A 7 -84.21 -15.30 -82.35
CA ASP A 7 -82.79 -15.61 -81.99
C ASP A 7 -82.74 -16.60 -80.82
N LYS A 8 -81.95 -17.63 -80.94
CA LYS A 8 -81.86 -18.64 -79.84
C LYS A 8 -81.37 -17.97 -78.55
N THR A 9 -81.10 -18.75 -77.54
CA THR A 9 -80.62 -18.16 -76.25
C THR A 9 -79.41 -17.24 -76.50
N PRO A 10 -79.49 -16.03 -76.01
CA PRO A 10 -78.37 -15.07 -76.18
C PRO A 10 -77.20 -15.44 -75.27
N THR A 11 -76.05 -15.70 -75.84
CA THR A 11 -74.86 -16.06 -75.02
C THR A 11 -73.85 -14.92 -75.00
N ASP A 12 -74.30 -13.71 -75.23
CA ASP A 12 -73.36 -12.56 -75.24
C ASP A 12 -73.71 -11.60 -74.09
N ASP A 13 -74.93 -11.13 -74.04
CA ASP A 13 -75.32 -10.19 -72.95
C ASP A 13 -75.21 -10.89 -71.60
N ALA A 14 -75.81 -12.04 -71.46
CA ALA A 14 -75.75 -12.78 -70.16
C ALA A 14 -74.29 -13.17 -69.85
N ASN A 15 -73.51 -13.40 -70.86
CA ASN A 15 -72.08 -13.77 -70.63
C ASN A 15 -71.17 -12.56 -70.81
N ALA A 16 -71.72 -11.37 -70.84
CA ALA A 16 -70.88 -10.16 -71.01
C ALA A 16 -70.18 -9.81 -69.69
N ALA A 17 -70.95 -9.60 -68.66
CA ALA A 17 -70.35 -9.25 -67.33
C ALA A 17 -69.37 -8.08 -67.48
N VAL A 18 -69.69 -7.13 -68.31
CA VAL A 18 -68.78 -5.97 -68.50
C VAL A 18 -69.52 -4.66 -68.19
N GLY A 19 -70.43 -4.69 -67.25
CA GLY A 19 -71.18 -3.45 -66.90
C GLY A 19 -72.68 -3.76 -66.89
N GLY A 20 -73.20 -4.22 -65.78
CA GLY A 20 -74.65 -4.54 -65.70
C GLY A 20 -75.23 -3.98 -64.40
N GLN A 21 -76.05 -2.97 -64.47
CA GLN A 21 -76.65 -2.39 -63.25
C GLN A 21 -77.92 -3.13 -62.87
N ASP A 22 -77.85 -4.43 -62.73
CA ASP A 22 -79.06 -5.22 -62.37
C ASP A 22 -79.30 -5.15 -60.86
N THR A 23 -78.26 -5.19 -60.07
CA THR A 23 -78.44 -5.13 -58.59
C THR A 23 -78.19 -3.70 -58.08
N THR A 24 -78.53 -3.44 -56.85
CA THR A 24 -78.31 -2.07 -56.30
C THR A 24 -76.96 -1.98 -55.60
N LYS A 25 -76.36 -3.09 -55.27
CA LYS A 25 -75.03 -3.07 -54.57
C LYS A 25 -74.00 -2.35 -55.44
N PRO A 26 -73.14 -1.59 -54.80
CA PRO A 26 -72.08 -0.85 -55.53
C PRO A 26 -71.00 -1.80 -56.03
N LYS A 27 -70.72 -2.83 -55.28
CA LYS A 27 -69.66 -3.81 -55.69
C LYS A 27 -68.36 -3.08 -56.02
N GLU A 28 -67.64 -2.63 -55.02
CA GLU A 28 -66.36 -1.92 -55.27
C GLU A 28 -65.17 -2.86 -55.08
N LEU A 29 -65.36 -3.93 -54.34
CA LEU A 29 -64.24 -4.88 -54.12
C LEU A 29 -63.69 -5.39 -55.45
N SER A 30 -64.51 -5.41 -56.47
CA SER A 30 -64.05 -5.90 -57.80
C SER A 30 -63.00 -4.93 -58.38
N LEU A 31 -63.10 -3.67 -58.04
CA LEU A 31 -62.13 -2.67 -58.57
C LEU A 31 -60.71 -3.02 -58.09
N LYS A 32 -60.61 -3.67 -56.97
CA LYS A 32 -59.26 -4.03 -56.44
C LYS A 32 -58.51 -4.92 -57.44
N GLN A 33 -59.23 -5.71 -58.20
CA GLN A 33 -58.56 -6.60 -59.19
C GLN A 33 -57.98 -5.77 -60.34
N SER A 34 -58.72 -4.80 -60.81
CA SER A 34 -58.20 -3.95 -61.93
C SER A 34 -56.99 -3.13 -61.46
N LEU A 35 -56.86 -2.92 -60.18
CA LEU A 35 -55.70 -2.14 -59.65
C LEU A 35 -54.38 -2.79 -60.07
N GLY A 36 -54.32 -4.10 -60.03
CA GLY A 36 -53.06 -4.80 -60.42
C GLY A 36 -52.24 -5.13 -59.17
N PHE A 37 -52.50 -4.45 -58.09
CA PHE A 37 -51.73 -4.73 -56.83
C PHE A 37 -52.50 -5.75 -55.97
N GLU A 38 -51.94 -6.92 -55.80
CA GLU A 38 -52.63 -7.96 -54.97
C GLU A 38 -51.96 -8.07 -53.60
N PRO A 39 -52.78 -8.07 -52.57
CA PRO A 39 -52.24 -8.17 -51.19
C PRO A 39 -51.78 -9.61 -50.89
N ASN A 40 -52.03 -10.53 -51.79
CA ASN A 40 -51.62 -11.94 -51.54
C ASN A 40 -50.09 -12.08 -51.63
N ILE A 41 -49.51 -11.59 -52.70
CA ILE A 41 -48.02 -11.70 -52.85
C ILE A 41 -47.31 -10.97 -51.70
N ASN A 42 -47.99 -10.03 -51.08
CA ASN A 42 -47.35 -9.29 -49.94
C ASN A 42 -47.01 -10.25 -48.80
N ASN A 43 -47.72 -11.33 -48.69
CA ASN A 43 -47.43 -12.31 -47.60
C ASN A 43 -46.03 -12.92 -47.78
N ILE A 44 -45.57 -12.99 -48.99
CA ILE A 44 -44.22 -13.58 -49.24
C ILE A 44 -43.14 -12.69 -48.61
N ILE A 45 -43.41 -11.42 -48.47
CA ILE A 45 -42.40 -10.50 -47.86
C ILE A 45 -42.82 -10.14 -46.43
N SER A 46 -43.51 -11.04 -45.77
CA SER A 46 -43.94 -10.76 -44.36
C SER A 46 -43.22 -11.69 -43.40
N GLY A 47 -42.00 -12.05 -43.70
CA GLY A 47 -41.24 -12.96 -42.80
C GLY A 47 -40.82 -12.20 -41.53
N PRO A 48 -41.10 -12.78 -40.39
CA PRO A 48 -40.74 -12.13 -39.11
C PRO A 48 -39.23 -12.20 -38.87
N GLY A 49 -38.71 -11.36 -38.02
CA GLY A 49 -37.24 -11.37 -37.76
C GLY A 49 -36.61 -10.09 -38.31
N GLY A 50 -35.32 -9.96 -38.17
CA GLY A 50 -34.64 -8.73 -38.70
C GLY A 50 -34.57 -7.68 -37.58
N MET A 51 -34.56 -6.42 -37.95
CA MET A 51 -34.50 -5.34 -36.92
C MET A 51 -33.19 -5.43 -36.12
N HIS A 52 -32.40 -4.40 -36.13
CA HIS A 52 -31.11 -4.43 -35.37
C HIS A 52 -31.21 -3.55 -34.13
N VAL A 53 -30.34 -3.75 -33.17
CA VAL A 53 -30.37 -2.92 -31.94
C VAL A 53 -28.95 -2.61 -31.47
N ASP A 54 -28.70 -1.38 -31.10
CA ASP A 54 -27.33 -1.01 -30.63
C ASP A 54 -26.28 -1.41 -31.66
N THR A 55 -25.98 -0.55 -32.59
CA THR A 55 -24.96 -0.88 -33.64
C THR A 55 -23.55 -0.50 -33.15
N ALA A 56 -23.41 -0.11 -31.92
CA ALA A 56 -22.06 0.28 -31.40
C ALA A 56 -21.08 -0.88 -31.60
N ARG A 57 -21.55 -2.09 -31.66
CA ARG A 57 -20.64 -3.25 -31.86
C ARG A 57 -20.14 -3.28 -33.31
N LEU A 58 -21.01 -3.09 -34.25
CA LEU A 58 -20.58 -3.12 -35.69
C LEU A 58 -20.00 -1.76 -36.09
N HIS A 59 -20.45 -0.70 -35.46
CA HIS A 59 -19.91 0.65 -35.80
C HIS A 59 -18.41 0.72 -35.51
N PRO A 60 -17.64 0.94 -36.54
CA PRO A 60 -16.16 1.03 -36.37
C PRO A 60 -15.78 2.33 -35.67
N LEU A 61 -14.56 2.42 -35.19
CA LEU A 61 -14.11 3.65 -34.48
C LEU A 61 -15.09 4.02 -33.36
N ALA A 62 -15.32 3.11 -32.45
CA ALA A 62 -16.27 3.40 -31.32
C ALA A 62 -15.60 4.31 -30.29
N GLY A 63 -14.32 4.13 -30.07
CA GLY A 63 -13.62 4.99 -29.07
C GLY A 63 -13.46 4.23 -27.75
N LEU A 64 -13.38 2.93 -27.82
CA LEU A 64 -13.24 2.13 -26.57
C LEU A 64 -11.76 2.07 -26.15
N ASP A 65 -10.86 2.36 -27.05
CA ASP A 65 -9.41 2.34 -26.69
C ASP A 65 -9.11 3.37 -25.60
N LYS A 66 -9.90 4.40 -25.50
CA LYS A 66 -9.66 5.44 -24.46
C LYS A 66 -9.70 4.81 -23.06
N GLY A 67 -10.53 3.80 -22.88
CA GLY A 67 -10.62 3.14 -21.55
C GLY A 67 -9.46 2.17 -21.38
N VAL A 68 -9.02 1.57 -22.45
CA VAL A 68 -7.88 0.60 -22.36
C VAL A 68 -6.61 1.33 -21.89
N GLU A 69 -6.51 2.59 -22.18
CA GLU A 69 -5.29 3.36 -21.77
C GLU A 69 -5.25 3.50 -20.24
N TYR A 70 -6.31 4.00 -19.65
CA TYR A 70 -6.32 4.16 -18.17
C TYR A 70 -6.54 2.80 -17.48
N LEU A 71 -6.80 1.76 -18.24
CA LEU A 71 -7.02 0.42 -17.63
C LEU A 71 -5.80 0.00 -16.81
N ASP A 72 -4.65 -0.08 -17.42
CA ASP A 72 -3.42 -0.49 -16.68
C ASP A 72 -2.72 0.74 -16.08
N LEU A 73 -2.93 1.89 -16.65
CA LEU A 73 -2.28 3.12 -16.11
C LEU A 73 -2.71 3.35 -14.66
N GLU A 74 -3.97 3.25 -14.37
CA GLU A 74 -4.46 3.47 -12.98
C GLU A 74 -4.33 2.19 -12.16
N GLU A 75 -4.38 1.05 -12.80
CA GLU A 75 -4.27 -0.24 -12.05
C GLU A 75 -2.92 -0.31 -11.32
N GLU A 76 -1.87 0.12 -11.95
CA GLU A 76 -0.53 0.08 -11.29
C GLU A 76 -0.32 1.33 -10.43
N GLN A 77 -1.22 2.27 -10.48
CA GLN A 77 -1.06 3.51 -9.66
C GLN A 77 -0.99 3.17 -8.18
N LEU A 78 -1.94 2.41 -7.69
CA LEU A 78 -1.94 2.04 -6.25
C LEU A 78 -0.90 0.93 -5.99
N SER A 79 -0.60 0.14 -6.99
CA SER A 79 0.39 -0.95 -6.81
C SER A 79 1.75 -0.37 -6.39
N SER A 80 2.18 0.68 -7.04
CA SER A 80 3.50 1.29 -6.68
C SER A 80 3.36 2.12 -5.40
N LEU A 81 2.18 2.57 -5.09
CA LEU A 81 1.99 3.39 -3.86
C LEU A 81 2.40 2.59 -2.62
N GLU A 82 1.86 1.41 -2.46
CA GLU A 82 2.21 0.58 -1.28
C GLU A 82 3.61 -0.05 -1.46
N GLY A 83 3.83 -0.67 -2.59
CA GLY A 83 5.17 -1.29 -2.83
C GLY A 83 5.39 -2.43 -1.84
N SER A 84 4.93 -3.61 -2.16
CA SER A 84 5.11 -4.77 -1.24
C SER A 84 6.33 -5.60 -1.67
N GLN A 85 6.57 -5.70 -2.95
CA GLN A 85 7.74 -6.48 -3.42
C GLN A 85 9.03 -5.69 -3.24
N GLY A 86 8.96 -4.40 -3.39
CA GLY A 86 10.19 -3.56 -3.22
C GLY A 86 10.64 -3.61 -1.75
N LEU A 87 10.26 -2.63 -0.98
CA LEU A 87 10.67 -2.62 0.46
C LEU A 87 9.44 -2.43 1.36
N ILE A 88 9.65 -2.20 2.63
CA ILE A 88 8.50 -2.01 3.56
C ILE A 88 9.00 -1.42 4.89
N PRO A 89 8.60 -0.19 5.16
CA PRO A 89 9.02 0.47 6.42
C PRO A 89 8.29 -0.14 7.62
N SER A 90 7.12 -0.68 7.41
CA SER A 90 6.35 -1.29 8.54
C SER A 90 7.17 -2.41 9.20
N ARG A 91 8.11 -2.96 8.48
CA ARG A 91 8.94 -4.07 9.06
C ARG A 91 10.18 -3.49 9.74
N GLY A 92 10.62 -4.09 10.82
CA GLY A 92 11.83 -3.59 11.54
C GLY A 92 11.42 -2.95 12.86
N TRP A 93 10.30 -3.35 13.41
CA TRP A 93 9.85 -2.77 14.71
C TRP A 93 9.89 -1.23 14.65
N THR A 94 9.76 -0.67 13.48
CA THR A 94 9.82 0.82 13.36
C THR A 94 8.42 1.38 13.08
N ASP A 95 7.40 0.78 13.63
CA ASP A 95 6.02 1.31 13.40
C ASP A 95 5.91 2.75 13.91
N ASP A 96 6.77 3.12 14.82
CA ASP A 96 6.73 4.51 15.37
C ASP A 96 7.25 5.51 14.34
N LEU A 97 7.91 5.04 13.31
CA LEU A 97 8.45 5.97 12.27
C LEU A 97 7.39 6.98 11.84
N CYS A 98 6.15 6.59 11.84
CA CYS A 98 5.06 7.54 11.44
C CYS A 98 4.96 8.67 12.47
N TYR A 99 5.23 8.38 13.71
CA TYR A 99 5.15 9.44 14.76
C TYR A 99 6.51 9.62 15.44
N GLY A 100 7.58 9.32 14.74
CA GLY A 100 8.93 9.47 15.34
C GLY A 100 9.98 8.86 14.39
N THR A 101 10.84 8.02 14.90
CA THR A 101 11.87 7.40 14.04
C THR A 101 12.26 6.02 14.58
N GLY A 102 11.35 5.37 15.27
CA GLY A 102 11.67 4.02 15.83
C GLY A 102 12.79 4.14 16.85
N ALA A 103 12.66 5.06 17.78
CA ALA A 103 13.73 5.22 18.81
C ALA A 103 13.67 4.08 19.85
N VAL A 104 12.66 3.25 19.78
CA VAL A 104 12.55 2.13 20.75
C VAL A 104 13.83 1.28 20.73
N TYR A 105 14.38 1.05 19.57
CA TYR A 105 15.63 0.24 19.48
C TYR A 105 16.77 0.92 20.25
N LEU A 106 17.12 2.12 19.86
CA LEU A 106 18.23 2.84 20.56
C LEU A 106 17.81 3.23 21.97
N LEU A 107 16.66 3.84 22.12
CA LEU A 107 16.20 4.25 23.48
C LEU A 107 16.21 3.05 24.43
N GLY A 108 16.14 1.85 23.90
CA GLY A 108 16.15 0.65 24.78
C GLY A 108 17.58 0.23 25.06
N LEU A 109 18.52 0.65 24.25
CA LEU A 109 19.94 0.27 24.48
C LEU A 109 20.47 0.95 25.74
N GLY A 110 20.23 2.23 25.88
CA GLY A 110 20.71 2.96 27.10
C GLY A 110 20.05 2.40 28.35
N ILE A 111 18.95 1.72 28.20
CA ILE A 111 18.26 1.14 29.39
C ILE A 111 19.18 0.15 30.12
N GLY A 112 20.06 -0.47 29.39
CA GLY A 112 21.00 -1.45 30.03
C GLY A 112 21.96 -0.72 30.96
N GLY A 113 22.22 0.54 30.70
CA GLY A 113 23.15 1.31 31.57
C GLY A 113 22.38 1.98 32.71
N PHE A 114 21.13 2.28 32.50
CA PHE A 114 20.32 2.93 33.56
C PHE A 114 19.77 1.88 34.53
N SER A 115 19.46 0.71 34.04
CA SER A 115 18.92 -0.36 34.94
C SER A 115 20.07 -1.17 35.56
N GLY A 116 21.19 -1.22 34.91
CA GLY A 116 22.35 -2.00 35.45
C GLY A 116 22.85 -1.32 36.73
N MET A 117 23.01 -0.02 36.71
CA MET A 117 23.51 0.69 37.92
C MET A 117 22.65 0.35 39.15
N MET A 118 21.44 -0.11 38.94
CA MET A 118 20.56 -0.46 40.09
C MET A 118 21.26 -1.46 41.02
N GLN A 119 21.68 -2.58 40.51
CA GLN A 119 22.36 -3.59 41.37
C GLN A 119 23.86 -3.33 41.43
N GLY A 120 24.42 -2.76 40.39
CA GLY A 120 25.88 -2.49 40.39
C GLY A 120 26.21 -1.42 41.43
N LEU A 121 25.23 -0.68 41.88
CA LEU A 121 25.50 0.38 42.89
C LEU A 121 26.05 -0.24 44.18
N GLN A 122 25.68 -1.46 44.48
CA GLN A 122 26.18 -2.13 45.71
C GLN A 122 27.60 -2.66 45.49
N ASN A 123 27.95 -2.95 44.27
CA ASN A 123 29.31 -3.48 43.99
C ASN A 123 30.37 -2.38 44.20
N ILE A 124 29.95 -1.15 44.25
CA ILE A 124 30.93 -0.03 44.46
C ILE A 124 30.88 0.46 45.91
N PRO A 125 31.94 1.10 46.33
CA PRO A 125 32.02 1.61 47.71
C PRO A 125 31.11 2.85 47.88
N PRO A 126 30.97 3.30 49.10
CA PRO A 126 30.12 4.47 49.37
C PRO A 126 30.79 5.75 48.86
N ASN A 127 30.51 6.14 47.66
CA ASN A 127 31.14 7.38 47.09
C ASN A 127 30.11 8.52 47.05
N SER A 128 28.84 8.20 47.09
CA SER A 128 27.81 9.27 47.06
C SER A 128 27.61 9.86 48.46
N PRO A 129 27.60 11.17 48.54
CA PRO A 129 27.42 11.84 49.85
C PRO A 129 25.96 11.72 50.32
N GLY A 130 25.75 11.68 51.61
CA GLY A 130 24.36 11.55 52.13
C GLY A 130 24.16 10.15 52.71
N LYS A 131 24.80 9.17 52.13
CA LYS A 131 24.66 7.78 52.64
C LYS A 131 25.77 7.45 53.65
N LEU A 132 26.37 8.46 54.24
CA LEU A 132 27.45 8.21 55.22
C LEU A 132 26.87 7.72 56.56
N GLN A 133 25.62 8.05 56.82
CA GLN A 133 25.00 7.60 58.10
C GLN A 133 25.09 6.08 58.25
N LEU A 134 25.23 5.38 57.16
CA LEU A 134 25.33 3.89 57.23
C LEU A 134 26.59 3.48 58.00
N ASN A 135 27.52 4.38 58.17
CA ASN A 135 28.78 4.05 58.92
C ASN A 135 28.45 3.48 60.30
N THR A 136 27.29 3.80 60.82
CA THR A 136 26.90 3.27 62.17
C THR A 136 26.79 1.74 62.13
N VAL A 137 26.18 1.21 61.12
CA VAL A 137 26.03 -0.27 61.02
C VAL A 137 27.23 -0.88 60.28
N LEU A 138 27.94 -0.08 59.51
CA LEU A 138 29.12 -0.62 58.77
C LEU A 138 30.16 -1.16 59.76
N ASN A 139 30.40 -0.47 60.84
CA ASN A 139 31.40 -0.94 61.83
C ASN A 139 30.88 -2.19 62.56
N HIS A 140 29.78 -2.06 63.25
CA HIS A 140 29.21 -3.23 63.98
C HIS A 140 27.72 -3.04 64.22
N ILE A 141 27.01 -4.08 64.56
CA ILE A 141 25.55 -3.96 64.81
C ILE A 141 25.18 -4.64 66.13
N THR A 142 25.02 -3.87 67.18
CA THR A 142 24.66 -4.48 68.49
C THR A 142 23.29 -5.14 68.41
N LYS A 143 22.24 -4.36 68.36
CA LYS A 143 20.87 -4.95 68.27
C LYS A 143 20.67 -5.65 66.93
N ARG A 144 19.50 -6.15 66.68
CA ARG A 144 19.24 -6.84 65.38
C ARG A 144 18.95 -5.82 64.28
N GLY A 145 19.88 -4.95 64.01
CA GLY A 145 19.65 -3.93 62.95
C GLY A 145 19.89 -4.56 61.57
N PRO A 146 18.88 -4.55 60.74
CA PRO A 146 19.00 -5.14 59.39
C PRO A 146 19.85 -4.23 58.49
N PHE A 147 20.57 -4.82 57.57
CA PHE A 147 21.42 -4.00 56.65
C PHE A 147 20.97 -4.20 55.20
N LEU A 148 19.74 -4.57 55.00
CA LEU A 148 19.24 -4.76 53.61
C LEU A 148 18.52 -3.50 53.12
N GLY A 149 19.04 -2.87 52.10
CA GLY A 149 18.39 -1.63 51.57
C GLY A 149 17.11 -2.01 50.84
N ASN A 150 16.01 -1.37 51.16
CA ASN A 150 14.73 -1.69 50.47
C ASN A 150 14.43 -0.63 49.41
N ASN A 151 14.81 0.59 49.65
CA ASN A 151 14.54 1.67 48.65
C ASN A 151 15.25 1.36 47.32
N ALA A 152 16.28 0.56 47.36
CA ALA A 152 17.01 0.21 46.11
C ALA A 152 16.14 -0.64 45.20
N GLY A 153 15.58 -1.70 45.72
CA GLY A 153 14.71 -2.58 44.88
C GLY A 153 13.47 -1.80 44.44
N ILE A 154 13.02 -0.88 45.25
CA ILE A 154 11.81 -0.09 44.88
C ILE A 154 12.16 0.93 43.79
N LEU A 155 13.40 1.27 43.65
CA LEU A 155 13.80 2.27 42.61
C LEU A 155 13.60 1.67 41.21
N ALA A 156 13.74 0.38 41.08
CA ALA A 156 13.57 -0.26 39.75
C ALA A 156 12.11 -0.15 39.28
N LEU A 157 11.22 0.20 40.16
CA LEU A 157 9.78 0.33 39.77
C LEU A 157 9.52 1.74 39.22
N SER A 158 9.99 2.75 39.89
CA SER A 158 9.76 4.14 39.40
C SER A 158 10.48 4.38 38.07
N TYR A 159 11.53 3.64 37.82
CA TYR A 159 12.27 3.82 36.54
C TYR A 159 11.43 3.35 35.35
N ASN A 160 10.48 2.47 35.60
CA ASN A 160 9.62 1.97 34.49
C ASN A 160 8.42 2.89 34.29
N ILE A 161 8.05 3.64 35.29
CA ILE A 161 6.88 4.56 35.16
C ILE A 161 7.31 5.88 34.52
N ILE A 162 8.54 6.28 34.73
CA ILE A 162 9.03 7.56 34.13
C ILE A 162 9.32 7.37 32.65
N ASN A 163 9.67 6.19 32.24
CA ASN A 163 9.97 5.94 30.81
C ASN A 163 8.70 5.59 30.03
N SER A 164 7.67 5.20 30.73
CA SER A 164 6.38 4.84 30.04
C SER A 164 5.86 6.04 29.24
N THR A 165 6.29 7.23 29.58
CA THR A 165 5.81 8.44 28.83
C THR A 165 6.47 8.52 27.46
N ILE A 166 7.77 8.44 27.41
CA ILE A 166 8.47 8.51 26.09
C ILE A 166 7.89 7.45 25.15
N ASP A 167 7.52 6.32 25.69
CA ASP A 167 6.94 5.23 24.85
C ASP A 167 5.41 5.35 24.78
N ALA A 168 4.79 5.91 25.79
CA ALA A 168 3.29 6.04 25.78
C ALA A 168 2.82 6.66 24.46
N LEU A 169 3.56 7.62 23.96
CA LEU A 169 3.16 8.28 22.67
C LEU A 169 3.52 7.39 21.47
N ARG A 170 3.72 6.11 21.67
CA ARG A 170 4.07 5.21 20.53
C ARG A 170 3.13 5.41 19.34
N GLY A 171 1.85 5.18 19.52
CA GLY A 171 0.90 5.37 18.39
C GLY A 171 -0.25 4.36 18.47
N LYS A 172 -0.83 4.00 17.36
CA LYS A 172 -1.97 3.02 17.36
C LYS A 172 -1.47 1.60 17.62
N HIS A 173 -1.82 1.03 18.74
CA HIS A 173 -1.37 -0.36 19.05
C HIS A 173 -2.58 -1.32 19.02
N ASP A 174 -2.42 -2.48 18.45
CA ASP A 174 -3.54 -3.47 18.40
C ASP A 174 -3.06 -4.86 18.86
N THR A 175 -2.19 -4.89 19.84
CA THR A 175 -1.65 -6.20 20.33
C THR A 175 -2.74 -7.05 21.01
N ALA A 176 -2.83 -7.03 22.32
CA ALA A 176 -3.86 -7.88 23.01
C ALA A 176 -4.14 -7.40 24.43
N GLY A 177 -5.25 -6.76 24.64
CA GLY A 177 -5.62 -6.30 26.02
C GLY A 177 -6.27 -7.47 26.78
N SER A 178 -6.79 -8.43 26.06
CA SER A 178 -7.45 -9.59 26.72
C SER A 178 -6.41 -10.64 27.16
N ILE A 179 -5.22 -10.58 26.61
CA ILE A 179 -4.17 -11.56 27.00
C ILE A 179 -3.58 -11.22 28.37
N GLY A 180 -3.77 -10.01 28.83
CA GLY A 180 -3.22 -9.59 30.15
C GLY A 180 -3.56 -10.63 31.23
N ALA A 181 -4.61 -11.39 31.04
CA ALA A 181 -4.98 -12.40 32.07
C ALA A 181 -4.06 -13.64 31.98
N GLY A 182 -3.93 -14.21 30.81
CA GLY A 182 -3.08 -15.43 30.66
C GLY A 182 -1.67 -15.16 31.21
N ALA A 183 -1.26 -13.93 31.26
CA ALA A 183 0.11 -13.62 31.78
C ALA A 183 0.07 -13.37 33.29
N LEU A 184 -1.09 -13.11 33.85
CA LEU A 184 -1.17 -12.86 35.32
C LEU A 184 -0.76 -14.10 36.11
N THR A 185 -1.52 -15.17 36.00
CA THR A 185 -1.18 -16.41 36.77
C THR A 185 0.21 -16.91 36.37
N GLY A 186 0.70 -16.51 35.22
CA GLY A 186 2.04 -16.97 34.77
C GLY A 186 3.10 -16.49 35.76
N ALA A 187 2.88 -15.36 36.38
CA ALA A 187 3.88 -14.82 37.35
C ALA A 187 3.58 -15.35 38.75
N LEU A 188 2.35 -15.70 39.02
CA LEU A 188 1.98 -16.22 40.38
C LEU A 188 2.76 -17.51 40.68
N PHE A 189 2.70 -18.47 39.80
CA PHE A 189 3.43 -19.75 40.03
C PHE A 189 4.94 -19.49 40.14
N LYS A 190 5.40 -18.40 39.60
CA LYS A 190 6.87 -18.09 39.68
C LYS A 190 7.32 -17.99 41.13
N SER A 191 6.43 -17.61 42.02
CA SER A 191 6.80 -17.50 43.45
C SER A 191 5.70 -18.11 44.33
N SER A 192 5.81 -19.37 44.64
CA SER A 192 4.78 -20.03 45.48
C SER A 192 5.44 -20.84 46.61
N LYS A 193 6.62 -20.45 47.01
CA LYS A 193 7.31 -21.19 48.11
C LYS A 193 6.89 -20.64 49.47
N GLY A 194 6.62 -19.36 49.54
CA GLY A 194 6.21 -18.75 50.83
C GLY A 194 5.42 -17.47 50.56
N LEU A 195 6.01 -16.33 50.84
CA LEU A 195 5.30 -15.04 50.59
C LEU A 195 5.26 -14.74 49.09
N LYS A 196 4.22 -14.10 48.63
CA LYS A 196 4.12 -13.77 47.18
C LYS A 196 4.51 -12.31 46.93
N PRO A 197 5.71 -12.11 46.43
CA PRO A 197 6.18 -10.74 46.15
C PRO A 197 5.46 -10.16 44.93
N MET A 198 4.93 -11.01 44.09
CA MET A 198 4.21 -10.52 42.87
C MET A 198 3.04 -9.61 43.28
N GLY A 199 2.58 -9.73 44.50
CA GLY A 199 1.44 -8.87 44.96
C GLY A 199 1.76 -7.40 44.69
N TYR A 200 2.97 -6.99 44.96
CA TYR A 200 3.33 -5.56 44.72
C TYR A 200 3.88 -5.39 43.30
N SER A 201 4.44 -6.43 42.74
CA SER A 201 4.98 -6.33 41.35
C SER A 201 3.84 -6.24 40.34
N SER A 202 2.68 -6.72 40.70
CA SER A 202 1.51 -6.65 39.76
C SER A 202 1.26 -5.20 39.34
N ALA A 203 1.42 -4.27 40.25
CA ALA A 203 1.20 -2.85 39.91
C ALA A 203 2.10 -2.44 38.75
N MET A 204 3.22 -3.10 38.61
CA MET A 204 4.16 -2.77 37.48
C MET A 204 3.56 -3.25 36.16
N VAL A 205 3.11 -4.47 36.11
CA VAL A 205 2.50 -4.99 34.84
C VAL A 205 1.10 -4.39 34.66
N ALA A 206 0.43 -4.10 35.73
CA ALA A 206 -0.94 -3.51 35.63
C ALA A 206 -0.86 -2.17 34.88
N ALA A 207 0.12 -1.36 35.19
CA ALA A 207 0.25 -0.06 34.49
C ALA A 207 0.45 -0.29 32.99
N ALA A 208 1.07 -1.40 32.63
CA ALA A 208 1.28 -1.70 31.19
C ALA A 208 -0.06 -1.80 30.47
N CYS A 209 -1.10 -2.17 31.18
CA CYS A 209 -2.44 -2.28 30.54
C CYS A 209 -2.88 -0.91 30.02
N ALA A 210 -2.57 0.13 30.76
CA ALA A 210 -2.97 1.50 30.31
C ALA A 210 -2.22 1.89 29.03
N VAL A 211 -0.91 1.80 29.05
CA VAL A 211 -0.12 2.15 27.83
C VAL A 211 -0.64 1.37 26.62
N TRP A 212 -0.84 0.09 26.77
CA TRP A 212 -1.36 -0.73 25.64
C TRP A 212 -2.84 -0.38 25.40
N CYS A 213 -3.65 -0.49 26.42
CA CYS A 213 -5.10 -0.13 26.24
C CYS A 213 -5.24 1.26 25.64
N SER A 214 -4.20 2.06 25.69
CA SER A 214 -4.24 3.43 25.11
C SER A 214 -4.84 3.39 23.69
N VAL A 215 -4.88 2.21 23.08
CA VAL A 215 -5.46 2.07 21.70
C VAL A 215 -6.78 2.85 21.59
N LYS A 216 -7.49 2.99 22.68
CA LYS A 216 -8.79 3.74 22.63
C LYS A 216 -8.57 5.17 22.14
N LYS A 217 -9.48 5.69 21.37
CA LYS A 217 -9.32 7.08 20.86
C LYS A 217 -10.38 8.00 21.49
N ARG A 218 -10.17 9.29 21.44
CA ARG A 218 -11.16 10.22 22.04
C ARG A 218 -11.99 10.89 20.94
N LEU A 219 -11.45 10.98 19.75
CA LEU A 219 -12.20 11.61 18.63
C LEU A 219 -13.47 10.80 18.32
N LEU A 220 -13.52 9.57 18.76
CA LEU A 220 -14.73 8.72 18.48
C LEU A 220 -15.98 9.40 19.04
N GLU A 221 -15.84 10.21 20.05
CA GLU A 221 -17.03 10.90 20.64
C GLU A 221 -16.58 12.02 21.57
N LYS A 222 -15.97 11.70 22.67
CA LYS A 222 -15.51 12.75 23.62
C LYS A 222 -14.55 12.15 24.66
N MET B 1 -95.02 43.16 -52.82
CA MET B 1 -95.95 43.21 -53.98
C MET B 1 -96.69 44.55 -54.01
N SER B 2 -95.97 45.64 -53.86
CA SER B 2 -96.63 46.97 -53.87
C SER B 2 -95.99 47.87 -54.93
N TRP B 3 -95.53 47.29 -56.01
CA TRP B 3 -94.90 48.12 -57.09
C TRP B 3 -95.94 48.51 -58.14
N LEU B 4 -96.93 47.69 -58.35
CA LEU B 4 -97.97 48.02 -59.36
C LEU B 4 -98.80 49.23 -58.91
N PHE B 5 -99.13 49.29 -57.64
CA PHE B 5 -99.92 50.44 -57.13
C PHE B 5 -99.16 51.76 -57.34
N GLY B 6 -97.87 51.69 -57.50
CA GLY B 6 -97.07 52.93 -57.70
C GLY B 6 -96.19 53.17 -56.47
N ASP B 7 -96.63 52.74 -55.32
CA ASP B 7 -95.81 52.95 -54.09
C ASP B 7 -94.47 52.22 -54.21
N LYS B 8 -93.39 52.92 -54.03
CA LYS B 8 -92.05 52.25 -54.14
C LYS B 8 -91.89 51.21 -53.03
N THR B 9 -90.90 50.36 -53.13
CA THR B 9 -90.70 49.32 -52.08
C THR B 9 -90.36 49.99 -50.74
N PRO B 10 -91.16 49.70 -49.74
CA PRO B 10 -90.93 50.29 -48.40
C PRO B 10 -89.71 49.64 -47.73
N THR B 11 -89.09 50.32 -46.81
CA THR B 11 -87.89 49.74 -46.13
C THR B 11 -88.31 49.08 -44.80
N ASP B 12 -89.53 48.62 -44.72
CA ASP B 12 -90.00 47.96 -43.46
C ASP B 12 -89.63 46.48 -43.48
N ASP B 13 -90.09 45.76 -44.47
CA ASP B 13 -89.78 44.30 -44.55
C ASP B 13 -88.45 44.10 -45.29
N ALA B 14 -88.12 44.98 -46.18
CA ALA B 14 -86.84 44.84 -46.94
C ALA B 14 -85.65 44.93 -45.99
N ASN B 15 -85.82 45.55 -44.85
CA ASN B 15 -84.69 45.67 -43.88
C ASN B 15 -84.17 44.28 -43.50
N ALA B 16 -84.98 43.25 -43.66
CA ALA B 16 -84.53 41.88 -43.31
C ALA B 16 -83.78 41.24 -44.48
N ALA B 17 -83.56 41.98 -45.53
CA ALA B 17 -82.83 41.41 -46.71
C ALA B 17 -81.40 41.02 -46.31
N VAL B 18 -80.62 40.57 -47.24
CA VAL B 18 -79.21 40.18 -46.92
C VAL B 18 -78.22 41.10 -47.63
N GLY B 19 -78.64 41.77 -48.67
CA GLY B 19 -77.72 42.68 -49.40
C GLY B 19 -77.88 44.11 -48.86
N GLY B 20 -77.63 45.10 -49.68
CA GLY B 20 -77.77 46.51 -49.23
C GLY B 20 -76.38 47.12 -49.03
N GLN B 21 -75.44 46.34 -48.56
CA GLN B 21 -74.06 46.87 -48.34
C GLN B 21 -74.11 48.13 -47.47
N ASP B 22 -73.99 47.98 -46.18
CA ASP B 22 -74.01 49.17 -45.28
C ASP B 22 -72.61 49.48 -44.76
N THR B 23 -71.60 49.17 -45.53
CA THR B 23 -70.21 49.44 -45.08
C THR B 23 -69.74 50.81 -45.58
N THR B 24 -69.32 51.66 -44.69
CA THR B 24 -68.85 53.02 -45.11
C THR B 24 -67.37 53.21 -44.73
N LYS B 25 -66.64 52.14 -44.61
CA LYS B 25 -65.19 52.26 -44.26
C LYS B 25 -64.32 51.89 -45.46
N PRO B 26 -63.24 52.63 -45.63
CA PRO B 26 -62.32 52.35 -46.76
C PRO B 26 -61.50 51.09 -46.50
N LYS B 27 -61.18 50.82 -45.25
CA LYS B 27 -60.38 49.61 -44.92
C LYS B 27 -61.31 48.41 -44.71
N GLU B 28 -61.10 47.34 -45.43
CA GLU B 28 -61.97 46.14 -45.26
C GLU B 28 -61.19 45.01 -44.57
N LEU B 29 -59.90 44.97 -44.76
CA LEU B 29 -59.08 43.90 -44.12
C LEU B 29 -58.59 44.36 -42.75
N SER B 30 -58.94 45.55 -42.32
CA SER B 30 -58.48 46.04 -40.99
C SER B 30 -59.48 45.60 -39.91
N LEU B 31 -60.75 45.66 -40.19
CA LEU B 31 -61.76 45.26 -39.18
C LEU B 31 -61.86 43.73 -39.11
N LYS B 32 -61.49 43.05 -40.15
CA LYS B 32 -61.56 41.56 -40.14
C LYS B 32 -60.39 40.97 -39.36
N GLN B 33 -59.26 41.65 -39.38
CA GLN B 33 -58.08 41.13 -38.63
C GLN B 33 -58.21 41.44 -37.13
N SER B 34 -59.16 42.25 -36.76
CA SER B 34 -59.33 42.60 -35.32
C SER B 34 -59.54 41.33 -34.48
N LEU B 35 -60.17 40.33 -35.05
CA LEU B 35 -60.40 39.06 -34.29
C LEU B 35 -59.29 38.05 -34.62
N GLY B 36 -58.80 38.06 -35.83
CA GLY B 36 -57.73 37.10 -36.22
C GLY B 36 -58.37 35.77 -36.63
N PHE B 37 -59.56 35.81 -37.17
CA PHE B 37 -60.23 34.55 -37.60
C PHE B 37 -59.70 34.11 -38.97
N GLU B 38 -59.54 32.83 -39.16
CA GLU B 38 -59.01 32.33 -40.47
C GLU B 38 -59.24 30.82 -40.59
N PRO B 39 -60.28 30.45 -41.30
CA PRO B 39 -60.60 29.01 -41.49
C PRO B 39 -59.59 28.36 -42.42
N ASN B 40 -58.96 29.12 -43.28
CA ASN B 40 -57.96 28.54 -44.23
C ASN B 40 -56.85 27.83 -43.46
N ILE B 41 -56.67 28.17 -42.21
CA ILE B 41 -55.60 27.50 -41.41
C ILE B 41 -55.74 25.98 -41.47
N ASN B 42 -56.94 25.50 -41.68
CA ASN B 42 -57.14 24.02 -41.76
C ASN B 42 -56.41 23.44 -42.97
N ASN B 43 -56.09 24.26 -43.94
CA ASN B 43 -55.37 23.76 -45.14
C ASN B 43 -53.88 23.58 -44.85
N ILE B 44 -53.45 23.91 -43.67
CA ILE B 44 -52.00 23.75 -43.32
C ILE B 44 -51.57 22.29 -43.46
N ILE B 45 -52.50 21.38 -43.45
CA ILE B 45 -52.15 19.93 -43.58
C ILE B 45 -51.34 19.69 -44.86
N SER B 46 -51.49 20.55 -45.84
CA SER B 46 -50.71 20.37 -47.11
C SER B 46 -49.38 21.12 -47.03
N GLY B 47 -49.33 22.18 -46.27
CA GLY B 47 -48.06 22.96 -46.16
C GLY B 47 -46.99 22.09 -45.50
N PRO B 48 -45.88 22.70 -45.17
CA PRO B 48 -44.75 21.97 -44.54
C PRO B 48 -45.10 21.62 -43.09
N GLY B 49 -44.32 20.77 -42.47
CA GLY B 49 -44.61 20.39 -41.05
C GLY B 49 -43.36 19.76 -40.44
N GLY B 50 -43.50 18.58 -39.88
CA GLY B 50 -42.32 17.91 -39.26
C GLY B 50 -42.27 18.25 -37.76
N MET B 51 -41.43 17.57 -37.02
CA MET B 51 -41.34 17.85 -35.56
C MET B 51 -40.17 18.81 -35.28
N HIS B 52 -39.83 18.98 -34.03
CA HIS B 52 -38.70 19.90 -33.69
C HIS B 52 -37.48 19.10 -33.24
N VAL B 53 -36.44 19.77 -32.82
CA VAL B 53 -35.21 19.04 -32.37
C VAL B 53 -34.90 19.39 -30.91
N ASP B 54 -33.99 18.68 -30.30
CA ASP B 54 -33.63 18.97 -28.88
C ASP B 54 -32.19 19.50 -28.79
N THR B 55 -31.94 20.40 -27.89
CA THR B 55 -30.56 20.95 -27.74
C THR B 55 -29.66 19.96 -26.99
N ALA B 56 -30.24 19.06 -26.24
CA ALA B 56 -29.42 18.07 -25.48
C ALA B 56 -28.62 17.19 -26.45
N ARG B 57 -29.09 17.05 -27.66
CA ARG B 57 -28.36 16.20 -28.65
C ARG B 57 -27.21 16.98 -29.31
N LEU B 58 -27.11 18.27 -29.04
CA LEU B 58 -26.02 19.08 -29.66
C LEU B 58 -24.65 18.51 -29.25
N HIS B 59 -24.47 18.20 -28.00
CA HIS B 59 -23.16 17.65 -27.53
C HIS B 59 -22.90 16.28 -28.19
N PRO B 60 -21.90 16.24 -29.05
CA PRO B 60 -21.57 14.97 -29.73
C PRO B 60 -20.90 13.98 -28.76
N LEU B 61 -20.68 12.77 -29.19
CA LEU B 61 -20.03 11.77 -28.29
C LEU B 61 -19.08 10.88 -29.09
N ALA B 62 -17.83 10.82 -28.70
CA ALA B 62 -16.85 9.97 -29.44
C ALA B 62 -16.34 8.84 -28.55
N GLY B 63 -17.13 8.43 -27.58
CA GLY B 63 -16.69 7.33 -26.67
C GLY B 63 -15.46 7.79 -25.87
N LEU B 64 -15.40 9.05 -25.53
CA LEU B 64 -14.22 9.55 -24.76
C LEU B 64 -14.41 9.24 -23.26
N ASP B 65 -15.63 9.05 -22.83
CA ASP B 65 -15.88 8.75 -21.39
C ASP B 65 -15.13 7.47 -20.98
N LYS B 66 -14.80 6.63 -21.92
CA LYS B 66 -14.08 5.37 -21.58
C LYS B 66 -12.76 5.70 -20.85
N GLY B 67 -12.10 6.74 -21.26
CA GLY B 67 -10.82 7.11 -20.60
C GLY B 67 -11.11 7.67 -19.19
N VAL B 68 -12.04 8.58 -19.09
CA VAL B 68 -12.38 9.17 -17.76
C VAL B 68 -13.04 8.11 -16.88
N GLU B 69 -13.73 7.17 -17.48
CA GLU B 69 -14.41 6.11 -16.68
C GLU B 69 -13.37 5.15 -16.08
N TYR B 70 -12.56 4.56 -16.90
CA TYR B 70 -11.53 3.60 -16.39
C TYR B 70 -10.54 4.33 -15.47
N LEU B 71 -10.51 5.64 -15.53
CA LEU B 71 -9.56 6.40 -14.65
C LEU B 71 -9.74 5.97 -13.18
N ASP B 72 -10.90 6.14 -12.63
CA ASP B 72 -11.13 5.75 -11.21
C ASP B 72 -11.60 4.29 -11.11
N LEU B 73 -11.98 3.70 -12.21
CA LEU B 73 -12.45 2.28 -12.16
C LEU B 73 -11.27 1.34 -11.86
N GLU B 74 -10.27 1.34 -12.70
CA GLU B 74 -9.10 0.44 -12.47
C GLU B 74 -8.28 0.94 -11.27
N GLU B 75 -8.36 2.21 -10.97
CA GLU B 75 -7.58 2.76 -9.82
C GLU B 75 -7.96 2.03 -8.53
N GLU B 76 -9.24 1.80 -8.33
CA GLU B 76 -9.69 1.10 -7.09
C GLU B 76 -9.73 -0.42 -7.32
N GLN B 77 -9.50 -0.86 -8.53
CA GLN B 77 -9.53 -2.33 -8.80
C GLN B 77 -8.50 -3.06 -7.93
N LEU B 78 -7.32 -2.51 -7.81
CA LEU B 78 -6.27 -3.16 -6.98
C LEU B 78 -6.51 -2.88 -5.49
N SER B 79 -7.23 -1.83 -5.18
CA SER B 79 -7.50 -1.50 -3.75
C SER B 79 -8.23 -2.67 -3.07
N SER B 80 -9.29 -3.15 -3.66
CA SER B 80 -10.04 -4.28 -3.05
C SER B 80 -9.16 -5.54 -2.98
N LEU B 81 -8.17 -5.62 -3.84
CA LEU B 81 -7.28 -6.82 -3.83
C LEU B 81 -6.56 -6.94 -2.47
N GLU B 82 -6.43 -5.85 -1.76
CA GLU B 82 -5.75 -5.89 -0.43
C GLU B 82 -6.78 -5.93 0.69
N GLY B 83 -7.97 -6.41 0.41
CA GLY B 83 -9.02 -6.47 1.47
C GLY B 83 -9.58 -7.88 1.55
N SER B 84 -8.97 -8.73 2.35
CA SER B 84 -9.47 -10.13 2.47
C SER B 84 -10.64 -10.20 3.47
N GLN B 85 -10.37 -9.97 4.72
CA GLN B 85 -11.45 -10.01 5.74
C GLN B 85 -11.86 -8.60 6.14
N GLY B 86 -10.91 -7.68 6.15
CA GLY B 86 -11.24 -6.29 6.53
C GLY B 86 -10.15 -5.74 7.46
N LEU B 87 -10.07 -6.24 8.66
CA LEU B 87 -9.04 -5.76 9.62
C LEU B 87 -8.80 -6.80 10.71
N ILE B 88 -7.56 -7.12 10.98
CA ILE B 88 -7.26 -8.12 12.05
C ILE B 88 -6.93 -7.42 13.37
N PRO B 89 -7.52 -7.89 14.44
CA PRO B 89 -7.29 -7.28 15.77
C PRO B 89 -5.90 -7.67 16.30
N SER B 90 -5.38 -8.77 15.86
CA SER B 90 -4.03 -9.21 16.34
C SER B 90 -2.93 -8.75 15.38
N ARG B 91 -3.12 -7.60 14.76
CA ARG B 91 -2.08 -7.10 13.81
C ARG B 91 -0.99 -6.35 14.58
N GLY B 92 0.12 -6.08 13.93
CA GLY B 92 1.22 -5.34 14.61
C GLY B 92 2.38 -6.31 14.90
N TRP B 93 2.07 -7.56 15.13
CA TRP B 93 3.15 -8.55 15.41
C TRP B 93 2.82 -9.88 14.72
N THR B 94 2.59 -9.85 13.44
CA THR B 94 2.26 -11.12 12.71
C THR B 94 3.14 -11.28 11.46
N ASP B 95 4.43 -11.12 11.60
CA ASP B 95 5.32 -11.28 10.41
C ASP B 95 5.18 -12.70 9.83
N ASP B 96 4.73 -13.62 10.63
CA ASP B 96 4.56 -15.03 10.13
C ASP B 96 3.34 -15.13 9.22
N LEU B 97 2.48 -14.14 9.23
CA LEU B 97 1.27 -14.17 8.36
C LEU B 97 1.63 -14.58 6.92
N CYS B 98 2.85 -14.32 6.51
CA CYS B 98 3.26 -14.71 5.12
C CYS B 98 3.02 -16.21 4.90
N TYR B 99 3.04 -16.98 5.96
CA TYR B 99 2.81 -18.45 5.82
C TYR B 99 1.41 -18.82 6.33
N GLY B 100 0.91 -18.08 7.29
CA GLY B 100 -0.45 -18.39 7.84
C GLY B 100 -0.32 -19.11 9.18
N THR B 101 0.11 -18.43 10.21
CA THR B 101 0.25 -19.08 11.54
C THR B 101 -0.04 -18.08 12.65
N GLY B 102 0.86 -17.17 12.90
CA GLY B 102 0.64 -16.15 13.97
C GLY B 102 0.52 -16.86 15.32
N ALA B 103 1.45 -17.73 15.64
CA ALA B 103 1.39 -18.45 16.94
C ALA B 103 2.17 -17.67 18.01
N VAL B 104 2.96 -16.71 17.62
CA VAL B 104 3.76 -15.94 18.63
C VAL B 104 2.84 -15.37 19.71
N TYR B 105 1.67 -14.93 19.34
CA TYR B 105 0.72 -14.36 20.35
C TYR B 105 0.08 -15.49 21.16
N LEU B 106 -0.62 -16.37 20.49
CA LEU B 106 -1.30 -17.49 21.21
C LEU B 106 -0.29 -18.28 22.05
N LEU B 107 0.68 -18.89 21.42
CA LEU B 107 1.69 -19.69 22.17
C LEU B 107 2.28 -18.86 23.32
N GLY B 108 2.33 -17.57 23.15
CA GLY B 108 2.89 -16.69 24.23
C GLY B 108 2.01 -16.80 25.48
N LEU B 109 0.75 -17.14 25.31
CA LEU B 109 -0.14 -17.27 26.50
C LEU B 109 0.08 -18.61 27.20
N GLY B 110 0.09 -19.69 26.46
CA GLY B 110 0.30 -21.03 27.08
C GLY B 110 1.66 -21.05 27.79
N ILE B 111 2.59 -20.27 27.32
CA ILE B 111 3.94 -20.26 27.96
C ILE B 111 3.82 -19.78 29.41
N GLY B 112 2.95 -18.85 29.68
CA GLY B 112 2.79 -18.35 31.08
C GLY B 112 2.35 -19.49 31.99
N GLY B 113 1.62 -20.43 31.45
CA GLY B 113 1.14 -21.58 32.30
C GLY B 113 2.29 -22.57 32.51
N PHE B 114 3.20 -22.65 31.58
CA PHE B 114 4.34 -23.61 31.72
C PHE B 114 5.52 -22.94 32.43
N SER B 115 5.91 -21.77 31.99
CA SER B 115 7.05 -21.07 32.64
C SER B 115 6.73 -20.77 34.10
N GLY B 116 5.47 -20.69 34.45
CA GLY B 116 5.10 -20.41 35.86
C GLY B 116 5.02 -21.72 36.65
N MET B 117 4.43 -22.73 36.08
CA MET B 117 4.32 -24.04 36.79
C MET B 117 5.71 -24.51 37.29
N MET B 118 6.76 -24.04 36.67
CA MET B 118 8.13 -24.45 37.10
C MET B 118 8.31 -24.23 38.60
N GLN B 119 8.02 -23.06 39.08
CA GLN B 119 8.17 -22.77 40.54
C GLN B 119 6.91 -23.21 41.31
N GLY B 120 5.81 -23.38 40.61
CA GLY B 120 4.56 -23.80 41.30
C GLY B 120 4.49 -25.33 41.37
N LEU B 121 5.53 -26.02 40.96
CA LEU B 121 5.50 -27.51 41.00
C LEU B 121 5.40 -27.99 42.44
N GLN B 122 5.93 -27.24 43.37
CA GLN B 122 5.86 -27.66 44.80
C GLN B 122 4.40 -27.72 45.28
N ASN B 123 3.55 -26.90 44.70
CA ASN B 123 2.12 -26.91 45.11
C ASN B 123 1.44 -28.19 44.64
N ILE B 124 1.65 -28.58 43.42
CA ILE B 124 1.01 -29.82 42.90
C ILE B 124 1.89 -31.04 43.22
N PRO B 125 1.40 -31.89 44.08
CA PRO B 125 2.17 -33.11 44.45
C PRO B 125 2.16 -34.13 43.30
N PRO B 126 3.13 -35.01 43.30
CA PRO B 126 3.23 -36.03 42.24
C PRO B 126 2.14 -37.10 42.44
N ASN B 127 1.89 -37.88 41.42
CA ASN B 127 0.84 -38.94 41.55
C ASN B 127 1.49 -40.34 41.57
N SER B 128 2.70 -40.44 41.08
CA SER B 128 3.38 -41.77 41.07
C SER B 128 3.60 -42.26 42.52
N PRO B 129 3.34 -43.53 42.74
CA PRO B 129 3.52 -44.10 44.10
C PRO B 129 5.01 -44.26 44.43
N GLY B 130 5.39 -44.00 45.64
CA GLY B 130 6.82 -44.14 46.02
C GLY B 130 6.92 -44.69 47.44
N LYS B 131 6.53 -45.92 47.64
CA LYS B 131 6.59 -46.52 49.00
C LYS B 131 7.88 -47.35 49.17
N LEU B 132 8.73 -47.35 48.18
CA LEU B 132 10.00 -48.13 48.29
C LEU B 132 11.21 -47.19 48.29
N GLN B 133 11.11 -46.08 47.62
CA GLN B 133 12.25 -45.11 47.58
C GLN B 133 12.48 -44.50 48.97
N LEU B 134 11.42 -44.30 49.70
CA LEU B 134 11.57 -43.70 51.06
C LEU B 134 11.84 -44.80 52.09
N ASN B 135 11.41 -46.00 51.82
CA ASN B 135 11.63 -47.12 52.78
C ASN B 135 13.13 -47.31 53.03
N THR B 136 13.95 -46.99 52.07
CA THR B 136 15.42 -47.15 52.25
C THR B 136 16.00 -45.94 52.98
N VAL B 137 15.41 -44.79 52.79
CA VAL B 137 15.93 -43.56 53.47
C VAL B 137 15.55 -43.60 54.96
N LEU B 138 14.44 -44.20 55.28
CA LEU B 138 14.01 -44.26 56.71
C LEU B 138 15.00 -45.11 57.52
N ASN B 139 15.64 -46.06 56.88
CA ASN B 139 16.62 -46.92 57.60
C ASN B 139 17.86 -46.10 57.99
N HIS B 140 18.44 -45.41 57.05
CA HIS B 140 19.65 -44.60 57.37
C HIS B 140 19.64 -43.30 56.56
N ILE B 141 19.71 -42.17 57.22
CA ILE B 141 19.70 -40.87 56.50
C ILE B 141 21.07 -40.60 55.88
N THR B 142 21.12 -39.82 54.83
CA THR B 142 22.42 -39.51 54.17
C THR B 142 22.36 -38.13 53.51
N LYS B 143 23.45 -37.41 53.53
CA LYS B 143 23.46 -36.05 52.89
C LYS B 143 24.69 -35.91 51.98
N ARG B 144 25.03 -36.94 51.27
CA ARG B 144 26.21 -36.86 50.35
C ARG B 144 25.76 -36.89 48.90
N GLY B 145 24.54 -36.51 48.64
CA GLY B 145 24.04 -36.52 47.23
C GLY B 145 23.86 -35.08 46.74
N PRO B 146 23.25 -34.94 45.59
CA PRO B 146 23.01 -33.59 45.02
C PRO B 146 21.90 -32.86 45.78
N PHE B 147 21.98 -31.56 45.87
CA PHE B 147 20.93 -30.80 46.61
C PHE B 147 19.72 -30.54 45.70
N LEU B 148 18.54 -30.60 46.23
CA LEU B 148 17.32 -30.35 45.40
C LEU B 148 17.03 -28.85 45.34
N GLY B 149 16.58 -28.38 44.21
CA GLY B 149 16.27 -26.93 44.06
C GLY B 149 17.07 -26.35 42.90
N ASN B 150 18.38 -26.44 42.96
CA ASN B 150 19.22 -25.87 41.85
C ASN B 150 19.00 -26.69 40.57
N ASN B 151 18.79 -27.97 40.70
CA ASN B 151 18.58 -28.82 39.48
C ASN B 151 17.24 -28.47 38.82
N ALA B 152 16.27 -28.09 39.60
CA ALA B 152 14.93 -27.73 39.01
C ALA B 152 15.05 -26.44 38.22
N GLY B 153 15.84 -25.51 38.68
CA GLY B 153 15.99 -24.22 37.95
C GLY B 153 16.60 -24.47 36.57
N ILE B 154 17.37 -25.51 36.44
CA ILE B 154 18.01 -25.82 35.12
C ILE B 154 16.92 -26.20 34.10
N LEU B 155 15.81 -26.70 34.56
CA LEU B 155 14.71 -27.08 33.62
C LEU B 155 14.20 -25.85 32.88
N ALA B 156 14.22 -24.71 33.52
CA ALA B 156 13.73 -23.46 32.85
C ALA B 156 14.65 -23.10 31.67
N LEU B 157 15.81 -23.69 31.60
CA LEU B 157 16.74 -23.38 30.47
C LEU B 157 16.42 -24.25 29.26
N SER B 158 16.45 -25.54 29.44
CA SER B 158 16.14 -26.46 28.29
C SER B 158 14.76 -26.16 27.71
N TYR B 159 13.89 -25.57 28.49
CA TYR B 159 12.52 -25.26 27.97
C TYR B 159 12.58 -24.10 26.97
N ASN B 160 13.62 -23.32 26.97
CA ASN B 160 13.72 -22.18 26.02
C ASN B 160 14.38 -22.62 24.71
N ILE B 161 15.48 -23.32 24.79
CA ILE B 161 16.18 -23.76 23.54
C ILE B 161 15.31 -24.73 22.74
N ILE B 162 14.38 -25.39 23.40
CA ILE B 162 13.51 -26.35 22.66
C ILE B 162 12.42 -25.59 21.90
N ASN B 163 11.73 -24.70 22.55
CA ASN B 163 10.66 -23.92 21.86
C ASN B 163 11.27 -23.00 20.79
N SER B 164 12.54 -22.75 20.88
CA SER B 164 13.20 -21.85 19.88
C SER B 164 13.00 -22.40 18.46
N THR B 165 12.70 -23.67 18.32
CA THR B 165 12.50 -24.26 16.97
C THR B 165 11.19 -23.76 16.36
N ILE B 166 10.09 -23.87 17.07
CA ILE B 166 8.79 -23.39 16.52
C ILE B 166 8.92 -21.93 16.09
N ASP B 167 9.70 -21.16 16.79
CA ASP B 167 9.87 -19.72 16.44
C ASP B 167 11.05 -19.55 15.47
N ALA B 168 12.05 -20.40 15.56
CA ALA B 168 13.23 -20.27 14.66
C ALA B 168 12.78 -20.19 13.19
N LEU B 169 11.76 -20.93 12.84
CA LEU B 169 11.26 -20.89 11.43
C LEU B 169 10.25 -19.76 11.24
N ARG B 170 10.25 -18.78 12.10
CA ARG B 170 9.29 -17.64 11.97
C ARG B 170 9.33 -17.05 10.55
N GLY B 171 10.46 -16.54 10.14
CA GLY B 171 10.55 -15.96 8.77
C GLY B 171 11.90 -15.25 8.58
N LYS B 172 11.90 -13.95 8.54
CA LYS B 172 13.19 -13.20 8.34
C LYS B 172 13.16 -11.87 9.09
N HIS B 173 13.91 -11.76 10.15
CA HIS B 173 13.92 -10.48 10.93
C HIS B 173 15.28 -9.77 10.78
N ASP B 174 15.30 -8.47 10.93
CA ASP B 174 16.59 -7.72 10.82
C ASP B 174 16.73 -6.75 12.01
N THR B 175 16.30 -7.18 13.17
CA THR B 175 16.36 -6.29 14.37
C THR B 175 17.78 -5.74 14.62
N ALA B 176 18.54 -6.33 15.52
CA ALA B 176 19.90 -5.78 15.80
C ALA B 176 20.86 -6.87 16.30
N GLY B 177 21.77 -7.30 15.46
CA GLY B 177 22.76 -8.33 15.89
C GLY B 177 23.91 -7.63 16.64
N SER B 178 24.12 -6.37 16.37
CA SER B 178 25.21 -5.62 17.05
C SER B 178 24.75 -5.14 18.43
N ILE B 179 23.45 -5.11 18.66
CA ILE B 179 22.93 -4.67 19.98
C ILE B 179 23.15 -5.76 21.04
N GLY B 180 23.38 -6.97 20.61
CA GLY B 180 23.59 -8.09 21.57
C GLY B 180 24.61 -7.69 22.64
N ALA B 181 25.49 -6.78 22.35
CA ALA B 181 26.52 -6.37 23.36
C ALA B 181 25.93 -5.39 24.38
N GLY B 182 25.31 -4.34 23.92
CA GLY B 182 24.72 -3.33 24.86
C GLY B 182 23.84 -4.02 25.91
N ALA B 183 23.32 -5.18 25.60
CA ALA B 183 22.45 -5.90 26.58
C ALA B 183 23.27 -6.82 27.48
N LEU B 184 24.49 -7.14 27.09
CA LEU B 184 25.33 -8.04 27.91
C LEU B 184 25.65 -7.40 29.27
N THR B 185 26.37 -6.30 29.27
CA THR B 185 26.73 -5.64 30.57
C THR B 185 25.46 -5.25 31.33
N GLY B 186 24.37 -5.06 30.63
CA GLY B 186 23.10 -4.67 31.32
C GLY B 186 22.68 -5.80 32.27
N ALA B 187 23.01 -7.02 31.95
CA ALA B 187 22.64 -8.16 32.84
C ALA B 187 23.75 -8.42 33.86
N LEU B 188 24.97 -8.10 33.53
CA LEU B 188 26.09 -8.33 34.48
C LEU B 188 25.90 -7.48 35.74
N PHE B 189 25.60 -6.22 35.58
CA PHE B 189 25.40 -5.35 36.77
C PHE B 189 24.17 -5.81 37.57
N LYS B 190 23.22 -6.41 36.91
CA LYS B 190 21.99 -6.89 37.62
C LYS B 190 22.38 -7.90 38.70
N SER B 191 23.41 -8.65 38.48
CA SER B 191 23.84 -9.66 39.49
C SER B 191 24.21 -8.97 40.80
N SER B 192 24.62 -9.73 41.79
CA SER B 192 25.00 -9.11 43.09
C SER B 192 26.42 -9.54 43.47
N LYS B 193 26.83 -9.24 44.68
CA LYS B 193 28.21 -9.62 45.11
C LYS B 193 28.33 -11.15 45.20
N GLY B 194 27.25 -11.84 45.38
CA GLY B 194 27.30 -13.32 45.47
C GLY B 194 27.81 -13.89 44.13
N LEU B 195 27.52 -15.15 43.87
CA LEU B 195 27.97 -15.75 42.59
C LEU B 195 27.20 -15.16 41.41
N LYS B 196 27.89 -14.70 40.40
CA LYS B 196 27.18 -14.11 39.22
C LYS B 196 26.45 -15.20 38.44
N PRO B 197 25.14 -15.13 38.44
CA PRO B 197 24.33 -16.14 37.72
C PRO B 197 24.42 -15.91 36.21
N MET B 198 24.70 -14.70 35.80
CA MET B 198 24.80 -14.40 34.33
C MET B 198 25.88 -15.28 33.68
N GLY B 199 26.79 -15.79 34.46
CA GLY B 199 27.87 -16.66 33.90
C GLY B 199 27.23 -17.85 33.16
N TYR B 200 26.34 -18.56 33.81
CA TYR B 200 25.69 -19.72 33.17
C TYR B 200 24.43 -19.27 32.41
N SER B 201 23.85 -18.17 32.81
CA SER B 201 22.62 -17.68 32.12
C SER B 201 22.98 -17.07 30.76
N SER B 202 24.21 -16.65 30.58
CA SER B 202 24.61 -16.04 29.28
C SER B 202 24.35 -17.03 28.14
N ALA B 203 24.60 -18.29 28.36
CA ALA B 203 24.36 -19.30 27.30
C ALA B 203 22.90 -19.22 26.82
N MET B 204 22.02 -18.73 27.66
CA MET B 204 20.59 -18.61 27.26
C MET B 204 20.41 -17.44 26.28
N VAL B 205 20.95 -16.29 26.59
CA VAL B 205 20.82 -15.13 25.67
C VAL B 205 21.78 -15.31 24.49
N ALA B 206 22.89 -15.95 24.72
CA ALA B 206 23.87 -16.16 23.61
C ALA B 206 23.21 -16.95 22.48
N ALA B 207 22.42 -17.95 22.82
CA ALA B 207 21.74 -18.75 21.77
C ALA B 207 20.77 -17.86 20.99
N ALA B 208 20.24 -16.85 21.63
CA ALA B 208 19.29 -15.94 20.93
C ALA B 208 19.99 -15.28 19.73
N CYS B 209 21.28 -15.12 19.82
CA CYS B 209 22.03 -14.49 18.68
C CYS B 209 21.88 -15.35 17.43
N ALA B 210 21.86 -16.65 17.60
CA ALA B 210 21.72 -17.55 16.40
C ALA B 210 20.32 -17.41 15.81
N VAL B 211 19.30 -17.51 16.63
CA VAL B 211 17.90 -17.38 16.11
C VAL B 211 17.74 -16.03 15.40
N TRP B 212 18.25 -14.98 15.98
CA TRP B 212 18.14 -13.64 15.34
C TRP B 212 19.12 -13.55 14.16
N CYS B 213 20.35 -13.95 14.36
CA CYS B 213 21.34 -13.90 13.24
C CYS B 213 20.78 -14.69 12.05
N SER B 214 19.81 -15.54 12.29
CA SER B 214 19.20 -16.34 11.19
C SER B 214 18.84 -15.43 10.00
N VAL B 215 18.84 -14.12 10.20
CA VAL B 215 18.51 -13.17 9.09
C VAL B 215 19.19 -13.61 7.78
N LYS B 216 20.49 -13.67 7.77
CA LYS B 216 21.23 -14.09 6.54
C LYS B 216 20.79 -13.24 5.33
N LYS B 217 20.56 -11.97 5.54
CA LYS B 217 20.13 -11.11 4.42
C LYS B 217 20.87 -9.76 4.48
N ARG B 218 22.14 -9.76 4.19
CA ARG B 218 22.92 -8.49 4.23
C ARG B 218 23.13 -7.95 2.81
N LEU B 219 22.97 -8.78 1.82
CA LEU B 219 23.16 -8.31 0.41
C LEU B 219 22.11 -7.27 0.05
N LEU B 220 20.95 -7.36 0.66
CA LEU B 220 19.88 -6.37 0.35
C LEU B 220 19.76 -5.34 1.48
N GLU B 221 20.76 -5.22 2.30
CA GLU B 221 20.71 -4.24 3.43
C GLU B 221 20.80 -2.81 2.87
N LYS B 222 21.83 -2.50 2.15
CA LYS B 222 21.98 -1.13 1.59
C LYS B 222 21.90 -1.17 0.05
N MET C 1 -0.89 -2.62 10.68
CA MET C 1 0.45 -2.40 10.08
C MET C 1 0.35 -1.43 8.90
N LEU C 2 0.29 -0.15 9.18
CA LEU C 2 0.19 0.87 8.09
C LEU C 2 -0.98 0.53 7.16
N SER C 3 -2.17 0.45 7.68
CA SER C 3 -3.35 0.12 6.83
C SER C 3 -4.60 0.85 7.35
N LEU C 4 -4.75 2.10 7.00
CA LEU C 4 -5.94 2.86 7.47
C LEU C 4 -7.08 2.75 6.45
N ARG C 5 -6.94 3.40 5.32
CA ARG C 5 -8.01 3.33 4.29
C ARG C 5 -9.38 3.70 4.89
N GLN C 6 -9.69 4.97 4.96
CA GLN C 6 -11.00 5.39 5.54
C GLN C 6 -11.85 6.11 4.49
N SER C 7 -11.87 5.59 3.29
CA SER C 7 -12.68 6.25 2.21
C SER C 7 -12.82 5.31 1.01
N ILE C 8 -13.67 4.32 1.12
CA ILE C 8 -13.85 3.37 -0.03
C ILE C 8 -14.48 4.09 -1.22
N ARG C 9 -14.09 3.75 -2.42
CA ARG C 9 -14.68 4.41 -3.62
C ARG C 9 -15.63 3.46 -4.34
N PHE C 10 -15.22 2.23 -4.53
CA PHE C 10 -16.10 1.25 -5.22
C PHE C 10 -15.72 -0.18 -4.83
N PHE C 11 -16.66 -1.08 -4.85
CA PHE C 11 -16.35 -2.50 -4.48
C PHE C 11 -16.86 -3.46 -5.56
N LYS C 12 -16.53 -3.20 -6.80
CA LYS C 12 -17.00 -4.10 -7.90
C LYS C 12 -15.79 -4.68 -8.65
N PRO C 13 -15.44 -5.89 -8.33
CA PRO C 13 -14.28 -6.55 -9.00
C PRO C 13 -14.66 -6.93 -10.44
N ALA C 14 -13.89 -7.79 -11.06
CA ALA C 14 -14.19 -8.21 -12.46
C ALA C 14 -14.28 -6.97 -13.38
N THR C 15 -13.15 -6.37 -13.68
CA THR C 15 -13.16 -5.17 -14.56
C THR C 15 -12.26 -5.39 -15.77
N ARG C 16 -11.11 -5.97 -15.57
CA ARG C 16 -10.18 -6.23 -16.70
C ARG C 16 -10.74 -7.31 -17.63
N THR C 17 -11.19 -6.93 -18.79
CA THR C 17 -11.76 -7.95 -19.73
C THR C 17 -10.76 -8.26 -20.85
N LEU C 18 -9.74 -7.46 -21.00
CA LEU C 18 -8.73 -7.71 -22.07
C LEU C 18 -7.32 -7.40 -21.56
N CYS C 19 -6.34 -8.11 -22.03
CA CYS C 19 -4.94 -7.86 -21.58
C CYS C 19 -3.99 -7.80 -22.78
N SER C 20 -4.46 -7.26 -23.88
CA SER C 20 -3.59 -7.17 -25.09
C SER C 20 -3.06 -5.74 -25.26
N SER C 21 -2.37 -5.47 -26.34
CA SER C 21 -1.84 -4.10 -26.56
C SER C 21 -2.65 -3.38 -27.62
N ARG C 22 -2.93 -2.11 -27.43
CA ARG C 22 -3.72 -1.35 -28.43
C ARG C 22 -3.37 0.14 -28.36
N TYR C 23 -4.06 0.96 -29.11
CA TYR C 23 -3.77 2.42 -29.08
C TYR C 23 -4.14 3.01 -27.71
N LEU C 24 -3.26 3.80 -27.16
CA LEU C 24 -3.55 4.41 -25.83
C LEU C 24 -4.19 5.80 -26.00
N LEU C 25 -5.45 5.92 -25.70
CA LEU C 25 -6.14 7.24 -25.85
C LEU C 25 -5.96 7.78 -27.27
N MET A 1 -1.14 -2.26 -70.54
CA MET A 1 -2.02 -3.37 -71.03
C MET A 1 -3.13 -3.66 -70.02
N SER A 2 -2.88 -3.40 -68.76
CA SER A 2 -3.91 -3.66 -67.72
C SER A 2 -5.16 -2.81 -67.98
N TRP A 3 -6.27 -3.17 -67.40
CA TRP A 3 -7.53 -2.39 -67.62
C TRP A 3 -7.78 -1.46 -66.42
N LEU A 4 -7.32 -1.82 -65.27
CA LEU A 4 -7.54 -0.97 -64.06
C LEU A 4 -6.52 0.18 -64.03
N PHE A 5 -5.39 0.00 -64.68
CA PHE A 5 -4.36 1.08 -64.67
C PHE A 5 -4.91 2.35 -65.30
N GLY A 6 -5.97 2.24 -66.07
CA GLY A 6 -6.56 3.45 -66.70
C GLY A 6 -6.26 3.44 -68.21
N ASP A 7 -6.35 2.30 -68.83
CA ASP A 7 -6.09 2.21 -70.29
C ASP A 7 -7.08 3.09 -71.07
N LYS A 8 -6.95 3.15 -72.36
CA LYS A 8 -7.89 3.99 -73.17
C LYS A 8 -9.19 3.23 -73.41
N THR A 9 -10.28 3.94 -73.58
CA THR A 9 -11.59 3.26 -73.81
C THR A 9 -11.58 2.56 -75.16
N PRO A 10 -12.53 1.67 -75.35
CA PRO A 10 -12.62 0.92 -76.63
C PRO A 10 -13.12 1.84 -77.76
N THR A 11 -12.30 2.06 -78.75
CA THR A 11 -12.71 2.95 -79.88
C THR A 11 -13.47 2.14 -80.95
N ASP A 12 -13.78 0.90 -80.68
CA ASP A 12 -14.51 0.07 -81.68
C ASP A 12 -15.94 0.58 -81.84
N ASP A 13 -16.48 1.19 -80.82
CA ASP A 13 -17.88 1.71 -80.91
C ASP A 13 -17.86 3.13 -81.49
N ALA A 14 -16.80 3.85 -81.28
CA ALA A 14 -16.72 5.25 -81.81
C ALA A 14 -16.53 5.22 -83.33
N ASN A 15 -15.95 4.17 -83.85
CA ASN A 15 -15.73 4.07 -85.32
C ASN A 15 -17.04 3.73 -86.03
N ALA A 16 -17.93 3.04 -85.36
CA ALA A 16 -19.22 2.66 -86.00
C ALA A 16 -20.19 3.85 -86.00
N ALA A 17 -19.80 4.95 -85.41
CA ALA A 17 -20.70 6.14 -85.38
C ALA A 17 -20.82 6.76 -86.78
N VAL A 18 -21.49 6.08 -87.68
CA VAL A 18 -21.65 6.62 -89.06
C VAL A 18 -22.93 7.45 -89.15
N GLY A 19 -22.80 8.73 -89.44
CA GLY A 19 -24.00 9.59 -89.55
C GLY A 19 -23.60 11.06 -89.39
N GLY A 20 -24.52 11.90 -89.03
CA GLY A 20 -24.19 13.34 -88.86
C GLY A 20 -25.09 14.19 -89.77
N GLN A 21 -24.51 15.06 -90.54
CA GLN A 21 -25.33 15.91 -91.45
C GLN A 21 -24.94 15.66 -92.91
N ASP A 22 -25.87 15.75 -93.81
CA ASP A 22 -25.56 15.51 -95.26
C ASP A 22 -25.22 16.84 -95.95
N THR A 23 -25.69 17.93 -95.43
CA THR A 23 -25.40 19.25 -96.06
C THR A 23 -23.90 19.55 -95.98
N THR A 24 -23.34 20.05 -97.05
CA THR A 24 -21.88 20.37 -97.05
C THR A 24 -21.66 21.86 -96.78
N LYS A 25 -22.33 22.39 -95.78
CA LYS A 25 -22.17 23.83 -95.46
C LYS A 25 -20.76 24.10 -94.90
N PRO A 26 -20.15 25.16 -95.38
CA PRO A 26 -18.78 25.50 -94.92
C PRO A 26 -18.84 26.12 -93.51
N LYS A 27 -19.97 26.70 -93.15
CA LYS A 27 -20.09 27.32 -91.80
C LYS A 27 -19.82 26.28 -90.71
N GLU A 28 -19.97 25.02 -91.02
CA GLU A 28 -19.72 23.96 -89.99
C GLU A 28 -18.28 24.05 -89.48
N LEU A 29 -17.38 24.55 -90.28
CA LEU A 29 -15.96 24.66 -89.85
C LEU A 29 -15.83 25.71 -88.74
N SER A 30 -16.64 26.72 -88.77
CA SER A 30 -16.56 27.79 -87.72
C SER A 30 -17.63 27.54 -86.65
N LEU A 31 -18.08 26.32 -86.51
CA LEU A 31 -19.11 26.03 -85.48
C LEU A 31 -18.46 25.65 -84.15
N LYS A 32 -17.27 25.10 -84.20
CA LYS A 32 -16.58 24.70 -82.93
C LYS A 32 -16.34 25.94 -82.05
N GLN A 33 -16.20 27.09 -82.64
CA GLN A 33 -15.97 28.32 -81.84
C GLN A 33 -17.27 28.77 -81.17
N SER A 34 -18.35 28.75 -81.89
CA SER A 34 -19.66 29.17 -81.29
C SER A 34 -20.04 28.22 -80.15
N LEU A 35 -19.61 26.99 -80.22
CA LEU A 35 -19.95 26.02 -79.14
C LEU A 35 -19.06 26.26 -77.92
N GLY A 36 -17.86 26.71 -78.13
CA GLY A 36 -16.93 26.96 -76.99
C GLY A 36 -16.21 25.67 -76.61
N PHE A 37 -15.94 24.83 -77.58
CA PHE A 37 -15.23 23.55 -77.30
C PHE A 37 -13.73 23.80 -77.22
N GLU A 38 -13.20 24.00 -76.04
CA GLU A 38 -11.74 24.24 -75.89
C GLU A 38 -11.07 23.04 -75.21
N PRO A 39 -9.81 22.85 -75.51
CA PRO A 39 -9.05 21.72 -74.90
C PRO A 39 -8.72 22.01 -73.43
N ASN A 40 -9.00 23.20 -72.96
CA ASN A 40 -8.70 23.54 -71.54
C ASN A 40 -9.40 22.56 -70.60
N ILE A 41 -10.59 22.15 -70.94
CA ILE A 41 -11.33 21.19 -70.07
C ILE A 41 -10.86 19.76 -70.33
N ASN A 42 -10.41 19.49 -71.54
CA ASN A 42 -9.94 18.11 -71.87
C ASN A 42 -8.45 17.97 -71.54
N ASN A 43 -7.79 19.04 -71.20
CA ASN A 43 -6.34 18.96 -70.87
C ASN A 43 -6.15 18.60 -69.39
N ILE A 44 -7.04 19.04 -68.55
CA ILE A 44 -6.92 18.72 -67.09
C ILE A 44 -7.24 17.24 -66.84
N ILE A 45 -8.03 16.65 -67.69
CA ILE A 45 -8.38 15.21 -67.51
C ILE A 45 -7.36 14.30 -68.19
N SER A 46 -6.27 14.86 -68.66
CA SER A 46 -5.24 14.03 -69.34
C SER A 46 -3.94 14.01 -68.52
N GLY A 47 -3.70 15.05 -67.75
CA GLY A 47 -2.46 15.10 -66.93
C GLY A 47 -2.74 15.85 -65.62
N PRO A 48 -3.06 15.10 -64.59
CA PRO A 48 -3.35 15.72 -63.28
C PRO A 48 -2.07 16.25 -62.63
N GLY A 49 -2.14 17.40 -62.00
CA GLY A 49 -0.92 17.97 -61.35
C GLY A 49 -1.34 18.80 -60.14
N GLY A 50 -1.96 18.19 -59.16
CA GLY A 50 -2.39 18.93 -57.96
C GLY A 50 -2.33 18.02 -56.73
N MET A 51 -1.17 17.88 -56.14
CA MET A 51 -1.04 17.01 -54.94
C MET A 51 0.25 17.32 -54.18
N HIS A 52 0.24 17.23 -52.89
CA HIS A 52 1.47 17.53 -52.10
C HIS A 52 2.04 16.23 -51.51
N VAL A 53 3.23 16.29 -50.98
CA VAL A 53 3.85 15.07 -50.40
C VAL A 53 3.46 14.93 -48.93
N ASP A 54 3.11 13.74 -48.50
CA ASP A 54 2.71 13.55 -47.08
C ASP A 54 2.68 12.05 -46.74
N THR A 55 3.76 11.52 -46.24
CA THR A 55 3.80 10.07 -45.89
C THR A 55 3.31 9.85 -44.45
N ALA A 56 3.32 10.88 -43.64
CA ALA A 56 2.86 10.73 -42.24
C ALA A 56 1.39 10.34 -42.20
N ARG A 57 0.63 10.75 -43.19
CA ARG A 57 -0.82 10.39 -43.21
C ARG A 57 -1.01 8.90 -43.52
N LEU A 58 -0.01 8.28 -44.10
CA LEU A 58 -0.14 6.82 -44.43
C LEU A 58 -0.41 6.01 -43.17
N HIS A 59 0.16 6.40 -42.06
CA HIS A 59 -0.07 5.65 -40.79
C HIS A 59 -1.53 5.81 -40.34
N PRO A 60 -1.97 4.91 -39.50
CA PRO A 60 -3.36 4.97 -38.99
C PRO A 60 -3.51 6.11 -37.98
N LEU A 61 -4.71 6.35 -37.51
CA LEU A 61 -4.92 7.45 -36.52
C LEU A 61 -6.31 7.33 -35.89
N ALA A 62 -6.43 6.60 -34.82
CA ALA A 62 -7.76 6.44 -34.16
C ALA A 62 -7.81 7.29 -32.88
N GLY A 63 -6.69 7.48 -32.24
CA GLY A 63 -6.67 8.29 -30.99
C GLY A 63 -6.66 7.37 -29.78
N LEU A 64 -6.24 6.14 -29.95
CA LEU A 64 -6.21 5.18 -28.80
C LEU A 64 -4.86 5.27 -28.08
N ASP A 65 -3.85 5.77 -28.75
CA ASP A 65 -2.50 5.86 -28.10
C ASP A 65 -2.58 6.69 -26.82
N LYS A 66 -3.53 7.59 -26.73
CA LYS A 66 -3.66 8.43 -25.51
C LYS A 66 -3.96 7.56 -24.29
N GLY A 67 -4.96 6.72 -24.38
CA GLY A 67 -5.31 5.85 -23.22
C GLY A 67 -4.31 4.70 -23.13
N VAL A 68 -3.78 4.26 -24.25
CA VAL A 68 -2.80 3.14 -24.22
C VAL A 68 -1.48 3.60 -23.58
N GLU A 69 -1.14 4.84 -23.75
CA GLU A 69 0.12 5.37 -23.16
C GLU A 69 0.01 5.41 -21.63
N TYR A 70 -1.05 5.97 -21.12
CA TYR A 70 -1.22 6.05 -19.64
C TYR A 70 -1.64 4.69 -19.07
N LEU A 71 -1.92 3.73 -19.92
CA LEU A 71 -2.34 2.39 -19.42
C LEU A 71 -1.25 1.80 -18.51
N ASP A 72 -0.06 1.65 -19.01
CA ASP A 72 1.03 1.07 -18.18
C ASP A 72 1.78 2.17 -17.43
N LEU A 73 1.57 3.42 -17.78
CA LEU A 73 2.28 4.53 -17.08
C LEU A 73 1.64 4.78 -15.71
N GLU A 74 0.33 4.80 -15.65
CA GLU A 74 -0.35 5.05 -14.34
C GLU A 74 -0.48 3.75 -13.54
N GLU A 75 -0.47 2.62 -14.22
CA GLU A 75 -0.60 1.32 -13.50
C GLU A 75 0.57 1.14 -12.53
N GLU A 76 1.78 1.19 -13.01
CA GLU A 76 2.96 1.00 -12.12
C GLU A 76 3.19 2.26 -11.27
N GLN A 77 2.46 3.31 -11.51
CA GLN A 77 2.65 4.56 -10.71
C GLN A 77 2.39 4.29 -9.22
N LEU A 78 1.29 3.65 -8.90
CA LEU A 78 0.98 3.36 -7.47
C LEU A 78 1.76 2.13 -7.01
N SER A 79 2.18 1.29 -7.92
CA SER A 79 2.94 0.07 -7.51
C SER A 79 4.23 0.45 -6.77
N SER A 80 5.05 1.27 -7.37
CA SER A 80 6.31 1.69 -6.69
C SER A 80 6.03 2.76 -5.64
N LEU A 81 4.90 3.41 -5.71
CA LEU A 81 4.57 4.47 -4.72
C LEU A 81 4.58 3.88 -3.30
N GLU A 82 4.28 2.63 -3.16
CA GLU A 82 4.26 2.01 -1.80
C GLU A 82 5.58 1.26 -1.54
N GLY A 83 6.26 0.84 -2.59
CA GLY A 83 7.54 0.11 -2.40
C GLY A 83 8.70 1.10 -2.44
N SER A 84 8.60 2.19 -1.74
CA SER A 84 9.70 3.20 -1.74
C SER A 84 10.41 3.23 -0.38
N GLN A 85 10.06 2.33 0.51
CA GLN A 85 10.72 2.31 1.85
C GLN A 85 12.12 1.71 1.74
N GLY A 86 12.23 0.53 1.20
CA GLY A 86 13.57 -0.12 1.06
C GLY A 86 13.79 -1.08 2.22
N LEU A 87 15.02 -1.37 2.55
CA LEU A 87 15.31 -2.30 3.68
C LEU A 87 14.86 -1.68 5.01
N ILE A 88 14.13 -2.41 5.79
CA ILE A 88 13.65 -1.87 7.09
C ILE A 88 14.26 -2.66 8.25
N PRO A 89 15.15 -2.02 9.00
CA PRO A 89 15.79 -2.70 10.14
C PRO A 89 14.80 -2.88 11.30
N SER A 90 13.74 -2.11 11.31
CA SER A 90 12.73 -2.25 12.41
C SER A 90 11.57 -3.14 11.95
N ARG A 91 11.86 -4.12 11.13
CA ARG A 91 10.77 -5.04 10.65
C ARG A 91 9.99 -5.62 11.84
N GLY A 92 8.76 -5.19 12.01
CA GLY A 92 7.95 -5.71 13.14
C GLY A 92 8.14 -4.82 14.39
N TRP A 93 8.87 -3.75 14.26
CA TRP A 93 9.09 -2.85 15.43
C TRP A 93 8.97 -1.39 14.99
N THR A 94 7.95 -1.07 14.25
CA THR A 94 7.78 0.34 13.78
C THR A 94 6.30 0.76 13.85
N ASP A 95 5.55 0.18 14.75
CA ASP A 95 4.11 0.56 14.87
C ASP A 95 3.99 2.02 15.30
N ASP A 96 5.03 2.58 15.87
CA ASP A 96 4.97 4.01 16.31
C ASP A 96 5.43 4.93 15.18
N LEU A 97 6.08 4.40 14.18
CA LEU A 97 6.56 5.25 13.05
C LEU A 97 5.39 6.02 12.43
N CYS A 98 4.18 5.56 12.63
CA CYS A 98 3.00 6.28 12.05
C CYS A 98 3.03 7.76 12.42
N TYR A 99 3.68 8.10 13.51
CA TYR A 99 3.75 9.52 13.93
C TYR A 99 5.16 10.06 13.70
N GLY A 100 6.15 9.21 13.81
CA GLY A 100 7.56 9.68 13.60
C GLY A 100 8.36 9.45 14.87
N THR A 101 8.95 8.29 15.02
CA THR A 101 9.76 8.02 16.25
C THR A 101 10.80 6.93 15.96
N GLY A 102 10.42 5.68 16.01
CA GLY A 102 11.39 4.58 15.73
C GLY A 102 12.58 4.69 16.68
N ALA A 103 12.38 5.22 17.86
CA ALA A 103 13.51 5.36 18.82
C ALA A 103 13.50 4.21 19.85
N VAL A 104 12.46 3.42 19.85
CA VAL A 104 12.39 2.28 20.83
C VAL A 104 13.66 1.43 20.76
N TYR A 105 14.18 1.21 19.58
CA TYR A 105 15.43 0.39 19.46
C TYR A 105 16.58 1.04 20.23
N LEU A 106 16.93 2.25 19.89
CA LEU A 106 18.04 2.94 20.59
C LEU A 106 17.64 3.32 22.03
N LEU A 107 16.51 3.95 22.19
CA LEU A 107 16.06 4.35 23.56
C LEU A 107 16.10 3.15 24.51
N GLY A 108 16.00 1.96 23.98
CA GLY A 108 16.03 0.75 24.85
C GLY A 108 17.49 0.35 25.13
N LEU A 109 18.41 0.80 24.30
CA LEU A 109 19.84 0.44 24.51
C LEU A 109 20.37 1.10 25.79
N GLY A 110 20.09 2.36 25.96
CA GLY A 110 20.58 3.06 27.19
C GLY A 110 19.97 2.43 28.43
N ILE A 111 18.86 1.75 28.29
CA ILE A 111 18.22 1.11 29.48
C ILE A 111 19.12 0.00 30.04
N GLY A 112 19.95 -0.58 29.21
CA GLY A 112 20.85 -1.67 29.69
C GLY A 112 21.88 -1.10 30.68
N GLY A 113 22.13 0.18 30.62
CA GLY A 113 23.13 0.78 31.55
C GLY A 113 22.45 1.12 32.88
N PHE A 114 21.21 1.51 32.86
CA PHE A 114 20.50 1.87 34.12
C PHE A 114 19.97 0.60 34.80
N SER A 115 19.40 -0.31 34.04
CA SER A 115 18.87 -1.56 34.64
C SER A 115 19.99 -2.36 35.31
N GLY A 116 21.21 -2.18 34.87
CA GLY A 116 22.33 -2.94 35.48
C GLY A 116 22.92 -2.14 36.66
N MET A 117 23.21 -0.89 36.44
CA MET A 117 23.78 -0.05 37.54
C MET A 117 22.92 -0.13 38.80
N MET A 118 21.66 -0.44 38.64
CA MET A 118 20.75 -0.55 39.83
C MET A 118 21.34 -1.50 40.87
N GLN A 119 21.57 -2.74 40.49
CA GLN A 119 22.14 -3.72 41.46
C GLN A 119 23.67 -3.54 41.55
N GLY A 120 24.26 -2.84 40.63
CA GLY A 120 25.74 -2.63 40.67
C GLY A 120 26.08 -1.44 41.57
N LEU A 121 25.11 -0.87 42.24
CA LEU A 121 25.40 0.29 43.14
C LEU A 121 25.96 -0.20 44.48
N GLN A 122 25.81 -1.46 44.78
CA GLN A 122 26.33 -1.99 46.07
C GLN A 122 27.78 -2.49 45.91
N ASN A 123 28.43 -2.12 44.84
CA ASN A 123 29.83 -2.58 44.63
C ASN A 123 30.79 -1.73 45.48
N ILE A 124 30.48 -0.49 45.67
CA ILE A 124 31.36 0.39 46.48
C ILE A 124 31.30 -0.02 47.97
N PRO A 125 32.45 -0.26 48.54
CA PRO A 125 32.51 -0.68 49.97
C PRO A 125 32.18 0.52 50.88
N PRO A 126 31.38 0.28 51.88
CA PRO A 126 31.01 1.35 52.84
C PRO A 126 32.19 1.70 53.74
N ASN A 127 32.92 2.73 53.43
CA ASN A 127 34.08 3.12 54.27
C ASN A 127 33.70 4.28 55.20
N SER A 128 32.67 5.02 54.87
CA SER A 128 32.26 6.16 55.74
C SER A 128 31.97 5.67 57.16
N PRO A 129 32.23 6.53 58.11
CA PRO A 129 31.99 6.17 59.53
C PRO A 129 30.49 6.15 59.84
N GLY A 130 29.96 5.00 60.13
CA GLY A 130 28.50 4.91 60.45
C GLY A 130 28.29 5.02 61.95
N LYS A 131 27.57 6.03 62.37
CA LYS A 131 27.32 6.20 63.84
C LYS A 131 26.05 5.46 64.26
N LEU A 132 25.48 4.67 63.38
CA LEU A 132 24.24 3.93 63.74
C LEU A 132 24.58 2.45 64.04
N GLN A 133 25.65 1.96 63.49
CA GLN A 133 26.04 0.54 63.75
C GLN A 133 26.28 0.31 65.24
N LEU A 134 26.89 1.27 65.90
CA LEU A 134 27.15 1.12 67.36
C LEU A 134 25.83 1.00 68.13
N ASN A 135 24.78 1.58 67.62
CA ASN A 135 23.47 1.50 68.32
C ASN A 135 22.89 0.09 68.20
N THR A 136 23.33 -0.67 67.23
CA THR A 136 22.80 -2.05 67.06
C THR A 136 23.06 -2.88 68.32
N VAL A 137 24.22 -2.74 68.90
CA VAL A 137 24.52 -3.51 70.14
C VAL A 137 23.75 -2.95 71.33
N LEU A 138 23.43 -1.68 71.30
CA LEU A 138 22.68 -1.07 72.43
C LEU A 138 21.30 -1.73 72.56
N ASN A 139 20.64 -1.98 71.45
CA ASN A 139 19.29 -2.62 71.51
C ASN A 139 19.43 -4.12 71.76
N HIS A 140 19.90 -4.85 70.79
CA HIS A 140 20.07 -6.33 70.96
C HIS A 140 21.16 -6.85 70.03
N ILE A 141 21.92 -7.82 70.47
CA ILE A 141 23.00 -8.37 69.59
C ILE A 141 22.39 -9.32 68.56
N THR A 142 22.97 -9.37 67.39
CA THR A 142 22.42 -10.28 66.33
C THR A 142 23.44 -11.36 65.98
N LYS A 143 23.05 -12.32 65.17
CA LYS A 143 24.00 -13.41 64.80
C LYS A 143 24.44 -13.24 63.34
N ARG A 144 23.59 -12.72 62.51
CA ARG A 144 23.95 -12.53 61.07
C ARG A 144 24.41 -11.10 60.83
N GLY A 145 24.94 -10.82 59.66
CA GLY A 145 25.41 -9.43 59.37
C GLY A 145 24.21 -8.57 58.93
N PRO A 146 24.49 -7.32 58.64
CA PRO A 146 23.43 -6.40 58.21
C PRO A 146 22.98 -6.73 56.78
N PHE A 147 21.73 -7.02 56.58
CA PHE A 147 21.23 -7.35 55.23
C PHE A 147 20.03 -6.47 54.86
N LEU A 148 20.19 -5.17 54.94
CA LEU A 148 19.06 -4.26 54.60
C LEU A 148 19.15 -3.82 53.13
N GLY A 149 18.04 -3.55 52.51
CA GLY A 149 18.08 -3.12 51.08
C GLY A 149 16.64 -2.99 50.55
N ASN A 150 15.88 -2.08 51.10
CA ASN A 150 14.47 -1.90 50.64
C ASN A 150 14.33 -0.60 49.84
N ASN A 151 15.43 0.03 49.49
CA ASN A 151 15.35 1.29 48.72
C ASN A 151 15.78 1.07 47.27
N ALA A 152 16.92 0.46 47.07
CA ALA A 152 17.40 0.20 45.68
C ALA A 152 16.44 -0.73 44.93
N GLY A 153 15.72 -1.55 45.65
CA GLY A 153 14.77 -2.48 44.97
C GLY A 153 13.52 -1.72 44.51
N ILE A 154 12.97 -0.91 45.37
CA ILE A 154 11.75 -0.13 44.98
C ILE A 154 12.09 0.89 43.89
N LEU A 155 13.34 1.26 43.78
CA LEU A 155 13.73 2.27 42.74
C LEU A 155 13.57 1.66 41.35
N ALA A 156 13.72 0.37 41.23
CA ALA A 156 13.58 -0.27 39.89
C ALA A 156 12.13 -0.17 39.40
N LEU A 157 11.22 0.16 40.27
CA LEU A 157 9.79 0.28 39.84
C LEU A 157 9.51 1.69 39.30
N SER A 158 9.90 2.70 40.03
CA SER A 158 9.66 4.09 39.56
C SER A 158 10.37 4.34 38.22
N TYR A 159 11.45 3.64 37.99
CA TYR A 159 12.19 3.83 36.71
C TYR A 159 11.33 3.37 35.52
N ASN A 160 10.42 2.47 35.75
CA ASN A 160 9.55 1.98 34.64
C ASN A 160 8.37 2.93 34.42
N ILE A 161 7.99 3.68 35.42
CA ILE A 161 6.85 4.62 35.27
C ILE A 161 7.30 5.88 34.52
N ILE A 162 8.42 6.42 34.86
CA ILE A 162 8.91 7.65 34.16
C ILE A 162 9.24 7.35 32.69
N ASN A 163 9.50 6.10 32.38
CA ASN A 163 9.82 5.74 30.97
C ASN A 163 8.53 5.44 30.20
N SER A 164 7.49 5.05 30.88
CA SER A 164 6.20 4.73 30.18
C SER A 164 5.67 5.96 29.45
N THR A 165 6.06 7.14 29.88
CA THR A 165 5.56 8.38 29.21
C THR A 165 6.22 8.55 27.84
N ILE A 166 7.52 8.46 27.79
CA ILE A 166 8.23 8.61 26.47
C ILE A 166 7.63 7.62 25.45
N ASP A 167 7.27 6.46 25.89
CA ASP A 167 6.70 5.45 24.96
C ASP A 167 5.16 5.57 24.92
N ALA A 168 4.55 6.05 25.98
CA ALA A 168 3.07 6.18 26.00
C ALA A 168 2.57 6.94 24.77
N LEU A 169 3.27 7.97 24.37
CA LEU A 169 2.84 8.76 23.17
C LEU A 169 3.34 8.11 21.88
N ARG A 170 3.69 6.83 21.91
CA ARG A 170 4.18 6.16 20.67
C ARG A 170 3.15 6.27 19.54
N GLY A 171 1.97 5.73 19.75
CA GLY A 171 0.92 5.80 18.68
C GLY A 171 -0.19 4.79 18.97
N LYS A 172 -0.75 4.21 17.94
CA LYS A 172 -1.85 3.22 18.13
C LYS A 172 -1.30 1.93 18.75
N HIS A 173 -1.43 1.77 20.04
CA HIS A 173 -0.93 0.54 20.71
C HIS A 173 -2.10 -0.31 21.24
N ASP A 174 -2.30 -1.49 20.69
CA ASP A 174 -3.41 -2.35 21.19
C ASP A 174 -2.91 -3.77 21.47
N THR A 175 -2.39 -4.45 20.48
CA THR A 175 -1.88 -5.83 20.67
C THR A 175 -2.94 -6.76 21.29
N ALA A 176 -2.96 -6.90 22.60
CA ALA A 176 -3.97 -7.81 23.22
C ALA A 176 -4.26 -7.42 24.68
N GLY A 177 -5.35 -6.75 24.91
CA GLY A 177 -5.71 -6.36 26.31
C GLY A 177 -6.36 -7.54 27.01
N SER A 178 -6.88 -8.48 26.24
CA SER A 178 -7.54 -9.67 26.83
C SER A 178 -6.48 -10.72 27.23
N ILE A 179 -5.29 -10.59 26.70
CA ILE A 179 -4.21 -11.57 27.05
C ILE A 179 -3.62 -11.25 28.43
N GLY A 180 -3.84 -10.06 28.92
CA GLY A 180 -3.29 -9.67 30.25
C GLY A 180 -3.61 -10.73 31.32
N ALA A 181 -4.64 -11.50 31.12
CA ALA A 181 -4.99 -12.54 32.15
C ALA A 181 -4.04 -13.74 32.07
N GLY A 182 -3.92 -14.35 30.92
CA GLY A 182 -3.02 -15.54 30.78
C GLY A 182 -1.62 -15.24 31.33
N ALA A 183 -1.23 -14.00 31.37
CA ALA A 183 0.13 -13.66 31.89
C ALA A 183 0.10 -13.42 33.41
N LEU A 184 -1.07 -13.18 33.96
CA LEU A 184 -1.15 -12.93 35.44
C LEU A 184 -0.72 -14.17 36.23
N THR A 185 -1.43 -15.27 36.09
CA THR A 185 -1.05 -16.49 36.87
C THR A 185 0.38 -16.94 36.51
N GLY A 186 0.87 -16.53 35.37
CA GLY A 186 2.25 -16.92 34.97
C GLY A 186 3.26 -16.34 35.96
N ALA A 187 2.95 -15.23 36.57
CA ALA A 187 3.89 -14.61 37.55
C ALA A 187 3.60 -15.13 38.96
N LEU A 188 2.39 -15.52 39.24
CA LEU A 188 2.05 -16.03 40.59
C LEU A 188 2.84 -17.31 40.89
N PHE A 189 2.79 -18.27 40.00
CA PHE A 189 3.54 -19.54 40.24
C PHE A 189 5.04 -19.30 40.15
N LYS A 190 5.46 -18.22 39.52
CA LYS A 190 6.91 -17.93 39.40
C LYS A 190 7.56 -17.82 40.79
N SER A 191 6.79 -17.49 41.79
CA SER A 191 7.36 -17.37 43.16
C SER A 191 7.29 -18.71 43.90
N SER A 192 6.17 -19.02 44.51
CA SER A 192 6.04 -20.31 45.25
C SER A 192 7.21 -20.50 46.20
N LYS A 193 7.80 -19.44 46.67
CA LYS A 193 8.95 -19.57 47.61
C LYS A 193 8.58 -19.01 48.98
N GLY A 194 7.31 -19.00 49.31
CA GLY A 194 6.88 -18.47 50.63
C GLY A 194 6.12 -17.14 50.42
N LEU A 195 6.75 -16.03 50.69
CA LEU A 195 6.07 -14.73 50.51
C LEU A 195 5.73 -14.52 49.03
N LYS A 196 4.68 -13.80 48.75
CA LYS A 196 4.29 -13.56 47.33
C LYS A 196 4.77 -12.18 46.86
N PRO A 197 5.84 -12.17 46.10
CA PRO A 197 6.39 -10.89 45.59
C PRO A 197 5.49 -10.33 44.50
N MET A 198 4.79 -11.19 43.80
CA MET A 198 3.89 -10.70 42.70
C MET A 198 2.83 -9.75 43.27
N GLY A 199 2.57 -9.81 44.55
CA GLY A 199 1.56 -8.91 45.16
C GLY A 199 1.93 -7.45 44.91
N TYR A 200 3.18 -7.09 45.14
CA TYR A 200 3.60 -5.68 44.91
C TYR A 200 4.10 -5.50 43.47
N SER A 201 4.62 -6.55 42.89
CA SER A 201 5.12 -6.44 41.48
C SER A 201 3.95 -6.39 40.50
N SER A 202 2.79 -6.83 40.90
CA SER A 202 1.61 -6.80 39.98
C SER A 202 1.34 -5.37 39.54
N ALA A 203 1.41 -4.43 40.45
CA ALA A 203 1.15 -3.01 40.08
C ALA A 203 2.06 -2.58 38.92
N MET A 204 3.17 -3.26 38.76
CA MET A 204 4.10 -2.90 37.64
C MET A 204 3.48 -3.33 36.30
N VAL A 205 3.01 -4.55 36.22
CA VAL A 205 2.38 -5.02 34.95
C VAL A 205 0.98 -4.40 34.80
N ALA A 206 0.33 -4.11 35.90
CA ALA A 206 -1.02 -3.51 35.83
C ALA A 206 -0.96 -2.18 35.09
N ALA A 207 0.05 -1.39 35.36
CA ALA A 207 0.18 -0.07 34.67
C ALA A 207 0.36 -0.30 33.16
N ALA A 208 0.96 -1.41 32.79
CA ALA A 208 1.16 -1.70 31.35
C ALA A 208 -0.19 -1.82 30.65
N CYS A 209 -1.20 -2.26 31.36
CA CYS A 209 -2.55 -2.40 30.74
C CYS A 209 -3.02 -1.03 30.21
N ALA A 210 -2.74 0.02 30.94
CA ALA A 210 -3.17 1.37 30.49
C ALA A 210 -2.40 1.78 29.23
N VAL A 211 -1.09 1.73 29.27
CA VAL A 211 -0.29 2.11 28.07
C VAL A 211 -0.74 1.29 26.85
N TRP A 212 -1.08 0.05 27.06
CA TRP A 212 -1.54 -0.80 25.93
C TRP A 212 -3.01 -0.51 25.64
N CYS A 213 -3.81 -0.37 26.66
CA CYS A 213 -5.26 -0.05 26.44
C CYS A 213 -5.37 1.31 25.78
N SER A 214 -4.32 2.10 25.83
CA SER A 214 -4.35 3.46 25.21
C SER A 214 -4.94 3.40 23.79
N VAL A 215 -5.01 2.22 23.20
CA VAL A 215 -5.59 2.09 21.82
C VAL A 215 -6.89 2.90 21.70
N LYS A 216 -7.60 3.08 22.78
CA LYS A 216 -8.87 3.86 22.72
C LYS A 216 -9.84 3.22 21.72
N LYS A 217 -10.79 3.97 21.23
CA LYS A 217 -11.76 3.41 20.25
C LYS A 217 -12.43 2.16 20.82
N ARG A 218 -13.59 2.29 21.41
CA ARG A 218 -14.29 1.10 21.98
C ARG A 218 -15.15 0.43 20.91
N LEU A 219 -15.13 0.92 19.70
CA LEU A 219 -15.96 0.31 18.63
C LEU A 219 -15.09 -0.52 17.68
N LEU A 220 -13.80 -0.27 17.67
CA LEU A 220 -12.90 -1.05 16.77
C LEU A 220 -12.98 -2.54 17.10
N GLU A 221 -13.26 -2.87 18.33
CA GLU A 221 -13.36 -4.32 18.72
C GLU A 221 -14.63 -4.93 18.13
N LYS A 222 -14.65 -5.19 16.85
CA LYS A 222 -15.86 -5.80 16.22
C LYS A 222 -15.45 -6.85 15.18
N MET B 1 -11.15 81.84 -62.90
CA MET B 1 -9.94 82.66 -63.25
C MET B 1 -9.53 83.52 -62.06
N SER B 2 -8.39 84.16 -62.15
CA SER B 2 -7.92 85.03 -61.02
C SER B 2 -8.24 86.50 -61.32
N TRP B 3 -9.29 86.76 -62.04
CA TRP B 3 -9.64 88.16 -62.36
C TRP B 3 -10.57 88.74 -61.28
N LEU B 4 -11.35 87.90 -60.64
CA LEU B 4 -12.28 88.38 -59.58
C LEU B 4 -11.48 89.08 -58.45
N PHE B 5 -10.24 88.71 -58.29
CA PHE B 5 -9.42 89.34 -57.22
C PHE B 5 -8.23 90.10 -57.82
N GLY B 6 -7.98 89.94 -59.10
CA GLY B 6 -6.84 90.65 -59.73
C GLY B 6 -5.53 90.02 -59.27
N ASP B 7 -5.51 88.72 -59.09
CA ASP B 7 -4.26 88.05 -58.64
C ASP B 7 -3.56 87.38 -59.83
N LYS B 8 -2.25 87.32 -59.80
CA LYS B 8 -1.51 86.69 -60.92
C LYS B 8 -1.52 85.15 -60.77
N THR B 9 -1.67 84.44 -61.86
CA THR B 9 -1.69 82.96 -61.78
C THR B 9 -0.30 82.44 -61.38
N PRO B 10 -0.28 81.53 -60.43
CA PRO B 10 1.01 80.96 -59.97
C PRO B 10 1.57 79.99 -61.01
N THR B 11 2.86 79.75 -60.99
CA THR B 11 3.46 78.82 -61.97
C THR B 11 3.64 77.43 -61.36
N ASP B 12 2.89 77.13 -60.33
CA ASP B 12 3.01 75.79 -59.68
C ASP B 12 2.04 74.79 -60.32
N ASP B 13 0.98 75.27 -60.93
CA ASP B 13 0.00 74.35 -61.57
C ASP B 13 0.70 73.48 -62.63
N ALA B 14 1.76 73.98 -63.20
CA ALA B 14 2.49 73.20 -64.25
C ALA B 14 3.39 72.15 -63.59
N ASN B 15 3.86 72.41 -62.40
CA ASN B 15 4.74 71.43 -61.70
C ASN B 15 3.90 70.39 -60.98
N ALA B 16 2.72 70.76 -60.54
CA ALA B 16 1.84 69.78 -59.83
C ALA B 16 1.15 68.86 -60.83
N ALA B 17 0.50 69.42 -61.81
CA ALA B 17 -0.20 68.58 -62.82
C ALA B 17 -0.51 69.40 -64.07
N VAL B 18 0.28 69.24 -65.11
CA VAL B 18 0.04 70.02 -66.36
C VAL B 18 -1.31 69.62 -66.98
N GLY B 19 -1.40 68.41 -67.47
CA GLY B 19 -2.69 67.95 -68.08
C GLY B 19 -3.40 66.99 -67.14
N GLY B 20 -2.68 66.08 -66.56
CA GLY B 20 -3.31 65.10 -65.62
C GLY B 20 -3.92 63.94 -66.40
N GLN B 21 -5.22 63.79 -66.36
CA GLN B 21 -5.87 62.68 -67.11
C GLN B 21 -6.75 63.25 -68.23
N ASP B 22 -7.68 62.47 -68.71
CA ASP B 22 -8.57 62.96 -69.80
C ASP B 22 -9.86 63.54 -69.22
N THR B 23 -10.67 62.72 -68.60
CA THR B 23 -11.95 63.21 -68.01
C THR B 23 -11.74 63.59 -66.54
N THR B 24 -12.63 64.36 -65.98
CA THR B 24 -12.48 64.76 -64.55
C THR B 24 -13.78 64.48 -63.79
N LYS B 25 -14.90 64.75 -64.39
CA LYS B 25 -16.20 64.50 -63.70
C LYS B 25 -16.73 63.11 -64.05
N PRO B 26 -17.63 62.63 -63.21
CA PRO B 26 -18.22 61.28 -63.43
C PRO B 26 -19.21 61.33 -64.60
N LYS B 27 -19.99 62.37 -64.69
CA LYS B 27 -20.98 62.50 -65.79
C LYS B 27 -21.90 61.27 -65.85
N GLU B 28 -21.51 60.23 -66.55
CA GLU B 28 -22.37 59.02 -66.63
C GLU B 28 -22.57 58.41 -65.25
N LEU B 29 -21.57 58.45 -64.41
CA LEU B 29 -21.71 57.88 -63.04
C LEU B 29 -22.72 58.68 -62.22
N SER B 30 -23.08 59.85 -62.68
CA SER B 30 -24.07 60.68 -61.91
C SER B 30 -25.47 60.09 -62.05
N LEU B 31 -25.77 59.48 -63.18
CA LEU B 31 -27.12 58.89 -63.37
C LEU B 31 -27.30 57.67 -62.46
N LYS B 32 -26.23 57.02 -62.09
CA LYS B 32 -26.33 55.83 -61.20
C LYS B 32 -26.98 56.23 -59.86
N GLN B 33 -26.83 57.46 -59.46
CA GLN B 33 -27.43 57.90 -58.17
C GLN B 33 -28.93 58.18 -58.35
N SER B 34 -29.33 58.55 -59.53
CA SER B 34 -30.79 58.83 -59.78
C SER B 34 -31.58 57.52 -59.78
N LEU B 35 -30.98 56.46 -60.23
CA LEU B 35 -31.71 55.15 -60.25
C LEU B 35 -32.03 54.69 -58.83
N GLY B 36 -31.13 54.93 -57.91
CA GLY B 36 -31.37 54.50 -56.50
C GLY B 36 -30.71 53.15 -56.25
N PHE B 37 -29.57 52.92 -56.86
CA PHE B 37 -28.88 51.61 -56.66
C PHE B 37 -28.12 51.62 -55.32
N GLU B 38 -27.79 50.47 -54.80
CA GLU B 38 -27.05 50.42 -53.51
C GLU B 38 -25.73 49.65 -53.70
N PRO B 39 -24.71 50.11 -53.01
CA PRO B 39 -23.39 49.45 -53.10
C PRO B 39 -23.34 48.18 -52.25
N ASN B 40 -24.23 48.06 -51.30
CA ASN B 40 -24.22 46.86 -50.42
C ASN B 40 -25.09 45.74 -51.00
N ILE B 41 -25.88 46.03 -52.01
CA ILE B 41 -26.74 44.97 -52.60
C ILE B 41 -25.89 43.86 -53.22
N ASN B 42 -24.70 44.19 -53.67
CA ASN B 42 -23.82 43.16 -54.28
C ASN B 42 -22.97 42.47 -53.22
N ASN B 43 -22.79 43.11 -52.08
CA ASN B 43 -21.96 42.50 -51.00
C ASN B 43 -22.59 41.16 -50.56
N ILE B 44 -23.89 41.06 -50.63
CA ILE B 44 -24.55 39.79 -50.21
C ILE B 44 -24.21 38.66 -51.19
N ILE B 45 -23.66 38.98 -52.33
CA ILE B 45 -23.30 37.92 -53.32
C ILE B 45 -21.84 37.48 -53.13
N SER B 46 -21.29 37.70 -51.96
CA SER B 46 -19.87 37.29 -51.72
C SER B 46 -19.81 36.22 -50.64
N GLY B 47 -20.75 35.31 -50.65
CA GLY B 47 -20.75 34.23 -49.61
C GLY B 47 -21.74 34.57 -48.50
N PRO B 48 -22.99 34.23 -48.72
CA PRO B 48 -24.04 34.51 -47.71
C PRO B 48 -23.90 33.57 -46.51
N GLY B 49 -23.71 34.11 -45.34
CA GLY B 49 -23.57 33.25 -44.14
C GLY B 49 -22.25 32.48 -44.21
N GLY B 50 -22.17 31.36 -43.54
CA GLY B 50 -20.91 30.56 -43.57
C GLY B 50 -20.43 30.30 -42.14
N MET B 51 -19.58 31.15 -41.63
CA MET B 51 -19.07 30.95 -40.24
C MET B 51 -18.50 29.54 -40.07
N HIS B 52 -18.04 29.22 -38.89
CA HIS B 52 -17.47 27.86 -38.65
C HIS B 52 -18.30 27.12 -37.60
N VAL B 53 -18.30 25.81 -37.65
CA VAL B 53 -19.10 25.03 -36.66
C VAL B 53 -18.22 23.94 -36.03
N ASP B 54 -18.77 23.19 -35.10
CA ASP B 54 -17.96 22.12 -34.45
C ASP B 54 -18.02 20.84 -35.29
N THR B 55 -16.88 20.23 -35.55
CA THR B 55 -16.86 18.99 -36.36
C THR B 55 -17.55 17.85 -35.61
N ALA B 56 -17.64 17.94 -34.30
CA ALA B 56 -18.30 16.86 -33.52
C ALA B 56 -19.79 16.78 -33.87
N ARG B 57 -20.37 17.86 -34.32
CA ARG B 57 -21.81 17.84 -34.69
C ARG B 57 -22.06 16.84 -35.82
N LEU B 58 -21.38 16.98 -36.92
CA LEU B 58 -21.57 16.05 -38.06
C LEU B 58 -20.72 14.79 -37.86
N HIS B 59 -19.42 14.93 -37.91
CA HIS B 59 -18.53 13.75 -37.73
C HIS B 59 -18.28 13.52 -36.24
N PRO B 60 -18.12 12.26 -35.88
CA PRO B 60 -17.87 11.91 -34.46
C PRO B 60 -16.43 12.27 -34.07
N LEU B 61 -16.16 12.43 -32.80
CA LEU B 61 -14.78 12.78 -32.36
C LEU B 61 -13.86 11.57 -32.51
N ALA B 62 -12.66 11.66 -32.03
CA ALA B 62 -11.71 10.53 -32.14
C ALA B 62 -11.67 9.73 -30.83
N GLY B 63 -11.72 10.41 -29.72
CA GLY B 63 -11.70 9.70 -28.40
C GLY B 63 -10.50 10.20 -27.58
N LEU B 64 -10.33 11.49 -27.49
CA LEU B 64 -9.19 12.04 -26.70
C LEU B 64 -9.44 11.83 -25.19
N ASP B 65 -10.67 11.70 -24.79
CA ASP B 65 -10.97 11.49 -23.35
C ASP B 65 -10.29 10.21 -22.85
N LYS B 66 -10.01 9.28 -23.73
CA LYS B 66 -9.35 8.02 -23.31
C LYS B 66 -8.00 8.31 -22.67
N GLY B 67 -7.37 9.38 -23.06
CA GLY B 67 -6.04 9.74 -22.47
C GLY B 67 -6.20 10.01 -20.98
N VAL B 68 -7.02 10.97 -20.63
CA VAL B 68 -7.23 11.29 -19.19
C VAL B 68 -8.03 10.17 -18.50
N GLU B 69 -8.78 9.41 -19.26
CA GLU B 69 -9.59 8.32 -18.66
C GLU B 69 -8.67 7.27 -18.03
N TYR B 70 -7.78 6.71 -18.79
CA TYR B 70 -6.85 5.67 -18.24
C TYR B 70 -6.00 6.26 -17.11
N LEU B 71 -5.91 7.57 -17.04
CA LEU B 71 -5.09 8.20 -15.96
C LEU B 71 -5.55 7.72 -14.58
N ASP B 72 -6.79 7.96 -14.23
CA ASP B 72 -7.30 7.53 -12.90
C ASP B 72 -7.89 6.11 -12.96
N LEU B 73 -8.10 5.60 -14.15
CA LEU B 73 -8.68 4.22 -14.26
C LEU B 73 -7.58 3.17 -14.19
N GLU B 74 -6.38 3.52 -14.61
CA GLU B 74 -5.26 2.53 -14.57
C GLU B 74 -4.54 2.61 -13.22
N GLU B 75 -4.47 3.76 -12.62
CA GLU B 75 -3.78 3.89 -11.31
C GLU B 75 -4.61 3.21 -10.21
N GLU B 76 -5.89 3.10 -10.40
CA GLU B 76 -6.75 2.45 -9.37
C GLU B 76 -6.70 0.92 -9.51
N GLN B 77 -6.18 0.42 -10.60
CA GLN B 77 -6.12 -1.06 -10.80
C GLN B 77 -5.27 -1.70 -9.70
N LEU B 78 -4.15 -1.11 -9.37
CA LEU B 78 -3.27 -1.71 -8.31
C LEU B 78 -3.65 -1.15 -6.93
N SER B 79 -4.24 0.02 -6.88
CA SER B 79 -4.62 0.60 -5.57
C SER B 79 -5.70 -0.26 -4.89
N SER B 80 -6.63 -0.77 -5.64
CA SER B 80 -7.71 -1.61 -5.05
C SER B 80 -7.13 -2.96 -4.59
N LEU B 81 -6.03 -3.37 -5.14
CA LEU B 81 -5.43 -4.68 -4.73
C LEU B 81 -5.03 -4.63 -3.25
N GLU B 82 -4.58 -3.51 -2.78
CA GLU B 82 -4.17 -3.40 -1.35
C GLU B 82 -5.41 -3.40 -0.45
N GLY B 83 -6.37 -2.57 -0.74
CA GLY B 83 -7.60 -2.51 0.10
C GLY B 83 -7.25 -1.97 1.48
N SER B 84 -8.17 -1.28 2.11
CA SER B 84 -7.89 -0.71 3.45
C SER B 84 -8.35 -1.69 4.54
N GLN B 85 -9.40 -2.42 4.28
CA GLN B 85 -9.91 -3.39 5.30
C GLN B 85 -9.37 -4.80 5.02
N GLY B 86 -8.37 -4.91 4.18
CA GLY B 86 -7.81 -6.25 3.86
C GLY B 86 -7.07 -6.81 5.08
N LEU B 87 -5.79 -6.59 5.16
CA LEU B 87 -5.00 -7.09 6.33
C LEU B 87 -4.64 -5.94 7.27
N ILE B 88 -4.28 -6.24 8.48
CA ILE B 88 -3.91 -5.16 9.44
C ILE B 88 -2.56 -5.47 10.10
N PRO B 89 -1.53 -5.49 9.29
CA PRO B 89 -0.16 -5.79 9.79
C PRO B 89 0.40 -4.57 10.55
N SER B 90 -0.31 -3.48 10.57
CA SER B 90 0.20 -2.27 11.28
C SER B 90 0.43 -2.57 12.77
N ARG B 91 -0.16 -3.63 13.27
CA ARG B 91 0.02 -3.98 14.71
C ARG B 91 1.51 -4.03 15.06
N GLY B 92 2.34 -4.45 14.15
CA GLY B 92 3.80 -4.52 14.43
C GLY B 92 4.19 -5.97 14.74
N TRP B 93 3.30 -6.74 15.30
CA TRP B 93 3.63 -8.16 15.63
C TRP B 93 2.96 -9.10 14.60
N THR B 94 3.18 -8.86 13.33
CA THR B 94 2.55 -9.74 12.30
C THR B 94 3.53 -10.00 11.16
N ASP B 95 4.81 -10.04 11.44
CA ASP B 95 5.81 -10.30 10.36
C ASP B 95 5.84 -11.79 10.03
N ASP B 96 5.52 -12.63 10.97
CA ASP B 96 5.53 -14.10 10.72
C ASP B 96 4.41 -14.48 9.75
N LEU B 97 3.46 -13.61 9.54
CA LEU B 97 2.33 -13.92 8.61
C LEU B 97 2.86 -14.46 7.27
N CYS B 98 4.07 -14.13 6.92
CA CYS B 98 4.64 -14.63 5.62
C CYS B 98 4.50 -16.15 5.53
N TYR B 99 4.45 -16.82 6.66
CA TYR B 99 4.31 -18.31 6.64
C TYR B 99 2.89 -18.71 7.00
N GLY B 100 2.22 -17.93 7.81
CA GLY B 100 0.83 -18.27 8.20
C GLY B 100 0.83 -18.99 9.54
N THR B 101 1.09 -18.29 10.61
CA THR B 101 1.12 -18.94 11.96
C THR B 101 0.44 -18.03 12.98
N GLY B 102 1.03 -16.92 13.29
CA GLY B 102 0.41 -15.99 14.29
C GLY B 102 0.37 -16.67 15.66
N ALA B 103 1.23 -17.61 15.90
CA ALA B 103 1.23 -18.32 17.22
C ALA B 103 1.99 -17.49 18.27
N VAL B 104 2.84 -16.60 17.83
CA VAL B 104 3.62 -15.76 18.79
C VAL B 104 2.68 -15.10 19.81
N TYR B 105 1.51 -14.71 19.38
CA TYR B 105 0.54 -14.06 20.31
C TYR B 105 -0.17 -15.14 21.15
N LEU B 106 -0.85 -16.05 20.51
CA LEU B 106 -1.58 -17.12 21.25
C LEU B 106 -0.60 -18.00 22.03
N LEU B 107 0.33 -18.61 21.36
CA LEU B 107 1.31 -19.49 22.07
C LEU B 107 1.92 -18.76 23.27
N GLY B 108 1.97 -17.46 23.22
CA GLY B 108 2.55 -16.69 24.36
C GLY B 108 1.71 -16.93 25.62
N LEU B 109 0.46 -17.25 25.45
CA LEU B 109 -0.42 -17.49 26.63
C LEU B 109 -0.07 -18.84 27.28
N GLY B 110 0.09 -19.86 26.49
CA GLY B 110 0.44 -21.20 27.06
C GLY B 110 1.77 -21.13 27.80
N ILE B 111 2.66 -20.29 27.33
CA ILE B 111 3.99 -20.16 28.01
C ILE B 111 3.80 -19.65 29.44
N GLY B 112 2.72 -18.95 29.70
CA GLY B 112 2.48 -18.42 31.07
C GLY B 112 2.08 -19.56 32.00
N GLY B 113 1.48 -20.60 31.48
CA GLY B 113 1.07 -21.74 32.33
C GLY B 113 2.21 -22.75 32.43
N PHE B 114 2.77 -23.14 31.31
CA PHE B 114 3.89 -24.12 31.34
C PHE B 114 5.08 -23.55 32.13
N SER B 115 5.24 -22.26 32.13
CA SER B 115 6.38 -21.65 32.88
C SER B 115 6.03 -21.52 34.36
N GLY B 116 4.78 -21.29 34.67
CA GLY B 116 4.38 -21.14 36.10
C GLY B 116 4.59 -22.48 36.82
N MET B 117 4.27 -23.57 36.18
CA MET B 117 4.45 -24.90 36.84
C MET B 117 5.92 -25.10 37.24
N MET B 118 6.83 -24.37 36.63
CA MET B 118 8.27 -24.53 36.97
C MET B 118 8.50 -24.23 38.46
N GLN B 119 8.18 -23.05 38.90
CA GLN B 119 8.38 -22.70 40.34
C GLN B 119 7.21 -23.21 41.18
N GLY B 120 6.05 -23.36 40.58
CA GLY B 120 4.88 -23.86 41.36
C GLY B 120 5.15 -25.28 41.85
N LEU B 121 5.99 -26.00 41.17
CA LEU B 121 6.29 -27.40 41.61
C LEU B 121 7.15 -27.39 42.89
N GLN B 122 7.87 -26.32 43.12
CA GLN B 122 8.72 -26.24 44.34
C GLN B 122 7.97 -25.53 45.46
N ASN B 123 6.66 -25.46 45.39
CA ASN B 123 5.87 -24.78 46.45
C ASN B 123 6.14 -25.43 47.80
N ILE B 124 6.27 -26.74 47.83
CA ILE B 124 6.52 -27.44 49.13
C ILE B 124 7.99 -27.27 49.53
N PRO B 125 8.21 -26.77 50.73
CA PRO B 125 9.58 -26.57 51.23
C PRO B 125 10.23 -27.91 51.60
N PRO B 126 11.53 -27.97 51.50
CA PRO B 126 12.26 -29.21 51.83
C PRO B 126 12.32 -29.42 53.35
N ASN B 127 12.15 -28.37 54.11
CA ASN B 127 12.20 -28.50 55.60
C ASN B 127 10.78 -28.65 56.16
N SER B 128 9.88 -29.22 55.40
CA SER B 128 8.48 -29.40 55.90
C SER B 128 8.48 -30.23 57.19
N PRO B 129 7.50 -29.97 58.04
CA PRO B 129 7.40 -30.71 59.32
C PRO B 129 6.93 -32.16 59.06
N GLY B 130 7.56 -33.11 59.69
CA GLY B 130 7.17 -34.53 59.49
C GLY B 130 8.10 -35.43 60.30
N LYS B 131 7.61 -36.58 60.72
CA LYS B 131 8.48 -37.51 61.51
C LYS B 131 8.71 -38.81 60.73
N LEU B 132 7.87 -39.10 59.76
CA LEU B 132 8.05 -40.34 58.96
C LEU B 132 8.04 -40.03 57.47
N GLN B 133 8.29 -38.81 57.10
CA GLN B 133 8.29 -38.44 55.65
C GLN B 133 9.48 -39.08 54.94
N LEU B 134 10.51 -39.44 55.68
CA LEU B 134 11.70 -40.08 55.04
C LEU B 134 11.47 -41.58 54.87
N ASN B 135 10.65 -42.17 55.70
CA ASN B 135 10.38 -43.63 55.57
C ASN B 135 9.28 -43.88 54.54
N THR B 136 8.41 -42.93 54.34
CA THR B 136 7.31 -43.11 53.35
C THR B 136 7.88 -43.42 51.96
N VAL B 137 9.11 -43.03 51.72
CA VAL B 137 9.73 -43.31 50.38
C VAL B 137 10.16 -44.78 50.29
N LEU B 138 10.44 -45.40 51.41
CA LEU B 138 10.87 -46.82 51.39
C LEU B 138 9.76 -47.70 50.81
N ASN B 139 8.54 -47.41 51.13
CA ASN B 139 7.41 -48.23 50.59
C ASN B 139 7.28 -48.01 49.08
N HIS B 140 7.05 -46.80 48.66
CA HIS B 140 6.92 -46.52 47.19
C HIS B 140 8.27 -46.73 46.50
N ILE B 141 8.25 -47.19 45.28
CA ILE B 141 9.53 -47.42 44.55
C ILE B 141 9.84 -46.22 43.64
N THR B 142 11.10 -45.90 43.47
CA THR B 142 11.46 -44.74 42.61
C THR B 142 12.98 -44.71 42.38
N LYS B 143 13.40 -44.42 41.17
CA LYS B 143 14.86 -44.37 40.89
C LYS B 143 15.35 -42.93 40.92
N ARG B 144 15.47 -42.35 42.09
CA ARG B 144 15.95 -40.94 42.19
C ARG B 144 17.42 -40.85 41.77
N GLY B 145 17.70 -40.19 40.68
CA GLY B 145 19.11 -40.07 40.22
C GLY B 145 19.90 -39.21 41.21
N PRO B 146 21.20 -39.35 41.18
CA PRO B 146 22.07 -38.58 42.09
C PRO B 146 22.12 -37.11 41.66
N PHE B 147 22.68 -36.25 42.48
CA PHE B 147 22.77 -34.81 42.12
C PHE B 147 21.40 -34.27 41.71
N LEU B 148 20.39 -34.51 42.51
CA LEU B 148 19.02 -34.01 42.16
C LEU B 148 18.57 -32.95 43.17
N GLY B 149 18.40 -31.74 42.72
CA GLY B 149 17.96 -30.66 43.65
C GLY B 149 17.63 -29.40 42.85
N ASN B 150 18.45 -29.06 41.90
CA ASN B 150 18.20 -27.85 41.07
C ASN B 150 17.65 -28.24 39.70
N ASN B 151 17.13 -29.44 39.57
CA ASN B 151 16.60 -29.91 38.26
C ASN B 151 15.53 -28.92 37.75
N ALA B 152 14.55 -28.63 38.56
CA ALA B 152 13.48 -27.68 38.12
C ALA B 152 14.09 -26.31 37.83
N GLY B 153 15.20 -25.98 38.43
CA GLY B 153 15.85 -24.66 38.20
C GLY B 153 16.51 -24.67 36.82
N ILE B 154 17.34 -25.65 36.55
CA ILE B 154 18.03 -25.70 35.23
C ILE B 154 17.03 -26.06 34.13
N LEU B 155 15.93 -26.68 34.48
CA LEU B 155 14.92 -27.05 33.45
C LEU B 155 14.42 -25.81 32.71
N ALA B 156 14.32 -24.70 33.39
CA ALA B 156 13.83 -23.45 32.73
C ALA B 156 14.75 -23.09 31.56
N LEU B 157 15.96 -23.58 31.56
CA LEU B 157 16.89 -23.25 30.43
C LEU B 157 16.53 -24.07 29.19
N SER B 158 16.45 -25.37 29.34
CA SER B 158 16.10 -26.23 28.16
C SER B 158 14.70 -25.88 27.63
N TYR B 159 13.85 -25.37 28.49
CA TYR B 159 12.47 -25.01 28.05
C TYR B 159 12.53 -23.89 27.00
N ASN B 160 13.56 -23.09 27.02
CA ASN B 160 13.67 -21.98 26.03
C ASN B 160 14.29 -22.49 24.72
N ILE B 161 15.08 -23.53 24.79
CA ILE B 161 15.71 -24.08 23.56
C ILE B 161 14.69 -24.85 22.73
N ILE B 162 13.93 -25.71 23.35
CA ILE B 162 12.91 -26.50 22.60
C ILE B 162 11.86 -25.57 21.98
N ASN B 163 11.70 -24.39 22.52
CA ASN B 163 10.69 -23.44 21.95
C ASN B 163 11.32 -22.55 20.88
N SER B 164 12.62 -22.43 20.88
CA SER B 164 13.29 -21.58 19.85
C SER B 164 13.10 -22.16 18.44
N THR B 165 12.75 -23.41 18.34
CA THR B 165 12.56 -24.03 16.99
C THR B 165 11.23 -23.58 16.40
N ILE B 166 10.16 -23.71 17.13
CA ILE B 166 8.82 -23.29 16.60
C ILE B 166 8.89 -21.83 16.12
N ASP B 167 9.67 -21.02 16.79
CA ASP B 167 9.79 -19.60 16.37
C ASP B 167 10.93 -19.42 15.36
N ALA B 168 11.96 -20.23 15.47
CA ALA B 168 13.11 -20.11 14.52
C ALA B 168 12.61 -20.14 13.07
N LEU B 169 11.58 -20.90 12.82
CA LEU B 169 11.04 -20.97 11.42
C LEU B 169 10.03 -19.85 11.17
N ARG B 170 10.07 -18.81 11.96
CA ARG B 170 9.11 -17.68 11.77
C ARG B 170 9.22 -17.10 10.35
N GLY B 171 10.37 -16.61 9.98
CA GLY B 171 10.53 -16.04 8.61
C GLY B 171 11.91 -15.38 8.47
N LYS B 172 11.94 -14.09 8.29
CA LYS B 172 13.25 -13.39 8.14
C LYS B 172 13.30 -12.14 9.03
N HIS B 173 13.91 -12.24 10.18
CA HIS B 173 13.99 -11.06 11.10
C HIS B 173 15.44 -10.57 11.21
N ASP B 174 15.61 -9.30 11.46
CA ASP B 174 17.00 -8.75 11.62
C ASP B 174 17.08 -7.90 12.90
N THR B 175 16.29 -6.88 12.98
CA THR B 175 16.27 -6.01 14.21
C THR B 175 17.66 -5.44 14.52
N ALA B 176 18.41 -6.03 15.42
CA ALA B 176 19.74 -5.45 15.78
C ALA B 176 20.70 -6.53 16.31
N GLY B 177 21.59 -6.99 15.49
CA GLY B 177 22.58 -8.01 15.97
C GLY B 177 23.74 -7.28 16.67
N SER B 178 23.91 -6.02 16.40
CA SER B 178 25.01 -5.23 17.04
C SER B 178 24.57 -4.76 18.44
N ILE B 179 23.28 -4.76 18.71
CA ILE B 179 22.79 -4.31 20.05
C ILE B 179 23.02 -5.40 21.10
N GLY B 180 23.24 -6.62 20.67
CA GLY B 180 23.45 -7.73 21.65
C GLY B 180 24.52 -7.34 22.69
N ALA B 181 25.39 -6.42 22.35
CA ALA B 181 26.46 -6.03 23.33
C ALA B 181 25.89 -5.13 24.44
N GLY B 182 25.28 -4.03 24.08
CA GLY B 182 24.72 -3.11 25.11
C GLY B 182 23.84 -3.88 26.11
N ALA B 183 23.31 -5.00 25.71
CA ALA B 183 22.44 -5.78 26.64
C ALA B 183 23.27 -6.73 27.50
N LEU B 184 24.49 -6.98 27.13
CA LEU B 184 25.35 -7.91 27.92
C LEU B 184 25.67 -7.30 29.31
N THR B 185 26.38 -6.21 29.34
CA THR B 185 26.72 -5.58 30.66
C THR B 185 25.45 -5.27 31.46
N GLY B 186 24.34 -5.13 30.79
CA GLY B 186 23.06 -4.83 31.51
C GLY B 186 22.73 -5.98 32.46
N ALA B 187 23.08 -7.18 32.09
CA ALA B 187 22.79 -8.35 32.96
C ALA B 187 23.95 -8.61 33.93
N LEU B 188 25.14 -8.19 33.57
CA LEU B 188 26.31 -8.42 34.46
C LEU B 188 26.16 -7.62 35.75
N PHE B 189 25.62 -6.44 35.68
CA PHE B 189 25.45 -5.60 36.91
C PHE B 189 24.13 -5.96 37.60
N LYS B 190 23.25 -6.64 36.93
CA LYS B 190 21.94 -7.01 37.57
C LYS B 190 22.17 -7.75 38.88
N SER B 191 23.26 -8.48 38.98
CA SER B 191 23.54 -9.24 40.23
C SER B 191 25.04 -9.54 40.34
N SER B 192 25.65 -9.13 41.42
CA SER B 192 27.11 -9.38 41.60
C SER B 192 27.48 -9.36 43.09
N LYS B 193 26.69 -10.00 43.91
CA LYS B 193 26.99 -10.03 45.37
C LYS B 193 27.74 -11.30 45.74
N GLY B 194 27.49 -12.38 45.04
CA GLY B 194 28.19 -13.65 45.35
C GLY B 194 28.68 -14.30 44.05
N LEU B 195 28.08 -15.38 43.64
CA LEU B 195 28.51 -16.05 42.38
C LEU B 195 28.05 -15.24 41.16
N LYS B 196 28.47 -15.62 40.00
CA LYS B 196 28.08 -14.88 38.76
C LYS B 196 26.90 -15.59 38.06
N PRO B 197 25.73 -15.02 38.19
CA PRO B 197 24.53 -15.63 37.55
C PRO B 197 24.58 -15.42 36.03
N MET B 198 25.01 -14.27 35.59
CA MET B 198 25.08 -14.01 34.12
C MET B 198 26.12 -14.92 33.47
N GLY B 199 27.04 -15.45 34.24
CA GLY B 199 28.08 -16.34 33.67
C GLY B 199 27.42 -17.52 32.94
N TYR B 200 26.53 -18.20 33.60
CA TYR B 200 25.83 -19.36 32.95
C TYR B 200 24.57 -18.89 32.22
N SER B 201 23.93 -17.87 32.72
CA SER B 201 22.69 -17.37 32.05
C SER B 201 23.03 -16.76 30.69
N SER B 202 24.27 -16.39 30.49
CA SER B 202 24.67 -15.78 29.17
C SER B 202 24.38 -16.79 28.04
N ALA B 203 24.63 -18.05 28.29
CA ALA B 203 24.38 -19.07 27.23
C ALA B 203 22.91 -19.00 26.76
N MET B 204 22.04 -18.52 27.62
CA MET B 204 20.60 -18.41 27.24
C MET B 204 20.44 -17.27 26.23
N VAL B 205 20.93 -16.10 26.54
CA VAL B 205 20.81 -14.95 25.59
C VAL B 205 21.73 -15.18 24.38
N ALA B 206 22.79 -15.93 24.57
CA ALA B 206 23.72 -16.20 23.44
C ALA B 206 22.99 -16.94 22.33
N ALA B 207 22.19 -17.93 22.68
CA ALA B 207 21.44 -18.68 21.65
C ALA B 207 20.51 -17.73 20.89
N ALA B 208 20.07 -16.68 21.55
CA ALA B 208 19.16 -15.72 20.87
C ALA B 208 19.88 -15.07 19.68
N CYS B 209 21.17 -14.88 19.79
CA CYS B 209 21.93 -14.28 18.66
C CYS B 209 21.77 -15.14 17.41
N ALA B 210 21.72 -16.44 17.58
CA ALA B 210 21.57 -17.34 16.40
C ALA B 210 20.16 -17.19 15.81
N VAL B 211 19.14 -17.24 16.64
CA VAL B 211 17.74 -17.10 16.13
C VAL B 211 17.58 -15.75 15.43
N TRP B 212 18.19 -14.72 15.95
CA TRP B 212 18.07 -13.38 15.33
C TRP B 212 19.07 -13.26 14.17
N CYS B 213 20.28 -13.72 14.35
CA CYS B 213 21.28 -13.67 13.24
C CYS B 213 20.76 -14.48 12.05
N SER B 214 19.80 -15.34 12.28
CA SER B 214 19.23 -16.16 11.18
C SER B 214 18.89 -15.25 9.97
N VAL B 215 18.82 -13.96 10.19
CA VAL B 215 18.52 -13.01 9.07
C VAL B 215 19.32 -13.36 7.80
N LYS B 216 20.45 -14.01 7.96
CA LYS B 216 21.27 -14.39 6.77
C LYS B 216 21.73 -13.13 6.02
N LYS B 217 22.91 -12.67 6.30
CA LYS B 217 23.41 -11.44 5.60
C LYS B 217 24.92 -11.58 5.33
N ARG B 218 25.67 -12.01 6.30
CA ARG B 218 27.15 -12.16 6.10
C ARG B 218 27.43 -13.22 5.03
N LEU B 219 26.62 -14.24 4.98
CA LEU B 219 26.85 -15.31 3.95
C LEU B 219 26.68 -14.74 2.54
N LEU B 220 25.94 -13.68 2.40
CA LEU B 220 25.74 -13.08 1.05
C LEU B 220 26.59 -11.81 0.91
N GLU B 221 26.86 -11.14 1.99
CA GLU B 221 27.68 -9.89 1.92
C GLU B 221 29.15 -10.25 1.72
N LYS B 222 29.53 -10.61 0.53
CA LYS B 222 30.96 -10.97 0.26
C LYS B 222 31.19 -11.11 -1.25
N MET C 1 3.05 2.15 5.84
CA MET C 1 2.24 1.30 6.76
C MET C 1 1.43 2.17 7.73
N LEU C 2 0.60 3.04 7.21
CA LEU C 2 -0.21 3.92 8.08
C LEU C 2 -1.71 3.65 7.87
N SER C 3 -2.50 3.85 8.88
CA SER C 3 -3.97 3.60 8.74
C SER C 3 -4.65 4.82 8.13
N LEU C 4 -4.37 5.13 6.89
CA LEU C 4 -4.99 6.31 6.24
C LEU C 4 -5.48 5.94 4.83
N ARG C 5 -6.41 5.02 4.74
CA ARG C 5 -6.92 4.62 3.40
C ARG C 5 -8.45 4.74 3.37
N GLN C 6 -8.97 5.56 2.48
CA GLN C 6 -10.45 5.73 2.40
C GLN C 6 -11.08 4.52 1.72
N SER C 7 -12.39 4.46 1.65
CA SER C 7 -13.06 3.31 1.00
C SER C 7 -13.61 3.71 -0.37
N ILE C 8 -13.01 4.69 -0.99
CA ILE C 8 -13.49 5.13 -2.33
C ILE C 8 -12.67 4.43 -3.44
N ARG C 9 -13.12 4.54 -4.67
CA ARG C 9 -12.39 3.89 -5.79
C ARG C 9 -12.21 2.39 -5.52
N PHE C 10 -13.07 1.58 -6.08
CA PHE C 10 -12.96 0.10 -5.86
C PHE C 10 -12.73 -0.62 -7.19
N PHE C 11 -13.70 -0.60 -8.07
CA PHE C 11 -13.54 -1.28 -9.39
C PHE C 11 -13.15 -2.74 -9.19
N LYS C 12 -12.98 -3.48 -10.26
CA LYS C 12 -12.59 -4.90 -10.15
C LYS C 12 -11.94 -5.38 -11.44
N PRO C 13 -10.63 -5.35 -11.47
CA PRO C 13 -9.88 -5.79 -12.66
C PRO C 13 -9.93 -7.32 -12.80
N ALA C 14 -9.85 -7.82 -13.99
CA ALA C 14 -9.90 -9.30 -14.19
C ALA C 14 -9.06 -9.70 -15.41
N THR C 15 -7.92 -10.30 -15.19
CA THR C 15 -7.05 -10.72 -16.33
C THR C 15 -6.80 -9.53 -17.27
N ARG C 16 -6.42 -9.80 -18.50
CA ARG C 16 -6.16 -8.69 -19.46
C ARG C 16 -6.13 -9.22 -20.89
N THR C 17 -6.61 -8.44 -21.82
CA THR C 17 -6.61 -8.90 -23.25
C THR C 17 -6.24 -7.74 -24.18
N LEU C 18 -5.32 -6.91 -23.76
CA LEU C 18 -4.90 -5.76 -24.62
C LEU C 18 -3.55 -6.06 -25.27
N CYS C 19 -3.30 -5.48 -26.42
CA CYS C 19 -1.99 -5.72 -27.11
C CYS C 19 -1.67 -4.56 -28.06
N SER C 20 -0.80 -3.68 -27.64
CA SER C 20 -0.44 -2.51 -28.51
C SER C 20 0.89 -1.91 -28.05
N SER C 21 1.76 -1.60 -28.98
CA SER C 21 3.07 -1.00 -28.60
C SER C 21 3.12 0.47 -29.04
N ARG C 22 2.03 1.17 -28.91
CA ARG C 22 2.03 2.61 -29.32
C ARG C 22 2.30 3.51 -28.11
N TYR C 23 2.96 4.62 -28.32
CA TYR C 23 3.24 5.54 -27.19
C TYR C 23 3.20 6.99 -27.66
N LEU C 24 2.04 7.61 -27.60
CA LEU C 24 1.93 9.03 -28.04
C LEU C 24 0.62 9.64 -27.54
N LEU C 25 0.61 10.91 -27.28
CA LEU C 25 -0.63 11.57 -26.78
C LEU C 25 -0.87 12.89 -27.53
N MET A 1 -22.61 -23.93 -93.26
CA MET A 1 -23.85 -23.94 -92.43
C MET A 1 -25.09 -23.85 -93.35
N SER A 2 -25.22 -24.76 -94.26
CA SER A 2 -26.41 -24.73 -95.18
C SER A 2 -26.85 -26.16 -95.52
N TRP A 3 -25.92 -27.01 -95.86
CA TRP A 3 -26.28 -28.41 -96.21
C TRP A 3 -26.81 -29.14 -94.97
N LEU A 4 -26.36 -28.75 -93.80
CA LEU A 4 -26.83 -29.42 -92.56
C LEU A 4 -28.21 -28.88 -92.16
N PHE A 5 -28.49 -27.65 -92.49
CA PHE A 5 -29.82 -27.08 -92.14
C PHE A 5 -30.89 -27.53 -93.14
N GLY A 6 -30.48 -27.97 -94.30
CA GLY A 6 -31.47 -28.42 -95.32
C GLY A 6 -31.78 -27.28 -96.28
N ASP A 7 -30.82 -26.47 -96.59
CA ASP A 7 -31.06 -25.32 -97.53
C ASP A 7 -30.48 -25.64 -98.90
N LYS A 8 -30.65 -24.76 -99.85
CA LYS A 8 -30.10 -25.01 -101.22
C LYS A 8 -28.57 -24.87 -101.20
N THR A 9 -27.87 -25.86 -101.68
CA THR A 9 -26.38 -25.79 -101.70
C THR A 9 -25.91 -24.58 -102.51
N PRO A 10 -25.33 -23.62 -101.82
CA PRO A 10 -24.84 -22.40 -102.51
C PRO A 10 -23.57 -22.71 -103.32
N THR A 11 -22.96 -21.71 -103.90
CA THR A 11 -21.73 -21.96 -104.70
C THR A 11 -20.49 -21.62 -103.87
N ASP A 12 -20.58 -21.71 -102.57
CA ASP A 12 -19.40 -21.40 -101.71
C ASP A 12 -18.40 -22.55 -101.75
N ASP A 13 -18.85 -23.75 -102.01
CA ASP A 13 -17.92 -24.91 -102.06
C ASP A 13 -16.90 -24.73 -103.18
N ALA A 14 -17.31 -24.13 -104.27
CA ALA A 14 -16.37 -23.91 -105.40
C ALA A 14 -15.66 -22.56 -105.25
N ASN A 15 -16.34 -21.58 -104.73
CA ASN A 15 -15.72 -20.23 -104.56
C ASN A 15 -14.56 -20.32 -103.57
N ALA A 16 -14.65 -21.18 -102.59
CA ALA A 16 -13.55 -21.32 -101.60
C ALA A 16 -12.26 -21.74 -102.29
N ALA A 17 -12.37 -22.54 -103.33
CA ALA A 17 -11.15 -22.99 -104.05
C ALA A 17 -11.13 -22.43 -105.48
N VAL A 18 -10.23 -21.54 -105.76
CA VAL A 18 -10.15 -20.95 -107.13
C VAL A 18 -8.85 -21.35 -107.81
N GLY A 19 -8.58 -20.81 -108.97
CA GLY A 19 -7.32 -21.16 -109.68
C GLY A 19 -6.67 -19.89 -110.25
N GLY A 20 -6.44 -18.91 -109.41
CA GLY A 20 -5.81 -17.65 -109.89
C GLY A 20 -5.48 -16.77 -108.69
N GLN A 21 -4.22 -16.46 -108.50
CA GLN A 21 -3.82 -15.59 -107.35
C GLN A 21 -4.25 -14.15 -107.61
N ASP A 22 -5.24 -13.68 -106.89
CA ASP A 22 -5.70 -12.27 -107.10
C ASP A 22 -5.10 -11.36 -106.02
N THR A 23 -5.23 -11.73 -104.78
CA THR A 23 -4.68 -10.88 -103.69
C THR A 23 -3.24 -11.31 -103.36
N THR A 24 -2.37 -10.35 -103.18
CA THR A 24 -0.94 -10.70 -102.86
C THR A 24 -0.70 -10.59 -101.35
N LYS A 25 -1.41 -9.72 -100.70
CA LYS A 25 -1.21 -9.56 -99.22
C LYS A 25 -1.55 -10.87 -98.51
N PRO A 26 -0.60 -11.38 -97.76
CA PRO A 26 -0.82 -12.65 -97.02
C PRO A 26 -1.75 -12.41 -95.83
N LYS A 27 -1.48 -11.41 -95.05
CA LYS A 27 -2.35 -11.12 -93.86
C LYS A 27 -2.52 -12.37 -92.99
N GLU A 28 -1.47 -13.16 -92.88
CA GLU A 28 -1.56 -14.40 -92.04
C GLU A 28 -1.68 -14.02 -90.56
N LEU A 29 -1.12 -12.92 -90.17
CA LEU A 29 -1.19 -12.50 -88.75
C LEU A 29 -2.55 -11.88 -88.45
N SER A 30 -3.17 -11.29 -89.43
CA SER A 30 -4.51 -10.66 -89.21
C SER A 30 -5.58 -11.75 -89.02
N LEU A 31 -5.34 -12.92 -89.54
CA LEU A 31 -6.35 -14.02 -89.40
C LEU A 31 -6.59 -14.32 -87.92
N LYS A 32 -5.55 -14.40 -87.14
CA LYS A 32 -5.73 -14.68 -85.68
C LYS A 32 -6.52 -13.55 -85.01
N GLN A 33 -6.42 -12.36 -85.54
CA GLN A 33 -7.16 -11.21 -84.94
C GLN A 33 -8.60 -11.18 -85.47
N SER A 34 -8.82 -11.65 -86.68
CA SER A 34 -10.19 -11.65 -87.25
C SER A 34 -11.05 -12.70 -86.55
N LEU A 35 -10.44 -13.72 -86.01
CA LEU A 35 -11.23 -14.78 -85.30
C LEU A 35 -12.01 -14.17 -84.13
N GLY A 36 -11.54 -13.06 -83.60
CA GLY A 36 -12.25 -12.42 -82.46
C GLY A 36 -11.54 -12.78 -81.16
N PHE A 37 -10.24 -12.90 -81.20
CA PHE A 37 -9.48 -13.23 -79.96
C PHE A 37 -8.38 -12.19 -79.71
N GLU A 38 -8.63 -11.27 -78.83
CA GLU A 38 -7.60 -10.22 -78.54
C GLU A 38 -7.09 -10.36 -77.09
N PRO A 39 -5.80 -10.53 -76.96
CA PRO A 39 -5.20 -10.68 -75.60
C PRO A 39 -5.19 -9.33 -74.88
N ASN A 40 -5.21 -8.25 -75.61
CA ASN A 40 -5.20 -6.90 -74.97
C ASN A 40 -6.41 -6.74 -74.04
N ILE A 41 -7.60 -6.95 -74.55
CA ILE A 41 -8.81 -6.81 -73.70
C ILE A 41 -8.95 -8.01 -72.74
N ASN A 42 -8.10 -8.99 -72.87
CA ASN A 42 -8.19 -10.18 -71.97
C ASN A 42 -7.54 -9.87 -70.60
N ASN A 43 -6.85 -8.76 -70.50
CA ASN A 43 -6.20 -8.41 -69.20
C ASN A 43 -7.20 -7.75 -68.25
N ILE A 44 -8.00 -6.84 -68.75
CA ILE A 44 -9.00 -6.16 -67.88
C ILE A 44 -10.09 -7.15 -67.44
N ILE A 45 -10.30 -8.19 -68.20
CA ILE A 45 -11.34 -9.19 -67.83
C ILE A 45 -10.80 -10.14 -66.76
N SER A 46 -9.54 -10.49 -66.85
CA SER A 46 -8.96 -11.43 -65.84
C SER A 46 -7.82 -10.73 -65.08
N GLY A 47 -8.14 -9.80 -64.23
CA GLY A 47 -7.08 -9.09 -63.46
C GLY A 47 -7.72 -8.26 -62.35
N PRO A 48 -8.39 -8.92 -61.45
CA PRO A 48 -9.06 -8.22 -60.32
C PRO A 48 -8.03 -7.71 -59.32
N GLY A 49 -8.21 -6.52 -58.82
CA GLY A 49 -7.24 -5.96 -57.83
C GLY A 49 -7.85 -5.99 -56.43
N GLY A 50 -7.23 -5.33 -55.49
CA GLY A 50 -7.79 -5.31 -54.10
C GLY A 50 -6.86 -6.09 -53.18
N MET A 51 -7.02 -5.95 -51.89
CA MET A 51 -6.16 -6.70 -50.93
C MET A 51 -6.80 -6.73 -49.55
N HIS A 52 -7.05 -5.58 -48.98
CA HIS A 52 -7.68 -5.53 -47.63
C HIS A 52 -8.57 -4.30 -47.50
N VAL A 53 -9.49 -4.32 -46.57
CA VAL A 53 -10.40 -3.15 -46.39
C VAL A 53 -10.31 -2.62 -44.95
N ASP A 54 -10.26 -1.33 -44.79
CA ASP A 54 -10.18 -0.75 -43.42
C ASP A 54 -10.56 0.73 -43.44
N THR A 55 -11.55 1.11 -42.67
CA THR A 55 -11.97 2.55 -42.64
C THR A 55 -11.31 3.28 -41.47
N ALA A 56 -10.41 2.64 -40.78
CA ALA A 56 -9.74 3.31 -39.62
C ALA A 56 -8.84 4.45 -40.11
N ARG A 57 -8.35 4.35 -41.32
CA ARG A 57 -7.48 5.43 -41.87
C ARG A 57 -8.31 6.66 -42.23
N LEU A 58 -9.41 6.45 -42.93
CA LEU A 58 -10.26 7.61 -43.32
C LEU A 58 -10.94 8.20 -42.08
N HIS A 59 -11.76 7.44 -41.41
CA HIS A 59 -12.45 7.96 -40.20
C HIS A 59 -11.48 7.97 -39.02
N PRO A 60 -11.73 8.86 -38.08
CA PRO A 60 -10.87 8.98 -36.88
C PRO A 60 -11.10 7.80 -35.94
N LEU A 61 -10.34 7.71 -34.88
CA LEU A 61 -10.51 6.57 -33.93
C LEU A 61 -11.21 7.06 -32.65
N ALA A 62 -11.18 6.28 -31.61
CA ALA A 62 -11.83 6.70 -30.33
C ALA A 62 -10.89 7.57 -29.51
N GLY A 63 -9.61 7.35 -29.62
CA GLY A 63 -8.63 8.16 -28.84
C GLY A 63 -7.96 7.29 -27.79
N LEU A 64 -7.59 6.09 -28.14
CA LEU A 64 -6.92 5.18 -27.15
C LEU A 64 -5.41 5.38 -27.18
N ASP A 65 -4.88 5.92 -28.26
CA ASP A 65 -3.41 6.14 -28.34
C ASP A 65 -2.92 7.00 -27.17
N LYS A 66 -3.77 7.81 -26.61
CA LYS A 66 -3.36 8.66 -25.47
C LYS A 66 -3.24 7.83 -24.19
N GLY A 67 -4.00 6.78 -24.08
CA GLY A 67 -3.94 5.93 -22.86
C GLY A 67 -2.87 4.85 -23.03
N VAL A 68 -2.60 4.46 -24.26
CA VAL A 68 -1.57 3.41 -24.50
C VAL A 68 -0.21 3.85 -23.95
N GLU A 69 0.00 5.13 -23.81
CA GLU A 69 1.29 5.63 -23.28
C GLU A 69 1.33 5.47 -21.76
N TYR A 70 0.34 5.95 -21.07
CA TYR A 70 0.31 5.83 -19.59
C TYR A 70 0.04 4.37 -19.17
N LEU A 71 -0.30 3.52 -20.10
CA LEU A 71 -0.58 2.09 -19.75
C LEU A 71 0.60 1.48 -19.00
N ASP A 72 1.76 1.47 -19.59
CA ASP A 72 2.94 0.88 -18.90
C ASP A 72 3.68 1.96 -18.09
N LEU A 73 3.62 3.18 -18.52
CA LEU A 73 4.32 4.28 -17.77
C LEU A 73 3.79 4.37 -16.34
N GLU A 74 2.52 4.13 -16.15
CA GLU A 74 1.94 4.20 -14.78
C GLU A 74 2.01 2.83 -14.09
N GLU A 75 1.83 1.78 -14.84
CA GLU A 75 1.89 0.42 -14.22
C GLU A 75 3.26 0.18 -13.58
N GLU A 76 4.29 0.81 -14.10
CA GLU A 76 5.66 0.62 -13.53
C GLU A 76 5.92 1.66 -12.44
N GLN A 77 5.16 2.72 -12.41
CA GLN A 77 5.37 3.78 -11.37
C GLN A 77 5.25 3.17 -9.98
N LEU A 78 4.20 2.43 -9.72
CA LEU A 78 4.03 1.81 -8.38
C LEU A 78 4.90 0.55 -8.25
N SER A 79 5.24 -0.07 -9.35
CA SER A 79 6.09 -1.29 -9.28
C SER A 79 7.42 -0.97 -8.60
N SER A 80 7.96 0.20 -8.83
CA SER A 80 9.26 0.57 -8.20
C SER A 80 9.01 1.23 -6.83
N LEU A 81 7.86 1.80 -6.64
CA LEU A 81 7.56 2.47 -5.33
C LEU A 81 7.72 1.47 -4.18
N GLU A 82 7.49 0.22 -4.44
CA GLU A 82 7.62 -0.81 -3.37
C GLU A 82 9.00 -1.48 -3.45
N GLY A 83 9.97 -0.82 -4.01
CA GLY A 83 11.33 -1.42 -4.12
C GLY A 83 11.94 -1.53 -2.72
N SER A 84 13.12 -2.07 -2.63
CA SER A 84 13.78 -2.22 -1.30
C SER A 84 14.42 -0.90 -0.87
N GLN A 85 14.71 -0.04 -1.81
CA GLN A 85 15.34 1.27 -1.45
C GLN A 85 14.32 2.16 -0.73
N GLY A 86 13.06 1.97 -1.01
CA GLY A 86 12.02 2.82 -0.36
C GLY A 86 11.57 2.15 0.96
N LEU A 87 11.48 0.85 0.97
CA LEU A 87 11.04 0.14 2.21
C LEU A 87 12.12 0.25 3.29
N ILE A 88 11.73 0.50 4.50
CA ILE A 88 12.73 0.62 5.61
C ILE A 88 13.28 -0.78 5.95
N PRO A 89 14.59 -0.87 6.04
CA PRO A 89 15.23 -2.17 6.37
C PRO A 89 14.97 -2.56 7.83
N SER A 90 14.55 -1.62 8.64
CA SER A 90 14.27 -1.94 10.07
C SER A 90 12.79 -2.26 10.27
N ARG A 91 12.16 -2.85 9.28
CA ARG A 91 10.72 -3.19 9.41
C ARG A 91 10.52 -4.30 10.46
N GLY A 92 9.32 -4.48 10.92
CA GLY A 92 9.06 -5.54 11.94
C GLY A 92 8.85 -4.88 13.31
N TRP A 93 9.46 -3.76 13.55
CA TRP A 93 9.30 -3.07 14.86
C TRP A 93 9.27 -1.56 14.65
N THR A 94 8.89 -1.11 13.47
CA THR A 94 8.84 0.36 13.20
C THR A 94 7.39 0.85 13.19
N ASP A 95 6.50 0.12 13.83
CA ASP A 95 5.07 0.55 13.84
C ASP A 95 4.92 1.89 14.58
N ASP A 96 5.82 2.18 15.47
CA ASP A 96 5.74 3.47 16.22
C ASP A 96 6.51 4.57 15.49
N LEU A 97 7.39 4.21 14.61
CA LEU A 97 8.18 5.24 13.86
C LEU A 97 7.25 6.28 13.23
N CYS A 98 6.02 5.91 12.98
CA CYS A 98 5.06 6.87 12.37
C CYS A 98 4.49 7.81 13.45
N TYR A 99 4.50 7.37 14.67
CA TYR A 99 3.96 8.23 15.78
C TYR A 99 5.12 8.89 16.54
N GLY A 100 6.26 8.25 16.60
CA GLY A 100 7.42 8.84 17.32
C GLY A 100 8.62 8.93 16.38
N THR A 101 9.76 8.45 16.80
CA THR A 101 10.97 8.52 15.93
C THR A 101 11.70 7.17 15.92
N GLY A 102 11.01 6.12 16.26
CA GLY A 102 11.67 4.77 16.27
C GLY A 102 12.82 4.76 17.27
N ALA A 103 12.68 5.46 18.36
CA ALA A 103 13.77 5.49 19.38
C ALA A 103 13.77 4.19 20.20
N VAL A 104 12.77 3.37 20.03
CA VAL A 104 12.72 2.09 20.79
C VAL A 104 14.01 1.28 20.60
N TYR A 105 14.31 0.90 19.39
CA TYR A 105 15.56 0.12 19.11
C TYR A 105 16.77 0.81 19.75
N LEU A 106 17.04 2.03 19.36
CA LEU A 106 18.21 2.76 19.92
C LEU A 106 18.07 2.91 21.44
N LEU A 107 17.08 3.63 21.90
CA LEU A 107 16.89 3.81 23.36
C LEU A 107 16.89 2.46 24.08
N GLY A 108 16.56 1.40 23.37
CA GLY A 108 16.54 0.05 24.01
C GLY A 108 17.94 -0.27 24.56
N LEU A 109 18.96 0.37 24.04
CA LEU A 109 20.34 0.10 24.54
C LEU A 109 20.63 0.98 25.75
N GLY A 110 20.05 2.15 25.80
CA GLY A 110 20.28 3.06 26.96
C GLY A 110 19.63 2.48 28.21
N ILE A 111 18.70 1.58 28.04
CA ILE A 111 18.02 0.98 29.23
C ILE A 111 18.73 -0.32 29.65
N GLY A 112 20.03 -0.38 29.47
CA GLY A 112 20.78 -1.61 29.86
C GLY A 112 21.86 -1.24 30.88
N GLY A 113 22.77 -0.39 30.50
CA GLY A 113 23.85 0.02 31.45
C GLY A 113 23.24 0.74 32.65
N PHE A 114 22.17 1.44 32.44
CA PHE A 114 21.51 2.17 33.56
C PHE A 114 20.63 1.22 34.38
N SER A 115 20.06 0.23 33.73
CA SER A 115 19.20 -0.74 34.46
C SER A 115 20.06 -1.73 35.26
N GLY A 116 21.24 -2.02 34.78
CA GLY A 116 22.13 -2.97 35.51
C GLY A 116 22.83 -2.24 36.66
N MET A 117 23.18 -0.99 36.46
CA MET A 117 23.86 -0.23 37.54
C MET A 117 23.04 -0.28 38.84
N MET A 118 21.76 -0.52 38.74
CA MET A 118 20.90 -0.59 39.97
C MET A 118 21.50 -1.59 40.97
N GLN A 119 21.87 -2.76 40.52
CA GLN A 119 22.45 -3.77 41.44
C GLN A 119 23.91 -3.42 41.74
N GLY A 120 24.61 -2.86 40.79
CA GLY A 120 26.04 -2.49 41.03
C GLY A 120 26.12 -1.48 42.16
N LEU A 121 25.14 -0.61 42.26
CA LEU A 121 25.17 0.41 43.34
C LEU A 121 25.11 -0.26 44.72
N GLN A 122 24.59 -1.46 44.77
CA GLN A 122 24.50 -2.18 46.07
C GLN A 122 25.89 -2.45 46.62
N ASN A 123 26.88 -2.53 45.76
CA ASN A 123 28.27 -2.78 46.23
C ASN A 123 29.00 -1.46 46.48
N ILE A 124 28.97 -0.56 45.53
CA ILE A 124 29.66 0.74 45.71
C ILE A 124 28.68 1.78 46.29
N PRO A 125 29.19 2.64 47.13
CA PRO A 125 28.34 3.68 47.75
C PRO A 125 27.98 4.76 46.72
N PRO A 126 26.91 5.46 46.99
CA PRO A 126 26.47 6.53 46.06
C PRO A 126 27.40 7.73 46.14
N ASN A 127 27.79 8.26 45.01
CA ASN A 127 28.72 9.43 45.00
C ASN A 127 27.93 10.74 44.90
N SER A 128 26.70 10.67 44.45
CA SER A 128 25.88 11.91 44.32
C SER A 128 25.69 12.56 45.70
N PRO A 129 25.56 13.87 45.71
CA PRO A 129 25.37 14.60 46.98
C PRO A 129 23.96 14.38 47.53
N GLY A 130 23.86 13.91 48.74
CA GLY A 130 22.52 13.68 49.35
C GLY A 130 22.12 14.89 50.20
N LYS A 131 21.62 15.92 49.58
CA LYS A 131 21.21 17.13 50.35
C LYS A 131 19.69 17.29 50.32
N LEU A 132 18.96 16.23 50.08
CA LEU A 132 17.48 16.33 50.04
C LEU A 132 16.90 15.92 51.40
N GLN A 133 17.11 14.69 51.80
CA GLN A 133 16.56 14.23 53.11
C GLN A 133 17.65 14.25 54.18
N LEU A 134 18.71 14.99 53.96
CA LEU A 134 19.81 15.05 54.97
C LEU A 134 19.35 15.83 56.21
N ASN A 135 18.31 16.62 56.09
CA ASN A 135 17.81 17.39 57.25
C ASN A 135 16.78 16.59 58.03
N THR A 136 16.16 15.63 57.40
CA THR A 136 15.12 14.81 58.10
C THR A 136 15.79 13.79 59.02
N VAL A 137 17.03 13.45 58.76
CA VAL A 137 17.73 12.46 59.64
C VAL A 137 17.82 12.97 61.08
N LEU A 138 17.85 14.26 61.25
CA LEU A 138 17.94 14.84 62.63
C LEU A 138 16.59 14.71 63.34
N ASN A 139 15.51 14.72 62.60
CA ASN A 139 14.17 14.60 63.24
C ASN A 139 13.89 13.14 63.61
N HIS A 140 14.35 12.21 62.80
CA HIS A 140 14.12 10.78 63.11
C HIS A 140 15.39 10.15 63.71
N ILE A 141 15.26 9.01 64.33
CA ILE A 141 16.46 8.34 64.92
C ILE A 141 16.72 7.00 64.24
N THR A 142 17.95 6.55 64.24
CA THR A 142 18.27 5.25 63.59
C THR A 142 18.75 4.24 64.64
N LYS A 143 19.05 3.04 64.23
CA LYS A 143 19.52 2.01 65.21
C LYS A 143 20.90 1.49 64.80
N ARG A 144 21.82 2.38 64.52
CA ARG A 144 23.20 1.94 64.11
C ARG A 144 23.12 0.95 62.95
N GLY A 145 22.07 0.99 62.18
CA GLY A 145 21.94 0.05 61.03
C GLY A 145 22.08 0.82 59.72
N PRO A 146 21.71 0.16 58.64
CA PRO A 146 21.80 0.81 57.30
C PRO A 146 20.70 1.87 57.14
N PHE A 147 21.01 2.96 56.51
CA PHE A 147 19.99 4.03 56.32
C PHE A 147 18.83 3.51 55.47
N LEU A 148 19.10 3.03 54.28
CA LEU A 148 18.02 2.50 53.40
C LEU A 148 18.31 1.05 53.03
N GLY A 149 17.29 0.28 52.77
CA GLY A 149 17.51 -1.15 52.39
C GLY A 149 16.36 -1.63 51.50
N ASN A 150 15.14 -1.46 51.95
CA ASN A 150 13.97 -1.91 51.14
C ASN A 150 13.49 -0.78 50.22
N ASN A 151 14.20 0.31 50.18
CA ASN A 151 13.77 1.45 49.30
C ASN A 151 14.42 1.33 47.92
N ALA A 152 15.58 0.75 47.85
CA ALA A 152 16.27 0.60 46.54
C ALA A 152 15.44 -0.27 45.59
N GLY A 153 14.85 -1.31 46.09
CA GLY A 153 14.03 -2.21 45.22
C GLY A 153 12.86 -1.41 44.62
N ILE A 154 12.44 -0.37 45.29
CA ILE A 154 11.30 0.44 44.76
C ILE A 154 11.77 1.34 43.62
N LEU A 155 13.04 1.64 43.58
CA LEU A 155 13.56 2.51 42.48
C LEU A 155 13.34 1.86 41.12
N ALA A 156 13.59 0.58 41.01
CA ALA A 156 13.38 -0.12 39.70
C ALA A 156 11.90 -0.03 39.28
N LEU A 157 11.03 0.27 40.20
CA LEU A 157 9.58 0.37 39.85
C LEU A 157 9.22 1.80 39.43
N SER A 158 9.94 2.76 39.93
CA SER A 158 9.63 4.18 39.56
C SER A 158 10.24 4.53 38.20
N TYR A 159 11.42 4.05 37.92
CA TYR A 159 12.07 4.35 36.61
C TYR A 159 11.22 3.80 35.45
N ASN A 160 10.35 2.86 35.72
CA ASN A 160 9.50 2.29 34.64
C ASN A 160 8.35 3.25 34.31
N ILE A 161 8.00 4.12 35.22
CA ILE A 161 6.88 5.07 34.95
C ILE A 161 7.38 6.26 34.13
N ILE A 162 8.48 6.84 34.53
CA ILE A 162 9.02 8.01 33.79
C ILE A 162 9.36 7.63 32.34
N ASN A 163 9.68 6.37 32.11
CA ASN A 163 10.02 5.93 30.73
C ASN A 163 8.76 5.48 29.99
N SER A 164 7.72 5.15 30.69
CA SER A 164 6.46 4.69 30.01
C SER A 164 5.82 5.85 29.23
N THR A 165 5.96 7.05 29.73
CA THR A 165 5.35 8.23 29.03
C THR A 165 6.01 8.45 27.67
N ILE A 166 7.30 8.29 27.59
CA ILE A 166 8.00 8.50 26.28
C ILE A 166 7.34 7.61 25.22
N ASP A 167 7.25 6.35 25.48
CA ASP A 167 6.63 5.41 24.50
C ASP A 167 5.12 5.26 24.75
N ALA A 168 4.60 5.90 25.77
CA ALA A 168 3.14 5.77 26.08
C ALA A 168 2.31 6.20 24.87
N LEU A 169 2.66 7.32 24.28
CA LEU A 169 1.89 7.82 23.10
C LEU A 169 2.24 7.04 21.83
N ARG A 170 2.78 5.86 21.95
CA ARG A 170 3.14 5.07 20.73
C ARG A 170 1.89 4.70 19.92
N GLY A 171 0.98 3.98 20.51
CA GLY A 171 -0.27 3.59 19.78
C GLY A 171 -0.11 2.18 19.19
N LYS A 172 -0.43 1.17 19.96
CA LYS A 172 -0.30 -0.23 19.46
C LYS A 172 -1.35 -1.14 20.14
N HIS A 173 -1.44 -2.38 19.70
CA HIS A 173 -2.44 -3.34 20.29
C HIS A 173 -2.63 -3.13 21.80
N ASP A 174 -3.73 -3.59 22.34
CA ASP A 174 -3.98 -3.39 23.80
C ASP A 174 -4.25 -4.74 24.52
N THR A 175 -5.28 -5.45 24.15
CA THR A 175 -5.60 -6.77 24.79
C THR A 175 -5.38 -6.74 26.33
N ALA A 176 -6.44 -6.69 27.10
CA ALA A 176 -6.29 -6.68 28.58
C ALA A 176 -6.82 -7.98 29.18
N GLY A 177 -8.09 -8.05 29.47
CA GLY A 177 -8.67 -9.30 30.04
C GLY A 177 -8.45 -10.44 29.07
N SER A 178 -8.22 -10.14 27.81
CA SER A 178 -8.00 -11.22 26.81
C SER A 178 -6.59 -11.82 26.99
N ILE A 179 -5.56 -11.04 26.76
CA ILE A 179 -4.16 -11.57 26.93
C ILE A 179 -3.67 -11.45 28.38
N GLY A 180 -4.03 -10.39 29.05
CA GLY A 180 -3.54 -10.14 30.45
C GLY A 180 -3.69 -11.38 31.34
N ALA A 181 -4.89 -11.88 31.52
CA ALA A 181 -5.10 -13.05 32.42
C ALA A 181 -4.03 -14.14 32.21
N GLY A 182 -3.70 -14.43 30.99
CA GLY A 182 -2.67 -15.49 30.72
C GLY A 182 -1.31 -15.06 31.27
N ALA A 183 -1.08 -13.77 31.38
CA ALA A 183 0.23 -13.29 31.88
C ALA A 183 0.23 -13.10 33.41
N LEU A 184 -0.94 -13.03 34.01
CA LEU A 184 -1.00 -12.83 35.49
C LEU A 184 -0.58 -14.10 36.26
N THR A 185 -1.38 -15.13 36.21
CA THR A 185 -1.02 -16.38 36.96
C THR A 185 0.36 -16.87 36.54
N GLY A 186 0.80 -16.51 35.36
CA GLY A 186 2.15 -16.96 34.89
C GLY A 186 3.23 -16.44 35.85
N ALA A 187 2.97 -15.34 36.50
CA ALA A 187 3.98 -14.78 37.45
C ALA A 187 3.76 -15.34 38.86
N LEU A 188 2.55 -15.68 39.19
CA LEU A 188 2.27 -16.23 40.54
C LEU A 188 3.13 -17.46 40.82
N PHE A 189 3.04 -18.46 40.00
CA PHE A 189 3.87 -19.69 40.22
C PHE A 189 5.35 -19.38 40.04
N LYS A 190 5.68 -18.27 39.45
CA LYS A 190 7.12 -17.92 39.25
C LYS A 190 7.85 -17.90 40.59
N SER A 191 7.15 -17.66 41.67
CA SER A 191 7.81 -17.64 43.01
C SER A 191 6.85 -18.18 44.07
N SER A 192 7.34 -19.02 44.95
CA SER A 192 6.45 -19.59 46.02
C SER A 192 7.31 -20.19 47.14
N LYS A 193 8.16 -19.41 47.74
CA LYS A 193 9.01 -19.95 48.84
C LYS A 193 8.89 -19.06 50.09
N GLY A 194 7.79 -18.37 50.22
CA GLY A 194 7.61 -17.48 51.41
C GLY A 194 6.47 -16.50 51.14
N LEU A 195 6.67 -15.24 51.43
CA LEU A 195 5.59 -14.24 51.19
C LEU A 195 5.36 -14.09 49.68
N LYS A 196 4.48 -13.20 49.29
CA LYS A 196 4.20 -13.01 47.83
C LYS A 196 4.95 -11.77 47.30
N PRO A 197 6.07 -12.01 46.65
CA PRO A 197 6.86 -10.89 46.08
C PRO A 197 6.15 -10.31 44.85
N MET A 198 5.69 -11.17 43.99
CA MET A 198 4.99 -10.68 42.76
C MET A 198 3.67 -10.01 43.12
N GLY A 199 3.15 -10.29 44.29
CA GLY A 199 1.85 -9.67 44.71
C GLY A 199 1.94 -8.15 44.56
N TYR A 200 3.05 -7.56 44.95
CA TYR A 200 3.19 -6.08 44.83
C TYR A 200 3.73 -5.71 43.44
N SER A 201 4.41 -6.62 42.80
CA SER A 201 4.95 -6.33 41.44
C SER A 201 3.81 -6.27 40.41
N SER A 202 2.68 -6.84 40.73
CA SER A 202 1.53 -6.81 39.77
C SER A 202 1.21 -5.37 39.38
N ALA A 203 1.31 -4.46 40.31
CA ALA A 203 1.01 -3.03 39.98
C ALA A 203 1.88 -2.56 38.82
N MET A 204 2.99 -3.21 38.60
CA MET A 204 3.88 -2.81 37.46
C MET A 204 3.27 -3.27 36.13
N VAL A 205 2.90 -4.51 36.04
CA VAL A 205 2.29 -5.02 34.77
C VAL A 205 0.87 -4.49 34.62
N ALA A 206 0.20 -4.24 35.72
CA ALA A 206 -1.20 -3.71 35.64
C ALA A 206 -1.21 -2.41 34.84
N ALA A 207 -0.25 -1.56 35.05
CA ALA A 207 -0.20 -0.26 34.31
C ALA A 207 -0.03 -0.54 32.81
N ALA A 208 0.55 -1.66 32.47
CA ALA A 208 0.75 -2.00 31.02
C ALA A 208 -0.60 -2.05 30.31
N CYS A 209 -1.64 -2.46 30.99
CA CYS A 209 -2.98 -2.53 30.36
C CYS A 209 -3.39 -1.13 29.87
N ALA A 210 -3.04 -0.11 30.60
CA ALA A 210 -3.40 1.27 30.18
C ALA A 210 -2.46 1.73 29.07
N VAL A 211 -1.20 1.38 29.16
CA VAL A 211 -0.23 1.78 28.10
C VAL A 211 -0.55 1.04 26.79
N TRP A 212 -1.13 -0.13 26.89
CA TRP A 212 -1.48 -0.89 25.66
C TRP A 212 -2.86 -0.47 25.18
N CYS A 213 -3.74 -0.14 26.09
CA CYS A 213 -5.11 0.32 25.69
C CYS A 213 -4.96 1.51 24.73
N SER A 214 -3.81 2.14 24.74
CA SER A 214 -3.56 3.30 23.84
C SER A 214 -4.01 3.01 22.40
N VAL A 215 -4.24 1.76 22.06
CA VAL A 215 -4.69 1.41 20.66
C VAL A 215 -5.78 2.38 20.18
N LYS A 216 -6.54 2.94 21.09
CA LYS A 216 -7.62 3.89 20.70
C LYS A 216 -8.65 3.19 19.79
N LYS A 217 -9.52 2.41 20.36
CA LYS A 217 -10.54 1.70 19.55
C LYS A 217 -11.49 2.71 18.90
N ARG A 218 -11.14 3.21 17.75
CA ARG A 218 -12.03 4.19 17.06
C ARG A 218 -13.12 3.48 16.26
N LEU A 219 -13.06 2.18 16.17
CA LEU A 219 -14.09 1.43 15.40
C LEU A 219 -15.07 0.74 16.37
N LEU A 220 -14.60 0.36 17.53
CA LEU A 220 -15.49 -0.31 18.52
C LEU A 220 -16.26 0.73 19.33
N GLU A 221 -15.61 1.81 19.69
CA GLU A 221 -16.31 2.86 20.49
C GLU A 221 -17.45 3.47 19.67
N LYS A 222 -18.61 2.87 19.73
CA LYS A 222 -19.77 3.42 18.96
C LYS A 222 -21.07 2.79 19.45
N MET B 1 -9.78 74.63 -76.04
CA MET B 1 -8.30 74.57 -76.28
C MET B 1 -8.01 74.41 -77.77
N SER B 2 -8.83 73.66 -78.47
CA SER B 2 -8.60 73.47 -79.92
C SER B 2 -9.66 74.21 -80.73
N TRP B 3 -10.14 75.32 -80.23
CA TRP B 3 -11.17 76.09 -80.97
C TRP B 3 -10.52 77.19 -81.83
N LEU B 4 -9.36 77.64 -81.43
CA LEU B 4 -8.67 78.71 -82.23
C LEU B 4 -8.35 78.19 -83.63
N PHE B 5 -8.10 76.92 -83.77
CA PHE B 5 -7.78 76.36 -85.12
C PHE B 5 -9.08 76.02 -85.87
N GLY B 6 -10.22 76.31 -85.31
CA GLY B 6 -11.49 76.01 -85.99
C GLY B 6 -11.65 74.49 -86.12
N ASP B 7 -11.47 73.77 -85.04
CA ASP B 7 -11.60 72.29 -85.11
C ASP B 7 -13.06 71.90 -85.36
N LYS B 8 -13.31 70.66 -85.69
CA LYS B 8 -14.70 70.22 -85.96
C LYS B 8 -15.03 68.98 -85.14
N THR B 9 -16.29 68.69 -84.93
CA THR B 9 -16.67 67.49 -84.14
C THR B 9 -16.13 66.21 -84.81
N PRO B 10 -15.19 65.58 -84.16
CA PRO B 10 -14.59 64.34 -84.70
C PRO B 10 -15.58 63.18 -84.59
N THR B 11 -15.56 62.27 -85.54
CA THR B 11 -16.50 61.12 -85.49
C THR B 11 -15.74 59.82 -85.20
N ASP B 12 -14.44 59.87 -85.16
CA ASP B 12 -13.65 58.63 -84.88
C ASP B 12 -13.52 58.39 -83.37
N ASP B 13 -14.16 59.21 -82.58
CA ASP B 13 -14.08 59.02 -81.10
C ASP B 13 -14.71 57.69 -80.69
N ALA B 14 -15.80 57.33 -81.31
CA ALA B 14 -16.47 56.03 -80.98
C ALA B 14 -15.76 54.86 -81.66
N ASN B 15 -14.86 55.15 -82.56
CA ASN B 15 -14.14 54.04 -83.27
C ASN B 15 -12.84 53.68 -82.53
N ALA B 16 -12.70 54.12 -81.31
CA ALA B 16 -11.46 53.80 -80.54
C ALA B 16 -11.67 52.54 -79.70
N ALA B 17 -12.69 52.51 -78.89
CA ALA B 17 -12.95 51.31 -78.05
C ALA B 17 -14.27 50.66 -78.46
N VAL B 18 -14.26 49.36 -78.65
CA VAL B 18 -15.52 48.66 -79.05
C VAL B 18 -15.80 47.50 -78.09
N GLY B 19 -14.79 46.74 -77.76
CA GLY B 19 -15.00 45.59 -76.83
C GLY B 19 -13.70 44.78 -76.74
N GLY B 20 -13.81 43.48 -76.63
CA GLY B 20 -12.60 42.62 -76.53
C GLY B 20 -12.67 41.51 -77.58
N GLN B 21 -11.93 40.45 -77.38
CA GLN B 21 -11.96 39.32 -78.36
C GLN B 21 -11.58 38.01 -77.67
N ASP B 22 -12.44 37.49 -76.85
CA ASP B 22 -12.14 36.21 -76.14
C ASP B 22 -12.19 35.04 -77.12
N THR B 23 -13.12 35.07 -78.03
CA THR B 23 -13.23 33.96 -79.02
C THR B 23 -12.57 34.34 -80.34
N THR B 24 -11.96 33.41 -81.02
CA THR B 24 -11.29 33.71 -82.31
C THR B 24 -12.22 33.41 -83.49
N LYS B 25 -13.29 32.72 -83.24
CA LYS B 25 -14.24 32.39 -84.35
C LYS B 25 -15.20 33.56 -84.59
N PRO B 26 -15.97 33.45 -85.64
CA PRO B 26 -16.93 34.53 -85.99
C PRO B 26 -18.11 34.52 -85.02
N LYS B 27 -18.71 33.38 -84.79
CA LYS B 27 -19.87 33.31 -83.86
C LYS B 27 -20.12 31.86 -83.43
N GLU B 28 -19.26 31.31 -82.61
CA GLU B 28 -19.46 29.90 -82.17
C GLU B 28 -19.84 29.86 -80.69
N LEU B 29 -19.43 30.86 -79.93
CA LEU B 29 -19.76 30.87 -78.47
C LEU B 29 -21.29 30.84 -78.28
N SER B 30 -22.02 31.37 -79.21
CA SER B 30 -23.51 31.37 -79.09
C SER B 30 -24.10 30.13 -79.76
N LEU B 31 -23.42 29.59 -80.74
CA LEU B 31 -23.94 28.39 -81.45
C LEU B 31 -24.13 27.23 -80.46
N LYS B 32 -23.31 27.18 -79.43
CA LYS B 32 -23.44 26.08 -78.43
C LYS B 32 -24.52 26.43 -77.39
N GLN B 33 -24.62 27.68 -77.02
CA GLN B 33 -25.64 28.07 -76.02
C GLN B 33 -27.00 28.31 -76.69
N SER B 34 -27.06 28.19 -77.99
CA SER B 34 -28.36 28.41 -78.69
C SER B 34 -29.38 27.34 -78.28
N LEU B 35 -28.93 26.14 -78.04
CA LEU B 35 -29.86 25.06 -77.62
C LEU B 35 -30.52 25.41 -76.28
N GLY B 36 -29.77 26.00 -75.39
CA GLY B 36 -30.34 26.36 -74.06
C GLY B 36 -30.14 25.20 -73.08
N PHE B 37 -29.00 24.56 -73.13
CA PHE B 37 -28.75 23.41 -72.21
C PHE B 37 -28.66 23.91 -70.76
N GLU B 38 -29.70 23.72 -69.99
CA GLU B 38 -29.67 24.19 -68.57
C GLU B 38 -29.93 23.01 -67.62
N PRO B 39 -29.10 22.88 -66.62
CA PRO B 39 -29.26 21.77 -65.64
C PRO B 39 -30.44 22.04 -64.71
N ASN B 40 -31.00 23.24 -64.75
CA ASN B 40 -32.16 23.55 -63.87
C ASN B 40 -33.33 22.61 -64.15
N ILE B 41 -33.35 21.99 -65.31
CA ILE B 41 -34.47 21.05 -65.63
C ILE B 41 -34.50 19.89 -64.63
N ASN B 42 -33.46 19.11 -64.60
CA ASN B 42 -33.43 17.94 -63.66
C ASN B 42 -32.99 18.39 -62.26
N ASN B 43 -32.73 19.66 -62.07
CA ASN B 43 -32.30 20.15 -60.74
C ASN B 43 -33.38 19.88 -59.68
N ILE B 44 -34.61 19.73 -60.10
CA ILE B 44 -35.69 19.47 -59.11
C ILE B 44 -35.73 17.98 -58.74
N ILE B 45 -35.46 17.12 -59.68
CA ILE B 45 -35.47 15.65 -59.39
C ILE B 45 -34.18 15.26 -58.67
N SER B 46 -33.11 15.96 -58.92
CA SER B 46 -31.81 15.63 -58.25
C SER B 46 -31.31 16.83 -57.45
N GLY B 47 -31.98 17.16 -56.37
CA GLY B 47 -31.53 18.31 -55.55
C GLY B 47 -30.61 17.84 -54.42
N PRO B 48 -29.75 18.71 -53.98
CA PRO B 48 -28.80 18.36 -52.90
C PRO B 48 -29.53 18.27 -51.55
N GLY B 49 -28.89 17.75 -50.54
CA GLY B 49 -29.55 17.64 -49.22
C GLY B 49 -28.54 17.99 -48.12
N GLY B 50 -28.32 19.26 -47.90
CA GLY B 50 -27.35 19.67 -46.83
C GLY B 50 -28.06 19.74 -45.49
N MET B 51 -28.51 18.62 -44.99
CA MET B 51 -29.23 18.61 -43.68
C MET B 51 -29.28 17.19 -43.11
N HIS B 52 -28.30 16.82 -42.33
CA HIS B 52 -28.29 15.44 -41.74
C HIS B 52 -27.96 15.51 -40.25
N VAL B 53 -28.58 14.67 -39.46
CA VAL B 53 -28.30 14.69 -37.99
C VAL B 53 -27.95 13.27 -37.52
N ASP B 54 -26.95 13.15 -36.69
CA ASP B 54 -26.55 11.79 -36.19
C ASP B 54 -26.15 11.88 -34.71
N THR B 55 -25.87 10.75 -34.11
CA THR B 55 -25.47 10.76 -32.67
C THR B 55 -23.99 11.14 -32.53
N ALA B 56 -23.20 10.88 -33.55
CA ALA B 56 -21.75 11.23 -33.48
C ALA B 56 -21.58 12.75 -33.39
N ARG B 57 -22.49 13.50 -33.93
CA ARG B 57 -22.39 14.99 -33.88
C ARG B 57 -22.58 15.47 -32.44
N LEU B 58 -23.38 14.79 -31.68
CA LEU B 58 -23.61 15.22 -30.27
C LEU B 58 -22.50 14.66 -29.35
N HIS B 59 -21.86 13.60 -29.77
CA HIS B 59 -20.77 13.02 -28.93
C HIS B 59 -19.68 14.07 -28.65
N PRO B 60 -19.51 14.40 -27.39
CA PRO B 60 -18.50 15.41 -27.00
C PRO B 60 -17.09 14.83 -27.14
N LEU B 61 -16.09 15.62 -26.87
CA LEU B 61 -14.69 15.12 -26.99
C LEU B 61 -14.37 14.16 -25.85
N ALA B 62 -14.59 12.88 -26.06
CA ALA B 62 -14.30 11.88 -24.99
C ALA B 62 -13.15 10.97 -25.42
N GLY B 63 -12.24 11.47 -26.20
CA GLY B 63 -11.09 10.63 -26.66
C GLY B 63 -9.88 10.88 -25.76
N LEU B 64 -9.73 12.09 -25.29
CA LEU B 64 -8.57 12.40 -24.40
C LEU B 64 -8.71 11.70 -23.05
N ASP B 65 -9.92 11.35 -22.68
CA ASP B 65 -10.13 10.65 -21.38
C ASP B 65 -9.33 9.36 -21.33
N LYS B 66 -9.10 8.75 -22.46
CA LYS B 66 -8.33 7.47 -22.48
C LYS B 66 -6.91 7.70 -21.93
N GLY B 67 -6.41 8.92 -22.03
CA GLY B 67 -5.05 9.20 -21.52
C GLY B 67 -5.10 9.44 -20.01
N VAL B 68 -5.86 10.41 -19.58
CA VAL B 68 -5.96 10.69 -18.11
C VAL B 68 -6.52 9.47 -17.37
N GLU B 69 -7.38 8.73 -18.02
CA GLU B 69 -7.98 7.52 -17.35
C GLU B 69 -6.87 6.51 -17.01
N TYR B 70 -6.13 6.07 -17.99
CA TYR B 70 -5.03 5.09 -17.72
C TYR B 70 -4.03 5.66 -16.70
N LEU B 71 -4.01 6.96 -16.53
CA LEU B 71 -3.07 7.57 -15.56
C LEU B 71 -3.19 6.91 -14.18
N ASP B 72 -4.35 6.98 -13.59
CA ASP B 72 -4.54 6.37 -12.24
C ASP B 72 -5.00 4.91 -12.36
N LEU B 73 -5.79 4.62 -13.36
CA LEU B 73 -6.29 3.21 -13.54
C LEU B 73 -5.10 2.25 -13.66
N GLU B 74 -4.12 2.59 -14.45
CA GLU B 74 -2.94 1.69 -14.61
C GLU B 74 -2.12 1.66 -13.31
N GLU B 75 -2.12 2.74 -12.57
CA GLU B 75 -1.35 2.77 -11.30
C GLU B 75 -2.05 1.92 -10.24
N GLU B 76 -3.33 1.73 -10.36
CA GLU B 76 -4.07 0.90 -9.37
C GLU B 76 -4.01 -0.58 -9.73
N GLN B 77 -3.68 -0.89 -10.96
CA GLN B 77 -3.60 -2.32 -11.37
C GLN B 77 -2.61 -3.09 -10.49
N LEU B 78 -1.42 -2.58 -10.32
CA LEU B 78 -0.42 -3.28 -9.46
C LEU B 78 -0.76 -3.08 -7.98
N SER B 79 -1.42 -2.00 -7.65
CA SER B 79 -1.78 -1.75 -6.22
C SER B 79 -2.70 -2.85 -5.71
N SER B 80 -3.75 -3.14 -6.42
CA SER B 80 -4.69 -4.22 -5.97
C SER B 80 -3.98 -5.57 -5.94
N LEU B 81 -2.97 -5.74 -6.76
CA LEU B 81 -2.23 -7.05 -6.77
C LEU B 81 -1.60 -7.31 -5.41
N GLU B 82 -0.86 -6.36 -4.89
CA GLU B 82 -0.21 -6.57 -3.56
C GLU B 82 -1.01 -5.86 -2.46
N GLY B 83 -2.28 -5.62 -2.69
CA GLY B 83 -3.10 -4.92 -1.66
C GLY B 83 -4.44 -5.64 -1.52
N SER B 84 -4.43 -6.94 -1.45
CA SER B 84 -5.71 -7.70 -1.31
C SER B 84 -6.17 -7.70 0.15
N GLN B 85 -5.24 -7.66 1.07
CA GLN B 85 -5.62 -7.66 2.52
C GLN B 85 -5.98 -6.24 2.96
N GLY B 86 -5.07 -5.32 2.84
CA GLY B 86 -5.36 -3.92 3.24
C GLY B 86 -5.34 -3.82 4.77
N LEU B 87 -6.22 -4.50 5.44
CA LEU B 87 -6.25 -4.45 6.93
C LEU B 87 -4.94 -4.96 7.50
N ILE B 88 -4.59 -4.54 8.69
CA ILE B 88 -3.32 -5.01 9.32
C ILE B 88 -3.63 -5.98 10.47
N PRO B 89 -3.66 -7.25 10.16
CA PRO B 89 -3.95 -8.27 11.19
C PRO B 89 -2.76 -8.43 12.13
N SER B 90 -1.56 -8.36 11.61
CA SER B 90 -0.36 -8.50 12.48
C SER B 90 -0.30 -7.37 13.50
N ARG B 91 -0.84 -6.23 13.16
CA ARG B 91 -0.82 -5.06 14.11
C ARG B 91 0.61 -4.79 14.59
N GLY B 92 1.60 -5.19 13.84
CA GLY B 92 3.01 -4.94 14.25
C GLY B 92 3.68 -6.25 14.67
N TRP B 93 2.91 -7.24 15.05
CA TRP B 93 3.53 -8.53 15.47
C TRP B 93 3.07 -9.67 14.55
N THR B 94 3.40 -10.89 14.89
CA THR B 94 2.99 -12.07 14.04
C THR B 94 3.23 -11.78 12.56
N ASP B 95 4.42 -11.36 12.19
CA ASP B 95 4.71 -11.08 10.75
C ASP B 95 4.39 -12.30 9.89
N ASP B 96 4.41 -13.47 10.48
CA ASP B 96 4.11 -14.70 9.69
C ASP B 96 2.60 -14.83 9.44
N LEU B 97 1.80 -14.09 10.16
CA LEU B 97 0.32 -14.18 9.96
C LEU B 97 -0.04 -14.01 8.49
N CYS B 98 0.79 -13.33 7.73
CA CYS B 98 0.50 -13.13 6.27
C CYS B 98 0.40 -14.50 5.58
N TYR B 99 1.38 -15.33 5.75
CA TYR B 99 1.33 -16.68 5.10
C TYR B 99 1.39 -17.78 6.16
N GLY B 100 0.92 -17.49 7.35
CA GLY B 100 0.94 -18.52 8.43
C GLY B 100 -0.26 -18.32 9.36
N THR B 101 -0.04 -18.31 10.64
CA THR B 101 -1.18 -18.13 11.59
C THR B 101 -0.82 -17.07 12.65
N GLY B 102 0.38 -17.09 13.14
CA GLY B 102 0.78 -16.08 14.17
C GLY B 102 0.71 -16.73 15.56
N ALA B 103 1.31 -17.87 15.72
CA ALA B 103 1.29 -18.56 17.05
C ALA B 103 2.07 -17.75 18.08
N VAL B 104 2.87 -16.81 17.64
CA VAL B 104 3.67 -15.98 18.60
C VAL B 104 2.75 -15.35 19.65
N TYR B 105 1.55 -14.99 19.27
CA TYR B 105 0.60 -14.38 20.25
C TYR B 105 -0.05 -15.47 21.11
N LEU B 106 -0.73 -16.40 20.48
CA LEU B 106 -1.41 -17.49 21.24
C LEU B 106 -0.42 -18.23 22.15
N LEU B 107 0.57 -18.87 21.58
CA LEU B 107 1.56 -19.61 22.42
C LEU B 107 2.12 -18.70 23.52
N GLY B 108 2.10 -17.41 23.30
CA GLY B 108 2.61 -16.47 24.34
C GLY B 108 1.76 -16.57 25.60
N LEU B 109 0.57 -17.10 25.49
CA LEU B 109 -0.32 -17.22 26.69
C LEU B 109 -0.07 -18.56 27.41
N GLY B 110 0.05 -19.63 26.66
CA GLY B 110 0.28 -20.95 27.30
C GLY B 110 1.69 -21.02 27.88
N ILE B 111 2.59 -20.21 27.39
CA ILE B 111 3.99 -20.24 27.92
C ILE B 111 4.00 -19.91 29.42
N GLY B 112 3.05 -19.16 29.88
CA GLY B 112 3.01 -18.81 31.33
C GLY B 112 2.58 -20.02 32.15
N GLY B 113 1.78 -20.89 31.57
CA GLY B 113 1.32 -22.10 32.31
C GLY B 113 2.52 -23.01 32.58
N PHE B 114 3.46 -23.06 31.67
CA PHE B 114 4.65 -23.93 31.87
C PHE B 114 5.76 -23.17 32.60
N SER B 115 6.19 -22.07 32.05
CA SER B 115 7.29 -21.28 32.71
C SER B 115 6.85 -20.85 34.11
N GLY B 116 5.57 -20.77 34.37
CA GLY B 116 5.09 -20.35 35.71
C GLY B 116 5.07 -21.57 36.64
N MET B 117 4.46 -22.64 36.22
CA MET B 117 4.38 -23.86 37.08
C MET B 117 5.79 -24.32 37.50
N MET B 118 6.80 -23.90 36.79
CA MET B 118 8.19 -24.31 37.13
C MET B 118 8.49 -24.03 38.62
N GLN B 119 8.38 -22.81 39.03
CA GLN B 119 8.64 -22.46 40.46
C GLN B 119 7.44 -22.80 41.33
N GLY B 120 6.37 -23.30 40.74
CA GLY B 120 5.17 -23.64 41.54
C GLY B 120 5.08 -25.16 41.75
N LEU B 121 6.08 -25.89 41.32
CA LEU B 121 6.05 -27.37 41.49
C LEU B 121 6.49 -27.74 42.91
N GLN B 122 7.25 -26.89 43.55
CA GLN B 122 7.71 -27.20 44.94
C GLN B 122 6.52 -27.22 45.89
N ASN B 123 5.46 -26.54 45.56
CA ASN B 123 4.25 -26.53 46.45
C ASN B 123 3.74 -27.96 46.65
N ILE B 124 3.76 -28.76 45.63
CA ILE B 124 3.28 -30.17 45.77
C ILE B 124 4.45 -31.10 46.08
N PRO B 125 4.27 -31.94 47.07
CA PRO B 125 5.34 -32.90 47.46
C PRO B 125 5.46 -34.02 46.41
N PRO B 126 6.68 -34.39 46.10
CA PRO B 126 6.91 -35.47 45.10
C PRO B 126 6.58 -36.84 45.71
N ASN B 127 6.78 -37.88 44.95
CA ASN B 127 6.48 -39.25 45.48
C ASN B 127 7.75 -40.11 45.48
N SER B 128 8.89 -39.50 45.62
CA SER B 128 10.16 -40.28 45.61
C SER B 128 10.22 -41.21 46.83
N PRO B 129 10.86 -42.33 46.67
CA PRO B 129 10.98 -43.31 47.77
C PRO B 129 11.97 -42.82 48.83
N GLY B 130 11.90 -43.34 50.03
CA GLY B 130 12.84 -42.90 51.09
C GLY B 130 12.41 -41.52 51.62
N LYS B 131 11.18 -41.41 52.07
CA LYS B 131 10.70 -40.11 52.60
C LYS B 131 11.08 -39.96 54.07
N LEU B 132 11.16 -41.06 54.78
CA LEU B 132 11.53 -40.99 56.23
C LEU B 132 12.95 -41.50 56.44
N GLN B 133 13.39 -42.43 55.65
CA GLN B 133 14.77 -42.97 55.80
C GLN B 133 15.80 -41.91 55.39
N LEU B 134 15.41 -40.97 54.57
CA LEU B 134 16.37 -39.92 54.13
C LEU B 134 16.91 -39.14 55.33
N ASN B 135 16.17 -39.11 56.41
CA ASN B 135 16.64 -38.37 57.62
C ASN B 135 17.79 -39.13 58.28
N THR B 136 17.71 -40.42 58.35
CA THR B 136 18.81 -41.22 58.99
C THR B 136 20.08 -41.14 58.13
N VAL B 137 19.92 -40.96 56.85
CA VAL B 137 21.12 -40.89 55.96
C VAL B 137 22.00 -39.69 56.35
N LEU B 138 21.41 -38.68 56.93
CA LEU B 138 22.21 -37.49 57.34
C LEU B 138 23.12 -37.84 58.52
N ASN B 139 22.69 -38.74 59.36
CA ASN B 139 23.53 -39.12 60.54
C ASN B 139 24.87 -39.69 60.07
N HIS B 140 24.86 -40.47 59.02
CA HIS B 140 26.13 -41.06 58.52
C HIS B 140 26.92 -40.02 57.71
N ILE B 141 28.20 -40.20 57.58
CA ILE B 141 29.02 -39.23 56.81
C ILE B 141 29.32 -39.78 55.41
N THR B 142 28.60 -39.33 54.42
CA THR B 142 28.84 -39.82 53.04
C THR B 142 29.27 -38.66 52.13
N LYS B 143 28.56 -37.56 52.18
CA LYS B 143 28.92 -36.41 51.32
C LYS B 143 28.83 -35.10 52.13
N ARG B 144 29.52 -34.08 51.70
CA ARG B 144 29.50 -32.79 52.44
C ARG B 144 28.38 -31.89 51.89
N GLY B 145 28.19 -31.88 50.60
CA GLY B 145 27.13 -31.03 50.00
C GLY B 145 25.84 -31.84 49.85
N PRO B 146 24.73 -31.14 49.75
CA PRO B 146 23.42 -31.82 49.59
C PRO B 146 23.29 -32.41 48.19
N PHE B 147 22.31 -33.26 47.99
CA PHE B 147 22.12 -33.87 46.64
C PHE B 147 21.76 -32.80 45.61
N LEU B 148 21.86 -33.11 44.36
CA LEU B 148 21.53 -32.11 43.29
C LEU B 148 20.05 -31.71 43.40
N GLY B 149 19.77 -30.44 43.51
CA GLY B 149 18.36 -29.98 43.62
C GLY B 149 18.14 -28.76 42.73
N ASN B 150 18.89 -28.65 41.66
CA ASN B 150 18.73 -27.48 40.75
C ASN B 150 18.10 -27.92 39.42
N ASN B 151 17.50 -29.08 39.38
CA ASN B 151 16.87 -29.56 38.11
C ASN B 151 15.68 -28.66 37.74
N ALA B 152 15.07 -28.04 38.71
CA ALA B 152 13.92 -27.15 38.41
C ALA B 152 14.40 -25.83 37.81
N GLY B 153 15.47 -25.29 38.33
CA GLY B 153 15.99 -24.00 37.80
C GLY B 153 16.70 -24.25 36.47
N ILE B 154 17.48 -25.30 36.39
CA ILE B 154 18.21 -25.61 35.13
C ILE B 154 17.21 -26.00 34.02
N LEU B 155 16.08 -26.55 34.39
CA LEU B 155 15.08 -26.95 33.36
C LEU B 155 14.59 -25.73 32.59
N ALA B 156 14.57 -24.59 33.23
CA ALA B 156 14.10 -23.36 32.53
C ALA B 156 15.06 -22.98 31.39
N LEU B 157 16.29 -23.44 31.45
CA LEU B 157 17.27 -23.12 30.38
C LEU B 157 17.03 -24.00 29.15
N SER B 158 16.64 -25.22 29.37
CA SER B 158 16.39 -26.14 28.21
C SER B 158 15.00 -25.90 27.62
N TYR B 159 14.06 -25.48 28.44
CA TYR B 159 12.69 -25.23 27.93
C TYR B 159 12.69 -24.09 26.91
N ASN B 160 13.65 -23.21 26.99
CA ASN B 160 13.71 -22.08 26.02
C ASN B 160 14.41 -22.52 24.72
N ILE B 161 15.22 -23.54 24.79
CA ILE B 161 15.94 -24.01 23.56
C ILE B 161 15.04 -24.96 22.76
N ILE B 162 14.23 -25.73 23.43
CA ILE B 162 13.33 -26.68 22.70
C ILE B 162 12.22 -25.91 21.99
N ASN B 163 11.81 -24.79 22.53
CA ASN B 163 10.73 -24.00 21.89
C ASN B 163 11.32 -23.05 20.84
N SER B 164 12.59 -22.78 20.92
CA SER B 164 13.22 -21.85 19.92
C SER B 164 13.03 -22.39 18.49
N THR B 165 12.78 -23.66 18.36
CA THR B 165 12.59 -24.25 17.00
C THR B 165 11.28 -23.76 16.39
N ILE B 166 10.20 -23.85 17.12
CA ILE B 166 8.89 -23.38 16.59
C ILE B 166 9.01 -21.92 16.14
N ASP B 167 9.80 -21.15 16.83
CA ASP B 167 9.97 -19.72 16.45
C ASP B 167 11.15 -19.54 15.49
N ALA B 168 12.11 -20.43 15.54
CA ALA B 168 13.29 -20.32 14.62
C ALA B 168 12.82 -20.17 13.17
N LEU B 169 11.81 -20.91 12.81
CA LEU B 169 11.28 -20.83 11.42
C LEU B 169 10.27 -19.68 11.29
N ARG B 170 10.30 -18.73 12.20
CA ARG B 170 9.33 -17.59 12.13
C ARG B 170 9.34 -16.95 10.74
N GLY B 171 10.46 -16.42 10.32
CA GLY B 171 10.51 -15.78 8.97
C GLY B 171 11.86 -15.07 8.79
N LYS B 172 11.85 -13.82 8.43
CA LYS B 172 13.12 -13.07 8.22
C LYS B 172 13.19 -11.84 9.13
N HIS B 173 13.93 -11.91 10.19
CA HIS B 173 14.04 -10.74 11.12
C HIS B 173 15.44 -10.11 11.05
N ASP B 174 15.50 -8.81 11.01
CA ASP B 174 16.84 -8.12 10.95
C ASP B 174 16.90 -7.02 12.01
N THR B 175 16.31 -7.26 13.15
CA THR B 175 16.28 -6.23 14.24
C THR B 175 17.68 -5.66 14.51
N ALA B 176 18.42 -6.20 15.46
CA ALA B 176 19.76 -5.62 15.77
C ALA B 176 20.72 -6.67 16.34
N GLY B 177 21.60 -7.17 15.52
CA GLY B 177 22.59 -8.17 16.02
C GLY B 177 23.75 -7.43 16.69
N SER B 178 23.92 -6.17 16.38
CA SER B 178 25.02 -5.37 16.99
C SER B 178 24.59 -4.87 18.39
N ILE B 179 23.31 -4.87 18.67
CA ILE B 179 22.82 -4.39 20.00
C ILE B 179 23.04 -5.47 21.07
N GLY B 180 23.24 -6.69 20.66
CA GLY B 180 23.45 -7.80 21.65
C GLY B 180 24.52 -7.40 22.68
N ALA B 181 25.40 -6.50 22.34
CA ALA B 181 26.47 -6.10 23.32
C ALA B 181 25.88 -5.24 24.45
N GLY B 182 25.27 -4.14 24.12
CA GLY B 182 24.69 -3.24 25.17
C GLY B 182 23.80 -4.03 26.13
N ALA B 183 23.29 -5.16 25.71
CA ALA B 183 22.41 -5.96 26.60
C ALA B 183 23.23 -6.86 27.54
N LEU B 184 24.48 -7.07 27.25
CA LEU B 184 25.32 -7.93 28.13
C LEU B 184 25.64 -7.22 29.45
N THR B 185 26.38 -6.14 29.41
CA THR B 185 26.73 -5.42 30.67
C THR B 185 25.46 -5.01 31.43
N GLY B 186 24.38 -4.80 30.72
CA GLY B 186 23.11 -4.39 31.40
C GLY B 186 22.70 -5.50 32.38
N ALA B 187 22.95 -6.73 32.03
CA ALA B 187 22.58 -7.86 32.93
C ALA B 187 23.73 -8.18 33.89
N LEU B 188 24.94 -7.89 33.48
CA LEU B 188 26.12 -8.18 34.37
C LEU B 188 25.96 -7.45 35.71
N PHE B 189 25.75 -6.17 35.68
CA PHE B 189 25.59 -5.40 36.95
C PHE B 189 24.39 -5.94 37.74
N LYS B 190 23.43 -6.50 37.06
CA LYS B 190 22.24 -7.05 37.77
C LYS B 190 22.65 -8.17 38.73
N SER B 191 23.15 -9.27 38.20
CA SER B 191 23.59 -10.40 39.08
C SER B 191 22.48 -10.76 40.08
N SER B 192 22.83 -11.38 41.16
CA SER B 192 21.80 -11.76 42.18
C SER B 192 22.33 -11.47 43.59
N LYS B 193 21.80 -12.14 44.58
CA LYS B 193 22.27 -11.89 45.97
C LYS B 193 23.28 -12.96 46.40
N GLY B 194 23.27 -14.10 45.75
CA GLY B 194 24.24 -15.17 46.11
C GLY B 194 25.15 -15.47 44.92
N LEU B 195 25.01 -16.64 44.33
CA LEU B 195 25.87 -16.99 43.16
C LEU B 195 25.59 -16.05 41.99
N LYS B 196 26.36 -16.17 40.93
CA LYS B 196 26.14 -15.28 39.75
C LYS B 196 25.36 -16.03 38.66
N PRO B 197 24.12 -15.62 38.48
CA PRO B 197 23.27 -16.27 37.44
C PRO B 197 23.73 -15.89 36.04
N MET B 198 24.15 -14.66 35.84
CA MET B 198 24.61 -14.22 34.50
C MET B 198 25.75 -15.12 34.00
N GLY B 199 26.44 -15.77 34.90
CA GLY B 199 27.56 -16.66 34.47
C GLY B 199 27.03 -17.75 33.54
N TYR B 200 26.11 -18.54 34.00
CA TYR B 200 25.54 -19.62 33.14
C TYR B 200 24.33 -19.11 32.36
N SER B 201 23.66 -18.11 32.87
CA SER B 201 22.47 -17.56 32.15
C SER B 201 22.90 -16.92 30.83
N SER B 202 24.14 -16.52 30.72
CA SER B 202 24.62 -15.87 29.46
C SER B 202 24.35 -16.80 28.26
N ALA B 203 24.56 -18.08 28.43
CA ALA B 203 24.32 -19.04 27.31
C ALA B 203 22.86 -18.95 26.84
N MET B 204 21.97 -18.53 27.70
CA MET B 204 20.54 -18.43 27.30
C MET B 204 20.37 -17.30 26.28
N VAL B 205 20.84 -16.12 26.59
CA VAL B 205 20.72 -14.99 25.63
C VAL B 205 21.67 -15.21 24.45
N ALA B 206 22.77 -15.87 24.68
CA ALA B 206 23.74 -16.13 23.59
C ALA B 206 23.07 -16.94 22.48
N ALA B 207 22.31 -17.95 22.84
CA ALA B 207 21.62 -18.77 21.81
C ALA B 207 20.64 -17.89 21.02
N ALA B 208 20.11 -16.88 21.63
CA ALA B 208 19.16 -15.97 20.92
C ALA B 208 19.87 -15.30 19.73
N CYS B 209 21.15 -15.10 19.84
CA CYS B 209 21.91 -14.46 18.72
C CYS B 209 21.80 -15.32 17.46
N ALA B 210 21.78 -16.62 17.62
CA ALA B 210 21.67 -17.52 16.44
C ALA B 210 20.27 -17.43 15.83
N VAL B 211 19.25 -17.52 16.64
CA VAL B 211 17.86 -17.43 16.12
C VAL B 211 17.63 -16.08 15.45
N TRP B 212 18.23 -15.04 15.99
CA TRP B 212 18.06 -13.69 15.39
C TRP B 212 19.04 -13.50 14.23
N CYS B 213 20.27 -13.93 14.40
CA CYS B 213 21.26 -13.82 13.28
C CYS B 213 20.77 -14.63 12.08
N SER B 214 19.83 -15.53 12.31
CA SER B 214 19.29 -16.35 11.19
C SER B 214 18.92 -15.46 9.99
N VAL B 215 18.81 -14.16 10.21
CA VAL B 215 18.47 -13.21 9.10
C VAL B 215 19.28 -13.51 7.83
N LYS B 216 20.43 -14.14 7.98
CA LYS B 216 21.27 -14.45 6.79
C LYS B 216 20.68 -15.64 6.00
N LYS B 217 19.59 -16.20 6.46
CA LYS B 217 18.98 -17.36 5.73
C LYS B 217 19.98 -18.51 5.65
N ARG B 218 19.92 -19.43 6.57
CA ARG B 218 20.86 -20.58 6.55
C ARG B 218 20.28 -21.74 5.72
N LEU B 219 19.21 -21.50 5.01
CA LEU B 219 18.62 -22.59 4.18
C LEU B 219 19.56 -22.99 3.05
N LEU B 220 20.48 -22.12 2.70
CA LEU B 220 21.44 -22.45 1.61
C LEU B 220 22.25 -23.69 1.96
N GLU B 221 22.49 -23.91 3.23
CA GLU B 221 23.28 -25.12 3.65
C GLU B 221 22.36 -26.11 4.36
N LYS B 222 21.75 -25.70 5.44
CA LYS B 222 20.85 -26.63 6.19
C LYS B 222 20.01 -25.84 7.21
N MET C 1 4.59 2.08 6.83
CA MET C 1 3.33 2.50 6.12
C MET C 1 3.16 4.01 6.21
N LEU C 2 4.16 4.76 5.80
CA LEU C 2 4.05 6.25 5.84
C LEU C 2 3.35 6.76 4.59
N SER C 3 3.90 6.51 3.44
CA SER C 3 3.26 6.99 2.18
C SER C 3 1.88 6.35 2.02
N LEU C 4 0.84 7.15 1.96
CA LEU C 4 -0.53 6.59 1.79
C LEU C 4 -0.65 5.85 0.46
N ARG C 5 -0.92 4.57 0.50
CA ARG C 5 -1.05 3.78 -0.76
C ARG C 5 -2.30 4.24 -1.53
N GLN C 6 -3.32 4.67 -0.82
CA GLN C 6 -4.56 5.13 -1.50
C GLN C 6 -5.08 4.04 -2.45
N SER C 7 -5.17 2.82 -1.97
CA SER C 7 -5.67 1.71 -2.84
C SER C 7 -7.17 1.87 -3.09
N ILE C 8 -7.87 2.49 -2.18
CA ILE C 8 -9.35 2.68 -2.37
C ILE C 8 -9.62 3.70 -3.46
N ARG C 9 -10.22 3.29 -4.54
CA ARG C 9 -10.50 4.24 -5.66
C ARG C 9 -11.51 3.63 -6.63
N PHE C 10 -11.71 4.24 -7.76
CA PHE C 10 -12.69 3.71 -8.75
C PHE C 10 -12.24 2.31 -9.23
N PHE C 11 -13.15 1.37 -9.27
CA PHE C 11 -12.79 -0.01 -9.71
C PHE C 11 -13.12 -0.19 -11.19
N LYS C 12 -12.12 -0.45 -12.00
CA LYS C 12 -12.38 -0.64 -13.47
C LYS C 12 -11.36 -1.61 -14.06
N PRO C 13 -11.67 -2.89 -13.99
CA PRO C 13 -10.75 -3.91 -14.53
C PRO C 13 -10.77 -3.91 -16.06
N ALA C 14 -9.76 -4.45 -16.68
CA ALA C 14 -9.72 -4.47 -18.17
C ALA C 14 -8.80 -5.59 -18.66
N THR C 15 -8.90 -5.97 -19.91
CA THR C 15 -8.04 -7.05 -20.45
C THR C 15 -6.58 -6.59 -20.50
N ARG C 16 -5.65 -7.49 -20.34
CA ARG C 16 -4.22 -7.09 -20.39
C ARG C 16 -3.67 -7.29 -21.81
N THR C 17 -3.80 -6.29 -22.64
CA THR C 17 -3.28 -6.42 -24.04
C THR C 17 -2.95 -5.04 -24.60
N LEU C 18 -1.80 -4.89 -25.20
CA LEU C 18 -1.41 -3.56 -25.77
C LEU C 18 -0.36 -3.74 -26.86
N CYS C 19 -0.23 -2.78 -27.74
CA CYS C 19 0.78 -2.90 -28.84
C CYS C 19 1.13 -1.51 -29.38
N SER C 20 2.23 -1.40 -30.08
CA SER C 20 2.63 -0.07 -30.64
C SER C 20 2.80 0.97 -29.52
N SER C 21 3.53 2.02 -29.78
CA SER C 21 3.74 3.06 -28.74
C SER C 21 4.39 4.30 -29.36
N ARG C 22 3.62 5.29 -29.68
CA ARG C 22 4.20 6.53 -30.28
C ARG C 22 3.52 7.78 -29.71
N TYR C 23 3.99 8.94 -30.06
CA TYR C 23 3.39 10.21 -29.54
C TYR C 23 3.53 10.27 -28.02
N LEU C 24 3.65 11.45 -27.48
CA LEU C 24 3.78 11.58 -25.99
C LEU C 24 2.77 12.60 -25.46
N LEU C 25 2.48 12.56 -24.20
CA LEU C 25 1.50 13.52 -23.62
C LEU C 25 2.07 14.16 -22.35
N MET A 1 -22.21 20.33 -76.19
CA MET A 1 -23.00 20.84 -75.04
C MET A 1 -22.08 21.56 -74.04
N SER A 2 -20.99 22.11 -74.52
CA SER A 2 -20.05 22.81 -73.60
C SER A 2 -19.03 23.61 -74.40
N TRP A 3 -19.45 24.17 -75.51
CA TRP A 3 -18.50 24.96 -76.35
C TRP A 3 -18.59 26.45 -75.99
N LEU A 4 -19.18 26.77 -74.86
CA LEU A 4 -19.29 28.20 -74.46
C LEU A 4 -18.18 28.57 -73.48
N PHE A 5 -17.85 27.69 -72.58
CA PHE A 5 -16.76 27.99 -71.60
C PHE A 5 -15.38 27.89 -72.29
N GLY A 6 -15.32 27.20 -73.40
CA GLY A 6 -14.02 27.06 -74.11
C GLY A 6 -13.15 26.01 -73.41
N ASP A 7 -13.75 24.96 -72.93
CA ASP A 7 -12.98 23.89 -72.23
C ASP A 7 -12.82 22.66 -73.14
N LYS A 8 -11.92 21.78 -72.80
CA LYS A 8 -11.72 20.56 -73.63
C LYS A 8 -11.90 19.30 -72.78
N THR A 9 -12.75 18.40 -73.21
CA THR A 9 -12.98 17.15 -72.43
C THR A 9 -11.69 16.31 -72.41
N PRO A 10 -11.40 15.74 -71.26
CA PRO A 10 -10.19 14.88 -71.14
C PRO A 10 -10.39 13.55 -71.85
N THR A 11 -9.48 13.18 -72.72
CA THR A 11 -9.62 11.89 -73.45
C THR A 11 -9.15 10.73 -72.57
N ASP A 12 -8.49 11.01 -71.48
CA ASP A 12 -8.00 9.91 -70.58
C ASP A 12 -9.18 9.04 -70.13
N ASP A 13 -10.36 9.59 -70.07
CA ASP A 13 -11.54 8.78 -69.63
C ASP A 13 -12.04 7.93 -70.80
N ALA A 14 -12.01 8.46 -72.00
CA ALA A 14 -12.49 7.68 -73.18
C ALA A 14 -11.39 6.74 -73.69
N ASN A 15 -10.22 6.81 -73.12
CA ASN A 15 -9.11 5.92 -73.58
C ASN A 15 -9.51 4.45 -73.39
N ALA A 16 -10.41 4.17 -72.49
CA ALA A 16 -10.83 2.76 -72.25
C ALA A 16 -11.41 2.16 -73.55
N ALA A 17 -11.94 2.98 -74.40
CA ALA A 17 -12.52 2.46 -75.68
C ALA A 17 -11.55 2.72 -76.84
N VAL A 18 -11.66 1.96 -77.89
CA VAL A 18 -10.76 2.16 -79.06
C VAL A 18 -11.37 1.54 -80.33
N GLY A 19 -12.57 1.93 -80.66
CA GLY A 19 -13.22 1.37 -81.88
C GLY A 19 -13.63 2.50 -82.82
N GLY A 20 -14.87 2.55 -83.21
CA GLY A 20 -15.33 3.63 -84.13
C GLY A 20 -16.83 3.85 -83.95
N GLN A 21 -17.32 4.99 -84.36
CA GLN A 21 -18.79 5.27 -84.21
C GLN A 21 -19.30 6.04 -85.44
N ASP A 22 -19.43 5.39 -86.55
CA ASP A 22 -19.93 6.08 -87.77
C ASP A 22 -21.40 5.73 -88.03
N THR A 23 -21.84 4.59 -87.54
CA THR A 23 -23.26 4.19 -87.75
C THR A 23 -24.20 5.25 -87.17
N THR A 24 -25.10 5.76 -87.98
CA THR A 24 -26.04 6.81 -87.47
C THR A 24 -27.47 6.24 -87.42
N LYS A 25 -27.60 4.96 -87.17
CA LYS A 25 -28.96 4.35 -87.11
C LYS A 25 -29.40 4.19 -85.64
N PRO A 26 -30.67 3.95 -85.46
CA PRO A 26 -31.21 3.78 -84.09
C PRO A 26 -30.78 2.42 -83.52
N LYS A 27 -30.51 1.48 -84.37
CA LYS A 27 -30.09 0.13 -83.88
C LYS A 27 -28.57 0.05 -83.79
N GLU A 28 -27.95 0.97 -83.08
CA GLU A 28 -26.47 0.96 -82.95
C GLU A 28 -26.06 0.27 -81.65
N LEU A 29 -26.63 0.67 -80.55
CA LEU A 29 -26.28 0.04 -79.24
C LEU A 29 -26.74 -1.42 -79.23
N SER A 30 -27.78 -1.74 -79.94
CA SER A 30 -28.27 -3.14 -79.98
C SER A 30 -27.21 -4.07 -80.58
N LEU A 31 -26.33 -3.53 -81.38
CA LEU A 31 -25.27 -4.38 -82.00
C LEU A 31 -24.42 -5.04 -80.91
N LYS A 32 -24.32 -4.43 -79.76
CA LYS A 32 -23.51 -5.03 -78.66
C LYS A 32 -24.25 -6.20 -78.02
N GLN A 33 -25.55 -6.11 -77.94
CA GLN A 33 -26.34 -7.23 -77.33
C GLN A 33 -26.45 -8.40 -78.31
N SER A 34 -26.38 -8.12 -79.58
CA SER A 34 -26.49 -9.21 -80.60
C SER A 34 -25.26 -10.12 -80.53
N LEU A 35 -24.16 -9.61 -80.05
CA LEU A 35 -22.92 -10.45 -79.96
C LEU A 35 -23.17 -11.68 -79.09
N GLY A 36 -23.88 -11.52 -78.00
CA GLY A 36 -24.16 -12.68 -77.11
C GLY A 36 -23.06 -12.79 -76.06
N PHE A 37 -22.74 -11.72 -75.39
CA PHE A 37 -21.68 -11.76 -74.35
C PHE A 37 -22.00 -12.83 -73.29
N GLU A 38 -21.01 -13.32 -72.60
CA GLU A 38 -21.26 -14.35 -71.56
C GLU A 38 -21.67 -13.69 -70.24
N PRO A 39 -22.62 -14.30 -69.57
CA PRO A 39 -23.09 -13.75 -68.27
C PRO A 39 -22.04 -13.97 -67.18
N ASN A 40 -21.24 -15.00 -67.31
CA ASN A 40 -20.20 -15.26 -66.27
C ASN A 40 -19.26 -14.07 -66.14
N ILE A 41 -18.91 -13.46 -67.25
CA ILE A 41 -18.00 -12.27 -67.19
C ILE A 41 -18.81 -10.99 -67.03
N ASN A 42 -20.02 -10.98 -67.55
CA ASN A 42 -20.87 -9.76 -67.43
C ASN A 42 -21.60 -9.73 -66.09
N ASN A 43 -21.39 -10.73 -65.26
CA ASN A 43 -22.08 -10.77 -63.93
C ASN A 43 -21.36 -9.83 -62.94
N ILE A 44 -20.28 -9.23 -63.35
CA ILE A 44 -19.55 -8.31 -62.42
C ILE A 44 -20.46 -7.15 -62.00
N ILE A 45 -21.30 -6.69 -62.89
CA ILE A 45 -22.22 -5.57 -62.54
C ILE A 45 -23.68 -6.01 -62.69
N SER A 46 -23.94 -7.29 -62.60
CA SER A 46 -25.34 -7.78 -62.73
C SER A 46 -25.78 -8.45 -61.43
N GLY A 47 -25.27 -8.00 -60.32
CA GLY A 47 -25.66 -8.60 -59.01
C GLY A 47 -25.13 -7.73 -57.87
N PRO A 48 -24.83 -8.36 -56.76
CA PRO A 48 -24.30 -7.62 -55.59
C PRO A 48 -22.85 -7.20 -55.84
N GLY A 49 -22.48 -6.04 -55.36
CA GLY A 49 -21.08 -5.55 -55.57
C GLY A 49 -20.10 -6.51 -54.87
N GLY A 50 -18.83 -6.21 -54.93
CA GLY A 50 -17.83 -7.09 -54.27
C GLY A 50 -18.03 -7.06 -52.75
N MET A 51 -17.70 -8.12 -52.07
CA MET A 51 -17.88 -8.15 -50.59
C MET A 51 -16.52 -8.16 -49.89
N HIS A 52 -15.97 -7.02 -49.59
CA HIS A 52 -14.65 -6.97 -48.91
C HIS A 52 -14.67 -5.93 -47.79
N VAL A 53 -14.11 -6.25 -46.65
CA VAL A 53 -14.09 -5.28 -45.52
C VAL A 53 -12.81 -4.45 -45.53
N ASP A 54 -12.90 -3.19 -45.88
CA ASP A 54 -11.68 -2.33 -45.91
C ASP A 54 -11.98 -0.96 -45.30
N THR A 55 -12.87 -0.92 -44.34
CA THR A 55 -13.21 0.38 -43.70
C THR A 55 -12.31 0.65 -42.49
N ALA A 56 -11.49 -0.31 -42.12
CA ALA A 56 -10.58 -0.11 -40.94
C ALA A 56 -9.66 1.10 -41.19
N ARG A 57 -9.37 1.39 -42.43
CA ARG A 57 -8.48 2.55 -42.73
C ARG A 57 -9.19 3.86 -42.41
N LEU A 58 -10.43 3.98 -42.80
CA LEU A 58 -11.19 5.24 -42.52
C LEU A 58 -11.40 5.40 -41.01
N HIS A 59 -11.79 4.35 -40.34
CA HIS A 59 -12.01 4.45 -38.87
C HIS A 59 -10.68 4.40 -38.12
N PRO A 60 -10.64 5.02 -36.97
CA PRO A 60 -9.41 5.04 -36.15
C PRO A 60 -9.17 3.67 -35.52
N LEU A 61 -8.05 3.06 -35.82
CA LEU A 61 -7.75 1.72 -35.22
C LEU A 61 -7.00 1.88 -33.90
N ALA A 62 -6.24 2.95 -33.76
CA ALA A 62 -5.49 3.16 -32.49
C ALA A 62 -6.43 3.58 -31.36
N GLY A 63 -7.68 3.84 -31.66
CA GLY A 63 -8.65 4.25 -30.60
C GLY A 63 -8.73 3.16 -29.54
N LEU A 64 -9.12 1.96 -29.93
CA LEU A 64 -9.23 0.85 -28.93
C LEU A 64 -7.84 0.53 -28.35
N ASP A 65 -6.81 0.66 -29.15
CA ASP A 65 -5.44 0.35 -28.64
C ASP A 65 -5.08 1.30 -27.48
N LYS A 66 -5.65 2.47 -27.46
CA LYS A 66 -5.34 3.43 -26.37
C LYS A 66 -5.76 2.84 -25.01
N GLY A 67 -6.82 2.08 -24.97
CA GLY A 67 -7.27 1.48 -23.69
C GLY A 67 -6.46 0.21 -23.41
N VAL A 68 -6.08 -0.50 -24.44
CA VAL A 68 -5.29 -1.76 -24.24
C VAL A 68 -3.92 -1.43 -23.65
N GLU A 69 -3.41 -0.25 -23.92
CA GLU A 69 -2.07 0.13 -23.38
C GLU A 69 -2.15 0.28 -21.85
N TYR A 70 -2.99 1.16 -21.38
CA TYR A 70 -3.11 1.35 -19.90
C TYR A 70 -3.80 0.16 -19.24
N LEU A 71 -4.33 -0.75 -20.03
CA LEU A 71 -5.03 -1.93 -19.44
C LEU A 71 -4.11 -2.64 -18.43
N ASP A 72 -2.97 -3.11 -18.89
CA ASP A 72 -2.03 -3.81 -17.97
C ASP A 72 -1.05 -2.81 -17.33
N LEU A 73 -0.82 -1.70 -17.98
CA LEU A 73 0.14 -0.70 -17.43
C LEU A 73 -0.29 -0.26 -16.02
N GLU A 74 -1.46 0.30 -15.89
CA GLU A 74 -1.93 0.76 -14.54
C GLU A 74 -2.23 -0.45 -13.65
N GLU A 75 -2.54 -1.57 -14.24
CA GLU A 75 -2.84 -2.79 -13.42
C GLU A 75 -1.62 -3.17 -12.58
N GLU A 76 -0.44 -3.13 -13.16
CA GLU A 76 0.78 -3.47 -12.39
C GLU A 76 1.38 -2.23 -11.72
N GLN A 77 0.84 -1.07 -12.01
CA GLN A 77 1.39 0.17 -11.38
C GLN A 77 1.25 0.10 -9.87
N LEU A 78 0.10 -0.28 -9.38
CA LEU A 78 -0.10 -0.37 -7.90
C LEU A 78 0.68 -1.55 -7.34
N SER A 79 0.89 -2.57 -8.13
CA SER A 79 1.64 -3.76 -7.63
C SER A 79 3.01 -3.33 -7.08
N SER A 80 3.59 -2.31 -7.64
CA SER A 80 4.93 -1.84 -7.14
C SER A 80 4.74 -0.95 -5.91
N LEU A 81 3.60 -0.31 -5.78
CA LEU A 81 3.35 0.57 -4.61
C LEU A 81 3.48 -0.23 -3.31
N GLU A 82 2.81 -1.35 -3.23
CA GLU A 82 2.90 -2.18 -1.99
C GLU A 82 4.33 -2.68 -1.78
N GLY A 83 5.00 -3.04 -2.84
CA GLY A 83 6.39 -3.53 -2.70
C GLY A 83 6.50 -4.94 -3.27
N SER A 84 6.92 -5.07 -4.50
CA SER A 84 7.05 -6.42 -5.12
C SER A 84 8.25 -7.17 -4.53
N GLN A 85 9.27 -6.44 -4.16
CA GLN A 85 10.48 -7.10 -3.58
C GLN A 85 10.17 -7.64 -2.17
N GLY A 86 9.31 -6.96 -1.45
CA GLY A 86 8.96 -7.42 -0.08
C GLY A 86 9.46 -6.40 0.95
N LEU A 87 9.41 -5.14 0.62
CA LEU A 87 9.88 -4.09 1.57
C LEU A 87 8.69 -3.33 2.16
N ILE A 88 8.67 -3.13 3.45
CA ILE A 88 7.55 -2.39 4.08
C ILE A 88 8.07 -1.19 4.87
N PRO A 89 7.21 -0.22 5.06
CA PRO A 89 7.59 1.01 5.82
C PRO A 89 7.71 0.71 7.31
N SER A 90 7.04 -0.31 7.77
CA SER A 90 7.11 -0.66 9.23
C SER A 90 8.16 -1.76 9.46
N ARG A 91 9.20 -1.76 8.67
CA ARG A 91 10.26 -2.80 8.84
C ARG A 91 11.25 -2.38 9.93
N GLY A 92 11.64 -3.30 10.77
CA GLY A 92 12.61 -2.97 11.86
C GLY A 92 11.85 -2.54 13.12
N TRP A 93 10.69 -3.13 13.35
CA TRP A 93 9.90 -2.77 14.57
C TRP A 93 9.74 -1.26 14.67
N THR A 94 9.33 -0.61 13.60
CA THR A 94 9.17 0.86 13.63
C THR A 94 7.83 1.29 13.04
N ASP A 95 6.75 0.70 13.50
CA ASP A 95 5.41 1.08 12.96
C ASP A 95 5.16 2.58 13.17
N ASP A 96 5.84 3.17 14.12
CA ASP A 96 5.65 4.62 14.39
C ASP A 96 6.54 5.46 13.45
N LEU A 97 7.51 4.84 12.83
CA LEU A 97 8.42 5.60 11.92
C LEU A 97 7.62 6.50 10.97
N CYS A 98 6.41 6.11 10.65
CA CYS A 98 5.57 6.95 9.75
C CYS A 98 5.32 8.32 10.39
N TYR A 99 5.00 8.34 11.65
CA TYR A 99 4.73 9.63 12.34
C TYR A 99 5.72 9.82 13.50
N GLY A 100 6.88 9.21 13.43
CA GLY A 100 7.87 9.35 14.53
C GLY A 100 9.26 8.97 14.01
N THR A 101 10.11 8.48 14.88
CA THR A 101 11.48 8.09 14.44
C THR A 101 11.72 6.60 14.72
N GLY A 102 11.30 6.12 15.85
CA GLY A 102 11.50 4.68 16.17
C GLY A 102 12.70 4.52 17.11
N ALA A 103 12.73 5.28 18.17
CA ALA A 103 13.88 5.18 19.13
C ALA A 103 13.74 3.92 20.00
N VAL A 104 12.63 3.22 19.89
CA VAL A 104 12.44 1.98 20.70
C VAL A 104 13.67 1.07 20.61
N TYR A 105 14.38 1.13 19.51
CA TYR A 105 15.58 0.26 19.36
C TYR A 105 16.78 0.88 20.10
N LEU A 106 17.17 2.07 19.72
CA LEU A 106 18.33 2.73 20.39
C LEU A 106 17.97 3.13 21.82
N LEU A 107 16.86 3.82 22.00
CA LEU A 107 16.45 4.25 23.37
C LEU A 107 16.44 3.04 24.32
N GLY A 108 16.27 1.85 23.79
CA GLY A 108 16.26 0.64 24.67
C GLY A 108 17.70 0.25 25.01
N LEU A 109 18.65 0.69 24.24
CA LEU A 109 20.07 0.35 24.52
C LEU A 109 20.55 1.05 25.80
N GLY A 110 20.24 2.31 25.93
CA GLY A 110 20.67 3.06 27.15
C GLY A 110 20.02 2.44 28.39
N ILE A 111 18.91 1.76 28.22
CA ILE A 111 18.23 1.13 29.39
C ILE A 111 19.14 0.08 30.03
N GLY A 112 19.84 -0.69 29.23
CA GLY A 112 20.74 -1.73 29.79
C GLY A 112 21.85 -1.07 30.62
N GLY A 113 22.18 0.16 30.32
CA GLY A 113 23.25 0.85 31.09
C GLY A 113 22.69 1.38 32.41
N PHE A 114 21.51 1.94 32.38
CA PHE A 114 20.90 2.48 33.64
C PHE A 114 20.28 1.34 34.45
N SER A 115 19.70 0.38 33.79
CA SER A 115 19.07 -0.76 34.53
C SER A 115 20.12 -1.53 35.32
N GLY A 116 21.36 -1.49 34.89
CA GLY A 116 22.43 -2.22 35.63
C GLY A 116 22.89 -1.38 36.83
N MET A 117 22.90 -0.09 36.69
CA MET A 117 23.35 0.78 37.82
C MET A 117 22.51 0.51 39.08
N MET A 118 21.33 -0.05 38.91
CA MET A 118 20.48 -0.34 40.10
C MET A 118 21.21 -1.26 41.08
N GLN A 119 21.58 -2.44 40.65
CA GLN A 119 22.30 -3.38 41.55
C GLN A 119 23.80 -3.10 41.52
N GLY A 120 24.31 -2.69 40.39
CA GLY A 120 25.77 -2.39 40.29
C GLY A 120 26.14 -1.30 41.30
N LEU A 121 25.18 -0.53 41.75
CA LEU A 121 25.47 0.54 42.73
C LEU A 121 26.20 -0.03 43.96
N GLN A 122 26.04 -1.30 44.21
CA GLN A 122 26.72 -1.92 45.39
C GLN A 122 28.17 -2.30 45.05
N ASN A 123 28.63 -1.97 43.87
CA ASN A 123 30.04 -2.31 43.49
C ASN A 123 31.02 -1.69 44.48
N ILE A 124 30.75 -0.50 44.93
CA ILE A 124 31.67 0.17 45.91
C ILE A 124 31.63 -0.56 47.26
N PRO A 125 32.78 -0.71 47.87
CA PRO A 125 32.85 -1.39 49.18
C PRO A 125 32.28 -0.50 50.29
N PRO A 126 31.64 -1.11 51.25
CA PRO A 126 31.04 -0.34 52.37
C PRO A 126 32.13 0.14 53.33
N ASN A 127 32.73 1.26 53.03
CA ASN A 127 33.81 1.79 53.92
C ASN A 127 33.27 2.93 54.78
N SER A 128 31.98 2.95 55.02
CA SER A 128 31.40 4.04 55.86
C SER A 128 31.40 3.62 57.33
N PRO A 129 31.66 4.58 58.19
CA PRO A 129 31.68 4.30 59.65
C PRO A 129 30.26 4.11 60.19
N GLY A 130 29.91 2.91 60.55
CA GLY A 130 28.53 2.67 61.08
C GLY A 130 28.14 1.20 60.82
N LYS A 131 28.92 0.27 61.29
CA LYS A 131 28.58 -1.16 61.09
C LYS A 131 28.18 -1.82 62.41
N LEU A 132 27.78 -1.03 63.38
CA LEU A 132 27.38 -1.60 64.69
C LEU A 132 25.91 -1.27 65.00
N GLN A 133 25.40 -0.22 64.41
CA GLN A 133 23.98 0.15 64.67
C GLN A 133 23.03 -0.98 64.25
N LEU A 134 23.44 -1.77 63.29
CA LEU A 134 22.57 -2.89 62.84
C LEU A 134 23.01 -4.22 63.47
N ASN A 135 23.91 -4.16 64.42
CA ASN A 135 24.38 -5.42 65.07
C ASN A 135 23.51 -5.74 66.30
N THR A 136 23.12 -4.73 67.03
CA THR A 136 22.27 -4.98 68.24
C THR A 136 20.92 -5.57 67.82
N VAL A 137 20.49 -5.31 66.62
CA VAL A 137 19.18 -5.86 66.15
C VAL A 137 19.28 -7.38 65.99
N LEU A 138 20.46 -7.90 65.78
CA LEU A 138 20.62 -9.37 65.62
C LEU A 138 20.14 -10.09 66.88
N ASN A 139 20.26 -9.45 68.02
CA ASN A 139 19.81 -10.10 69.28
C ASN A 139 18.28 -10.18 69.33
N HIS A 140 17.61 -9.19 68.80
CA HIS A 140 16.12 -9.21 68.81
C HIS A 140 15.59 -9.38 67.38
N ILE A 141 15.52 -10.60 66.90
CA ILE A 141 15.00 -10.82 65.52
C ILE A 141 13.62 -11.48 65.56
N THR A 142 12.72 -11.04 64.73
CA THR A 142 11.35 -11.63 64.72
C THR A 142 10.91 -11.94 63.29
N LYS A 143 11.82 -12.40 62.47
CA LYS A 143 11.46 -12.71 61.05
C LYS A 143 12.64 -13.43 60.37
N ARG A 144 12.34 -14.41 59.55
CA ARG A 144 13.43 -15.15 58.85
C ARG A 144 14.00 -14.31 57.70
N GLY A 145 13.15 -13.84 56.82
CA GLY A 145 13.64 -13.01 55.68
C GLY A 145 13.89 -11.57 56.15
N PRO A 146 15.08 -11.07 55.92
CA PRO A 146 15.41 -9.69 56.33
C PRO A 146 14.71 -8.68 55.43
N PHE A 147 14.26 -7.59 55.99
CA PHE A 147 13.56 -6.56 55.17
C PHE A 147 14.59 -5.63 54.50
N LEU A 148 15.74 -5.49 55.09
CA LEU A 148 16.79 -4.60 54.49
C LEU A 148 17.36 -5.25 53.23
N GLY A 149 17.63 -4.45 52.22
CA GLY A 149 18.21 -5.03 50.96
C GLY A 149 17.21 -4.86 49.82
N ASN A 150 15.94 -5.01 50.10
CA ASN A 150 14.91 -4.86 49.03
C ASN A 150 14.38 -3.42 48.99
N ASN A 151 14.57 -2.67 50.05
CA ASN A 151 14.08 -1.26 50.07
C ASN A 151 14.62 -0.48 48.86
N ALA A 152 15.74 -0.89 48.34
CA ALA A 152 16.32 -0.18 47.16
C ALA A 152 15.68 -0.67 45.86
N GLY A 153 15.11 -1.84 45.87
CA GLY A 153 14.46 -2.39 44.64
C GLY A 153 13.33 -1.46 44.21
N ILE A 154 12.74 -0.73 45.13
CA ILE A 154 11.62 0.18 44.77
C ILE A 154 12.04 1.12 43.63
N LEU A 155 13.29 1.49 43.58
CA LEU A 155 13.76 2.42 42.50
C LEU A 155 13.54 1.77 41.13
N ALA A 156 13.76 0.49 41.03
CA ALA A 156 13.56 -0.21 39.71
C ALA A 156 12.10 -0.09 39.26
N LEU A 157 11.21 0.23 40.16
CA LEU A 157 9.77 0.36 39.78
C LEU A 157 9.49 1.74 39.18
N SER A 158 9.91 2.78 39.86
CA SER A 158 9.66 4.16 39.34
C SER A 158 10.40 4.36 38.01
N TYR A 159 11.50 3.68 37.82
CA TYR A 159 12.27 3.85 36.55
C TYR A 159 11.42 3.40 35.35
N ASN A 160 10.48 2.52 35.57
CA ASN A 160 9.63 2.05 34.45
C ASN A 160 8.49 3.04 34.17
N ILE A 161 8.18 3.88 35.12
CA ILE A 161 7.09 4.87 34.91
C ILE A 161 7.63 6.14 34.23
N ILE A 162 8.80 6.57 34.60
CA ILE A 162 9.37 7.80 33.97
C ILE A 162 9.60 7.57 32.47
N ASN A 163 9.88 6.35 32.09
CA ASN A 163 10.11 6.06 30.65
C ASN A 163 8.80 5.70 29.95
N SER A 164 7.79 5.31 30.70
CA SER A 164 6.49 4.94 30.09
C SER A 164 5.92 6.12 29.29
N THR A 165 6.29 7.32 29.64
CA THR A 165 5.78 8.51 28.91
C THR A 165 6.43 8.62 27.53
N ILE A 166 7.74 8.51 27.47
CA ILE A 166 8.42 8.59 26.15
C ILE A 166 7.85 7.55 25.19
N ASP A 167 7.48 6.41 25.71
CA ASP A 167 6.91 5.33 24.84
C ASP A 167 5.37 5.44 24.78
N ALA A 168 4.75 5.92 25.83
CA ALA A 168 3.25 6.03 25.82
C ALA A 168 2.78 6.72 24.53
N LEU A 169 3.49 7.72 24.10
CA LEU A 169 3.08 8.44 22.86
C LEU A 169 3.67 7.76 21.61
N ARG A 170 4.06 6.51 21.72
CA ARG A 170 4.65 5.80 20.54
C ARG A 170 3.73 5.92 19.31
N GLY A 171 2.52 5.43 19.40
CA GLY A 171 1.60 5.52 18.23
C GLY A 171 0.30 4.78 18.53
N LYS A 172 -0.08 3.87 17.67
CA LYS A 172 -1.35 3.11 17.89
C LYS A 172 -1.09 1.60 17.83
N HIS A 173 -1.19 0.93 18.95
CA HIS A 173 -0.95 -0.54 18.95
C HIS A 173 -2.27 -1.29 19.23
N ASP A 174 -2.43 -2.46 18.67
CA ASP A 174 -3.68 -3.25 18.90
C ASP A 174 -3.31 -4.69 19.28
N THR A 175 -2.26 -4.86 20.02
CA THR A 175 -1.81 -6.23 20.40
C THR A 175 -2.92 -7.03 21.11
N ALA A 176 -2.86 -7.19 22.41
CA ALA A 176 -3.91 -8.01 23.10
C ALA A 176 -4.23 -7.47 24.51
N GLY A 177 -5.37 -6.86 24.66
CA GLY A 177 -5.76 -6.35 26.00
C GLY A 177 -6.38 -7.50 26.81
N SER A 178 -6.91 -8.49 26.14
CA SER A 178 -7.53 -9.65 26.84
C SER A 178 -6.46 -10.66 27.27
N ILE A 179 -5.29 -10.58 26.69
CA ILE A 179 -4.20 -11.52 27.05
C ILE A 179 -3.60 -11.15 28.42
N GLY A 180 -3.83 -9.94 28.87
CA GLY A 180 -3.27 -9.50 30.17
C GLY A 180 -3.59 -10.53 31.26
N ALA A 181 -4.62 -11.32 31.09
CA ALA A 181 -4.97 -12.33 32.14
C ALA A 181 -4.06 -13.56 32.04
N GLY A 182 -3.97 -14.15 30.87
CA GLY A 182 -3.12 -15.37 30.71
C GLY A 182 -1.71 -15.13 31.25
N ALA A 183 -1.28 -13.89 31.31
CA ALA A 183 0.09 -13.60 31.81
C ALA A 183 0.07 -13.36 33.33
N LEU A 184 -1.08 -13.11 33.91
CA LEU A 184 -1.15 -12.86 35.37
C LEU A 184 -0.76 -14.13 36.15
N THR A 185 -1.51 -15.19 36.03
CA THR A 185 -1.17 -16.45 36.78
C THR A 185 0.24 -16.91 36.42
N GLY A 186 0.73 -16.54 35.27
CA GLY A 186 2.10 -16.96 34.86
C GLY A 186 3.13 -16.37 35.84
N ALA A 187 2.83 -15.24 36.42
CA ALA A 187 3.78 -14.61 37.38
C ALA A 187 3.52 -15.14 38.79
N LEU A 188 2.28 -15.41 39.12
CA LEU A 188 1.97 -15.92 40.49
C LEU A 188 2.69 -17.24 40.74
N PHE A 189 2.68 -18.13 39.78
CA PHE A 189 3.36 -19.44 39.94
C PHE A 189 4.89 -19.27 39.77
N LYS A 190 5.31 -18.17 39.23
CA LYS A 190 6.77 -17.95 39.03
C LYS A 190 7.52 -18.07 40.37
N SER A 191 6.87 -17.72 41.45
CA SER A 191 7.52 -17.80 42.78
C SER A 191 6.68 -18.66 43.73
N SER A 192 7.27 -19.67 44.31
CA SER A 192 6.50 -20.54 45.25
C SER A 192 7.34 -20.86 46.49
N LYS A 193 7.58 -19.89 47.33
CA LYS A 193 8.39 -20.13 48.55
C LYS A 193 7.66 -19.58 49.78
N GLY A 194 6.36 -19.47 49.71
CA GLY A 194 5.60 -18.93 50.88
C GLY A 194 5.05 -17.55 50.53
N LEU A 195 5.34 -16.56 51.34
CA LEU A 195 4.84 -15.19 51.05
C LEU A 195 5.40 -14.68 49.72
N LYS A 196 4.55 -14.36 48.78
CA LYS A 196 5.05 -13.86 47.47
C LYS A 196 5.10 -12.32 47.46
N PRO A 197 6.30 -11.79 47.51
CA PRO A 197 6.47 -10.31 47.51
C PRO A 197 6.15 -9.75 46.13
N MET A 198 6.25 -10.57 45.10
CA MET A 198 5.94 -10.08 43.72
C MET A 198 4.50 -9.57 43.65
N GLY A 199 3.66 -9.98 44.56
CA GLY A 199 2.23 -9.51 44.55
C GLY A 199 2.18 -7.99 44.35
N TYR A 200 3.07 -7.28 44.98
CA TYR A 200 3.07 -5.79 44.83
C TYR A 200 3.60 -5.42 43.44
N SER A 201 4.45 -6.24 42.89
CA SER A 201 5.01 -5.95 41.53
C SER A 201 3.87 -5.92 40.49
N SER A 202 2.74 -6.51 40.81
CA SER A 202 1.61 -6.51 39.84
C SER A 202 1.29 -5.08 39.39
N ALA A 203 1.43 -4.13 40.27
CA ALA A 203 1.15 -2.72 39.89
C ALA A 203 2.03 -2.31 38.71
N MET A 204 3.17 -2.93 38.56
CA MET A 204 4.07 -2.59 37.44
C MET A 204 3.47 -3.10 36.12
N VAL A 205 3.08 -4.35 36.08
CA VAL A 205 2.46 -4.89 34.83
C VAL A 205 1.04 -4.35 34.68
N ALA A 206 0.39 -4.09 35.79
CA ALA A 206 -1.00 -3.54 35.72
C ALA A 206 -1.01 -2.25 34.90
N ALA A 207 -0.06 -1.38 35.13
CA ALA A 207 0.00 -0.12 34.36
C ALA A 207 0.22 -0.43 32.88
N ALA A 208 0.85 -1.54 32.59
CA ALA A 208 1.09 -1.91 31.16
C ALA A 208 -0.24 -2.01 30.42
N CYS A 209 -1.30 -2.30 31.12
CA CYS A 209 -2.63 -2.39 30.45
C CYS A 209 -3.06 -1.00 29.95
N ALA A 210 -2.70 0.02 30.68
CA ALA A 210 -3.07 1.40 30.25
C ALA A 210 -2.29 1.80 28.99
N VAL A 211 -0.99 1.74 29.04
CA VAL A 211 -0.17 2.13 27.85
C VAL A 211 -0.63 1.32 26.63
N TRP A 212 -0.99 0.08 26.82
CA TRP A 212 -1.47 -0.74 25.67
C TRP A 212 -2.94 -0.42 25.38
N CYS A 213 -3.76 -0.35 26.41
CA CYS A 213 -5.20 0.00 26.19
C CYS A 213 -5.28 1.34 25.47
N SER A 214 -4.21 2.11 25.49
CA SER A 214 -4.19 3.43 24.79
C SER A 214 -4.74 3.29 23.35
N VAL A 215 -4.87 2.07 22.86
CA VAL A 215 -5.40 1.85 21.48
C VAL A 215 -6.62 2.75 21.21
N LYS A 216 -7.64 2.64 22.02
CA LYS A 216 -8.85 3.48 21.83
C LYS A 216 -8.71 4.79 22.61
N LYS A 217 -9.00 5.90 22.00
CA LYS A 217 -8.88 7.21 22.71
C LYS A 217 -10.24 7.93 22.69
N ARG A 218 -11.25 7.33 23.23
CA ARG A 218 -12.60 7.97 23.25
C ARG A 218 -12.92 8.48 24.66
N LEU A 219 -12.39 7.85 25.67
CA LEU A 219 -12.68 8.28 27.07
C LEU A 219 -11.96 9.60 27.36
N LEU A 220 -10.84 9.84 26.71
CA LEU A 220 -10.09 11.10 26.95
C LEU A 220 -10.78 12.28 26.24
N GLU A 221 -11.26 12.05 25.04
CA GLU A 221 -11.95 13.16 24.30
C GLU A 221 -13.11 12.59 23.49
N LYS A 222 -14.08 13.40 23.17
CA LYS A 222 -15.25 12.92 22.38
C LYS A 222 -14.83 12.67 20.92
N MET B 1 -12.97 69.68 -57.64
CA MET B 1 -13.06 70.92 -56.81
C MET B 1 -12.08 71.98 -57.32
N SER B 2 -12.38 72.59 -58.44
CA SER B 2 -11.48 73.63 -59.00
C SER B 2 -10.05 73.09 -59.14
N TRP B 3 -9.73 72.50 -60.26
CA TRP B 3 -8.36 71.95 -60.46
C TRP B 3 -7.51 72.91 -61.29
N LEU B 4 -7.95 74.13 -61.45
CA LEU B 4 -7.17 75.11 -62.25
C LEU B 4 -6.39 76.05 -61.32
N PHE B 5 -6.22 75.67 -60.08
CA PHE B 5 -5.47 76.54 -59.12
C PHE B 5 -4.21 75.82 -58.63
N GLY B 6 -4.17 74.52 -58.74
CA GLY B 6 -2.96 73.77 -58.28
C GLY B 6 -3.26 73.07 -56.94
N ASP B 7 -4.48 72.64 -56.75
CA ASP B 7 -4.83 71.95 -55.47
C ASP B 7 -5.20 70.50 -55.74
N LYS B 8 -4.54 69.57 -55.10
CA LYS B 8 -4.85 68.12 -55.31
C LYS B 8 -6.19 67.77 -54.65
N THR B 9 -7.05 67.11 -55.39
CA THR B 9 -8.38 66.73 -54.80
C THR B 9 -8.18 65.62 -53.75
N PRO B 10 -8.79 65.80 -52.60
CA PRO B 10 -8.68 64.80 -51.52
C PRO B 10 -9.53 63.56 -51.84
N THR B 11 -8.96 62.40 -51.72
CA THR B 11 -9.73 61.15 -52.01
C THR B 11 -10.21 60.51 -50.71
N ASP B 12 -9.50 60.72 -49.64
CA ASP B 12 -9.93 60.13 -48.33
C ASP B 12 -11.08 60.94 -47.73
N ASP B 13 -11.10 62.22 -47.96
CA ASP B 13 -12.20 63.06 -47.40
C ASP B 13 -13.45 62.94 -48.28
N ALA B 14 -13.27 62.77 -49.56
CA ALA B 14 -14.45 62.66 -50.47
C ALA B 14 -15.19 61.34 -50.19
N ASN B 15 -14.50 60.35 -49.70
CA ASN B 15 -15.17 59.05 -49.41
C ASN B 15 -16.22 59.22 -48.31
N ALA B 16 -16.04 60.19 -47.45
CA ALA B 16 -17.03 60.41 -46.35
C ALA B 16 -18.37 60.84 -46.94
N ALA B 17 -18.35 61.53 -48.04
CA ALA B 17 -19.63 61.98 -48.67
C ALA B 17 -19.66 61.61 -50.16
N VAL B 18 -20.62 62.12 -50.89
CA VAL B 18 -20.70 61.80 -52.33
C VAL B 18 -21.63 62.79 -53.05
N GLY B 19 -21.50 62.92 -54.34
CA GLY B 19 -22.37 63.87 -55.09
C GLY B 19 -22.17 63.66 -56.59
N GLY B 20 -22.12 62.44 -57.02
CA GLY B 20 -21.92 62.17 -58.48
C GLY B 20 -23.25 61.71 -59.10
N GLN B 21 -23.65 62.31 -60.17
CA GLN B 21 -24.93 61.93 -60.82
C GLN B 21 -24.67 61.26 -62.18
N ASP B 22 -24.56 59.97 -62.21
CA ASP B 22 -24.30 59.26 -63.49
C ASP B 22 -25.59 58.64 -64.03
N THR B 23 -26.46 58.21 -63.15
CA THR B 23 -27.74 57.59 -63.61
C THR B 23 -28.79 58.68 -63.85
N THR B 24 -29.50 58.58 -64.95
CA THR B 24 -30.54 59.61 -65.25
C THR B 24 -31.88 58.94 -65.60
N LYS B 25 -32.24 57.93 -64.85
CA LYS B 25 -33.54 57.24 -65.13
C LYS B 25 -34.68 57.95 -64.40
N PRO B 26 -35.84 57.97 -65.03
CA PRO B 26 -37.02 58.63 -64.42
C PRO B 26 -37.58 57.79 -63.28
N LYS B 27 -37.86 56.53 -63.54
CA LYS B 27 -38.42 55.65 -62.47
C LYS B 27 -38.12 54.19 -62.79
N GLU B 28 -36.94 53.90 -63.29
CA GLU B 28 -36.59 52.49 -63.61
C GLU B 28 -36.11 51.74 -62.36
N LEU B 29 -36.01 52.43 -61.25
CA LEU B 29 -35.56 51.75 -60.00
C LEU B 29 -36.54 50.64 -59.61
N SER B 30 -37.79 50.80 -59.94
CA SER B 30 -38.79 49.76 -59.58
C SER B 30 -38.87 48.70 -60.68
N LEU B 31 -38.57 49.08 -61.90
CA LEU B 31 -38.61 48.10 -63.03
C LEU B 31 -37.61 46.97 -62.78
N LYS B 32 -36.56 47.24 -62.05
CA LYS B 32 -35.55 46.18 -61.78
C LYS B 32 -35.99 45.32 -60.58
N GLN B 33 -36.54 45.95 -59.58
CA GLN B 33 -37.00 45.18 -58.38
C GLN B 33 -38.22 44.33 -58.73
N SER B 34 -38.96 44.73 -59.74
CA SER B 34 -40.17 43.93 -60.13
C SER B 34 -39.77 42.51 -60.50
N LEU B 35 -38.76 42.36 -61.32
CA LEU B 35 -38.32 41.00 -61.73
C LEU B 35 -37.63 40.30 -60.56
N GLY B 36 -37.00 41.04 -59.69
CA GLY B 36 -36.30 40.42 -58.53
C GLY B 36 -34.90 39.97 -58.95
N PHE B 37 -34.29 40.67 -59.87
CA PHE B 37 -32.93 40.28 -60.31
C PHE B 37 -31.90 40.60 -59.23
N GLU B 38 -30.89 39.78 -59.09
CA GLU B 38 -29.85 40.04 -58.05
C GLU B 38 -28.59 39.21 -58.34
N PRO B 39 -27.65 39.83 -59.01
CA PRO B 39 -26.38 39.13 -59.34
C PRO B 39 -25.52 38.95 -58.09
N ASN B 40 -25.80 39.68 -57.05
CA ASN B 40 -25.00 39.55 -55.80
C ASN B 40 -25.05 38.12 -55.29
N ILE B 41 -26.12 37.42 -55.52
CA ILE B 41 -26.24 36.01 -55.06
C ILE B 41 -25.93 35.04 -56.20
N ASN B 42 -25.35 35.52 -57.27
CA ASN B 42 -25.03 34.62 -58.42
C ASN B 42 -23.63 34.02 -58.24
N ASN B 43 -22.75 34.72 -57.58
CA ASN B 43 -21.37 34.20 -57.39
C ASN B 43 -21.41 32.85 -56.66
N ILE B 44 -22.45 32.60 -55.89
CA ILE B 44 -22.55 31.31 -55.16
C ILE B 44 -22.54 30.13 -56.15
N ILE B 45 -22.86 30.38 -57.39
CA ILE B 45 -22.87 29.28 -58.40
C ILE B 45 -21.52 28.55 -58.42
N SER B 46 -20.44 29.28 -58.21
CA SER B 46 -19.10 28.64 -58.22
C SER B 46 -18.60 28.44 -56.78
N GLY B 47 -19.49 28.13 -55.88
CA GLY B 47 -19.07 27.92 -54.46
C GLY B 47 -18.76 26.44 -54.24
N PRO B 48 -17.96 26.17 -53.23
CA PRO B 48 -17.58 24.77 -52.91
C PRO B 48 -18.77 24.03 -52.28
N GLY B 49 -18.82 22.73 -52.45
CA GLY B 49 -19.95 21.95 -51.87
C GLY B 49 -20.19 20.70 -52.71
N GLY B 50 -21.23 19.96 -52.41
CA GLY B 50 -21.52 18.73 -53.20
C GLY B 50 -21.90 17.59 -52.25
N MET B 51 -20.93 16.90 -51.72
CA MET B 51 -21.23 15.78 -50.78
C MET B 51 -20.02 15.49 -49.90
N HIS B 52 -19.68 16.39 -49.02
CA HIS B 52 -18.51 16.18 -48.13
C HIS B 52 -18.80 16.73 -46.73
N VAL B 53 -18.84 15.87 -45.74
CA VAL B 53 -19.12 16.34 -44.35
C VAL B 53 -18.62 15.31 -43.34
N ASP B 54 -18.13 15.76 -42.21
CA ASP B 54 -17.63 14.81 -41.18
C ASP B 54 -18.80 14.20 -40.40
N THR B 55 -19.12 12.96 -40.66
CA THR B 55 -20.24 12.31 -39.93
C THR B 55 -19.74 11.73 -38.59
N ALA B 56 -18.51 11.31 -38.56
CA ALA B 56 -17.96 10.74 -37.29
C ALA B 56 -17.84 11.85 -36.23
N ARG B 57 -17.72 13.08 -36.64
CA ARG B 57 -17.61 14.20 -35.66
C ARG B 57 -18.84 14.24 -34.76
N LEU B 58 -19.96 13.73 -35.23
CA LEU B 58 -21.19 13.75 -34.40
C LEU B 58 -21.01 12.87 -33.16
N HIS B 59 -20.46 11.70 -33.33
CA HIS B 59 -20.25 10.79 -32.16
C HIS B 59 -19.11 11.32 -31.29
N PRO B 60 -19.19 11.02 -30.01
CA PRO B 60 -18.14 11.48 -29.06
C PRO B 60 -16.85 10.68 -29.26
N LEU B 61 -15.73 11.22 -28.85
CA LEU B 61 -14.44 10.49 -29.01
C LEU B 61 -14.16 9.65 -27.76
N ALA B 62 -14.47 8.39 -27.79
CA ALA B 62 -14.22 7.52 -26.61
C ALA B 62 -12.92 6.72 -26.80
N GLY B 63 -12.50 6.54 -28.02
CA GLY B 63 -11.24 5.76 -28.28
C GLY B 63 -10.08 6.40 -27.52
N LEU B 64 -9.91 7.69 -27.67
CA LEU B 64 -8.79 8.38 -26.96
C LEU B 64 -9.02 8.33 -25.45
N ASP B 65 -10.25 8.22 -25.02
CA ASP B 65 -10.54 8.17 -23.56
C ASP B 65 -10.31 6.75 -23.01
N LYS B 66 -10.28 5.77 -23.87
CA LYS B 66 -10.07 4.37 -23.41
C LYS B 66 -8.74 4.26 -22.64
N GLY B 67 -7.75 5.00 -23.06
CA GLY B 67 -6.43 4.94 -22.35
C GLY B 67 -6.53 5.66 -21.01
N VAL B 68 -7.29 6.73 -20.95
CA VAL B 68 -7.43 7.47 -19.67
C VAL B 68 -8.46 6.79 -18.77
N GLU B 69 -9.38 6.07 -19.34
CA GLU B 69 -10.42 5.37 -18.53
C GLU B 69 -9.81 4.13 -17.86
N TYR B 70 -9.08 3.35 -18.60
CA TYR B 70 -8.47 2.12 -18.00
C TYR B 70 -7.46 2.50 -16.91
N LEU B 71 -7.04 3.74 -16.86
CA LEU B 71 -6.06 4.16 -15.82
C LEU B 71 -6.61 3.87 -14.42
N ASP B 72 -7.69 4.52 -14.05
CA ASP B 72 -8.27 4.27 -12.69
C ASP B 72 -9.08 2.97 -12.67
N LEU B 73 -9.24 2.34 -13.81
CA LEU B 73 -10.03 1.07 -13.85
C LEU B 73 -9.12 -0.13 -13.55
N GLU B 74 -7.89 -0.07 -13.98
CA GLU B 74 -6.95 -1.20 -13.72
C GLU B 74 -6.21 -0.98 -12.40
N GLU B 75 -5.90 0.25 -12.08
CA GLU B 75 -5.18 0.53 -10.81
C GLU B 75 -6.00 0.06 -9.61
N GLU B 76 -7.30 0.03 -9.75
CA GLU B 76 -8.17 -0.42 -8.62
C GLU B 76 -8.33 -1.95 -8.64
N GLN B 77 -8.07 -2.56 -9.77
CA GLN B 77 -8.21 -4.05 -9.86
C GLN B 77 -7.28 -4.73 -8.86
N LEU B 78 -6.02 -4.37 -8.86
CA LEU B 78 -5.06 -4.99 -7.90
C LEU B 78 -5.24 -4.41 -6.50
N SER B 79 -5.74 -3.21 -6.40
CA SER B 79 -5.95 -2.59 -5.06
C SER B 79 -6.91 -3.44 -4.22
N SER B 80 -7.96 -3.92 -4.81
CA SER B 80 -8.93 -4.77 -4.05
C SER B 80 -8.53 -6.23 -4.14
N LEU B 81 -7.81 -6.60 -5.17
CA LEU B 81 -7.38 -8.03 -5.32
C LEU B 81 -6.60 -8.48 -4.09
N GLU B 82 -5.94 -7.57 -3.42
CA GLU B 82 -5.15 -7.94 -2.21
C GLU B 82 -6.10 -8.41 -1.10
N GLY B 83 -7.31 -7.93 -1.09
CA GLY B 83 -8.27 -8.34 -0.04
C GLY B 83 -8.17 -7.41 1.15
N SER B 84 -8.82 -6.27 1.09
CA SER B 84 -8.76 -5.30 2.23
C SER B 84 -9.74 -5.73 3.33
N GLN B 85 -10.78 -6.44 2.99
CA GLN B 85 -11.77 -6.88 4.01
C GLN B 85 -11.08 -7.75 5.07
N GLY B 86 -10.01 -8.40 4.72
CA GLY B 86 -9.29 -9.27 5.70
C GLY B 86 -8.68 -8.39 6.79
N LEU B 87 -8.91 -8.72 8.03
CA LEU B 87 -8.34 -7.90 9.14
C LEU B 87 -8.32 -8.72 10.44
N ILE B 88 -7.24 -8.66 11.17
CA ILE B 88 -7.16 -9.43 12.44
C ILE B 88 -6.86 -8.48 13.61
N PRO B 89 -7.36 -8.83 14.77
CA PRO B 89 -7.15 -7.99 15.97
C PRO B 89 -5.70 -8.13 16.48
N SER B 90 -4.96 -9.09 15.97
CA SER B 90 -3.56 -9.27 16.44
C SER B 90 -2.59 -8.63 15.43
N ARG B 91 -2.99 -7.57 14.78
CA ARG B 91 -2.09 -6.92 13.79
C ARG B 91 -0.98 -6.16 14.51
N GLY B 92 0.12 -5.93 13.86
CA GLY B 92 1.25 -5.19 14.50
C GLY B 92 2.40 -6.15 14.79
N TRP B 93 2.09 -7.41 15.04
CA TRP B 93 3.18 -8.39 15.33
C TRP B 93 2.92 -9.68 14.56
N THR B 94 2.73 -9.59 13.27
CA THR B 94 2.48 -10.81 12.46
C THR B 94 3.36 -10.83 11.20
N ASP B 95 4.48 -10.15 11.24
CA ASP B 95 5.38 -10.13 10.05
C ASP B 95 5.93 -11.53 9.80
N ASP B 96 6.22 -12.26 10.84
CA ASP B 96 6.77 -13.63 10.68
C ASP B 96 5.62 -14.66 10.61
N LEU B 97 4.45 -14.27 11.02
CA LEU B 97 3.29 -15.22 10.98
C LEU B 97 3.13 -15.82 9.58
N CYS B 98 3.55 -15.11 8.56
CA CYS B 98 3.44 -15.63 7.17
C CYS B 98 4.23 -16.94 7.04
N TYR B 99 5.28 -17.09 7.82
CA TYR B 99 6.10 -18.33 7.74
C TYR B 99 5.66 -19.31 8.83
N GLY B 100 5.17 -18.82 9.93
CA GLY B 100 4.74 -19.72 11.03
C GLY B 100 3.21 -19.86 10.99
N THR B 101 2.57 -19.73 12.12
CA THR B 101 1.08 -19.86 12.15
C THR B 101 0.49 -18.95 13.22
N GLY B 102 1.12 -17.84 13.49
CA GLY B 102 0.59 -16.91 14.53
C GLY B 102 0.76 -17.54 15.92
N ALA B 103 1.78 -18.32 16.11
CA ALA B 103 2.00 -18.96 17.43
C ALA B 103 2.63 -17.97 18.41
N VAL B 104 3.23 -16.91 17.91
CA VAL B 104 3.86 -15.90 18.80
C VAL B 104 2.86 -15.40 19.85
N TYR B 105 1.81 -14.77 19.42
CA TYR B 105 0.79 -14.26 20.39
C TYR B 105 0.17 -15.43 21.16
N LEU B 106 -0.44 -16.35 20.47
CA LEU B 106 -1.10 -17.51 21.14
C LEU B 106 -0.13 -18.22 22.10
N LEU B 107 0.88 -18.87 21.59
CA LEU B 107 1.85 -19.59 22.47
C LEU B 107 2.36 -18.65 23.58
N GLY B 108 2.34 -17.37 23.33
CA GLY B 108 2.81 -16.40 24.36
C GLY B 108 1.89 -16.46 25.58
N LEU B 109 0.70 -16.98 25.42
CA LEU B 109 -0.24 -17.08 26.58
C LEU B 109 -0.06 -18.40 27.32
N GLY B 110 -0.01 -19.49 26.60
CA GLY B 110 0.15 -20.82 27.25
C GLY B 110 1.54 -20.94 27.87
N ILE B 111 2.49 -20.16 27.39
CA ILE B 111 3.87 -20.24 27.95
C ILE B 111 3.87 -19.94 29.45
N GLY B 112 2.90 -19.19 29.91
CA GLY B 112 2.83 -18.86 31.36
C GLY B 112 2.42 -20.11 32.15
N GLY B 113 1.50 -20.87 31.63
CA GLY B 113 1.06 -22.11 32.36
C GLY B 113 2.22 -23.09 32.46
N PHE B 114 3.03 -23.17 31.45
CA PHE B 114 4.19 -24.12 31.49
C PHE B 114 5.32 -23.53 32.33
N SER B 115 5.61 -22.26 32.16
CA SER B 115 6.71 -21.63 32.94
C SER B 115 6.28 -21.46 34.41
N GLY B 116 5.01 -21.31 34.65
CA GLY B 116 4.53 -21.14 36.06
C GLY B 116 4.69 -22.45 36.82
N MET B 117 4.37 -23.55 36.18
CA MET B 117 4.49 -24.88 36.86
C MET B 117 5.94 -25.11 37.32
N MET B 118 6.88 -24.41 36.75
CA MET B 118 8.30 -24.59 37.15
C MET B 118 8.46 -24.36 38.66
N GLN B 119 8.14 -23.18 39.13
CA GLN B 119 8.28 -22.90 40.60
C GLN B 119 7.00 -23.34 41.35
N GLY B 120 5.90 -23.40 40.66
CA GLY B 120 4.64 -23.82 41.34
C GLY B 120 4.55 -25.35 41.38
N LEU B 121 5.56 -26.03 40.92
CA LEU B 121 5.54 -27.53 40.94
C LEU B 121 5.37 -28.03 42.37
N GLN B 122 6.16 -27.51 43.28
CA GLN B 122 6.06 -27.96 44.71
C GLN B 122 4.66 -27.62 45.27
N ASN B 123 3.99 -26.67 44.68
CA ASN B 123 2.64 -26.30 45.19
C ASN B 123 1.68 -27.51 45.12
N ILE B 124 1.93 -28.41 44.21
CA ILE B 124 1.05 -29.61 44.09
C ILE B 124 1.54 -30.72 45.02
N PRO B 125 0.76 -31.01 46.04
CA PRO B 125 1.14 -32.07 47.00
C PRO B 125 1.00 -33.46 46.37
N PRO B 126 1.90 -34.34 46.71
CA PRO B 126 1.86 -35.72 46.15
C PRO B 126 0.73 -36.53 46.81
N ASN B 127 -0.34 -36.73 46.10
CA ASN B 127 -1.48 -37.50 46.68
C ASN B 127 -1.62 -38.85 45.96
N SER B 128 -0.54 -39.39 45.47
CA SER B 128 -0.61 -40.70 44.75
C SER B 128 -1.09 -41.79 45.72
N PRO B 129 -1.76 -42.79 45.17
CA PRO B 129 -2.26 -43.91 46.01
C PRO B 129 -1.10 -44.80 46.47
N GLY B 130 -0.96 -44.98 47.75
CA GLY B 130 0.14 -45.84 48.26
C GLY B 130 0.39 -45.54 49.74
N LYS B 131 -0.02 -46.41 50.61
CA LYS B 131 0.18 -46.17 52.07
C LYS B 131 1.37 -46.99 52.59
N LEU B 132 1.52 -48.19 52.11
CA LEU B 132 2.65 -49.04 52.58
C LEU B 132 3.85 -48.90 51.63
N GLN B 133 3.62 -48.47 50.42
CA GLN B 133 4.74 -48.29 49.45
C GLN B 133 5.57 -47.05 49.80
N LEU B 134 4.94 -46.08 50.42
CA LEU B 134 5.70 -44.84 50.79
C LEU B 134 6.52 -45.08 52.06
N ASN B 135 6.09 -46.00 52.89
CA ASN B 135 6.86 -46.28 54.15
C ASN B 135 8.23 -46.86 53.81
N THR B 136 8.27 -47.84 52.94
CA THR B 136 9.59 -48.45 52.58
C THR B 136 10.53 -47.39 52.00
N VAL B 137 10.00 -46.33 51.45
CA VAL B 137 10.86 -45.27 50.87
C VAL B 137 11.09 -44.15 51.88
N LEU B 138 10.06 -43.76 52.60
CA LEU B 138 10.22 -42.67 53.60
C LEU B 138 11.00 -43.17 54.82
N ASN B 139 11.06 -44.45 55.02
CA ASN B 139 11.81 -44.99 56.19
C ASN B 139 13.28 -44.58 56.13
N HIS B 140 13.84 -44.55 54.95
CA HIS B 140 15.28 -44.17 54.82
C HIS B 140 15.40 -42.66 54.58
N ILE B 141 14.44 -42.08 53.91
CA ILE B 141 14.51 -40.61 53.65
C ILE B 141 13.35 -39.89 54.35
N THR B 142 13.66 -38.95 55.21
CA THR B 142 12.58 -38.22 55.93
C THR B 142 12.30 -36.88 55.25
N LYS B 143 11.23 -36.22 55.62
CA LYS B 143 10.91 -34.92 54.99
C LYS B 143 10.25 -33.98 56.02
N ARG B 144 11.04 -33.27 56.77
CA ARG B 144 10.48 -32.34 57.79
C ARG B 144 10.91 -30.90 57.49
N GLY B 145 12.16 -30.71 57.20
CA GLY B 145 12.66 -29.32 56.90
C GLY B 145 12.18 -28.91 55.51
N PRO B 146 12.43 -27.66 55.18
CA PRO B 146 12.02 -27.14 53.85
C PRO B 146 12.91 -27.71 52.74
N PHE B 147 12.32 -28.16 51.67
CA PHE B 147 13.15 -28.72 50.55
C PHE B 147 13.11 -27.77 49.35
N LEU B 148 14.24 -27.55 48.73
CA LEU B 148 14.28 -26.64 47.55
C LEU B 148 14.30 -27.44 46.25
N GLY B 149 13.65 -26.96 45.23
CA GLY B 149 13.63 -27.69 43.92
C GLY B 149 14.70 -27.11 43.00
N ASN B 150 15.95 -27.39 43.26
CA ASN B 150 17.04 -26.85 42.39
C ASN B 150 17.07 -27.61 41.06
N ASN B 151 16.62 -28.84 41.05
CA ASN B 151 16.62 -29.63 39.78
C ASN B 151 15.69 -28.97 38.75
N ALA B 152 14.61 -28.41 39.20
CA ALA B 152 13.66 -27.76 38.25
C ALA B 152 14.22 -26.41 37.77
N GLY B 153 15.19 -25.88 38.48
CA GLY B 153 15.78 -24.56 38.06
C GLY B 153 16.39 -24.69 36.67
N ILE B 154 17.32 -25.60 36.50
CA ILE B 154 17.96 -25.77 35.16
C ILE B 154 16.91 -26.12 34.11
N LEU B 155 15.79 -26.66 34.52
CA LEU B 155 14.72 -27.02 33.54
C LEU B 155 14.24 -25.77 32.80
N ALA B 156 14.27 -24.63 33.44
CA ALA B 156 13.82 -23.39 32.76
C ALA B 156 14.79 -22.99 31.64
N LEU B 157 15.94 -23.61 31.58
CA LEU B 157 16.92 -23.28 30.52
C LEU B 157 16.66 -24.12 29.26
N SER B 158 16.28 -25.36 29.44
CA SER B 158 16.01 -26.23 28.26
C SER B 158 14.65 -25.91 27.66
N TYR B 159 13.70 -25.53 28.46
CA TYR B 159 12.34 -25.21 27.92
C TYR B 159 12.44 -24.10 26.87
N ASN B 160 13.45 -23.27 26.96
CA ASN B 160 13.60 -22.16 25.97
C ASN B 160 14.30 -22.67 24.70
N ILE B 161 15.03 -23.75 24.80
CA ILE B 161 15.74 -24.28 23.60
C ILE B 161 14.80 -25.20 22.80
N ILE B 162 13.91 -25.87 23.46
CA ILE B 162 12.96 -26.79 22.73
C ILE B 162 11.92 -25.96 21.97
N ASN B 163 11.57 -24.82 22.48
CA ASN B 163 10.57 -23.96 21.79
C ASN B 163 11.24 -23.08 20.74
N SER B 164 12.53 -22.89 20.85
CA SER B 164 13.26 -22.04 19.85
C SER B 164 12.99 -22.53 18.43
N THR B 165 12.60 -23.77 18.26
CA THR B 165 12.34 -24.30 16.90
C THR B 165 11.03 -23.72 16.34
N ILE B 166 9.95 -23.87 17.06
CA ILE B 166 8.65 -23.33 16.57
C ILE B 166 8.80 -21.85 16.21
N ASP B 167 9.63 -21.15 16.92
CA ASP B 167 9.85 -19.69 16.64
C ASP B 167 11.00 -19.49 15.66
N ALA B 168 12.00 -20.35 15.70
CA ALA B 168 13.16 -20.20 14.78
C ALA B 168 12.69 -20.00 13.34
N LEU B 169 11.66 -20.69 12.94
CA LEU B 169 11.13 -20.55 11.55
C LEU B 169 10.20 -19.33 11.45
N ARG B 170 10.29 -18.40 12.36
CA ARG B 170 9.40 -17.19 12.32
C ARG B 170 9.41 -16.54 10.93
N GLY B 171 10.56 -16.11 10.48
CA GLY B 171 10.62 -15.46 9.13
C GLY B 171 11.92 -14.68 8.98
N LYS B 172 11.89 -13.63 8.18
CA LYS B 172 13.13 -12.81 7.98
C LYS B 172 13.20 -11.67 9.00
N HIS B 173 14.00 -11.84 10.02
CA HIS B 173 14.12 -10.77 11.06
C HIS B 173 15.51 -10.11 11.02
N ASP B 174 15.55 -8.81 11.01
CA ASP B 174 16.86 -8.09 10.98
C ASP B 174 16.91 -7.03 12.08
N THR B 175 16.32 -7.32 13.22
CA THR B 175 16.29 -6.33 14.34
C THR B 175 17.69 -5.74 14.61
N ALA B 176 18.44 -6.31 15.53
CA ALA B 176 19.78 -5.72 15.84
C ALA B 176 20.74 -6.78 16.39
N GLY B 177 21.62 -7.29 15.57
CA GLY B 177 22.61 -8.29 16.07
C GLY B 177 23.77 -7.55 16.73
N SER B 178 23.92 -6.29 16.42
CA SER B 178 25.02 -5.48 17.01
C SER B 178 24.61 -4.99 18.42
N ILE B 179 23.34 -5.00 18.71
CA ILE B 179 22.86 -4.54 20.06
C ILE B 179 23.07 -5.63 21.11
N GLY B 180 23.27 -6.86 20.68
CA GLY B 180 23.48 -7.97 21.66
C GLY B 180 24.55 -7.59 22.69
N ALA B 181 25.44 -6.70 22.35
CA ALA B 181 26.50 -6.31 23.33
C ALA B 181 25.94 -5.40 24.43
N GLY B 182 25.35 -4.29 24.06
CA GLY B 182 24.80 -3.35 25.07
C GLY B 182 23.89 -4.09 26.06
N ALA B 183 23.33 -5.20 25.66
CA ALA B 183 22.44 -5.96 26.58
C ALA B 183 23.25 -6.90 27.47
N LEU B 184 24.47 -7.19 27.13
CA LEU B 184 25.30 -8.10 27.96
C LEU B 184 25.61 -7.46 29.32
N THR B 185 26.37 -6.40 29.33
CA THR B 185 26.71 -5.74 30.64
C THR B 185 25.43 -5.35 31.38
N GLY B 186 24.35 -5.18 30.67
CA GLY B 186 23.07 -4.79 31.33
C GLY B 186 22.66 -5.89 32.32
N ALA B 187 22.99 -7.11 32.02
CA ALA B 187 22.62 -8.23 32.95
C ALA B 187 23.72 -8.44 33.99
N LEU B 188 24.95 -8.16 33.63
CA LEU B 188 26.07 -8.35 34.60
C LEU B 188 25.86 -7.44 35.82
N PHE B 189 25.40 -6.24 35.60
CA PHE B 189 25.16 -5.31 36.75
C PHE B 189 23.80 -5.57 37.39
N LYS B 190 22.93 -6.29 36.71
CA LYS B 190 21.59 -6.58 37.29
C LYS B 190 21.73 -7.35 38.61
N SER B 191 22.78 -8.11 38.75
CA SER B 191 22.98 -8.88 40.02
C SER B 191 24.33 -8.54 40.63
N SER B 192 24.42 -8.48 41.94
CA SER B 192 25.71 -8.16 42.60
C SER B 192 25.69 -8.60 44.06
N LYS B 193 25.15 -9.76 44.34
CA LYS B 193 25.09 -10.25 45.75
C LYS B 193 26.32 -11.13 46.05
N GLY B 194 26.63 -12.03 45.17
CA GLY B 194 27.80 -12.93 45.39
C GLY B 194 28.28 -13.49 44.06
N LEU B 195 28.39 -14.78 43.95
CA LEU B 195 28.84 -15.39 42.66
C LEU B 195 27.85 -15.04 41.54
N LYS B 196 28.26 -14.20 40.62
CA LYS B 196 27.36 -13.81 39.50
C LYS B 196 26.81 -15.05 38.78
N PRO B 197 25.54 -15.31 38.95
CA PRO B 197 24.91 -16.48 38.29
C PRO B 197 24.72 -16.20 36.79
N MET B 198 24.68 -14.96 36.41
CA MET B 198 24.49 -14.63 34.96
C MET B 198 25.59 -15.27 34.11
N GLY B 199 26.70 -15.62 34.72
CA GLY B 199 27.82 -16.24 33.94
C GLY B 199 27.28 -17.43 33.14
N TYR B 200 26.44 -18.23 33.74
CA TYR B 200 25.88 -19.40 33.02
C TYR B 200 24.61 -19.00 32.27
N SER B 201 23.92 -17.99 32.74
CA SER B 201 22.68 -17.55 32.06
C SER B 201 23.01 -16.94 30.69
N SER B 202 24.22 -16.50 30.50
CA SER B 202 24.61 -15.89 29.19
C SER B 202 24.33 -16.89 28.06
N ALA B 203 24.56 -18.15 28.29
CA ALA B 203 24.30 -19.17 27.24
C ALA B 203 22.84 -19.08 26.78
N MET B 204 21.97 -18.60 27.62
CA MET B 204 20.53 -18.50 27.24
C MET B 204 20.36 -17.33 26.25
N VAL B 205 20.87 -16.18 26.57
CA VAL B 205 20.75 -15.01 25.65
C VAL B 205 21.68 -15.20 24.45
N ALA B 206 22.80 -15.85 24.67
CA ALA B 206 23.76 -16.07 23.54
C ALA B 206 23.08 -16.88 22.43
N ALA B 207 22.35 -17.90 22.80
CA ALA B 207 21.65 -18.72 21.76
C ALA B 207 20.67 -17.84 20.98
N ALA B 208 20.16 -16.81 21.60
CA ALA B 208 19.21 -15.90 20.90
C ALA B 208 19.91 -15.24 19.71
N CYS B 209 21.19 -15.04 19.80
CA CYS B 209 21.93 -14.41 18.67
C CYS B 209 21.78 -15.26 17.40
N ALA B 210 21.78 -16.55 17.54
CA ALA B 210 21.63 -17.44 16.35
C ALA B 210 20.21 -17.33 15.79
N VAL B 211 19.21 -17.42 16.63
CA VAL B 211 17.81 -17.31 16.15
C VAL B 211 17.60 -15.97 15.45
N TRP B 212 18.23 -14.93 15.95
CA TRP B 212 18.08 -13.58 15.32
C TRP B 212 19.05 -13.46 14.14
N CYS B 213 20.24 -13.98 14.27
CA CYS B 213 21.21 -13.92 13.14
C CYS B 213 20.64 -14.69 11.95
N SER B 214 19.68 -15.54 12.21
CA SER B 214 19.06 -16.33 11.09
C SER B 214 18.67 -15.41 9.92
N VAL B 215 18.63 -14.12 10.16
CA VAL B 215 18.27 -13.15 9.07
C VAL B 215 18.99 -13.50 7.76
N LYS B 216 20.15 -14.08 7.85
CA LYS B 216 20.90 -14.44 6.61
C LYS B 216 21.28 -15.93 6.64
N LYS B 217 20.36 -16.79 6.28
CA LYS B 217 20.67 -18.25 6.27
C LYS B 217 20.03 -18.92 5.06
N ARG B 218 20.49 -18.59 3.88
CA ARG B 218 19.89 -19.20 2.65
C ARG B 218 20.86 -20.24 2.06
N LEU B 219 21.81 -20.70 2.84
CA LEU B 219 22.77 -21.71 2.32
C LEU B 219 22.14 -23.10 2.33
N LEU B 220 21.26 -23.34 3.27
CA LEU B 220 20.59 -24.68 3.33
C LEU B 220 19.10 -24.54 3.03
N GLU B 221 18.54 -23.38 3.26
CA GLU B 221 17.09 -23.17 2.98
C GLU B 221 16.88 -22.90 1.49
N LYS B 222 15.78 -22.26 1.14
CA LYS B 222 15.51 -21.98 -0.29
C LYS B 222 15.12 -20.50 -0.46
N MET C 1 2.22 -2.33 11.47
CA MET C 1 2.39 -3.25 10.31
C MET C 1 1.10 -3.31 9.49
N LEU C 2 1.22 -3.55 8.20
CA LEU C 2 0.00 -3.62 7.33
C LEU C 2 -0.87 -2.38 7.52
N SER C 3 -2.01 -2.33 6.89
CA SER C 3 -2.90 -1.15 7.03
C SER C 3 -4.28 -1.46 6.45
N LEU C 4 -5.24 -0.58 6.66
CA LEU C 4 -6.60 -0.83 6.12
C LEU C 4 -6.92 0.17 5.00
N ARG C 5 -6.87 -0.27 3.77
CA ARG C 5 -7.16 0.65 2.64
C ARG C 5 -8.62 0.48 2.17
N GLN C 6 -8.97 1.07 1.06
CA GLN C 6 -10.36 0.95 0.56
C GLN C 6 -10.39 1.10 -0.97
N SER C 7 -11.55 1.04 -1.55
CA SER C 7 -11.64 1.19 -3.04
C SER C 7 -13.08 1.56 -3.44
N ILE C 8 -13.25 2.73 -4.00
CA ILE C 8 -14.62 3.17 -4.42
C ILE C 8 -14.85 2.85 -5.89
N ARG C 9 -14.08 1.93 -6.44
CA ARG C 9 -14.26 1.57 -7.87
C ARG C 9 -14.67 0.11 -8.01
N PHE C 10 -15.81 -0.24 -7.47
CA PHE C 10 -16.28 -1.66 -7.56
C PHE C 10 -16.86 -1.93 -8.95
N PHE C 11 -16.11 -2.57 -9.80
CA PHE C 11 -16.62 -2.88 -11.18
C PHE C 11 -16.15 -4.27 -11.61
N LYS C 12 -14.86 -4.49 -11.61
CA LYS C 12 -14.32 -5.83 -12.02
C LYS C 12 -14.84 -6.21 -13.42
N PRO C 13 -14.05 -5.94 -14.41
CA PRO C 13 -14.45 -6.27 -15.80
C PRO C 13 -14.39 -7.78 -16.03
N ALA C 14 -13.63 -8.48 -15.23
CA ALA C 14 -13.53 -9.96 -15.40
C ALA C 14 -13.16 -10.32 -16.85
N THR C 15 -12.37 -9.50 -17.48
CA THR C 15 -11.98 -9.78 -18.89
C THR C 15 -10.48 -9.52 -19.09
N ARG C 16 -9.79 -10.44 -19.68
CA ARG C 16 -8.32 -10.25 -19.90
C ARG C 16 -7.84 -11.10 -21.07
N THR C 17 -8.23 -10.74 -22.27
CA THR C 17 -7.80 -11.54 -23.46
C THR C 17 -6.65 -10.82 -24.18
N LEU C 18 -5.74 -10.24 -23.45
CA LEU C 18 -4.60 -9.53 -24.09
C LEU C 18 -3.52 -10.54 -24.52
N CYS C 19 -3.18 -10.55 -25.79
CA CYS C 19 -2.15 -11.50 -26.27
C CYS C 19 -1.21 -10.80 -27.25
N SER C 20 -0.98 -9.52 -27.07
CA SER C 20 -0.07 -8.79 -27.99
C SER C 20 0.72 -7.72 -27.20
N SER C 21 1.59 -7.02 -27.87
CA SER C 21 2.40 -5.97 -27.17
C SER C 21 2.29 -4.63 -27.93
N ARG C 22 1.11 -4.26 -28.32
CA ARG C 22 0.94 -2.97 -29.06
C ARG C 22 0.86 -1.81 -28.07
N TYR C 23 1.96 -1.13 -27.85
CA TYR C 23 1.95 0.02 -26.90
C TYR C 23 2.36 1.31 -27.62
N LEU C 24 1.65 2.38 -27.38
CA LEU C 24 1.99 3.67 -28.05
C LEU C 24 1.38 4.84 -27.28
N LEU C 25 1.92 5.15 -26.12
CA LEU C 25 1.37 6.28 -25.32
C LEU C 25 2.34 6.64 -24.18
N MET A 1 13.90 50.14 -79.63
CA MET A 1 15.20 49.43 -79.82
C MET A 1 16.17 49.81 -78.68
N SER A 2 16.32 48.95 -77.72
CA SER A 2 17.25 49.25 -76.58
C SER A 2 18.01 47.98 -76.19
N TRP A 3 19.02 47.62 -76.92
CA TRP A 3 19.81 46.39 -76.58
C TRP A 3 21.02 46.76 -75.72
N LEU A 4 21.03 47.94 -75.14
CA LEU A 4 22.18 48.35 -74.29
C LEU A 4 22.20 47.53 -72.99
N PHE A 5 21.06 47.14 -72.51
CA PHE A 5 21.01 46.34 -71.25
C PHE A 5 21.03 44.84 -71.57
N GLY A 6 20.69 44.46 -72.77
CA GLY A 6 20.68 43.02 -73.14
C GLY A 6 19.26 42.48 -73.07
N ASP A 7 18.29 43.26 -73.48
CA ASP A 7 16.87 42.79 -73.42
C ASP A 7 16.47 42.19 -74.77
N LYS A 8 15.45 41.36 -74.78
CA LYS A 8 15.00 40.74 -76.06
C LYS A 8 13.76 41.46 -76.59
N THR A 9 13.19 40.98 -77.66
CA THR A 9 11.98 41.64 -78.23
C THR A 9 10.84 41.65 -77.20
N PRO A 10 10.04 42.68 -77.25
CA PRO A 10 8.90 42.79 -76.31
C PRO A 10 7.79 41.81 -76.69
N THR A 11 7.14 41.24 -75.72
CA THR A 11 6.04 40.28 -76.02
C THR A 11 4.87 41.00 -76.71
N ASP A 12 4.72 42.27 -76.46
CA ASP A 12 3.61 43.03 -77.11
C ASP A 12 3.79 43.02 -78.63
N ASP A 13 5.00 43.14 -79.10
CA ASP A 13 5.24 43.14 -80.57
C ASP A 13 4.97 41.75 -81.15
N ALA A 14 5.21 40.72 -80.38
CA ALA A 14 4.97 39.33 -80.88
C ALA A 14 3.52 38.92 -80.63
N ASN A 15 2.93 39.41 -79.57
CA ASN A 15 1.51 39.04 -79.27
C ASN A 15 0.60 39.40 -80.44
N ALA A 16 0.99 40.38 -81.22
CA ALA A 16 0.15 40.78 -82.39
C ALA A 16 0.16 39.66 -83.44
N ALA A 17 1.18 38.86 -83.47
CA ALA A 17 1.24 37.75 -84.48
C ALA A 17 1.04 36.40 -83.78
N VAL A 18 0.22 36.37 -82.77
CA VAL A 18 -0.03 35.07 -82.05
C VAL A 18 -1.52 34.79 -81.98
N GLY A 19 -2.28 35.69 -81.43
CA GLY A 19 -3.77 35.48 -81.34
C GLY A 19 -4.20 35.56 -79.88
N GLY A 20 -4.12 36.74 -79.30
CA GLY A 20 -4.53 36.88 -77.87
C GLY A 20 -6.06 36.95 -77.78
N GLN A 21 -6.72 35.84 -78.01
CA GLN A 21 -8.21 35.84 -77.94
C GLN A 21 -8.70 34.53 -77.32
N ASP A 22 -8.49 33.42 -77.98
CA ASP A 22 -8.94 32.11 -77.44
C ASP A 22 -7.96 31.62 -76.37
N THR A 23 -6.71 31.46 -76.73
CA THR A 23 -5.71 30.98 -75.74
C THR A 23 -4.97 32.17 -75.11
N THR A 24 -4.47 32.01 -73.91
CA THR A 24 -3.74 33.14 -73.25
C THR A 24 -2.24 32.83 -73.18
N LYS A 25 -1.89 31.58 -73.03
CA LYS A 25 -0.45 31.22 -72.95
C LYS A 25 0.10 30.89 -74.35
N PRO A 26 1.37 31.14 -74.53
CA PRO A 26 2.01 30.86 -75.84
C PRO A 26 2.19 29.35 -76.03
N LYS A 27 2.35 28.62 -74.96
CA LYS A 27 2.54 27.15 -75.08
C LYS A 27 1.19 26.46 -75.19
N GLU A 28 0.68 26.31 -76.39
CA GLU A 28 -0.64 25.64 -76.58
C GLU A 28 -0.45 24.17 -76.99
N LEU A 29 0.77 23.69 -76.98
CA LEU A 29 1.01 22.28 -77.38
C LEU A 29 1.30 21.43 -76.14
N SER A 30 1.93 21.99 -75.15
CA SER A 30 2.24 21.21 -73.91
C SER A 30 1.04 21.26 -72.95
N LEU A 31 0.13 22.17 -73.15
CA LEU A 31 -1.06 22.26 -72.25
C LEU A 31 -1.79 20.92 -72.19
N LYS A 32 -1.64 20.10 -73.20
CA LYS A 32 -2.33 18.78 -73.21
C LYS A 32 -1.96 17.98 -71.95
N GLN A 33 -0.78 18.21 -71.41
CA GLN A 33 -0.37 17.46 -70.19
C GLN A 33 -1.32 17.76 -69.03
N SER A 34 -1.97 18.90 -69.07
CA SER A 34 -2.91 19.26 -67.97
C SER A 34 -4.14 18.34 -68.00
N LEU A 35 -4.58 17.97 -69.17
CA LEU A 35 -5.77 17.08 -69.28
C LEU A 35 -5.50 15.74 -68.58
N GLY A 36 -4.29 15.24 -68.69
CA GLY A 36 -3.97 13.94 -68.03
C GLY A 36 -4.63 12.79 -68.80
N PHE A 37 -4.84 12.96 -70.07
CA PHE A 37 -5.48 11.88 -70.88
C PHE A 37 -4.44 11.15 -71.72
N GLU A 38 -4.39 9.85 -71.64
CA GLU A 38 -3.38 9.09 -72.43
C GLU A 38 -4.09 8.08 -73.35
N PRO A 39 -3.39 7.69 -74.38
CA PRO A 39 -3.96 6.72 -75.36
C PRO A 39 -3.87 5.29 -74.81
N ASN A 40 -3.49 5.11 -73.57
CA ASN A 40 -3.39 3.74 -72.99
C ASN A 40 -4.75 3.26 -72.45
N ILE A 41 -5.81 3.96 -72.77
CA ILE A 41 -7.15 3.54 -72.27
C ILE A 41 -7.43 2.09 -72.68
N ASN A 42 -6.85 1.65 -73.77
CA ASN A 42 -7.08 0.25 -74.22
C ASN A 42 -6.04 -0.69 -73.61
N ASN A 43 -4.88 -0.18 -73.29
CA ASN A 43 -3.81 -1.03 -72.70
C ASN A 43 -4.07 -1.26 -71.21
N ILE A 44 -4.75 -0.34 -70.57
CA ILE A 44 -5.03 -0.51 -69.11
C ILE A 44 -5.83 -1.80 -68.87
N ILE A 45 -6.52 -2.28 -69.86
CA ILE A 45 -7.32 -3.53 -69.68
C ILE A 45 -6.58 -4.72 -70.31
N SER A 46 -5.29 -4.63 -70.46
CA SER A 46 -4.53 -5.74 -71.07
C SER A 46 -3.32 -6.11 -70.20
N GLY A 47 -3.51 -6.15 -68.90
CA GLY A 47 -2.38 -6.49 -67.99
C GLY A 47 -2.94 -7.03 -66.67
N PRO A 48 -2.09 -7.69 -65.92
CA PRO A 48 -2.50 -8.26 -64.62
C PRO A 48 -2.71 -7.16 -63.59
N GLY A 49 -3.78 -7.22 -62.84
CA GLY A 49 -4.04 -6.16 -61.82
C GLY A 49 -3.98 -6.78 -60.42
N GLY A 50 -3.38 -6.08 -59.48
CA GLY A 50 -3.29 -6.62 -58.10
C GLY A 50 -3.31 -5.46 -57.10
N MET A 51 -2.16 -4.95 -56.74
CA MET A 51 -2.10 -3.81 -55.77
C MET A 51 -2.85 -4.16 -54.48
N HIS A 52 -2.82 -3.29 -53.51
CA HIS A 52 -3.53 -3.58 -52.23
C HIS A 52 -3.54 -2.33 -51.34
N VAL A 53 -4.69 -1.86 -50.95
CA VAL A 53 -4.76 -0.66 -50.09
C VAL A 53 -4.93 -1.07 -48.62
N ASP A 54 -4.01 -0.69 -47.78
CA ASP A 54 -4.11 -1.06 -46.33
C ASP A 54 -5.26 -0.31 -45.67
N THR A 55 -6.26 -1.01 -45.19
CA THR A 55 -7.41 -0.33 -44.53
C THR A 55 -7.09 -0.06 -43.06
N ALA A 56 -6.17 -0.80 -42.48
CA ALA A 56 -5.82 -0.58 -41.06
C ALA A 56 -5.26 0.84 -40.86
N ARG A 57 -4.57 1.36 -41.84
CA ARG A 57 -4.01 2.74 -41.71
C ARG A 57 -5.09 3.78 -42.00
N LEU A 58 -6.04 3.44 -42.83
CA LEU A 58 -7.13 4.42 -43.17
C LEU A 58 -8.11 4.54 -41.99
N HIS A 59 -8.16 3.55 -41.15
CA HIS A 59 -9.10 3.61 -39.98
C HIS A 59 -8.84 4.87 -39.15
N PRO A 60 -9.85 5.68 -39.01
CA PRO A 60 -9.71 6.95 -38.23
C PRO A 60 -9.62 6.63 -36.73
N LEU A 61 -8.58 7.09 -36.09
CA LEU A 61 -8.42 6.82 -34.63
C LEU A 61 -8.83 8.05 -33.82
N ALA A 62 -9.28 7.85 -32.60
CA ALA A 62 -9.69 9.01 -31.76
C ALA A 62 -8.53 9.47 -30.88
N GLY A 63 -7.70 8.55 -30.44
CA GLY A 63 -6.55 8.94 -29.57
C GLY A 63 -6.20 7.78 -28.65
N LEU A 64 -5.84 6.66 -29.19
CA LEU A 64 -5.48 5.48 -28.34
C LEU A 64 -4.05 5.62 -27.83
N ASP A 65 -3.17 6.15 -28.64
CA ASP A 65 -1.75 6.31 -28.21
C ASP A 65 -1.66 7.24 -27.00
N LYS A 66 -2.60 8.14 -26.86
CA LYS A 66 -2.57 9.08 -25.70
C LYS A 66 -2.81 8.32 -24.40
N GLY A 67 -3.72 7.38 -24.41
CA GLY A 67 -3.99 6.60 -23.16
C GLY A 67 -2.93 5.51 -23.00
N VAL A 68 -2.45 4.97 -24.08
CA VAL A 68 -1.41 3.90 -23.99
C VAL A 68 -0.12 4.46 -23.38
N GLU A 69 0.13 5.73 -23.55
CA GLU A 69 1.36 6.35 -22.99
C GLU A 69 1.18 6.65 -21.50
N TYR A 70 0.09 7.30 -21.15
CA TYR A 70 -0.15 7.63 -19.72
C TYR A 70 -0.56 6.37 -18.93
N LEU A 71 -0.77 5.27 -19.61
CA LEU A 71 -1.19 4.03 -18.91
C LEU A 71 -0.13 3.63 -17.87
N ASP A 72 1.08 3.38 -18.30
CA ASP A 72 2.15 2.98 -17.34
C ASP A 72 2.91 4.21 -16.82
N LEU A 73 2.87 5.30 -17.55
CA LEU A 73 3.59 6.52 -17.09
C LEU A 73 3.09 6.96 -15.71
N GLU A 74 1.80 6.94 -15.51
CA GLU A 74 1.25 7.36 -14.18
C GLU A 74 1.18 6.16 -13.24
N GLU A 75 1.07 4.97 -13.77
CA GLU A 75 0.99 3.76 -12.90
C GLU A 75 2.29 3.61 -12.11
N GLU A 76 3.39 4.10 -12.64
CA GLU A 76 4.68 3.98 -11.92
C GLU A 76 4.87 5.16 -10.96
N GLN A 77 4.15 6.23 -11.17
CA GLN A 77 4.30 7.42 -10.27
C GLN A 77 4.01 7.02 -8.82
N LEU A 78 2.81 6.59 -8.55
CA LEU A 78 2.47 6.18 -7.14
C LEU A 78 3.35 5.01 -6.70
N SER A 79 3.76 4.19 -7.62
CA SER A 79 4.63 3.03 -7.25
C SER A 79 5.95 3.52 -6.65
N SER A 80 6.63 4.40 -7.34
CA SER A 80 7.92 4.93 -6.82
C SER A 80 7.67 5.91 -5.68
N LEU A 81 6.50 6.48 -5.62
CA LEU A 81 6.18 7.45 -4.52
C LEU A 81 6.38 6.79 -3.16
N GLU A 82 5.80 5.64 -2.96
CA GLU A 82 5.95 4.95 -1.64
C GLU A 82 7.28 4.19 -1.59
N GLY A 83 7.85 3.90 -2.73
CA GLY A 83 9.16 3.17 -2.74
C GLY A 83 10.31 4.17 -2.91
N SER A 84 10.15 5.36 -2.41
CA SER A 84 11.23 6.37 -2.55
C SER A 84 12.21 6.27 -1.37
N GLN A 85 11.73 5.83 -0.23
CA GLN A 85 12.63 5.71 0.95
C GLN A 85 13.66 4.60 0.72
N GLY A 86 13.25 3.50 0.15
CA GLY A 86 14.20 2.39 -0.11
C GLY A 86 13.77 1.15 0.68
N LEU A 87 14.65 0.61 1.48
CA LEU A 87 14.29 -0.60 2.28
C LEU A 87 14.18 -0.24 3.76
N ILE A 88 13.33 -0.92 4.49
CA ILE A 88 13.18 -0.61 5.94
C ILE A 88 13.45 -1.88 6.78
N PRO A 89 14.65 -1.97 7.31
CA PRO A 89 15.01 -3.15 8.14
C PRO A 89 14.30 -3.11 9.50
N SER A 90 13.65 -2.02 9.82
CA SER A 90 12.95 -1.93 11.13
C SER A 90 11.49 -2.41 11.00
N ARG A 91 11.17 -3.05 9.90
CA ARG A 91 9.77 -3.53 9.71
C ARG A 91 9.40 -4.54 10.81
N GLY A 92 8.19 -4.50 11.29
CA GLY A 92 7.78 -5.46 12.35
C GLY A 92 7.69 -4.73 13.70
N TRP A 93 8.49 -3.71 13.88
CA TRP A 93 8.45 -2.96 15.17
C TRP A 93 8.40 -1.45 14.90
N THR A 94 7.60 -1.04 13.95
CA THR A 94 7.50 0.42 13.63
C THR A 94 6.04 0.84 13.47
N ASP A 95 5.15 0.23 14.19
CA ASP A 95 3.71 0.59 14.07
C ASP A 95 3.44 1.91 14.81
N ASP A 96 4.15 2.14 15.89
CA ASP A 96 3.95 3.40 16.67
C ASP A 96 4.88 4.50 16.15
N LEU A 97 5.89 4.15 15.38
CA LEU A 97 6.83 5.17 14.85
C LEU A 97 6.06 6.28 14.11
N CYS A 98 4.88 5.98 13.62
CA CYS A 98 4.08 7.01 12.90
C CYS A 98 3.83 8.21 13.82
N TYR A 99 3.67 7.97 15.10
CA TYR A 99 3.42 9.09 16.05
C TYR A 99 4.60 9.25 17.01
N GLY A 100 5.29 8.17 17.29
CA GLY A 100 6.46 8.26 18.21
C GLY A 100 7.67 8.83 17.47
N THR A 101 8.84 8.30 17.71
CA THR A 101 10.05 8.81 17.03
C THR A 101 11.05 7.67 16.77
N GLY A 102 10.56 6.46 16.67
CA GLY A 102 11.47 5.31 16.42
C GLY A 102 12.47 5.18 17.57
N ALA A 103 12.04 5.50 18.77
CA ALA A 103 12.96 5.40 19.94
C ALA A 103 12.85 4.01 20.60
N VAL A 104 11.78 3.31 20.35
CA VAL A 104 11.60 1.96 20.97
C VAL A 104 12.86 1.10 20.74
N TYR A 105 13.46 1.20 19.58
CA TYR A 105 14.68 0.40 19.29
C TYR A 105 15.91 1.08 19.91
N LEU A 106 16.19 2.29 19.51
CA LEU A 106 17.38 3.01 20.07
C LEU A 106 17.26 3.18 21.59
N LEU A 107 16.21 3.82 22.05
CA LEU A 107 16.04 4.02 23.53
C LEU A 107 16.20 2.68 24.26
N GLY A 108 15.89 1.59 23.60
CA GLY A 108 16.03 0.26 24.26
C GLY A 108 17.49 0.04 24.65
N LEU A 109 18.41 0.69 23.98
CA LEU A 109 19.85 0.52 24.30
C LEU A 109 20.20 1.34 25.55
N GLY A 110 19.72 2.55 25.64
CA GLY A 110 20.03 3.40 26.82
C GLY A 110 19.45 2.74 28.08
N ILE A 111 18.37 2.02 27.94
CA ILE A 111 17.76 1.34 29.12
C ILE A 111 18.76 0.34 29.72
N GLY A 112 19.62 -0.21 28.91
CA GLY A 112 20.60 -1.20 29.43
C GLY A 112 21.64 -0.49 30.30
N GLY A 113 21.89 0.77 30.04
CA GLY A 113 22.89 1.52 30.84
C GLY A 113 22.19 2.13 32.06
N PHE A 114 20.98 2.61 31.89
CA PHE A 114 20.25 3.23 33.03
C PHE A 114 19.73 2.14 33.98
N SER A 115 19.44 0.98 33.45
CA SER A 115 18.92 -0.12 34.31
C SER A 115 20.09 -0.95 34.88
N GLY A 116 21.28 -0.72 34.42
CA GLY A 116 22.45 -1.49 34.94
C GLY A 116 22.96 -0.84 36.23
N MET A 117 23.05 0.46 36.26
CA MET A 117 23.54 1.16 37.49
C MET A 117 22.69 0.77 38.70
N MET A 118 21.49 0.29 38.47
CA MET A 118 20.61 -0.11 39.62
C MET A 118 21.34 -1.07 40.57
N GLN A 119 21.79 -2.19 40.06
CA GLN A 119 22.51 -3.15 40.93
C GLN A 119 24.02 -2.87 40.93
N GLY A 120 24.52 -2.31 39.86
CA GLY A 120 25.98 -2.00 39.80
C GLY A 120 26.33 -0.95 40.85
N LEU A 121 25.36 -0.19 41.29
CA LEU A 121 25.64 0.86 42.32
C LEU A 121 26.22 0.23 43.59
N GLN A 122 25.93 -1.03 43.82
CA GLN A 122 26.47 -1.70 45.04
C GLN A 122 27.97 -1.96 44.89
N ASN A 123 28.50 -1.81 43.71
CA ASN A 123 29.96 -2.05 43.49
C ASN A 123 30.78 -0.96 44.20
N ILE A 124 30.31 0.25 44.18
CA ILE A 124 31.07 1.35 44.84
C ILE A 124 30.41 1.71 46.19
N PRO A 125 31.01 1.23 47.25
CA PRO A 125 30.46 1.52 48.60
C PRO A 125 30.75 2.98 49.00
N PRO A 126 29.94 3.49 49.89
CA PRO A 126 30.11 4.89 50.35
C PRO A 126 31.33 5.01 51.25
N ASN A 127 31.76 6.22 51.52
CA ASN A 127 32.95 6.41 52.40
C ASN A 127 32.52 6.73 53.83
N SER A 128 31.31 7.18 54.00
CA SER A 128 30.82 7.51 55.38
C SER A 128 30.73 6.24 56.23
N PRO A 129 31.01 6.39 57.51
CA PRO A 129 30.96 5.22 58.43
C PRO A 129 29.51 4.82 58.71
N GLY A 130 29.22 3.55 58.61
CA GLY A 130 27.82 3.09 58.87
C GLY A 130 27.85 1.77 59.65
N LYS A 131 28.96 1.45 60.26
CA LYS A 131 29.05 0.18 61.03
C LYS A 131 29.39 0.46 62.50
N LEU A 132 30.08 1.54 62.77
CA LEU A 132 30.45 1.87 64.17
C LEU A 132 29.25 2.49 64.89
N GLN A 133 28.46 3.26 64.19
CA GLN A 133 27.27 3.91 64.84
C GLN A 133 26.12 2.90 64.96
N LEU A 134 26.15 1.85 64.20
CA LEU A 134 25.05 0.84 64.27
C LEU A 134 25.37 -0.23 65.31
N ASN A 135 26.62 -0.38 65.66
CA ASN A 135 27.00 -1.41 66.68
C ASN A 135 26.47 -1.02 68.06
N THR A 136 26.28 0.25 68.30
CA THR A 136 25.77 0.70 69.64
C THR A 136 24.36 0.15 69.87
N VAL A 137 23.63 -0.11 68.82
CA VAL A 137 22.24 -0.63 68.98
C VAL A 137 22.27 -2.00 69.68
N LEU A 138 23.34 -2.74 69.50
CA LEU A 138 23.44 -4.08 70.16
C LEU A 138 23.46 -3.93 71.68
N ASN A 139 24.05 -2.88 72.17
CA ASN A 139 24.11 -2.68 73.66
C ASN A 139 22.73 -2.24 74.17
N HIS A 140 22.09 -1.33 73.49
CA HIS A 140 20.75 -0.86 73.95
C HIS A 140 19.93 -0.37 72.76
N ILE A 141 19.19 -1.25 72.14
CA ILE A 141 18.36 -0.83 70.96
C ILE A 141 17.10 -0.10 71.43
N THR A 142 16.61 0.81 70.65
CA THR A 142 15.38 1.56 71.05
C THR A 142 14.64 2.08 69.81
N LYS A 143 15.36 2.63 68.87
CA LYS A 143 14.71 3.15 67.64
C LYS A 143 14.82 2.13 66.51
N ARG A 144 13.87 2.11 65.61
CA ARG A 144 13.92 1.14 64.49
C ARG A 144 13.89 1.89 63.15
N GLY A 145 14.85 2.75 62.91
CA GLY A 145 14.88 3.51 61.63
C GLY A 145 15.09 2.53 60.47
N PRO A 146 14.74 2.98 59.29
CA PRO A 146 14.89 2.13 58.08
C PRO A 146 16.37 2.01 57.69
N PHE A 147 16.70 1.05 56.88
CA PHE A 147 18.12 0.88 56.46
C PHE A 147 18.41 1.70 55.20
N LEU A 148 19.18 2.74 55.34
CA LEU A 148 19.51 3.60 54.16
C LEU A 148 20.43 2.85 53.20
N GLY A 149 19.93 2.48 52.05
CA GLY A 149 20.78 1.73 51.08
C GLY A 149 19.95 0.64 50.39
N ASN A 150 18.89 0.20 51.03
CA ASN A 150 18.04 -0.86 50.41
C ASN A 150 16.88 -0.23 49.63
N ASN A 151 17.00 1.02 49.27
CA ASN A 151 15.91 1.70 48.51
C ASN A 151 16.10 1.48 47.00
N ALA A 152 17.29 1.14 46.59
CA ALA A 152 17.55 0.92 45.14
C ALA A 152 16.61 -0.16 44.59
N GLY A 153 16.16 -1.05 45.42
CA GLY A 153 15.24 -2.13 44.95
C GLY A 153 13.92 -1.51 44.50
N ILE A 154 13.42 -0.56 45.26
CA ILE A 154 12.14 0.09 44.89
C ILE A 154 12.35 1.10 43.75
N LEU A 155 13.56 1.53 43.55
CA LEU A 155 13.84 2.51 42.46
C LEU A 155 13.58 1.88 41.09
N ALA A 156 13.86 0.60 40.95
CA ALA A 156 13.64 -0.07 39.64
C ALA A 156 12.15 0.01 39.24
N LEU A 157 11.29 0.27 40.18
CA LEU A 157 9.83 0.35 39.86
C LEU A 157 9.50 1.74 39.28
N SER A 158 9.94 2.78 39.93
CA SER A 158 9.64 4.15 39.42
C SER A 158 10.28 4.36 38.04
N TYR A 159 11.38 3.71 37.79
CA TYR A 159 12.06 3.87 36.46
C TYR A 159 11.14 3.38 35.34
N ASN A 160 10.22 2.50 35.64
CA ASN A 160 9.30 1.99 34.59
C ASN A 160 8.06 2.88 34.48
N ILE A 161 7.77 3.63 35.52
CA ILE A 161 6.56 4.51 35.47
C ILE A 161 6.90 5.85 34.80
N ILE A 162 8.14 6.26 34.87
CA ILE A 162 8.54 7.55 34.24
C ILE A 162 8.78 7.36 32.75
N ASN A 163 9.18 6.18 32.35
CA ASN A 163 9.43 5.93 30.89
C ASN A 163 8.13 5.57 30.18
N SER A 164 7.13 5.14 30.91
CA SER A 164 5.83 4.78 30.26
C SER A 164 5.25 5.97 29.50
N THR A 165 5.66 7.17 29.85
CA THR A 165 5.13 8.37 29.15
C THR A 165 5.72 8.48 27.75
N ILE A 166 7.02 8.43 27.63
CA ILE A 166 7.65 8.52 26.28
C ILE A 166 7.04 7.48 25.34
N ASP A 167 6.70 6.34 25.87
CA ASP A 167 6.10 5.27 25.02
C ASP A 167 4.57 5.39 25.01
N ALA A 168 3.99 5.89 26.07
CA ALA A 168 2.50 6.03 26.12
C ALA A 168 1.99 6.78 24.89
N LEU A 169 2.74 7.73 24.42
CA LEU A 169 2.31 8.50 23.21
C LEU A 169 2.70 7.77 21.93
N ARG A 170 2.96 6.48 22.00
CA ARG A 170 3.34 5.71 20.78
C ARG A 170 2.31 5.91 19.67
N GLY A 171 1.08 5.53 19.90
CA GLY A 171 0.03 5.70 18.86
C GLY A 171 -1.20 4.86 19.20
N LYS A 172 -1.58 3.97 18.32
CA LYS A 172 -2.78 3.11 18.59
C LYS A 172 -2.43 1.63 18.43
N HIS A 173 -2.40 0.89 19.50
CA HIS A 173 -2.08 -0.57 19.41
C HIS A 173 -3.32 -1.41 19.72
N ASP A 174 -3.35 -2.63 19.23
CA ASP A 174 -4.52 -3.52 19.50
C ASP A 174 -4.08 -4.68 20.40
N THR A 175 -2.87 -5.15 20.20
CA THR A 175 -2.30 -6.29 21.01
C THR A 175 -3.39 -7.16 21.67
N ALA A 176 -3.22 -7.52 22.92
CA ALA A 176 -4.22 -8.39 23.61
C ALA A 176 -4.49 -7.91 25.03
N GLY A 177 -5.58 -7.24 25.25
CA GLY A 177 -5.91 -6.77 26.64
C GLY A 177 -6.55 -7.93 27.43
N SER A 178 -7.07 -8.92 26.73
CA SER A 178 -7.70 -10.08 27.41
C SER A 178 -6.63 -11.09 27.84
N ILE A 179 -5.46 -11.01 27.27
CA ILE A 179 -4.37 -11.97 27.65
C ILE A 179 -3.74 -11.60 28.99
N GLY A 180 -3.94 -10.38 29.44
CA GLY A 180 -3.36 -9.94 30.73
C GLY A 180 -3.66 -10.96 31.84
N ALA A 181 -4.70 -11.73 31.70
CA ALA A 181 -5.03 -12.73 32.77
C ALA A 181 -4.06 -13.91 32.75
N GLY A 182 -3.95 -14.59 31.64
CA GLY A 182 -3.04 -15.78 31.54
C GLY A 182 -1.64 -15.42 32.03
N ALA A 183 -1.27 -14.17 31.99
CA ALA A 183 0.10 -13.77 32.44
C ALA A 183 0.13 -13.53 33.95
N LEU A 184 -1.00 -13.33 34.56
CA LEU A 184 -1.03 -13.07 36.03
C LEU A 184 -0.53 -14.31 36.80
N THR A 185 -1.23 -15.41 36.70
CA THR A 185 -0.79 -16.63 37.45
C THR A 185 0.58 -17.09 36.94
N GLY A 186 0.98 -16.66 35.77
CA GLY A 186 2.31 -17.08 35.24
C GLY A 186 3.41 -16.60 36.17
N ALA A 187 3.21 -15.50 36.83
CA ALA A 187 4.26 -14.97 37.76
C ALA A 187 4.05 -15.55 39.16
N LEU A 188 2.83 -15.85 39.51
CA LEU A 188 2.55 -16.42 40.87
C LEU A 188 3.33 -17.72 41.07
N PHE A 189 3.36 -18.56 40.07
CA PHE A 189 4.11 -19.86 40.20
C PHE A 189 5.61 -19.62 40.04
N LYS A 190 5.99 -18.50 39.49
CA LYS A 190 7.45 -18.21 39.31
C LYS A 190 8.18 -18.27 40.65
N SER A 191 7.47 -18.12 41.73
CA SER A 191 8.12 -18.17 43.07
C SER A 191 7.07 -18.35 44.17
N SER A 192 7.02 -19.52 44.75
CA SER A 192 6.01 -19.77 45.83
C SER A 192 6.66 -20.52 47.00
N LYS A 193 7.93 -20.33 47.20
CA LYS A 193 8.63 -21.03 48.33
C LYS A 193 8.28 -20.36 49.66
N GLY A 194 8.20 -19.06 49.68
CA GLY A 194 7.87 -18.35 50.94
C GLY A 194 7.02 -17.12 50.63
N LEU A 195 7.48 -15.96 50.99
CA LEU A 195 6.70 -14.71 50.70
C LEU A 195 6.56 -14.52 49.19
N LYS A 196 5.49 -13.92 48.75
CA LYS A 196 5.30 -13.70 47.28
C LYS A 196 5.67 -12.26 46.92
N PRO A 197 6.83 -12.09 46.31
CA PRO A 197 7.27 -10.73 45.92
C PRO A 197 6.45 -10.24 44.72
N MET A 198 5.89 -11.13 43.96
CA MET A 198 5.06 -10.71 42.79
C MET A 198 3.83 -9.94 43.25
N GLY A 199 3.44 -10.12 44.48
CA GLY A 199 2.23 -9.41 45.00
C GLY A 199 2.36 -7.90 44.73
N TYR A 200 3.36 -7.28 45.31
CA TYR A 200 3.56 -5.81 45.09
C TYR A 200 4.04 -5.57 43.65
N SER A 201 4.71 -6.53 43.07
CA SER A 201 5.21 -6.36 41.68
C SER A 201 4.03 -6.29 40.69
N SER A 202 2.88 -6.78 41.09
CA SER A 202 1.71 -6.73 40.18
C SER A 202 1.39 -5.30 39.79
N ALA A 203 1.58 -4.37 40.71
CA ALA A 203 1.30 -2.94 40.39
C ALA A 203 2.13 -2.50 39.19
N MET A 204 3.26 -3.12 38.97
CA MET A 204 4.11 -2.75 37.81
C MET A 204 3.47 -3.27 36.52
N VAL A 205 3.09 -4.52 36.50
CA VAL A 205 2.44 -5.09 35.28
C VAL A 205 1.02 -4.54 35.14
N ALA A 206 0.37 -4.27 36.25
CA ALA A 206 -1.02 -3.73 36.18
C ALA A 206 -1.00 -2.39 35.44
N ALA A 207 -0.03 -1.56 35.70
CA ALA A 207 0.05 -0.25 35.00
C ALA A 207 0.17 -0.48 33.49
N ALA A 208 0.78 -1.57 33.09
CA ALA A 208 0.93 -1.86 31.64
C ALA A 208 -0.45 -2.00 31.00
N CYS A 209 -1.43 -2.43 31.75
CA CYS A 209 -2.80 -2.58 31.19
C CYS A 209 -3.31 -1.24 30.68
N ALA A 210 -3.00 -0.18 31.38
CA ALA A 210 -3.47 1.18 30.95
C ALA A 210 -2.79 1.58 29.64
N VAL A 211 -1.49 1.49 29.57
CA VAL A 211 -0.77 1.86 28.31
C VAL A 211 -1.31 1.06 27.14
N TRP A 212 -1.50 -0.22 27.33
CA TRP A 212 -2.05 -1.08 26.24
C TRP A 212 -3.54 -0.80 26.06
N CYS A 213 -4.26 -0.73 27.14
CA CYS A 213 -5.72 -0.42 27.05
C CYS A 213 -5.91 0.96 26.43
N SER A 214 -4.87 1.76 26.42
CA SER A 214 -4.96 3.14 25.83
C SER A 214 -5.66 3.09 24.45
N VAL A 215 -5.77 1.92 23.86
CA VAL A 215 -6.45 1.80 22.53
C VAL A 215 -7.76 2.60 22.50
N LYS A 216 -8.39 2.76 23.65
CA LYS A 216 -9.67 3.53 23.68
C LYS A 216 -9.43 4.91 24.30
N LYS A 217 -10.41 5.77 24.23
CA LYS A 217 -10.26 7.14 24.82
C LYS A 217 -11.03 7.23 26.14
N ARG A 218 -10.92 6.23 26.97
CA ARG A 218 -11.63 6.26 28.28
C ARG A 218 -10.78 6.93 29.35
N LEU A 219 -9.70 7.56 28.96
CA LEU A 219 -8.82 8.22 29.97
C LEU A 219 -9.51 9.48 30.51
N LEU A 220 -10.30 10.13 29.69
CA LEU A 220 -11.01 11.36 30.16
C LEU A 220 -12.50 11.08 30.30
N GLU A 221 -13.02 10.17 29.52
CA GLU A 221 -14.49 9.85 29.61
C GLU A 221 -14.73 8.80 30.71
N LYS A 222 -15.51 9.13 31.69
CA LYS A 222 -15.79 8.16 32.79
C LYS A 222 -16.71 7.05 32.28
N MET B 1 17.06 90.42 -81.57
CA MET B 1 15.89 89.78 -82.24
C MET B 1 14.80 89.46 -81.21
N SER B 2 15.17 89.23 -79.98
CA SER B 2 14.16 88.92 -78.93
C SER B 2 13.84 90.17 -78.12
N TRP B 3 14.83 90.94 -77.77
CA TRP B 3 14.59 92.18 -76.98
C TRP B 3 14.16 93.33 -77.90
N LEU B 4 14.65 93.33 -79.11
CA LEU B 4 14.28 94.42 -80.06
C LEU B 4 12.85 94.21 -80.58
N PHE B 5 12.40 92.99 -80.60
CA PHE B 5 11.00 92.73 -81.10
C PHE B 5 9.98 93.44 -80.21
N GLY B 6 10.36 93.81 -79.02
CA GLY B 6 9.41 94.51 -78.11
C GLY B 6 8.78 93.51 -77.16
N ASP B 7 9.57 92.71 -76.50
CA ASP B 7 9.00 91.70 -75.55
C ASP B 7 8.23 92.40 -74.43
N LYS B 8 7.20 91.77 -73.92
CA LYS B 8 6.40 92.40 -72.84
C LYS B 8 6.24 91.43 -71.67
N THR B 9 6.01 91.93 -70.48
CA THR B 9 5.84 91.03 -69.31
C THR B 9 4.37 90.60 -69.17
N PRO B 10 4.13 89.33 -69.34
CA PRO B 10 2.74 88.81 -69.25
C PRO B 10 2.27 88.81 -67.78
N THR B 11 1.33 89.65 -67.46
CA THR B 11 0.83 89.70 -66.05
C THR B 11 -0.48 88.92 -65.92
N ASP B 12 -0.69 87.96 -66.78
CA ASP B 12 -1.95 87.15 -66.70
C ASP B 12 -1.70 85.87 -65.89
N ASP B 13 -0.58 85.25 -66.07
CA ASP B 13 -0.28 83.99 -65.32
C ASP B 13 -0.31 84.26 -63.80
N ALA B 14 0.13 85.43 -63.40
CA ALA B 14 0.14 85.75 -61.94
C ALA B 14 -1.30 85.93 -61.43
N ASN B 15 -2.16 86.45 -62.25
CA ASN B 15 -3.58 86.65 -61.81
C ASN B 15 -4.44 85.45 -62.22
N ALA B 16 -3.92 84.58 -63.03
CA ALA B 16 -4.72 83.38 -63.46
C ALA B 16 -5.14 82.56 -62.23
N ALA B 17 -4.21 82.21 -61.39
CA ALA B 17 -4.56 81.41 -60.18
C ALA B 17 -5.34 82.28 -59.18
N VAL B 18 -5.09 83.56 -59.17
CA VAL B 18 -5.82 84.45 -58.22
C VAL B 18 -7.22 84.76 -58.75
N GLY B 19 -8.09 85.26 -57.92
CA GLY B 19 -9.46 85.58 -58.37
C GLY B 19 -10.39 85.75 -57.16
N GLY B 20 -11.47 86.46 -57.32
CA GLY B 20 -12.40 86.66 -56.17
C GLY B 20 -13.23 85.39 -55.96
N GLN B 21 -14.10 85.08 -56.88
CA GLN B 21 -14.94 83.85 -56.73
C GLN B 21 -15.33 83.31 -58.11
N ASP B 22 -14.37 82.95 -58.91
CA ASP B 22 -14.69 82.41 -60.26
C ASP B 22 -14.58 80.88 -60.27
N THR B 23 -14.84 80.26 -59.15
CA THR B 23 -14.75 78.77 -59.09
C THR B 23 -16.12 78.15 -59.35
N THR B 24 -16.17 76.86 -59.57
CA THR B 24 -17.47 76.19 -59.84
C THR B 24 -17.71 75.05 -58.84
N LYS B 25 -17.29 75.23 -57.62
CA LYS B 25 -17.48 74.16 -56.59
C LYS B 25 -18.84 74.35 -55.88
N PRO B 26 -19.55 73.26 -55.72
CA PRO B 26 -20.87 73.32 -55.05
C PRO B 26 -20.69 73.52 -53.55
N LYS B 27 -19.63 73.00 -52.99
CA LYS B 27 -19.39 73.16 -51.53
C LYS B 27 -17.95 72.77 -51.18
N GLU B 28 -17.69 72.44 -49.95
CA GLU B 28 -16.30 72.05 -49.55
C GLU B 28 -16.08 70.55 -49.79
N LEU B 29 -17.13 69.81 -50.04
CA LEU B 29 -16.96 68.34 -50.29
C LEU B 29 -16.00 68.10 -51.46
N SER B 30 -15.90 69.04 -52.36
CA SER B 30 -14.98 68.86 -53.52
C SER B 30 -13.54 69.19 -53.11
N LEU B 31 -13.36 70.07 -52.18
CA LEU B 31 -11.98 70.42 -51.73
C LEU B 31 -11.46 69.39 -50.72
N LYS B 32 -12.35 68.69 -50.07
CA LYS B 32 -11.92 67.67 -49.08
C LYS B 32 -11.03 66.60 -49.75
N GLN B 33 -11.27 66.33 -51.01
CA GLN B 33 -10.44 65.31 -51.72
C GLN B 33 -9.03 65.85 -51.95
N SER B 34 -8.88 67.15 -52.01
CA SER B 34 -7.53 67.72 -52.22
C SER B 34 -6.77 67.81 -50.89
N LEU B 35 -7.48 67.83 -49.79
CA LEU B 35 -6.80 67.91 -48.46
C LEU B 35 -5.88 66.71 -48.26
N GLY B 36 -6.31 65.54 -48.67
CA GLY B 36 -5.45 64.33 -48.50
C GLY B 36 -5.84 63.60 -47.21
N PHE B 37 -6.51 64.27 -46.30
CA PHE B 37 -6.91 63.60 -45.03
C PHE B 37 -7.80 62.39 -45.31
N GLU B 38 -7.24 61.21 -45.26
CA GLU B 38 -8.05 59.98 -45.53
C GLU B 38 -7.57 58.84 -44.62
N PRO B 39 -8.12 58.79 -43.44
CA PRO B 39 -7.74 57.73 -42.47
C PRO B 39 -8.32 56.37 -42.88
N ASN B 40 -9.16 56.34 -43.88
CA ASN B 40 -9.75 55.04 -44.32
C ASN B 40 -8.65 54.08 -44.77
N ILE B 41 -7.65 54.59 -45.45
CA ILE B 41 -6.54 53.71 -45.91
C ILE B 41 -5.72 53.19 -44.73
N ASN B 42 -5.64 53.96 -43.68
CA ASN B 42 -4.86 53.51 -42.49
C ASN B 42 -5.77 52.73 -41.51
N ASN B 43 -7.05 52.88 -41.65
CA ASN B 43 -7.98 52.14 -40.73
C ASN B 43 -7.79 50.63 -40.88
N ILE B 44 -7.19 50.18 -41.96
CA ILE B 44 -6.97 48.72 -42.15
C ILE B 44 -6.27 48.11 -40.93
N ILE B 45 -5.49 48.89 -40.23
CA ILE B 45 -4.78 48.35 -39.04
C ILE B 45 -5.42 48.89 -37.74
N SER B 46 -6.16 49.96 -37.84
CA SER B 46 -6.80 50.52 -36.61
C SER B 46 -8.33 50.49 -36.77
N GLY B 47 -8.85 49.51 -37.45
CA GLY B 47 -10.33 49.41 -37.63
C GLY B 47 -10.82 48.04 -37.18
N PRO B 48 -12.10 47.81 -37.33
CA PRO B 48 -12.69 46.52 -36.94
C PRO B 48 -12.31 45.42 -37.95
N GLY B 49 -12.32 44.19 -37.53
CA GLY B 49 -11.96 43.08 -38.45
C GLY B 49 -11.20 41.99 -37.68
N GLY B 50 -11.70 41.61 -36.54
CA GLY B 50 -11.00 40.56 -35.74
C GLY B 50 -11.95 39.39 -35.52
N MET B 51 -11.87 38.38 -36.34
CA MET B 51 -12.76 37.19 -36.18
C MET B 51 -11.98 36.01 -35.63
N HIS B 52 -12.57 35.26 -34.73
CA HIS B 52 -11.85 34.08 -34.15
C HIS B 52 -12.75 32.85 -34.18
N VAL B 53 -12.36 31.84 -34.90
CA VAL B 53 -13.19 30.60 -34.98
C VAL B 53 -12.33 29.37 -34.68
N ASP B 54 -12.94 28.30 -34.24
CA ASP B 54 -12.16 27.07 -33.93
C ASP B 54 -12.87 25.84 -34.50
N THR B 55 -12.14 24.98 -35.17
CA THR B 55 -12.78 23.76 -35.75
C THR B 55 -13.22 22.81 -34.63
N ALA B 56 -12.58 22.88 -33.49
CA ALA B 56 -12.97 21.99 -32.36
C ALA B 56 -14.42 22.26 -31.93
N ARG B 57 -14.90 23.45 -32.17
CA ARG B 57 -16.31 23.77 -31.78
C ARG B 57 -17.29 22.86 -32.51
N LEU B 58 -16.92 22.37 -33.66
CA LEU B 58 -17.84 21.47 -34.42
C LEU B 58 -17.70 20.03 -33.92
N HIS B 59 -16.50 19.51 -33.90
CA HIS B 59 -16.31 18.11 -33.43
C HIS B 59 -16.20 18.07 -31.90
N PRO B 60 -16.58 16.96 -31.34
CA PRO B 60 -16.54 16.79 -29.86
C PRO B 60 -15.09 16.65 -29.39
N LEU B 61 -14.88 16.65 -28.10
CA LEU B 61 -13.49 16.52 -27.56
C LEU B 61 -13.35 15.23 -26.75
N ALA B 62 -13.81 14.12 -27.29
CA ALA B 62 -13.70 12.84 -26.55
C ALA B 62 -12.67 11.93 -27.21
N GLY B 63 -11.66 12.50 -27.82
CA GLY B 63 -10.61 11.68 -28.49
C GLY B 63 -9.36 11.66 -27.63
N LEU B 64 -8.89 12.81 -27.21
CA LEU B 64 -7.66 12.88 -26.38
C LEU B 64 -7.99 12.59 -24.91
N ASP B 65 -9.26 12.44 -24.58
CA ASP B 65 -9.64 12.16 -23.17
C ASP B 65 -8.96 10.89 -22.67
N LYS B 66 -8.60 10.01 -23.57
CA LYS B 66 -7.93 8.74 -23.14
C LYS B 66 -6.61 9.05 -22.43
N GLY B 67 -5.88 10.02 -22.91
CA GLY B 67 -4.58 10.37 -22.26
C GLY B 67 -4.85 11.16 -20.98
N VAL B 68 -5.92 11.90 -20.93
CA VAL B 68 -6.24 12.69 -19.71
C VAL B 68 -6.91 11.79 -18.67
N GLU B 69 -7.63 10.79 -19.11
CA GLU B 69 -8.31 9.87 -18.15
C GLU B 69 -7.31 8.90 -17.53
N TYR B 70 -6.42 8.36 -18.33
CA TYR B 70 -5.41 7.40 -17.79
C TYR B 70 -4.44 8.12 -16.85
N LEU B 71 -4.41 9.43 -16.88
CA LEU B 71 -3.48 10.17 -15.98
C LEU B 71 -3.80 9.87 -14.52
N ASP B 72 -4.98 10.24 -14.07
CA ASP B 72 -5.35 9.98 -12.66
C ASP B 72 -5.93 8.57 -12.50
N LEU B 73 -6.56 8.06 -13.52
CA LEU B 73 -7.15 6.68 -13.42
C LEU B 73 -6.04 5.65 -13.16
N GLU B 74 -5.04 5.62 -14.00
CA GLU B 74 -3.94 4.64 -13.81
C GLU B 74 -3.17 4.94 -12.52
N GLU B 75 -3.07 6.19 -12.15
CA GLU B 75 -2.35 6.55 -10.90
C GLU B 75 -3.02 5.91 -9.69
N GLU B 76 -4.32 5.72 -9.75
CA GLU B 76 -5.04 5.10 -8.60
C GLU B 76 -5.05 3.58 -8.74
N GLN B 77 -4.76 3.06 -9.90
CA GLN B 77 -4.75 1.59 -10.10
C GLN B 77 -3.81 0.92 -9.09
N LEU B 78 -2.70 1.54 -8.80
CA LEU B 78 -1.74 0.96 -7.83
C LEU B 78 -2.07 1.43 -6.40
N SER B 79 -2.70 2.56 -6.27
CA SER B 79 -3.05 3.08 -4.91
C SER B 79 -3.95 2.08 -4.19
N SER B 80 -5.08 1.75 -4.77
CA SER B 80 -6.01 0.78 -4.12
C SER B 80 -5.32 -0.58 -3.94
N LEU B 81 -4.33 -0.85 -4.73
CA LEU B 81 -3.61 -2.16 -4.60
C LEU B 81 -2.98 -2.29 -3.21
N GLU B 82 -2.26 -1.29 -2.79
CA GLU B 82 -1.63 -1.35 -1.43
C GLU B 82 -2.48 -0.61 -0.40
N GLY B 83 -3.75 -0.47 -0.67
CA GLY B 83 -4.65 0.24 0.30
C GLY B 83 -5.75 -0.71 0.78
N SER B 84 -6.77 -0.88 0.00
CA SER B 84 -7.89 -1.79 0.41
C SER B 84 -7.57 -3.23 -0.01
N GLN B 85 -6.90 -3.41 -1.11
CA GLN B 85 -6.56 -4.78 -1.58
C GLN B 85 -5.13 -5.15 -1.19
N GLY B 86 -4.52 -4.39 -0.31
CA GLY B 86 -3.13 -4.69 0.11
C GLY B 86 -3.14 -5.43 1.45
N LEU B 87 -2.25 -6.37 1.62
CA LEU B 87 -2.21 -7.12 2.91
C LEU B 87 -1.42 -6.34 3.95
N ILE B 88 -1.99 -6.13 5.12
CA ILE B 88 -1.26 -5.37 6.18
C ILE B 88 -1.29 -6.15 7.50
N PRO B 89 -0.80 -7.37 7.45
CA PRO B 89 -0.78 -8.23 8.66
C PRO B 89 0.31 -7.75 9.63
N SER B 90 1.13 -6.82 9.23
CA SER B 90 2.21 -6.32 10.14
C SER B 90 1.61 -5.84 11.46
N ARG B 91 0.37 -5.43 11.45
CA ARG B 91 -0.26 -4.94 12.71
C ARG B 91 -0.87 -6.11 13.49
N GLY B 92 -0.57 -6.20 14.75
CA GLY B 92 -1.13 -7.31 15.57
C GLY B 92 -0.03 -8.33 15.89
N TRP B 93 1.21 -7.97 15.69
CA TRP B 93 2.34 -8.91 15.97
C TRP B 93 2.09 -10.26 15.29
N THR B 94 1.33 -10.27 14.22
CA THR B 94 1.05 -11.55 13.51
C THR B 94 1.63 -11.51 12.09
N ASP B 95 2.80 -10.93 11.94
CA ASP B 95 3.43 -10.88 10.59
C ASP B 95 3.66 -12.29 10.05
N ASP B 96 3.70 -13.26 10.92
CA ASP B 96 3.93 -14.66 10.48
C ASP B 96 2.60 -15.32 10.05
N LEU B 97 1.49 -14.74 10.43
CA LEU B 97 0.17 -15.33 10.06
C LEU B 97 0.10 -15.58 8.54
N CYS B 98 0.88 -14.87 7.78
CA CYS B 98 0.86 -15.07 6.29
C CYS B 98 1.21 -16.52 5.95
N TYR B 99 2.19 -17.07 6.62
CA TYR B 99 2.59 -18.49 6.34
C TYR B 99 2.30 -19.38 7.54
N GLY B 100 2.36 -18.83 8.72
CA GLY B 100 2.09 -19.64 9.94
C GLY B 100 0.65 -19.43 10.40
N THR B 101 0.37 -19.64 11.66
CA THR B 101 -1.02 -19.45 12.17
C THR B 101 -1.06 -18.33 13.21
N GLY B 102 0.06 -17.94 13.74
CA GLY B 102 0.08 -16.84 14.75
C GLY B 102 0.18 -17.46 16.16
N ALA B 103 1.11 -18.35 16.37
CA ALA B 103 1.25 -18.97 17.72
C ALA B 103 2.03 -18.04 18.66
N VAL B 104 2.62 -17.00 18.14
CA VAL B 104 3.40 -16.06 19.01
C VAL B 104 2.53 -15.56 20.17
N TYR B 105 1.29 -15.25 19.90
CA TYR B 105 0.38 -14.76 20.98
C TYR B 105 -0.15 -15.95 21.80
N LEU B 106 -0.81 -16.87 21.14
CA LEU B 106 -1.37 -18.06 21.85
C LEU B 106 -0.30 -18.71 22.73
N LEU B 107 0.73 -19.26 22.14
CA LEU B 107 1.81 -19.90 22.94
C LEU B 107 2.33 -18.92 24.00
N GLY B 108 2.19 -17.65 23.75
CA GLY B 108 2.67 -16.63 24.75
C GLY B 108 1.83 -16.74 26.02
N LEU B 109 0.67 -17.32 25.96
CA LEU B 109 -0.18 -17.46 27.17
C LEU B 109 0.11 -18.78 27.89
N GLY B 110 0.01 -19.88 27.18
CA GLY B 110 0.27 -21.20 27.81
C GLY B 110 1.69 -21.25 28.34
N ILE B 111 2.57 -20.42 27.84
CA ILE B 111 3.98 -20.42 28.33
C ILE B 111 4.03 -20.13 29.83
N GLY B 112 3.07 -19.40 30.33
CA GLY B 112 3.06 -19.07 31.79
C GLY B 112 2.67 -20.32 32.59
N GLY B 113 1.87 -21.17 32.02
CA GLY B 113 1.44 -22.40 32.74
C GLY B 113 2.65 -23.33 32.91
N PHE B 114 3.55 -23.32 31.96
CA PHE B 114 4.74 -24.21 32.05
C PHE B 114 5.88 -23.50 32.79
N SER B 115 6.26 -22.33 32.35
CA SER B 115 7.35 -21.59 33.02
C SER B 115 7.00 -21.29 34.48
N GLY B 116 5.74 -21.06 34.74
CA GLY B 116 5.31 -20.76 36.15
C GLY B 116 5.40 -22.03 36.98
N MET B 117 4.88 -23.12 36.49
CA MET B 117 4.93 -24.40 37.27
C MET B 117 6.37 -24.75 37.64
N MET B 118 7.32 -24.20 36.94
CA MET B 118 8.76 -24.49 37.25
C MET B 118 9.04 -24.32 38.75
N GLN B 119 8.74 -23.17 39.29
CA GLN B 119 8.98 -22.94 40.75
C GLN B 119 7.79 -23.43 41.56
N GLY B 120 6.61 -23.38 40.99
CA GLY B 120 5.40 -23.84 41.74
C GLY B 120 5.56 -25.32 42.11
N LEU B 121 6.39 -26.04 41.39
CA LEU B 121 6.60 -27.48 41.71
C LEU B 121 7.06 -27.65 43.15
N GLN B 122 7.63 -26.63 43.73
CA GLN B 122 8.11 -26.74 45.14
C GLN B 122 6.92 -26.73 46.12
N ASN B 123 5.74 -26.44 45.63
CA ASN B 123 4.55 -26.41 46.54
C ASN B 123 4.24 -27.82 47.06
N ILE B 124 4.33 -28.81 46.21
CA ILE B 124 4.04 -30.20 46.65
C ILE B 124 5.10 -30.66 47.67
N PRO B 125 4.66 -31.37 48.68
CA PRO B 125 5.60 -31.87 49.71
C PRO B 125 6.45 -33.01 49.16
N PRO B 126 7.43 -33.41 49.93
CA PRO B 126 8.33 -34.51 49.49
C PRO B 126 7.59 -35.86 49.57
N ASN B 127 7.87 -36.75 48.66
CA ASN B 127 7.19 -38.08 48.69
C ASN B 127 8.22 -39.20 48.92
N SER B 128 9.29 -38.89 49.60
CA SER B 128 10.34 -39.93 49.86
C SER B 128 9.95 -40.75 51.09
N PRO B 129 10.09 -42.06 50.98
CA PRO B 129 9.74 -42.95 52.10
C PRO B 129 10.80 -42.86 53.21
N GLY B 130 10.41 -42.45 54.38
CA GLY B 130 11.39 -42.33 55.50
C GLY B 130 11.38 -40.91 56.05
N LYS B 131 10.69 -40.69 57.14
CA LYS B 131 10.64 -39.31 57.73
C LYS B 131 11.21 -39.33 59.16
N LEU B 132 11.23 -40.46 59.80
CA LEU B 132 11.76 -40.52 61.19
C LEU B 132 13.25 -40.13 61.20
N GLN B 133 13.93 -40.35 60.11
CA GLN B 133 15.39 -40.00 60.07
C GLN B 133 15.56 -38.58 59.52
N LEU B 134 14.64 -38.12 58.71
CA LEU B 134 14.76 -36.75 58.14
C LEU B 134 14.46 -35.69 59.21
N ASN B 135 14.00 -36.10 60.37
CA ASN B 135 13.69 -35.12 61.44
C ASN B 135 14.92 -34.88 62.31
N THR B 136 15.79 -35.86 62.41
CA THR B 136 17.02 -35.69 63.25
C THR B 136 18.07 -34.87 62.50
N VAL B 137 18.14 -35.02 61.20
CA VAL B 137 19.15 -34.25 60.41
C VAL B 137 18.90 -32.74 60.57
N LEU B 138 17.68 -32.36 60.83
CA LEU B 138 17.37 -30.91 61.00
C LEU B 138 17.79 -30.43 62.38
N ASN B 139 17.89 -31.32 63.33
CA ASN B 139 18.30 -30.91 64.71
C ASN B 139 19.82 -30.77 64.80
N HIS B 140 20.53 -30.98 63.72
CA HIS B 140 22.01 -30.86 63.76
C HIS B 140 22.50 -29.84 62.72
N ILE B 141 23.33 -28.92 63.12
CA ILE B 141 23.84 -27.90 62.16
C ILE B 141 25.29 -28.20 61.80
N THR B 142 25.72 -27.81 60.63
CA THR B 142 27.13 -28.07 60.22
C THR B 142 27.47 -27.28 58.94
N LYS B 143 27.25 -25.99 58.97
CA LYS B 143 27.56 -25.15 57.77
C LYS B 143 26.87 -25.72 56.52
N ARG B 144 25.68 -26.23 56.67
CA ARG B 144 24.96 -26.80 55.50
C ARG B 144 23.49 -26.34 55.49
N GLY B 145 23.25 -25.11 55.13
CA GLY B 145 21.85 -24.60 55.11
C GLY B 145 21.09 -25.24 53.95
N PRO B 146 20.03 -24.59 53.53
CA PRO B 146 19.21 -25.11 52.42
C PRO B 146 19.95 -24.96 51.09
N PHE B 147 20.15 -26.03 50.38
CA PHE B 147 20.86 -25.95 49.06
C PHE B 147 20.29 -26.99 48.09
N LEU B 148 20.07 -28.19 48.55
CA LEU B 148 19.52 -29.25 47.65
C LEU B 148 18.17 -28.81 47.07
N GLY B 149 17.74 -29.43 46.01
CA GLY B 149 16.44 -29.04 45.39
C GLY B 149 16.63 -27.86 44.45
N ASN B 150 17.83 -27.69 43.93
CA ASN B 150 18.08 -26.55 43.01
C ASN B 150 18.30 -27.06 41.58
N ASN B 151 17.87 -28.26 41.29
CA ASN B 151 18.04 -28.81 39.91
C ASN B 151 16.96 -28.27 38.98
N ALA B 152 15.85 -27.85 39.52
CA ALA B 152 14.76 -27.31 38.65
C ALA B 152 15.16 -25.96 38.05
N GLY B 153 16.22 -25.36 38.54
CA GLY B 153 16.65 -24.04 38.00
C GLY B 153 17.19 -24.21 36.58
N ILE B 154 17.96 -25.24 36.35
CA ILE B 154 18.52 -25.47 34.98
C ILE B 154 17.43 -25.93 34.02
N LEU B 155 16.34 -26.43 34.53
CA LEU B 155 15.23 -26.90 33.64
C LEU B 155 14.61 -25.71 32.90
N ALA B 156 14.65 -24.55 33.50
CA ALA B 156 14.05 -23.36 32.83
C ALA B 156 14.88 -22.97 31.60
N LEU B 157 16.05 -23.51 31.47
CA LEU B 157 16.90 -23.17 30.27
C LEU B 157 16.58 -24.11 29.10
N SER B 158 16.16 -25.31 29.40
CA SER B 158 15.83 -26.27 28.30
C SER B 158 14.48 -25.92 27.66
N TYR B 159 13.59 -25.33 28.43
CA TYR B 159 12.25 -24.97 27.89
C TYR B 159 12.39 -23.89 26.82
N ASN B 160 13.35 -23.01 26.96
CA ASN B 160 13.53 -21.92 25.96
C ASN B 160 14.15 -22.49 24.67
N ILE B 161 14.80 -23.62 24.76
CA ILE B 161 15.42 -24.22 23.55
C ILE B 161 14.38 -24.97 22.73
N ILE B 162 13.60 -25.81 23.37
CA ILE B 162 12.55 -26.58 22.62
C ILE B 162 11.52 -25.63 22.00
N ASN B 163 11.38 -24.45 22.54
CA ASN B 163 10.38 -23.48 22.00
C ASN B 163 11.01 -22.63 20.90
N SER B 164 12.31 -22.53 20.87
CA SER B 164 12.98 -21.70 19.82
C SER B 164 12.72 -22.30 18.43
N THR B 165 12.40 -23.56 18.35
CA THR B 165 12.14 -24.20 17.04
C THR B 165 10.78 -23.76 16.49
N ILE B 166 9.75 -23.87 17.28
CA ILE B 166 8.40 -23.46 16.80
C ILE B 166 8.42 -22.01 16.34
N ASP B 167 9.23 -21.19 16.98
CA ASP B 167 9.31 -19.75 16.58
C ASP B 167 10.41 -19.55 15.53
N ALA B 168 11.45 -20.34 15.57
CA ALA B 168 12.55 -20.18 14.57
C ALA B 168 11.99 -20.16 13.15
N LEU B 169 11.02 -20.99 12.88
CA LEU B 169 10.43 -21.03 11.51
C LEU B 169 9.29 -20.00 11.38
N ARG B 170 9.25 -19.03 12.24
CA ARG B 170 8.17 -18.00 12.15
C ARG B 170 8.25 -17.23 10.83
N GLY B 171 9.34 -16.56 10.57
CA GLY B 171 9.45 -15.79 9.29
C GLY B 171 10.77 -15.02 9.26
N LYS B 172 10.81 -13.93 8.52
CA LYS B 172 12.06 -13.12 8.43
C LYS B 172 12.47 -12.59 9.81
N HIS B 173 13.58 -13.03 10.31
CA HIS B 173 14.04 -12.56 11.65
C HIS B 173 15.29 -11.68 11.51
N ASP B 174 15.15 -10.39 11.60
CA ASP B 174 16.35 -9.49 11.48
C ASP B 174 16.38 -8.46 12.62
N THR B 175 15.39 -7.62 12.69
CA THR B 175 15.32 -6.58 13.77
C THR B 175 16.69 -5.89 14.00
N ALA B 176 17.47 -6.34 14.94
CA ALA B 176 18.79 -5.67 15.19
C ALA B 176 19.83 -6.63 15.78
N GLY B 177 20.73 -7.10 14.97
CA GLY B 177 21.80 -8.02 15.48
C GLY B 177 22.93 -7.19 16.10
N SER B 178 22.99 -5.92 15.77
CA SER B 178 24.06 -5.04 16.32
C SER B 178 23.69 -4.56 17.73
N ILE B 179 22.43 -4.64 18.10
CA ILE B 179 22.01 -4.20 19.46
C ILE B 179 22.28 -5.29 20.49
N GLY B 180 22.49 -6.51 20.05
CA GLY B 180 22.76 -7.62 21.01
C GLY B 180 23.85 -7.23 22.00
N ALA B 181 24.72 -6.32 21.65
CA ALA B 181 25.81 -5.93 22.61
C ALA B 181 25.30 -4.97 23.68
N GLY B 182 24.66 -3.89 23.28
CA GLY B 182 24.15 -2.90 24.28
C GLY B 182 23.33 -3.59 25.37
N ALA B 183 22.78 -4.74 25.07
CA ALA B 183 21.96 -5.47 26.09
C ALA B 183 22.85 -6.37 26.96
N LEU B 184 24.05 -6.66 26.53
CA LEU B 184 24.94 -7.54 27.34
C LEU B 184 25.31 -6.87 28.66
N THR B 185 25.99 -5.76 28.62
CA THR B 185 26.39 -5.07 29.89
C THR B 185 25.15 -4.74 30.73
N GLY B 186 24.01 -4.62 30.11
CA GLY B 186 22.77 -4.31 30.88
C GLY B 186 22.48 -5.44 31.87
N ALA B 187 22.82 -6.65 31.51
CA ALA B 187 22.57 -7.79 32.43
C ALA B 187 23.77 -8.02 33.35
N LEU B 188 24.94 -7.68 32.91
CA LEU B 188 26.16 -7.86 33.75
C LEU B 188 26.05 -7.03 35.03
N PHE B 189 25.58 -5.81 34.90
CA PHE B 189 25.45 -4.94 36.12
C PHE B 189 24.26 -5.39 36.97
N LYS B 190 23.34 -6.13 36.41
CA LYS B 190 22.16 -6.60 37.20
C LYS B 190 22.62 -7.45 38.38
N SER B 191 23.37 -8.48 38.12
CA SER B 191 23.85 -9.36 39.23
C SER B 191 25.31 -9.05 39.56
N SER B 192 25.70 -9.22 40.80
CA SER B 192 27.11 -8.93 41.18
C SER B 192 27.39 -9.50 42.58
N LYS B 193 27.31 -10.80 42.74
CA LYS B 193 27.58 -11.40 44.08
C LYS B 193 28.91 -12.15 44.06
N GLY B 194 29.81 -11.76 43.19
CA GLY B 194 31.14 -12.45 43.13
C GLY B 194 31.20 -13.32 41.88
N LEU B 195 30.95 -14.60 42.02
CA LEU B 195 30.98 -15.50 40.82
C LEU B 195 29.96 -15.03 39.78
N LYS B 196 30.43 -14.64 38.63
CA LYS B 196 29.49 -14.14 37.56
C LYS B 196 28.35 -15.14 37.34
N PRO B 197 27.17 -14.78 37.79
CA PRO B 197 26.00 -15.66 37.64
C PRO B 197 25.49 -15.62 36.19
N MET B 198 25.44 -14.45 35.61
CA MET B 198 24.97 -14.32 34.20
C MET B 198 25.87 -15.11 33.26
N GLY B 199 27.08 -15.42 33.69
CA GLY B 199 28.02 -16.19 32.82
C GLY B 199 27.31 -17.41 32.23
N TYR B 200 26.51 -18.08 33.01
CA TYR B 200 25.78 -19.28 32.49
C TYR B 200 24.48 -18.84 31.83
N SER B 201 23.94 -17.71 32.23
CA SER B 201 22.68 -17.22 31.60
C SER B 201 22.96 -16.61 30.23
N SER B 202 24.18 -16.18 30.01
CA SER B 202 24.52 -15.57 28.68
C SER B 202 24.23 -16.57 27.56
N ALA B 203 24.53 -17.83 27.78
CA ALA B 203 24.26 -18.85 26.73
C ALA B 203 22.79 -18.81 26.32
N MET B 204 21.94 -18.33 27.20
CA MET B 204 20.49 -18.24 26.85
C MET B 204 20.27 -17.09 25.85
N VAL B 205 20.71 -15.91 26.18
CA VAL B 205 20.54 -14.76 25.24
C VAL B 205 21.43 -14.96 24.01
N ALA B 206 22.54 -15.64 24.19
CA ALA B 206 23.46 -15.87 23.03
C ALA B 206 22.73 -16.66 21.94
N ALA B 207 22.00 -17.67 22.32
CA ALA B 207 21.24 -18.47 21.32
C ALA B 207 20.24 -17.57 20.59
N ALA B 208 19.74 -16.57 21.26
CA ALA B 208 18.77 -15.64 20.60
C ALA B 208 19.44 -14.96 19.41
N CYS B 209 20.73 -14.80 19.45
CA CYS B 209 21.44 -14.14 18.32
C CYS B 209 21.22 -14.95 17.04
N ALA B 210 21.25 -16.25 17.14
CA ALA B 210 21.04 -17.11 15.93
C ALA B 210 19.60 -16.97 15.42
N VAL B 211 18.63 -17.16 16.28
CA VAL B 211 17.21 -17.02 15.86
C VAL B 211 16.98 -15.67 15.17
N TRP B 212 17.62 -14.65 15.66
CA TRP B 212 17.46 -13.30 15.04
C TRP B 212 18.42 -13.17 13.85
N CYS B 213 19.60 -13.71 13.96
CA CYS B 213 20.56 -13.64 12.82
C CYS B 213 20.01 -14.48 11.66
N SER B 214 19.06 -15.34 11.95
CA SER B 214 18.46 -16.21 10.90
C SER B 214 18.11 -15.39 9.64
N VAL B 215 18.06 -14.07 9.75
CA VAL B 215 17.74 -13.22 8.56
C VAL B 215 18.53 -13.68 7.32
N LYS B 216 19.67 -14.27 7.52
CA LYS B 216 20.48 -14.74 6.36
C LYS B 216 19.93 -16.07 5.82
N LYS B 217 20.40 -16.49 4.67
CA LYS B 217 19.89 -17.77 4.10
C LYS B 217 20.87 -18.28 3.03
N ARG B 218 22.14 -18.02 3.19
CA ARG B 218 23.14 -18.49 2.19
C ARG B 218 23.89 -19.71 2.72
N LEU B 219 23.36 -20.38 3.71
CA LEU B 219 24.04 -21.57 4.28
C LEU B 219 23.26 -22.85 3.94
N LEU B 220 22.01 -22.72 3.58
CA LEU B 220 21.20 -23.92 3.25
C LEU B 220 21.85 -24.69 2.09
N GLU B 221 22.56 -24.00 1.24
CA GLU B 221 23.22 -24.69 0.08
C GLU B 221 24.73 -24.42 0.10
N LYS B 222 25.50 -25.42 0.41
CA LYS B 222 26.99 -25.23 0.44
C LYS B 222 27.52 -24.94 -0.96
N MET C 1 4.62 2.19 8.33
CA MET C 1 3.15 1.93 8.46
C MET C 1 2.38 3.26 8.41
N LEU C 2 1.37 3.33 7.58
CA LEU C 2 0.57 4.59 7.49
C LEU C 2 -0.81 4.29 6.90
N SER C 3 -1.85 4.56 7.64
CA SER C 3 -3.22 4.30 7.13
C SER C 3 -3.80 5.56 6.48
N LEU C 4 -3.31 5.92 5.33
CA LEU C 4 -3.82 7.14 4.64
C LEU C 4 -3.75 6.97 3.12
N ARG C 5 -4.79 6.44 2.53
CA ARG C 5 -4.78 6.24 1.05
C ARG C 5 -6.21 6.14 0.51
N GLN C 6 -6.79 7.25 0.13
CA GLN C 6 -8.18 7.23 -0.40
C GLN C 6 -8.17 7.03 -1.91
N SER C 7 -9.08 6.23 -2.42
CA SER C 7 -9.12 5.99 -3.90
C SER C 7 -10.41 6.55 -4.48
N ILE C 8 -10.41 7.79 -4.89
CA ILE C 8 -11.64 8.40 -5.48
C ILE C 8 -11.30 9.12 -6.78
N ARG C 9 -10.67 8.45 -7.70
CA ARG C 9 -10.31 9.11 -9.00
C ARG C 9 -10.86 8.29 -10.17
N PHE C 10 -12.17 8.24 -10.31
CA PHE C 10 -12.78 7.47 -11.44
C PHE C 10 -12.29 6.02 -11.44
N PHE C 11 -13.11 5.11 -10.98
CA PHE C 11 -12.69 3.68 -10.94
C PHE C 11 -13.16 2.96 -12.22
N LYS C 12 -12.96 3.58 -13.36
CA LYS C 12 -13.39 2.94 -14.63
C LYS C 12 -12.28 2.01 -15.15
N PRO C 13 -12.59 0.74 -15.23
CA PRO C 13 -11.60 -0.25 -15.71
C PRO C 13 -11.41 -0.13 -17.22
N ALA C 14 -10.33 -0.63 -17.75
CA ALA C 14 -10.09 -0.54 -19.22
C ALA C 14 -9.07 -1.61 -19.65
N THR C 15 -9.12 -2.01 -20.89
CA THR C 15 -8.16 -3.04 -21.38
C THR C 15 -6.73 -2.52 -21.27
N ARG C 16 -5.76 -3.37 -21.47
CA ARG C 16 -4.34 -2.92 -21.38
C ARG C 16 -3.86 -2.40 -22.73
N THR C 17 -3.58 -3.29 -23.66
CA THR C 17 -3.10 -2.85 -25.00
C THR C 17 -1.91 -1.89 -24.87
N LEU C 18 -0.93 -2.25 -24.08
CA LEU C 18 0.25 -1.37 -23.90
C LEU C 18 1.38 -1.79 -24.83
N CYS C 19 1.84 -0.90 -25.67
CA CYS C 19 2.94 -1.26 -26.62
C CYS C 19 3.76 -0.01 -26.96
N SER C 20 4.02 0.83 -26.00
CA SER C 20 4.80 2.07 -26.26
C SER C 20 4.07 2.97 -27.26
N SER C 21 4.25 4.26 -27.17
CA SER C 21 3.56 5.18 -28.11
C SER C 21 4.55 6.20 -28.68
N ARG C 22 4.50 6.44 -29.96
CA ARG C 22 5.44 7.43 -30.57
C ARG C 22 4.91 8.85 -30.40
N TYR C 23 3.62 9.00 -30.30
CA TYR C 23 3.03 10.37 -30.13
C TYR C 23 3.44 10.95 -28.76
N LEU C 24 2.84 12.03 -28.38
CA LEU C 24 3.18 12.66 -27.06
C LEU C 24 1.99 13.45 -26.53
N LEU C 25 2.14 14.08 -25.40
CA LEU C 25 1.02 14.88 -24.83
C LEU C 25 1.50 16.28 -24.46
N MET A 1 -71.30 -7.55 -55.91
CA MET A 1 -70.35 -6.55 -56.45
C MET A 1 -70.62 -5.17 -55.83
N SER A 2 -69.59 -4.40 -55.61
CA SER A 2 -69.79 -3.05 -55.01
C SER A 2 -69.54 -1.96 -56.06
N TRP A 3 -70.36 -1.92 -57.09
CA TRP A 3 -70.18 -0.89 -58.14
C TRP A 3 -70.89 0.42 -57.76
N LEU A 4 -71.43 0.48 -56.57
CA LEU A 4 -72.13 1.73 -56.15
C LEU A 4 -71.17 2.65 -55.40
N PHE A 5 -70.25 2.09 -54.65
CA PHE A 5 -69.29 2.93 -53.90
C PHE A 5 -68.21 3.49 -54.84
N GLY A 6 -68.04 2.87 -55.98
CA GLY A 6 -67.00 3.36 -56.94
C GLY A 6 -65.63 2.85 -56.52
N ASP A 7 -65.53 1.59 -56.17
CA ASP A 7 -64.23 1.02 -55.75
C ASP A 7 -63.28 0.95 -56.95
N LYS A 8 -62.07 0.49 -56.75
CA LYS A 8 -61.10 0.39 -57.88
C LYS A 8 -61.34 -0.90 -58.66
N THR A 9 -60.90 -0.95 -59.89
CA THR A 9 -61.10 -2.18 -60.71
C THR A 9 -60.38 -3.38 -60.06
N PRO A 10 -60.87 -4.55 -60.34
CA PRO A 10 -60.26 -5.78 -59.78
C PRO A 10 -58.93 -6.08 -60.45
N THR A 11 -57.87 -6.09 -59.69
CA THR A 11 -56.52 -6.38 -60.28
C THR A 11 -56.06 -7.79 -59.91
N ASP A 12 -56.97 -8.65 -59.52
CA ASP A 12 -56.58 -10.04 -59.14
C ASP A 12 -56.31 -10.87 -60.40
N ASP A 13 -56.96 -10.55 -61.49
CA ASP A 13 -56.74 -11.31 -62.74
C ASP A 13 -55.46 -10.84 -63.43
N ALA A 14 -55.08 -9.61 -63.20
CA ALA A 14 -53.83 -9.08 -63.84
C ALA A 14 -52.61 -9.41 -62.98
N ASN A 15 -52.81 -9.57 -61.69
CA ASN A 15 -51.65 -9.91 -60.80
C ASN A 15 -51.49 -11.42 -60.68
N ALA A 16 -52.13 -12.17 -61.54
CA ALA A 16 -52.00 -13.66 -61.47
C ALA A 16 -51.11 -14.16 -62.62
N ALA A 17 -50.32 -13.29 -63.20
CA ALA A 17 -49.43 -13.72 -64.32
C ALA A 17 -48.20 -14.45 -63.76
N VAL A 18 -47.85 -15.57 -64.36
CA VAL A 18 -46.67 -16.33 -63.87
C VAL A 18 -45.39 -15.83 -64.57
N GLY A 19 -44.67 -14.92 -63.95
CA GLY A 19 -43.43 -14.41 -64.57
C GLY A 19 -43.77 -13.26 -65.54
N GLY A 20 -42.80 -12.74 -66.22
CA GLY A 20 -43.07 -11.61 -67.17
C GLY A 20 -41.88 -11.47 -68.13
N GLN A 21 -40.80 -10.91 -67.67
CA GLN A 21 -39.62 -10.72 -68.55
C GLN A 21 -38.33 -10.65 -67.72
N ASP A 22 -37.34 -11.41 -68.07
CA ASP A 22 -36.06 -11.39 -67.29
C ASP A 22 -35.43 -9.99 -67.36
N THR A 23 -35.67 -9.27 -68.42
CA THR A 23 -35.09 -7.90 -68.54
C THR A 23 -35.99 -6.89 -67.84
N THR A 24 -35.41 -6.06 -67.01
CA THR A 24 -36.23 -5.04 -66.29
C THR A 24 -35.85 -3.63 -66.77
N LYS A 25 -34.66 -3.47 -67.29
CA LYS A 25 -34.24 -2.11 -67.77
C LYS A 25 -35.23 -1.59 -68.82
N PRO A 26 -35.91 -0.52 -68.48
CA PRO A 26 -36.89 0.08 -69.41
C PRO A 26 -36.17 0.79 -70.56
N LYS A 27 -35.23 1.64 -70.25
CA LYS A 27 -34.49 2.37 -71.33
C LYS A 27 -33.17 2.92 -70.77
N GLU A 28 -32.26 2.06 -70.42
CA GLU A 28 -30.95 2.53 -69.88
C GLU A 28 -29.91 2.61 -71.00
N LEU A 29 -30.11 1.89 -72.07
CA LEU A 29 -29.13 1.93 -73.20
C LEU A 29 -29.01 3.36 -73.74
N SER A 30 -30.12 3.96 -74.08
CA SER A 30 -30.07 5.35 -74.62
C SER A 30 -29.54 6.32 -73.56
N LEU A 31 -29.78 6.01 -72.31
CA LEU A 31 -29.28 6.91 -71.22
C LEU A 31 -27.76 6.90 -71.18
N LYS A 32 -27.14 5.87 -71.68
CA LYS A 32 -25.64 5.81 -71.67
C LYS A 32 -25.07 6.71 -72.76
N GLN A 33 -25.80 6.93 -73.81
CA GLN A 33 -25.29 7.81 -74.91
C GLN A 33 -25.10 9.24 -74.40
N SER A 34 -25.99 9.71 -73.57
CA SER A 34 -25.86 11.10 -73.04
C SER A 34 -24.54 11.26 -72.28
N LEU A 35 -24.01 10.18 -71.77
CA LEU A 35 -22.72 10.27 -71.01
C LEU A 35 -21.61 10.82 -71.92
N GLY A 36 -21.74 10.64 -73.20
CA GLY A 36 -20.70 11.14 -74.14
C GLY A 36 -19.56 10.12 -74.23
N PHE A 37 -19.89 8.88 -74.48
CA PHE A 37 -18.84 7.82 -74.58
C PHE A 37 -17.87 8.17 -75.72
N GLU A 38 -16.81 8.87 -75.42
CA GLU A 38 -15.82 9.24 -76.47
C GLU A 38 -14.40 8.85 -76.03
N PRO A 39 -13.53 8.72 -76.99
CA PRO A 39 -12.13 8.34 -76.70
C PRO A 39 -11.37 9.52 -76.07
N ASN A 40 -11.90 10.70 -76.19
CA ASN A 40 -11.21 11.89 -75.59
C ASN A 40 -11.04 11.70 -74.07
N ILE A 41 -12.12 11.62 -73.35
CA ILE A 41 -12.03 11.44 -71.87
C ILE A 41 -11.57 10.01 -71.54
N ASN A 42 -11.81 9.08 -72.41
CA ASN A 42 -11.39 7.67 -72.14
C ASN A 42 -9.88 7.60 -71.88
N ASN A 43 -9.14 8.57 -72.36
CA ASN A 43 -7.66 8.55 -72.14
C ASN A 43 -7.33 9.00 -70.71
N ILE A 44 -8.31 9.40 -69.94
CA ILE A 44 -8.04 9.85 -68.55
C ILE A 44 -7.41 8.71 -67.73
N ILE A 45 -7.82 7.50 -67.98
CA ILE A 45 -7.25 6.35 -67.21
C ILE A 45 -5.78 6.14 -67.59
N SER A 46 -5.39 6.55 -68.78
CA SER A 46 -3.97 6.36 -69.20
C SER A 46 -3.16 7.62 -68.88
N GLY A 47 -2.86 7.85 -67.63
CA GLY A 47 -2.07 9.06 -67.25
C GLY A 47 -1.65 8.96 -65.77
N PRO A 48 -0.64 9.70 -65.42
CA PRO A 48 -0.15 9.70 -64.02
C PRO A 48 -1.13 10.44 -63.11
N GLY A 49 -1.20 10.06 -61.86
CA GLY A 49 -2.12 10.73 -60.92
C GLY A 49 -1.42 11.95 -60.29
N GLY A 50 -2.08 13.08 -60.27
CA GLY A 50 -1.46 14.29 -59.68
C GLY A 50 -1.75 14.34 -58.18
N MET A 51 -0.92 15.01 -57.42
CA MET A 51 -1.15 15.10 -55.94
C MET A 51 -1.32 13.70 -55.34
N HIS A 52 -1.54 13.61 -54.06
CA HIS A 52 -1.72 12.28 -53.41
C HIS A 52 -3.11 12.17 -52.78
N VAL A 53 -3.41 11.06 -52.17
CA VAL A 53 -4.76 10.91 -51.54
C VAL A 53 -4.60 10.40 -50.11
N ASP A 54 -5.29 11.01 -49.18
CA ASP A 54 -5.20 10.58 -47.76
C ASP A 54 -6.60 10.33 -47.18
N THR A 55 -7.12 9.15 -47.37
CA THR A 55 -8.48 8.84 -46.85
C THR A 55 -8.45 8.76 -45.31
N ALA A 56 -7.35 8.33 -44.75
CA ALA A 56 -7.26 8.22 -43.27
C ALA A 56 -7.35 9.61 -42.64
N ARG A 57 -6.89 10.61 -43.34
CA ARG A 57 -6.95 12.01 -42.79
C ARG A 57 -8.40 12.41 -42.54
N LEU A 58 -9.25 12.24 -43.52
CA LEU A 58 -10.68 12.62 -43.34
C LEU A 58 -11.31 11.80 -42.20
N HIS A 59 -10.97 10.55 -42.11
CA HIS A 59 -11.54 9.69 -41.02
C HIS A 59 -11.00 10.15 -39.66
N PRO A 60 -11.70 9.77 -38.62
CA PRO A 60 -11.28 10.14 -37.25
C PRO A 60 -10.03 9.37 -36.83
N LEU A 61 -9.23 9.92 -35.97
CA LEU A 61 -7.99 9.22 -35.52
C LEU A 61 -8.36 7.94 -34.76
N ALA A 62 -7.41 7.34 -34.11
CA ALA A 62 -7.69 6.10 -33.34
C ALA A 62 -8.56 6.43 -32.12
N GLY A 63 -8.35 7.57 -31.52
CA GLY A 63 -9.16 7.94 -30.31
C GLY A 63 -8.57 7.27 -29.07
N LEU A 64 -8.52 5.96 -29.07
CA LEU A 64 -7.96 5.25 -27.89
C LEU A 64 -6.49 5.62 -27.67
N ASP A 65 -5.83 6.08 -28.70
CA ASP A 65 -4.39 6.47 -28.55
C ASP A 65 -4.23 7.53 -27.46
N LYS A 66 -5.28 8.26 -27.15
CA LYS A 66 -5.18 9.31 -26.10
C LYS A 66 -5.30 8.68 -24.71
N GLY A 67 -5.89 7.53 -24.61
CA GLY A 67 -6.04 6.88 -23.28
C GLY A 67 -4.73 6.16 -22.91
N VAL A 68 -4.12 5.49 -23.86
CA VAL A 68 -2.85 4.77 -23.56
C VAL A 68 -1.79 5.75 -23.06
N GLU A 69 -1.93 7.01 -23.36
CA GLU A 69 -0.91 8.01 -22.90
C GLU A 69 -0.91 8.10 -21.38
N TYR A 70 -2.04 8.42 -20.79
CA TYR A 70 -2.11 8.54 -19.30
C TYR A 70 -2.30 7.15 -18.67
N LEU A 71 -2.51 6.14 -19.46
CA LEU A 71 -2.72 4.77 -18.88
C LEU A 71 -1.54 4.40 -17.98
N ASP A 72 -0.35 4.42 -18.50
CA ASP A 72 0.85 4.06 -17.68
C ASP A 72 1.42 5.31 -17.00
N LEU A 73 1.07 6.48 -17.46
CA LEU A 73 1.61 7.72 -16.83
C LEU A 73 0.93 7.99 -15.49
N GLU A 74 -0.37 8.06 -15.47
CA GLU A 74 -1.09 8.33 -14.19
C GLU A 74 -0.95 7.14 -13.23
N GLU A 75 -0.79 5.95 -13.77
CA GLU A 75 -0.65 4.76 -12.89
C GLU A 75 0.57 4.90 -11.99
N GLU A 76 1.60 5.55 -12.47
CA GLU A 76 2.83 5.73 -11.64
C GLU A 76 2.73 7.02 -10.82
N GLN A 77 1.72 7.82 -11.04
CA GLN A 77 1.58 9.09 -10.26
C GLN A 77 1.32 8.79 -8.79
N LEU A 78 0.25 8.08 -8.49
CA LEU A 78 -0.07 7.75 -7.07
C LEU A 78 1.01 6.84 -6.48
N SER A 79 1.74 6.13 -7.31
CA SER A 79 2.81 5.22 -6.79
C SER A 79 3.83 6.03 -5.98
N SER A 80 4.12 7.23 -6.40
CA SER A 80 5.11 8.06 -5.65
C SER A 80 4.42 8.87 -4.55
N LEU A 81 3.12 8.81 -4.47
CA LEU A 81 2.40 9.57 -3.42
C LEU A 81 2.43 8.82 -2.09
N GLU A 82 2.57 7.52 -2.14
CA GLU A 82 2.60 6.72 -0.88
C GLU A 82 3.92 6.99 -0.13
N GLY A 83 4.98 7.24 -0.84
CA GLY A 83 6.29 7.50 -0.16
C GLY A 83 6.98 6.18 0.15
N SER A 84 7.73 5.66 -0.80
CA SER A 84 8.44 4.37 -0.57
C SER A 84 9.83 4.62 0.03
N GLN A 85 10.13 5.85 0.36
CA GLN A 85 11.47 6.15 0.95
C GLN A 85 11.43 6.05 2.48
N GLY A 86 10.39 5.46 3.03
CA GLY A 86 10.29 5.35 4.51
C GLY A 86 11.37 4.39 5.02
N LEU A 87 12.09 4.78 6.04
CA LEU A 87 13.15 3.89 6.59
C LEU A 87 12.52 2.79 7.44
N ILE A 88 12.56 1.56 6.97
CA ILE A 88 11.97 0.45 7.75
C ILE A 88 12.96 -0.71 7.87
N PRO A 89 14.13 -0.40 8.40
CA PRO A 89 15.18 -1.43 8.57
C PRO A 89 14.81 -2.38 9.73
N SER A 90 14.09 -1.89 10.70
CA SER A 90 13.70 -2.75 11.85
C SER A 90 12.87 -3.94 11.36
N ARG A 91 11.99 -3.72 10.42
CA ARG A 91 11.14 -4.83 9.90
C ARG A 91 10.42 -5.55 11.05
N GLY A 92 9.24 -5.11 11.40
CA GLY A 92 8.50 -5.77 12.51
C GLY A 92 8.49 -4.85 13.73
N TRP A 93 9.51 -4.05 13.89
CA TRP A 93 9.57 -3.13 15.06
C TRP A 93 9.68 -1.68 14.58
N THR A 94 8.76 -1.24 13.77
CA THR A 94 8.82 0.16 13.25
C THR A 94 7.42 0.79 13.24
N ASP A 95 6.65 0.56 14.26
CA ASP A 95 5.28 1.15 14.30
C ASP A 95 5.33 2.54 14.97
N ASP A 96 6.18 2.71 15.95
CA ASP A 96 6.27 4.02 16.65
C ASP A 96 7.30 4.91 15.95
N LEU A 97 8.15 4.34 15.12
CA LEU A 97 9.18 5.17 14.42
C LEU A 97 8.53 6.35 13.70
N CYS A 98 7.28 6.23 13.36
CA CYS A 98 6.57 7.35 12.65
C CYS A 98 6.61 8.62 13.51
N TYR A 99 6.30 8.50 14.77
CA TYR A 99 6.32 9.70 15.66
C TYR A 99 7.34 9.51 16.79
N GLY A 100 8.36 8.75 16.55
CA GLY A 100 9.39 8.53 17.61
C GLY A 100 10.78 8.75 17.02
N THR A 101 11.79 8.85 17.86
CA THR A 101 13.17 9.06 17.34
C THR A 101 13.97 7.75 17.41
N GLY A 102 13.33 6.64 17.13
CA GLY A 102 14.04 5.34 17.18
C GLY A 102 14.53 5.08 18.60
N ALA A 103 13.70 5.29 19.58
CA ALA A 103 14.12 5.06 20.99
C ALA A 103 13.86 3.61 21.39
N VAL A 104 12.82 3.02 20.87
CA VAL A 104 12.51 1.59 21.21
C VAL A 104 13.75 0.72 21.02
N TYR A 105 14.40 0.83 19.89
CA TYR A 105 15.64 0.03 19.63
C TYR A 105 16.84 0.67 20.33
N LEU A 106 17.14 1.90 19.98
CA LEU A 106 18.32 2.60 20.59
C LEU A 106 18.20 2.65 22.12
N LEU A 107 17.24 3.38 22.63
CA LEU A 107 17.08 3.48 24.12
C LEU A 107 17.10 2.08 24.75
N GLY A 108 16.63 1.09 24.05
CA GLY A 108 16.63 -0.30 24.61
C GLY A 108 18.05 -0.69 25.02
N LEU A 109 19.05 -0.06 24.42
CA LEU A 109 20.46 -0.40 24.78
C LEU A 109 20.88 0.38 26.03
N GLY A 110 20.63 1.65 26.07
CA GLY A 110 21.02 2.46 27.26
C GLY A 110 20.28 1.94 28.49
N ILE A 111 19.08 1.46 28.32
CA ILE A 111 18.30 0.94 29.48
C ILE A 111 19.08 -0.17 30.18
N GLY A 112 19.96 -0.83 29.48
CA GLY A 112 20.75 -1.93 30.12
C GLY A 112 21.90 -1.32 30.95
N GLY A 113 22.49 -0.27 30.46
CA GLY A 113 23.62 0.36 31.22
C GLY A 113 23.07 1.05 32.47
N PHE A 114 21.86 1.51 32.42
CA PHE A 114 21.27 2.19 33.62
C PHE A 114 20.58 1.18 34.53
N SER A 115 19.72 0.36 33.97
CA SER A 115 19.01 -0.66 34.81
C SER A 115 20.02 -1.60 35.47
N GLY A 116 21.15 -1.81 34.86
CA GLY A 116 22.17 -2.72 35.45
C GLY A 116 22.82 -2.05 36.65
N MET A 117 23.15 -0.78 36.52
CA MET A 117 23.80 -0.06 37.66
C MET A 117 22.92 -0.14 38.93
N MET A 118 21.65 -0.43 38.76
CA MET A 118 20.74 -0.53 39.95
C MET A 118 21.34 -1.46 41.00
N GLN A 119 21.69 -2.67 40.62
CA GLN A 119 22.27 -3.61 41.61
C GLN A 119 23.77 -3.36 41.76
N GLY A 120 24.41 -2.87 40.73
CA GLY A 120 25.88 -2.59 40.82
C GLY A 120 26.13 -1.52 41.88
N LEU A 121 25.16 -0.68 42.14
CA LEU A 121 25.35 0.40 43.16
C LEU A 121 25.74 -0.23 44.51
N GLN A 122 25.26 -1.41 44.79
CA GLN A 122 25.61 -2.06 46.08
C GLN A 122 26.80 -3.01 45.90
N ASN A 123 27.54 -2.86 44.83
CA ASN A 123 28.72 -3.75 44.60
C ASN A 123 30.01 -3.03 44.98
N ILE A 124 30.11 -1.75 44.69
CA ILE A 124 31.35 -1.00 45.04
C ILE A 124 31.63 -1.10 46.54
N PRO A 125 32.89 -1.00 46.90
CA PRO A 125 33.28 -1.09 48.33
C PRO A 125 32.89 0.19 49.07
N PRO A 126 32.43 0.04 50.29
CA PRO A 126 32.02 1.21 51.10
C PRO A 126 33.24 1.99 51.57
N ASN A 127 33.80 2.82 50.73
CA ASN A 127 35.00 3.60 51.14
C ASN A 127 34.59 5.02 51.56
N SER A 128 33.40 5.17 52.08
CA SER A 128 32.94 6.52 52.51
C SER A 128 33.71 6.97 53.77
N PRO A 129 33.87 8.26 53.91
CA PRO A 129 34.59 8.80 55.09
C PRO A 129 33.73 8.68 56.35
N GLY A 130 34.28 8.14 57.40
CA GLY A 130 33.50 7.99 58.66
C GLY A 130 34.46 7.64 59.81
N LYS A 131 35.24 8.60 60.24
CA LYS A 131 36.19 8.33 61.36
C LYS A 131 35.62 8.85 62.68
N LEU A 132 34.89 9.93 62.62
CA LEU A 132 34.29 10.51 63.87
C LEU A 132 33.35 9.50 64.52
N GLN A 133 32.66 8.73 63.72
CA GLN A 133 31.71 7.72 64.29
C GLN A 133 32.35 6.32 64.29
N LEU A 134 33.66 6.26 64.19
CA LEU A 134 34.33 4.93 64.18
C LEU A 134 34.52 4.41 65.62
N ASN A 135 34.89 5.27 66.52
CA ASN A 135 35.08 4.81 67.93
C ASN A 135 33.73 4.43 68.56
N THR A 136 32.66 5.01 68.09
CA THR A 136 31.32 4.68 68.66
C THR A 136 30.93 3.25 68.29
N VAL A 137 31.53 2.70 67.26
CA VAL A 137 31.19 1.31 66.84
C VAL A 137 31.45 0.34 68.00
N LEU A 138 32.34 0.67 68.90
CA LEU A 138 32.64 -0.24 70.04
C LEU A 138 31.40 -0.39 70.92
N ASN A 139 30.59 0.63 71.01
CA ASN A 139 29.37 0.55 71.85
C ASN A 139 28.29 -0.26 71.13
N HIS A 140 27.94 0.12 69.93
CA HIS A 140 26.89 -0.62 69.18
C HIS A 140 27.10 -0.43 67.67
N ILE A 141 26.74 -1.42 66.89
CA ILE A 141 26.92 -1.31 65.41
C ILE A 141 25.76 -0.51 64.80
N THR A 142 26.06 0.47 63.99
CA THR A 142 24.98 1.29 63.36
C THR A 142 24.07 0.40 62.52
N LYS A 143 23.02 0.95 61.97
CA LYS A 143 22.08 0.14 61.13
C LYS A 143 21.62 -1.11 61.90
N ARG A 144 20.58 -0.98 62.67
CA ARG A 144 20.09 -2.16 63.46
C ARG A 144 19.36 -3.13 62.53
N GLY A 145 18.73 -2.65 61.50
CA GLY A 145 18.01 -3.55 60.56
C GLY A 145 19.02 -4.31 59.70
N PRO A 146 18.92 -5.62 59.71
CA PRO A 146 19.84 -6.45 58.90
C PRO A 146 19.50 -6.34 57.41
N PHE A 147 20.50 -6.29 56.56
CA PHE A 147 20.23 -6.19 55.10
C PHE A 147 19.29 -5.02 54.80
N LEU A 148 19.65 -3.83 55.21
CA LEU A 148 18.77 -2.65 54.96
C LEU A 148 19.05 -2.08 53.56
N GLY A 149 18.06 -2.13 52.69
CA GLY A 149 18.26 -1.60 51.31
C GLY A 149 17.04 -1.91 50.46
N ASN A 150 15.86 -1.62 50.96
CA ASN A 150 14.62 -1.91 50.17
C ASN A 150 14.40 -0.83 49.11
N ASN A 151 14.90 0.35 49.35
CA ASN A 151 14.72 1.45 48.35
C ASN A 151 15.37 1.08 47.02
N ALA A 152 16.42 0.29 47.06
CA ALA A 152 17.09 -0.12 45.80
C ALA A 152 16.17 -1.00 44.95
N GLY A 153 15.30 -1.74 45.59
CA GLY A 153 14.37 -2.62 44.83
C GLY A 153 13.14 -1.81 44.40
N ILE A 154 12.77 -0.83 45.17
CA ILE A 154 11.57 -0.01 44.81
C ILE A 154 11.94 0.99 43.71
N LEU A 155 13.18 1.39 43.64
CA LEU A 155 13.59 2.36 42.59
C LEU A 155 13.41 1.75 41.20
N ALA A 156 13.52 0.44 41.10
CA ALA A 156 13.34 -0.21 39.77
C ALA A 156 11.87 -0.18 39.34
N LEU A 157 10.99 0.19 40.23
CA LEU A 157 9.54 0.25 39.85
C LEU A 157 9.19 1.61 39.26
N SER A 158 9.74 2.67 39.80
CA SER A 158 9.44 4.03 39.27
C SER A 158 10.21 4.26 37.97
N TYR A 159 11.36 3.67 37.83
CA TYR A 159 12.15 3.87 36.57
C TYR A 159 11.37 3.36 35.36
N ASN A 160 10.38 2.53 35.57
CA ASN A 160 9.59 2.01 34.43
C ASN A 160 8.42 2.94 34.11
N ILE A 161 7.73 3.43 35.11
CA ILE A 161 6.59 4.34 34.87
C ILE A 161 7.08 5.66 34.26
N ILE A 162 8.18 6.17 34.74
CA ILE A 162 8.71 7.45 34.19
C ILE A 162 9.11 7.28 32.72
N ASN A 163 9.45 6.08 32.33
CA ASN A 163 9.85 5.84 30.91
C ASN A 163 8.62 5.49 30.07
N SER A 164 7.55 5.08 30.69
CA SER A 164 6.32 4.73 29.92
C SER A 164 5.81 5.93 29.13
N THR A 165 6.23 7.12 29.48
CA THR A 165 5.76 8.33 28.75
C THR A 165 6.45 8.41 27.38
N ILE A 166 7.75 8.38 27.35
CA ILE A 166 8.47 8.46 26.05
C ILE A 166 7.94 7.38 25.10
N ASP A 167 7.55 6.26 25.64
CA ASP A 167 7.02 5.16 24.80
C ASP A 167 5.50 5.26 24.64
N ALA A 168 4.82 5.77 25.65
CA ALA A 168 3.33 5.90 25.56
C ALA A 168 2.92 6.57 24.24
N LEU A 169 3.66 7.56 23.83
CA LEU A 169 3.33 8.25 22.55
C LEU A 169 3.93 7.50 21.35
N ARG A 170 4.27 6.26 21.50
CA ARG A 170 4.87 5.49 20.36
C ARG A 170 3.96 5.55 19.13
N GLY A 171 2.75 5.08 19.23
CA GLY A 171 1.84 5.12 18.05
C GLY A 171 0.49 4.49 18.40
N LYS A 172 0.03 3.56 17.61
CA LYS A 172 -1.29 2.92 17.89
C LYS A 172 -1.16 1.39 17.78
N HIS A 173 -1.05 0.71 18.90
CA HIS A 173 -0.93 -0.78 18.86
C HIS A 173 -2.17 -1.45 19.44
N ASP A 174 -2.56 -2.57 18.90
CA ASP A 174 -3.76 -3.30 19.41
C ASP A 174 -3.42 -4.77 19.64
N THR A 175 -2.22 -5.04 20.09
CA THR A 175 -1.77 -6.45 20.31
C THR A 175 -2.83 -7.30 21.04
N ALA A 176 -2.76 -7.42 22.35
CA ALA A 176 -3.75 -8.28 23.06
C ALA A 176 -4.07 -7.75 24.46
N GLY A 177 -5.18 -7.08 24.62
CA GLY A 177 -5.56 -6.59 25.98
C GLY A 177 -6.22 -7.74 26.76
N SER A 178 -6.71 -8.73 26.05
CA SER A 178 -7.37 -9.88 26.71
C SER A 178 -6.32 -10.90 27.19
N ILE A 179 -5.12 -10.83 26.66
CA ILE A 179 -4.05 -11.79 27.09
C ILE A 179 -3.47 -11.36 28.45
N GLY A 180 -3.69 -10.15 28.84
CA GLY A 180 -3.15 -9.66 30.15
C GLY A 180 -3.51 -10.64 31.28
N ALA A 181 -4.55 -11.41 31.11
CA ALA A 181 -4.93 -12.38 32.20
C ALA A 181 -4.00 -13.60 32.21
N GLY A 182 -3.91 -14.30 31.11
CA GLY A 182 -3.04 -15.51 31.05
C GLY A 182 -1.63 -15.20 31.58
N ALA A 183 -1.22 -13.95 31.52
CA ALA A 183 0.14 -13.59 32.01
C ALA A 183 0.12 -13.34 33.53
N LEU A 184 -1.03 -13.14 34.10
CA LEU A 184 -1.10 -12.89 35.58
C LEU A 184 -0.69 -14.14 36.36
N THR A 185 -1.45 -15.20 36.26
CA THR A 185 -1.10 -16.45 37.02
C THR A 185 0.30 -16.92 36.63
N GLY A 186 0.78 -16.52 35.48
CA GLY A 186 2.15 -16.97 35.05
C GLY A 186 3.18 -16.43 36.03
N ALA A 187 2.94 -15.29 36.62
CA ALA A 187 3.91 -14.72 37.60
C ALA A 187 3.61 -15.20 39.01
N LEU A 188 2.40 -15.62 39.26
CA LEU A 188 2.04 -16.12 40.63
C LEU A 188 2.90 -17.31 41.00
N PHE A 189 2.84 -18.37 40.24
CA PHE A 189 3.65 -19.58 40.55
C PHE A 189 5.15 -19.27 40.41
N LYS A 190 5.49 -18.22 39.71
CA LYS A 190 6.93 -17.88 39.53
C LYS A 190 7.59 -17.62 40.89
N SER A 191 6.83 -17.16 41.85
CA SER A 191 7.40 -16.89 43.19
C SER A 191 6.63 -17.67 44.26
N SER A 192 7.33 -18.18 45.25
CA SER A 192 6.65 -18.95 46.33
C SER A 192 7.58 -19.15 47.52
N LYS A 193 8.42 -18.18 47.79
CA LYS A 193 9.36 -18.32 48.94
C LYS A 193 8.62 -18.09 50.26
N GLY A 194 7.55 -17.35 50.23
CA GLY A 194 6.78 -17.09 51.48
C GLY A 194 5.60 -16.17 51.17
N LEU A 195 5.74 -14.90 51.43
CA LEU A 195 4.62 -13.94 51.15
C LEU A 195 4.43 -13.82 49.64
N LYS A 196 3.46 -13.03 49.22
CA LYS A 196 3.22 -12.86 47.75
C LYS A 196 3.84 -11.55 47.26
N PRO A 197 5.00 -11.65 46.65
CA PRO A 197 5.68 -10.44 46.12
C PRO A 197 4.95 -9.92 44.89
N MET A 198 4.26 -10.77 44.17
CA MET A 198 3.53 -10.31 42.96
C MET A 198 2.52 -9.23 43.32
N GLY A 199 2.11 -9.17 44.56
CA GLY A 199 1.12 -8.14 44.97
C GLY A 199 1.67 -6.74 44.67
N TYR A 200 2.94 -6.53 44.92
CA TYR A 200 3.54 -5.19 44.64
C TYR A 200 4.07 -5.15 43.21
N SER A 201 4.43 -6.28 42.66
CA SER A 201 4.95 -6.30 41.26
C SER A 201 3.80 -6.25 40.26
N SER A 202 2.64 -6.71 40.65
CA SER A 202 1.47 -6.68 39.71
C SER A 202 1.20 -5.25 39.28
N ALA A 203 1.33 -4.31 40.18
CA ALA A 203 1.08 -2.89 39.82
C ALA A 203 1.98 -2.48 38.64
N MET A 204 3.10 -3.15 38.49
CA MET A 204 4.02 -2.81 37.37
C MET A 204 3.44 -3.32 36.05
N VAL A 205 3.06 -4.57 36.01
CA VAL A 205 2.48 -5.13 34.74
C VAL A 205 1.07 -4.55 34.55
N ALA A 206 0.38 -4.25 35.63
CA ALA A 206 -0.99 -3.68 35.50
C ALA A 206 -0.95 -2.35 34.76
N ALA A 207 0.03 -1.53 35.07
CA ALA A 207 0.13 -0.21 34.37
C ALA A 207 0.33 -0.44 32.87
N ALA A 208 0.96 -1.52 32.51
CA ALA A 208 1.19 -1.82 31.06
C ALA A 208 -0.15 -1.90 30.34
N CYS A 209 -1.19 -2.30 31.04
CA CYS A 209 -2.53 -2.41 30.40
C CYS A 209 -2.96 -1.03 29.89
N ALA A 210 -2.67 0.00 30.64
CA ALA A 210 -3.07 1.37 30.21
C ALA A 210 -2.33 1.76 28.92
N VAL A 211 -1.04 1.61 28.89
CA VAL A 211 -0.26 1.97 27.66
C VAL A 211 -0.78 1.16 26.47
N TRP A 212 -0.93 -0.12 26.63
CA TRP A 212 -1.45 -0.96 25.50
C TRP A 212 -2.92 -0.64 25.24
N CYS A 213 -3.71 -0.56 26.28
CA CYS A 213 -5.15 -0.22 26.09
C CYS A 213 -5.26 1.14 25.39
N SER A 214 -4.20 1.92 25.43
CA SER A 214 -4.22 3.25 24.76
C SER A 214 -4.73 3.11 23.33
N VAL A 215 -4.74 1.90 22.80
CA VAL A 215 -5.24 1.66 21.41
C VAL A 215 -6.55 2.41 21.16
N LYS A 216 -7.32 2.63 22.19
CA LYS A 216 -8.61 3.36 22.02
C LYS A 216 -8.35 4.79 21.54
N LYS A 217 -8.71 5.08 20.31
CA LYS A 217 -8.47 6.46 19.77
C LYS A 217 -9.82 7.16 19.54
N ARG A 218 -9.80 8.45 19.32
CA ARG A 218 -11.06 9.20 19.09
C ARG A 218 -11.79 8.63 17.85
N LEU A 219 -11.07 8.01 16.96
CA LEU A 219 -11.71 7.44 15.74
C LEU A 219 -12.58 6.24 16.11
N LEU A 220 -12.45 5.73 17.31
CA LEU A 220 -13.27 4.56 17.74
C LEU A 220 -14.77 4.86 17.56
N GLU A 221 -15.21 5.98 18.07
CA GLU A 221 -16.65 6.33 17.93
C GLU A 221 -16.90 7.09 16.63
N LYS A 222 -17.95 6.77 15.92
CA LYS A 222 -18.25 7.47 14.64
C LYS A 222 -18.88 8.84 14.91
N MET B 1 -57.20 54.42 -64.05
CA MET B 1 -57.36 55.38 -65.17
C MET B 1 -56.31 55.11 -66.25
N SER B 2 -55.06 55.27 -65.93
CA SER B 2 -53.99 55.03 -66.94
C SER B 2 -52.73 54.50 -66.24
N TRP B 3 -52.89 53.63 -65.29
CA TRP B 3 -51.70 53.07 -64.58
C TRP B 3 -51.31 51.71 -65.16
N LEU B 4 -51.79 51.39 -66.34
CA LEU B 4 -51.43 50.09 -66.96
C LEU B 4 -49.95 50.06 -67.32
N PHE B 5 -49.39 51.20 -67.64
CA PHE B 5 -47.94 51.24 -68.00
C PHE B 5 -47.09 50.95 -66.77
N GLY B 6 -47.64 51.10 -65.59
CA GLY B 6 -46.85 50.83 -64.35
C GLY B 6 -46.33 52.14 -63.77
N ASP B 7 -47.19 53.10 -63.59
CA ASP B 7 -46.75 54.41 -63.03
C ASP B 7 -46.10 54.20 -61.66
N LYS B 8 -45.20 55.07 -61.28
CA LYS B 8 -44.52 54.92 -59.96
C LYS B 8 -45.53 55.10 -58.82
N THR B 9 -45.09 54.93 -57.59
CA THR B 9 -46.04 55.09 -56.44
C THR B 9 -46.49 56.55 -56.33
N PRO B 10 -47.76 56.77 -56.56
CA PRO B 10 -48.31 58.16 -56.47
C PRO B 10 -48.39 58.61 -55.02
N THR B 11 -47.90 59.78 -54.72
CA THR B 11 -47.95 60.28 -53.32
C THR B 11 -49.20 61.15 -53.11
N ASP B 12 -49.70 61.76 -54.15
CA ASP B 12 -50.91 62.62 -54.02
C ASP B 12 -52.08 61.80 -53.46
N ASP B 13 -52.09 60.51 -53.70
CA ASP B 13 -53.20 59.66 -53.19
C ASP B 13 -53.20 59.67 -51.66
N ALA B 14 -52.15 59.20 -51.05
CA ALA B 14 -52.10 59.18 -49.55
C ALA B 14 -52.16 60.61 -49.02
N ASN B 15 -51.59 61.55 -49.72
CA ASN B 15 -51.62 62.96 -49.24
C ASN B 15 -53.06 63.44 -49.10
N ALA B 16 -53.91 63.08 -50.01
CA ALA B 16 -55.34 63.52 -49.94
C ALA B 16 -56.01 62.91 -48.71
N ALA B 17 -55.98 61.61 -48.58
CA ALA B 17 -56.62 60.95 -47.41
C ALA B 17 -55.54 60.28 -46.53
N VAL B 18 -55.37 60.76 -45.33
CA VAL B 18 -54.34 60.16 -44.43
C VAL B 18 -54.88 60.08 -43.00
N GLY B 19 -54.59 59.00 -42.31
CA GLY B 19 -55.09 58.85 -40.90
C GLY B 19 -53.94 58.44 -39.99
N GLY B 20 -54.21 58.18 -38.75
CA GLY B 20 -53.13 57.76 -37.81
C GLY B 20 -53.44 58.30 -36.41
N GLN B 21 -54.30 57.62 -35.68
CA GLN B 21 -54.65 58.09 -34.31
C GLN B 21 -55.15 59.54 -34.34
N ASP B 22 -55.04 60.24 -33.24
CA ASP B 22 -55.50 61.66 -33.21
C ASP B 22 -54.54 62.55 -34.00
N THR B 23 -53.29 62.17 -34.09
CA THR B 23 -52.31 63.01 -34.84
C THR B 23 -52.38 62.68 -36.34
N THR B 24 -51.86 63.55 -37.16
CA THR B 24 -51.90 63.30 -38.63
C THR B 24 -50.48 63.25 -39.21
N LYS B 25 -49.54 63.92 -38.56
CA LYS B 25 -48.14 63.91 -39.08
C LYS B 25 -47.61 62.46 -39.16
N PRO B 26 -47.39 62.00 -40.37
CA PRO B 26 -46.87 60.63 -40.57
C PRO B 26 -45.40 60.54 -40.17
N LYS B 27 -44.61 61.51 -40.56
CA LYS B 27 -43.16 61.50 -40.20
C LYS B 27 -42.52 60.17 -40.62
N GLU B 28 -42.79 59.73 -41.82
CA GLU B 28 -42.20 58.44 -42.29
C GLU B 28 -40.77 58.66 -42.82
N LEU B 29 -40.54 59.75 -43.48
CA LEU B 29 -39.18 60.03 -44.02
C LEU B 29 -38.39 60.90 -43.06
N SER B 30 -39.06 61.73 -42.30
CA SER B 30 -38.34 62.62 -41.34
C SER B 30 -37.55 61.77 -40.34
N LEU B 31 -38.03 60.59 -40.03
CA LEU B 31 -37.31 59.71 -39.06
C LEU B 31 -36.21 58.92 -39.78
N LYS B 32 -36.03 59.14 -41.06
CA LYS B 32 -34.97 58.38 -41.80
C LYS B 32 -33.58 58.79 -41.28
N GLN B 33 -33.29 60.06 -41.28
CA GLN B 33 -31.96 60.51 -40.79
C GLN B 33 -31.98 60.67 -39.26
N SER B 34 -33.14 60.88 -38.69
CA SER B 34 -33.22 61.04 -37.21
C SER B 34 -32.71 59.78 -36.51
N LEU B 35 -32.84 58.64 -37.14
CA LEU B 35 -32.37 57.37 -36.51
C LEU B 35 -30.83 57.40 -36.36
N GLY B 36 -30.15 57.97 -37.32
CA GLY B 36 -28.67 58.02 -37.24
C GLY B 36 -28.07 56.86 -38.04
N PHE B 37 -28.69 56.50 -39.13
CA PHE B 37 -28.16 55.39 -39.96
C PHE B 37 -27.71 55.90 -41.32
N GLU B 38 -26.42 55.91 -41.57
CA GLU B 38 -25.92 56.40 -42.88
C GLU B 38 -25.62 55.22 -43.82
N PRO B 39 -25.95 55.40 -45.08
CA PRO B 39 -25.72 54.32 -46.08
C PRO B 39 -24.23 54.22 -46.41
N ASN B 40 -23.56 55.33 -46.54
CA ASN B 40 -22.11 55.29 -46.87
C ASN B 40 -21.33 54.52 -45.79
N ILE B 41 -21.69 54.70 -44.56
CA ILE B 41 -20.98 53.98 -43.46
C ILE B 41 -21.23 52.47 -43.57
N ASN B 42 -22.30 52.08 -44.18
CA ASN B 42 -22.60 50.62 -44.32
C ASN B 42 -21.70 49.99 -45.36
N ASN B 43 -21.17 50.78 -46.27
CA ASN B 43 -20.27 50.21 -47.33
C ASN B 43 -18.86 50.01 -46.78
N ILE B 44 -18.39 50.95 -46.00
CA ILE B 44 -17.01 50.81 -45.43
C ILE B 44 -16.95 49.64 -44.43
N ILE B 45 -18.08 49.23 -43.92
CA ILE B 45 -18.08 48.10 -42.95
C ILE B 45 -18.34 46.77 -43.68
N SER B 46 -18.94 46.83 -44.83
CA SER B 46 -19.22 45.58 -45.60
C SER B 46 -18.12 45.32 -46.62
N GLY B 47 -16.88 45.35 -46.20
CA GLY B 47 -15.76 45.11 -47.16
C GLY B 47 -15.68 43.61 -47.46
N PRO B 48 -14.47 43.10 -47.50
CA PRO B 48 -14.27 41.66 -47.80
C PRO B 48 -14.71 40.80 -46.61
N GLY B 49 -15.56 39.84 -46.84
CA GLY B 49 -16.03 38.97 -45.72
C GLY B 49 -15.93 37.50 -46.13
N GLY B 50 -14.77 36.92 -46.01
CA GLY B 50 -14.61 35.48 -46.40
C GLY B 50 -15.30 34.60 -45.37
N MET B 51 -16.17 33.72 -45.80
CA MET B 51 -16.88 32.83 -44.85
C MET B 51 -16.87 31.38 -45.37
N HIS B 52 -16.61 30.44 -44.50
CA HIS B 52 -16.59 29.01 -44.92
C HIS B 52 -17.16 28.11 -43.83
N VAL B 53 -18.15 27.32 -44.16
CA VAL B 53 -18.75 26.41 -43.14
C VAL B 53 -18.73 24.97 -43.62
N ASP B 54 -18.36 24.04 -42.78
CA ASP B 54 -18.32 22.61 -43.21
C ASP B 54 -19.31 21.79 -42.39
N THR B 55 -19.97 20.84 -43.01
CA THR B 55 -20.95 20.00 -42.27
C THR B 55 -20.24 18.85 -41.55
N ALA B 56 -19.18 18.35 -42.13
CA ALA B 56 -18.43 17.23 -41.48
C ALA B 56 -17.72 17.72 -40.23
N ARG B 57 -17.27 18.95 -40.24
CA ARG B 57 -16.56 19.50 -39.04
C ARG B 57 -17.53 19.68 -37.88
N LEU B 58 -18.80 19.69 -38.15
CA LEU B 58 -19.82 19.86 -37.06
C LEU B 58 -19.63 18.78 -35.99
N HIS B 59 -19.28 17.59 -36.40
CA HIS B 59 -19.08 16.49 -35.39
C HIS B 59 -17.83 16.77 -34.55
N PRO B 60 -18.03 16.87 -33.25
CA PRO B 60 -16.90 17.14 -32.34
C PRO B 60 -16.02 15.90 -32.19
N LEU B 61 -14.78 16.07 -31.83
CA LEU B 61 -13.88 14.90 -31.67
C LEU B 61 -14.08 14.25 -30.29
N ALA B 62 -14.64 13.07 -30.26
CA ALA B 62 -14.87 12.38 -28.96
C ALA B 62 -13.78 11.34 -28.71
N GLY B 63 -12.61 11.54 -29.27
CA GLY B 63 -11.50 10.57 -29.05
C GLY B 63 -10.62 11.03 -27.90
N LEU B 64 -10.45 12.32 -27.75
CA LEU B 64 -9.60 12.84 -26.65
C LEU B 64 -10.20 12.46 -25.28
N ASP B 65 -11.46 12.10 -25.26
CA ASP B 65 -12.10 11.72 -23.96
C ASP B 65 -11.31 10.59 -23.29
N LYS B 66 -10.61 9.81 -24.07
CA LYS B 66 -9.82 8.68 -23.47
C LYS B 66 -8.63 9.24 -22.67
N GLY B 67 -8.13 10.38 -23.06
CA GLY B 67 -6.97 10.98 -22.32
C GLY B 67 -7.47 11.62 -21.02
N VAL B 68 -8.43 12.50 -21.12
CA VAL B 68 -8.96 13.16 -19.89
C VAL B 68 -9.64 12.14 -18.98
N GLU B 69 -10.04 11.02 -19.53
CA GLU B 69 -10.72 9.98 -18.70
C GLU B 69 -9.67 9.15 -17.95
N TYR B 70 -8.65 8.70 -18.63
CA TYR B 70 -7.60 7.88 -17.97
C TYR B 70 -6.92 8.69 -16.86
N LEU B 71 -7.05 9.99 -16.91
CA LEU B 71 -6.40 10.84 -15.86
C LEU B 71 -6.84 10.39 -14.46
N ASP B 72 -8.11 10.40 -14.20
CA ASP B 72 -8.60 9.98 -12.85
C ASP B 72 -8.88 8.47 -12.80
N LEU B 73 -8.78 7.79 -13.92
CA LEU B 73 -9.05 6.33 -13.93
C LEU B 73 -7.77 5.54 -13.64
N GLU B 74 -6.62 6.12 -13.89
CA GLU B 74 -5.35 5.40 -13.63
C GLU B 74 -4.86 5.65 -12.20
N GLU B 75 -4.86 6.90 -11.78
CA GLU B 75 -4.39 7.22 -10.40
C GLU B 75 -5.21 6.44 -9.36
N GLU B 76 -6.38 5.99 -9.72
CA GLU B 76 -7.22 5.24 -8.76
C GLU B 76 -6.89 3.74 -8.81
N GLN B 77 -6.29 3.29 -9.88
CA GLN B 77 -5.95 1.84 -9.99
C GLN B 77 -4.98 1.44 -8.87
N LEU B 78 -3.81 2.02 -8.86
CA LEU B 78 -2.83 1.67 -7.79
C LEU B 78 -3.37 2.06 -6.41
N SER B 79 -4.24 3.03 -6.36
CA SER B 79 -4.81 3.45 -5.04
C SER B 79 -5.54 2.28 -4.38
N SER B 80 -6.36 1.58 -5.12
CA SER B 80 -7.10 0.43 -4.53
C SER B 80 -6.19 -0.80 -4.45
N LEU B 81 -5.17 -0.85 -5.27
CA LEU B 81 -4.25 -2.04 -5.24
C LEU B 81 -3.64 -2.19 -3.85
N GLU B 82 -3.41 -1.11 -3.16
CA GLU B 82 -2.81 -1.19 -1.80
C GLU B 82 -3.74 -1.96 -0.86
N GLY B 83 -5.03 -1.92 -1.11
CA GLY B 83 -5.98 -2.66 -0.24
C GLY B 83 -6.54 -3.86 -1.00
N SER B 84 -5.95 -5.01 -0.82
CA SER B 84 -6.44 -6.23 -1.55
C SER B 84 -7.59 -6.88 -0.76
N GLN B 85 -7.32 -7.31 0.45
CA GLN B 85 -8.40 -7.95 1.26
C GLN B 85 -9.04 -6.92 2.19
N GLY B 86 -8.25 -6.04 2.76
CA GLY B 86 -8.82 -5.01 3.67
C GLY B 86 -7.73 -4.49 4.61
N LEU B 87 -6.76 -5.32 4.92
CA LEU B 87 -5.66 -4.88 5.83
C LEU B 87 -4.42 -5.74 5.63
N ILE B 88 -3.26 -5.24 5.97
CA ILE B 88 -2.02 -6.04 5.80
C ILE B 88 -1.82 -6.98 7.00
N PRO B 89 -1.50 -8.21 6.71
CA PRO B 89 -1.29 -9.21 7.79
C PRO B 89 0.02 -8.93 8.53
N SER B 90 0.99 -8.36 7.86
CA SER B 90 2.29 -8.06 8.52
C SER B 90 2.07 -7.24 9.80
N ARG B 91 1.01 -6.50 9.85
CA ARG B 91 0.74 -5.67 11.07
C ARG B 91 0.13 -6.55 12.17
N GLY B 92 0.54 -6.34 13.39
CA GLY B 92 -0.01 -7.16 14.51
C GLY B 92 1.05 -8.16 14.97
N TRP B 93 2.31 -7.80 14.89
CA TRP B 93 3.39 -8.72 15.32
C TRP B 93 3.27 -10.07 14.58
N THR B 94 2.76 -10.04 13.38
CA THR B 94 2.61 -11.32 12.62
C THR B 94 3.33 -11.22 11.27
N ASP B 95 4.54 -10.73 11.27
CA ASP B 95 5.29 -10.62 9.98
C ASP B 95 5.52 -12.02 9.38
N ASP B 96 5.62 -13.01 10.22
CA ASP B 96 5.84 -14.40 9.72
C ASP B 96 4.52 -14.99 9.19
N LEU B 97 3.41 -14.40 9.53
CA LEU B 97 2.09 -14.93 9.07
C LEU B 97 2.11 -15.17 7.55
N CYS B 98 2.93 -14.44 6.84
CA CYS B 98 3.01 -14.64 5.36
C CYS B 98 3.37 -16.09 5.03
N TYR B 99 4.36 -16.63 5.70
CA TYR B 99 4.77 -18.04 5.45
C TYR B 99 4.63 -18.86 6.72
N GLY B 100 3.76 -18.46 7.61
CA GLY B 100 3.57 -19.23 8.88
C GLY B 100 2.12 -19.11 9.34
N THR B 101 1.90 -19.18 10.62
CA THR B 101 0.50 -19.07 11.15
C THR B 101 0.37 -17.90 12.12
N GLY B 102 1.41 -17.63 12.87
CA GLY B 102 1.35 -16.49 13.84
C GLY B 102 1.07 -17.02 15.24
N ALA B 103 1.79 -18.03 15.67
CA ALA B 103 1.56 -18.60 17.02
C ALA B 103 2.30 -17.77 18.08
N VAL B 104 3.12 -16.83 17.67
CA VAL B 104 3.87 -16.00 18.65
C VAL B 104 2.92 -15.40 19.69
N TYR B 105 1.72 -15.05 19.30
CA TYR B 105 0.75 -14.48 20.28
C TYR B 105 0.12 -15.60 21.11
N LEU B 106 -0.55 -16.51 20.47
CA LEU B 106 -1.21 -17.64 21.21
C LEU B 106 -0.17 -18.47 21.95
N LEU B 107 0.80 -19.00 21.24
CA LEU B 107 1.85 -19.83 21.91
C LEU B 107 2.45 -19.09 23.10
N GLY B 108 2.49 -17.78 23.04
CA GLY B 108 3.06 -17.00 24.17
C GLY B 108 2.12 -17.09 25.38
N LEU B 109 0.85 -17.33 25.14
CA LEU B 109 -0.11 -17.44 26.27
C LEU B 109 0.11 -18.75 27.03
N GLY B 110 0.18 -19.85 26.32
CA GLY B 110 0.39 -21.16 26.99
C GLY B 110 1.70 -21.13 27.77
N ILE B 111 2.65 -20.36 27.32
CA ILE B 111 3.96 -20.29 28.04
C ILE B 111 3.76 -19.75 29.45
N GLY B 112 2.84 -18.83 29.62
CA GLY B 112 2.60 -18.26 30.98
C GLY B 112 2.04 -19.35 31.90
N GLY B 113 1.45 -20.37 31.35
CA GLY B 113 0.88 -21.45 32.20
C GLY B 113 1.98 -22.41 32.63
N PHE B 114 2.89 -22.73 31.74
CA PHE B 114 4.01 -23.66 32.10
C PHE B 114 5.17 -22.89 32.72
N SER B 115 5.39 -21.68 32.30
CA SER B 115 6.51 -20.87 32.86
C SER B 115 6.31 -20.65 34.36
N GLY B 116 5.08 -20.65 34.81
CA GLY B 116 4.82 -20.44 36.26
C GLY B 116 4.81 -21.79 36.99
N MET B 117 4.26 -22.80 36.36
CA MET B 117 4.21 -24.14 37.01
C MET B 117 5.62 -24.60 37.41
N MET B 118 6.63 -24.06 36.79
CA MET B 118 8.03 -24.46 37.14
C MET B 118 8.26 -24.33 38.65
N GLN B 119 8.05 -23.16 39.19
CA GLN B 119 8.25 -22.96 40.66
C GLN B 119 7.02 -23.42 41.43
N GLY B 120 5.87 -23.43 40.79
CA GLY B 120 4.63 -23.87 41.48
C GLY B 120 4.66 -25.38 41.69
N LEU B 121 5.59 -26.07 41.09
CA LEU B 121 5.66 -27.56 41.25
C LEU B 121 5.77 -27.91 42.74
N GLN B 122 6.32 -27.04 43.54
CA GLN B 122 6.44 -27.33 45.00
C GLN B 122 5.14 -27.00 45.71
N ASN B 123 4.36 -26.10 45.18
CA ASN B 123 3.08 -25.73 45.83
C ASN B 123 2.06 -26.86 45.66
N ILE B 124 2.02 -27.46 44.50
CA ILE B 124 1.06 -28.58 44.27
C ILE B 124 1.50 -29.84 45.02
N PRO B 125 0.55 -30.69 45.33
CA PRO B 125 0.86 -31.95 46.05
C PRO B 125 1.57 -32.94 45.12
N PRO B 126 2.37 -33.79 45.71
CA PRO B 126 3.12 -34.81 44.93
C PRO B 126 2.17 -35.90 44.42
N ASN B 127 1.51 -35.67 43.31
CA ASN B 127 0.58 -36.70 42.78
C ASN B 127 1.24 -37.46 41.62
N SER B 128 2.54 -37.56 41.64
CA SER B 128 3.24 -38.29 40.54
C SER B 128 3.37 -39.79 40.90
N PRO B 129 2.88 -40.64 40.03
CA PRO B 129 2.95 -42.09 40.28
C PRO B 129 4.40 -42.59 40.09
N GLY B 130 5.04 -42.99 41.15
CA GLY B 130 6.44 -43.49 41.03
C GLY B 130 6.97 -43.87 42.41
N LYS B 131 6.32 -44.79 43.07
CA LYS B 131 6.78 -45.22 44.43
C LYS B 131 8.17 -45.85 44.33
N LEU B 132 8.56 -46.26 43.16
CA LEU B 132 9.92 -46.89 43.00
C LEU B 132 11.01 -45.92 43.46
N GLN B 133 10.75 -44.64 43.42
CA GLN B 133 11.78 -43.65 43.85
C GLN B 133 11.78 -43.53 45.38
N LEU B 134 10.67 -43.80 46.01
CA LEU B 134 10.61 -43.69 47.49
C LEU B 134 11.38 -44.84 48.14
N ASN B 135 11.55 -45.93 47.45
CA ASN B 135 12.30 -47.08 48.03
C ASN B 135 13.81 -46.89 47.83
N THR B 136 14.20 -46.16 46.82
CA THR B 136 15.65 -45.94 46.58
C THR B 136 16.24 -45.00 47.65
N VAL B 137 15.52 -43.98 48.01
CA VAL B 137 16.04 -43.04 49.05
C VAL B 137 16.30 -43.77 50.36
N LEU B 138 15.70 -44.92 50.55
CA LEU B 138 15.92 -45.68 51.82
C LEU B 138 17.32 -46.27 51.84
N ASN B 139 17.92 -46.49 50.70
CA ASN B 139 19.29 -47.07 50.65
C ASN B 139 20.27 -46.18 51.42
N HIS B 140 20.01 -44.90 51.46
CA HIS B 140 20.94 -43.98 52.19
C HIS B 140 20.20 -43.30 53.35
N ILE B 141 20.61 -43.55 54.57
CA ILE B 141 19.93 -42.93 55.74
C ILE B 141 20.42 -41.49 55.92
N THR B 142 19.52 -40.56 56.12
CA THR B 142 19.94 -39.14 56.32
C THR B 142 18.96 -38.43 57.26
N LYS B 143 19.21 -37.18 57.56
CA LYS B 143 18.31 -36.43 58.47
C LYS B 143 18.36 -34.93 58.16
N ARG B 144 17.42 -34.43 57.40
CA ARG B 144 17.42 -32.98 57.06
C ARG B 144 18.77 -32.56 56.47
N GLY B 145 19.39 -33.44 55.73
CA GLY B 145 20.71 -33.09 55.13
C GLY B 145 20.51 -32.05 54.02
N PRO B 146 21.62 -31.58 53.48
CA PRO B 146 21.56 -30.57 52.40
C PRO B 146 21.08 -31.21 51.10
N PHE B 147 20.03 -30.69 50.52
CA PHE B 147 19.51 -31.27 49.25
C PHE B 147 19.72 -30.28 48.09
N LEU B 148 20.12 -30.76 46.95
CA LEU B 148 20.35 -29.86 45.79
C LEU B 148 19.01 -29.32 45.27
N GLY B 149 18.78 -28.05 45.41
CA GLY B 149 17.49 -27.47 44.92
C GLY B 149 17.75 -26.65 43.65
N ASN B 150 18.67 -27.08 42.84
CA ASN B 150 18.97 -26.33 41.58
C ASN B 150 18.50 -27.12 40.36
N ASN B 151 18.19 -28.38 40.53
CA ASN B 151 17.73 -29.20 39.38
C ASN B 151 16.50 -28.56 38.73
N ALA B 152 15.62 -28.00 39.51
CA ALA B 152 14.41 -27.35 38.95
C ALA B 152 14.78 -26.04 38.26
N GLY B 153 15.84 -25.41 38.68
CA GLY B 153 16.26 -24.13 38.04
C GLY B 153 16.88 -24.42 36.67
N ILE B 154 17.48 -25.57 36.51
CA ILE B 154 18.11 -25.91 35.20
C ILE B 154 17.02 -26.26 34.17
N LEU B 155 15.90 -26.74 34.63
CA LEU B 155 14.80 -27.10 33.69
C LEU B 155 14.32 -25.86 32.93
N ALA B 156 14.30 -24.73 33.59
CA ALA B 156 13.84 -23.48 32.91
C ALA B 156 14.81 -23.10 31.78
N LEU B 157 15.98 -23.68 31.76
CA LEU B 157 16.97 -23.35 30.69
C LEU B 157 16.71 -24.22 29.45
N SER B 158 16.23 -25.42 29.64
CA SER B 158 15.97 -26.31 28.48
C SER B 158 14.63 -25.97 27.83
N TYR B 159 13.67 -25.54 28.61
CA TYR B 159 12.34 -25.19 28.04
C TYR B 159 12.49 -24.09 26.98
N ASN B 160 13.52 -23.30 27.07
CA ASN B 160 13.72 -22.21 26.07
C ASN B 160 14.43 -22.74 24.82
N ILE B 161 15.13 -23.84 24.95
CA ILE B 161 15.85 -24.41 23.77
C ILE B 161 14.88 -25.20 22.89
N ILE B 162 13.94 -25.88 23.49
CA ILE B 162 12.96 -26.69 22.70
C ILE B 162 11.94 -25.76 22.03
N ASN B 163 11.75 -24.58 22.55
CA ASN B 163 10.76 -23.64 21.95
C ASN B 163 11.43 -22.79 20.87
N SER B 164 12.73 -22.66 20.91
CA SER B 164 13.44 -21.84 19.87
C SER B 164 13.23 -22.44 18.48
N THR B 165 12.87 -23.69 18.40
CA THR B 165 12.66 -24.33 17.06
C THR B 165 11.33 -23.85 16.46
N ILE B 166 10.25 -23.98 17.19
CA ILE B 166 8.94 -23.53 16.65
C ILE B 166 9.04 -22.07 16.20
N ASP B 167 9.86 -21.29 16.88
CA ASP B 167 10.01 -19.87 16.51
C ASP B 167 11.16 -19.68 15.50
N ALA B 168 12.16 -20.52 15.57
CA ALA B 168 13.31 -20.39 14.62
C ALA B 168 12.81 -20.38 13.17
N LEU B 169 11.76 -21.10 12.90
CA LEU B 169 11.22 -21.14 11.50
C LEU B 169 10.27 -19.95 11.24
N ARG B 170 10.37 -18.91 12.02
CA ARG B 170 9.46 -17.74 11.79
C ARG B 170 9.68 -17.16 10.39
N GLY B 171 10.86 -16.71 10.10
CA GLY B 171 11.13 -16.14 8.74
C GLY B 171 12.42 -15.33 8.75
N LYS B 172 12.41 -14.15 8.17
CA LYS B 172 13.65 -13.31 8.14
C LYS B 172 13.62 -12.29 9.28
N HIS B 173 14.69 -12.17 10.01
CA HIS B 173 14.73 -11.18 11.14
C HIS B 173 15.70 -10.04 10.80
N ASP B 174 15.32 -8.82 11.11
CA ASP B 174 16.23 -7.67 10.81
C ASP B 174 16.34 -6.76 12.05
N THR B 175 16.37 -7.34 13.22
CA THR B 175 16.45 -6.50 14.47
C THR B 175 17.85 -5.93 14.68
N ALA B 176 18.64 -6.49 15.58
CA ALA B 176 19.99 -5.91 15.84
C ALA B 176 20.96 -6.96 16.40
N GLY B 177 21.90 -7.39 15.60
CA GLY B 177 22.90 -8.38 16.09
C GLY B 177 24.02 -7.64 16.84
N SER B 178 24.20 -6.37 16.55
CA SER B 178 25.26 -5.57 17.22
C SER B 178 24.78 -5.09 18.59
N ILE B 179 23.50 -5.09 18.83
CA ILE B 179 22.97 -4.61 20.14
C ILE B 179 23.16 -5.70 21.21
N GLY B 180 23.40 -6.92 20.81
CA GLY B 180 23.58 -8.02 21.80
C GLY B 180 24.63 -7.63 22.85
N ALA B 181 25.51 -6.72 22.53
CA ALA B 181 26.55 -6.31 23.53
C ALA B 181 25.96 -5.38 24.59
N GLY B 182 25.36 -4.31 24.17
CA GLY B 182 24.76 -3.33 25.15
C GLY B 182 23.87 -4.06 26.15
N ALA B 183 23.34 -5.19 25.79
CA ALA B 183 22.45 -5.93 26.73
C ALA B 183 23.26 -6.87 27.63
N LEU B 184 24.49 -7.17 27.26
CA LEU B 184 25.32 -8.09 28.09
C LEU B 184 25.63 -7.46 29.46
N THR B 185 26.37 -6.39 29.48
CA THR B 185 26.70 -5.74 30.78
C THR B 185 25.43 -5.34 31.52
N GLY B 186 24.34 -5.18 30.82
CA GLY B 186 23.08 -4.78 31.49
C GLY B 186 22.70 -5.82 32.55
N ALA B 187 22.97 -7.07 32.28
CA ALA B 187 22.65 -8.15 33.26
C ALA B 187 23.82 -8.38 34.21
N LEU B 188 25.01 -8.01 33.81
CA LEU B 188 26.21 -8.21 34.68
C LEU B 188 25.99 -7.56 36.06
N PHE B 189 25.66 -6.29 36.07
CA PHE B 189 25.44 -5.60 37.38
C PHE B 189 24.15 -6.09 38.04
N LYS B 190 23.31 -6.77 37.29
CA LYS B 190 22.03 -7.27 37.88
C LYS B 190 22.32 -8.14 39.12
N SER B 191 23.47 -8.74 39.18
CA SER B 191 23.81 -9.60 40.36
C SER B 191 24.61 -8.79 41.38
N SER B 192 25.33 -9.45 42.23
CA SER B 192 26.14 -8.72 43.26
C SER B 192 27.31 -9.59 43.74
N LYS B 193 27.85 -9.30 44.89
CA LYS B 193 29.00 -10.10 45.40
C LYS B 193 28.59 -11.56 45.60
N GLY B 194 27.32 -11.81 45.78
CA GLY B 194 26.85 -13.21 45.99
C GLY B 194 27.15 -14.03 44.73
N LEU B 195 26.49 -15.14 44.57
CA LEU B 195 26.74 -16.00 43.37
C LEU B 195 26.28 -15.28 42.10
N LYS B 196 27.03 -15.39 41.04
CA LYS B 196 26.63 -14.70 39.77
C LYS B 196 25.96 -15.70 38.81
N PRO B 197 24.66 -15.63 38.74
CA PRO B 197 23.90 -16.55 37.84
C PRO B 197 24.12 -16.15 36.37
N MET B 198 24.44 -14.91 36.13
CA MET B 198 24.66 -14.46 34.72
C MET B 198 25.78 -15.27 34.07
N GLY B 199 26.64 -15.84 34.86
CA GLY B 199 27.76 -16.65 34.29
C GLY B 199 27.19 -17.81 33.46
N TYR B 200 26.30 -18.58 34.03
CA TYR B 200 25.71 -19.72 33.28
C TYR B 200 24.46 -19.26 32.52
N SER B 201 23.80 -18.23 33.01
CA SER B 201 22.58 -17.74 32.31
C SER B 201 22.94 -17.09 30.97
N SER B 202 24.17 -16.67 30.81
CA SER B 202 24.59 -16.04 29.52
C SER B 202 24.33 -17.01 28.36
N ALA B 203 24.61 -18.27 28.55
CA ALA B 203 24.38 -19.26 27.45
C ALA B 203 22.93 -19.18 26.98
N MET B 204 22.03 -18.77 27.83
CA MET B 204 20.61 -18.66 27.43
C MET B 204 20.42 -17.51 26.44
N VAL B 205 20.97 -16.35 26.76
CA VAL B 205 20.84 -15.20 25.82
C VAL B 205 21.78 -15.39 24.64
N ALA B 206 22.89 -16.05 24.85
CA ALA B 206 23.86 -16.28 23.74
C ALA B 206 23.16 -17.04 22.60
N ALA B 207 22.39 -18.05 22.93
CA ALA B 207 21.68 -18.83 21.88
C ALA B 207 20.73 -17.90 21.12
N ALA B 208 20.21 -16.90 21.78
CA ALA B 208 19.28 -15.95 21.10
C ALA B 208 20.00 -15.28 19.93
N CYS B 209 21.31 -15.18 19.99
CA CYS B 209 22.06 -14.54 18.88
C CYS B 209 21.92 -15.38 17.61
N ALA B 210 21.85 -16.67 17.75
CA ALA B 210 21.70 -17.55 16.56
C ALA B 210 20.31 -17.40 15.94
N VAL B 211 19.28 -17.60 16.71
CA VAL B 211 17.89 -17.46 16.16
C VAL B 211 17.73 -16.08 15.50
N TRP B 212 18.37 -15.08 16.04
CA TRP B 212 18.27 -13.72 15.43
C TRP B 212 19.27 -13.59 14.30
N CYS B 213 20.50 -14.01 14.51
CA CYS B 213 21.51 -13.94 13.42
C CYS B 213 21.01 -14.75 12.22
N SER B 214 20.05 -15.62 12.44
CA SER B 214 19.47 -16.43 11.33
C SER B 214 19.20 -15.57 10.09
N VAL B 215 19.20 -14.25 10.24
CA VAL B 215 18.95 -13.34 9.09
C VAL B 215 19.70 -13.82 7.84
N LYS B 216 20.94 -14.17 7.98
CA LYS B 216 21.73 -14.65 6.81
C LYS B 216 21.88 -16.17 6.85
N LYS B 217 22.64 -16.73 5.95
CA LYS B 217 22.84 -18.21 5.94
C LYS B 217 23.76 -18.63 7.08
N ARG B 218 23.26 -19.41 8.00
CA ARG B 218 24.10 -19.86 9.15
C ARG B 218 25.27 -20.71 8.64
N LEU B 219 25.08 -21.40 7.54
CA LEU B 219 26.18 -22.25 7.00
C LEU B 219 27.39 -21.38 6.65
N LEU B 220 27.16 -20.15 6.23
CA LEU B 220 28.29 -19.26 5.88
C LEU B 220 29.10 -18.88 7.14
N GLU B 221 28.45 -18.88 8.27
CA GLU B 221 29.16 -18.53 9.54
C GLU B 221 30.23 -19.58 9.85
N LYS B 222 31.46 -19.33 9.46
CA LYS B 222 32.54 -20.32 9.74
C LYS B 222 33.80 -19.60 10.25
N MET C 1 3.68 5.31 8.54
CA MET C 1 3.24 3.89 8.66
C MET C 1 1.71 3.81 8.66
N LEU C 2 1.09 4.21 7.59
CA LEU C 2 -0.40 4.17 7.52
C LEU C 2 -0.88 2.71 7.58
N SER C 3 -2.02 2.49 8.20
CA SER C 3 -2.54 1.09 8.29
C SER C 3 -4.02 1.06 7.91
N LEU C 4 -4.82 1.93 8.47
CA LEU C 4 -6.27 1.95 8.13
C LEU C 4 -6.56 3.04 7.11
N ARG C 5 -6.55 2.70 5.85
CA ARG C 5 -6.83 3.71 4.80
C ARG C 5 -7.97 3.24 3.89
N GLN C 6 -9.19 3.56 4.22
CA GLN C 6 -10.34 3.13 3.37
C GLN C 6 -10.59 4.14 2.26
N SER C 7 -10.14 3.86 1.08
CA SER C 7 -10.35 4.82 -0.06
C SER C 7 -11.17 4.14 -1.16
N ILE C 8 -12.45 4.38 -1.19
CA ILE C 8 -13.31 3.75 -2.24
C ILE C 8 -14.22 4.81 -2.88
N ARG C 9 -13.97 5.17 -4.10
CA ARG C 9 -14.82 6.19 -4.78
C ARG C 9 -15.85 5.50 -5.68
N PHE C 10 -15.44 5.10 -6.86
CA PHE C 10 -16.39 4.41 -7.79
C PHE C 10 -15.62 3.85 -9.00
N PHE C 11 -14.92 2.76 -8.81
CA PHE C 11 -14.16 2.16 -9.93
C PHE C 11 -13.97 0.66 -9.71
N LYS C 12 -14.15 -0.13 -10.73
CA LYS C 12 -13.99 -1.60 -10.58
C LYS C 12 -13.28 -2.19 -11.81
N PRO C 13 -12.10 -1.68 -12.08
CA PRO C 13 -11.32 -2.16 -13.25
C PRO C 13 -10.75 -3.55 -12.96
N ALA C 14 -10.47 -4.31 -14.00
CA ALA C 14 -9.91 -5.67 -13.80
C ALA C 14 -9.37 -6.22 -15.12
N THR C 15 -10.08 -6.02 -16.19
CA THR C 15 -9.60 -6.53 -17.51
C THR C 15 -8.37 -5.76 -17.96
N ARG C 16 -7.21 -6.15 -17.51
CA ARG C 16 -5.97 -5.43 -17.91
C ARG C 16 -5.15 -6.28 -18.90
N THR C 17 -5.02 -5.83 -20.11
CA THR C 17 -4.23 -6.61 -21.12
C THR C 17 -3.45 -5.65 -22.03
N LEU C 18 -2.73 -4.74 -21.45
CA LEU C 18 -1.93 -3.78 -22.27
C LEU C 18 -0.46 -3.77 -21.81
N CYS C 19 0.46 -3.97 -22.70
CA CYS C 19 1.89 -3.97 -22.32
C CYS C 19 2.52 -2.60 -22.60
N SER C 20 3.81 -2.49 -22.48
CA SER C 20 4.48 -1.18 -22.73
C SER C 20 4.63 -0.96 -24.24
N SER C 21 3.87 -0.07 -24.80
CA SER C 21 3.97 0.20 -26.27
C SER C 21 4.34 1.66 -26.52
N ARG C 22 3.98 2.19 -27.66
CA ARG C 22 4.32 3.62 -27.97
C ARG C 22 3.77 4.54 -26.88
N TYR C 23 4.46 5.61 -26.60
CA TYR C 23 3.99 6.56 -25.54
C TYR C 23 3.22 7.73 -26.18
N LEU C 24 3.67 8.20 -27.31
CA LEU C 24 2.97 9.33 -27.99
C LEU C 24 1.51 8.96 -28.28
N LEU C 25 0.63 9.92 -28.24
CA LEU C 25 -0.81 9.63 -28.51
C LEU C 25 -1.15 9.96 -29.97
N MET A 1 -67.16 -18.03 -66.48
CA MET A 1 -67.63 -17.74 -67.87
C MET A 1 -67.32 -18.92 -68.79
N SER A 2 -68.34 -19.56 -69.32
CA SER A 2 -68.10 -20.72 -70.22
C SER A 2 -67.82 -20.24 -71.64
N TRP A 3 -66.69 -20.60 -72.19
CA TRP A 3 -66.35 -20.15 -73.57
C TRP A 3 -67.02 -21.07 -74.61
N LEU A 4 -67.59 -22.16 -74.18
CA LEU A 4 -68.26 -23.09 -75.14
C LEU A 4 -69.57 -22.49 -75.63
N PHE A 5 -70.25 -21.74 -74.79
CA PHE A 5 -71.54 -21.13 -75.21
C PHE A 5 -71.29 -19.96 -76.17
N GLY A 6 -70.07 -19.47 -76.24
CA GLY A 6 -69.77 -18.33 -77.14
C GLY A 6 -70.00 -17.01 -76.40
N ASP A 7 -69.49 -16.91 -75.20
CA ASP A 7 -69.68 -15.66 -74.42
C ASP A 7 -68.39 -14.83 -74.43
N LYS A 8 -68.35 -13.76 -75.17
CA LYS A 8 -67.12 -12.92 -75.23
C LYS A 8 -67.03 -12.05 -73.97
N THR A 9 -65.84 -11.74 -73.53
CA THR A 9 -65.68 -10.89 -72.31
C THR A 9 -65.56 -9.42 -72.71
N PRO A 10 -66.31 -8.58 -72.05
CA PRO A 10 -66.28 -7.13 -72.35
C PRO A 10 -64.98 -6.51 -71.82
N THR A 11 -64.38 -5.63 -72.58
CA THR A 11 -63.11 -4.99 -72.12
C THR A 11 -63.39 -3.56 -71.63
N ASP A 12 -64.58 -3.31 -71.16
CA ASP A 12 -64.91 -1.95 -70.67
C ASP A 12 -64.00 -1.55 -69.51
N ASP A 13 -63.48 -2.52 -68.80
CA ASP A 13 -62.57 -2.21 -67.66
C ASP A 13 -61.35 -1.40 -68.13
N ALA A 14 -60.98 -1.57 -69.38
CA ALA A 14 -59.80 -0.82 -69.91
C ALA A 14 -60.17 0.66 -70.13
N ASN A 15 -61.41 0.93 -70.40
CA ASN A 15 -61.83 2.35 -70.62
C ASN A 15 -61.63 3.17 -69.35
N ALA A 16 -61.70 2.53 -68.21
CA ALA A 16 -61.50 3.28 -66.93
C ALA A 16 -60.07 3.81 -66.84
N ALA A 17 -59.12 3.06 -67.32
CA ALA A 17 -57.69 3.50 -67.27
C ALA A 17 -57.30 3.88 -65.84
N VAL A 18 -56.79 2.94 -65.09
CA VAL A 18 -56.40 3.24 -63.68
C VAL A 18 -55.18 4.17 -63.67
N GLY A 19 -55.39 5.43 -63.39
CA GLY A 19 -54.24 6.38 -63.37
C GLY A 19 -54.53 7.55 -64.31
N GLY A 20 -53.80 8.63 -64.19
CA GLY A 20 -54.02 9.80 -65.09
C GLY A 20 -52.90 9.88 -66.12
N GLN A 21 -51.74 9.39 -65.80
CA GLN A 21 -50.59 9.45 -66.76
C GLN A 21 -50.96 8.68 -68.05
N ASP A 22 -50.12 8.78 -69.04
CA ASP A 22 -50.42 8.07 -70.33
C ASP A 22 -49.55 6.80 -70.45
N THR A 23 -48.35 6.84 -69.91
CA THR A 23 -47.46 5.66 -69.99
C THR A 23 -47.81 4.65 -68.89
N THR A 24 -47.52 3.39 -69.11
CA THR A 24 -47.82 2.36 -68.08
C THR A 24 -46.58 2.04 -67.26
N LYS A 25 -45.42 2.19 -67.84
CA LYS A 25 -44.16 1.88 -67.10
C LYS A 25 -43.60 3.17 -66.46
N PRO A 26 -43.51 3.15 -65.15
CA PRO A 26 -42.98 4.33 -64.42
C PRO A 26 -41.47 4.46 -64.62
N LYS A 27 -40.77 3.35 -64.58
CA LYS A 27 -39.29 3.40 -64.77
C LYS A 27 -38.94 3.12 -66.24
N GLU A 28 -39.55 3.83 -67.15
CA GLU A 28 -39.25 3.60 -68.60
C GLU A 28 -37.78 3.94 -68.88
N LEU A 29 -37.37 5.14 -68.57
CA LEU A 29 -35.95 5.53 -68.83
C LEU A 29 -35.00 4.61 -68.07
N SER A 30 -35.31 4.30 -66.84
CA SER A 30 -34.41 3.40 -66.05
C SER A 30 -34.41 1.99 -66.67
N LEU A 31 -35.47 1.62 -67.34
CA LEU A 31 -35.53 0.27 -67.95
C LEU A 31 -34.47 0.15 -69.06
N LYS A 32 -34.06 1.25 -69.62
CA LYS A 32 -33.02 1.20 -70.70
C LYS A 32 -31.75 0.53 -70.19
N GLN A 33 -31.52 0.59 -68.90
CA GLN A 33 -30.29 -0.04 -68.34
C GLN A 33 -30.41 -1.58 -68.38
N SER A 34 -31.62 -2.07 -68.28
CA SER A 34 -31.81 -3.55 -68.32
C SER A 34 -31.74 -4.07 -69.76
N LEU A 35 -31.96 -3.20 -70.72
CA LEU A 35 -31.92 -3.64 -72.15
C LEU A 35 -30.55 -4.26 -72.47
N GLY A 36 -29.50 -3.69 -71.95
CA GLY A 36 -28.13 -4.24 -72.23
C GLY A 36 -27.75 -3.95 -73.67
N PHE A 37 -28.12 -2.79 -74.18
CA PHE A 37 -27.76 -2.44 -75.58
C PHE A 37 -26.25 -2.19 -75.70
N GLU A 38 -25.65 -2.64 -76.77
CA GLU A 38 -24.18 -2.43 -76.95
C GLU A 38 -23.41 -2.92 -75.71
N PRO A 39 -23.27 -4.22 -75.62
CA PRO A 39 -22.55 -4.82 -74.48
C PRO A 39 -21.05 -4.58 -74.59
N ASN A 40 -20.57 -4.23 -75.76
CA ASN A 40 -19.11 -3.98 -75.94
C ASN A 40 -18.64 -2.91 -74.95
N ILE A 41 -19.24 -1.76 -74.96
CA ILE A 41 -18.82 -0.68 -74.01
C ILE A 41 -19.35 -0.97 -72.60
N ASN A 42 -20.25 -1.91 -72.46
CA ASN A 42 -20.81 -2.24 -71.12
C ASN A 42 -19.79 -3.07 -70.31
N ASN A 43 -18.71 -3.46 -70.91
CA ASN A 43 -17.69 -4.26 -70.17
C ASN A 43 -16.74 -3.35 -69.40
N ILE A 44 -16.59 -2.12 -69.83
CA ILE A 44 -15.67 -1.18 -69.11
C ILE A 44 -16.38 -0.62 -67.87
N ILE A 45 -17.66 -0.42 -67.95
CA ILE A 45 -18.40 0.14 -66.78
C ILE A 45 -18.77 -1.00 -65.80
N SER A 46 -18.82 -2.22 -66.29
CA SER A 46 -19.17 -3.36 -65.40
C SER A 46 -17.98 -4.31 -65.27
N GLY A 47 -16.87 -3.84 -64.76
CA GLY A 47 -15.67 -4.72 -64.63
C GLY A 47 -15.81 -5.58 -63.37
N PRO A 48 -14.86 -6.46 -63.18
CA PRO A 48 -14.88 -7.36 -62.01
C PRO A 48 -14.52 -6.57 -60.74
N GLY A 49 -14.94 -7.05 -59.59
CA GLY A 49 -14.63 -6.34 -58.32
C GLY A 49 -15.93 -5.87 -57.66
N GLY A 50 -15.89 -4.76 -56.98
CA GLY A 50 -17.12 -4.25 -56.31
C GLY A 50 -16.76 -3.70 -54.93
N MET A 51 -17.70 -3.66 -54.03
CA MET A 51 -17.40 -3.13 -52.66
C MET A 51 -18.04 -4.02 -51.60
N HIS A 52 -17.24 -4.58 -50.73
CA HIS A 52 -17.80 -5.47 -49.66
C HIS A 52 -16.96 -5.35 -48.39
N VAL A 53 -17.33 -6.07 -47.35
CA VAL A 53 -16.55 -5.99 -46.09
C VAL A 53 -16.54 -7.36 -45.39
N ASP A 54 -15.42 -8.04 -45.43
CA ASP A 54 -15.33 -9.39 -44.78
C ASP A 54 -13.99 -9.53 -44.05
N THR A 55 -12.91 -9.28 -44.75
CA THR A 55 -11.57 -9.40 -44.09
C THR A 55 -11.17 -8.07 -43.46
N ALA A 56 -11.64 -6.97 -44.00
CA ALA A 56 -11.29 -5.65 -43.42
C ALA A 56 -11.91 -5.49 -42.04
N ARG A 57 -13.05 -6.10 -41.81
CA ARG A 57 -13.71 -6.00 -40.48
C ARG A 57 -12.79 -6.55 -39.39
N LEU A 58 -11.89 -7.43 -39.74
CA LEU A 58 -10.97 -8.01 -38.71
C LEU A 58 -10.13 -6.90 -38.06
N HIS A 59 -9.52 -6.06 -38.85
CA HIS A 59 -8.71 -4.95 -38.28
C HIS A 59 -9.55 -4.09 -37.32
N PRO A 60 -9.25 -4.18 -36.05
CA PRO A 60 -10.01 -3.41 -35.04
C PRO A 60 -9.63 -1.92 -35.12
N LEU A 61 -10.25 -1.10 -34.31
CA LEU A 61 -9.92 0.36 -34.33
C LEU A 61 -8.50 0.59 -33.84
N ALA A 62 -8.15 1.82 -33.55
CA ALA A 62 -6.77 2.10 -33.05
C ALA A 62 -6.81 2.55 -31.60
N GLY A 63 -7.91 3.12 -31.16
CA GLY A 63 -8.00 3.58 -29.74
C GLY A 63 -8.68 2.51 -28.89
N LEU A 64 -8.70 1.28 -29.35
CA LEU A 64 -9.35 0.20 -28.56
C LEU A 64 -8.32 -0.48 -27.64
N ASP A 65 -7.06 -0.40 -27.99
CA ASP A 65 -6.02 -1.04 -27.14
C ASP A 65 -5.68 -0.15 -25.93
N LYS A 66 -6.11 1.08 -25.95
CA LYS A 66 -5.83 2.00 -24.81
C LYS A 66 -6.36 1.40 -23.50
N GLY A 67 -7.52 0.80 -23.55
CA GLY A 67 -8.11 0.19 -22.32
C GLY A 67 -7.37 -1.11 -21.99
N VAL A 68 -6.87 -1.78 -22.99
CA VAL A 68 -6.14 -3.06 -22.74
C VAL A 68 -4.71 -2.78 -22.26
N GLU A 69 -4.18 -1.65 -22.61
CA GLU A 69 -2.78 -1.32 -22.17
C GLU A 69 -2.75 -1.08 -20.66
N TYR A 70 -3.64 -0.27 -20.16
CA TYR A 70 -3.66 -0.01 -18.68
C TYR A 70 -4.23 -1.21 -17.94
N LEU A 71 -4.73 -2.20 -18.64
CA LEU A 71 -5.30 -3.40 -17.96
C LEU A 71 -4.26 -4.04 -17.03
N ASP A 72 -3.12 -4.37 -17.56
CA ASP A 72 -2.06 -5.02 -16.72
C ASP A 72 -1.16 -3.95 -16.08
N LEU A 73 -0.93 -2.87 -16.77
CA LEU A 73 -0.05 -1.79 -16.22
C LEU A 73 -0.65 -1.23 -14.92
N GLU A 74 -1.96 -1.17 -14.84
CA GLU A 74 -2.60 -0.63 -13.61
C GLU A 74 -2.70 -1.72 -12.54
N GLU A 75 -3.05 -2.91 -12.93
CA GLU A 75 -3.17 -4.03 -11.93
C GLU A 75 -1.85 -4.19 -11.16
N GLU A 76 -0.74 -3.98 -11.82
CA GLU A 76 0.58 -4.12 -11.14
C GLU A 76 1.02 -2.79 -10.52
N GLN A 77 0.35 -1.71 -10.87
CA GLN A 77 0.74 -0.38 -10.30
C GLN A 77 0.66 -0.40 -8.77
N LEU A 78 -0.48 -0.76 -8.23
CA LEU A 78 -0.62 -0.80 -6.75
C LEU A 78 0.10 -2.01 -6.17
N SER A 79 0.24 -3.06 -6.94
CA SER A 79 0.94 -4.28 -6.44
C SER A 79 2.39 -3.94 -6.06
N SER A 80 3.10 -3.28 -6.93
CA SER A 80 4.52 -2.92 -6.63
C SER A 80 4.57 -1.72 -5.66
N LEU A 81 3.45 -1.15 -5.33
CA LEU A 81 3.45 0.01 -4.40
C LEU A 81 3.64 -0.47 -2.95
N GLU A 82 3.26 -1.69 -2.67
CA GLU A 82 3.41 -2.21 -1.27
C GLU A 82 4.86 -2.63 -1.02
N GLY A 83 5.44 -3.39 -1.92
CA GLY A 83 6.85 -3.84 -1.74
C GLY A 83 6.87 -5.33 -1.44
N SER A 84 6.01 -6.09 -2.04
CA SER A 84 5.98 -7.56 -1.80
C SER A 84 6.96 -8.29 -2.73
N GLN A 85 7.75 -7.56 -3.48
CA GLN A 85 8.72 -8.21 -4.41
C GLN A 85 9.58 -9.23 -3.66
N GLY A 86 9.97 -8.91 -2.45
CA GLY A 86 10.82 -9.86 -1.67
C GLY A 86 11.23 -9.21 -0.35
N LEU A 87 12.40 -8.63 -0.30
CA LEU A 87 12.87 -7.98 0.95
C LEU A 87 12.03 -6.73 1.25
N ILE A 88 11.68 -6.53 2.50
CA ILE A 88 10.86 -5.34 2.85
C ILE A 88 11.59 -4.52 3.93
N PRO A 89 12.11 -3.38 3.54
CA PRO A 89 12.83 -2.51 4.49
C PRO A 89 11.85 -1.84 5.46
N SER A 90 10.58 -1.92 5.20
CA SER A 90 9.58 -1.28 6.12
C SER A 90 9.69 -1.88 7.52
N ARG A 91 10.22 -3.07 7.63
CA ARG A 91 10.36 -3.71 8.97
C ARG A 91 11.27 -2.87 9.87
N GLY A 92 11.72 -3.42 10.97
CA GLY A 92 12.60 -2.65 11.88
C GLY A 92 11.84 -2.28 13.16
N TRP A 93 10.70 -2.88 13.39
CA TRP A 93 9.90 -2.55 14.62
C TRP A 93 9.74 -1.03 14.76
N THR A 94 9.80 -0.32 13.67
CA THR A 94 9.64 1.16 13.73
C THR A 94 8.33 1.59 13.08
N ASP A 95 7.27 0.87 13.33
CA ASP A 95 5.96 1.24 12.72
C ASP A 95 5.55 2.65 13.15
N ASP A 96 6.04 3.10 14.28
CA ASP A 96 5.69 4.47 14.76
C ASP A 96 6.70 5.49 14.22
N LEU A 97 7.83 5.04 13.75
CA LEU A 97 8.86 6.00 13.22
C LEU A 97 8.23 6.95 12.20
N CYS A 98 7.20 6.51 11.52
CA CYS A 98 6.54 7.39 10.51
C CYS A 98 6.08 8.69 11.19
N TYR A 99 5.57 8.59 12.38
CA TYR A 99 5.11 9.82 13.11
C TYR A 99 5.88 9.98 14.41
N GLY A 100 7.11 9.51 14.45
CA GLY A 100 7.91 9.64 15.69
C GLY A 100 9.40 9.60 15.35
N THR A 101 10.22 9.07 16.22
CA THR A 101 11.68 9.00 15.94
C THR A 101 12.16 7.55 15.93
N GLY A 102 11.45 6.66 16.56
CA GLY A 102 11.86 5.23 16.58
C GLY A 102 12.90 5.01 17.69
N ALA A 103 12.61 5.46 18.88
CA ALA A 103 13.57 5.29 20.00
C ALA A 103 13.42 3.90 20.64
N VAL A 104 12.42 3.14 20.25
CA VAL A 104 12.22 1.78 20.84
C VAL A 104 13.52 0.97 20.76
N TYR A 105 14.22 1.06 19.66
CA TYR A 105 15.50 0.30 19.52
C TYR A 105 16.62 0.99 20.29
N LEU A 106 16.92 2.22 19.94
CA LEU A 106 18.01 2.98 20.63
C LEU A 106 17.73 3.08 22.13
N LEU A 107 16.62 3.66 22.52
CA LEU A 107 16.30 3.79 23.96
C LEU A 107 16.46 2.45 24.68
N GLY A 108 16.02 1.39 24.06
CA GLY A 108 16.15 0.04 24.71
C GLY A 108 17.62 -0.26 24.98
N LEU A 109 18.51 0.36 24.24
CA LEU A 109 19.96 0.11 24.46
C LEU A 109 20.44 0.81 25.73
N GLY A 110 20.28 2.11 25.79
CA GLY A 110 20.72 2.86 27.00
C GLY A 110 20.04 2.30 28.25
N ILE A 111 18.89 1.69 28.08
CA ILE A 111 18.17 1.12 29.25
C ILE A 111 19.05 0.08 29.96
N GLY A 112 20.01 -0.48 29.26
CA GLY A 112 20.90 -1.50 29.89
C GLY A 112 21.82 -0.81 30.90
N GLY A 113 22.11 0.45 30.70
CA GLY A 113 23.01 1.17 31.66
C GLY A 113 22.18 1.78 32.79
N PHE A 114 20.94 2.11 32.53
CA PHE A 114 20.08 2.72 33.58
C PHE A 114 19.48 1.63 34.48
N SER A 115 19.03 0.54 33.91
CA SER A 115 18.44 -0.55 34.73
C SER A 115 19.52 -1.52 35.19
N GLY A 116 20.72 -1.39 34.69
CA GLY A 116 21.81 -2.32 35.12
C GLY A 116 22.53 -1.75 36.34
N MET A 117 22.88 -0.49 36.31
CA MET A 117 23.58 0.12 37.47
C MET A 117 22.72 0.03 38.74
N MET A 118 21.44 -0.23 38.59
CA MET A 118 20.55 -0.33 39.78
C MET A 118 21.15 -1.28 40.83
N GLN A 119 21.43 -2.50 40.45
CA GLN A 119 22.02 -3.46 41.42
C GLN A 119 23.55 -3.32 41.46
N GLY A 120 24.13 -2.79 40.41
CA GLY A 120 25.61 -2.61 40.38
C GLY A 120 26.02 -1.47 41.31
N LEU A 121 25.09 -0.66 41.73
CA LEU A 121 25.44 0.47 42.64
C LEU A 121 26.12 -0.04 43.91
N GLN A 122 25.83 -1.24 44.31
CA GLN A 122 26.46 -1.80 45.55
C GLN A 122 27.97 -1.87 45.38
N ASN A 123 28.45 -2.02 44.16
CA ASN A 123 29.92 -2.10 43.94
C ASN A 123 30.50 -0.69 43.76
N ILE A 124 29.69 0.26 43.40
CA ILE A 124 30.20 1.64 43.21
C ILE A 124 30.74 2.20 44.52
N PRO A 125 32.04 2.40 44.57
CA PRO A 125 32.67 2.93 45.81
C PRO A 125 32.35 4.42 45.99
N PRO A 126 32.39 4.87 47.22
CA PRO A 126 32.09 6.30 47.52
C PRO A 126 33.25 7.19 47.05
N ASN A 127 33.31 7.49 45.78
CA ASN A 127 34.41 8.35 45.27
C ASN A 127 33.92 9.80 45.13
N SER A 128 32.98 10.19 45.94
CA SER A 128 32.45 11.59 45.85
C SER A 128 33.26 12.51 46.78
N PRO A 129 33.39 13.75 46.38
CA PRO A 129 34.14 14.73 47.20
C PRO A 129 33.31 15.17 48.41
N GLY A 130 33.81 14.91 49.60
CA GLY A 130 33.05 15.31 50.82
C GLY A 130 33.01 14.14 51.79
N LYS A 131 34.15 13.60 52.13
CA LYS A 131 34.19 12.45 53.09
C LYS A 131 34.51 12.94 54.51
N LEU A 132 34.27 14.20 54.78
CA LEU A 132 34.57 14.73 56.14
C LEU A 132 33.61 14.12 57.18
N GLN A 133 32.37 13.95 56.82
CA GLN A 133 31.39 13.37 57.78
C GLN A 133 31.66 11.88 57.98
N LEU A 134 32.06 11.19 56.94
CA LEU A 134 32.35 9.74 57.07
C LEU A 134 33.49 9.50 58.08
N ASN A 135 34.37 10.46 58.21
CA ASN A 135 35.51 10.30 59.18
C ASN A 135 34.97 10.32 60.62
N THR A 136 33.94 11.08 60.88
CA THR A 136 33.38 11.15 62.26
C THR A 136 32.29 10.08 62.43
N VAL A 137 31.60 9.74 61.37
CA VAL A 137 30.53 8.71 61.48
C VAL A 137 31.15 7.32 61.59
N LEU A 138 32.31 7.13 61.02
CA LEU A 138 32.97 5.78 61.10
C LEU A 138 33.30 5.43 62.55
N ASN A 139 33.49 6.41 63.39
CA ASN A 139 33.81 6.13 64.81
C ASN A 139 32.68 5.32 65.46
N HIS A 140 31.47 5.82 65.41
CA HIS A 140 30.33 5.09 66.02
C HIS A 140 29.45 4.47 64.93
N ILE A 141 29.24 3.17 64.99
CA ILE A 141 28.39 2.51 63.95
C ILE A 141 26.93 2.50 64.40
N THR A 142 26.08 3.20 63.69
CA THR A 142 24.64 3.23 64.07
C THR A 142 24.01 1.84 63.89
N LYS A 143 23.66 1.20 64.98
CA LYS A 143 23.04 -0.16 64.87
C LYS A 143 21.51 -0.04 64.93
N ARG A 144 20.97 1.02 64.41
CA ARG A 144 19.49 1.19 64.44
C ARG A 144 19.00 1.75 63.10
N GLY A 145 19.70 1.47 62.04
CA GLY A 145 19.28 1.98 60.70
C GLY A 145 18.34 0.97 60.04
N PRO A 146 18.21 1.07 58.74
CA PRO A 146 17.32 0.14 57.99
C PRO A 146 17.94 -1.25 57.90
N PHE A 147 17.27 -2.25 58.39
CA PHE A 147 17.82 -3.63 58.34
C PHE A 147 17.25 -4.37 57.13
N LEU A 148 16.07 -4.03 56.71
CA LEU A 148 15.45 -4.72 55.54
C LEU A 148 15.98 -4.10 54.23
N GLY A 149 16.62 -4.90 53.42
CA GLY A 149 17.16 -4.37 52.13
C GLY A 149 16.16 -4.64 51.00
N ASN A 150 14.93 -4.27 51.19
CA ASN A 150 13.90 -4.51 50.13
C ASN A 150 13.47 -3.19 49.49
N ASN A 151 14.12 -2.10 49.83
CA ASN A 151 13.73 -0.78 49.25
C ASN A 151 14.54 -0.51 47.98
N ALA A 152 15.69 -1.11 47.86
CA ALA A 152 16.53 -0.88 46.64
C ALA A 152 15.78 -1.36 45.39
N GLY A 153 15.03 -2.41 45.50
CA GLY A 153 14.27 -2.92 44.33
C GLY A 153 13.12 -1.97 44.00
N ILE A 154 12.70 -1.17 44.94
CA ILE A 154 11.57 -0.23 44.68
C ILE A 154 11.99 0.81 43.64
N LEU A 155 13.24 1.21 43.65
CA LEU A 155 13.70 2.22 42.67
C LEU A 155 13.53 1.70 41.24
N ALA A 156 13.63 0.41 41.05
CA ALA A 156 13.46 -0.17 39.69
C ALA A 156 12.00 -0.08 39.24
N LEU A 157 11.10 0.26 40.13
CA LEU A 157 9.66 0.37 39.75
C LEU A 157 9.36 1.76 39.17
N SER A 158 10.04 2.77 39.63
CA SER A 158 9.77 4.15 39.11
C SER A 158 10.47 4.33 37.77
N TYR A 159 11.60 3.72 37.57
CA TYR A 159 12.33 3.86 36.27
C TYR A 159 11.46 3.38 35.11
N ASN A 160 10.52 2.50 35.38
CA ASN A 160 9.64 1.98 34.30
C ASN A 160 8.49 2.97 34.03
N ILE A 161 8.20 3.84 34.96
CA ILE A 161 7.09 4.81 34.75
C ILE A 161 7.59 6.03 33.98
N ILE A 162 8.73 6.56 34.36
CA ILE A 162 9.26 7.76 33.65
C ILE A 162 9.55 7.41 32.17
N ASN A 163 9.78 6.16 31.88
CA ASN A 163 10.06 5.77 30.47
C ASN A 163 8.76 5.42 29.74
N SER A 164 7.71 5.11 30.46
CA SER A 164 6.42 4.76 29.81
C SER A 164 5.86 5.97 29.05
N THR A 165 6.19 7.16 29.47
CA THR A 165 5.67 8.37 28.78
C THR A 165 6.30 8.52 27.40
N ILE A 166 7.60 8.38 27.32
CA ILE A 166 8.28 8.49 25.99
C ILE A 166 7.68 7.48 25.01
N ASP A 167 7.28 6.33 25.50
CA ASP A 167 6.69 5.30 24.62
C ASP A 167 5.17 5.46 24.53
N ALA A 168 4.56 5.98 25.56
CA ALA A 168 3.08 6.17 25.54
C ALA A 168 2.65 6.97 24.31
N LEU A 169 3.42 7.97 23.95
CA LEU A 169 3.07 8.79 22.75
C LEU A 169 3.65 8.19 21.47
N ARG A 170 4.00 6.92 21.50
CA ARG A 170 4.57 6.28 20.27
C ARG A 170 3.55 6.28 19.14
N GLY A 171 2.43 5.64 19.33
CA GLY A 171 1.40 5.61 18.24
C GLY A 171 0.21 4.73 18.68
N LYS A 172 -0.54 4.23 17.73
CA LYS A 172 -1.71 3.38 18.07
C LYS A 172 -1.25 2.07 18.74
N HIS A 173 -1.51 1.94 20.01
CA HIS A 173 -1.09 0.70 20.73
C HIS A 173 -2.32 -0.13 21.12
N ASP A 174 -2.48 -1.29 20.54
CA ASP A 174 -3.65 -2.15 20.89
C ASP A 174 -3.18 -3.59 21.19
N THR A 175 -2.59 -4.24 20.22
CA THR A 175 -2.09 -5.63 20.41
C THR A 175 -3.14 -6.55 21.07
N ALA A 176 -2.99 -6.86 22.35
CA ALA A 176 -3.99 -7.78 23.00
C ALA A 176 -4.25 -7.40 24.46
N GLY A 177 -5.35 -6.74 24.72
CA GLY A 177 -5.68 -6.37 26.13
C GLY A 177 -6.33 -7.57 26.82
N SER A 178 -6.82 -8.51 26.05
CA SER A 178 -7.49 -9.72 26.63
C SER A 178 -6.44 -10.75 27.08
N ILE A 179 -5.24 -10.65 26.56
CA ILE A 179 -4.17 -11.63 26.94
C ILE A 179 -3.54 -11.24 28.29
N GLY A 180 -3.72 -10.02 28.72
CA GLY A 180 -3.13 -9.58 30.02
C GLY A 180 -3.47 -10.57 31.14
N ALA A 181 -4.53 -11.33 30.99
CA ALA A 181 -4.90 -12.31 32.07
C ALA A 181 -3.97 -13.52 32.07
N GLY A 182 -3.90 -14.23 30.97
CA GLY A 182 -3.02 -15.44 30.89
C GLY A 182 -1.62 -15.13 31.42
N ALA A 183 -1.20 -13.91 31.37
CA ALA A 183 0.17 -13.56 31.86
C ALA A 183 0.18 -13.37 33.39
N LEU A 184 -0.97 -13.19 33.98
CA LEU A 184 -1.02 -12.99 35.46
C LEU A 184 -0.64 -14.28 36.20
N THR A 185 -1.43 -15.32 36.08
CA THR A 185 -1.11 -16.59 36.79
C THR A 185 0.27 -17.09 36.39
N GLY A 186 0.77 -16.68 35.25
CA GLY A 186 2.13 -17.13 34.82
C GLY A 186 3.17 -16.67 35.83
N ALA A 187 2.99 -15.50 36.39
CA ALA A 187 3.97 -14.99 37.40
C ALA A 187 3.57 -15.44 38.80
N LEU A 188 2.31 -15.68 39.02
CA LEU A 188 1.85 -16.10 40.38
C LEU A 188 2.53 -17.43 40.76
N PHE A 189 2.70 -18.31 39.82
CA PHE A 189 3.36 -19.62 40.13
C PHE A 189 4.86 -19.42 40.36
N LYS A 190 5.42 -18.37 39.82
CA LYS A 190 6.89 -18.14 40.02
C LYS A 190 7.21 -17.97 41.51
N SER A 191 6.55 -17.07 42.18
CA SER A 191 6.82 -16.86 43.63
C SER A 191 8.31 -16.64 43.88
N SER A 192 8.75 -16.78 45.10
CA SER A 192 10.20 -16.58 45.41
C SER A 192 10.59 -17.40 46.65
N LYS A 193 11.69 -17.04 47.27
CA LYS A 193 12.12 -17.79 48.50
C LYS A 193 11.54 -17.15 49.76
N GLY A 194 10.63 -16.21 49.60
CA GLY A 194 10.03 -15.55 50.79
C GLY A 194 8.61 -15.10 50.46
N LEU A 195 8.26 -13.90 50.81
CA LEU A 195 6.88 -13.40 50.50
C LEU A 195 6.69 -13.29 48.98
N LYS A 196 5.52 -13.62 48.50
CA LYS A 196 5.27 -13.52 47.02
C LYS A 196 5.53 -12.10 46.53
N PRO A 197 6.57 -11.94 45.75
CA PRO A 197 6.92 -10.60 45.21
C PRO A 197 5.94 -10.21 44.09
N MET A 198 5.35 -11.17 43.45
CA MET A 198 4.38 -10.87 42.35
C MET A 198 3.21 -10.02 42.89
N GLY A 199 2.98 -10.05 44.17
CA GLY A 199 1.86 -9.26 44.75
C GLY A 199 2.03 -7.79 44.41
N TYR A 200 3.05 -7.16 44.92
CA TYR A 200 3.27 -5.70 44.63
C TYR A 200 3.77 -5.51 43.20
N SER A 201 4.48 -6.48 42.66
CA SER A 201 5.00 -6.34 41.27
C SER A 201 3.84 -6.26 40.27
N SER A 202 2.68 -6.72 40.66
CA SER A 202 1.50 -6.67 39.72
C SER A 202 1.26 -5.23 39.28
N ALA A 203 1.37 -4.29 40.18
CA ALA A 203 1.14 -2.86 39.80
C ALA A 203 2.04 -2.47 38.62
N MET A 204 3.14 -3.16 38.46
CA MET A 204 4.06 -2.84 37.32
C MET A 204 3.41 -3.28 36.00
N VAL A 205 2.94 -4.50 35.94
CA VAL A 205 2.29 -4.98 34.68
C VAL A 205 0.91 -4.33 34.54
N ALA A 206 0.28 -4.03 35.65
CA ALA A 206 -1.07 -3.39 35.60
C ALA A 206 -0.98 -2.07 34.85
N ALA A 207 0.07 -1.32 35.06
CA ALA A 207 0.21 -0.02 34.34
C ALA A 207 0.38 -0.26 32.84
N ALA A 208 0.96 -1.37 32.48
CA ALA A 208 1.15 -1.68 31.04
C ALA A 208 -0.21 -1.79 30.34
N CYS A 209 -1.21 -2.25 31.04
CA CYS A 209 -2.57 -2.37 30.41
C CYS A 209 -3.03 -0.99 29.92
N ALA A 210 -2.69 0.04 30.64
CA ALA A 210 -3.12 1.41 30.22
C ALA A 210 -2.40 1.81 28.92
N VAL A 211 -1.10 1.68 28.89
CA VAL A 211 -0.35 2.05 27.65
C VAL A 211 -0.85 1.22 26.46
N TRP A 212 -1.08 -0.04 26.68
CA TRP A 212 -1.58 -0.92 25.58
C TRP A 212 -3.07 -0.64 25.34
N CYS A 213 -3.83 -0.52 26.37
CA CYS A 213 -5.29 -0.21 26.21
C CYS A 213 -5.43 1.19 25.58
N SER A 214 -4.37 1.97 25.63
CA SER A 214 -4.41 3.35 25.04
C SER A 214 -5.04 3.33 23.64
N VAL A 215 -5.14 2.17 23.03
CA VAL A 215 -5.76 2.07 21.66
C VAL A 215 -7.05 2.91 21.58
N LYS A 216 -7.73 3.07 22.69
CA LYS A 216 -8.99 3.87 22.68
C LYS A 216 -9.23 4.51 24.05
N LYS A 217 -9.36 5.81 24.08
CA LYS A 217 -9.60 6.50 25.38
C LYS A 217 -10.71 7.54 25.23
N ARG A 218 -11.22 8.04 26.32
CA ARG A 218 -12.31 9.06 26.23
C ARG A 218 -11.79 10.44 26.66
N LEU A 219 -10.78 10.47 27.49
CA LEU A 219 -10.23 11.77 27.95
C LEU A 219 -9.70 12.58 26.76
N LEU A 220 -9.21 11.91 25.74
CA LEU A 220 -8.69 12.63 24.55
C LEU A 220 -9.82 12.92 23.57
N GLU A 221 -10.83 12.09 23.54
CA GLU A 221 -11.97 12.31 22.61
C GLU A 221 -12.74 13.58 23.01
N LYS A 222 -12.71 14.58 22.17
CA LYS A 222 -13.43 15.85 22.50
C LYS A 222 -13.01 16.37 23.87
N MET B 1 -48.62 61.81 -80.05
CA MET B 1 -48.43 61.20 -81.39
C MET B 1 -47.64 59.90 -81.28
N SER B 2 -46.48 59.95 -80.67
CA SER B 2 -45.65 58.72 -80.52
C SER B 2 -45.42 58.42 -79.03
N TRP B 3 -44.55 57.48 -78.74
CA TRP B 3 -44.28 57.14 -77.32
C TRP B 3 -43.17 58.04 -76.76
N LEU B 4 -42.33 58.55 -77.61
CA LEU B 4 -41.22 59.44 -77.14
C LEU B 4 -41.64 60.91 -77.24
N PHE B 5 -42.93 61.17 -77.34
CA PHE B 5 -43.39 62.58 -77.44
C PHE B 5 -43.30 63.28 -76.09
N GLY B 6 -43.23 62.52 -75.03
CA GLY B 6 -43.14 63.14 -73.67
C GLY B 6 -44.55 63.36 -73.11
N ASP B 7 -45.44 62.44 -73.33
CA ASP B 7 -46.83 62.60 -72.82
C ASP B 7 -47.08 61.62 -71.66
N LYS B 8 -47.42 62.14 -70.51
CA LYS B 8 -47.69 61.24 -69.34
C LYS B 8 -49.03 61.60 -68.69
N THR B 9 -49.67 60.66 -68.06
CA THR B 9 -50.98 60.95 -67.41
C THR B 9 -50.78 61.90 -66.21
N PRO B 10 -51.48 63.00 -66.23
CA PRO B 10 -51.36 64.00 -65.13
C PRO B 10 -52.06 63.48 -63.87
N THR B 11 -51.90 64.14 -62.77
CA THR B 11 -52.55 63.70 -61.50
C THR B 11 -53.69 64.65 -61.13
N ASP B 12 -54.28 65.30 -62.10
CA ASP B 12 -55.39 66.25 -61.81
C ASP B 12 -56.56 65.50 -61.18
N ASP B 13 -57.17 64.60 -61.91
CA ASP B 13 -58.32 63.84 -61.35
C ASP B 13 -57.83 62.58 -60.62
N ALA B 14 -56.71 62.06 -61.02
CA ALA B 14 -56.18 60.83 -60.36
C ALA B 14 -55.98 61.07 -58.86
N ASN B 15 -55.80 62.30 -58.46
CA ASN B 15 -55.61 62.60 -57.02
C ASN B 15 -56.90 62.34 -56.24
N ALA B 16 -58.02 62.49 -56.89
CA ALA B 16 -59.33 62.26 -56.20
C ALA B 16 -59.57 60.74 -56.04
N ALA B 17 -59.37 59.99 -57.09
CA ALA B 17 -59.58 58.52 -57.00
C ALA B 17 -58.59 57.90 -56.01
N VAL B 18 -58.49 56.59 -55.98
CA VAL B 18 -57.54 55.93 -55.04
C VAL B 18 -57.09 54.59 -55.60
N GLY B 19 -56.01 54.05 -55.10
CA GLY B 19 -55.51 52.74 -55.61
C GLY B 19 -56.18 51.60 -54.84
N GLY B 20 -57.49 51.56 -54.86
CA GLY B 20 -58.20 50.47 -54.12
C GLY B 20 -59.20 49.79 -55.06
N GLN B 21 -58.80 49.51 -56.27
CA GLN B 21 -59.73 48.84 -57.23
C GLN B 21 -58.95 48.33 -58.44
N ASP B 22 -58.11 49.15 -59.02
CA ASP B 22 -57.32 48.71 -60.20
C ASP B 22 -56.12 47.86 -59.76
N THR B 23 -55.73 47.97 -58.52
CA THR B 23 -54.57 47.16 -58.03
C THR B 23 -54.83 45.67 -58.24
N THR B 24 -53.89 44.95 -58.80
CA THR B 24 -54.08 43.50 -59.03
C THR B 24 -53.10 42.68 -58.18
N LYS B 25 -52.03 43.30 -57.74
CA LYS B 25 -51.02 42.57 -56.91
C LYS B 25 -51.70 41.96 -55.66
N PRO B 26 -51.55 40.68 -55.49
CA PRO B 26 -52.15 40.00 -54.31
C PRO B 26 -51.40 40.36 -53.03
N LYS B 27 -50.09 40.37 -53.08
CA LYS B 27 -49.30 40.71 -51.87
C LYS B 27 -48.49 41.99 -52.11
N GLU B 28 -48.29 42.77 -51.08
CA GLU B 28 -47.51 44.04 -51.24
C GLU B 28 -46.01 43.75 -51.18
N LEU B 29 -45.63 42.70 -50.50
CA LEU B 29 -44.17 42.36 -50.40
C LEU B 29 -43.57 42.23 -51.80
N SER B 30 -44.35 41.81 -52.76
CA SER B 30 -43.81 41.67 -54.16
C SER B 30 -43.50 43.05 -54.75
N LEU B 31 -44.10 44.08 -54.21
CA LEU B 31 -43.84 45.46 -54.74
C LEU B 31 -42.35 45.79 -54.63
N LYS B 32 -41.76 45.57 -53.49
CA LYS B 32 -40.31 45.87 -53.33
C LYS B 32 -39.47 44.91 -54.16
N GLN B 33 -39.99 43.74 -54.43
CA GLN B 33 -39.22 42.74 -55.24
C GLN B 33 -39.24 43.14 -56.72
N SER B 34 -40.22 43.91 -57.12
CA SER B 34 -40.29 44.33 -58.55
C SER B 34 -39.04 45.13 -58.94
N LEU B 35 -38.40 45.76 -57.98
CA LEU B 35 -37.17 46.55 -58.29
C LEU B 35 -36.11 45.64 -58.93
N GLY B 36 -36.12 44.38 -58.62
CA GLY B 36 -35.11 43.45 -59.20
C GLY B 36 -33.84 43.47 -58.34
N PHE B 37 -33.99 43.60 -57.05
CA PHE B 37 -32.80 43.61 -56.15
C PHE B 37 -32.63 42.25 -55.47
N GLU B 38 -31.67 41.48 -55.92
CA GLU B 38 -31.44 40.14 -55.31
C GLU B 38 -29.98 40.02 -54.84
N PRO B 39 -29.64 40.82 -53.85
CA PRO B 39 -28.26 40.79 -53.31
C PRO B 39 -28.03 39.54 -52.46
N ASN B 40 -29.06 38.77 -52.21
CA ASN B 40 -28.90 37.53 -51.39
C ASN B 40 -27.83 36.61 -52.01
N ILE B 41 -27.91 36.39 -53.29
CA ILE B 41 -26.90 35.51 -53.96
C ILE B 41 -25.50 36.13 -53.85
N ASN B 42 -25.42 37.40 -53.58
CA ASN B 42 -24.08 38.06 -53.45
C ASN B 42 -23.50 37.80 -52.06
N ASN B 43 -24.34 37.75 -51.05
CA ASN B 43 -23.84 37.49 -49.67
C ASN B 43 -23.23 36.09 -49.58
N ILE B 44 -23.63 35.19 -50.43
CA ILE B 44 -23.07 33.81 -50.38
C ILE B 44 -21.65 33.80 -50.94
N ILE B 45 -21.43 34.46 -52.05
CA ILE B 45 -20.06 34.49 -52.64
C ILE B 45 -19.26 35.67 -52.11
N SER B 46 -19.75 36.34 -51.09
CA SER B 46 -19.01 37.51 -50.52
C SER B 46 -18.12 37.04 -49.37
N GLY B 47 -18.57 36.10 -48.59
CA GLY B 47 -17.76 35.61 -47.45
C GLY B 47 -18.01 34.11 -47.24
N PRO B 48 -17.04 33.44 -46.69
CA PRO B 48 -17.17 31.99 -46.43
C PRO B 48 -18.12 31.73 -45.26
N GLY B 49 -18.79 30.61 -45.27
CA GLY B 49 -19.74 30.31 -44.16
C GLY B 49 -20.55 29.06 -44.51
N GLY B 50 -21.78 28.99 -44.07
CA GLY B 50 -22.63 27.82 -44.38
C GLY B 50 -22.05 26.58 -43.71
N MET B 51 -21.55 26.72 -42.51
CA MET B 51 -20.96 25.55 -41.79
C MET B 51 -21.85 25.15 -40.62
N HIS B 52 -22.12 23.88 -40.47
CA HIS B 52 -22.98 23.42 -39.34
C HIS B 52 -22.58 22.00 -38.91
N VAL B 53 -21.86 21.88 -37.82
CA VAL B 53 -21.43 20.53 -37.35
C VAL B 53 -21.14 20.57 -35.84
N ASP B 54 -21.66 19.62 -35.11
CA ASP B 54 -21.42 19.60 -33.64
C ASP B 54 -21.72 18.20 -33.07
N THR B 55 -21.23 17.16 -33.71
CA THR B 55 -21.50 15.78 -33.20
C THR B 55 -20.43 15.39 -32.19
N ALA B 56 -19.23 15.91 -32.34
CA ALA B 56 -18.14 15.55 -31.39
C ALA B 56 -18.50 16.02 -29.97
N ARG B 57 -19.05 17.19 -29.84
CA ARG B 57 -19.43 17.70 -28.50
C ARG B 57 -20.58 16.87 -27.91
N LEU B 58 -21.46 16.40 -28.75
CA LEU B 58 -22.61 15.59 -28.25
C LEU B 58 -22.19 14.11 -28.10
N HIS B 59 -21.68 13.54 -29.15
CA HIS B 59 -21.25 12.11 -29.08
C HIS B 59 -19.89 12.00 -28.36
N PRO B 60 -19.89 11.29 -27.26
CA PRO B 60 -18.64 11.12 -26.48
C PRO B 60 -17.68 10.16 -27.20
N LEU B 61 -16.40 10.35 -27.04
CA LEU B 61 -15.42 9.46 -27.72
C LEU B 61 -15.58 8.02 -27.22
N ALA B 62 -15.61 7.07 -28.12
CA ALA B 62 -15.76 5.65 -27.70
C ALA B 62 -14.42 4.92 -27.81
N GLY B 63 -13.33 5.63 -27.66
CA GLY B 63 -12.00 4.98 -27.76
C GLY B 63 -11.08 5.53 -26.67
N LEU B 64 -11.01 6.83 -26.54
CA LEU B 64 -10.14 7.44 -25.50
C LEU B 64 -10.67 7.12 -24.10
N ASP B 65 -11.96 6.90 -23.98
CA ASP B 65 -12.53 6.59 -22.65
C ASP B 65 -12.16 5.17 -22.22
N LYS B 66 -11.99 4.28 -23.15
CA LYS B 66 -11.61 2.88 -22.79
C LYS B 66 -10.23 2.85 -22.12
N GLY B 67 -9.39 3.80 -22.43
CA GLY B 67 -8.04 3.82 -21.82
C GLY B 67 -8.15 4.23 -20.34
N VAL B 68 -8.67 5.40 -20.09
CA VAL B 68 -8.79 5.87 -18.67
C VAL B 68 -9.75 4.95 -17.90
N GLU B 69 -10.62 4.25 -18.57
CA GLU B 69 -11.57 3.35 -17.86
C GLU B 69 -10.80 2.28 -17.07
N TYR B 70 -9.87 1.62 -17.71
CA TYR B 70 -9.08 0.57 -16.99
C TYR B 70 -8.04 1.21 -16.06
N LEU B 71 -7.89 2.51 -16.11
CA LEU B 71 -6.90 3.18 -15.23
C LEU B 71 -7.28 3.00 -13.76
N ASP B 72 -8.43 3.49 -13.36
CA ASP B 72 -8.86 3.35 -11.94
C ASP B 72 -9.67 2.06 -11.74
N LEU B 73 -10.07 1.44 -12.82
CA LEU B 73 -10.88 0.18 -12.69
C LEU B 73 -9.96 -1.03 -12.45
N GLU B 74 -8.72 -0.93 -12.86
CA GLU B 74 -7.78 -2.07 -12.67
C GLU B 74 -7.05 -1.95 -11.32
N GLU B 75 -6.53 -0.79 -11.03
CA GLU B 75 -5.79 -0.60 -9.73
C GLU B 75 -6.69 -1.00 -8.55
N GLU B 76 -7.98 -0.94 -8.73
CA GLU B 76 -8.90 -1.32 -7.60
C GLU B 76 -8.97 -2.84 -7.47
N GLN B 77 -8.67 -3.57 -8.51
CA GLN B 77 -8.72 -5.05 -8.44
C GLN B 77 -7.70 -5.57 -7.43
N LEU B 78 -6.54 -4.95 -7.36
CA LEU B 78 -5.50 -5.41 -6.39
C LEU B 78 -5.66 -4.69 -5.04
N SER B 79 -6.31 -3.56 -5.03
CA SER B 79 -6.50 -2.82 -3.74
C SER B 79 -7.24 -3.70 -2.73
N SER B 80 -8.29 -4.36 -3.14
CA SER B 80 -9.05 -5.22 -2.21
C SER B 80 -8.41 -6.61 -2.12
N LEU B 81 -7.69 -7.00 -3.14
CA LEU B 81 -7.04 -8.34 -3.13
C LEU B 81 -6.19 -8.51 -1.86
N GLU B 82 -5.62 -7.43 -1.37
CA GLU B 82 -4.79 -7.52 -0.13
C GLU B 82 -5.66 -7.93 1.05
N GLY B 83 -6.87 -7.47 1.09
CA GLY B 83 -7.78 -7.83 2.22
C GLY B 83 -9.03 -8.52 1.67
N SER B 84 -9.23 -9.77 2.00
CA SER B 84 -10.43 -10.49 1.50
C SER B 84 -11.42 -10.74 2.66
N GLN B 85 -10.92 -11.10 3.80
CA GLN B 85 -11.83 -11.36 4.96
C GLN B 85 -12.07 -10.05 5.73
N GLY B 86 -11.08 -9.19 5.79
CA GLY B 86 -11.26 -7.91 6.52
C GLY B 86 -9.89 -7.41 7.01
N LEU B 87 -9.82 -6.98 8.24
CA LEU B 87 -8.52 -6.47 8.78
C LEU B 87 -8.06 -7.36 9.94
N ILE B 88 -6.80 -7.33 10.27
CA ILE B 88 -6.30 -8.18 11.39
C ILE B 88 -6.24 -7.35 12.69
N PRO B 89 -6.96 -7.81 13.69
CA PRO B 89 -6.98 -7.09 14.99
C PRO B 89 -5.64 -7.27 15.72
N SER B 90 -4.89 -8.29 15.38
CA SER B 90 -3.57 -8.50 16.05
C SER B 90 -2.45 -7.88 15.21
N ARG B 91 -2.76 -6.88 14.43
CA ARG B 91 -1.72 -6.22 13.59
C ARG B 91 -0.58 -5.69 14.46
N GLY B 92 0.51 -5.30 13.85
CA GLY B 92 1.65 -4.76 14.64
C GLY B 92 2.69 -5.87 14.89
N TRP B 93 2.24 -7.10 14.98
CA TRP B 93 3.21 -8.21 15.23
C TRP B 93 2.80 -9.44 14.39
N THR B 94 2.23 -9.22 13.24
CA THR B 94 1.81 -10.38 12.40
C THR B 94 2.65 -10.43 11.11
N ASP B 95 3.88 -9.98 11.18
CA ASP B 95 4.75 -10.00 9.97
C ASP B 95 5.06 -11.45 9.58
N ASP B 96 5.03 -12.35 10.53
CA ASP B 96 5.34 -13.78 10.22
C ASP B 96 4.05 -14.52 9.83
N LEU B 97 2.91 -13.96 10.13
CA LEU B 97 1.62 -14.63 9.76
C LEU B 97 1.57 -14.94 8.26
N CYS B 98 2.28 -14.18 7.48
CA CYS B 98 2.28 -14.42 6.00
C CYS B 98 2.83 -15.81 5.69
N TYR B 99 3.67 -16.33 6.55
CA TYR B 99 4.25 -17.69 6.30
C TYR B 99 3.76 -18.67 7.36
N GLY B 100 3.49 -18.20 8.54
CA GLY B 100 3.00 -19.11 9.61
C GLY B 100 1.61 -18.69 10.07
N THR B 101 1.09 -19.31 11.09
CA THR B 101 -0.27 -18.95 11.59
C THR B 101 -0.19 -17.81 12.61
N GLY B 102 1.00 -17.41 13.00
CA GLY B 102 1.14 -16.32 13.99
C GLY B 102 0.90 -16.86 15.40
N ALA B 103 1.48 -17.99 15.71
CA ALA B 103 1.29 -18.58 17.07
C ALA B 103 2.05 -17.76 18.12
N VAL B 104 2.89 -16.85 17.69
CA VAL B 104 3.67 -16.02 18.68
C VAL B 104 2.71 -15.36 19.68
N TYR B 105 1.59 -14.87 19.22
CA TYR B 105 0.62 -14.21 20.13
C TYR B 105 -0.11 -15.26 20.97
N LEU B 106 -0.80 -16.17 20.33
CA LEU B 106 -1.56 -17.22 21.07
C LEU B 106 -0.60 -18.08 21.92
N LEU B 107 0.33 -18.75 21.29
CA LEU B 107 1.29 -19.61 22.06
C LEU B 107 1.89 -18.83 23.24
N GLY B 108 1.97 -17.53 23.12
CA GLY B 108 2.54 -16.70 24.22
C GLY B 108 1.67 -16.86 25.47
N LEU B 109 0.43 -17.22 25.30
CA LEU B 109 -0.48 -17.38 26.48
C LEU B 109 -0.29 -18.76 27.12
N GLY B 110 0.07 -19.75 26.32
CA GLY B 110 0.26 -21.12 26.87
C GLY B 110 1.57 -21.18 27.66
N ILE B 111 2.53 -20.38 27.28
CA ILE B 111 3.85 -20.39 28.00
C ILE B 111 3.65 -19.99 29.46
N GLY B 112 2.89 -18.97 29.71
CA GLY B 112 2.66 -18.52 31.12
C GLY B 112 1.94 -19.63 31.90
N GLY B 113 1.20 -20.46 31.22
CA GLY B 113 0.46 -21.55 31.92
C GLY B 113 1.40 -22.76 32.14
N PHE B 114 2.34 -22.96 31.27
CA PHE B 114 3.28 -24.11 31.43
C PHE B 114 4.50 -23.70 32.26
N SER B 115 5.08 -22.57 31.97
CA SER B 115 6.28 -22.11 32.75
C SER B 115 5.93 -21.98 34.24
N GLY B 116 4.67 -21.79 34.55
CA GLY B 116 4.28 -21.65 35.99
C GLY B 116 4.59 -22.95 36.73
N MET B 117 4.42 -24.07 36.08
CA MET B 117 4.70 -25.38 36.76
C MET B 117 6.15 -25.42 37.26
N MET B 118 7.00 -24.61 36.70
CA MET B 118 8.44 -24.61 37.14
C MET B 118 8.53 -24.29 38.63
N GLN B 119 8.07 -23.13 39.03
CA GLN B 119 8.14 -22.74 40.47
C GLN B 119 6.87 -23.20 41.20
N GLY B 120 5.79 -23.33 40.49
CA GLY B 120 4.51 -23.78 41.13
C GLY B 120 4.63 -25.24 41.55
N LEU B 121 5.57 -25.96 40.98
CA LEU B 121 5.72 -27.41 41.34
C LEU B 121 5.84 -27.57 42.86
N GLN B 122 6.40 -26.60 43.53
CA GLN B 122 6.55 -26.69 45.01
C GLN B 122 5.17 -26.64 45.68
N ASN B 123 4.24 -25.94 45.08
CA ASN B 123 2.87 -25.86 45.67
C ASN B 123 2.11 -27.17 45.45
N ILE B 124 2.33 -27.81 44.32
CA ILE B 124 1.62 -29.08 44.04
C ILE B 124 2.51 -30.27 44.39
N PRO B 125 2.20 -30.93 45.48
CA PRO B 125 3.01 -32.10 45.93
C PRO B 125 2.77 -33.29 45.00
N PRO B 126 3.60 -34.29 45.12
CA PRO B 126 3.47 -35.50 44.28
C PRO B 126 2.29 -36.35 44.76
N ASN B 127 2.18 -37.56 44.26
CA ASN B 127 1.05 -38.44 44.67
C ASN B 127 1.54 -39.52 45.64
N SER B 128 2.57 -39.24 46.38
CA SER B 128 3.10 -40.26 47.34
C SER B 128 2.27 -40.25 48.63
N PRO B 129 2.09 -41.41 49.21
CA PRO B 129 1.31 -41.51 50.46
C PRO B 129 2.10 -40.96 51.65
N GLY B 130 1.62 -39.92 52.27
CA GLY B 130 2.36 -39.33 53.42
C GLY B 130 1.37 -39.02 54.55
N LYS B 131 0.45 -39.91 54.81
CA LYS B 131 -0.54 -39.66 55.90
C LYS B 131 -0.20 -40.52 57.12
N LEU B 132 0.37 -41.67 56.91
CA LEU B 132 0.72 -42.55 58.07
C LEU B 132 2.17 -42.28 58.52
N GLN B 133 3.00 -41.82 57.62
CA GLN B 133 4.42 -41.54 57.99
C GLN B 133 4.48 -40.38 58.99
N LEU B 134 3.50 -39.52 58.99
CA LEU B 134 3.50 -38.37 59.95
C LEU B 134 3.59 -38.88 61.39
N ASN B 135 3.22 -40.11 61.63
CA ASN B 135 3.29 -40.66 63.01
C ASN B 135 4.66 -41.28 63.28
N THR B 136 5.39 -41.60 62.24
CA THR B 136 6.74 -42.22 62.44
C THR B 136 7.62 -41.31 63.29
N VAL B 137 7.58 -40.03 63.06
CA VAL B 137 8.42 -39.09 63.86
C VAL B 137 8.06 -39.18 65.35
N LEU B 138 6.89 -39.68 65.65
CA LEU B 138 6.49 -39.80 67.08
C LEU B 138 7.09 -41.07 67.71
N ASN B 139 7.15 -42.14 66.95
CA ASN B 139 7.72 -43.40 67.50
C ASN B 139 9.25 -43.38 67.38
N HIS B 140 9.76 -42.72 66.38
CA HIS B 140 11.24 -42.67 66.20
C HIS B 140 11.66 -41.29 65.64
N ILE B 141 12.59 -40.64 66.28
CA ILE B 141 13.03 -39.30 65.78
C ILE B 141 14.09 -39.49 64.68
N THR B 142 13.98 -38.72 63.62
CA THR B 142 14.99 -38.84 62.52
C THR B 142 15.16 -37.48 61.82
N LYS B 143 14.08 -36.87 61.40
CA LYS B 143 14.18 -35.55 60.72
C LYS B 143 15.18 -35.62 59.56
N ARG B 144 14.72 -35.90 58.37
CA ARG B 144 15.63 -35.98 57.19
C ARG B 144 15.86 -34.59 56.61
N GLY B 145 17.09 -34.27 56.28
CA GLY B 145 17.38 -32.92 55.70
C GLY B 145 16.83 -32.85 54.28
N PRO B 146 16.47 -31.66 53.86
CA PRO B 146 15.92 -31.46 52.50
C PRO B 146 17.03 -31.58 51.45
N PHE B 147 16.70 -32.00 50.26
CA PHE B 147 17.74 -32.14 49.20
C PHE B 147 17.87 -30.81 48.43
N LEU B 148 19.02 -30.58 47.84
CA LEU B 148 19.21 -29.30 47.08
C LEU B 148 18.21 -29.22 45.92
N GLY B 149 17.51 -28.13 45.80
CA GLY B 149 16.52 -27.98 44.70
C GLY B 149 17.17 -27.25 43.53
N ASN B 150 18.35 -27.65 43.15
CA ASN B 150 19.04 -26.97 42.01
C ASN B 150 18.79 -27.74 40.71
N ASN B 151 17.81 -28.61 40.69
CA ASN B 151 17.51 -29.39 39.46
C ASN B 151 16.38 -28.72 38.66
N ALA B 152 15.37 -28.26 39.35
CA ALA B 152 14.22 -27.60 38.63
C ALA B 152 14.66 -26.23 38.12
N GLY B 153 15.56 -25.57 38.82
CA GLY B 153 16.01 -24.23 38.36
C GLY B 153 16.65 -24.33 36.99
N ILE B 154 17.35 -25.41 36.73
CA ILE B 154 18.01 -25.57 35.39
C ILE B 154 16.97 -25.98 34.35
N LEU B 155 15.89 -26.59 34.76
CA LEU B 155 14.84 -27.02 33.79
C LEU B 155 14.29 -25.81 33.03
N ALA B 156 14.31 -24.65 33.64
CA ALA B 156 13.77 -23.44 32.95
C ALA B 156 14.61 -23.13 31.71
N LEU B 157 15.79 -23.67 31.61
CA LEU B 157 16.65 -23.40 30.42
C LEU B 157 16.32 -24.38 29.28
N SER B 158 16.01 -25.61 29.61
CA SER B 158 15.68 -26.60 28.55
C SER B 158 14.33 -26.27 27.90
N TYR B 159 13.52 -25.48 28.56
CA TYR B 159 12.19 -25.11 27.97
C TYR B 159 12.35 -23.98 26.95
N ASN B 160 13.44 -23.25 27.01
CA ASN B 160 13.64 -22.14 26.05
C ASN B 160 14.36 -22.62 24.79
N ILE B 161 15.13 -23.69 24.90
CA ILE B 161 15.86 -24.20 23.71
C ILE B 161 14.97 -25.16 22.90
N ILE B 162 13.98 -25.75 23.52
CA ILE B 162 13.09 -26.69 22.79
C ILE B 162 11.95 -25.91 22.11
N ASN B 163 11.62 -24.75 22.62
CA ASN B 163 10.53 -23.94 22.01
C ASN B 163 11.08 -23.04 20.91
N SER B 164 12.36 -22.75 20.95
CA SER B 164 12.96 -21.87 19.91
C SER B 164 12.78 -22.48 18.52
N THR B 165 12.61 -23.77 18.44
CA THR B 165 12.41 -24.43 17.11
C THR B 165 11.08 -24.01 16.51
N ILE B 166 10.02 -24.07 17.26
CA ILE B 166 8.69 -23.67 16.73
C ILE B 166 8.74 -22.23 16.21
N ASP B 167 9.51 -21.39 16.84
CA ASP B 167 9.60 -19.97 16.41
C ASP B 167 10.72 -19.78 15.38
N ALA B 168 11.80 -20.52 15.51
CA ALA B 168 12.92 -20.38 14.53
C ALA B 168 12.41 -20.48 13.10
N LEU B 169 11.47 -21.35 12.86
CA LEU B 169 10.92 -21.51 11.47
C LEU B 169 10.44 -20.16 10.92
N ARG B 170 10.15 -19.22 11.78
CA ARG B 170 9.67 -17.88 11.30
C ARG B 170 10.78 -17.15 10.55
N GLY B 171 11.88 -16.89 11.20
CA GLY B 171 13.01 -16.18 10.52
C GLY B 171 12.58 -14.75 10.18
N LYS B 172 13.31 -13.77 10.64
CA LYS B 172 12.94 -12.36 10.33
C LYS B 172 14.18 -11.47 10.30
N HIS B 173 14.05 -10.24 9.85
CA HIS B 173 15.22 -9.33 9.79
C HIS B 173 15.09 -8.24 10.86
N ASP B 174 16.04 -8.15 11.75
CA ASP B 174 15.98 -7.11 12.82
C ASP B 174 17.09 -6.06 12.61
N THR B 175 18.16 -6.43 11.97
CA THR B 175 19.27 -5.47 11.72
C THR B 175 19.85 -4.95 13.05
N ALA B 176 19.63 -5.66 14.13
CA ALA B 176 20.18 -5.20 15.44
C ALA B 176 21.05 -6.29 16.07
N GLY B 177 21.51 -7.23 15.28
CA GLY B 177 22.38 -8.31 15.84
C GLY B 177 23.60 -7.66 16.53
N SER B 178 23.86 -6.43 16.21
CA SER B 178 25.00 -5.71 16.84
C SER B 178 24.57 -5.18 18.22
N ILE B 179 23.28 -5.12 18.47
CA ILE B 179 22.78 -4.62 19.79
C ILE B 179 23.04 -5.67 20.89
N GLY B 180 23.26 -6.89 20.51
CA GLY B 180 23.49 -7.97 21.52
C GLY B 180 24.54 -7.54 22.55
N ALA B 181 25.41 -6.63 22.20
CA ALA B 181 26.46 -6.19 23.17
C ALA B 181 25.87 -5.28 24.26
N GLY B 182 25.22 -4.21 23.87
CA GLY B 182 24.63 -3.27 24.88
C GLY B 182 23.75 -4.02 25.87
N ALA B 183 23.23 -5.16 25.50
CA ALA B 183 22.34 -5.93 26.43
C ALA B 183 23.18 -6.85 27.33
N LEU B 184 24.40 -7.11 26.98
CA LEU B 184 25.25 -8.02 27.81
C LEU B 184 25.58 -7.37 29.17
N THR B 185 26.30 -6.29 29.17
CA THR B 185 26.65 -5.62 30.46
C THR B 185 25.39 -5.13 31.18
N GLY B 186 24.32 -4.93 30.46
CA GLY B 186 23.06 -4.46 31.11
C GLY B 186 22.65 -5.44 32.20
N ALA B 187 22.83 -6.71 31.97
CA ALA B 187 22.45 -7.73 33.01
C ALA B 187 23.63 -8.01 33.95
N LEU B 188 24.83 -7.79 33.49
CA LEU B 188 26.01 -8.04 34.36
C LEU B 188 25.92 -7.22 35.65
N PHE B 189 25.39 -6.02 35.57
CA PHE B 189 25.27 -5.18 36.80
C PHE B 189 24.07 -5.63 37.63
N LYS B 190 23.15 -6.34 37.05
CA LYS B 190 21.96 -6.81 37.81
C LYS B 190 22.40 -7.64 39.03
N SER B 191 23.57 -8.22 38.97
CA SER B 191 24.05 -9.04 40.12
C SER B 191 25.54 -8.80 40.34
N SER B 192 25.91 -8.30 41.49
CA SER B 192 27.35 -8.04 41.77
C SER B 192 27.63 -8.13 43.27
N LYS B 193 27.58 -9.32 43.82
CA LYS B 193 27.84 -9.47 45.28
C LYS B 193 28.85 -10.60 45.52
N GLY B 194 29.69 -10.87 44.55
CA GLY B 194 30.71 -11.95 44.72
C GLY B 194 30.52 -12.99 43.62
N LEU B 195 29.72 -13.99 43.88
CA LEU B 195 29.49 -15.04 42.85
C LEU B 195 28.49 -14.56 41.80
N LYS B 196 28.87 -14.56 40.55
CA LYS B 196 27.95 -14.09 39.48
C LYS B 196 27.29 -15.28 38.78
N PRO B 197 26.04 -15.53 39.11
CA PRO B 197 25.30 -16.65 38.48
C PRO B 197 24.96 -16.33 37.02
N MET B 198 24.97 -15.07 36.67
CA MET B 198 24.65 -14.68 35.27
C MET B 198 25.64 -15.32 34.29
N GLY B 199 26.80 -15.71 34.79
CA GLY B 199 27.82 -16.34 33.89
C GLY B 199 27.18 -17.50 33.12
N TYR B 200 26.35 -18.28 33.76
CA TYR B 200 25.69 -19.41 33.05
C TYR B 200 24.45 -18.93 32.30
N SER B 201 23.84 -17.88 32.78
CA SER B 201 22.62 -17.35 32.10
C SER B 201 22.97 -16.79 30.72
N SER B 202 24.21 -16.43 30.52
CA SER B 202 24.62 -15.87 29.19
C SER B 202 24.34 -16.89 28.09
N ALA B 203 24.59 -18.15 28.35
CA ALA B 203 24.34 -19.19 27.31
C ALA B 203 22.87 -19.13 26.84
N MET B 204 22.00 -18.59 27.67
CA MET B 204 20.57 -18.50 27.26
C MET B 204 20.39 -17.37 26.24
N VAL B 205 20.95 -16.22 26.50
CA VAL B 205 20.82 -15.09 25.53
C VAL B 205 21.72 -15.34 24.33
N ALA B 206 22.82 -16.02 24.53
CA ALA B 206 23.74 -16.31 23.39
C ALA B 206 23.00 -17.07 22.29
N ALA B 207 22.22 -18.05 22.66
CA ALA B 207 21.46 -18.82 21.63
C ALA B 207 20.52 -17.88 20.88
N ALA B 208 20.05 -16.85 21.53
CA ALA B 208 19.14 -15.89 20.86
C ALA B 208 19.86 -15.25 19.67
N CYS B 209 21.16 -15.11 19.76
CA CYS B 209 21.93 -14.50 18.63
C CYS B 209 21.74 -15.35 17.36
N ALA B 210 21.76 -16.65 17.50
CA ALA B 210 21.58 -17.53 16.31
C ALA B 210 20.19 -17.34 15.70
N VAL B 211 19.16 -17.37 16.52
CA VAL B 211 17.77 -17.18 16.00
C VAL B 211 17.68 -15.86 15.24
N TRP B 212 18.14 -14.79 15.83
CA TRP B 212 18.09 -13.47 15.14
C TRP B 212 19.10 -13.45 14.00
N CYS B 213 20.30 -13.91 14.25
CA CYS B 213 21.33 -13.94 13.18
C CYS B 213 20.83 -14.84 12.04
N SER B 214 19.85 -15.67 12.31
CA SER B 214 19.29 -16.59 11.26
C SER B 214 19.04 -15.80 9.96
N VAL B 215 18.99 -14.49 10.04
CA VAL B 215 18.76 -13.66 8.81
C VAL B 215 19.64 -14.16 7.66
N LYS B 216 20.93 -14.04 7.77
CA LYS B 216 21.84 -14.52 6.69
C LYS B 216 22.60 -15.77 7.16
N LYS B 217 21.89 -16.83 7.42
CA LYS B 217 22.57 -18.09 7.88
C LYS B 217 22.81 -19.02 6.69
N ARG B 218 22.96 -18.47 5.52
CA ARG B 218 23.19 -19.34 4.31
C ARG B 218 24.68 -19.33 3.95
N LEU B 219 25.42 -18.37 4.43
CA LEU B 219 26.88 -18.32 4.11
C LEU B 219 27.71 -18.92 5.25
N LEU B 220 27.20 -18.86 6.45
CA LEU B 220 27.96 -19.43 7.61
C LEU B 220 28.21 -20.93 7.39
N GLU B 221 27.37 -21.58 6.62
CA GLU B 221 27.57 -23.04 6.37
C GLU B 221 27.66 -23.81 7.69
N LYS B 222 26.88 -23.43 8.67
CA LYS B 222 26.92 -24.13 9.99
C LYS B 222 25.90 -25.26 10.00
N MET C 1 0.71 -4.28 7.87
CA MET C 1 1.43 -3.37 8.81
C MET C 1 0.81 -1.97 8.77
N LEU C 2 0.46 -1.49 7.60
CA LEU C 2 -0.15 -0.14 7.49
C LEU C 2 -1.50 -0.22 6.76
N SER C 3 -2.54 -0.54 7.48
CA SER C 3 -3.89 -0.64 6.83
C SER C 3 -4.49 0.75 6.64
N LEU C 4 -4.00 1.51 5.69
CA LEU C 4 -4.54 2.87 5.46
C LEU C 4 -4.84 3.07 3.96
N ARG C 5 -6.05 2.81 3.55
CA ARG C 5 -6.41 2.97 2.11
C ARG C 5 -7.81 3.55 1.97
N GLN C 6 -7.99 4.49 1.08
CA GLN C 6 -9.33 5.10 0.89
C GLN C 6 -10.10 4.37 -0.22
N SER C 7 -10.59 3.19 0.05
CA SER C 7 -11.34 2.43 -0.99
C SER C 7 -12.79 2.25 -0.55
N ILE C 8 -13.63 3.20 -0.83
CA ILE C 8 -15.07 3.08 -0.43
C ILE C 8 -15.94 2.78 -1.66
N ARG C 9 -15.39 2.09 -2.62
CA ARG C 9 -16.19 1.75 -3.84
C ARG C 9 -17.07 0.54 -3.58
N PHE C 10 -18.34 0.64 -3.89
CA PHE C 10 -19.26 -0.51 -3.67
C PHE C 10 -19.48 -1.28 -4.97
N PHE C 11 -18.49 -1.31 -5.82
CA PHE C 11 -18.63 -2.04 -7.12
C PHE C 11 -17.82 -3.33 -7.09
N LYS C 12 -18.36 -4.39 -7.64
CA LYS C 12 -17.63 -5.69 -7.64
C LYS C 12 -17.65 -6.31 -9.05
N PRO C 13 -16.62 -6.04 -9.81
CA PRO C 13 -16.54 -6.58 -11.19
C PRO C 13 -16.27 -8.09 -11.16
N ALA C 14 -16.74 -8.81 -12.14
CA ALA C 14 -16.51 -10.29 -12.17
C ALA C 14 -15.04 -10.58 -12.45
N THR C 15 -14.72 -11.78 -12.84
CA THR C 15 -13.31 -12.14 -13.13
C THR C 15 -12.95 -11.78 -14.58
N ARG C 16 -11.73 -11.37 -14.82
CA ARG C 16 -11.33 -11.00 -16.21
C ARG C 16 -10.95 -12.26 -17.00
N THR C 17 -11.12 -12.22 -18.30
CA THR C 17 -10.77 -13.41 -19.13
C THR C 17 -10.17 -12.96 -20.46
N LEU C 18 -8.87 -12.82 -20.51
CA LEU C 18 -8.21 -12.38 -21.78
C LEU C 18 -7.02 -13.30 -22.10
N CYS C 19 -6.06 -13.37 -21.21
CA CYS C 19 -4.87 -14.23 -21.46
C CYS C 19 -4.23 -13.90 -22.82
N SER C 20 -3.48 -12.82 -22.88
CA SER C 20 -2.84 -12.43 -24.16
C SER C 20 -1.70 -11.44 -23.90
N SER C 21 -1.20 -10.81 -24.93
CA SER C 21 -0.10 -9.83 -24.74
C SER C 21 -0.11 -8.78 -25.86
N ARG C 22 -0.87 -7.74 -25.70
CA ARG C 22 -0.93 -6.68 -26.75
C ARG C 22 -0.38 -5.37 -26.22
N TYR C 23 -0.05 -4.45 -27.09
CA TYR C 23 0.49 -3.14 -26.63
C TYR C 23 0.49 -2.13 -27.78
N LEU C 24 -0.48 -1.26 -27.81
CA LEU C 24 -0.55 -0.24 -28.90
C LEU C 24 -0.61 1.17 -28.31
N LEU C 25 -1.43 1.37 -27.31
CA LEU C 25 -1.55 2.72 -26.69
C LEU C 25 -1.07 2.67 -25.24
N MET A 1 1.88 6.83 -99.87
CA MET A 1 0.86 5.80 -100.20
C MET A 1 1.48 4.39 -100.16
N SER A 2 0.74 3.43 -99.68
CA SER A 2 1.29 2.05 -99.60
C SER A 2 0.15 1.03 -99.57
N TRP A 3 -0.88 1.25 -100.34
CA TRP A 3 -2.02 0.29 -100.34
C TRP A 3 -1.79 -0.83 -101.37
N LEU A 4 -0.61 -0.88 -101.95
CA LEU A 4 -0.33 -1.94 -102.96
C LEU A 4 0.47 -3.09 -102.32
N PHE A 5 0.46 -3.17 -101.02
CA PHE A 5 1.22 -4.27 -100.34
C PHE A 5 0.26 -5.20 -99.60
N GLY A 6 -1.01 -5.13 -99.90
CA GLY A 6 -1.99 -6.02 -99.20
C GLY A 6 -2.22 -5.51 -97.77
N ASP A 7 -2.38 -4.22 -97.62
CA ASP A 7 -2.60 -3.66 -96.25
C ASP A 7 -4.08 -3.81 -95.86
N LYS A 8 -4.36 -4.50 -94.78
CA LYS A 8 -5.76 -4.68 -94.35
C LYS A 8 -6.29 -3.40 -93.71
N THR A 9 -7.40 -2.89 -94.19
CA THR A 9 -7.95 -1.64 -93.60
C THR A 9 -8.85 -1.97 -92.40
N PRO A 10 -8.91 -1.06 -91.47
CA PRO A 10 -9.74 -1.27 -90.26
C PRO A 10 -11.22 -1.11 -90.59
N THR A 11 -12.07 -1.89 -89.98
CA THR A 11 -13.53 -1.78 -90.27
C THR A 11 -14.26 -1.20 -89.05
N ASP A 12 -13.58 -0.43 -88.24
CA ASP A 12 -14.25 0.17 -87.05
C ASP A 12 -14.68 1.61 -87.34
N ASP A 13 -14.30 2.14 -88.47
CA ASP A 13 -14.71 3.54 -88.81
C ASP A 13 -16.24 3.66 -88.83
N ALA A 14 -16.92 2.59 -89.14
CA ALA A 14 -18.41 2.63 -89.18
C ALA A 14 -18.98 2.93 -87.79
N ASN A 15 -18.54 2.19 -86.81
CA ASN A 15 -19.06 2.42 -85.43
C ASN A 15 -18.46 3.72 -84.85
N ALA A 16 -17.30 4.10 -85.31
CA ALA A 16 -16.67 5.36 -84.79
C ALA A 16 -17.29 6.59 -85.47
N ALA A 17 -18.21 6.39 -86.38
CA ALA A 17 -18.85 7.55 -87.07
C ALA A 17 -17.78 8.46 -87.69
N VAL A 18 -18.14 9.68 -88.01
CA VAL A 18 -17.14 10.61 -88.62
C VAL A 18 -16.17 11.12 -87.54
N GLY A 19 -16.50 10.96 -86.29
CA GLY A 19 -15.59 11.43 -85.21
C GLY A 19 -15.73 12.94 -85.03
N GLY A 20 -16.92 13.46 -85.27
CA GLY A 20 -17.13 14.93 -85.12
C GLY A 20 -18.16 15.39 -86.15
N GLN A 21 -17.98 16.57 -86.68
CA GLN A 21 -18.95 17.09 -87.70
C GLN A 21 -18.33 18.24 -88.48
N ASP A 22 -17.67 19.14 -87.81
CA ASP A 22 -17.04 20.30 -88.52
C ASP A 22 -15.95 19.79 -89.47
N THR A 23 -15.33 18.70 -89.14
CA THR A 23 -14.25 18.16 -90.02
C THR A 23 -14.81 17.79 -91.40
N THR A 24 -14.18 18.23 -92.45
CA THR A 24 -14.69 17.91 -93.81
C THR A 24 -13.69 17.02 -94.55
N LYS A 25 -12.47 16.94 -94.07
CA LYS A 25 -11.44 16.08 -94.75
C LYS A 25 -11.97 14.64 -94.90
N PRO A 26 -11.72 14.06 -96.04
CA PRO A 26 -12.17 12.67 -96.29
C PRO A 26 -11.33 11.67 -95.50
N LYS A 27 -10.04 11.85 -95.50
CA LYS A 27 -9.15 10.92 -94.75
C LYS A 27 -9.44 11.01 -93.24
N GLU A 28 -9.74 9.90 -92.62
CA GLU A 28 -10.03 9.94 -91.15
C GLU A 28 -8.73 9.94 -90.34
N LEU A 29 -7.64 9.54 -90.94
CA LEU A 29 -6.34 9.52 -90.20
C LEU A 29 -6.01 10.93 -89.69
N SER A 30 -6.50 11.95 -90.36
CA SER A 30 -6.21 13.34 -89.91
C SER A 30 -6.92 13.63 -88.58
N LEU A 31 -7.94 12.87 -88.26
CA LEU A 31 -8.68 13.10 -86.98
C LEU A 31 -7.73 12.99 -85.78
N LYS A 32 -6.67 12.24 -85.93
CA LYS A 32 -5.71 12.09 -84.80
C LYS A 32 -4.99 13.41 -84.52
N GLN A 33 -4.85 14.24 -85.52
CA GLN A 33 -4.16 15.55 -85.32
C GLN A 33 -5.18 16.62 -84.92
N SER A 34 -6.41 16.47 -85.32
CA SER A 34 -7.45 17.48 -84.96
C SER A 34 -7.75 17.42 -83.47
N LEU A 35 -7.60 16.27 -82.87
CA LEU A 35 -7.89 16.15 -81.41
C LEU A 35 -6.62 16.45 -80.60
N GLY A 36 -5.48 16.14 -81.14
CA GLY A 36 -4.20 16.42 -80.41
C GLY A 36 -3.83 15.19 -79.57
N PHE A 37 -3.85 14.03 -80.15
CA PHE A 37 -3.49 12.80 -79.38
C PHE A 37 -2.02 12.85 -78.95
N GLU A 38 -1.68 12.19 -77.88
CA GLU A 38 -0.27 12.20 -77.41
C GLU A 38 0.20 10.78 -77.06
N PRO A 39 1.44 10.51 -77.34
CA PRO A 39 2.00 9.16 -77.06
C PRO A 39 2.22 8.97 -75.55
N ASN A 40 2.28 10.05 -74.81
CA ASN A 40 2.50 9.93 -73.34
C ASN A 40 1.42 9.05 -72.69
N ILE A 41 0.19 9.20 -73.11
CA ILE A 41 -0.90 8.37 -72.52
C ILE A 41 -0.69 6.89 -72.86
N ASN A 42 0.03 6.61 -73.91
CA ASN A 42 0.26 5.18 -74.29
C ASN A 42 1.31 4.55 -73.37
N ASN A 43 2.13 5.36 -72.75
CA ASN A 43 3.17 4.81 -71.84
C ASN A 43 2.61 4.58 -70.43
N ILE A 44 1.55 5.27 -70.10
CA ILE A 44 0.94 5.10 -68.74
C ILE A 44 0.39 3.68 -68.58
N ILE A 45 -0.01 3.06 -69.66
CA ILE A 45 -0.55 1.68 -69.57
C ILE A 45 0.41 0.68 -70.23
N SER A 46 1.68 0.99 -70.23
CA SER A 46 2.67 0.07 -70.86
C SER A 46 3.65 -0.45 -69.80
N GLY A 47 3.16 -0.91 -68.68
CA GLY A 47 4.07 -1.42 -67.62
C GLY A 47 3.84 -0.63 -66.32
N PRO A 48 4.51 0.48 -66.21
CA PRO A 48 4.38 1.33 -64.99
C PRO A 48 3.01 2.05 -64.99
N GLY A 49 2.55 2.47 -63.86
CA GLY A 49 1.24 3.17 -63.78
C GLY A 49 0.29 2.39 -62.88
N GLY A 50 -0.99 2.51 -63.10
CA GLY A 50 -1.97 1.78 -62.24
C GLY A 50 -2.54 2.72 -61.18
N MET A 51 -3.82 2.95 -61.21
CA MET A 51 -4.44 3.87 -60.21
C MET A 51 -4.47 3.20 -58.83
N HIS A 52 -3.32 2.98 -58.24
CA HIS A 52 -3.27 2.34 -56.89
C HIS A 52 -2.72 3.31 -55.85
N VAL A 53 -3.57 3.88 -55.04
CA VAL A 53 -3.09 4.83 -54.00
C VAL A 53 -3.30 4.25 -52.60
N ASP A 54 -2.26 4.16 -51.82
CA ASP A 54 -2.40 3.60 -50.45
C ASP A 54 -3.30 4.51 -49.59
N THR A 55 -4.53 4.11 -49.37
CA THR A 55 -5.45 4.95 -48.55
C THR A 55 -5.02 4.95 -47.09
N ALA A 56 -4.21 3.99 -46.70
CA ALA A 56 -3.75 3.94 -45.28
C ALA A 56 -3.02 5.23 -44.90
N ARG A 57 -2.22 5.75 -45.79
CA ARG A 57 -1.48 7.01 -45.48
C ARG A 57 -2.38 8.22 -45.70
N LEU A 58 -3.34 8.10 -46.58
CA LEU A 58 -4.25 9.25 -46.84
C LEU A 58 -5.14 9.53 -45.62
N HIS A 59 -5.89 8.56 -45.19
CA HIS A 59 -6.77 8.76 -44.01
C HIS A 59 -5.93 8.84 -42.73
N PRO A 60 -6.24 9.81 -41.90
CA PRO A 60 -5.48 9.98 -40.63
C PRO A 60 -5.88 8.89 -39.63
N LEU A 61 -5.29 8.90 -38.46
CA LEU A 61 -5.64 7.88 -37.43
C LEU A 61 -6.07 8.55 -36.13
N ALA A 62 -6.82 7.87 -35.31
CA ALA A 62 -7.28 8.47 -34.03
C ALA A 62 -6.11 8.54 -33.03
N GLY A 63 -5.31 7.51 -32.98
CA GLY A 63 -4.16 7.51 -32.03
C GLY A 63 -4.62 6.98 -30.67
N LEU A 64 -4.65 5.68 -30.50
CA LEU A 64 -5.09 5.11 -29.21
C LEU A 64 -3.91 5.00 -28.22
N ASP A 65 -2.72 5.32 -28.67
CA ASP A 65 -1.54 5.24 -27.76
C ASP A 65 -1.70 6.19 -26.57
N LYS A 66 -2.51 7.21 -26.72
CA LYS A 66 -2.72 8.18 -25.60
C LYS A 66 -3.24 7.44 -24.36
N GLY A 67 -4.11 6.48 -24.54
CA GLY A 67 -4.66 5.73 -23.38
C GLY A 67 -3.59 4.77 -22.84
N VAL A 68 -2.75 4.26 -23.69
CA VAL A 68 -1.69 3.32 -23.23
C VAL A 68 -0.52 4.11 -22.63
N GLU A 69 -0.33 5.32 -23.05
CA GLU A 69 0.81 6.14 -22.50
C GLU A 69 0.62 6.35 -20.99
N TYR A 70 -0.56 6.72 -20.58
CA TYR A 70 -0.81 6.95 -19.12
C TYR A 70 -1.19 5.64 -18.43
N LEU A 71 -1.40 4.58 -19.18
CA LEU A 71 -1.78 3.28 -18.56
C LEU A 71 -0.73 2.86 -17.53
N ASP A 72 0.50 2.67 -17.95
CA ASP A 72 1.56 2.26 -17.00
C ASP A 72 2.09 3.48 -16.23
N LEU A 73 1.92 4.66 -16.76
CA LEU A 73 2.40 5.88 -16.05
C LEU A 73 1.47 6.22 -14.89
N GLU A 74 0.19 6.24 -15.13
CA GLU A 74 -0.76 6.57 -14.03
C GLU A 74 -0.66 5.53 -12.90
N GLU A 75 -0.61 4.27 -13.24
CA GLU A 75 -0.50 3.22 -12.20
C GLU A 75 0.75 3.43 -11.35
N GLU A 76 1.77 4.03 -11.92
CA GLU A 76 3.02 4.27 -11.15
C GLU A 76 2.94 5.60 -10.40
N GLN A 77 2.06 6.47 -10.81
CA GLN A 77 1.94 7.80 -10.13
C GLN A 77 1.60 7.59 -8.64
N LEU A 78 0.61 6.79 -8.36
CA LEU A 78 0.23 6.55 -6.93
C LEU A 78 1.17 5.52 -6.29
N SER A 79 1.85 4.74 -7.09
CA SER A 79 2.78 3.73 -6.52
C SER A 79 3.86 4.41 -5.67
N SER A 80 4.52 5.40 -6.22
CA SER A 80 5.58 6.11 -5.45
C SER A 80 4.95 6.92 -4.31
N LEU A 81 3.70 7.26 -4.43
CA LEU A 81 3.02 8.06 -3.36
C LEU A 81 3.15 7.34 -2.02
N GLU A 82 3.03 6.04 -2.00
CA GLU A 82 3.14 5.28 -0.73
C GLU A 82 4.53 5.48 -0.12
N GLY A 83 5.55 5.47 -0.94
CA GLY A 83 6.93 5.65 -0.41
C GLY A 83 7.83 6.22 -1.50
N SER A 84 7.91 7.53 -1.60
CA SER A 84 8.77 8.15 -2.65
C SER A 84 10.07 8.66 -2.03
N GLN A 85 10.32 8.38 -0.77
CA GLN A 85 11.58 8.85 -0.13
C GLN A 85 12.61 7.72 -0.08
N GLY A 86 12.15 6.50 -0.06
CA GLY A 86 13.10 5.35 -0.01
C GLY A 86 13.40 5.00 1.45
N LEU A 87 12.67 4.06 2.00
CA LEU A 87 12.91 3.68 3.43
C LEU A 87 12.22 2.34 3.73
N ILE A 88 12.53 1.75 4.85
CA ILE A 88 11.91 0.44 5.21
C ILE A 88 10.99 0.62 6.43
N PRO A 89 9.81 1.16 6.18
CA PRO A 89 8.84 1.39 7.28
C PRO A 89 8.24 0.06 7.76
N SER A 90 8.52 -1.02 7.08
CA SER A 90 7.98 -2.34 7.51
C SER A 90 8.97 -3.07 8.42
N ARG A 91 9.73 -2.33 9.20
CA ARG A 91 10.72 -2.98 10.10
C ARG A 91 10.00 -3.83 11.16
N GLY A 92 8.78 -3.47 11.47
CA GLY A 92 8.02 -4.25 12.48
C GLY A 92 7.98 -3.47 13.79
N TRP A 93 8.96 -2.64 14.04
CA TRP A 93 8.98 -1.84 15.30
C TRP A 93 9.05 -0.35 14.97
N THR A 94 8.49 0.05 13.86
CA THR A 94 8.52 1.49 13.47
C THR A 94 7.19 2.17 13.80
N ASP A 95 6.35 1.53 14.56
CA ASP A 95 5.03 2.14 14.91
C ASP A 95 5.26 3.41 15.74
N ASP A 96 6.36 3.49 16.43
CA ASP A 96 6.65 4.70 17.27
C ASP A 96 7.38 5.76 16.43
N LEU A 97 8.04 5.35 15.39
CA LEU A 97 8.77 6.34 14.54
C LEU A 97 7.78 7.29 13.84
N CYS A 98 6.53 6.90 13.76
CA CYS A 98 5.53 7.78 13.10
C CYS A 98 5.15 8.94 14.01
N TYR A 99 5.15 8.73 15.30
CA TYR A 99 4.80 9.83 16.25
C TYR A 99 6.03 10.31 17.00
N GLY A 100 7.00 9.46 17.21
CA GLY A 100 8.23 9.86 17.93
C GLY A 100 9.40 9.91 16.96
N THR A 101 10.50 9.28 17.31
CA THR A 101 11.69 9.29 16.41
C THR A 101 12.39 7.93 16.46
N GLY A 102 11.68 6.88 16.75
CA GLY A 102 12.31 5.54 16.82
C GLY A 102 13.21 5.45 18.05
N ALA A 103 12.71 5.82 19.20
CA ALA A 103 13.55 5.76 20.43
C ALA A 103 13.39 4.39 21.10
N VAL A 104 12.32 3.70 20.83
CA VAL A 104 12.11 2.35 21.45
C VAL A 104 13.35 1.47 21.25
N TYR A 105 14.04 1.66 20.16
CA TYR A 105 15.26 0.84 19.88
C TYR A 105 16.46 1.39 20.66
N LEU A 106 16.81 2.63 20.42
CA LEU A 106 17.99 3.23 21.12
C LEU A 106 17.69 3.43 22.61
N LEU A 107 16.59 4.04 22.94
CA LEU A 107 16.26 4.27 24.38
C LEU A 107 16.36 2.96 25.17
N GLY A 108 16.15 1.84 24.52
CA GLY A 108 16.23 0.53 25.22
C GLY A 108 17.70 0.14 25.40
N LEU A 109 18.57 0.66 24.58
CA LEU A 109 20.02 0.32 24.71
C LEU A 109 20.59 0.88 26.01
N GLY A 110 20.28 2.10 26.33
CA GLY A 110 20.82 2.71 27.58
C GLY A 110 20.09 2.12 28.79
N ILE A 111 18.87 1.70 28.61
CA ILE A 111 18.10 1.12 29.75
C ILE A 111 18.81 -0.12 30.31
N GLY A 112 19.70 -0.71 29.55
CA GLY A 112 20.43 -1.92 30.03
C GLY A 112 21.49 -1.51 31.06
N GLY A 113 22.14 -0.41 30.84
CA GLY A 113 23.19 0.04 31.81
C GLY A 113 22.56 0.76 33.00
N PHE A 114 21.77 1.77 32.76
CA PHE A 114 21.14 2.52 33.87
C PHE A 114 20.33 1.58 34.78
N SER A 115 19.85 0.50 34.23
CA SER A 115 19.05 -0.46 35.06
C SER A 115 19.97 -1.50 35.71
N GLY A 116 21.14 -1.70 35.16
CA GLY A 116 22.07 -2.71 35.74
C GLY A 116 22.76 -2.12 36.97
N MET A 117 23.09 -0.85 36.93
CA MET A 117 23.77 -0.21 38.09
C MET A 117 22.89 -0.32 39.34
N MET A 118 21.61 -0.57 39.17
CA MET A 118 20.71 -0.68 40.36
C MET A 118 21.27 -1.68 41.37
N GLN A 119 21.64 -2.86 40.93
CA GLN A 119 22.21 -3.87 41.86
C GLN A 119 23.73 -3.73 41.94
N GLY A 120 24.34 -3.24 40.90
CA GLY A 120 25.82 -3.08 40.92
C GLY A 120 26.21 -1.85 41.74
N LEU A 121 25.24 -1.07 42.17
CA LEU A 121 25.57 0.15 42.98
C LEU A 121 26.36 -0.25 44.23
N GLN A 122 26.20 -1.45 44.70
CA GLN A 122 26.94 -1.88 45.93
C GLN A 122 28.36 -2.31 45.57
N ASN A 123 28.71 -2.29 44.31
CA ASN A 123 30.09 -2.70 43.91
C ASN A 123 31.00 -1.47 43.80
N ILE A 124 30.43 -0.29 43.68
CA ILE A 124 31.26 0.94 43.58
C ILE A 124 32.11 1.11 44.84
N PRO A 125 33.40 1.30 44.65
CA PRO A 125 34.31 1.48 45.80
C PRO A 125 34.11 2.86 46.44
N PRO A 126 34.39 2.93 47.72
CA PRO A 126 34.24 4.21 48.45
C PRO A 126 35.35 5.19 48.07
N ASN A 127 35.06 6.46 48.00
CA ASN A 127 36.11 7.45 47.63
C ASN A 127 36.31 8.47 48.76
N SER A 128 35.43 8.48 49.74
CA SER A 128 35.59 9.45 50.86
C SER A 128 36.93 9.22 51.57
N PRO A 129 37.53 10.30 52.02
CA PRO A 129 38.83 10.21 52.73
C PRO A 129 38.62 9.65 54.14
N GLY A 130 39.63 9.01 54.70
CA GLY A 130 39.49 8.45 56.07
C GLY A 130 40.73 7.62 56.40
N LYS A 131 41.81 8.28 56.76
CA LYS A 131 43.05 7.53 57.10
C LYS A 131 42.84 6.73 58.39
N LEU A 132 42.25 7.32 59.37
CA LEU A 132 42.01 6.60 60.67
C LEU A 132 40.71 5.80 60.58
N GLN A 133 39.77 6.26 59.80
CA GLN A 133 38.48 5.53 59.68
C GLN A 133 38.69 4.23 58.90
N LEU A 134 39.66 4.20 58.03
CA LEU A 134 39.92 2.96 57.23
C LEU A 134 40.37 1.83 58.16
N ASN A 135 41.20 2.13 59.12
CA ASN A 135 41.68 1.07 60.06
C ASN A 135 40.52 0.60 60.96
N THR A 136 39.58 1.46 61.24
CA THR A 136 38.44 1.06 62.09
C THR A 136 37.59 0.00 61.39
N VAL A 137 37.59 0.00 60.08
CA VAL A 137 36.79 -1.01 59.33
C VAL A 137 37.62 -2.27 59.09
N LEU A 138 38.92 -2.17 59.15
CA LEU A 138 39.78 -3.36 58.92
C LEU A 138 39.77 -4.26 60.16
N ASN A 139 39.76 -3.68 61.32
CA ASN A 139 39.74 -4.50 62.57
C ASN A 139 38.35 -5.09 62.81
N HIS A 140 37.33 -4.37 62.45
CA HIS A 140 35.94 -4.88 62.65
C HIS A 140 35.31 -5.29 61.31
N ILE A 141 34.47 -6.28 61.31
CA ILE A 141 33.84 -6.72 60.04
C ILE A 141 32.40 -7.21 60.31
N THR A 142 31.43 -6.52 59.79
CA THR A 142 30.01 -6.94 60.00
C THR A 142 29.64 -8.06 59.05
N LYS A 143 29.90 -7.88 57.78
CA LYS A 143 29.56 -8.94 56.77
C LYS A 143 30.83 -9.43 56.09
N ARG A 144 31.03 -10.73 56.04
CA ARG A 144 32.24 -11.28 55.38
C ARG A 144 32.20 -11.02 53.87
N GLY A 145 31.02 -11.02 53.30
CA GLY A 145 30.89 -10.77 51.83
C GLY A 145 30.25 -9.39 51.61
N PRO A 146 29.60 -9.26 50.47
CA PRO A 146 28.93 -7.98 50.13
C PRO A 146 27.67 -7.80 50.97
N PHE A 147 27.13 -6.61 51.02
CA PHE A 147 25.90 -6.37 51.82
C PHE A 147 24.66 -6.52 50.94
N LEU A 148 23.65 -7.20 51.41
CA LEU A 148 22.41 -7.37 50.60
C LEU A 148 21.50 -6.14 50.75
N GLY A 149 20.98 -5.65 49.67
CA GLY A 149 20.08 -4.46 49.75
C GLY A 149 18.76 -4.76 49.02
N ASN A 150 17.76 -5.20 49.74
CA ASN A 150 16.46 -5.50 49.09
C ASN A 150 15.61 -4.24 48.99
N ASN A 151 15.82 -3.30 49.87
CA ASN A 151 15.03 -2.03 49.81
C ASN A 151 15.29 -1.30 48.50
N ALA A 152 16.47 -1.39 47.98
CA ALA A 152 16.79 -0.69 46.69
C ALA A 152 15.91 -1.24 45.56
N GLY A 153 15.35 -2.41 45.74
CA GLY A 153 14.50 -3.00 44.67
C GLY A 153 13.31 -2.07 44.40
N ILE A 154 12.87 -1.35 45.40
CA ILE A 154 11.71 -0.42 45.19
C ILE A 154 12.06 0.62 44.13
N LEU A 155 13.31 1.04 44.07
CA LEU A 155 13.71 2.05 43.06
C LEU A 155 13.49 1.50 41.65
N ALA A 156 13.71 0.22 41.45
CA ALA A 156 13.51 -0.37 40.11
C ALA A 156 12.05 -0.24 39.67
N LEU A 157 11.16 -0.01 40.61
CA LEU A 157 9.72 0.12 40.26
C LEU A 157 9.42 1.55 39.75
N SER A 158 9.68 2.53 40.57
CA SER A 158 9.41 3.95 40.13
C SER A 158 10.19 4.25 38.85
N TYR A 159 11.29 3.59 38.63
CA TYR A 159 12.09 3.84 37.40
C TYR A 159 11.28 3.47 36.15
N ASN A 160 10.36 2.56 36.28
CA ASN A 160 9.55 2.15 35.09
C ASN A 160 8.39 3.14 34.88
N ILE A 161 8.03 3.88 35.90
CA ILE A 161 6.92 4.86 35.75
C ILE A 161 7.42 6.14 35.09
N ILE A 162 8.63 6.54 35.40
CA ILE A 162 9.19 7.78 34.79
C ILE A 162 9.41 7.58 33.29
N ASN A 163 9.63 6.36 32.87
CA ASN A 163 9.87 6.10 31.42
C ASN A 163 8.54 5.81 30.70
N SER A 164 7.53 5.44 31.43
CA SER A 164 6.21 5.14 30.80
C SER A 164 5.70 6.37 30.03
N THR A 165 6.14 7.54 30.40
CA THR A 165 5.68 8.77 29.68
C THR A 165 6.28 8.82 28.27
N ILE A 166 7.59 8.74 28.16
CA ILE A 166 8.23 8.79 26.82
C ILE A 166 7.63 7.69 25.92
N ASP A 167 7.19 6.61 26.51
CA ASP A 167 6.60 5.51 25.69
C ASP A 167 5.08 5.71 25.54
N ALA A 168 4.43 6.23 26.55
CA ALA A 168 2.96 6.45 26.47
C ALA A 168 2.61 7.30 25.23
N LEU A 169 3.48 8.20 24.87
CA LEU A 169 3.21 9.07 23.68
C LEU A 169 3.66 8.36 22.40
N ARG A 170 3.83 7.06 22.43
CA ARG A 170 4.28 6.33 21.21
C ARG A 170 3.30 6.57 20.05
N GLY A 171 2.06 6.19 20.23
CA GLY A 171 1.06 6.39 19.14
C GLY A 171 -0.26 5.72 19.52
N LYS A 172 -0.66 4.71 18.80
CA LYS A 172 -1.95 4.02 19.13
C LYS A 172 -1.77 2.50 19.00
N HIS A 173 -1.55 1.84 20.10
CA HIS A 173 -1.37 0.35 20.06
C HIS A 173 -2.53 -0.36 20.75
N ASP A 174 -2.76 -1.61 20.43
CA ASP A 174 -3.86 -2.38 21.07
C ASP A 174 -3.33 -3.74 21.56
N THR A 175 -2.78 -4.50 20.67
CA THR A 175 -2.21 -5.84 21.04
C THR A 175 -3.25 -6.73 21.73
N ALA A 176 -3.18 -6.88 23.03
CA ALA A 176 -4.17 -7.77 23.71
C ALA A 176 -4.43 -7.33 25.16
N GLY A 177 -5.52 -6.68 25.40
CA GLY A 177 -5.86 -6.25 26.79
C GLY A 177 -6.49 -7.43 27.54
N SER A 178 -7.01 -8.39 26.80
CA SER A 178 -7.65 -9.57 27.43
C SER A 178 -6.58 -10.61 27.82
N ILE A 179 -5.39 -10.52 27.26
CA ILE A 179 -4.33 -11.50 27.61
C ILE A 179 -3.71 -11.18 28.97
N GLY A 180 -3.91 -9.98 29.46
CA GLY A 180 -3.34 -9.60 30.78
C GLY A 180 -3.65 -10.67 31.83
N ALA A 181 -4.69 -11.42 31.63
CA ALA A 181 -5.05 -12.48 32.64
C ALA A 181 -4.06 -13.65 32.57
N GLY A 182 -3.82 -14.17 31.38
CA GLY A 182 -2.89 -15.31 31.24
C GLY A 182 -1.49 -14.95 31.77
N ALA A 183 -1.19 -13.68 31.89
CA ALA A 183 0.16 -13.28 32.39
C ALA A 183 0.15 -13.16 33.92
N LEU A 184 -1.00 -13.07 34.52
CA LEU A 184 -1.05 -12.95 36.01
C LEU A 184 -0.66 -14.26 36.69
N THR A 185 -1.46 -15.30 36.52
CA THR A 185 -1.14 -16.61 37.17
C THR A 185 0.27 -17.05 36.80
N GLY A 186 0.76 -16.65 35.66
CA GLY A 186 2.14 -17.05 35.25
C GLY A 186 3.16 -16.42 36.20
N ALA A 187 2.85 -15.28 36.75
CA ALA A 187 3.79 -14.62 37.69
C ALA A 187 3.65 -15.22 39.09
N LEU A 188 2.48 -15.71 39.42
CA LEU A 188 2.28 -16.31 40.77
C LEU A 188 3.10 -17.59 40.92
N PHE A 189 2.87 -18.55 40.06
CA PHE A 189 3.64 -19.83 40.14
C PHE A 189 5.14 -19.55 39.98
N LYS A 190 5.49 -18.44 39.39
CA LYS A 190 6.93 -18.11 39.19
C LYS A 190 7.66 -18.10 40.54
N SER A 191 7.06 -17.53 41.54
CA SER A 191 7.71 -17.47 42.88
C SER A 191 6.77 -18.06 43.95
N SER A 192 7.28 -18.94 44.77
CA SER A 192 6.43 -19.54 45.83
C SER A 192 7.29 -20.19 46.92
N LYS A 193 8.37 -19.55 47.30
CA LYS A 193 9.26 -20.13 48.34
C LYS A 193 8.80 -19.66 49.74
N GLY A 194 8.62 -18.39 49.91
CA GLY A 194 8.18 -17.87 51.25
C GLY A 194 7.22 -16.69 51.04
N LEU A 195 7.68 -15.49 51.27
CA LEU A 195 6.79 -14.31 51.08
C LEU A 195 6.39 -14.19 49.61
N LYS A 196 5.31 -13.50 49.33
CA LYS A 196 4.87 -13.34 47.91
C LYS A 196 5.28 -11.98 47.36
N PRO A 197 6.35 -11.96 46.60
CA PRO A 197 6.85 -10.69 46.02
C PRO A 197 5.92 -10.23 44.89
N MET A 198 5.26 -11.15 44.23
CA MET A 198 4.33 -10.77 43.12
C MET A 198 3.23 -9.85 43.65
N GLY A 199 2.95 -9.90 44.93
CA GLY A 199 1.88 -9.03 45.50
C GLY A 199 2.17 -7.56 45.15
N TYR A 200 3.39 -7.13 45.35
CA TYR A 200 3.74 -5.72 45.03
C TYR A 200 4.21 -5.61 43.58
N SER A 201 4.68 -6.68 43.01
CA SER A 201 5.16 -6.64 41.59
C SER A 201 3.97 -6.54 40.64
N SER A 202 2.82 -6.99 41.06
CA SER A 202 1.62 -6.92 40.17
C SER A 202 1.33 -5.46 39.80
N ALA A 203 1.48 -4.57 40.75
CA ALA A 203 1.22 -3.12 40.45
C ALA A 203 2.09 -2.66 39.29
N MET A 204 3.21 -3.30 39.07
CA MET A 204 4.09 -2.90 37.94
C MET A 204 3.47 -3.32 36.61
N VAL A 205 3.02 -4.55 36.52
CA VAL A 205 2.38 -5.01 35.25
C VAL A 205 0.99 -4.38 35.11
N ALA A 206 0.33 -4.14 36.21
CA ALA A 206 -1.03 -3.51 36.15
C ALA A 206 -0.93 -2.16 35.44
N ALA A 207 0.07 -1.38 35.74
CA ALA A 207 0.22 -0.05 35.07
C ALA A 207 0.37 -0.26 33.57
N ALA A 208 0.93 -1.36 33.17
CA ALA A 208 1.09 -1.64 31.71
C ALA A 208 -0.28 -1.71 31.03
N CYS A 209 -1.27 -2.15 31.75
CA CYS A 209 -2.64 -2.24 31.15
C CYS A 209 -3.11 -0.86 30.73
N ALA A 210 -2.79 0.15 31.49
CA ALA A 210 -3.22 1.54 31.14
C ALA A 210 -2.53 2.00 29.85
N VAL A 211 -1.23 1.91 29.80
CA VAL A 211 -0.50 2.35 28.57
C VAL A 211 -1.02 1.57 27.35
N TRP A 212 -1.19 0.29 27.48
CA TRP A 212 -1.71 -0.52 26.33
C TRP A 212 -3.20 -0.23 26.13
N CYS A 213 -3.97 -0.22 27.19
CA CYS A 213 -5.43 0.08 27.04
C CYS A 213 -5.59 1.47 26.41
N SER A 214 -4.54 2.27 26.45
CA SER A 214 -4.59 3.63 25.85
C SER A 214 -5.17 3.55 24.41
N VAL A 215 -5.21 2.37 23.84
CA VAL A 215 -5.76 2.19 22.46
C VAL A 215 -7.08 2.97 22.30
N LYS A 216 -7.81 3.16 23.36
CA LYS A 216 -9.10 3.92 23.26
C LYS A 216 -9.36 4.67 24.57
N LYS A 217 -8.78 5.83 24.72
CA LYS A 217 -9.00 6.62 25.97
C LYS A 217 -10.34 7.37 25.90
N ARG A 218 -11.42 6.65 25.76
CA ARG A 218 -12.76 7.31 25.69
C ARG A 218 -13.56 7.03 26.96
N LEU A 219 -12.96 6.40 27.94
CA LEU A 219 -13.70 6.10 29.20
C LEU A 219 -13.85 7.38 30.03
N LEU A 220 -13.04 8.37 29.77
CA LEU A 220 -13.15 9.64 30.56
C LEU A 220 -14.55 10.25 30.41
N GLU A 221 -15.24 9.91 29.36
CA GLU A 221 -16.61 10.47 29.16
C GLU A 221 -17.50 10.15 30.36
N LYS A 222 -17.66 11.07 31.27
CA LYS A 222 -18.51 10.82 32.46
C LYS A 222 -19.64 11.86 32.53
N MET B 1 5.04 50.61 -76.56
CA MET B 1 6.05 51.01 -77.58
C MET B 1 7.14 51.87 -76.94
N SER B 2 8.38 51.60 -77.24
CA SER B 2 9.49 52.41 -76.66
C SER B 2 10.20 53.20 -77.75
N TRP B 3 10.59 54.42 -77.47
CA TRP B 3 11.28 55.25 -78.49
C TRP B 3 12.76 54.83 -78.60
N LEU B 4 13.36 54.45 -77.51
CA LEU B 4 14.79 54.04 -77.55
C LEU B 4 14.98 52.78 -78.41
N PHE B 5 13.91 52.10 -78.71
CA PHE B 5 14.03 50.86 -79.55
C PHE B 5 13.87 51.20 -81.03
N GLY B 6 13.95 52.46 -81.39
CA GLY B 6 13.79 52.84 -82.81
C GLY B 6 12.35 52.62 -83.25
N ASP B 7 11.41 52.74 -82.34
CA ASP B 7 9.98 52.54 -82.70
C ASP B 7 9.19 53.81 -82.41
N LYS B 8 8.51 54.34 -83.42
CA LYS B 8 7.73 55.58 -83.21
C LYS B 8 6.48 55.29 -82.36
N THR B 9 6.23 56.08 -81.36
CA THR B 9 5.03 55.85 -80.50
C THR B 9 3.75 56.04 -81.30
N PRO B 10 2.70 55.39 -80.88
CA PRO B 10 1.40 55.51 -81.59
C PRO B 10 0.77 56.88 -81.31
N THR B 11 -0.09 57.33 -82.19
CA THR B 11 -0.74 58.66 -81.97
C THR B 11 -2.18 58.46 -81.49
N ASP B 12 -2.92 57.58 -82.11
CA ASP B 12 -4.33 57.34 -81.68
C ASP B 12 -4.36 56.75 -80.27
N ASP B 13 -3.36 55.99 -79.92
CA ASP B 13 -3.33 55.37 -78.57
C ASP B 13 -2.87 56.40 -77.52
N ALA B 14 -2.15 57.41 -77.95
CA ALA B 14 -1.68 58.45 -76.99
C ALA B 14 -2.87 59.08 -76.24
N ASN B 15 -4.01 59.09 -76.86
CA ASN B 15 -5.22 59.68 -76.19
C ASN B 15 -6.12 58.57 -75.64
N ALA B 16 -5.62 57.37 -75.53
CA ALA B 16 -6.45 56.25 -75.00
C ALA B 16 -6.64 56.41 -73.49
N ALA B 17 -5.60 56.82 -72.79
CA ALA B 17 -5.72 56.98 -71.32
C ALA B 17 -5.78 58.47 -70.96
N VAL B 18 -5.44 58.82 -69.75
CA VAL B 18 -5.50 60.25 -69.33
C VAL B 18 -6.87 60.85 -69.62
N GLY B 19 -7.87 60.47 -68.87
CA GLY B 19 -9.23 61.02 -69.12
C GLY B 19 -9.32 62.44 -68.59
N GLY B 20 -10.00 63.31 -69.29
CA GLY B 20 -10.12 64.72 -68.83
C GLY B 20 -9.40 65.65 -69.81
N GLN B 21 -9.60 65.45 -71.08
CA GLN B 21 -8.92 66.31 -72.09
C GLN B 21 -9.96 66.93 -73.05
N ASP B 22 -10.62 66.11 -73.82
CA ASP B 22 -11.64 66.64 -74.77
C ASP B 22 -13.05 66.24 -74.31
N THR B 23 -13.23 66.05 -73.03
CA THR B 23 -14.57 65.65 -72.52
C THR B 23 -15.29 66.87 -71.94
N THR B 24 -16.59 66.94 -72.08
CA THR B 24 -17.35 68.10 -71.53
C THR B 24 -18.21 67.66 -70.33
N LYS B 25 -18.29 66.39 -70.07
CA LYS B 25 -19.12 65.90 -68.92
C LYS B 25 -18.69 66.62 -67.63
N PRO B 26 -19.55 67.48 -67.13
CA PRO B 26 -19.24 68.23 -65.88
C PRO B 26 -19.33 67.30 -64.67
N LYS B 27 -20.18 66.31 -64.74
CA LYS B 27 -20.31 65.37 -63.58
C LYS B 27 -18.98 64.68 -63.29
N GLU B 28 -18.34 65.04 -62.20
CA GLU B 28 -17.04 64.40 -61.85
C GLU B 28 -17.24 62.93 -61.47
N LEU B 29 -18.44 62.59 -61.05
CA LEU B 29 -18.69 61.17 -60.66
C LEU B 29 -18.45 60.23 -61.86
N SER B 30 -18.60 60.73 -63.05
CA SER B 30 -18.37 59.87 -64.25
C SER B 30 -16.87 59.68 -64.48
N LEU B 31 -16.07 60.64 -64.11
CA LEU B 31 -14.60 60.52 -64.29
C LEU B 31 -14.00 59.56 -63.24
N LYS B 32 -14.79 59.13 -62.29
CA LYS B 32 -14.27 58.20 -61.24
C LYS B 32 -14.06 56.80 -61.83
N GLN B 33 -14.84 56.44 -62.81
CA GLN B 33 -14.70 55.10 -63.43
C GLN B 33 -13.67 55.13 -64.56
N SER B 34 -13.32 56.30 -65.04
CA SER B 34 -12.33 56.40 -66.15
C SER B 34 -11.01 55.73 -65.74
N LEU B 35 -10.69 55.75 -64.48
CA LEU B 35 -9.42 55.12 -64.01
C LEU B 35 -9.62 53.60 -63.82
N GLY B 36 -10.80 53.21 -63.43
CA GLY B 36 -11.06 51.76 -63.23
C GLY B 36 -10.64 51.36 -61.81
N PHE B 37 -10.89 52.21 -60.85
CA PHE B 37 -10.50 51.89 -59.45
C PHE B 37 -11.70 51.30 -58.68
N GLU B 38 -11.48 50.26 -57.92
CA GLU B 38 -12.59 49.64 -57.17
C GLU B 38 -12.18 49.43 -55.70
N PRO B 39 -12.77 50.19 -54.81
CA PRO B 39 -12.45 50.06 -53.37
C PRO B 39 -13.02 48.76 -52.79
N ASN B 40 -13.88 48.10 -53.52
CA ASN B 40 -14.48 46.84 -53.01
C ASN B 40 -13.37 45.83 -52.67
N ILE B 41 -12.29 45.86 -53.38
CA ILE B 41 -11.17 44.92 -53.10
C ILE B 41 -10.24 45.50 -52.03
N ASN B 42 -10.10 46.80 -52.01
CA ASN B 42 -9.20 47.43 -51.00
C ASN B 42 -9.68 47.06 -49.58
N ASN B 43 -10.95 46.89 -49.40
CA ASN B 43 -11.48 46.52 -48.05
C ASN B 43 -10.88 45.19 -47.59
N ILE B 44 -10.51 44.35 -48.52
CA ILE B 44 -9.92 43.02 -48.14
C ILE B 44 -8.50 43.22 -47.61
N ILE B 45 -7.80 44.21 -48.10
CA ILE B 45 -6.40 44.44 -47.61
C ILE B 45 -6.42 45.35 -46.38
N SER B 46 -7.28 46.34 -46.37
CA SER B 46 -7.35 47.25 -45.19
C SER B 46 -8.57 46.92 -44.34
N GLY B 47 -8.89 45.66 -44.20
CA GLY B 47 -10.07 45.26 -43.37
C GLY B 47 -9.59 44.62 -42.07
N PRO B 48 -10.45 44.63 -41.08
CA PRO B 48 -10.10 44.04 -39.76
C PRO B 48 -10.10 42.51 -39.86
N GLY B 49 -8.98 41.89 -39.56
CA GLY B 49 -8.92 40.41 -39.63
C GLY B 49 -9.17 39.81 -38.24
N GLY B 50 -10.16 40.31 -37.55
CA GLY B 50 -10.47 39.78 -36.19
C GLY B 50 -11.97 39.90 -35.92
N MET B 51 -12.76 39.08 -36.54
CA MET B 51 -14.23 39.14 -36.32
C MET B 51 -14.72 37.83 -35.71
N HIS B 52 -14.56 36.73 -36.40
CA HIS B 52 -15.01 35.42 -35.86
C HIS B 52 -14.08 34.30 -36.34
N VAL B 53 -13.19 33.86 -35.49
CA VAL B 53 -12.25 32.77 -35.90
C VAL B 53 -12.35 31.59 -34.92
N ASP B 54 -11.94 30.43 -35.33
CA ASP B 54 -12.00 29.24 -34.42
C ASP B 54 -10.71 28.44 -34.50
N THR B 55 -9.74 28.78 -33.68
CA THR B 55 -8.45 28.05 -33.69
C THR B 55 -8.56 26.75 -32.90
N ALA B 56 -9.31 26.77 -31.83
CA ALA B 56 -9.47 25.54 -31.00
C ALA B 56 -10.18 24.45 -31.81
N ARG B 57 -11.30 24.75 -32.38
CA ARG B 57 -12.03 23.73 -33.19
C ARG B 57 -11.18 23.27 -34.37
N LEU B 58 -10.25 24.09 -34.81
CA LEU B 58 -9.38 23.70 -35.95
C LEU B 58 -8.62 22.41 -35.62
N HIS B 59 -8.45 22.11 -34.36
CA HIS B 59 -7.71 20.88 -33.97
C HIS B 59 -8.36 19.64 -34.60
N PRO B 60 -7.60 18.94 -35.42
CA PRO B 60 -8.13 17.72 -36.08
C PRO B 60 -8.28 16.58 -35.07
N LEU B 61 -8.73 15.44 -35.53
CA LEU B 61 -8.91 14.28 -34.59
C LEU B 61 -7.58 13.96 -33.89
N ALA B 62 -7.57 14.05 -32.59
CA ALA B 62 -6.30 13.74 -31.85
C ALA B 62 -6.44 12.43 -31.07
N GLY B 63 -7.63 12.13 -30.61
CA GLY B 63 -7.83 10.86 -29.85
C GLY B 63 -7.30 11.03 -28.42
N LEU B 64 -7.50 12.19 -27.84
CA LEU B 64 -7.01 12.42 -26.45
C LEU B 64 -8.03 11.89 -25.43
N ASP B 65 -9.23 11.57 -25.86
CA ASP B 65 -10.26 11.05 -24.92
C ASP B 65 -9.74 9.81 -24.20
N LYS B 66 -8.86 9.07 -24.82
CA LYS B 66 -8.32 7.84 -24.16
C LYS B 66 -7.19 8.21 -23.20
N GLY B 67 -6.44 9.22 -23.52
CA GLY B 67 -5.32 9.64 -22.62
C GLY B 67 -5.89 10.21 -21.31
N VAL B 68 -6.80 11.14 -21.41
CA VAL B 68 -7.41 11.73 -20.19
C VAL B 68 -8.22 10.67 -19.43
N GLU B 69 -8.69 9.67 -20.12
CA GLU B 69 -9.48 8.61 -19.44
C GLU B 69 -8.58 7.76 -18.54
N TYR B 70 -7.57 7.15 -19.10
CA TYR B 70 -6.65 6.30 -18.28
C TYR B 70 -5.99 7.14 -17.18
N LEU B 71 -6.01 8.44 -17.32
CA LEU B 71 -5.38 9.32 -16.28
C LEU B 71 -5.91 8.96 -14.88
N ASP B 72 -7.20 9.05 -14.68
CA ASP B 72 -7.76 8.73 -13.33
C ASP B 72 -8.13 7.24 -13.25
N LEU B 73 -8.34 6.61 -14.37
CA LEU B 73 -8.71 5.16 -14.35
C LEU B 73 -7.55 4.32 -13.80
N GLU B 74 -6.34 4.59 -14.23
CA GLU B 74 -5.17 3.82 -13.73
C GLU B 74 -4.66 4.41 -12.42
N GLU B 75 -4.89 5.68 -12.19
CA GLU B 75 -4.41 6.30 -10.92
C GLU B 75 -5.04 5.60 -9.72
N GLU B 76 -6.30 5.27 -9.81
CA GLU B 76 -6.98 4.58 -8.67
C GLU B 76 -6.83 3.06 -8.79
N GLN B 77 -6.46 2.58 -9.94
CA GLN B 77 -6.30 1.11 -10.13
C GLN B 77 -5.29 0.55 -9.12
N LEU B 78 -4.21 1.27 -8.90
CA LEU B 78 -3.19 0.79 -7.92
C LEU B 78 -3.66 1.04 -6.49
N SER B 79 -4.49 2.03 -6.29
CA SER B 79 -5.00 2.34 -4.92
C SER B 79 -5.75 1.13 -4.35
N SER B 80 -6.65 0.57 -5.11
CA SER B 80 -7.43 -0.60 -4.63
C SER B 80 -6.55 -1.86 -4.67
N LEU B 81 -5.53 -1.86 -5.50
CA LEU B 81 -4.63 -3.05 -5.58
C LEU B 81 -4.02 -3.35 -4.22
N GLU B 82 -3.56 -2.34 -3.52
CA GLU B 82 -2.94 -2.56 -2.18
C GLU B 82 -4.04 -2.79 -1.13
N GLY B 83 -4.97 -1.88 -1.02
CA GLY B 83 -6.06 -2.04 -0.03
C GLY B 83 -5.53 -1.78 1.38
N SER B 84 -5.66 -0.58 1.87
CA SER B 84 -5.16 -0.26 3.23
C SER B 84 -6.21 -0.65 4.29
N GLN B 85 -7.46 -0.61 3.92
CA GLN B 85 -8.53 -0.98 4.89
C GLN B 85 -8.35 -2.41 5.37
N GLY B 86 -7.83 -3.27 4.53
CA GLY B 86 -7.62 -4.69 4.93
C GLY B 86 -6.32 -4.81 5.72
N LEU B 87 -5.37 -3.97 5.43
CA LEU B 87 -4.07 -4.04 6.16
C LEU B 87 -4.20 -3.38 7.54
N ILE B 88 -3.34 -3.72 8.45
CA ILE B 88 -3.42 -3.13 9.82
C ILE B 88 -2.01 -2.97 10.42
N PRO B 89 -1.26 -2.05 9.87
CA PRO B 89 0.12 -1.80 10.35
C PRO B 89 0.09 -1.11 11.71
N SER B 90 -1.06 -0.65 12.15
CA SER B 90 -1.14 0.03 13.47
C SER B 90 -0.65 -0.89 14.58
N ARG B 91 -0.75 -2.18 14.38
CA ARG B 91 -0.29 -3.14 15.43
C ARG B 91 1.24 -3.19 15.46
N GLY B 92 1.83 -3.77 14.46
CA GLY B 92 3.33 -3.86 14.42
C GLY B 92 3.77 -5.29 14.71
N TRP B 93 2.93 -6.07 15.33
CA TRP B 93 3.32 -7.49 15.64
C TRP B 93 2.74 -8.44 14.59
N THR B 94 1.70 -8.02 13.89
CA THR B 94 1.09 -8.89 12.85
C THR B 94 2.13 -9.33 11.83
N ASP B 95 3.18 -8.56 11.67
CA ASP B 95 4.24 -8.93 10.68
C ASP B 95 4.80 -10.31 10.99
N ASP B 96 4.73 -10.73 12.23
CA ASP B 96 5.25 -12.07 12.61
C ASP B 96 4.24 -13.16 12.24
N LEU B 97 2.97 -12.82 12.23
CA LEU B 97 1.94 -13.83 11.87
C LEU B 97 1.97 -14.13 10.37
N CYS B 98 2.46 -13.20 9.58
CA CYS B 98 2.52 -13.43 8.11
C CYS B 98 3.37 -14.66 7.80
N TYR B 99 4.37 -14.93 8.59
CA TYR B 99 5.24 -16.10 8.35
C TYR B 99 5.15 -17.10 9.50
N GLY B 100 4.25 -16.89 10.43
CA GLY B 100 4.11 -17.83 11.57
C GLY B 100 2.73 -18.47 11.56
N THR B 101 2.12 -18.60 12.70
CA THR B 101 0.76 -19.22 12.75
C THR B 101 -0.06 -18.62 13.92
N GLY B 102 0.20 -17.39 14.25
CA GLY B 102 -0.56 -16.75 15.36
C GLY B 102 -0.07 -17.30 16.70
N ALA B 103 1.14 -17.80 16.75
CA ALA B 103 1.68 -18.35 18.02
C ALA B 103 2.34 -17.24 18.84
N VAL B 104 2.94 -16.29 18.19
CA VAL B 104 3.61 -15.17 18.93
C VAL B 104 2.64 -14.56 19.94
N TYR B 105 1.47 -14.21 19.51
CA TYR B 105 0.46 -13.60 20.44
C TYR B 105 -0.23 -14.70 21.26
N LEU B 106 -0.90 -15.61 20.60
CA LEU B 106 -1.63 -16.70 21.32
C LEU B 106 -0.68 -17.53 22.19
N LEU B 107 0.21 -18.26 21.59
CA LEU B 107 1.15 -19.11 22.38
C LEU B 107 1.79 -18.30 23.52
N GLY B 108 1.91 -17.02 23.34
CA GLY B 108 2.51 -16.17 24.42
C GLY B 108 1.69 -16.30 25.70
N LEU B 109 0.45 -16.73 25.59
CA LEU B 109 -0.40 -16.89 26.80
C LEU B 109 -0.13 -18.22 27.49
N GLY B 110 -0.20 -19.30 26.75
CA GLY B 110 0.06 -20.65 27.35
C GLY B 110 1.44 -20.67 28.01
N ILE B 111 2.39 -19.97 27.44
CA ILE B 111 3.76 -19.96 28.02
C ILE B 111 3.73 -19.37 29.44
N GLY B 112 2.86 -18.43 29.68
CA GLY B 112 2.79 -17.83 31.05
C GLY B 112 2.41 -18.90 32.07
N GLY B 113 1.67 -19.90 31.66
CA GLY B 113 1.27 -20.97 32.61
C GLY B 113 2.45 -21.93 32.84
N PHE B 114 3.06 -22.40 31.79
CA PHE B 114 4.21 -23.34 31.94
C PHE B 114 5.45 -22.59 32.45
N SER B 115 5.52 -21.31 32.18
CA SER B 115 6.71 -20.53 32.65
C SER B 115 6.63 -20.30 34.16
N GLY B 116 5.45 -20.12 34.68
CA GLY B 116 5.31 -19.90 36.16
C GLY B 116 5.15 -21.24 36.86
N MET B 117 4.39 -22.15 36.27
CA MET B 117 4.19 -23.48 36.92
C MET B 117 5.52 -24.15 37.22
N MET B 118 6.57 -23.76 36.54
CA MET B 118 7.91 -24.38 36.79
C MET B 118 8.25 -24.34 38.29
N GLN B 119 8.27 -23.18 38.87
CA GLN B 119 8.59 -23.08 40.33
C GLN B 119 7.41 -23.57 41.17
N GLY B 120 6.23 -23.60 40.60
CA GLY B 120 5.04 -24.06 41.37
C GLY B 120 4.93 -25.59 41.31
N LEU B 121 5.90 -26.26 40.73
CA LEU B 121 5.83 -27.75 40.64
C LEU B 121 5.79 -28.35 42.04
N GLN B 122 6.41 -27.71 43.00
CA GLN B 122 6.40 -28.25 44.39
C GLN B 122 4.97 -28.31 44.94
N ASN B 123 4.10 -27.49 44.42
CA ASN B 123 2.68 -27.50 44.92
C ASN B 123 1.92 -28.70 44.35
N ILE B 124 2.17 -29.03 43.11
CA ILE B 124 1.47 -30.19 42.49
C ILE B 124 2.37 -31.44 42.54
N PRO B 125 1.79 -32.54 42.97
CA PRO B 125 2.57 -33.80 43.05
C PRO B 125 2.80 -34.39 41.65
N PRO B 126 4.04 -34.57 41.30
CA PRO B 126 4.39 -35.12 39.96
C PRO B 126 4.05 -36.61 39.91
N ASN B 127 3.53 -37.07 38.80
CA ASN B 127 3.18 -38.52 38.69
C ASN B 127 4.18 -39.24 37.78
N SER B 128 4.94 -38.51 37.01
CA SER B 128 5.94 -39.16 36.10
C SER B 128 6.94 -39.98 36.93
N PRO B 129 7.34 -41.10 36.38
CA PRO B 129 8.31 -41.99 37.08
C PRO B 129 9.71 -41.37 37.04
N GLY B 130 10.58 -41.79 37.92
CA GLY B 130 11.96 -41.23 37.95
C GLY B 130 12.93 -42.29 38.48
N LYS B 131 13.23 -43.28 37.69
CA LYS B 131 14.17 -44.36 38.15
C LYS B 131 15.63 -43.96 37.85
N LEU B 132 15.86 -42.75 37.41
CA LEU B 132 17.26 -42.33 37.11
C LEU B 132 17.87 -41.62 38.32
N GLN B 133 17.22 -40.58 38.79
CA GLN B 133 17.77 -39.85 39.98
C GLN B 133 17.76 -40.76 41.21
N LEU B 134 16.68 -41.47 41.44
CA LEU B 134 16.62 -42.37 42.62
C LEU B 134 17.72 -43.42 42.56
N ASN B 135 18.19 -43.73 41.37
CA ASN B 135 19.27 -44.75 41.23
C ASN B 135 20.59 -44.19 41.77
N THR B 136 20.87 -42.94 41.50
CA THR B 136 22.15 -42.34 41.99
C THR B 136 22.04 -42.06 43.49
N VAL B 137 20.91 -41.61 43.96
CA VAL B 137 20.75 -41.31 45.41
C VAL B 137 20.77 -42.62 46.22
N LEU B 138 20.47 -43.72 45.59
CA LEU B 138 20.47 -45.02 46.32
C LEU B 138 21.85 -45.28 46.94
N ASN B 139 22.90 -44.83 46.29
CA ASN B 139 24.27 -45.05 46.84
C ASN B 139 24.41 -44.37 48.21
N HIS B 140 23.72 -43.28 48.41
CA HIS B 140 23.81 -42.58 49.72
C HIS B 140 22.51 -41.82 50.01
N ILE B 141 21.91 -42.06 51.13
CA ILE B 141 20.64 -41.36 51.47
C ILE B 141 20.70 -40.80 52.90
N THR B 142 20.00 -39.74 53.17
CA THR B 142 20.02 -39.15 54.54
C THR B 142 18.61 -39.10 55.11
N LYS B 143 18.44 -38.54 56.28
CA LYS B 143 17.08 -38.47 56.89
C LYS B 143 16.33 -37.23 56.37
N ARG B 144 16.84 -36.06 56.65
CA ARG B 144 16.16 -34.82 56.18
C ARG B 144 17.18 -33.86 55.55
N GLY B 145 17.76 -34.25 54.44
CA GLY B 145 18.76 -33.38 53.77
C GLY B 145 18.07 -32.12 53.24
N PRO B 146 18.84 -31.26 52.63
CA PRO B 146 18.28 -30.00 52.06
C PRO B 146 17.46 -30.31 50.80
N PHE B 147 16.33 -29.68 50.66
CA PHE B 147 15.47 -29.93 49.45
C PHE B 147 16.07 -29.21 48.24
N LEU B 148 17.09 -29.76 47.65
CA LEU B 148 17.70 -29.10 46.46
C LEU B 148 17.01 -29.56 45.17
N GLY B 149 16.67 -28.64 44.31
CA GLY B 149 15.98 -29.02 43.05
C GLY B 149 16.65 -28.31 41.87
N ASN B 150 17.66 -28.91 41.29
CA ASN B 150 18.35 -28.27 40.14
C ASN B 150 17.79 -28.81 38.82
N ASN B 151 17.20 -29.96 38.84
CA ASN B 151 16.63 -30.54 37.57
C ASN B 151 15.54 -29.62 37.01
N ALA B 152 14.73 -29.06 37.86
CA ALA B 152 13.64 -28.16 37.38
C ALA B 152 14.22 -26.76 37.08
N GLY B 153 15.25 -26.37 37.79
CA GLY B 153 15.85 -25.03 37.55
C GLY B 153 16.43 -24.97 36.13
N ILE B 154 17.35 -25.84 35.82
CA ILE B 154 17.95 -25.83 34.46
C ILE B 154 16.87 -26.10 33.40
N LEU B 155 15.77 -26.68 33.79
CA LEU B 155 14.69 -26.96 32.81
C LEU B 155 14.20 -25.67 32.16
N ALA B 156 14.22 -24.59 32.90
CA ALA B 156 13.76 -23.28 32.32
C ALA B 156 14.64 -22.90 31.12
N LEU B 157 15.84 -23.44 31.05
CA LEU B 157 16.73 -23.10 29.90
C LEU B 157 16.34 -23.92 28.67
N SER B 158 16.26 -25.21 28.80
CA SER B 158 15.88 -26.06 27.63
C SER B 158 14.49 -25.69 27.13
N TYR B 159 13.64 -25.21 28.00
CA TYR B 159 12.26 -24.83 27.56
C TYR B 159 12.32 -23.73 26.50
N ASN B 160 13.36 -22.95 26.52
CA ASN B 160 13.48 -21.85 25.51
C ASN B 160 14.16 -22.36 24.24
N ILE B 161 14.94 -23.40 24.36
CA ILE B 161 15.64 -23.95 23.15
C ILE B 161 14.69 -24.82 22.33
N ILE B 162 13.60 -25.26 22.91
CA ILE B 162 12.64 -26.11 22.15
C ILE B 162 11.64 -25.24 21.38
N ASN B 163 10.92 -24.40 22.10
CA ASN B 163 9.92 -23.52 21.42
C ASN B 163 10.61 -22.59 20.42
N SER B 164 11.90 -22.38 20.57
CA SER B 164 12.62 -21.47 19.63
C SER B 164 12.49 -21.97 18.19
N THR B 165 12.23 -23.23 18.00
CA THR B 165 12.08 -23.76 16.61
C THR B 165 10.72 -23.38 16.03
N ILE B 166 9.72 -23.27 16.86
CA ILE B 166 8.36 -22.89 16.35
C ILE B 166 8.36 -21.43 15.92
N ASP B 167 9.19 -20.62 16.52
CA ASP B 167 9.24 -19.18 16.15
C ASP B 167 10.26 -18.94 15.02
N ALA B 168 11.34 -19.67 15.03
CA ALA B 168 12.38 -19.49 13.97
C ALA B 168 11.78 -19.74 12.58
N LEU B 169 10.86 -20.65 12.48
CA LEU B 169 10.23 -20.95 11.16
C LEU B 169 9.67 -19.67 10.53
N ARG B 170 9.37 -18.69 11.33
CA ARG B 170 8.83 -17.41 10.78
C ARG B 170 9.94 -16.59 10.11
N GLY B 171 10.94 -16.23 10.87
CA GLY B 171 12.06 -15.43 10.28
C GLY B 171 11.64 -13.95 10.18
N LYS B 172 12.44 -13.06 10.69
CA LYS B 172 12.09 -11.61 10.62
C LYS B 172 13.35 -10.77 10.44
N HIS B 173 13.19 -9.50 10.17
CA HIS B 173 14.38 -8.62 9.97
C HIS B 173 15.34 -8.74 11.16
N ASP B 174 16.52 -8.18 11.04
CA ASP B 174 17.51 -8.27 12.15
C ASP B 174 17.16 -7.30 13.28
N THR B 175 16.33 -6.32 13.01
CA THR B 175 15.96 -5.33 14.06
C THR B 175 17.22 -4.63 14.59
N ALA B 176 17.94 -5.26 15.48
CA ALA B 176 19.18 -4.63 16.02
C ALA B 176 20.15 -5.68 16.57
N GLY B 177 21.02 -6.18 15.75
CA GLY B 177 22.00 -7.20 16.22
C GLY B 177 23.18 -6.48 16.89
N SER B 178 23.32 -5.21 16.65
CA SER B 178 24.44 -4.43 17.25
C SER B 178 24.11 -4.03 18.70
N ILE B 179 22.86 -4.07 19.09
CA ILE B 179 22.50 -3.69 20.49
C ILE B 179 22.84 -4.84 21.46
N GLY B 180 23.04 -6.03 20.94
CA GLY B 180 23.36 -7.19 21.82
C GLY B 180 24.48 -6.82 22.79
N ALA B 181 25.31 -5.88 22.44
CA ALA B 181 26.43 -5.48 23.35
C ALA B 181 25.90 -4.68 24.55
N GLY B 182 25.03 -3.74 24.30
CA GLY B 182 24.48 -2.91 25.42
C GLY B 182 23.62 -3.77 26.35
N ALA B 183 23.11 -4.87 25.86
CA ALA B 183 22.25 -5.74 26.72
C ALA B 183 23.11 -6.74 27.52
N LEU B 184 24.34 -6.94 27.10
CA LEU B 184 25.22 -7.91 27.83
C LEU B 184 25.57 -7.36 29.22
N THR B 185 26.33 -6.30 29.30
CA THR B 185 26.70 -5.75 30.64
C THR B 185 25.45 -5.32 31.41
N GLY B 186 24.38 -5.02 30.73
CA GLY B 186 23.13 -4.60 31.42
C GLY B 186 22.70 -5.71 32.39
N ALA B 187 22.96 -6.94 32.04
CA ALA B 187 22.56 -8.06 32.95
C ALA B 187 23.69 -8.39 33.93
N LEU B 188 24.91 -8.06 33.57
CA LEU B 188 26.06 -8.36 34.47
C LEU B 188 25.94 -7.56 35.78
N PHE B 189 25.60 -6.31 35.69
CA PHE B 189 25.46 -5.48 36.92
C PHE B 189 24.30 -5.98 37.78
N LYS B 190 23.35 -6.67 37.19
CA LYS B 190 22.19 -7.18 37.98
C LYS B 190 22.66 -8.19 39.03
N SER B 191 23.81 -8.78 38.84
CA SER B 191 24.32 -9.77 39.83
C SER B 191 25.70 -9.35 40.34
N SER B 192 25.92 -9.45 41.63
CA SER B 192 27.24 -9.05 42.20
C SER B 192 27.38 -9.56 43.63
N LYS B 193 27.18 -10.83 43.85
CA LYS B 193 27.29 -11.38 45.23
C LYS B 193 28.32 -12.52 45.26
N GLY B 194 29.26 -12.51 44.35
CA GLY B 194 30.29 -13.59 44.32
C GLY B 194 30.04 -14.50 43.11
N LEU B 195 29.18 -15.47 43.25
CA LEU B 195 28.89 -16.39 42.11
C LEU B 195 28.12 -15.64 41.03
N LYS B 196 28.56 -15.74 39.80
CA LYS B 196 27.85 -15.03 38.70
C LYS B 196 26.91 -15.99 37.96
N PRO B 197 25.63 -15.86 38.20
CA PRO B 197 24.63 -16.73 37.54
C PRO B 197 24.49 -16.35 36.06
N MET B 198 24.71 -15.10 35.74
CA MET B 198 24.59 -14.67 34.33
C MET B 198 25.62 -15.40 33.45
N GLY B 199 26.67 -15.90 34.06
CA GLY B 199 27.71 -16.63 33.27
C GLY B 199 27.06 -17.75 32.45
N TYR B 200 26.26 -18.57 33.08
CA TYR B 200 25.59 -19.67 32.34
C TYR B 200 24.33 -19.15 31.65
N SER B 201 23.71 -18.15 32.22
CA SER B 201 22.47 -17.58 31.60
C SER B 201 22.81 -16.87 30.29
N SER B 202 24.04 -16.45 30.13
CA SER B 202 24.43 -15.75 28.87
C SER B 202 24.18 -16.65 27.67
N ALA B 203 24.43 -17.93 27.81
CA ALA B 203 24.19 -18.87 26.67
C ALA B 203 22.74 -18.77 26.20
N MET B 204 21.85 -18.36 27.07
CA MET B 204 20.43 -18.22 26.67
C MET B 204 20.26 -17.02 25.73
N VAL B 205 20.65 -15.85 26.18
CA VAL B 205 20.52 -14.65 25.31
C VAL B 205 21.42 -14.80 24.08
N ALA B 206 22.47 -15.57 24.19
CA ALA B 206 23.39 -15.77 23.03
C ALA B 206 22.62 -16.40 21.87
N ALA B 207 21.82 -17.40 22.15
CA ALA B 207 21.02 -18.04 21.05
C ALA B 207 20.10 -17.00 20.41
N ALA B 208 19.69 -16.01 21.16
CA ALA B 208 18.79 -14.96 20.59
C ALA B 208 19.51 -14.26 19.43
N CYS B 209 20.81 -14.29 19.41
CA CYS B 209 21.56 -13.64 18.30
C CYS B 209 21.36 -14.44 17.01
N ALA B 210 21.29 -15.74 17.11
CA ALA B 210 21.09 -16.58 15.90
C ALA B 210 19.68 -16.36 15.32
N VAL B 211 18.67 -16.58 16.12
CA VAL B 211 17.27 -16.40 15.63
C VAL B 211 17.11 -15.01 15.00
N TRP B 212 17.73 -14.01 15.58
CA TRP B 212 17.63 -12.63 15.01
C TRP B 212 18.61 -12.48 13.85
N CYS B 213 19.82 -12.95 14.01
CA CYS B 213 20.80 -12.86 12.90
C CYS B 213 20.23 -13.61 11.69
N SER B 214 19.26 -14.45 11.92
CA SER B 214 18.61 -15.21 10.80
C SER B 214 18.27 -14.25 9.64
N VAL B 215 18.27 -12.96 9.91
CA VAL B 215 17.97 -11.95 8.84
C VAL B 215 18.71 -12.28 7.54
N LYS B 216 19.84 -12.93 7.64
CA LYS B 216 20.62 -13.29 6.42
C LYS B 216 19.81 -14.21 5.51
N LYS B 217 20.01 -14.11 4.22
CA LYS B 217 19.25 -15.00 3.28
C LYS B 217 20.17 -15.46 2.15
N ARG B 218 20.74 -16.63 2.28
CA ARG B 218 21.65 -17.14 1.22
C ARG B 218 20.88 -18.03 0.23
N LEU B 219 19.58 -17.90 0.19
CA LEU B 219 18.77 -18.73 -0.76
C LEU B 219 19.07 -18.30 -2.20
N LEU B 220 19.47 -17.08 -2.40
CA LEU B 220 19.77 -16.61 -3.79
C LEU B 220 21.27 -16.31 -3.95
N GLU B 221 22.07 -16.73 -3.00
CA GLU B 221 23.54 -16.48 -3.09
C GLU B 221 23.82 -14.99 -3.37
N LYS B 222 25.00 -14.68 -3.84
CA LYS B 222 25.33 -13.26 -4.13
C LYS B 222 26.52 -13.18 -5.09
N MET C 1 3.71 0.29 4.25
CA MET C 1 2.72 0.12 5.35
C MET C 1 2.27 1.48 5.88
N LEU C 2 1.02 1.81 5.71
CA LEU C 2 0.53 3.13 6.20
C LEU C 2 -1.00 3.11 6.30
N SER C 3 -1.56 3.97 7.11
CA SER C 3 -3.05 4.00 7.24
C SER C 3 -3.54 5.45 7.22
N LEU C 4 -3.05 6.24 6.30
CA LEU C 4 -3.49 7.66 6.22
C LEU C 4 -3.91 8.00 4.79
N ARG C 5 -4.69 7.15 4.17
CA ARG C 5 -5.13 7.41 2.77
C ARG C 5 -6.60 7.88 2.75
N GLN C 6 -6.99 8.58 1.72
CA GLN C 6 -8.40 9.05 1.65
C GLN C 6 -9.35 7.87 1.41
N SER C 7 -10.63 8.11 1.41
CA SER C 7 -11.61 7.00 1.19
C SER C 7 -12.80 7.49 0.38
N ILE C 8 -13.87 6.73 0.36
CA ILE C 8 -15.08 7.15 -0.42
C ILE C 8 -14.69 7.49 -1.86
N ARG C 9 -13.75 6.77 -2.41
CA ARG C 9 -13.33 7.04 -3.82
C ARG C 9 -13.03 5.73 -4.54
N PHE C 10 -14.02 4.90 -4.71
CA PHE C 10 -13.79 3.60 -5.41
C PHE C 10 -14.42 3.63 -6.80
N PHE C 11 -13.63 3.47 -7.83
CA PHE C 11 -14.18 3.49 -9.21
C PHE C 11 -14.02 2.11 -9.86
N LYS C 12 -14.24 2.02 -11.15
CA LYS C 12 -14.10 0.71 -11.84
C LYS C 12 -12.61 0.33 -11.94
N PRO C 13 -12.29 -0.89 -11.54
CA PRO C 13 -10.90 -1.35 -11.60
C PRO C 13 -10.48 -1.63 -13.04
N ALA C 14 -9.38 -2.31 -13.23
CA ALA C 14 -8.92 -2.62 -14.63
C ALA C 14 -8.20 -3.97 -14.65
N THR C 15 -7.99 -4.51 -15.83
CA THR C 15 -7.28 -5.82 -15.93
C THR C 15 -5.89 -5.63 -16.51
N ARG C 16 -5.70 -4.61 -17.30
CA ARG C 16 -4.35 -4.35 -17.91
C ARG C 16 -3.83 -5.62 -18.61
N THR C 17 -4.05 -5.71 -19.90
CA THR C 17 -3.57 -6.91 -20.65
C THR C 17 -3.30 -6.55 -22.12
N LEU C 18 -2.33 -5.72 -22.36
CA LEU C 18 -2.02 -5.32 -23.76
C LEU C 18 -0.72 -5.98 -24.23
N CYS C 19 -0.68 -6.43 -25.45
CA CYS C 19 0.55 -7.10 -25.97
C CYS C 19 1.19 -6.24 -27.06
N SER C 20 0.43 -5.87 -28.06
CA SER C 20 0.99 -5.03 -29.16
C SER C 20 0.86 -3.55 -28.81
N SER C 21 1.51 -3.12 -27.76
CA SER C 21 1.42 -1.68 -27.36
C SER C 21 2.81 -1.03 -27.39
N ARG C 22 2.91 0.17 -26.90
CA ARG C 22 4.24 0.86 -26.91
C ARG C 22 4.31 1.89 -25.79
N TYR C 23 5.29 2.75 -25.82
CA TYR C 23 5.42 3.79 -24.76
C TYR C 23 5.08 5.17 -25.32
N LEU C 24 4.98 6.17 -24.46
CA LEU C 24 4.64 7.54 -24.95
C LEU C 24 3.39 7.52 -25.83
N LEU C 25 3.13 8.58 -26.54
CA LEU C 25 1.93 8.62 -27.43
C LEU C 25 2.25 9.34 -28.73
N MET A 1 -2.49 -46.71 -81.47
CA MET A 1 -1.05 -46.93 -81.81
C MET A 1 -0.82 -46.72 -83.31
N SER A 2 -0.87 -45.48 -83.75
CA SER A 2 -0.65 -45.20 -85.20
C SER A 2 0.69 -44.49 -85.40
N TRP A 3 1.10 -43.71 -84.43
CA TRP A 3 2.40 -42.98 -84.58
C TRP A 3 3.56 -43.97 -84.68
N LEU A 4 3.38 -45.17 -84.20
CA LEU A 4 4.47 -46.18 -84.27
C LEU A 4 4.86 -46.44 -85.74
N PHE A 5 3.89 -46.53 -86.61
CA PHE A 5 4.19 -46.78 -88.04
C PHE A 5 4.32 -45.45 -88.81
N GLY A 6 4.28 -44.34 -88.12
CA GLY A 6 4.39 -43.03 -88.81
C GLY A 6 2.99 -42.46 -89.07
N ASP A 7 1.99 -43.29 -89.11
CA ASP A 7 0.60 -42.79 -89.35
C ASP A 7 0.22 -41.76 -88.30
N LYS A 8 -0.55 -40.76 -88.69
CA LYS A 8 -0.96 -39.72 -87.71
C LYS A 8 -2.47 -39.44 -87.83
N THR A 9 -3.17 -39.42 -86.73
CA THR A 9 -4.63 -39.15 -86.78
C THR A 9 -4.90 -37.77 -87.40
N PRO A 10 -6.02 -37.65 -88.08
CA PRO A 10 -6.38 -36.36 -88.71
C PRO A 10 -6.83 -35.35 -87.65
N THR A 11 -6.20 -34.21 -87.61
CA THR A 11 -6.60 -33.18 -86.59
C THR A 11 -7.54 -32.15 -87.22
N ASP A 12 -7.53 -32.03 -88.52
CA ASP A 12 -8.44 -31.05 -89.18
C ASP A 12 -9.88 -31.57 -89.21
N ASP A 13 -10.05 -32.87 -89.09
CA ASP A 13 -11.42 -33.44 -89.10
C ASP A 13 -12.28 -32.80 -88.00
N ALA A 14 -11.67 -32.41 -86.92
CA ALA A 14 -12.44 -31.78 -85.80
C ALA A 14 -12.56 -30.27 -86.03
N ASN A 15 -11.60 -29.68 -86.69
CA ASN A 15 -11.65 -28.21 -86.94
C ASN A 15 -12.87 -27.86 -87.80
N ALA A 16 -13.31 -28.78 -88.61
CA ALA A 16 -14.50 -28.51 -89.47
C ALA A 16 -15.73 -28.19 -88.62
N ALA A 17 -15.72 -28.61 -87.37
CA ALA A 17 -16.88 -28.33 -86.48
C ALA A 17 -17.13 -26.82 -86.38
N VAL A 18 -16.09 -26.04 -86.28
CA VAL A 18 -16.26 -24.56 -86.19
C VAL A 18 -15.15 -23.84 -86.96
N GLY A 19 -15.11 -22.55 -86.87
CA GLY A 19 -14.05 -21.78 -87.61
C GLY A 19 -13.22 -20.97 -86.61
N GLY A 20 -13.67 -19.79 -86.28
CA GLY A 20 -12.90 -18.95 -85.31
C GLY A 20 -13.88 -18.29 -84.33
N GLN A 21 -14.75 -17.46 -84.83
CA GLN A 21 -15.73 -16.77 -83.92
C GLN A 21 -16.81 -17.76 -83.49
N ASP A 22 -17.08 -17.83 -82.21
CA ASP A 22 -18.12 -18.77 -81.71
C ASP A 22 -19.52 -18.23 -82.05
N THR A 23 -19.67 -16.93 -82.10
CA THR A 23 -21.00 -16.34 -82.42
C THR A 23 -21.46 -16.81 -83.81
N THR A 24 -22.74 -16.95 -84.00
CA THR A 24 -23.26 -17.40 -85.34
C THR A 24 -23.79 -16.20 -86.13
N LYS A 25 -24.14 -15.13 -85.47
CA LYS A 25 -24.66 -13.94 -86.19
C LYS A 25 -23.64 -12.80 -86.15
N PRO A 26 -23.48 -12.13 -87.26
CA PRO A 26 -22.52 -11.00 -87.34
C PRO A 26 -23.08 -9.77 -86.61
N LYS A 27 -24.38 -9.66 -86.49
CA LYS A 27 -24.98 -8.48 -85.80
C LYS A 27 -24.46 -7.18 -86.40
N GLU A 28 -24.78 -6.06 -85.81
CA GLU A 28 -24.30 -4.76 -86.36
C GLU A 28 -23.27 -4.14 -85.42
N LEU A 29 -23.66 -3.75 -84.24
CA LEU A 29 -22.69 -3.15 -83.28
C LEU A 29 -21.56 -4.13 -82.96
N SER A 30 -21.81 -5.40 -83.12
CA SER A 30 -20.75 -6.42 -82.82
C SER A 30 -19.74 -6.51 -83.97
N LEU A 31 -19.95 -5.77 -85.03
CA LEU A 31 -19.00 -5.82 -86.18
C LEU A 31 -17.69 -5.09 -85.81
N LYS A 32 -17.75 -4.19 -84.88
CA LYS A 32 -16.51 -3.44 -84.48
C LYS A 32 -15.60 -4.34 -83.63
N GLN A 33 -16.12 -5.41 -83.09
CA GLN A 33 -15.28 -6.31 -82.25
C GLN A 33 -14.07 -6.81 -83.05
N SER A 34 -14.18 -6.84 -84.35
CA SER A 34 -13.03 -7.32 -85.18
C SER A 34 -11.97 -6.21 -85.29
N LEU A 35 -12.37 -4.97 -85.20
CA LEU A 35 -11.39 -3.86 -85.30
C LEU A 35 -10.46 -3.85 -84.07
N GLY A 36 -10.96 -4.29 -82.94
CA GLY A 36 -10.10 -4.32 -81.72
C GLY A 36 -10.44 -3.11 -80.85
N PHE A 37 -11.71 -2.79 -80.71
CA PHE A 37 -12.11 -1.62 -79.87
C PHE A 37 -13.21 -2.03 -78.90
N GLU A 38 -12.89 -2.15 -77.64
CA GLU A 38 -13.92 -2.54 -76.64
C GLU A 38 -14.03 -1.48 -75.54
N PRO A 39 -15.20 -1.37 -74.95
CA PRO A 39 -15.42 -0.38 -73.88
C PRO A 39 -14.74 -0.82 -72.59
N ASN A 40 -14.39 -2.08 -72.47
CA ASN A 40 -13.72 -2.57 -71.23
C ASN A 40 -12.45 -1.76 -70.97
N ILE A 41 -11.62 -1.59 -71.96
CA ILE A 41 -10.36 -0.81 -71.76
C ILE A 41 -10.69 0.63 -71.37
N ASN A 42 -11.85 1.10 -71.74
CA ASN A 42 -12.23 2.50 -71.39
C ASN A 42 -12.27 2.68 -69.87
N ASN A 43 -12.43 1.61 -69.14
CA ASN A 43 -12.49 1.72 -67.65
C ASN A 43 -11.09 1.94 -67.08
N ILE A 44 -10.07 1.71 -67.86
CA ILE A 44 -8.67 1.91 -67.35
C ILE A 44 -8.48 3.36 -66.90
N ILE A 45 -8.91 4.31 -67.68
CA ILE A 45 -8.76 5.74 -67.30
C ILE A 45 -9.80 6.12 -66.25
N SER A 46 -10.90 5.43 -66.20
CA SER A 46 -11.95 5.75 -65.20
C SER A 46 -11.90 4.75 -64.03
N GLY A 47 -10.74 4.21 -63.76
CA GLY A 47 -10.61 3.24 -62.64
C GLY A 47 -9.95 3.93 -61.44
N PRO A 48 -9.29 3.15 -60.62
CA PRO A 48 -8.61 3.69 -59.43
C PRO A 48 -7.37 4.49 -59.83
N GLY A 49 -7.32 5.75 -59.50
CA GLY A 49 -6.15 6.58 -59.87
C GLY A 49 -5.95 7.67 -58.82
N GLY A 50 -4.81 7.70 -58.18
CA GLY A 50 -4.55 8.73 -57.14
C GLY A 50 -5.20 8.31 -55.83
N MET A 51 -5.94 9.20 -55.21
CA MET A 51 -6.62 8.85 -53.92
C MET A 51 -5.61 8.29 -52.92
N HIS A 52 -6.06 7.89 -51.76
CA HIS A 52 -5.14 7.33 -50.74
C HIS A 52 -5.54 5.91 -50.37
N VAL A 53 -4.62 5.11 -49.88
CA VAL A 53 -4.96 3.71 -49.50
C VAL A 53 -4.32 3.36 -48.15
N ASP A 54 -5.12 3.02 -47.17
CA ASP A 54 -4.56 2.67 -45.84
C ASP A 54 -5.60 1.90 -45.01
N THR A 55 -5.37 0.64 -44.78
CA THR A 55 -6.35 -0.17 -43.99
C THR A 55 -6.44 0.38 -42.56
N ALA A 56 -5.39 0.98 -42.07
CA ALA A 56 -5.41 1.53 -40.68
C ALA A 56 -6.37 2.73 -40.61
N ARG A 57 -6.32 3.59 -41.59
CA ARG A 57 -7.23 4.78 -41.57
C ARG A 57 -8.69 4.33 -41.61
N LEU A 58 -8.96 3.18 -42.17
CA LEU A 58 -10.36 2.68 -42.24
C LEU A 58 -10.92 2.46 -40.83
N HIS A 59 -10.07 2.22 -39.87
CA HIS A 59 -10.55 2.00 -38.47
C HIS A 59 -10.91 3.34 -37.83
N PRO A 60 -11.90 3.30 -36.96
CA PRO A 60 -12.34 4.53 -36.27
C PRO A 60 -11.32 4.95 -35.20
N LEU A 61 -11.50 6.10 -34.61
CA LEU A 61 -10.55 6.56 -33.56
C LEU A 61 -9.11 6.52 -34.08
N ALA A 62 -8.63 7.61 -34.60
CA ALA A 62 -7.22 7.63 -35.13
C ALA A 62 -6.29 8.30 -34.13
N GLY A 63 -6.61 8.23 -32.86
CA GLY A 63 -5.75 8.87 -31.84
C GLY A 63 -5.71 8.00 -30.57
N LEU A 64 -5.64 6.70 -30.75
CA LEU A 64 -5.60 5.79 -29.57
C LEU A 64 -4.20 5.80 -28.93
N ASP A 65 -3.24 6.39 -29.59
CA ASP A 65 -1.85 6.43 -29.02
C ASP A 65 -1.87 7.09 -27.64
N LYS A 66 -2.82 7.96 -27.39
CA LYS A 66 -2.88 8.65 -26.07
C LYS A 66 -3.10 7.61 -24.95
N GLY A 67 -3.82 6.56 -25.23
CA GLY A 67 -4.07 5.53 -24.19
C GLY A 67 -2.90 4.55 -24.15
N VAL A 68 -2.25 4.33 -25.27
CA VAL A 68 -1.10 3.38 -25.29
C VAL A 68 0.02 3.88 -24.38
N GLU A 69 0.10 5.16 -24.17
CA GLU A 69 1.17 5.71 -23.28
C GLU A 69 0.72 5.65 -21.82
N TYR A 70 -0.46 6.13 -21.54
CA TYR A 70 -0.96 6.11 -20.13
C TYR A 70 -1.20 4.68 -19.67
N LEU A 71 -1.21 3.74 -20.57
CA LEU A 71 -1.43 2.31 -20.17
C LEU A 71 -0.46 1.91 -19.06
N ASP A 72 0.82 1.96 -19.33
CA ASP A 72 1.81 1.57 -18.30
C ASP A 72 2.22 2.78 -17.45
N LEU A 73 2.07 3.97 -17.97
CA LEU A 73 2.45 5.18 -17.19
C LEU A 73 1.69 5.24 -15.86
N GLU A 74 0.39 5.18 -15.91
CA GLU A 74 -0.41 5.22 -14.65
C GLU A 74 -0.36 3.87 -13.94
N GLU A 75 -0.18 2.80 -14.69
CA GLU A 75 -0.12 1.45 -14.05
C GLU A 75 1.05 1.39 -13.05
N GLU A 76 2.12 2.07 -13.35
CA GLU A 76 3.29 2.06 -12.42
C GLU A 76 3.18 3.22 -11.42
N GLN A 77 2.23 4.10 -11.61
CA GLN A 77 2.07 5.24 -10.66
C GLN A 77 1.76 4.74 -9.25
N LEU A 78 0.82 3.83 -9.14
CA LEU A 78 0.47 3.29 -7.78
C LEU A 78 1.64 2.48 -7.22
N SER A 79 2.40 1.85 -8.07
CA SER A 79 3.56 1.04 -7.57
C SER A 79 4.55 1.95 -6.84
N SER A 80 4.74 3.15 -7.31
CA SER A 80 5.68 4.09 -6.63
C SER A 80 5.02 4.68 -5.38
N LEU A 81 3.72 4.76 -5.36
CA LEU A 81 3.01 5.32 -4.18
C LEU A 81 3.31 4.47 -2.94
N GLU A 82 3.34 3.18 -3.10
CA GLU A 82 3.62 2.29 -1.93
C GLU A 82 5.12 2.23 -1.66
N GLY A 83 5.92 2.38 -2.68
CA GLY A 83 7.40 2.34 -2.47
C GLY A 83 7.95 3.76 -2.33
N SER A 84 7.10 4.72 -2.04
CA SER A 84 7.57 6.12 -1.87
C SER A 84 8.32 6.27 -0.55
N GLN A 85 8.00 5.46 0.43
CA GLN A 85 8.69 5.56 1.74
C GLN A 85 10.16 5.17 1.59
N GLY A 86 10.48 4.36 0.63
CA GLY A 86 11.91 3.95 0.43
C GLY A 86 12.36 3.09 1.61
N LEU A 87 13.49 3.42 2.19
CA LEU A 87 13.99 2.63 3.34
C LEU A 87 13.00 2.70 4.51
N ILE A 88 13.27 2.01 5.58
CA ILE A 88 12.34 2.02 6.75
C ILE A 88 13.02 1.42 7.98
N PRO A 89 13.36 2.27 8.93
CA PRO A 89 14.03 1.79 10.16
C PRO A 89 13.03 1.04 11.07
N SER A 90 11.76 1.18 10.80
CA SER A 90 10.74 0.48 11.64
C SER A 90 10.32 -0.83 10.98
N ARG A 91 11.22 -1.46 10.28
CA ARG A 91 10.87 -2.75 9.60
C ARG A 91 10.57 -3.84 10.64
N GLY A 92 9.34 -3.95 11.06
CA GLY A 92 8.99 -4.99 12.06
C GLY A 92 8.70 -4.34 13.41
N TRP A 93 9.33 -3.25 13.71
CA TRP A 93 9.08 -2.57 15.02
C TRP A 93 9.18 -1.05 14.85
N THR A 94 9.34 -0.33 15.93
CA THR A 94 9.45 1.16 15.84
C THR A 94 8.27 1.74 15.06
N ASP A 95 7.07 1.39 15.43
CA ASP A 95 5.87 1.94 14.70
C ASP A 95 5.81 3.46 14.84
N ASP A 96 6.53 4.01 15.80
CA ASP A 96 6.52 5.49 15.98
C ASP A 96 7.04 6.21 14.73
N LEU A 97 7.70 5.49 13.85
CA LEU A 97 8.23 6.13 12.61
C LEU A 97 7.12 6.89 11.87
N CYS A 98 5.88 6.52 12.09
CA CYS A 98 4.76 7.21 11.39
C CYS A 98 4.47 8.56 12.07
N TYR A 99 4.11 8.54 13.32
CA TYR A 99 3.81 9.82 14.03
C TYR A 99 4.79 10.04 15.18
N GLY A 100 5.29 8.99 15.77
CA GLY A 100 6.26 9.15 16.89
C GLY A 100 7.66 9.40 16.33
N THR A 101 8.68 8.97 17.02
CA THR A 101 10.07 9.19 16.53
C THR A 101 10.72 7.86 16.17
N GLY A 102 10.52 6.84 16.97
CA GLY A 102 11.13 5.52 16.69
C GLY A 102 12.38 5.33 17.54
N ALA A 103 12.30 5.64 18.80
CA ALA A 103 13.48 5.48 19.71
C ALA A 103 13.40 4.15 20.47
N VAL A 104 12.30 3.45 20.36
CA VAL A 104 12.15 2.15 21.08
C VAL A 104 13.39 1.26 20.88
N TYR A 105 13.97 1.31 19.71
CA TYR A 105 15.19 0.48 19.44
C TYR A 105 16.41 1.11 20.11
N LEU A 106 16.73 2.32 19.75
CA LEU A 106 17.92 3.00 20.35
C LEU A 106 17.83 3.05 21.87
N LEU A 107 16.86 3.74 22.41
CA LEU A 107 16.72 3.83 23.89
C LEU A 107 16.74 2.43 24.52
N GLY A 108 16.37 1.42 23.77
CA GLY A 108 16.39 0.04 24.30
C GLY A 108 17.82 -0.35 24.68
N LEU A 109 18.80 0.34 24.15
CA LEU A 109 20.22 0.01 24.48
C LEU A 109 20.68 0.81 25.71
N GLY A 110 20.20 2.01 25.86
CA GLY A 110 20.60 2.84 27.04
C GLY A 110 20.00 2.27 28.31
N ILE A 111 18.83 1.70 28.23
CA ILE A 111 18.18 1.12 29.45
C ILE A 111 19.06 0.03 30.05
N GLY A 112 19.96 -0.53 29.29
CA GLY A 112 20.85 -1.60 29.82
C GLY A 112 21.79 -1.00 30.87
N GLY A 113 22.09 0.26 30.77
CA GLY A 113 23.01 0.90 31.76
C GLY A 113 22.21 1.39 32.97
N PHE A 114 21.14 2.10 32.74
CA PHE A 114 20.32 2.62 33.87
C PHE A 114 19.75 1.45 34.68
N SER A 115 19.45 0.35 34.04
CA SER A 115 18.89 -0.81 34.78
C SER A 115 20.00 -1.67 35.36
N GLY A 116 21.20 -1.58 34.83
CA GLY A 116 22.33 -2.39 35.36
C GLY A 116 22.92 -1.70 36.60
N MET A 117 23.10 -0.41 36.54
CA MET A 117 23.68 0.33 37.71
C MET A 117 22.87 0.04 38.98
N MET A 118 21.63 -0.36 38.83
CA MET A 118 20.78 -0.66 40.03
C MET A 118 21.50 -1.62 40.97
N GLN A 119 21.82 -2.79 40.50
CA GLN A 119 22.51 -3.79 41.38
C GLN A 119 24.02 -3.50 41.41
N GLY A 120 24.55 -2.95 40.34
CA GLY A 120 26.00 -2.65 40.30
C GLY A 120 26.34 -1.60 41.36
N LEU A 121 25.37 -0.82 41.77
CA LEU A 121 25.64 0.23 42.80
C LEU A 121 26.21 -0.40 44.07
N GLN A 122 25.85 -1.63 44.35
CA GLN A 122 26.38 -2.30 45.57
C GLN A 122 27.91 -2.42 45.49
N ASN A 123 28.46 -2.42 44.30
CA ASN A 123 29.93 -2.54 44.17
C ASN A 123 30.61 -1.22 44.54
N ILE A 124 29.93 -0.12 44.36
CA ILE A 124 30.54 1.20 44.71
C ILE A 124 29.84 1.80 45.93
N PRO A 125 30.63 2.21 46.90
CA PRO A 125 30.05 2.81 48.13
C PRO A 125 29.56 4.23 47.86
N PRO A 126 28.89 4.81 48.82
CA PRO A 126 28.37 6.19 48.67
C PRO A 126 29.51 7.20 48.73
N ASN A 127 29.24 8.44 48.46
CA ASN A 127 30.31 9.48 48.50
C ASN A 127 29.98 10.56 49.53
N SER A 128 29.14 10.25 50.48
CA SER A 128 28.78 11.26 51.52
C SER A 128 29.75 11.16 52.70
N PRO A 129 30.17 12.31 53.21
CA PRO A 129 31.10 12.33 54.35
C PRO A 129 30.39 11.94 55.64
N GLY A 130 31.05 11.20 56.50
CA GLY A 130 30.40 10.79 57.78
C GLY A 130 30.75 9.33 58.07
N LYS A 131 31.99 9.04 58.34
CA LYS A 131 32.39 7.63 58.63
C LYS A 131 33.22 7.57 59.92
N LEU A 132 33.09 8.55 60.78
CA LEU A 132 33.87 8.55 62.04
C LEU A 132 33.27 7.53 63.02
N GLN A 133 31.99 7.32 62.97
CA GLN A 133 31.34 6.34 63.89
C GLN A 133 30.99 5.05 63.14
N LEU A 134 31.51 4.88 61.96
CA LEU A 134 31.21 3.63 61.18
C LEU A 134 32.25 2.55 61.48
N ASN A 135 33.42 2.94 61.91
CA ASN A 135 34.48 1.94 62.21
C ASN A 135 34.25 1.33 63.60
N THR A 136 33.67 2.08 64.50
CA THR A 136 33.42 1.55 65.87
C THR A 136 32.33 0.48 65.83
N VAL A 137 31.29 0.70 65.06
CA VAL A 137 30.19 -0.30 64.98
C VAL A 137 30.61 -1.47 64.08
N LEU A 138 31.54 -1.25 63.19
CA LEU A 138 31.99 -2.34 62.27
C LEU A 138 32.47 -3.54 63.08
N ASN A 139 32.93 -3.32 64.28
CA ASN A 139 33.42 -4.45 65.13
C ASN A 139 32.23 -5.23 65.72
N HIS A 140 31.26 -4.52 66.23
CA HIS A 140 30.07 -5.22 66.83
C HIS A 140 29.03 -5.51 65.74
N ILE A 141 29.42 -6.22 64.70
CA ILE A 141 28.45 -6.53 63.62
C ILE A 141 27.76 -7.88 63.89
N THR A 142 26.51 -7.85 64.24
CA THR A 142 25.78 -9.12 64.52
C THR A 142 24.55 -9.23 63.63
N LYS A 143 23.63 -10.10 63.96
CA LYS A 143 22.41 -10.25 63.12
C LYS A 143 21.26 -9.42 63.71
N ARG A 144 21.57 -8.28 64.27
CA ARG A 144 20.50 -7.43 64.87
C ARG A 144 20.39 -6.11 64.10
N GLY A 145 21.46 -5.66 63.49
CA GLY A 145 21.41 -4.38 62.72
C GLY A 145 20.39 -4.51 61.58
N PRO A 146 20.22 -3.43 60.85
CA PRO A 146 19.25 -3.42 59.73
C PRO A 146 19.81 -4.24 58.55
N PHE A 147 18.99 -4.50 57.57
CA PHE A 147 19.46 -5.30 56.39
C PHE A 147 19.34 -4.46 55.12
N LEU A 148 20.38 -4.41 54.33
CA LEU A 148 20.32 -3.62 53.06
C LEU A 148 20.60 -4.53 51.86
N GLY A 149 19.72 -4.53 50.89
CA GLY A 149 19.92 -5.38 49.69
C GLY A 149 18.62 -5.47 48.90
N ASN A 150 17.55 -5.85 49.54
CA ASN A 150 16.24 -5.96 48.83
C ASN A 150 15.38 -4.71 49.07
N ASN A 151 15.95 -3.68 49.67
CA ASN A 151 15.17 -2.44 49.94
C ASN A 151 15.32 -1.46 48.77
N ALA A 152 16.44 -1.49 48.10
CA ALA A 152 16.65 -0.57 46.95
C ALA A 152 15.88 -1.05 45.72
N GLY A 153 15.33 -2.23 45.76
CA GLY A 153 14.56 -2.75 44.59
C GLY A 153 13.40 -1.79 44.26
N ILE A 154 12.94 -1.06 45.24
CA ILE A 154 11.81 -0.11 44.98
C ILE A 154 12.20 0.90 43.89
N LEU A 155 13.46 1.19 43.77
CA LEU A 155 13.91 2.17 42.73
C LEU A 155 13.68 1.59 41.32
N ALA A 156 13.78 0.29 41.19
CA ALA A 156 13.57 -0.34 39.85
C ALA A 156 12.13 -0.15 39.38
N LEU A 157 11.23 0.21 40.28
CA LEU A 157 9.82 0.40 39.87
C LEU A 157 9.59 1.85 39.41
N SER A 158 10.03 2.80 40.20
CA SER A 158 9.84 4.23 39.80
C SER A 158 10.52 4.53 38.47
N TYR A 159 11.49 3.74 38.10
CA TYR A 159 12.19 3.97 36.80
C TYR A 159 11.33 3.52 35.63
N ASN A 160 10.45 2.58 35.86
CA ASN A 160 9.57 2.09 34.75
C ASN A 160 8.38 3.03 34.54
N ILE A 161 8.06 3.83 35.53
CA ILE A 161 6.91 4.76 35.38
C ILE A 161 7.35 6.05 34.67
N ILE A 162 8.53 6.52 34.97
CA ILE A 162 9.03 7.77 34.31
C ILE A 162 9.25 7.53 32.82
N ASN A 163 9.82 6.41 32.47
CA ASN A 163 10.07 6.11 31.02
C ASN A 163 8.75 5.74 30.32
N SER A 164 7.76 5.34 31.06
CA SER A 164 6.46 4.95 30.44
C SER A 164 5.88 6.15 29.67
N THR A 165 6.25 7.34 30.04
CA THR A 165 5.71 8.55 29.32
C THR A 165 6.32 8.66 27.92
N ILE A 166 7.62 8.56 27.81
CA ILE A 166 8.27 8.65 26.48
C ILE A 166 7.67 7.58 25.55
N ASP A 167 7.28 6.47 26.10
CA ASP A 167 6.70 5.37 25.27
C ASP A 167 5.17 5.51 25.19
N ALA A 168 4.54 5.99 26.23
CA ALA A 168 3.05 6.14 26.21
C ALA A 168 2.61 6.89 24.95
N LEU A 169 3.37 7.86 24.53
CA LEU A 169 3.00 8.63 23.30
C LEU A 169 3.44 7.89 22.03
N ARG A 170 3.68 6.60 22.12
CA ARG A 170 4.12 5.83 20.91
C ARG A 170 3.09 5.97 19.78
N GLY A 171 1.87 5.54 20.01
CA GLY A 171 0.84 5.64 18.94
C GLY A 171 -0.37 4.76 19.28
N LYS A 172 -1.02 4.22 18.28
CA LYS A 172 -2.21 3.36 18.53
C LYS A 172 -1.77 1.92 18.88
N HIS A 173 -2.13 1.45 20.04
CA HIS A 173 -1.75 0.06 20.43
C HIS A 173 -2.97 -0.85 20.47
N ASP A 174 -2.97 -1.91 19.72
CA ASP A 174 -4.14 -2.84 19.72
C ASP A 174 -3.68 -4.29 19.89
N THR A 175 -2.67 -4.50 20.69
CA THR A 175 -2.15 -5.89 20.89
C THR A 175 -3.19 -6.79 21.57
N ALA A 176 -3.13 -6.92 22.88
CA ALA A 176 -4.12 -7.82 23.56
C ALA A 176 -4.37 -7.40 25.01
N GLY A 177 -5.48 -6.76 25.27
CA GLY A 177 -5.79 -6.36 26.68
C GLY A 177 -6.42 -7.55 27.42
N SER A 178 -6.95 -8.49 26.69
CA SER A 178 -7.59 -9.69 27.32
C SER A 178 -6.53 -10.73 27.71
N ILE A 179 -5.35 -10.63 27.14
CA ILE A 179 -4.27 -11.61 27.49
C ILE A 179 -3.66 -11.30 28.85
N GLY A 180 -3.86 -10.10 29.34
CA GLY A 180 -3.29 -9.71 30.66
C GLY A 180 -3.62 -10.77 31.72
N ALA A 181 -4.68 -11.52 31.54
CA ALA A 181 -5.04 -12.56 32.56
C ALA A 181 -4.07 -13.74 32.50
N GLY A 182 -3.94 -14.36 31.36
CA GLY A 182 -3.03 -15.55 31.23
C GLY A 182 -1.61 -15.19 31.71
N ALA A 183 -1.27 -13.93 31.73
CA ALA A 183 0.10 -13.54 32.17
C ALA A 183 0.16 -13.34 33.69
N LEU A 184 -0.98 -13.20 34.32
CA LEU A 184 -0.98 -12.99 35.80
C LEU A 184 -0.58 -14.29 36.53
N THR A 185 -1.38 -15.31 36.43
CA THR A 185 -1.03 -16.60 37.14
C THR A 185 0.34 -17.10 36.69
N GLY A 186 0.77 -16.71 35.51
CA GLY A 186 2.10 -17.17 35.01
C GLY A 186 3.20 -16.62 35.92
N ALA A 187 2.95 -15.49 36.55
CA ALA A 187 4.00 -14.90 37.44
C ALA A 187 3.81 -15.42 38.88
N LEU A 188 2.60 -15.75 39.25
CA LEU A 188 2.36 -16.27 40.63
C LEU A 188 3.12 -17.58 40.84
N PHE A 189 3.01 -18.50 39.92
CA PHE A 189 3.72 -19.79 40.07
C PHE A 189 5.23 -19.60 39.88
N LYS A 190 5.63 -18.50 39.29
CA LYS A 190 7.09 -18.25 39.07
C LYS A 190 7.82 -18.24 40.42
N SER A 191 7.37 -17.45 41.35
CA SER A 191 8.05 -17.40 42.68
C SER A 191 7.15 -18.00 43.76
N SER A 192 7.41 -19.22 44.15
CA SER A 192 6.57 -19.85 45.21
C SER A 192 7.45 -20.68 46.15
N LYS A 193 8.69 -20.32 46.30
CA LYS A 193 9.59 -21.09 47.21
C LYS A 193 9.37 -20.65 48.65
N GLY A 194 9.38 -19.38 48.92
CA GLY A 194 9.17 -18.88 50.30
C GLY A 194 8.27 -17.64 50.27
N LEU A 195 8.85 -16.49 50.10
CA LEU A 195 8.03 -15.24 50.05
C LEU A 195 7.71 -14.89 48.60
N LYS A 196 6.50 -14.44 48.34
CA LYS A 196 6.11 -14.08 46.95
C LYS A 196 6.19 -12.56 46.73
N PRO A 197 7.25 -12.13 46.11
CA PRO A 197 7.44 -10.67 45.83
C PRO A 197 6.47 -10.21 44.74
N MET A 198 5.96 -11.13 43.96
CA MET A 198 5.01 -10.74 42.87
C MET A 198 3.80 -10.01 43.45
N GLY A 199 3.53 -10.19 44.72
CA GLY A 199 2.36 -9.51 45.34
C GLY A 199 2.43 -8.01 45.06
N TYR A 200 3.54 -7.39 45.34
CA TYR A 200 3.67 -5.93 45.08
C TYR A 200 4.16 -5.69 43.65
N SER A 201 4.78 -6.68 43.05
CA SER A 201 5.29 -6.50 41.65
C SER A 201 4.11 -6.44 40.67
N SER A 202 2.95 -6.93 41.05
CA SER A 202 1.78 -6.89 40.13
C SER A 202 1.47 -5.44 39.72
N ALA A 203 1.57 -4.52 40.65
CA ALA A 203 1.30 -3.09 40.31
C ALA A 203 2.17 -2.66 39.13
N MET A 204 3.30 -3.28 38.96
CA MET A 204 4.20 -2.91 37.83
C MET A 204 3.57 -3.35 36.50
N VAL A 205 3.07 -4.56 36.44
CA VAL A 205 2.45 -5.05 35.18
C VAL A 205 1.04 -4.45 35.05
N ALA A 206 0.39 -4.20 36.16
CA ALA A 206 -0.99 -3.61 36.10
C ALA A 206 -0.94 -2.27 35.37
N ALA A 207 0.05 -1.47 35.65
CA ALA A 207 0.16 -0.15 34.97
C ALA A 207 0.33 -0.36 33.46
N ALA A 208 0.94 -1.44 33.07
CA ALA A 208 1.13 -1.72 31.62
C ALA A 208 -0.22 -1.83 30.92
N CYS A 209 -1.23 -2.27 31.64
CA CYS A 209 -2.59 -2.39 31.02
C CYS A 209 -3.06 -1.02 30.53
N ALA A 210 -2.73 0.03 31.26
CA ALA A 210 -3.15 1.39 30.84
C ALA A 210 -2.44 1.79 29.54
N VAL A 211 -1.14 1.72 29.53
CA VAL A 211 -0.37 2.09 28.30
C VAL A 211 -0.89 1.31 27.09
N TRP A 212 -1.20 0.06 27.28
CA TRP A 212 -1.73 -0.76 26.16
C TRP A 212 -3.22 -0.45 25.95
N CYS A 213 -3.97 -0.33 27.01
CA CYS A 213 -5.42 0.02 26.85
C CYS A 213 -5.53 1.40 26.18
N SER A 214 -4.46 2.16 26.19
CA SER A 214 -4.48 3.51 25.54
C SER A 214 -5.12 3.43 24.14
N VAL A 215 -5.26 2.24 23.60
CA VAL A 215 -5.87 2.07 22.24
C VAL A 215 -7.13 2.95 22.10
N LYS A 216 -7.81 3.22 23.19
CA LYS A 216 -9.04 4.07 23.11
C LYS A 216 -10.05 3.45 22.13
N LYS A 217 -10.83 4.27 21.46
CA LYS A 217 -11.83 3.73 20.49
C LYS A 217 -12.76 2.74 21.19
N ARG A 218 -13.22 3.06 22.36
CA ARG A 218 -14.14 2.13 23.09
C ARG A 218 -15.59 2.53 22.85
N LEU A 219 -15.84 3.77 22.50
CA LEU A 219 -17.24 4.22 22.25
C LEU A 219 -17.57 4.11 20.76
N LEU A 220 -16.67 4.53 19.90
CA LEU A 220 -16.93 4.44 18.44
C LEU A 220 -17.11 2.98 18.02
N GLU A 221 -16.37 2.08 18.62
CA GLU A 221 -16.50 0.64 18.26
C GLU A 221 -17.89 0.12 18.63
N LYS A 222 -18.80 0.13 17.70
CA LYS A 222 -20.18 -0.37 18.00
C LYS A 222 -20.26 -1.87 17.76
N MET B 1 -0.22 47.10 -60.91
CA MET B 1 1.03 46.51 -60.35
C MET B 1 0.68 45.40 -59.34
N SER B 2 0.53 44.20 -59.81
CA SER B 2 0.19 43.07 -58.88
C SER B 2 1.38 42.11 -58.77
N TRP B 3 2.57 42.60 -58.94
CA TRP B 3 3.76 41.71 -58.84
C TRP B 3 4.30 41.71 -57.41
N LEU B 4 4.35 42.86 -56.78
CA LEU B 4 4.87 42.92 -55.38
C LEU B 4 3.96 42.12 -54.45
N PHE B 5 2.69 42.08 -54.72
CA PHE B 5 1.75 41.32 -53.85
C PHE B 5 2.02 39.83 -53.97
N GLY B 6 2.67 39.40 -55.02
CA GLY B 6 2.96 37.95 -55.19
C GLY B 6 1.81 37.27 -55.93
N ASP B 7 1.28 37.90 -56.95
CA ASP B 7 0.15 37.30 -57.70
C ASP B 7 0.67 36.60 -58.96
N LYS B 8 0.34 35.35 -59.13
CA LYS B 8 0.80 34.61 -60.33
C LYS B 8 -0.29 33.67 -60.83
N THR B 9 -0.21 33.26 -62.08
CA THR B 9 -1.24 32.34 -62.63
C THR B 9 -1.24 31.01 -61.87
N PRO B 10 -2.32 30.73 -61.19
CA PRO B 10 -2.42 29.46 -60.42
C PRO B 10 -2.58 28.27 -61.37
N THR B 11 -2.34 27.08 -60.88
CA THR B 11 -2.46 25.88 -61.76
C THR B 11 -3.79 25.15 -61.48
N ASP B 12 -4.77 25.85 -60.95
CA ASP B 12 -6.08 25.20 -60.66
C ASP B 12 -7.20 25.88 -61.45
N ASP B 13 -6.87 26.67 -62.44
CA ASP B 13 -7.92 27.36 -63.23
C ASP B 13 -8.19 26.60 -64.53
N ALA B 14 -7.17 26.17 -65.21
CA ALA B 14 -7.37 25.42 -66.48
C ALA B 14 -7.47 23.92 -66.20
N ASN B 15 -6.83 23.45 -65.17
CA ASN B 15 -6.89 22.00 -64.84
C ASN B 15 -8.33 21.53 -64.67
N ALA B 16 -9.23 22.44 -64.37
CA ALA B 16 -10.67 22.05 -64.20
C ALA B 16 -11.21 21.41 -65.48
N ALA B 17 -10.87 21.94 -66.62
CA ALA B 17 -11.36 21.36 -67.90
C ALA B 17 -10.59 21.96 -69.08
N VAL B 18 -9.99 21.12 -69.88
CA VAL B 18 -9.21 21.64 -71.06
C VAL B 18 -10.17 22.18 -72.11
N GLY B 19 -9.76 23.18 -72.84
CA GLY B 19 -10.64 23.76 -73.89
C GLY B 19 -9.84 24.70 -74.78
N GLY B 20 -9.74 25.96 -74.42
CA GLY B 20 -8.97 26.92 -75.24
C GLY B 20 -9.94 27.88 -75.95
N GLN B 21 -9.52 29.10 -76.15
CA GLN B 21 -10.42 30.08 -76.84
C GLN B 21 -10.51 29.76 -78.33
N ASP B 22 -11.47 28.94 -78.71
CA ASP B 22 -11.61 28.57 -80.15
C ASP B 22 -12.93 29.12 -80.70
N THR B 23 -13.92 29.26 -79.85
CA THR B 23 -15.24 29.80 -80.33
C THR B 23 -15.06 31.22 -80.90
N THR B 24 -15.61 31.46 -82.06
CA THR B 24 -15.48 32.82 -82.68
C THR B 24 -16.82 33.55 -82.62
N LYS B 25 -17.50 33.49 -81.51
CA LYS B 25 -18.82 34.18 -81.40
C LYS B 25 -18.66 35.51 -80.65
N PRO B 26 -19.11 36.57 -81.26
CA PRO B 26 -19.00 37.91 -80.63
C PRO B 26 -20.01 38.05 -79.50
N LYS B 27 -21.11 37.35 -79.58
CA LYS B 27 -22.14 37.43 -78.49
C LYS B 27 -22.24 36.10 -77.76
N GLU B 28 -21.25 35.77 -76.97
CA GLU B 28 -21.28 34.48 -76.21
C GLU B 28 -22.03 34.65 -74.88
N LEU B 29 -22.31 35.86 -74.50
CA LEU B 29 -23.03 36.10 -73.21
C LEU B 29 -24.51 35.75 -73.37
N SER B 30 -25.07 36.02 -74.52
CA SER B 30 -26.52 35.70 -74.74
C SER B 30 -26.75 34.19 -74.71
N LEU B 31 -25.97 33.45 -75.47
CA LEU B 31 -26.14 31.97 -75.48
C LEU B 31 -25.86 31.40 -74.10
N LYS B 32 -25.04 32.06 -73.32
CA LYS B 32 -24.73 31.55 -71.95
C LYS B 32 -25.75 32.09 -70.93
N GLN B 33 -26.77 32.78 -71.39
CA GLN B 33 -27.79 33.32 -70.45
C GLN B 33 -28.36 32.19 -69.57
N SER B 34 -28.36 30.98 -70.06
CA SER B 34 -28.89 29.85 -69.26
C SER B 34 -27.93 29.50 -68.12
N LEU B 35 -26.66 29.75 -68.31
CA LEU B 35 -25.68 29.44 -67.24
C LEU B 35 -25.61 30.58 -66.21
N GLY B 36 -25.72 31.80 -66.68
CA GLY B 36 -25.67 32.96 -65.74
C GLY B 36 -24.23 33.23 -65.33
N PHE B 37 -23.32 33.19 -66.26
CA PHE B 37 -21.88 33.44 -65.92
C PHE B 37 -21.68 34.92 -65.59
N GLU B 38 -21.66 35.26 -64.33
CA GLU B 38 -21.46 36.68 -63.93
C GLU B 38 -20.31 36.79 -62.92
N PRO B 39 -19.70 37.95 -62.91
CA PRO B 39 -18.57 38.19 -61.97
C PRO B 39 -19.08 38.34 -60.53
N ASN B 40 -20.30 38.77 -60.38
CA ASN B 40 -20.86 38.95 -59.01
C ASN B 40 -20.86 37.61 -58.25
N ILE B 41 -21.03 36.53 -58.96
CA ILE B 41 -21.05 35.19 -58.29
C ILE B 41 -19.69 34.50 -58.44
N ASN B 42 -18.74 35.14 -59.07
CA ASN B 42 -17.40 34.52 -59.24
C ASN B 42 -16.49 34.86 -58.05
N ASN B 43 -16.73 35.97 -57.42
CA ASN B 43 -15.89 36.37 -56.25
C ASN B 43 -16.23 35.50 -55.03
N ILE B 44 -17.44 35.02 -54.96
CA ILE B 44 -17.84 34.17 -53.80
C ILE B 44 -17.10 32.83 -53.85
N ILE B 45 -16.75 32.38 -55.02
CA ILE B 45 -16.03 31.08 -55.13
C ILE B 45 -14.54 31.33 -55.40
N SER B 46 -14.03 32.44 -54.95
CA SER B 46 -12.58 32.75 -55.19
C SER B 46 -11.73 32.20 -54.03
N GLY B 47 -12.25 32.24 -52.83
CA GLY B 47 -11.46 31.72 -51.67
C GLY B 47 -12.42 31.41 -50.51
N PRO B 48 -11.94 30.62 -49.58
CA PRO B 48 -12.76 30.24 -48.41
C PRO B 48 -12.88 31.42 -47.44
N GLY B 49 -14.03 31.62 -46.87
CA GLY B 49 -14.22 32.76 -45.92
C GLY B 49 -14.34 32.21 -44.49
N GLY B 50 -14.78 30.99 -44.34
CA GLY B 50 -14.92 30.39 -42.99
C GLY B 50 -16.23 29.60 -42.92
N MET B 51 -16.36 28.58 -43.74
CA MET B 51 -17.60 27.77 -43.72
C MET B 51 -17.27 26.30 -43.39
N HIS B 52 -16.53 25.65 -44.24
CA HIS B 52 -16.18 24.22 -43.98
C HIS B 52 -14.67 24.01 -44.16
N VAL B 53 -13.95 23.82 -43.08
CA VAL B 53 -12.48 23.60 -43.19
C VAL B 53 -12.10 22.26 -42.56
N ASP B 54 -10.97 21.72 -42.94
CA ASP B 54 -10.53 20.41 -42.37
C ASP B 54 -9.54 20.63 -41.22
N THR B 55 -8.90 21.77 -41.19
CA THR B 55 -7.90 22.04 -40.10
C THR B 55 -8.59 21.96 -38.74
N ALA B 56 -9.85 22.31 -38.67
CA ALA B 56 -10.58 22.24 -37.37
C ALA B 56 -10.85 20.79 -36.99
N ARG B 57 -11.10 19.95 -37.95
CA ARG B 57 -11.38 18.51 -37.65
C ARG B 57 -10.07 17.77 -37.37
N LEU B 58 -8.95 18.34 -37.73
CA LEU B 58 -7.65 17.66 -37.47
C LEU B 58 -7.48 17.36 -35.99
N HIS B 59 -8.01 18.19 -35.14
CA HIS B 59 -7.89 17.94 -33.66
C HIS B 59 -8.74 16.73 -33.27
N PRO B 60 -8.07 15.69 -32.82
CA PRO B 60 -8.79 14.45 -32.40
C PRO B 60 -9.54 14.69 -31.09
N LEU B 61 -10.83 14.52 -31.10
CA LEU B 61 -11.62 14.74 -29.85
C LEU B 61 -11.97 13.40 -29.20
N ALA B 62 -12.12 12.37 -30.00
CA ALA B 62 -12.46 11.03 -29.43
C ALA B 62 -11.19 10.23 -29.13
N GLY B 63 -10.11 10.56 -29.80
CA GLY B 63 -8.83 9.82 -29.56
C GLY B 63 -8.30 10.15 -28.16
N LEU B 64 -8.61 11.31 -27.66
CA LEU B 64 -8.14 11.70 -26.30
C LEU B 64 -8.90 10.91 -25.22
N ASP B 65 -10.11 10.50 -25.52
CA ASP B 65 -10.90 9.74 -24.52
C ASP B 65 -10.17 8.46 -24.12
N LYS B 66 -9.34 7.93 -24.99
CA LYS B 66 -8.59 6.69 -24.65
C LYS B 66 -7.43 7.01 -23.70
N GLY B 67 -6.92 8.21 -23.76
CA GLY B 67 -5.79 8.57 -22.86
C GLY B 67 -6.34 8.96 -21.49
N VAL B 68 -7.31 9.83 -21.45
CA VAL B 68 -7.89 10.25 -20.14
C VAL B 68 -8.52 9.05 -19.43
N GLU B 69 -9.00 8.10 -20.18
CA GLU B 69 -9.63 6.89 -19.56
C GLU B 69 -8.55 5.95 -19.02
N TYR B 70 -7.61 5.59 -19.85
CA TYR B 70 -6.52 4.67 -19.40
C TYR B 70 -5.79 5.24 -18.17
N LEU B 71 -5.92 6.53 -17.95
CA LEU B 71 -5.24 7.15 -16.78
C LEU B 71 -5.56 6.38 -15.49
N ASP B 72 -6.81 6.31 -15.12
CA ASP B 72 -7.18 5.58 -13.88
C ASP B 72 -7.49 4.11 -14.18
N LEU B 73 -7.86 3.80 -15.40
CA LEU B 73 -8.18 2.38 -15.74
C LEU B 73 -6.96 1.48 -15.49
N GLU B 74 -5.80 1.88 -15.94
CA GLU B 74 -4.58 1.04 -15.72
C GLU B 74 -4.03 1.27 -14.32
N GLU B 75 -4.43 2.33 -13.66
CA GLU B 75 -3.92 2.59 -12.29
C GLU B 75 -4.51 1.60 -11.29
N GLU B 76 -5.81 1.43 -11.31
CA GLU B 76 -6.45 0.47 -10.37
C GLU B 76 -6.02 -0.97 -10.68
N GLN B 77 -5.44 -1.19 -11.82
CA GLN B 77 -5.00 -2.57 -12.18
C GLN B 77 -4.01 -3.10 -11.15
N LEU B 78 -3.01 -2.33 -10.80
CA LEU B 78 -2.01 -2.79 -9.80
C LEU B 78 -2.60 -2.73 -8.39
N SER B 79 -3.59 -1.90 -8.18
CA SER B 79 -4.21 -1.80 -6.83
C SER B 79 -4.78 -3.15 -6.40
N SER B 80 -5.27 -3.93 -7.33
CA SER B 80 -5.83 -5.26 -6.97
C SER B 80 -4.70 -6.26 -6.71
N LEU B 81 -3.56 -6.06 -7.32
CA LEU B 81 -2.41 -6.99 -7.10
C LEU B 81 -1.86 -6.83 -5.68
N GLU B 82 -2.14 -5.71 -5.04
CA GLU B 82 -1.61 -5.51 -3.65
C GLU B 82 -2.13 -6.61 -2.73
N GLY B 83 -3.40 -6.91 -2.78
CA GLY B 83 -3.95 -7.98 -1.90
C GLY B 83 -5.38 -7.62 -1.49
N SER B 84 -6.28 -8.56 -1.56
CA SER B 84 -7.69 -8.28 -1.18
C SER B 84 -8.04 -9.00 0.13
N GLN B 85 -7.44 -10.13 0.37
CA GLN B 85 -7.74 -10.88 1.63
C GLN B 85 -6.74 -10.50 2.73
N GLY B 86 -6.00 -9.44 2.55
CA GLY B 86 -5.01 -9.02 3.58
C GLY B 86 -5.71 -8.23 4.69
N LEU B 87 -5.50 -8.59 5.92
CA LEU B 87 -6.16 -7.86 7.04
C LEU B 87 -5.12 -7.42 8.07
N ILE B 88 -5.55 -6.79 9.13
CA ILE B 88 -4.58 -6.33 10.18
C ILE B 88 -5.21 -6.45 11.57
N PRO B 89 -5.42 -7.68 11.98
CA PRO B 89 -6.01 -7.93 13.32
C PRO B 89 -5.00 -7.61 14.43
N SER B 90 -3.81 -8.13 14.33
CA SER B 90 -2.79 -7.86 15.38
C SER B 90 -2.15 -6.49 15.16
N ARG B 91 -1.71 -6.20 13.96
CA ARG B 91 -1.09 -4.87 13.67
C ARG B 91 0.08 -4.61 14.63
N GLY B 92 1.29 -4.75 14.16
CA GLY B 92 2.47 -4.51 15.04
C GLY B 92 3.15 -5.84 15.38
N TRP B 93 2.40 -6.91 15.43
CA TRP B 93 3.00 -8.23 15.75
C TRP B 93 2.36 -9.31 14.89
N THR B 94 2.28 -9.11 13.61
CA THR B 94 1.67 -10.13 12.71
C THR B 94 2.69 -10.65 11.71
N ASP B 95 3.90 -10.89 12.14
CA ASP B 95 4.95 -11.41 11.21
C ASP B 95 4.89 -12.94 11.16
N ASP B 96 4.44 -13.56 12.22
CA ASP B 96 4.36 -15.05 12.25
C ASP B 96 3.07 -15.52 11.55
N LEU B 97 2.13 -14.63 11.35
CA LEU B 97 0.85 -15.03 10.68
C LEU B 97 1.14 -15.70 9.34
N CYS B 98 2.26 -15.37 8.72
CA CYS B 98 2.59 -15.99 7.41
C CYS B 98 3.07 -17.43 7.62
N TYR B 99 3.66 -17.70 8.74
CA TYR B 99 4.16 -19.09 9.01
C TYR B 99 3.26 -19.78 10.06
N GLY B 100 2.02 -19.40 10.12
CA GLY B 100 1.10 -20.03 11.12
C GLY B 100 -0.07 -19.09 11.40
N THR B 101 -0.78 -19.31 12.47
CA THR B 101 -1.94 -18.44 12.80
C THR B 101 -1.55 -17.44 13.89
N GLY B 102 -0.42 -16.80 13.75
CA GLY B 102 0.02 -15.82 14.78
C GLY B 102 0.24 -16.53 16.12
N ALA B 103 0.97 -17.62 16.11
CA ALA B 103 1.21 -18.37 17.38
C ALA B 103 1.98 -17.49 18.38
N VAL B 104 2.70 -16.51 17.89
CA VAL B 104 3.48 -15.62 18.79
C VAL B 104 2.57 -15.06 19.90
N TYR B 105 1.36 -14.71 19.55
CA TYR B 105 0.41 -14.17 20.58
C TYR B 105 -0.20 -15.31 21.39
N LEU B 106 -0.72 -16.31 20.71
CA LEU B 106 -1.36 -17.46 21.42
C LEU B 106 -0.36 -18.16 22.35
N LEU B 107 0.64 -18.80 21.80
CA LEU B 107 1.65 -19.50 22.67
C LEU B 107 2.18 -18.56 23.74
N GLY B 108 2.14 -17.28 23.49
CA GLY B 108 2.64 -16.30 24.50
C GLY B 108 1.79 -16.39 25.76
N LEU B 109 0.60 -16.94 25.65
CA LEU B 109 -0.29 -17.06 26.85
C LEU B 109 -0.05 -18.39 27.56
N GLY B 110 -0.13 -19.48 26.85
CA GLY B 110 0.09 -20.81 27.49
C GLY B 110 1.53 -20.93 28.00
N ILE B 111 2.44 -20.17 27.44
CA ILE B 111 3.86 -20.25 27.89
C ILE B 111 3.96 -19.95 29.40
N GLY B 112 3.04 -19.19 29.92
CA GLY B 112 3.08 -18.87 31.38
C GLY B 112 2.67 -20.10 32.19
N GLY B 113 1.83 -20.94 31.63
CA GLY B 113 1.39 -22.16 32.37
C GLY B 113 2.59 -23.08 32.59
N PHE B 114 3.43 -23.22 31.60
CA PHE B 114 4.62 -24.10 31.76
C PHE B 114 5.75 -23.36 32.46
N SER B 115 5.86 -22.07 32.24
CA SER B 115 6.94 -21.29 32.89
C SER B 115 6.60 -21.03 34.35
N GLY B 116 5.33 -20.97 34.68
CA GLY B 116 4.93 -20.73 36.10
C GLY B 116 4.99 -22.04 36.88
N MET B 117 4.44 -23.09 36.33
CA MET B 117 4.45 -24.40 37.04
C MET B 117 5.90 -24.82 37.37
N MET B 118 6.86 -24.26 36.68
CA MET B 118 8.29 -24.63 36.95
C MET B 118 8.61 -24.49 38.45
N GLN B 119 8.29 -23.38 39.03
CA GLN B 119 8.57 -23.18 40.49
C GLN B 119 7.39 -23.66 41.32
N GLY B 120 6.20 -23.66 40.77
CA GLY B 120 5.01 -24.11 41.53
C GLY B 120 4.94 -25.64 41.55
N LEU B 121 5.87 -26.30 40.89
CA LEU B 121 5.84 -27.79 40.88
C LEU B 121 5.89 -28.34 42.31
N GLN B 122 6.45 -27.60 43.23
CA GLN B 122 6.52 -28.08 44.63
C GLN B 122 5.44 -27.41 45.49
N ASN B 123 4.85 -26.36 44.99
CA ASN B 123 3.79 -25.66 45.79
C ASN B 123 2.63 -26.62 46.08
N ILE B 124 2.13 -27.30 45.07
CA ILE B 124 1.00 -28.24 45.30
C ILE B 124 1.46 -29.42 46.18
N PRO B 125 0.90 -29.48 47.37
CA PRO B 125 1.27 -30.57 48.31
C PRO B 125 0.62 -31.89 47.87
N PRO B 126 1.07 -32.97 48.48
CA PRO B 126 0.53 -34.31 48.14
C PRO B 126 -0.88 -34.47 48.72
N ASN B 127 -1.87 -34.66 47.88
CA ASN B 127 -3.26 -34.81 48.38
C ASN B 127 -3.64 -36.29 48.46
N SER B 128 -2.68 -37.15 48.69
CA SER B 128 -2.98 -38.62 48.77
C SER B 128 -3.50 -38.96 50.17
N PRO B 129 -4.37 -39.95 50.23
CA PRO B 129 -4.95 -40.37 51.53
C PRO B 129 -3.90 -41.14 52.35
N GLY B 130 -3.82 -40.85 53.62
CA GLY B 130 -2.83 -41.56 54.48
C GLY B 130 -1.64 -40.63 54.77
N LYS B 131 -1.86 -39.62 55.56
CA LYS B 131 -0.74 -38.68 55.88
C LYS B 131 -0.17 -38.97 57.28
N LEU B 132 -0.56 -40.06 57.87
CA LEU B 132 -0.03 -40.41 59.23
C LEU B 132 1.27 -41.19 59.11
N GLN B 133 1.59 -41.67 57.93
CA GLN B 133 2.87 -42.44 57.77
C GLN B 133 4.02 -41.49 57.43
N LEU B 134 3.83 -40.21 57.56
CA LEU B 134 4.93 -39.25 57.25
C LEU B 134 6.13 -39.50 58.17
N ASN B 135 5.89 -40.03 59.33
CA ASN B 135 7.02 -40.31 60.27
C ASN B 135 7.78 -41.56 59.84
N THR B 136 7.12 -42.48 59.20
CA THR B 136 7.80 -43.73 58.75
C THR B 136 8.67 -43.44 57.52
N VAL B 137 8.31 -42.45 56.75
CA VAL B 137 9.12 -42.11 55.54
C VAL B 137 10.49 -41.56 55.95
N LEU B 138 10.55 -40.83 57.03
CA LEU B 138 11.84 -40.26 57.49
C LEU B 138 12.65 -41.33 58.24
N ASN B 139 11.98 -42.30 58.80
CA ASN B 139 12.71 -43.38 59.55
C ASN B 139 13.23 -44.45 58.59
N HIS B 140 13.04 -44.26 57.30
CA HIS B 140 13.52 -45.28 56.32
C HIS B 140 14.61 -44.67 55.43
N ILE B 141 14.45 -43.43 55.04
CA ILE B 141 15.46 -42.78 54.17
C ILE B 141 16.23 -41.71 54.96
N THR B 142 17.51 -41.88 55.13
CA THR B 142 18.30 -40.88 55.90
C THR B 142 19.60 -40.55 55.14
N LYS B 143 20.04 -39.33 55.21
CA LYS B 143 21.31 -38.95 54.51
C LYS B 143 21.81 -37.60 55.02
N ARG B 144 23.10 -37.44 55.16
CA ARG B 144 23.65 -36.14 55.64
C ARG B 144 23.82 -35.17 54.48
N GLY B 145 23.98 -35.67 53.28
CA GLY B 145 24.16 -34.77 52.11
C GLY B 145 22.91 -33.92 51.93
N PRO B 146 23.09 -32.77 51.33
CA PRO B 146 21.95 -31.84 51.10
C PRO B 146 21.05 -32.37 49.98
N PHE B 147 19.85 -31.86 49.88
CA PHE B 147 18.92 -32.34 48.80
C PHE B 147 18.01 -31.19 48.35
N LEU B 148 18.58 -30.15 47.80
CA LEU B 148 17.75 -29.00 47.34
C LEU B 148 17.03 -29.35 46.04
N GLY B 149 16.06 -28.57 45.65
CA GLY B 149 15.32 -28.87 44.39
C GLY B 149 15.68 -27.83 43.33
N ASN B 150 16.95 -27.47 43.25
CA ASN B 150 17.37 -26.46 42.24
C ASN B 150 17.53 -27.11 40.86
N ASN B 151 17.42 -28.41 40.79
CA ASN B 151 17.56 -29.10 39.46
C ASN B 151 16.48 -28.59 38.49
N ALA B 152 15.33 -28.23 38.99
CA ALA B 152 14.25 -27.73 38.09
C ALA B 152 14.65 -26.38 37.49
N GLY B 153 15.55 -25.68 38.12
CA GLY B 153 15.98 -24.35 37.57
C GLY B 153 16.61 -24.53 36.19
N ILE B 154 17.47 -25.50 36.04
CA ILE B 154 18.12 -25.74 34.72
C ILE B 154 17.07 -26.13 33.68
N LEU B 155 15.98 -26.70 34.11
CA LEU B 155 14.91 -27.10 33.14
C LEU B 155 14.37 -25.88 32.41
N ALA B 156 14.42 -24.73 33.04
CA ALA B 156 13.91 -23.49 32.38
C ALA B 156 14.84 -23.07 31.23
N LEU B 157 16.01 -23.65 31.16
CA LEU B 157 16.96 -23.29 30.06
C LEU B 157 16.74 -24.19 28.84
N SER B 158 16.28 -25.39 29.05
CA SER B 158 16.05 -26.32 27.91
C SER B 158 14.75 -25.98 27.19
N TYR B 159 13.73 -25.63 27.92
CA TYR B 159 12.42 -25.30 27.29
C TYR B 159 12.59 -24.16 26.26
N ASN B 160 13.33 -23.15 26.60
CA ASN B 160 13.53 -22.01 25.65
C ASN B 160 14.27 -22.49 24.40
N ILE B 161 14.99 -23.58 24.48
CA ILE B 161 15.72 -24.10 23.30
C ILE B 161 14.79 -24.92 22.41
N ILE B 162 13.82 -25.58 23.00
CA ILE B 162 12.87 -26.41 22.19
C ILE B 162 11.87 -25.51 21.46
N ASN B 163 11.24 -24.62 22.17
CA ASN B 163 10.25 -23.70 21.52
C ASN B 163 10.94 -22.80 20.50
N SER B 164 12.23 -22.65 20.60
CA SER B 164 12.96 -21.78 19.64
C SER B 164 12.72 -22.25 18.19
N THR B 165 12.34 -23.48 18.01
CA THR B 165 12.08 -24.00 16.63
C THR B 165 10.78 -23.44 16.08
N ILE B 166 9.70 -23.60 16.82
CA ILE B 166 8.39 -23.07 16.33
C ILE B 166 8.53 -21.58 15.99
N ASP B 167 9.36 -20.88 16.72
CA ASP B 167 9.55 -19.42 16.45
C ASP B 167 10.71 -19.20 15.47
N ALA B 168 11.70 -20.06 15.48
CA ALA B 168 12.87 -19.88 14.54
C ALA B 168 12.36 -19.69 13.12
N LEU B 169 11.30 -20.36 12.76
CA LEU B 169 10.75 -20.22 11.38
C LEU B 169 9.86 -18.96 11.26
N ARG B 170 10.02 -18.02 12.15
CA ARG B 170 9.18 -16.77 12.10
C ARG B 170 9.15 -16.18 10.69
N GLY B 171 10.29 -15.82 10.15
CA GLY B 171 10.30 -15.25 8.78
C GLY B 171 11.60 -14.46 8.54
N LYS B 172 11.49 -13.18 8.28
CA LYS B 172 12.71 -12.36 8.04
C LYS B 172 12.78 -11.18 9.01
N HIS B 173 13.55 -11.29 10.05
CA HIS B 173 13.66 -10.17 11.04
C HIS B 173 15.03 -9.51 10.97
N ASP B 174 15.07 -8.21 10.83
CA ASP B 174 16.38 -7.49 10.77
C ASP B 174 16.46 -6.49 11.93
N THR B 175 15.93 -6.84 13.06
CA THR B 175 15.93 -5.92 14.24
C THR B 175 17.33 -5.34 14.51
N ALA B 176 18.09 -5.94 15.40
CA ALA B 176 19.43 -5.38 15.72
C ALA B 176 20.40 -6.45 16.22
N GLY B 177 21.27 -6.92 15.37
CA GLY B 177 22.26 -7.93 15.82
C GLY B 177 23.44 -7.22 16.50
N SER B 178 23.59 -5.95 16.24
CA SER B 178 24.70 -5.17 16.86
C SER B 178 24.31 -4.71 18.28
N ILE B 179 23.03 -4.71 18.59
CA ILE B 179 22.58 -4.29 19.95
C ILE B 179 22.86 -5.38 20.98
N GLY B 180 23.08 -6.60 20.53
CA GLY B 180 23.34 -7.72 21.48
C GLY B 180 24.41 -7.31 22.51
N ALA B 181 25.25 -6.38 22.17
CA ALA B 181 26.31 -5.95 23.14
C ALA B 181 25.70 -5.13 24.29
N GLY B 182 25.01 -4.08 23.98
CA GLY B 182 24.40 -3.23 25.05
C GLY B 182 23.55 -4.07 26.00
N ALA B 183 23.07 -5.21 25.55
CA ALA B 183 22.23 -6.06 26.44
C ALA B 183 23.10 -6.99 27.31
N LEU B 184 24.34 -7.17 26.94
CA LEU B 184 25.24 -8.06 27.74
C LEU B 184 25.56 -7.43 29.10
N THR B 185 26.30 -6.34 29.11
CA THR B 185 26.65 -5.69 30.40
C THR B 185 25.38 -5.33 31.18
N GLY B 186 24.28 -5.14 30.50
CA GLY B 186 23.01 -4.79 31.20
C GLY B 186 22.65 -5.88 32.21
N ALA B 187 22.95 -7.12 31.88
CA ALA B 187 22.64 -8.23 32.82
C ALA B 187 23.82 -8.46 33.77
N LEU B 188 25.00 -8.05 33.39
CA LEU B 188 26.19 -8.24 34.27
C LEU B 188 25.99 -7.50 35.61
N PHE B 189 25.63 -6.24 35.54
CA PHE B 189 25.42 -5.46 36.80
C PHE B 189 24.18 -5.97 37.54
N LYS B 190 23.25 -6.57 36.84
CA LYS B 190 22.02 -7.10 37.50
C LYS B 190 22.39 -8.12 38.58
N SER B 191 23.50 -8.78 38.43
CA SER B 191 23.91 -9.79 39.45
C SER B 191 24.08 -9.13 40.82
N SER B 192 24.38 -9.91 41.83
CA SER B 192 24.55 -9.32 43.18
C SER B 192 25.87 -9.80 43.80
N LYS B 193 26.03 -9.66 45.09
CA LYS B 193 27.29 -10.10 45.75
C LYS B 193 27.33 -11.62 45.85
N GLY B 194 26.20 -12.25 45.99
CA GLY B 194 26.17 -13.74 46.09
C GLY B 194 26.67 -14.36 44.78
N LEU B 195 26.27 -15.56 44.50
CA LEU B 195 26.71 -16.22 43.23
C LEU B 195 26.15 -15.48 42.02
N LYS B 196 26.82 -15.55 40.91
CA LYS B 196 26.33 -14.84 39.68
C LYS B 196 25.62 -15.84 38.74
N PRO B 197 24.31 -15.82 38.77
CA PRO B 197 23.54 -16.74 37.90
C PRO B 197 23.61 -16.29 36.45
N MET B 198 23.70 -15.01 36.22
CA MET B 198 23.78 -14.50 34.82
C MET B 198 25.04 -15.02 34.12
N GLY B 199 26.02 -15.44 34.88
CA GLY B 199 27.27 -15.97 34.26
C GLY B 199 26.93 -17.06 33.24
N TYR B 200 26.29 -18.11 33.68
CA TYR B 200 25.93 -19.21 32.74
C TYR B 200 24.65 -18.84 31.98
N SER B 201 23.87 -17.93 32.50
CA SER B 201 22.62 -17.53 31.80
C SER B 201 22.94 -16.87 30.46
N SER B 202 24.16 -16.42 30.27
CA SER B 202 24.53 -15.78 28.98
C SER B 202 24.24 -16.73 27.81
N ALA B 203 24.49 -17.99 27.99
CA ALA B 203 24.21 -18.98 26.89
C ALA B 203 22.75 -18.87 26.46
N MET B 204 21.88 -18.47 27.35
CA MET B 204 20.44 -18.34 26.99
C MET B 204 20.26 -17.19 25.99
N VAL B 205 20.74 -16.02 26.32
CA VAL B 205 20.60 -14.87 25.38
C VAL B 205 21.54 -15.09 24.17
N ALA B 206 22.60 -15.81 24.36
CA ALA B 206 23.54 -16.07 23.23
C ALA B 206 22.83 -16.82 22.11
N ALA B 207 22.05 -17.81 22.46
CA ALA B 207 21.31 -18.59 21.41
C ALA B 207 20.38 -17.64 20.65
N ALA B 208 19.90 -16.62 21.31
CA ALA B 208 18.99 -15.66 20.62
C ALA B 208 19.73 -14.98 19.47
N CYS B 209 21.03 -14.91 19.55
CA CYS B 209 21.82 -14.27 18.47
C CYS B 209 21.73 -15.11 17.18
N ALA B 210 21.41 -16.38 17.31
CA ALA B 210 21.32 -17.24 16.09
C ALA B 210 19.93 -17.11 15.46
N VAL B 211 18.89 -17.13 16.26
CA VAL B 211 17.52 -16.99 15.70
C VAL B 211 17.36 -15.62 15.03
N TRP B 212 17.80 -14.58 15.68
CA TRP B 212 17.68 -13.22 15.09
C TRP B 212 18.66 -13.08 13.92
N CYS B 213 19.89 -13.50 14.10
CA CYS B 213 20.86 -13.42 12.98
C CYS B 213 20.36 -14.23 11.79
N SER B 214 19.41 -15.13 12.04
CA SER B 214 18.85 -15.95 10.93
C SER B 214 18.52 -15.05 9.73
N VAL B 215 18.38 -13.76 9.96
CA VAL B 215 18.08 -12.80 8.85
C VAL B 215 18.98 -13.08 7.64
N LYS B 216 20.15 -13.60 7.87
CA LYS B 216 21.09 -13.90 6.73
C LYS B 216 21.32 -12.63 5.90
N LYS B 217 22.37 -11.90 6.20
CA LYS B 217 22.65 -10.65 5.43
C LYS B 217 23.25 -11.00 4.06
N ARG B 218 23.93 -12.11 3.96
CA ARG B 218 24.54 -12.51 2.66
C ARG B 218 23.45 -12.58 1.58
N LEU B 219 22.24 -12.82 1.96
CA LEU B 219 21.14 -12.90 0.94
C LEU B 219 20.64 -11.49 0.61
N LEU B 220 20.74 -10.58 1.52
CA LEU B 220 20.26 -9.19 1.26
C LEU B 220 21.34 -8.40 0.51
N GLU B 221 22.56 -8.42 1.00
CA GLU B 221 23.66 -7.66 0.32
C GLU B 221 23.25 -6.21 0.08
N LYS B 222 22.50 -5.64 1.00
CA LYS B 222 22.08 -4.22 0.83
C LYS B 222 22.54 -3.38 2.02
N MET C 1 0.78 -3.34 8.39
CA MET C 1 1.93 -2.92 7.52
C MET C 1 1.84 -1.43 7.21
N LEU C 2 2.48 -0.98 6.17
CA LEU C 2 2.44 0.46 5.81
C LEU C 2 1.33 0.72 4.79
N SER C 3 1.02 -0.26 3.98
CA SER C 3 -0.05 -0.07 2.96
C SER C 3 -1.42 0.01 3.63
N LEU C 4 -2.01 1.17 3.67
CA LEU C 4 -3.35 1.30 4.32
C LEU C 4 -4.38 1.79 3.29
N ARG C 5 -5.43 1.03 3.10
CA ARG C 5 -6.47 1.44 2.12
C ARG C 5 -7.79 0.72 2.40
N GLN C 6 -8.88 1.25 1.92
CA GLN C 6 -10.20 0.58 2.17
C GLN C 6 -10.86 0.21 0.84
N SER C 7 -10.75 1.06 -0.15
CA SER C 7 -11.38 0.75 -1.47
C SER C 7 -10.31 0.26 -2.45
N ILE C 8 -10.59 -0.81 -3.16
CA ILE C 8 -9.61 -1.35 -4.13
C ILE C 8 -10.24 -1.47 -5.52
N ARG C 9 -11.24 -0.68 -5.80
CA ARG C 9 -11.91 -0.74 -7.14
C ARG C 9 -12.32 -2.17 -7.46
N PHE C 10 -12.73 -2.42 -8.67
CA PHE C 10 -13.15 -3.81 -9.06
C PHE C 10 -12.92 -4.04 -10.55
N PHE C 11 -11.68 -4.02 -10.97
CA PHE C 11 -11.39 -4.24 -12.42
C PHE C 11 -10.45 -5.44 -12.60
N LYS C 12 -10.47 -6.05 -13.75
CA LYS C 12 -9.57 -7.22 -13.98
C LYS C 12 -8.76 -7.02 -15.26
N PRO C 13 -7.72 -7.81 -15.40
CA PRO C 13 -6.85 -7.70 -16.60
C PRO C 13 -7.57 -8.28 -17.83
N ALA C 14 -7.31 -7.73 -18.99
CA ALA C 14 -7.97 -8.25 -20.23
C ALA C 14 -6.97 -8.31 -21.37
N THR C 15 -6.52 -7.18 -21.85
CA THR C 15 -5.54 -7.18 -22.98
C THR C 15 -4.20 -6.63 -22.50
N ARG C 16 -4.16 -5.37 -22.14
CA ARG C 16 -2.88 -4.75 -21.67
C ARG C 16 -1.75 -5.00 -22.68
N THR C 17 -1.74 -4.25 -23.75
CA THR C 17 -0.68 -4.45 -24.78
C THR C 17 0.41 -3.39 -24.62
N LEU C 18 1.58 -3.63 -25.16
CA LEU C 18 2.68 -2.63 -25.03
C LEU C 18 3.44 -2.52 -26.36
N CYS C 19 3.25 -1.44 -27.08
CA CYS C 19 3.96 -1.27 -28.37
C CYS C 19 4.71 0.06 -28.40
N SER C 20 5.70 0.21 -27.55
CA SER C 20 6.47 1.50 -27.52
C SER C 20 5.53 2.69 -27.38
N SER C 21 6.05 3.89 -27.42
CA SER C 21 5.19 5.09 -27.29
C SER C 21 5.50 6.09 -28.41
N ARG C 22 4.56 6.91 -28.76
CA ARG C 22 4.79 7.91 -29.85
C ARG C 22 4.54 9.33 -29.33
N TYR C 23 3.32 9.62 -28.96
CA TYR C 23 3.01 10.98 -28.44
C TYR C 23 3.30 11.07 -26.94
N LEU C 24 3.16 12.23 -26.36
CA LEU C 24 3.43 12.38 -24.90
C LEU C 24 2.28 13.10 -24.21
N LEU C 25 1.40 12.37 -23.58
CA LEU C 25 0.24 13.01 -22.88
C LEU C 25 0.12 12.46 -21.46
N MET A 1 -14.53 -6.22 -107.61
CA MET A 1 -13.73 -6.92 -106.56
C MET A 1 -13.89 -8.43 -106.68
N SER A 2 -13.33 -9.02 -107.70
CA SER A 2 -13.44 -10.50 -107.87
C SER A 2 -12.33 -11.01 -108.79
N TRP A 3 -11.37 -11.70 -108.24
CA TRP A 3 -10.25 -12.22 -109.08
C TRP A 3 -10.50 -13.69 -109.45
N LEU A 4 -11.72 -14.16 -109.30
CA LEU A 4 -12.02 -15.59 -109.64
C LEU A 4 -12.09 -15.77 -111.17
N PHE A 5 -12.43 -14.73 -111.88
CA PHE A 5 -12.52 -14.85 -113.36
C PHE A 5 -11.44 -14.00 -114.03
N GLY A 6 -10.45 -13.56 -113.29
CA GLY A 6 -9.37 -12.73 -113.90
C GLY A 6 -9.93 -11.35 -114.23
N ASP A 7 -10.64 -10.74 -113.31
CA ASP A 7 -11.22 -9.40 -113.58
C ASP A 7 -10.26 -8.31 -113.08
N LYS A 8 -10.46 -7.09 -113.52
CA LYS A 8 -9.57 -5.98 -113.08
C LYS A 8 -10.32 -5.05 -112.13
N THR A 9 -9.61 -4.30 -111.33
CA THR A 9 -10.29 -3.36 -110.38
C THR A 9 -11.11 -2.33 -111.16
N PRO A 10 -12.37 -2.20 -110.79
CA PRO A 10 -13.26 -1.23 -111.47
C PRO A 10 -12.91 0.20 -111.07
N THR A 11 -13.22 1.15 -111.91
CA THR A 11 -12.91 2.57 -111.57
C THR A 11 -14.03 3.19 -110.74
N ASP A 12 -15.23 2.71 -110.91
CA ASP A 12 -16.38 3.26 -110.13
C ASP A 12 -16.19 2.97 -108.64
N ASP A 13 -15.66 1.83 -108.30
CA ASP A 13 -15.45 1.49 -106.87
C ASP A 13 -14.17 2.15 -106.36
N ALA A 14 -13.20 2.33 -107.22
CA ALA A 14 -11.92 2.97 -106.80
C ALA A 14 -12.16 4.46 -106.50
N ASN A 15 -13.11 5.06 -107.16
CA ASN A 15 -13.39 6.51 -106.92
C ASN A 15 -14.58 6.67 -105.97
N ALA A 16 -14.97 5.62 -105.30
CA ALA A 16 -16.13 5.72 -104.35
C ALA A 16 -15.64 5.87 -102.91
N ALA A 17 -14.41 6.26 -102.73
CA ALA A 17 -13.88 6.42 -101.34
C ALA A 17 -12.61 7.28 -101.37
N VAL A 18 -12.75 8.58 -101.41
CA VAL A 18 -11.55 9.46 -101.44
C VAL A 18 -10.87 9.48 -100.06
N GLY A 19 -10.34 8.36 -99.65
CA GLY A 19 -9.67 8.30 -98.31
C GLY A 19 -10.60 7.64 -97.30
N GLY A 20 -11.44 8.40 -96.66
CA GLY A 20 -12.38 7.82 -95.65
C GLY A 20 -11.76 7.91 -94.27
N GLN A 21 -11.77 6.83 -93.53
CA GLN A 21 -11.18 6.85 -92.16
C GLN A 21 -9.66 6.57 -92.23
N ASP A 22 -8.95 7.38 -92.97
CA ASP A 22 -7.48 7.16 -93.07
C ASP A 22 -6.73 8.19 -92.22
N THR A 23 -7.33 8.64 -91.15
CA THR A 23 -6.66 9.64 -90.28
C THR A 23 -5.36 9.06 -89.70
N THR A 24 -4.26 9.73 -89.92
CA THR A 24 -2.97 9.22 -89.39
C THR A 24 -2.28 10.31 -88.55
N LYS A 25 -3.04 11.07 -87.80
CA LYS A 25 -2.43 12.14 -86.96
C LYS A 25 -2.35 11.68 -85.50
N PRO A 26 -1.34 12.16 -84.82
CA PRO A 26 -1.15 11.79 -83.40
C PRO A 26 -2.18 12.51 -82.51
N LYS A 27 -2.37 13.78 -82.72
CA LYS A 27 -3.35 14.54 -81.89
C LYS A 27 -4.78 14.24 -82.38
N GLU A 28 -5.33 13.13 -81.96
CA GLU A 28 -6.71 12.78 -82.39
C GLU A 28 -7.73 13.29 -81.37
N LEU A 29 -7.30 13.52 -80.16
CA LEU A 29 -8.25 14.02 -79.11
C LEU A 29 -8.55 15.50 -79.31
N SER A 30 -7.91 16.14 -80.25
CA SER A 30 -8.16 17.59 -80.49
C SER A 30 -9.64 17.83 -80.79
N LEU A 31 -10.17 17.17 -81.78
CA LEU A 31 -11.61 17.35 -82.12
C LEU A 31 -12.49 16.79 -81.00
N LYS A 32 -12.00 15.80 -80.28
CA LYS A 32 -12.80 15.21 -79.18
C LYS A 32 -12.81 16.13 -77.97
N GLN A 33 -11.74 16.87 -77.77
CA GLN A 33 -11.67 17.79 -76.60
C GLN A 33 -12.67 18.93 -76.77
N SER A 34 -13.02 19.27 -77.99
CA SER A 34 -13.99 20.38 -78.22
C SER A 34 -15.34 20.03 -77.59
N LEU A 35 -15.74 18.78 -77.65
CA LEU A 35 -17.05 18.37 -77.07
C LEU A 35 -16.83 17.71 -75.71
N GLY A 36 -15.69 17.11 -75.49
CA GLY A 36 -15.42 16.45 -74.20
C GLY A 36 -16.09 15.08 -74.17
N PHE A 37 -16.08 14.38 -75.28
CA PHE A 37 -16.73 13.04 -75.33
C PHE A 37 -15.67 11.94 -75.21
N GLU A 38 -15.83 11.05 -74.26
CA GLU A 38 -14.84 9.95 -74.09
C GLU A 38 -15.55 8.63 -73.78
N PRO A 39 -15.09 7.57 -74.40
CA PRO A 39 -15.71 6.24 -74.17
C PRO A 39 -15.31 5.69 -72.79
N ASN A 40 -14.16 6.07 -72.31
CA ASN A 40 -13.71 5.58 -70.97
C ASN A 40 -14.68 6.04 -69.88
N ILE A 41 -14.89 7.31 -69.77
CA ILE A 41 -15.83 7.83 -68.73
C ILE A 41 -17.28 7.79 -69.22
N ASN A 42 -17.50 7.26 -70.40
CA ASN A 42 -18.90 7.20 -70.93
C ASN A 42 -19.76 6.31 -70.03
N ASN A 43 -19.17 5.34 -69.39
CA ASN A 43 -19.95 4.44 -68.49
C ASN A 43 -20.42 5.20 -67.24
N ILE A 44 -19.85 6.35 -66.99
CA ILE A 44 -20.26 7.13 -65.78
C ILE A 44 -21.72 7.60 -65.93
N ILE A 45 -22.10 8.03 -67.11
CA ILE A 45 -23.50 8.49 -67.32
C ILE A 45 -24.31 7.45 -68.12
N SER A 46 -23.75 6.28 -68.31
CA SER A 46 -24.49 5.22 -69.06
C SER A 46 -25.00 4.14 -68.12
N GLY A 47 -25.49 4.53 -66.97
CA GLY A 47 -26.01 3.52 -66.00
C GLY A 47 -25.51 3.87 -64.59
N PRO A 48 -26.28 3.48 -63.60
CA PRO A 48 -25.89 3.76 -62.20
C PRO A 48 -24.74 2.85 -61.78
N GLY A 49 -24.13 3.15 -60.65
CA GLY A 49 -22.99 2.31 -60.18
C GLY A 49 -21.92 3.19 -59.56
N GLY A 50 -22.25 3.93 -58.54
CA GLY A 50 -21.25 4.82 -57.89
C GLY A 50 -21.85 6.21 -57.69
N MET A 51 -22.63 6.40 -56.67
CA MET A 51 -23.24 7.73 -56.41
C MET A 51 -23.50 7.92 -54.91
N HIS A 52 -22.53 7.62 -54.09
CA HIS A 52 -22.73 7.78 -52.62
C HIS A 52 -21.39 8.06 -51.94
N VAL A 53 -21.29 9.15 -51.22
CA VAL A 53 -20.02 9.47 -50.52
C VAL A 53 -20.31 10.13 -49.16
N ASP A 54 -20.23 9.37 -48.10
CA ASP A 54 -20.50 9.94 -46.74
C ASP A 54 -19.19 10.38 -46.09
N THR A 55 -19.24 11.42 -45.28
CA THR A 55 -17.99 11.90 -44.61
C THR A 55 -17.88 11.32 -43.20
N ALA A 56 -18.75 10.40 -42.84
CA ALA A 56 -18.69 9.81 -41.48
C ALA A 56 -17.42 8.97 -41.33
N ARG A 57 -17.00 8.33 -42.39
CA ARG A 57 -15.76 7.50 -42.31
C ARG A 57 -14.51 8.36 -42.54
N LEU A 58 -14.67 9.47 -43.22
CA LEU A 58 -13.49 10.36 -43.48
C LEU A 58 -12.82 10.75 -42.17
N HIS A 59 -13.58 11.18 -41.20
CA HIS A 59 -12.98 11.57 -39.89
C HIS A 59 -12.61 10.31 -39.08
N PRO A 60 -11.34 10.15 -38.82
CA PRO A 60 -10.87 8.98 -38.04
C PRO A 60 -11.25 9.13 -36.56
N LEU A 61 -11.05 8.10 -35.77
CA LEU A 61 -11.39 8.18 -34.33
C LEU A 61 -10.28 7.57 -33.49
N ALA A 62 -9.19 8.27 -33.32
CA ALA A 62 -8.07 7.73 -32.50
C ALA A 62 -8.04 8.39 -31.11
N GLY A 63 -9.19 8.74 -30.59
CA GLY A 63 -9.24 9.39 -29.25
C GLY A 63 -8.83 8.38 -28.17
N LEU A 64 -9.00 7.12 -28.43
CA LEU A 64 -8.62 6.09 -27.42
C LEU A 64 -7.14 6.22 -27.05
N ASP A 65 -6.35 6.83 -27.90
CA ASP A 65 -4.90 6.99 -27.59
C ASP A 65 -4.71 7.71 -26.26
N LYS A 66 -5.64 8.56 -25.90
CA LYS A 66 -5.52 9.31 -24.61
C LYS A 66 -5.50 8.32 -23.44
N GLY A 67 -6.33 7.33 -23.46
CA GLY A 67 -6.36 6.34 -22.35
C GLY A 67 -5.11 5.47 -22.39
N VAL A 68 -4.57 5.26 -23.56
CA VAL A 68 -3.34 4.41 -23.68
C VAL A 68 -2.14 5.14 -23.08
N GLU A 69 -2.19 6.45 -23.02
CA GLU A 69 -1.05 7.22 -22.45
C GLU A 69 -1.07 7.14 -20.92
N TYR A 70 -2.16 7.51 -20.30
CA TYR A 70 -2.25 7.45 -18.82
C TYR A 70 -2.35 6.00 -18.34
N LEU A 71 -2.53 5.06 -19.24
CA LEU A 71 -2.64 3.63 -18.83
C LEU A 71 -1.44 3.22 -17.97
N ASP A 72 -0.25 3.33 -18.50
CA ASP A 72 0.96 2.94 -17.72
C ASP A 72 1.51 4.16 -16.95
N LEU A 73 1.03 5.34 -17.24
CA LEU A 73 1.54 6.55 -16.52
C LEU A 73 0.85 6.68 -15.16
N GLU A 74 -0.45 6.81 -15.15
CA GLU A 74 -1.18 6.95 -13.86
C GLU A 74 -1.00 5.70 -13.00
N GLU A 75 -0.75 4.58 -13.62
CA GLU A 75 -0.55 3.32 -12.83
C GLU A 75 0.67 3.44 -11.92
N GLU A 76 1.75 3.97 -12.43
CA GLU A 76 2.98 4.12 -11.59
C GLU A 76 2.95 5.45 -10.82
N GLN A 77 2.02 6.31 -11.13
CA GLN A 77 1.94 7.62 -10.42
C GLN A 77 1.72 7.39 -8.92
N LEU A 78 0.62 6.79 -8.57
CA LEU A 78 0.33 6.53 -7.13
C LEU A 78 1.34 5.55 -6.56
N SER A 79 1.90 4.70 -7.38
CA SER A 79 2.90 3.72 -6.87
C SER A 79 4.11 4.44 -6.27
N SER A 80 4.68 5.36 -6.99
CA SER A 80 5.86 6.11 -6.46
C SER A 80 5.45 6.97 -5.26
N LEU A 81 4.18 7.30 -5.16
CA LEU A 81 3.72 8.13 -4.01
C LEU A 81 4.07 7.45 -2.68
N GLU A 82 4.15 6.15 -2.68
CA GLU A 82 4.49 5.42 -1.41
C GLU A 82 6.00 5.32 -1.25
N GLY A 83 6.72 5.14 -2.32
CA GLY A 83 8.20 5.04 -2.24
C GLY A 83 8.85 6.17 -3.04
N SER A 84 8.83 7.37 -2.51
CA SER A 84 9.44 8.51 -3.24
C SER A 84 10.89 8.71 -2.82
N GLN A 85 11.14 8.83 -1.54
CA GLN A 85 12.54 9.02 -1.05
C GLN A 85 13.23 7.67 -0.90
N GLY A 86 12.50 6.65 -0.56
CA GLY A 86 13.12 5.30 -0.39
C GLY A 86 13.26 4.99 1.10
N LEU A 87 12.31 4.29 1.67
CA LEU A 87 12.39 3.95 3.11
C LEU A 87 12.14 2.46 3.33
N ILE A 88 12.48 1.95 4.48
CA ILE A 88 12.25 0.50 4.76
C ILE A 88 11.26 0.33 5.91
N PRO A 89 9.99 0.40 5.59
CA PRO A 89 8.94 0.25 6.62
C PRO A 89 8.82 -1.21 7.07
N SER A 90 9.52 -2.11 6.44
CA SER A 90 9.44 -3.55 6.84
C SER A 90 10.55 -3.89 7.83
N ARG A 91 10.94 -2.95 8.66
CA ARG A 91 12.01 -3.22 9.65
C ARG A 91 11.53 -4.22 10.70
N GLY A 92 10.26 -4.18 11.03
CA GLY A 92 9.71 -5.12 12.05
C GLY A 92 9.42 -4.36 13.35
N TRP A 93 10.16 -3.32 13.62
CA TRP A 93 9.93 -2.54 14.87
C TRP A 93 10.08 -1.03 14.59
N THR A 94 9.25 -0.50 13.73
CA THR A 94 9.35 0.96 13.41
C THR A 94 7.98 1.53 13.05
N ASP A 95 6.94 1.06 13.69
CA ASP A 95 5.58 1.59 13.39
C ASP A 95 5.50 3.08 13.72
N ASP A 96 6.34 3.54 14.61
CA ASP A 96 6.32 4.98 14.98
C ASP A 96 7.25 5.79 14.07
N LEU A 97 8.13 5.13 13.35
CA LEU A 97 9.06 5.85 12.45
C LEU A 97 8.31 6.84 11.56
N CYS A 98 7.10 6.51 11.19
CA CYS A 98 6.30 7.43 10.32
C CYS A 98 6.05 8.75 11.06
N TYR A 99 5.83 8.70 12.35
CA TYR A 99 5.58 9.94 13.12
C TYR A 99 6.64 10.11 14.21
N GLY A 100 7.80 9.54 14.02
CA GLY A 100 8.87 9.67 15.05
C GLY A 100 10.21 9.23 14.45
N THR A 101 11.13 8.81 15.28
CA THR A 101 12.45 8.37 14.77
C THR A 101 12.67 6.89 15.05
N GLY A 102 12.11 6.39 16.13
CA GLY A 102 12.28 4.95 16.46
C GLY A 102 13.37 4.79 17.53
N ALA A 103 13.29 5.56 18.59
CA ALA A 103 14.32 5.46 19.67
C ALA A 103 14.12 4.16 20.48
N VAL A 104 13.02 3.48 20.29
CA VAL A 104 12.77 2.23 21.05
C VAL A 104 13.96 1.27 20.90
N TYR A 105 14.67 1.36 19.81
CA TYR A 105 15.85 0.47 19.59
C TYR A 105 17.07 1.00 20.35
N LEU A 106 17.48 2.20 20.04
CA LEU A 106 18.67 2.78 20.73
C LEU A 106 18.36 3.12 22.19
N LEU A 107 17.28 3.84 22.43
CA LEU A 107 16.92 4.21 23.82
C LEU A 107 16.91 2.98 24.73
N GLY A 108 16.69 1.82 24.17
CA GLY A 108 16.68 0.58 25.00
C GLY A 108 18.11 0.24 25.40
N LEU A 109 19.08 0.67 24.64
CA LEU A 109 20.50 0.36 24.99
C LEU A 109 20.88 1.01 26.32
N GLY A 110 20.58 2.27 26.49
CA GLY A 110 20.92 2.96 27.76
C GLY A 110 20.24 2.26 28.94
N ILE A 111 19.12 1.62 28.70
CA ILE A 111 18.41 0.91 29.81
C ILE A 111 19.21 -0.33 30.23
N GLY A 112 20.11 -0.79 29.42
CA GLY A 112 20.91 -1.99 29.79
C GLY A 112 22.09 -1.58 30.68
N GLY A 113 22.51 -0.33 30.60
CA GLY A 113 23.64 0.13 31.43
C GLY A 113 23.12 0.64 32.78
N PHE A 114 22.20 1.57 32.76
CA PHE A 114 21.65 2.10 34.04
C PHE A 114 21.00 0.98 34.86
N SER A 115 20.53 -0.05 34.20
CA SER A 115 19.90 -1.18 34.94
C SER A 115 20.93 -1.91 35.80
N GLY A 116 22.19 -1.78 35.48
CA GLY A 116 23.25 -2.47 36.27
C GLY A 116 23.49 -1.71 37.57
N MET A 117 23.54 -0.41 37.51
CA MET A 117 23.78 0.40 38.75
C MET A 117 22.74 0.07 39.82
N MET A 118 21.61 -0.46 39.41
CA MET A 118 20.55 -0.80 40.41
C MET A 118 21.07 -1.81 41.44
N GLN A 119 21.51 -2.95 40.98
CA GLN A 119 22.05 -3.98 41.94
C GLN A 119 23.55 -3.79 42.14
N GLY A 120 24.22 -3.17 41.21
CA GLY A 120 25.69 -2.96 41.36
C GLY A 120 25.96 -1.71 42.20
N LEU A 121 24.93 -1.07 42.69
CA LEU A 121 25.13 0.15 43.52
C LEU A 121 25.88 -0.19 44.81
N GLN A 122 25.75 -1.41 45.27
CA GLN A 122 26.45 -1.81 46.52
C GLN A 122 27.74 -2.58 46.19
N ASN A 123 27.79 -3.22 45.06
CA ASN A 123 29.01 -3.98 44.68
C ASN A 123 30.23 -3.04 44.63
N ILE A 124 30.01 -1.77 44.40
CA ILE A 124 31.15 -0.81 44.35
C ILE A 124 31.68 -0.52 45.75
N PRO A 125 32.89 -0.94 46.01
CA PRO A 125 33.51 -0.71 47.35
C PRO A 125 33.87 0.77 47.52
N PRO A 126 33.96 1.18 48.76
CA PRO A 126 34.32 2.60 49.06
C PRO A 126 35.80 2.85 48.78
N ASN A 127 36.09 3.67 47.80
CA ASN A 127 37.52 3.96 47.47
C ASN A 127 37.81 5.46 47.61
N SER A 128 36.80 6.27 47.82
CA SER A 128 37.03 7.73 47.96
C SER A 128 37.97 8.01 49.14
N PRO A 129 38.71 9.09 49.04
CA PRO A 129 39.66 9.47 50.11
C PRO A 129 38.90 10.02 51.32
N GLY A 130 39.51 10.04 52.47
CA GLY A 130 38.83 10.56 53.69
C GLY A 130 39.88 11.03 54.69
N LYS A 131 39.78 12.26 55.13
CA LYS A 131 40.76 12.79 56.12
C LYS A 131 40.05 13.29 57.37
N LEU A 132 38.92 13.92 57.21
CA LEU A 132 38.17 14.44 58.40
C LEU A 132 36.80 13.74 58.52
N GLN A 133 36.32 13.16 57.45
CA GLN A 133 35.00 12.48 57.49
C GLN A 133 35.11 11.15 58.25
N LEU A 134 36.16 10.40 58.01
CA LEU A 134 36.33 9.10 58.71
C LEU A 134 37.10 9.29 60.02
N ASN A 135 37.82 10.36 60.15
CA ASN A 135 38.59 10.60 61.41
C ASN A 135 37.64 10.63 62.62
N THR A 136 36.39 10.90 62.40
CA THR A 136 35.40 10.94 63.53
C THR A 136 35.41 9.60 64.28
N VAL A 137 35.82 8.54 63.64
CA VAL A 137 35.84 7.21 64.31
C VAL A 137 36.75 7.25 65.54
N LEU A 138 37.72 8.13 65.54
CA LEU A 138 38.65 8.22 66.72
C LEU A 138 37.87 8.63 67.97
N ASN A 139 36.85 9.44 67.81
CA ASN A 139 36.06 9.89 68.98
C ASN A 139 34.93 8.90 69.26
N HIS A 140 34.09 8.65 68.28
CA HIS A 140 32.96 7.69 68.50
C HIS A 140 33.30 6.34 67.89
N ILE A 141 32.31 5.56 67.54
CA ILE A 141 32.58 4.22 66.94
C ILE A 141 31.59 3.94 65.80
N THR A 142 31.91 3.02 64.94
CA THR A 142 31.00 2.70 63.80
C THR A 142 31.09 1.22 63.44
N LYS A 143 30.02 0.63 62.99
CA LYS A 143 30.03 -0.81 62.62
C LYS A 143 28.87 -1.13 61.67
N ARG A 144 27.71 -0.62 61.97
CA ARG A 144 26.53 -0.89 61.09
C ARG A 144 26.66 -0.12 59.77
N GLY A 145 26.18 -0.67 58.70
CA GLY A 145 26.29 0.03 57.38
C GLY A 145 25.28 1.17 57.33
N PRO A 146 25.12 1.73 56.16
CA PRO A 146 24.16 2.86 55.99
C PRO A 146 22.73 2.35 56.02
N PHE A 147 21.77 3.23 56.07
CA PHE A 147 20.34 2.80 56.11
C PHE A 147 19.99 2.00 54.84
N LEU A 148 20.79 2.13 53.81
CA LEU A 148 20.51 1.38 52.55
C LEU A 148 20.41 -0.12 52.83
N GLY A 149 19.40 -0.77 52.31
CA GLY A 149 19.24 -2.24 52.53
C GLY A 149 18.40 -2.83 51.41
N ASN A 150 17.13 -3.07 51.66
CA ASN A 150 16.25 -3.65 50.61
C ASN A 150 15.26 -2.59 50.11
N ASN A 151 15.55 -1.34 50.33
CA ASN A 151 14.62 -0.26 49.87
C ASN A 151 14.91 0.10 48.41
N ALA A 152 16.14 -0.06 47.98
CA ALA A 152 16.49 0.26 46.58
C ALA A 152 15.70 -0.63 45.60
N GLY A 153 15.23 -1.76 46.07
CA GLY A 153 14.45 -2.67 45.19
C GLY A 153 13.20 -1.96 44.68
N ILE A 154 12.61 -1.13 45.50
CA ILE A 154 11.38 -0.40 45.08
C ILE A 154 11.73 0.65 44.01
N LEU A 155 12.96 1.09 43.99
CA LEU A 155 13.37 2.11 42.98
C LEU A 155 13.18 1.56 41.56
N ALA A 156 13.32 0.27 41.40
CA ALA A 156 13.15 -0.33 40.04
C ALA A 156 11.70 -0.23 39.59
N LEU A 157 10.79 0.01 40.50
CA LEU A 157 9.35 0.11 40.12
C LEU A 157 9.04 1.51 39.59
N SER A 158 9.72 2.50 40.08
CA SER A 158 9.46 3.90 39.60
C SER A 158 10.23 4.17 38.31
N TYR A 159 11.35 3.51 38.13
CA TYR A 159 12.16 3.73 36.90
C TYR A 159 11.38 3.29 35.65
N ASN A 160 10.38 2.47 35.83
CA ASN A 160 9.57 2.00 34.67
C ASN A 160 8.43 2.99 34.38
N ILE A 161 8.03 3.75 35.36
CA ILE A 161 6.92 4.72 35.15
C ILE A 161 7.43 5.96 34.41
N ILE A 162 8.53 6.52 34.85
CA ILE A 162 9.07 7.74 34.17
C ILE A 162 9.46 7.42 32.73
N ASN A 163 9.66 6.17 32.41
CA ASN A 163 10.04 5.80 31.00
C ASN A 163 8.78 5.53 30.18
N SER A 164 7.68 5.24 30.81
CA SER A 164 6.43 4.95 30.05
C SER A 164 5.96 6.21 29.31
N THR A 165 6.37 7.37 29.77
CA THR A 165 5.95 8.63 29.09
C THR A 165 6.65 8.77 27.75
N ILE A 166 7.95 8.61 27.72
CA ILE A 166 8.69 8.72 26.42
C ILE A 166 8.14 7.72 25.42
N ASP A 167 7.67 6.59 25.89
CA ASP A 167 7.12 5.56 24.97
C ASP A 167 5.62 5.76 24.77
N ALA A 168 4.93 6.21 25.78
CA ALA A 168 3.46 6.41 25.66
C ALA A 168 3.15 7.29 24.43
N LEU A 169 4.01 8.22 24.13
CA LEU A 169 3.78 9.11 22.96
C LEU A 169 4.34 8.47 21.67
N ARG A 170 4.54 7.17 21.68
CA ARG A 170 5.09 6.50 20.46
C ARG A 170 4.13 6.67 19.28
N GLY A 171 2.92 6.20 19.39
CA GLY A 171 1.96 6.33 18.27
C GLY A 171 0.62 5.67 18.63
N LYS A 172 0.23 4.65 17.92
CA LYS A 172 -1.06 3.97 18.23
C LYS A 172 -0.91 2.45 18.12
N HIS A 173 -0.72 1.78 19.23
CA HIS A 173 -0.57 0.29 19.18
C HIS A 173 -1.76 -0.41 19.86
N ASP A 174 -2.02 -1.63 19.50
CA ASP A 174 -3.15 -2.40 20.11
C ASP A 174 -2.65 -3.77 20.58
N THR A 175 -2.17 -4.57 19.66
CA THR A 175 -1.64 -5.92 20.01
C THR A 175 -2.70 -6.79 20.70
N ALA A 176 -2.61 -6.98 22.00
CA ALA A 176 -3.61 -7.86 22.68
C ALA A 176 -3.93 -7.39 24.11
N GLY A 177 -5.04 -6.71 24.29
CA GLY A 177 -5.42 -6.27 25.66
C GLY A 177 -6.10 -7.43 26.39
N SER A 178 -6.61 -8.39 25.65
CA SER A 178 -7.30 -9.55 26.28
C SER A 178 -6.27 -10.59 26.75
N ILE A 179 -5.07 -10.53 26.25
CA ILE A 179 -4.02 -11.53 26.68
C ILE A 179 -3.50 -11.20 28.08
N GLY A 180 -3.70 -9.98 28.53
CA GLY A 180 -3.19 -9.59 29.88
C GLY A 180 -3.62 -10.62 30.94
N ALA A 181 -4.68 -11.34 30.70
CA ALA A 181 -5.13 -12.35 31.71
C ALA A 181 -4.19 -13.56 31.76
N GLY A 182 -3.99 -14.21 30.65
CA GLY A 182 -3.10 -15.41 30.62
C GLY A 182 -1.72 -15.08 31.19
N ALA A 183 -1.34 -13.83 31.21
CA ALA A 183 0.01 -13.47 31.75
C ALA A 183 -0.06 -13.22 33.26
N LEU A 184 -1.23 -13.03 33.81
CA LEU A 184 -1.35 -12.78 35.27
C LEU A 184 -0.96 -14.04 36.06
N THR A 185 -1.69 -15.11 35.89
CA THR A 185 -1.37 -16.37 36.64
C THR A 185 0.05 -16.84 36.31
N GLY A 186 0.57 -16.43 35.18
CA GLY A 186 1.96 -16.87 34.81
C GLY A 186 2.97 -16.24 35.76
N ALA A 187 2.64 -15.14 36.38
CA ALA A 187 3.59 -14.49 37.32
C ALA A 187 3.38 -15.01 38.75
N LEU A 188 2.18 -15.39 39.08
CA LEU A 188 1.91 -15.91 40.45
C LEU A 188 2.77 -17.14 40.75
N PHE A 189 2.58 -18.20 40.00
CA PHE A 189 3.38 -19.44 40.22
C PHE A 189 4.84 -19.23 39.78
N LYS A 190 5.10 -18.20 39.02
CA LYS A 190 6.51 -17.95 38.55
C LYS A 190 7.50 -18.00 39.72
N SER A 191 7.04 -17.70 40.91
CA SER A 191 7.95 -17.72 42.09
C SER A 191 7.25 -18.37 43.28
N SER A 192 6.37 -17.65 43.93
CA SER A 192 5.63 -18.22 45.11
C SER A 192 6.63 -18.79 46.12
N LYS A 193 7.83 -18.28 46.14
CA LYS A 193 8.86 -18.79 47.10
C LYS A 193 8.47 -18.37 48.53
N GLY A 194 8.17 -17.12 48.73
CA GLY A 194 7.80 -16.64 50.09
C GLY A 194 6.64 -15.65 49.98
N LEU A 195 6.86 -14.43 50.37
CA LEU A 195 5.76 -13.41 50.28
C LEU A 195 5.35 -13.21 48.82
N LYS A 196 4.10 -13.39 48.51
CA LYS A 196 3.63 -13.22 47.10
C LYS A 196 4.09 -11.86 46.55
N PRO A 197 5.06 -11.89 45.66
CA PRO A 197 5.57 -10.64 45.06
C PRO A 197 4.61 -10.12 43.99
N MET A 198 3.87 -11.00 43.36
CA MET A 198 2.93 -10.57 42.30
C MET A 198 1.95 -9.52 42.85
N GLY A 199 1.71 -9.53 44.13
CA GLY A 199 0.77 -8.54 44.73
C GLY A 199 1.29 -7.12 44.47
N TYR A 200 2.54 -6.88 44.76
CA TYR A 200 3.11 -5.52 44.54
C TYR A 200 3.69 -5.41 43.12
N SER A 201 4.08 -6.52 42.54
CA SER A 201 4.65 -6.47 41.16
C SER A 201 3.52 -6.36 40.13
N SER A 202 2.34 -6.82 40.47
CA SER A 202 1.21 -6.73 39.50
C SER A 202 0.97 -5.27 39.11
N ALA A 203 1.08 -4.37 40.04
CA ALA A 203 0.86 -2.93 39.73
C ALA A 203 1.80 -2.50 38.59
N MET A 204 2.91 -3.16 38.44
CA MET A 204 3.87 -2.81 37.35
C MET A 204 3.28 -3.24 36.00
N VAL A 205 2.88 -4.48 35.88
CA VAL A 205 2.29 -4.96 34.59
C VAL A 205 0.92 -4.31 34.39
N ALA A 206 0.24 -4.00 35.46
CA ALA A 206 -1.10 -3.35 35.35
C ALA A 206 -0.96 -2.02 34.61
N ALA A 207 0.03 -1.24 34.94
CA ALA A 207 0.22 0.07 34.25
C ALA A 207 0.44 -0.16 32.75
N ALA A 208 1.00 -1.29 32.40
CA ALA A 208 1.22 -1.58 30.95
C ALA A 208 -0.12 -1.67 30.22
N CYS A 209 -1.16 -2.06 30.92
CA CYS A 209 -2.50 -2.16 30.27
C CYS A 209 -2.93 -0.77 29.79
N ALA A 210 -2.62 0.25 30.53
CA ALA A 210 -3.01 1.64 30.11
C ALA A 210 -2.25 2.03 28.84
N VAL A 211 -0.96 1.88 28.84
CA VAL A 211 -0.15 2.25 27.64
C VAL A 211 -0.66 1.47 26.42
N TRP A 212 -0.89 0.19 26.57
CA TRP A 212 -1.39 -0.63 25.44
C TRP A 212 -2.85 -0.30 25.18
N CYS A 213 -3.67 -0.22 26.20
CA CYS A 213 -5.10 0.13 26.00
C CYS A 213 -5.18 1.51 25.34
N SER A 214 -4.10 2.27 25.42
CA SER A 214 -4.08 3.62 24.78
C SER A 214 -4.57 3.52 23.33
N VAL A 215 -4.58 2.33 22.77
CA VAL A 215 -5.05 2.14 21.36
C VAL A 215 -6.34 2.93 21.11
N LYS A 216 -7.15 3.09 22.12
CA LYS A 216 -8.43 3.84 21.93
C LYS A 216 -8.32 5.23 22.58
N LYS A 217 -7.62 6.13 21.95
CA LYS A 217 -7.47 7.49 22.51
C LYS A 217 -8.75 8.31 22.28
N ARG A 218 -9.76 8.08 23.07
CA ARG A 218 -11.04 8.82 22.89
C ARG A 218 -11.15 9.93 23.96
N LEU A 219 -10.56 9.73 25.10
CA LEU A 219 -10.63 10.76 26.17
C LEU A 219 -9.51 11.79 26.00
N LEU A 220 -8.65 11.61 25.05
CA LEU A 220 -7.53 12.58 24.84
C LEU A 220 -7.78 13.39 23.57
N GLU A 221 -8.44 12.82 22.59
CA GLU A 221 -8.71 13.57 21.33
C GLU A 221 -9.68 14.73 21.59
N LYS A 222 -10.90 14.44 21.93
CA LYS A 222 -11.89 15.52 22.20
C LYS A 222 -12.57 15.29 23.56
N MET B 1 -2.00 84.63 -93.87
CA MET B 1 -1.14 85.11 -94.99
C MET B 1 0.13 85.77 -94.43
N SER B 2 0.80 85.11 -93.53
CA SER B 2 2.05 85.70 -92.96
C SER B 2 3.10 84.61 -92.75
N TRP B 3 4.08 84.55 -93.62
CA TRP B 3 5.14 83.51 -93.49
C TRP B 3 6.39 84.12 -92.84
N LEU B 4 6.27 85.27 -92.22
CA LEU B 4 7.46 85.89 -91.58
C LEU B 4 8.07 84.95 -90.54
N PHE B 5 7.26 84.39 -89.69
CA PHE B 5 7.80 83.45 -88.66
C PHE B 5 7.27 82.02 -88.89
N GLY B 6 6.72 81.76 -90.06
CA GLY B 6 6.19 80.40 -90.34
C GLY B 6 4.84 80.23 -89.66
N ASP B 7 3.98 81.21 -89.77
CA ASP B 7 2.63 81.11 -89.12
C ASP B 7 1.65 80.39 -90.06
N LYS B 8 1.35 79.15 -89.78
CA LYS B 8 0.40 78.40 -90.66
C LYS B 8 -0.89 78.10 -89.90
N THR B 9 -2.02 78.38 -90.51
CA THR B 9 -3.32 78.12 -89.82
C THR B 9 -3.75 76.65 -90.06
N PRO B 10 -4.33 76.05 -89.05
CA PRO B 10 -4.78 74.65 -89.17
C PRO B 10 -6.03 74.57 -90.04
N THR B 11 -5.91 74.00 -91.22
CA THR B 11 -7.09 73.90 -92.12
C THR B 11 -7.92 72.65 -91.78
N ASP B 12 -7.38 71.78 -90.96
CA ASP B 12 -8.14 70.54 -90.58
C ASP B 12 -9.47 70.90 -89.90
N ASP B 13 -9.57 72.11 -89.40
CA ASP B 13 -10.84 72.53 -88.73
C ASP B 13 -12.05 72.30 -89.65
N ALA B 14 -11.83 72.31 -90.93
CA ALA B 14 -12.97 72.08 -91.87
C ALA B 14 -13.32 70.60 -91.93
N ASN B 15 -12.37 69.74 -91.70
CA ASN B 15 -12.64 68.27 -91.73
C ASN B 15 -12.78 67.72 -90.31
N ALA B 16 -12.95 68.58 -89.34
CA ALA B 16 -13.09 68.11 -87.94
C ALA B 16 -14.53 67.64 -87.66
N ALA B 17 -15.48 68.11 -88.45
CA ALA B 17 -16.90 67.69 -88.24
C ALA B 17 -17.34 68.03 -86.81
N VAL B 18 -18.60 67.87 -86.51
CA VAL B 18 -19.09 68.19 -85.14
C VAL B 18 -18.74 67.07 -84.16
N GLY B 19 -19.32 67.08 -82.99
CA GLY B 19 -19.02 66.01 -82.00
C GLY B 19 -20.16 65.00 -81.98
N GLY B 20 -20.31 64.24 -83.03
CA GLY B 20 -21.41 63.22 -83.08
C GLY B 20 -22.51 63.72 -84.03
N GLN B 21 -22.48 63.29 -85.26
CA GLN B 21 -23.52 63.73 -86.23
C GLN B 21 -24.69 62.74 -86.24
N ASP B 22 -24.44 61.51 -85.89
CA ASP B 22 -25.54 60.49 -85.87
C ASP B 22 -26.09 60.34 -84.45
N THR B 23 -26.02 61.36 -83.66
CA THR B 23 -26.54 61.27 -82.26
C THR B 23 -27.99 61.75 -82.19
N THR B 24 -28.86 60.96 -81.61
CA THR B 24 -30.30 61.38 -81.52
C THR B 24 -30.75 61.38 -80.05
N LYS B 25 -30.32 60.43 -79.28
CA LYS B 25 -30.72 60.37 -77.84
C LYS B 25 -29.67 61.08 -76.97
N PRO B 26 -30.05 62.22 -76.44
CA PRO B 26 -29.10 62.99 -75.58
C PRO B 26 -28.92 62.29 -74.22
N LYS B 27 -29.87 61.48 -73.83
CA LYS B 27 -29.75 60.77 -72.52
C LYS B 27 -28.83 59.57 -72.65
N GLU B 28 -27.54 59.79 -72.65
CA GLU B 28 -26.57 58.66 -72.77
C GLU B 28 -25.91 58.35 -71.42
N LEU B 29 -26.21 59.13 -70.40
CA LEU B 29 -25.59 58.89 -69.07
C LEU B 29 -26.30 57.72 -68.36
N SER B 30 -27.33 57.18 -68.95
CA SER B 30 -28.05 56.05 -68.30
C SER B 30 -27.36 54.71 -68.63
N LEU B 31 -26.25 54.74 -69.31
CA LEU B 31 -25.55 53.48 -69.66
C LEU B 31 -24.74 52.97 -68.45
N LYS B 32 -24.04 53.85 -67.79
CA LYS B 32 -23.24 53.43 -66.61
C LYS B 32 -24.16 52.89 -65.50
N GLN B 33 -25.40 53.32 -65.49
CA GLN B 33 -26.34 52.84 -64.44
C GLN B 33 -26.89 51.46 -64.83
N SER B 34 -27.25 51.27 -66.07
CA SER B 34 -27.79 49.96 -66.51
C SER B 34 -26.68 48.92 -66.57
N LEU B 35 -25.45 49.35 -66.76
CA LEU B 35 -24.33 48.37 -66.83
C LEU B 35 -24.22 47.58 -65.53
N GLY B 36 -24.68 48.14 -64.44
CA GLY B 36 -24.61 47.42 -63.15
C GLY B 36 -23.36 47.85 -62.38
N PHE B 37 -23.07 49.12 -62.37
CA PHE B 37 -21.85 49.60 -61.65
C PHE B 37 -22.06 49.49 -60.14
N GLU B 38 -21.65 48.40 -59.55
CA GLU B 38 -21.82 48.25 -58.08
C GLU B 38 -20.84 47.20 -57.54
N PRO B 39 -19.58 47.51 -57.62
CA PRO B 39 -18.53 46.57 -57.14
C PRO B 39 -18.50 46.55 -55.61
N ASN B 40 -19.05 47.55 -54.97
CA ASN B 40 -19.05 47.59 -53.48
C ASN B 40 -19.81 46.38 -52.92
N ILE B 41 -20.79 45.89 -53.64
CA ILE B 41 -21.55 44.70 -53.15
C ILE B 41 -20.83 43.40 -53.51
N ASN B 42 -19.69 43.49 -54.17
CA ASN B 42 -18.95 42.26 -54.55
C ASN B 42 -17.98 41.86 -53.44
N ASN B 43 -17.44 42.81 -52.72
CA ASN B 43 -16.50 42.50 -51.62
C ASN B 43 -17.23 41.79 -50.48
N ILE B 44 -18.39 42.27 -50.12
CA ILE B 44 -19.16 41.62 -49.01
C ILE B 44 -19.45 40.16 -49.34
N ILE B 45 -19.53 39.83 -50.60
CA ILE B 45 -19.81 38.41 -51.00
C ILE B 45 -18.51 37.70 -51.42
N SER B 46 -17.48 38.45 -51.69
CA SER B 46 -16.19 37.82 -52.12
C SER B 46 -15.26 37.66 -50.92
N GLY B 47 -15.80 37.35 -49.77
CA GLY B 47 -14.95 37.17 -48.56
C GLY B 47 -15.12 35.74 -48.02
N PRO B 48 -14.62 35.54 -46.83
CA PRO B 48 -14.73 34.20 -46.19
C PRO B 48 -16.18 33.94 -45.74
N GLY B 49 -16.77 32.89 -46.21
CA GLY B 49 -18.17 32.57 -45.81
C GLY B 49 -18.38 31.06 -45.80
N GLY B 50 -17.93 30.40 -44.76
CA GLY B 50 -18.10 28.92 -44.70
C GLY B 50 -19.57 28.59 -44.41
N MET B 51 -20.09 27.59 -45.07
CA MET B 51 -21.52 27.20 -44.84
C MET B 51 -21.70 26.68 -43.41
N HIS B 52 -20.69 26.06 -42.86
CA HIS B 52 -20.80 25.52 -41.48
C HIS B 52 -19.88 26.30 -40.52
N VAL B 53 -20.40 26.74 -39.42
CA VAL B 53 -19.56 27.52 -38.45
C VAL B 53 -19.36 26.71 -37.17
N ASP B 54 -18.34 27.01 -36.41
CA ASP B 54 -18.09 26.27 -35.14
C ASP B 54 -18.07 24.76 -35.40
N THR B 55 -16.92 24.22 -35.69
CA THR B 55 -16.83 22.75 -35.96
C THR B 55 -16.53 21.99 -34.66
N ALA B 56 -16.34 22.69 -33.57
CA ALA B 56 -16.05 21.98 -32.27
C ALA B 56 -17.19 21.04 -31.92
N ARG B 57 -18.39 21.33 -32.37
CA ARG B 57 -19.55 20.45 -32.05
C ARG B 57 -19.48 19.17 -32.88
N LEU B 58 -18.84 19.21 -34.02
CA LEU B 58 -18.74 17.99 -34.87
C LEU B 58 -17.82 16.96 -34.22
N HIS B 59 -16.87 17.41 -33.44
CA HIS B 59 -15.94 16.47 -32.77
C HIS B 59 -16.72 15.49 -31.88
N PRO B 60 -16.21 14.29 -31.75
CA PRO B 60 -16.89 13.27 -30.90
C PRO B 60 -16.73 13.62 -29.42
N LEU B 61 -17.75 13.36 -28.63
CA LEU B 61 -17.67 13.67 -27.18
C LEU B 61 -17.17 12.45 -26.40
N ALA B 62 -17.33 11.28 -26.95
CA ALA B 62 -16.86 10.05 -26.24
C ALA B 62 -15.42 9.72 -26.62
N GLY B 63 -14.71 10.65 -27.21
CA GLY B 63 -13.30 10.39 -27.60
C GLY B 63 -12.36 11.11 -26.63
N LEU B 64 -12.77 12.25 -26.15
CA LEU B 64 -11.91 13.01 -25.19
C LEU B 64 -11.94 12.35 -23.81
N ASP B 65 -13.02 11.68 -23.49
CA ASP B 65 -13.11 11.01 -22.16
C ASP B 65 -12.07 9.89 -22.05
N LYS B 66 -11.55 9.43 -23.16
CA LYS B 66 -10.53 8.34 -23.11
C LYS B 66 -9.33 8.77 -22.26
N GLY B 67 -9.10 10.05 -22.13
CA GLY B 67 -7.95 10.53 -21.31
C GLY B 67 -8.37 10.63 -19.85
N VAL B 68 -9.37 11.42 -19.55
CA VAL B 68 -9.82 11.58 -18.14
C VAL B 68 -10.26 10.22 -17.58
N GLU B 69 -10.76 9.34 -18.42
CA GLU B 69 -11.21 8.00 -17.94
C GLU B 69 -10.02 7.24 -17.33
N TYR B 70 -8.98 7.04 -18.09
CA TYR B 70 -7.80 6.30 -17.54
C TYR B 70 -7.02 7.18 -16.57
N LEU B 71 -7.37 8.44 -16.46
CA LEU B 71 -6.64 9.34 -15.52
C LEU B 71 -6.87 8.91 -14.07
N ASP B 72 -8.11 8.74 -13.68
CA ASP B 72 -8.40 8.33 -12.28
C ASP B 72 -8.42 6.79 -12.16
N LEU B 73 -8.76 6.12 -13.23
CA LEU B 73 -8.81 4.63 -13.18
C LEU B 73 -7.42 4.06 -12.86
N GLU B 74 -6.44 4.42 -13.64
CA GLU B 74 -5.06 3.90 -13.38
C GLU B 74 -4.57 4.36 -12.00
N GLU B 75 -4.85 5.57 -11.63
CA GLU B 75 -4.41 6.06 -10.29
C GLU B 75 -5.09 5.28 -9.18
N GLU B 76 -6.29 4.79 -9.43
CA GLU B 76 -7.02 4.02 -8.39
C GLU B 76 -6.68 2.53 -8.48
N GLN B 77 -6.10 2.10 -9.57
CA GLN B 77 -5.75 0.65 -9.71
C GLN B 77 -4.84 0.20 -8.56
N LEU B 78 -3.87 1.00 -8.21
CA LEU B 78 -2.95 0.62 -7.09
C LEU B 78 -3.52 1.06 -5.75
N SER B 79 -4.36 2.06 -5.74
CA SER B 79 -4.95 2.55 -4.46
C SER B 79 -5.74 1.42 -3.78
N SER B 80 -6.47 0.64 -4.55
CA SER B 80 -7.26 -0.47 -3.95
C SER B 80 -6.33 -1.58 -3.46
N LEU B 81 -5.23 -1.78 -4.12
CA LEU B 81 -4.27 -2.84 -3.70
C LEU B 81 -3.79 -2.58 -2.27
N GLU B 82 -3.72 -1.34 -1.87
CA GLU B 82 -3.25 -1.02 -0.50
C GLU B 82 -4.19 -1.64 0.54
N GLY B 83 -5.44 -1.79 0.20
CA GLY B 83 -6.40 -2.40 1.17
C GLY B 83 -7.04 -3.64 0.55
N SER B 84 -6.26 -4.45 -0.12
CA SER B 84 -6.82 -5.67 -0.75
C SER B 84 -6.40 -6.92 0.04
N GLN B 85 -5.21 -6.91 0.61
CA GLN B 85 -4.74 -8.08 1.38
C GLN B 85 -5.68 -8.34 2.57
N GLY B 86 -6.37 -7.34 3.02
CA GLY B 86 -7.31 -7.53 4.17
C GLY B 86 -6.83 -6.68 5.35
N LEU B 87 -7.59 -6.66 6.42
CA LEU B 87 -7.19 -5.85 7.60
C LEU B 87 -6.59 -6.76 8.68
N ILE B 88 -5.59 -6.29 9.38
CA ILE B 88 -4.96 -7.13 10.44
C ILE B 88 -4.97 -6.37 11.78
N PRO B 89 -5.71 -6.89 12.74
CA PRO B 89 -5.80 -6.25 14.07
C PRO B 89 -4.47 -6.41 14.83
N SER B 90 -3.70 -7.40 14.49
CA SER B 90 -2.39 -7.61 15.19
C SER B 90 -1.25 -6.96 14.41
N ARG B 91 -1.52 -5.87 13.75
CA ARG B 91 -0.44 -5.19 12.95
C ARG B 91 0.70 -4.77 13.88
N GLY B 92 1.91 -4.76 13.38
CA GLY B 92 3.07 -4.35 14.23
C GLY B 92 3.86 -5.60 14.64
N TRP B 93 3.19 -6.72 14.75
CA TRP B 93 3.91 -7.97 15.14
C TRP B 93 3.50 -9.12 14.22
N THR B 94 3.36 -8.85 12.95
CA THR B 94 2.95 -9.92 11.99
C THR B 94 3.99 -10.08 10.88
N ASP B 95 5.24 -9.77 11.17
CA ASP B 95 6.30 -9.92 10.13
C ASP B 95 6.54 -11.40 9.83
N ASP B 96 6.14 -12.27 10.71
CA ASP B 96 6.34 -13.73 10.48
C ASP B 96 5.23 -14.30 9.58
N LEU B 97 4.16 -13.56 9.42
CA LEU B 97 3.03 -14.05 8.55
C LEU B 97 3.56 -14.54 7.20
N CYS B 98 4.69 -14.03 6.76
CA CYS B 98 5.26 -14.47 5.46
C CYS B 98 5.57 -15.97 5.50
N TYR B 99 6.16 -16.44 6.56
CA TYR B 99 6.49 -17.89 6.66
C TYR B 99 5.77 -18.51 7.86
N GLY B 100 4.65 -17.95 8.26
CA GLY B 100 3.91 -18.52 9.42
C GLY B 100 2.45 -18.02 9.38
N THR B 101 1.85 -17.83 10.52
CA THR B 101 0.44 -17.35 10.55
C THR B 101 0.19 -16.52 11.80
N GLY B 102 1.13 -15.71 12.19
CA GLY B 102 0.96 -14.87 13.40
C GLY B 102 0.80 -15.78 14.64
N ALA B 103 1.64 -16.77 14.76
CA ALA B 103 1.54 -17.69 15.93
C ALA B 103 2.30 -17.11 17.14
N VAL B 104 3.16 -16.16 16.91
CA VAL B 104 3.92 -15.56 18.06
C VAL B 104 2.97 -15.08 19.15
N TYR B 105 1.90 -14.41 18.77
CA TYR B 105 0.93 -13.92 19.79
C TYR B 105 0.31 -15.09 20.54
N LEU B 106 -0.36 -15.98 19.85
CA LEU B 106 -1.00 -17.15 20.51
C LEU B 106 0.06 -18.06 21.15
N LEU B 107 1.02 -18.50 20.38
CA LEU B 107 2.08 -19.39 20.95
C LEU B 107 2.67 -18.79 22.23
N GLY B 108 2.61 -17.49 22.37
CA GLY B 108 3.17 -16.84 23.59
C GLY B 108 2.15 -16.94 24.73
N LEU B 109 0.90 -17.14 24.41
CA LEU B 109 -0.14 -17.24 25.48
C LEU B 109 0.06 -18.51 26.31
N GLY B 110 0.16 -19.64 25.66
CA GLY B 110 0.36 -20.92 26.41
C GLY B 110 1.64 -20.85 27.24
N ILE B 111 2.61 -20.09 26.79
CA ILE B 111 3.89 -19.98 27.55
C ILE B 111 3.62 -19.39 28.94
N GLY B 112 2.86 -18.33 29.01
CA GLY B 112 2.56 -17.71 30.33
C GLY B 112 1.82 -18.72 31.22
N GLY B 113 1.17 -19.68 30.63
CA GLY B 113 0.42 -20.68 31.44
C GLY B 113 1.41 -21.63 32.12
N PHE B 114 2.37 -22.14 31.38
CA PHE B 114 3.36 -23.08 31.99
C PHE B 114 4.57 -22.31 32.53
N SER B 115 4.59 -21.01 32.37
CA SER B 115 5.75 -20.22 32.87
C SER B 115 5.72 -20.15 34.40
N GLY B 116 4.54 -20.16 34.99
CA GLY B 116 4.44 -20.10 36.47
C GLY B 116 4.44 -21.52 37.05
N MET B 117 3.69 -22.41 36.45
CA MET B 117 3.64 -23.82 36.97
C MET B 117 5.05 -24.38 37.16
N MET B 118 6.03 -23.85 36.47
CA MET B 118 7.42 -24.36 36.60
C MET B 118 7.84 -24.40 38.08
N GLN B 119 7.79 -23.28 38.76
CA GLN B 119 8.18 -23.26 40.19
C GLN B 119 7.03 -23.75 41.08
N GLY B 120 5.81 -23.59 40.63
CA GLY B 120 4.64 -24.04 41.43
C GLY B 120 4.64 -25.57 41.53
N LEU B 121 5.41 -26.24 40.71
CA LEU B 121 5.45 -27.73 40.75
C LEU B 121 5.77 -28.22 42.18
N GLN B 122 6.48 -27.42 42.94
CA GLN B 122 6.83 -27.84 44.33
C GLN B 122 5.56 -28.09 45.14
N ASN B 123 4.44 -27.55 44.73
CA ASN B 123 3.17 -27.76 45.48
C ASN B 123 2.82 -29.25 45.51
N ILE B 124 3.11 -29.97 44.46
CA ILE B 124 2.79 -31.42 44.42
C ILE B 124 3.83 -32.22 45.23
N PRO B 125 3.35 -33.13 46.03
CA PRO B 125 4.28 -33.96 46.86
C PRO B 125 4.98 -35.01 45.99
N PRO B 126 6.13 -35.43 46.45
CA PRO B 126 6.91 -36.45 45.69
C PRO B 126 6.25 -37.82 45.81
N ASN B 127 6.09 -38.51 44.71
CA ASN B 127 5.45 -39.86 44.75
C ASN B 127 6.48 -40.95 44.42
N SER B 128 7.73 -40.68 44.65
CA SER B 128 8.78 -41.69 44.35
C SER B 128 9.02 -42.59 45.57
N PRO B 129 9.35 -43.83 45.31
CA PRO B 129 9.61 -44.79 46.41
C PRO B 129 10.95 -44.47 47.10
N GLY B 130 11.03 -44.66 48.39
CA GLY B 130 12.30 -44.37 49.11
C GLY B 130 12.02 -44.20 50.60
N LYS B 131 12.51 -45.11 51.41
CA LYS B 131 12.28 -45.00 52.88
C LYS B 131 13.60 -45.14 53.64
N LEU B 132 14.44 -46.05 53.21
CA LEU B 132 15.76 -46.25 53.90
C LEU B 132 16.77 -45.22 53.40
N GLN B 133 16.65 -44.81 52.16
CA GLN B 133 17.62 -43.82 51.61
C GLN B 133 17.36 -42.43 52.23
N LEU B 134 16.15 -42.17 52.62
CA LEU B 134 15.83 -40.84 53.23
C LEU B 134 16.36 -40.77 54.66
N ASN B 135 16.47 -41.90 55.32
CA ASN B 135 16.98 -41.91 56.72
C ASN B 135 18.47 -41.52 56.74
N THR B 136 19.20 -41.91 55.75
CA THR B 136 20.66 -41.58 55.70
C THR B 136 20.85 -40.09 55.38
N VAL B 137 19.95 -39.52 54.63
CA VAL B 137 20.07 -38.07 54.27
C VAL B 137 19.63 -37.20 55.44
N LEU B 138 18.74 -37.70 56.26
CA LEU B 138 18.28 -36.89 57.43
C LEU B 138 19.45 -36.55 58.35
N ASN B 139 20.32 -37.50 58.58
CA ASN B 139 21.49 -37.24 59.47
C ASN B 139 22.43 -36.21 58.82
N HIS B 140 22.42 -36.13 57.53
CA HIS B 140 23.32 -35.16 56.83
C HIS B 140 22.95 -33.73 57.24
N ILE B 141 21.68 -33.42 57.29
CA ILE B 141 21.25 -32.04 57.67
C ILE B 141 21.23 -31.90 59.20
N THR B 142 21.79 -30.84 59.71
CA THR B 142 21.81 -30.64 61.19
C THR B 142 20.53 -29.94 61.64
N LYS B 143 20.01 -29.05 60.84
CA LYS B 143 18.77 -28.33 61.22
C LYS B 143 17.82 -28.24 60.02
N ARG B 144 16.54 -28.35 60.26
CA ARG B 144 15.56 -28.28 59.14
C ARG B 144 15.13 -26.83 58.90
N GLY B 145 15.96 -26.07 58.20
CA GLY B 145 15.60 -24.65 57.93
C GLY B 145 14.93 -24.55 56.56
N PRO B 146 15.01 -23.38 55.97
CA PRO B 146 14.40 -23.16 54.64
C PRO B 146 15.22 -23.86 53.55
N PHE B 147 14.57 -24.54 52.65
CA PHE B 147 15.31 -25.26 51.57
C PHE B 147 14.80 -24.80 50.19
N LEU B 148 15.66 -24.86 49.20
CA LEU B 148 15.24 -24.43 47.84
C LEU B 148 15.55 -25.52 46.82
N GLY B 149 14.54 -26.03 46.15
CA GLY B 149 14.78 -27.10 45.14
C GLY B 149 15.24 -26.47 43.82
N ASN B 150 16.50 -26.60 43.51
CA ASN B 150 17.02 -26.01 42.23
C ASN B 150 17.14 -27.09 41.15
N ASN B 151 16.45 -28.19 41.32
CA ASN B 151 16.52 -29.28 40.30
C ASN B 151 15.75 -28.87 39.04
N ALA B 152 14.60 -28.28 39.21
CA ALA B 152 13.79 -27.86 38.02
C ALA B 152 14.25 -26.48 37.53
N GLY B 153 15.14 -25.83 38.26
CA GLY B 153 15.61 -24.49 37.83
C GLY B 153 16.30 -24.59 36.47
N ILE B 154 17.08 -25.62 36.27
CA ILE B 154 17.78 -25.78 34.97
C ILE B 154 16.78 -26.14 33.86
N LEU B 155 15.65 -26.69 34.23
CA LEU B 155 14.63 -27.07 33.20
C LEU B 155 14.09 -25.82 32.50
N ALA B 156 14.09 -24.70 33.19
CA ALA B 156 13.57 -23.45 32.56
C ALA B 156 14.47 -23.04 31.38
N LEU B 157 15.65 -23.58 31.31
CA LEU B 157 16.58 -23.21 30.19
C LEU B 157 16.30 -24.09 28.96
N SER B 158 16.30 -25.38 29.13
CA SER B 158 16.04 -26.29 27.97
C SER B 158 14.67 -25.98 27.35
N TYR B 159 13.76 -25.43 28.12
CA TYR B 159 12.42 -25.11 27.57
C TYR B 159 12.51 -23.97 26.55
N ASN B 160 13.50 -23.12 26.68
CA ASN B 160 13.64 -21.99 25.73
C ASN B 160 14.32 -22.46 24.43
N ILE B 161 14.99 -23.58 24.47
CA ILE B 161 15.66 -24.09 23.24
C ILE B 161 14.65 -24.83 22.35
N ILE B 162 13.92 -25.75 22.90
CA ILE B 162 12.91 -26.51 22.09
C ILE B 162 11.91 -25.54 21.44
N ASN B 163 11.72 -24.39 22.03
CA ASN B 163 10.75 -23.41 21.45
C ASN B 163 11.46 -22.50 20.44
N SER B 164 12.75 -22.37 20.55
CA SER B 164 13.49 -21.49 19.58
C SER B 164 13.33 -22.02 18.15
N THR B 165 13.03 -23.28 18.00
CA THR B 165 12.87 -23.86 16.63
C THR B 165 11.56 -23.37 16.01
N ILE B 166 10.47 -23.47 16.73
CA ILE B 166 9.17 -23.00 16.18
C ILE B 166 9.28 -21.54 15.76
N ASP B 167 10.06 -20.77 16.48
CA ASP B 167 10.22 -19.33 16.13
C ASP B 167 11.40 -19.13 15.17
N ALA B 168 12.42 -19.96 15.27
CA ALA B 168 13.60 -19.81 14.37
C ALA B 168 13.14 -19.68 12.91
N LEU B 169 12.15 -20.44 12.53
CA LEU B 169 11.64 -20.36 11.13
C LEU B 169 10.61 -19.23 10.98
N ARG B 170 10.61 -18.30 11.89
CA ARG B 170 9.61 -17.17 11.81
C ARG B 170 9.68 -16.47 10.44
N GLY B 171 10.81 -15.91 10.10
CA GLY B 171 10.92 -15.23 8.78
C GLY B 171 12.31 -14.60 8.62
N LYS B 172 12.39 -13.30 8.55
CA LYS B 172 13.72 -12.63 8.39
C LYS B 172 13.78 -11.34 9.22
N HIS B 173 14.42 -11.40 10.36
CA HIS B 173 14.52 -10.18 11.22
C HIS B 173 15.95 -9.64 11.26
N ASP B 174 16.12 -8.35 11.20
CA ASP B 174 17.49 -7.75 11.25
C ASP B 174 17.54 -6.65 12.31
N THR B 175 16.87 -6.85 13.40
CA THR B 175 16.82 -5.82 14.49
C THR B 175 18.23 -5.28 14.83
N ALA B 176 18.87 -5.81 15.85
CA ALA B 176 20.21 -5.26 16.22
C ALA B 176 21.15 -6.35 16.77
N GLY B 177 22.06 -6.81 15.96
CA GLY B 177 23.03 -7.84 16.43
C GLY B 177 24.17 -7.14 17.20
N SER B 178 24.35 -5.87 16.94
CA SER B 178 25.43 -5.10 17.63
C SER B 178 24.96 -4.66 19.02
N ILE B 179 23.68 -4.67 19.25
CA ILE B 179 23.15 -4.25 20.60
C ILE B 179 23.33 -5.37 21.63
N GLY B 180 23.53 -6.58 21.17
CA GLY B 180 23.70 -7.72 22.13
C GLY B 180 24.74 -7.39 23.20
N ALA B 181 25.65 -6.48 22.91
CA ALA B 181 26.70 -6.14 23.91
C ALA B 181 26.11 -5.29 25.05
N GLY B 182 25.51 -4.17 24.73
CA GLY B 182 24.94 -3.28 25.79
C GLY B 182 24.03 -4.09 26.73
N ALA B 183 23.48 -5.18 26.27
CA ALA B 183 22.60 -5.99 27.15
C ALA B 183 23.41 -6.99 27.99
N LEU B 184 24.63 -7.24 27.61
CA LEU B 184 25.47 -8.22 28.39
C LEU B 184 25.74 -7.69 29.80
N THR B 185 26.44 -6.59 29.91
CA THR B 185 26.75 -6.03 31.27
C THR B 185 25.45 -5.72 32.02
N GLY B 186 24.38 -5.49 31.31
CA GLY B 186 23.09 -5.18 31.98
C GLY B 186 22.67 -6.35 32.87
N ALA B 187 23.06 -7.55 32.50
CA ALA B 187 22.70 -8.74 33.32
C ALA B 187 23.76 -9.00 34.40
N LEU B 188 24.99 -8.66 34.11
CA LEU B 188 26.07 -8.89 35.12
C LEU B 188 25.80 -8.09 36.39
N PHE B 189 25.50 -6.82 36.25
CA PHE B 189 25.22 -5.98 37.45
C PHE B 189 23.82 -6.28 37.99
N LYS B 190 22.95 -6.83 37.18
CA LYS B 190 21.57 -7.15 37.65
C LYS B 190 21.63 -8.10 38.86
N SER B 191 22.67 -8.87 38.97
CA SER B 191 22.79 -9.81 40.12
C SER B 191 24.24 -10.24 40.31
N SER B 192 24.81 -9.94 41.45
CA SER B 192 26.24 -10.34 41.69
C SER B 192 26.53 -10.34 43.20
N LYS B 193 25.85 -11.17 43.94
CA LYS B 193 26.09 -11.22 45.41
C LYS B 193 27.24 -12.19 45.72
N GLY B 194 27.19 -13.38 45.19
CA GLY B 194 28.28 -14.36 45.43
C GLY B 194 28.85 -14.84 44.10
N LEU B 195 28.56 -16.06 43.72
CA LEU B 195 29.09 -16.58 42.43
C LEU B 195 28.30 -15.97 41.26
N LYS B 196 28.99 -15.43 40.29
CA LYS B 196 28.29 -14.81 39.12
C LYS B 196 27.24 -15.77 38.54
N PRO B 197 25.99 -15.45 38.78
CA PRO B 197 24.89 -16.31 38.26
C PRO B 197 24.71 -16.10 36.76
N MET B 198 24.87 -14.89 36.29
CA MET B 198 24.71 -14.61 34.84
C MET B 198 25.72 -15.43 34.03
N GLY B 199 26.78 -15.88 34.64
CA GLY B 199 27.80 -16.68 33.91
C GLY B 199 27.13 -17.85 33.19
N TYR B 200 26.21 -18.51 33.83
CA TYR B 200 25.53 -19.65 33.17
C TYR B 200 24.28 -19.16 32.42
N SER B 201 23.70 -18.07 32.87
CA SER B 201 22.49 -17.55 32.18
C SER B 201 22.88 -16.89 30.86
N SER B 202 24.12 -16.47 30.73
CA SER B 202 24.57 -15.83 29.46
C SER B 202 24.34 -16.78 28.28
N ALA B 203 24.55 -18.05 28.49
CA ALA B 203 24.35 -19.03 27.39
C ALA B 203 22.91 -18.95 26.88
N MET B 204 22.01 -18.49 27.71
CA MET B 204 20.59 -18.36 27.26
C MET B 204 20.45 -17.20 26.29
N VAL B 205 20.95 -16.04 26.66
CA VAL B 205 20.86 -14.87 25.74
C VAL B 205 21.82 -15.06 24.56
N ALA B 206 22.90 -15.78 24.78
CA ALA B 206 23.88 -16.02 23.68
C ALA B 206 23.20 -16.78 22.53
N ALA B 207 22.41 -17.76 22.86
CA ALA B 207 21.71 -18.55 21.79
C ALA B 207 20.79 -17.62 21.00
N ALA B 208 20.28 -16.59 21.64
CA ALA B 208 19.38 -15.64 20.92
C ALA B 208 20.14 -14.96 19.79
N CYS B 209 21.42 -14.79 19.94
CA CYS B 209 22.23 -14.14 18.87
C CYS B 209 22.15 -14.96 17.58
N ALA B 210 22.17 -16.27 17.71
CA ALA B 210 22.09 -17.14 16.50
C ALA B 210 20.72 -16.98 15.82
N VAL B 211 19.66 -17.10 16.57
CA VAL B 211 18.30 -16.96 15.97
C VAL B 211 18.15 -15.58 15.33
N TRP B 212 18.60 -14.55 16.00
CA TRP B 212 18.49 -13.17 15.43
C TRP B 212 19.52 -13.01 14.31
N CYS B 213 20.72 -13.45 14.52
CA CYS B 213 21.76 -13.34 13.45
C CYS B 213 21.27 -14.12 12.21
N SER B 214 20.31 -15.00 12.39
CA SER B 214 19.77 -15.77 11.24
C SER B 214 19.48 -14.83 10.05
N VAL B 215 19.38 -13.55 10.30
CA VAL B 215 19.13 -12.56 9.21
C VAL B 215 20.00 -12.86 7.99
N LYS B 216 21.16 -13.44 8.21
CA LYS B 216 22.06 -13.78 7.07
C LYS B 216 23.00 -14.91 7.46
N LYS B 217 23.02 -15.98 6.71
CA LYS B 217 23.92 -17.12 7.05
C LYS B 217 25.36 -16.64 7.16
N ARG B 218 25.99 -16.85 8.29
CA ARG B 218 27.40 -16.41 8.46
C ARG B 218 28.36 -17.42 7.82
N LEU B 219 27.84 -18.49 7.28
CA LEU B 219 28.74 -19.51 6.65
C LEU B 219 28.62 -19.43 5.12
N LEU B 220 28.15 -18.33 4.60
CA LEU B 220 28.01 -18.19 3.12
C LEU B 220 29.37 -17.86 2.50
N GLU B 221 30.19 -17.11 3.19
CA GLU B 221 31.53 -16.76 2.65
C GLU B 221 32.39 -18.02 2.48
N LYS B 222 33.20 -18.07 1.47
CA LYS B 222 34.07 -19.27 1.24
C LYS B 222 33.22 -20.54 1.22
N MET C 1 -0.45 2.23 8.44
CA MET C 1 0.43 3.11 9.27
C MET C 1 -0.06 4.57 9.20
N LEU C 2 -0.52 4.99 8.04
CA LEU C 2 -1.01 6.38 7.89
C LEU C 2 -2.48 6.47 8.27
N SER C 3 -3.02 7.66 8.33
CA SER C 3 -4.46 7.82 8.69
C SER C 3 -5.34 7.46 7.49
N LEU C 4 -5.57 6.18 7.27
CA LEU C 4 -6.43 5.76 6.13
C LEU C 4 -5.94 6.40 4.82
N ARG C 5 -6.74 6.34 3.79
CA ARG C 5 -6.32 6.95 2.49
C ARG C 5 -7.45 7.81 1.91
N GLN C 6 -7.43 8.05 0.63
CA GLN C 6 -8.51 8.88 0.01
C GLN C 6 -8.60 8.59 -1.49
N SER C 7 -9.22 7.51 -1.85
CA SER C 7 -9.35 7.17 -3.31
C SER C 7 -10.42 6.08 -3.50
N ILE C 8 -11.67 6.45 -3.38
CA ILE C 8 -12.77 5.46 -3.56
C ILE C 8 -13.99 6.13 -4.20
N ARG C 9 -14.32 5.76 -5.41
CA ARG C 9 -15.50 6.38 -6.08
C ARG C 9 -15.78 5.67 -7.41
N PHE C 10 -16.98 5.18 -7.59
CA PHE C 10 -17.33 4.48 -8.86
C PHE C 10 -16.31 3.37 -9.15
N PHE C 11 -16.54 2.18 -8.65
CA PHE C 11 -15.59 1.06 -8.91
C PHE C 11 -15.90 0.41 -10.25
N LYS C 12 -15.37 0.95 -11.31
CA LYS C 12 -15.63 0.36 -12.66
C LYS C 12 -14.32 -0.15 -13.29
N PRO C 13 -14.23 -1.44 -13.48
CA PRO C 13 -13.01 -2.03 -14.08
C PRO C 13 -12.94 -1.72 -15.58
N ALA C 14 -11.81 -1.91 -16.18
CA ALA C 14 -11.68 -1.62 -17.64
C ALA C 14 -10.78 -2.68 -18.31
N THR C 15 -10.26 -2.36 -19.47
CA THR C 15 -9.37 -3.34 -20.17
C THR C 15 -7.94 -2.79 -20.25
N ARG C 16 -6.97 -3.65 -20.19
CA ARG C 16 -5.55 -3.19 -20.25
C ARG C 16 -4.98 -3.47 -21.65
N THR C 17 -5.20 -2.58 -22.58
CA THR C 17 -4.66 -2.79 -23.96
C THR C 17 -3.39 -1.96 -24.17
N LEU C 18 -2.48 -2.45 -24.97
CA LEU C 18 -1.21 -1.69 -25.20
C LEU C 18 -0.96 -1.55 -26.71
N CYS C 19 -1.06 -0.35 -27.22
CA CYS C 19 -0.83 -0.15 -28.68
C CYS C 19 0.34 0.84 -28.88
N SER C 20 1.33 0.77 -28.04
CA SER C 20 2.51 1.69 -28.18
C SER C 20 2.04 3.14 -28.17
N SER C 21 2.97 4.07 -28.18
CA SER C 21 2.58 5.51 -28.18
C SER C 21 2.43 6.01 -29.62
N ARG C 22 1.25 6.44 -29.99
CA ARG C 22 1.05 6.94 -31.38
C ARG C 22 0.35 8.31 -31.35
N TYR C 23 0.21 8.91 -30.20
CA TYR C 23 -0.46 10.24 -30.13
C TYR C 23 -0.29 10.83 -28.73
N LEU C 24 0.08 12.09 -28.66
CA LEU C 24 0.26 12.74 -27.32
C LEU C 24 -1.02 13.47 -26.91
N LEU C 25 -1.16 13.77 -25.65
CA LEU C 25 -2.39 14.49 -25.19
C LEU C 25 -2.09 15.98 -25.01
N MET A 1 -20.65 -4.32 -78.27
CA MET A 1 -21.09 -5.66 -77.81
C MET A 1 -20.31 -6.77 -78.52
N SER A 2 -20.56 -6.95 -79.79
CA SER A 2 -19.83 -8.01 -80.54
C SER A 2 -18.77 -7.37 -81.47
N TRP A 3 -17.56 -7.27 -80.99
CA TRP A 3 -16.49 -6.66 -81.83
C TRP A 3 -15.64 -7.75 -82.48
N LEU A 4 -15.61 -8.92 -81.90
CA LEU A 4 -14.81 -10.03 -82.49
C LEU A 4 -15.68 -10.93 -83.38
N PHE A 5 -16.83 -10.44 -83.78
CA PHE A 5 -17.73 -11.26 -84.64
C PHE A 5 -17.76 -10.69 -86.07
N GLY A 6 -17.38 -9.45 -86.24
CA GLY A 6 -17.38 -8.84 -87.60
C GLY A 6 -18.82 -8.46 -87.98
N ASP A 7 -19.61 -8.06 -87.02
CA ASP A 7 -21.02 -7.67 -87.32
C ASP A 7 -21.06 -6.27 -87.92
N LYS A 8 -22.23 -5.78 -88.24
CA LYS A 8 -22.33 -4.41 -88.83
C LYS A 8 -23.55 -3.68 -88.25
N THR A 9 -23.33 -2.50 -87.71
CA THR A 9 -24.48 -1.72 -87.13
C THR A 9 -25.29 -1.06 -88.26
N PRO A 10 -26.55 -1.40 -88.34
CA PRO A 10 -27.41 -0.81 -89.39
C PRO A 10 -27.73 0.65 -89.06
N THR A 11 -27.52 1.54 -90.00
CA THR A 11 -27.80 2.98 -89.74
C THR A 11 -29.17 3.35 -90.33
N ASP A 12 -30.07 2.42 -90.43
CA ASP A 12 -31.41 2.73 -90.99
C ASP A 12 -32.28 3.44 -89.95
N ASP A 13 -32.27 2.97 -88.73
CA ASP A 13 -33.09 3.62 -87.67
C ASP A 13 -32.28 4.73 -86.99
N ALA A 14 -30.98 4.58 -86.93
CA ALA A 14 -30.14 5.62 -86.27
C ALA A 14 -30.27 6.95 -87.03
N ASN A 15 -30.45 6.89 -88.32
CA ASN A 15 -30.59 8.15 -89.11
C ASN A 15 -31.88 8.88 -88.73
N ALA A 16 -32.94 8.15 -88.50
CA ALA A 16 -34.23 8.79 -88.12
C ALA A 16 -34.13 9.39 -86.72
N ALA A 17 -33.40 8.74 -85.85
CA ALA A 17 -33.27 9.27 -84.45
C ALA A 17 -32.20 10.36 -84.41
N VAL A 18 -32.26 11.22 -83.42
CA VAL A 18 -31.25 12.31 -83.32
C VAL A 18 -29.85 11.72 -83.12
N GLY A 19 -28.83 12.45 -83.49
CA GLY A 19 -27.44 11.93 -83.33
C GLY A 19 -27.08 11.90 -81.84
N GLY A 20 -25.84 11.68 -81.53
CA GLY A 20 -25.42 11.63 -80.09
C GLY A 20 -24.69 12.92 -79.73
N GLN A 21 -24.00 13.51 -80.66
CA GLN A 21 -23.27 14.79 -80.37
C GLN A 21 -23.78 15.90 -81.29
N ASP A 22 -23.26 17.09 -81.13
CA ASP A 22 -23.70 18.23 -81.98
C ASP A 22 -22.78 18.39 -83.19
N THR A 23 -21.93 17.42 -83.44
CA THR A 23 -21.00 17.53 -84.62
C THR A 23 -21.54 16.71 -85.79
N THR A 24 -21.65 17.31 -86.94
CA THR A 24 -22.17 16.57 -88.13
C THR A 24 -21.05 16.36 -89.14
N LYS A 25 -20.18 17.31 -89.29
CA LYS A 25 -19.05 17.18 -90.26
C LYS A 25 -17.86 16.47 -89.61
N PRO A 26 -17.33 15.48 -90.28
CA PRO A 26 -16.17 14.74 -89.74
C PRO A 26 -14.90 15.58 -89.81
N LYS A 27 -14.65 16.18 -90.94
CA LYS A 27 -13.42 17.04 -91.09
C LYS A 27 -12.18 16.25 -90.66
N GLU A 28 -11.04 16.90 -90.62
CA GLU A 28 -9.79 16.19 -90.22
C GLU A 28 -9.63 16.23 -88.70
N LEU A 29 -10.30 17.13 -88.03
CA LEU A 29 -10.18 17.21 -86.55
C LEU A 29 -10.57 15.89 -85.90
N SER A 30 -11.34 15.08 -86.59
CA SER A 30 -11.76 13.77 -86.03
C SER A 30 -10.91 12.64 -86.60
N LEU A 31 -9.72 12.93 -87.03
CA LEU A 31 -8.83 11.86 -87.60
C LEU A 31 -8.58 10.79 -86.55
N LYS A 32 -8.55 11.16 -85.30
CA LYS A 32 -8.29 10.16 -84.23
C LYS A 32 -9.61 9.50 -83.79
N GLN A 33 -10.70 10.21 -83.91
CA GLN A 33 -12.01 9.61 -83.52
C GLN A 33 -12.31 8.37 -84.36
N SER A 34 -11.95 8.39 -85.61
CA SER A 34 -12.21 7.20 -86.47
C SER A 34 -11.04 6.21 -86.39
N LEU A 35 -9.87 6.68 -86.06
CA LEU A 35 -8.70 5.78 -85.96
C LEU A 35 -8.92 4.75 -84.85
N GLY A 36 -9.67 5.10 -83.84
CA GLY A 36 -9.94 4.15 -82.73
C GLY A 36 -8.88 4.33 -81.64
N PHE A 37 -8.45 5.55 -81.41
CA PHE A 37 -7.42 5.79 -80.36
C PHE A 37 -8.10 6.09 -79.02
N GLU A 38 -7.33 6.34 -78.00
CA GLU A 38 -7.92 6.64 -76.66
C GLU A 38 -8.92 5.55 -76.27
N PRO A 39 -8.41 4.45 -75.77
CA PRO A 39 -9.27 3.33 -75.34
C PRO A 39 -10.04 3.66 -74.06
N ASN A 40 -9.69 4.75 -73.41
CA ASN A 40 -10.40 5.13 -72.15
C ASN A 40 -11.89 5.32 -72.42
N ILE A 41 -12.25 5.62 -73.64
CA ILE A 41 -13.70 5.82 -73.95
C ILE A 41 -14.49 4.54 -73.69
N ASN A 42 -13.84 3.41 -73.76
CA ASN A 42 -14.55 2.12 -73.52
C ASN A 42 -14.56 1.79 -72.02
N ASN A 43 -13.64 2.33 -71.27
CA ASN A 43 -13.60 2.04 -69.80
C ASN A 43 -14.93 2.44 -69.15
N ILE A 44 -15.63 3.39 -69.73
CA ILE A 44 -16.93 3.82 -69.14
C ILE A 44 -17.90 2.64 -69.05
N ILE A 45 -17.88 1.77 -70.03
CA ILE A 45 -18.80 0.59 -70.01
C ILE A 45 -17.99 -0.71 -70.03
N SER A 46 -16.69 -0.63 -69.86
CA SER A 46 -15.85 -1.87 -69.86
C SER A 46 -14.94 -1.89 -68.64
N GLY A 47 -15.37 -1.29 -67.56
CA GLY A 47 -14.52 -1.27 -66.32
C GLY A 47 -15.38 -0.90 -65.12
N PRO A 48 -14.76 -0.84 -63.97
CA PRO A 48 -15.48 -0.48 -62.73
C PRO A 48 -15.83 1.02 -62.72
N GLY A 49 -17.00 1.36 -62.27
CA GLY A 49 -17.40 2.79 -62.23
C GLY A 49 -18.37 3.03 -61.07
N GLY A 50 -18.31 4.18 -60.46
CA GLY A 50 -19.23 4.48 -59.32
C GLY A 50 -18.60 3.99 -58.01
N MET A 51 -19.23 3.06 -57.35
CA MET A 51 -18.66 2.54 -56.06
C MET A 51 -18.36 3.70 -55.10
N HIS A 52 -17.67 3.42 -54.03
CA HIS A 52 -17.33 4.51 -53.06
C HIS A 52 -15.91 4.29 -52.50
N VAL A 53 -15.20 5.35 -52.25
CA VAL A 53 -13.82 5.22 -51.70
C VAL A 53 -13.83 5.42 -50.18
N ASP A 54 -13.61 4.38 -49.44
CA ASP A 54 -13.60 4.50 -47.95
C ASP A 54 -12.18 4.41 -47.41
N THR A 55 -11.34 5.37 -47.73
CA THR A 55 -9.94 5.35 -47.23
C THR A 55 -9.83 6.05 -45.88
N ALA A 56 -10.94 6.44 -45.30
CA ALA A 56 -10.89 7.12 -43.97
C ALA A 56 -10.96 6.10 -42.84
N ARG A 57 -11.65 5.01 -43.05
CA ARG A 57 -11.75 3.97 -41.98
C ARG A 57 -10.40 3.28 -41.78
N LEU A 58 -9.60 3.21 -42.80
CA LEU A 58 -8.27 2.55 -42.67
C LEU A 58 -7.36 3.37 -41.76
N HIS A 59 -7.55 4.66 -41.71
CA HIS A 59 -6.70 5.52 -40.84
C HIS A 59 -6.94 5.18 -39.36
N PRO A 60 -5.90 5.29 -38.57
CA PRO A 60 -6.02 4.99 -37.12
C PRO A 60 -6.80 6.10 -36.40
N LEU A 61 -7.57 5.75 -35.42
CA LEU A 61 -8.35 6.80 -34.68
C LEU A 61 -7.57 7.25 -33.43
N ALA A 62 -7.72 8.49 -33.06
CA ALA A 62 -7.00 8.99 -31.86
C ALA A 62 -8.00 9.35 -30.75
N GLY A 63 -9.08 8.62 -30.66
CA GLY A 63 -10.09 8.92 -29.60
C GLY A 63 -10.00 7.86 -28.51
N LEU A 64 -9.85 6.61 -28.87
CA LEU A 64 -9.76 5.53 -27.85
C LEU A 64 -8.29 5.31 -27.43
N ASP A 65 -7.37 5.63 -28.31
CA ASP A 65 -5.93 5.45 -27.98
C ASP A 65 -5.54 6.27 -26.74
N LYS A 66 -6.30 7.31 -26.45
CA LYS A 66 -5.98 8.15 -25.26
C LYS A 66 -5.99 7.31 -23.99
N GLY A 67 -6.94 6.41 -23.86
CA GLY A 67 -7.02 5.56 -22.65
C GLY A 67 -5.97 4.44 -22.74
N VAL A 68 -5.56 4.10 -23.94
CA VAL A 68 -4.54 3.02 -24.09
C VAL A 68 -3.18 3.49 -23.57
N GLU A 69 -2.85 4.73 -23.77
CA GLU A 69 -1.54 5.26 -23.29
C GLU A 69 -1.45 5.12 -21.76
N TYR A 70 -2.42 5.63 -21.06
CA TYR A 70 -2.40 5.54 -19.57
C TYR A 70 -2.73 4.12 -19.11
N LEU A 71 -3.12 3.26 -20.02
CA LEU A 71 -3.46 1.86 -19.64
C LEU A 71 -2.28 1.18 -18.94
N ASP A 72 -1.16 1.08 -19.58
CA ASP A 72 0.02 0.42 -18.94
C ASP A 72 0.87 1.44 -18.18
N LEU A 73 0.81 2.69 -18.55
CA LEU A 73 1.62 3.73 -17.85
C LEU A 73 1.22 3.79 -16.37
N GLU A 74 -0.03 4.01 -16.08
CA GLU A 74 -0.48 4.10 -14.67
C GLU A 74 -0.51 2.70 -14.02
N GLU A 75 -0.58 1.67 -14.82
CA GLU A 75 -0.61 0.29 -14.25
C GLU A 75 0.72 -0.02 -13.55
N GLU A 76 1.81 0.48 -14.07
CA GLU A 76 3.13 0.21 -13.44
C GLU A 76 3.47 1.27 -12.39
N GLN A 77 2.70 2.33 -12.33
CA GLN A 77 2.98 3.39 -11.32
C GLN A 77 2.89 2.82 -9.89
N LEU A 78 1.98 1.91 -9.67
CA LEU A 78 1.85 1.31 -8.30
C LEU A 78 2.81 0.15 -8.14
N SER A 79 3.17 -0.50 -9.21
CA SER A 79 4.11 -1.65 -9.11
C SER A 79 5.46 -1.20 -8.55
N SER A 80 5.91 -0.03 -8.93
CA SER A 80 7.21 0.48 -8.42
C SER A 80 7.09 0.81 -6.93
N LEU A 81 5.93 1.16 -6.49
CA LEU A 81 5.76 1.50 -5.03
C LEU A 81 6.04 0.27 -4.17
N GLU A 82 5.84 -0.91 -4.70
CA GLU A 82 6.10 -2.14 -3.91
C GLU A 82 7.58 -2.23 -3.54
N GLY A 83 8.44 -2.27 -4.52
CA GLY A 83 9.91 -2.35 -4.23
C GLY A 83 10.22 -3.70 -3.57
N SER A 84 11.45 -4.12 -3.62
CA SER A 84 11.82 -5.43 -2.98
C SER A 84 12.08 -5.24 -1.48
N GLN A 85 12.47 -4.06 -1.08
CA GLN A 85 12.74 -3.82 0.36
C GLN A 85 11.49 -3.26 1.06
N GLY A 86 10.35 -3.35 0.43
CA GLY A 86 9.11 -2.83 1.06
C GLY A 86 8.20 -4.01 1.45
N LEU A 87 8.66 -4.85 2.33
CA LEU A 87 7.84 -6.01 2.76
C LEU A 87 7.90 -6.17 4.29
N ILE A 88 7.02 -6.97 4.85
CA ILE A 88 7.01 -7.18 6.33
C ILE A 88 6.97 -5.83 7.06
N PRO A 89 5.95 -5.06 6.77
CA PRO A 89 5.80 -3.73 7.41
C PRO A 89 5.37 -3.90 8.88
N SER A 90 4.82 -5.03 9.22
CA SER A 90 4.39 -5.26 10.63
C SER A 90 5.50 -5.98 11.42
N ARG A 91 6.73 -5.70 11.10
CA ARG A 91 7.86 -6.35 11.84
C ARG A 91 7.72 -6.15 13.35
N GLY A 92 6.99 -5.14 13.75
CA GLY A 92 6.82 -4.88 15.22
C GLY A 92 7.59 -3.62 15.60
N TRP A 93 8.66 -3.34 14.91
CA TRP A 93 9.46 -2.12 15.24
C TRP A 93 9.79 -1.36 13.94
N THR A 94 8.90 -1.37 12.99
CA THR A 94 9.15 -0.66 11.71
C THR A 94 8.45 0.71 11.71
N ASP A 95 7.25 0.78 12.22
CA ASP A 95 6.52 2.08 12.25
C ASP A 95 7.39 3.16 12.90
N ASP A 96 8.29 2.77 13.77
CA ASP A 96 9.17 3.77 14.43
C ASP A 96 10.28 4.22 13.49
N LEU A 97 10.62 3.41 12.52
CA LEU A 97 11.70 3.78 11.57
C LEU A 97 11.18 4.79 10.54
N CYS A 98 10.00 4.56 10.01
CA CYS A 98 9.44 5.49 9.01
C CYS A 98 9.23 6.88 9.63
N TYR A 99 9.04 6.93 10.92
CA TYR A 99 8.83 8.26 11.59
C TYR A 99 10.14 9.05 11.61
N GLY A 100 11.26 8.36 11.63
CA GLY A 100 12.56 9.07 11.65
C GLY A 100 13.00 9.31 13.10
N THR A 101 12.72 8.38 13.97
CA THR A 101 13.12 8.54 15.40
C THR A 101 13.94 7.34 15.86
N GLY A 102 13.34 6.19 15.99
CA GLY A 102 14.09 5.00 16.44
C GLY A 102 14.45 5.13 17.92
N ALA A 103 13.49 5.46 18.74
CA ALA A 103 13.78 5.62 20.20
C ALA A 103 13.60 4.27 20.91
N VAL A 104 12.62 3.50 20.52
CA VAL A 104 12.40 2.17 21.16
C VAL A 104 13.65 1.30 21.04
N TYR A 105 14.38 1.45 19.96
CA TYR A 105 15.63 0.64 19.78
C TYR A 105 16.78 1.25 20.57
N LEU A 106 17.14 2.48 20.26
CA LEU A 106 18.27 3.13 20.98
C LEU A 106 17.99 3.21 22.48
N LEU A 107 16.91 3.83 22.86
CA LEU A 107 16.58 3.95 24.31
C LEU A 107 16.64 2.57 24.99
N GLY A 108 16.30 1.53 24.26
CA GLY A 108 16.36 0.16 24.84
C GLY A 108 17.80 -0.19 25.19
N LEU A 109 18.74 0.35 24.47
CA LEU A 109 20.18 0.04 24.75
C LEU A 109 20.62 0.75 26.04
N GLY A 110 20.36 2.03 26.14
CA GLY A 110 20.77 2.78 27.37
C GLY A 110 20.04 2.19 28.59
N ILE A 111 18.87 1.64 28.38
CA ILE A 111 18.12 1.05 29.53
C ILE A 111 18.92 -0.12 30.13
N GLY A 112 19.73 -0.77 29.35
CA GLY A 112 20.53 -1.91 29.88
C GLY A 112 21.62 -1.38 30.81
N GLY A 113 22.04 -0.16 30.63
CA GLY A 113 23.10 0.41 31.50
C GLY A 113 22.48 1.01 32.76
N PHE A 114 21.38 1.71 32.62
CA PHE A 114 20.72 2.32 33.81
C PHE A 114 19.98 1.26 34.61
N SER A 115 19.23 0.41 33.95
CA SER A 115 18.48 -0.65 34.68
C SER A 115 19.44 -1.56 35.43
N GLY A 116 20.51 -1.96 34.80
CA GLY A 116 21.49 -2.85 35.48
C GLY A 116 22.20 -2.09 36.60
N MET A 117 22.50 -0.84 36.37
CA MET A 117 23.20 -0.03 37.42
C MET A 117 22.44 -0.10 38.75
N MET A 118 21.16 -0.38 38.70
CA MET A 118 20.36 -0.47 39.96
C MET A 118 21.03 -1.44 40.95
N GLN A 119 21.26 -2.66 40.53
CA GLN A 119 21.90 -3.65 41.45
C GLN A 119 23.43 -3.52 41.39
N GLY A 120 23.94 -2.75 40.46
CA GLY A 120 25.42 -2.58 40.36
C GLY A 120 25.87 -1.37 41.17
N LEU A 121 24.97 -0.73 41.88
CA LEU A 121 25.37 0.46 42.69
C LEU A 121 26.26 0.03 43.85
N GLN A 122 26.09 -1.17 44.34
CA GLN A 122 26.94 -1.65 45.47
C GLN A 122 28.02 -2.60 44.97
N ASN A 123 28.32 -2.56 43.70
CA ASN A 123 29.36 -3.46 43.14
C ASN A 123 30.75 -3.10 43.70
N ILE A 124 30.97 -1.85 43.98
CA ILE A 124 32.29 -1.42 44.54
C ILE A 124 32.19 -1.15 46.03
N PRO A 125 33.30 -1.26 46.71
CA PRO A 125 33.33 -1.02 48.18
C PRO A 125 33.19 0.48 48.48
N PRO A 126 32.70 0.78 49.65
CA PRO A 126 32.50 2.19 50.05
C PRO A 126 33.86 2.85 50.32
N ASN A 127 33.99 4.12 49.99
CA ASN A 127 35.28 4.82 50.22
C ASN A 127 35.14 5.82 51.38
N SER A 128 34.28 5.53 52.32
CA SER A 128 34.10 6.45 53.48
C SER A 128 35.34 6.43 54.38
N PRO A 129 35.68 7.58 54.90
CA PRO A 129 36.87 7.68 55.79
C PRO A 129 36.57 7.06 57.15
N GLY A 130 37.28 6.02 57.51
CA GLY A 130 37.05 5.37 58.84
C GLY A 130 36.75 3.88 58.62
N LYS A 131 37.75 3.10 58.34
CA LYS A 131 37.53 1.64 58.12
C LYS A 131 37.07 0.97 59.41
N LEU A 132 37.59 1.41 60.52
CA LEU A 132 37.18 0.80 61.83
C LEU A 132 36.78 1.88 62.84
N GLN A 133 36.54 3.08 62.37
CA GLN A 133 36.14 4.17 63.29
C GLN A 133 34.68 4.56 63.07
N LEU A 134 33.92 3.70 62.44
CA LEU A 134 32.47 4.01 62.19
C LEU A 134 31.60 3.47 63.34
N ASN A 135 32.07 2.46 64.03
CA ASN A 135 31.27 1.91 65.16
C ASN A 135 31.21 2.90 66.32
N THR A 136 32.19 3.78 66.42
CA THR A 136 32.20 4.78 67.52
C THR A 136 31.13 5.84 67.28
N VAL A 137 31.14 6.45 66.13
CA VAL A 137 30.12 7.52 65.83
C VAL A 137 28.71 6.95 65.96
N LEU A 138 28.56 5.65 65.84
CA LEU A 138 27.21 5.04 65.94
C LEU A 138 26.67 5.16 67.37
N ASN A 139 27.55 5.24 68.33
CA ASN A 139 27.09 5.37 69.75
C ASN A 139 26.54 6.77 70.02
N HIS A 140 27.00 7.75 69.29
CA HIS A 140 26.50 9.14 69.49
C HIS A 140 25.03 9.26 69.07
N ILE A 141 24.54 8.30 68.33
CA ILE A 141 23.11 8.36 67.89
C ILE A 141 22.32 7.20 68.50
N THR A 142 21.06 7.40 68.76
CA THR A 142 20.22 6.30 69.35
C THR A 142 19.22 5.79 68.31
N LYS A 143 19.61 5.74 67.07
CA LYS A 143 18.68 5.24 66.01
C LYS A 143 19.31 4.06 65.27
N ARG A 144 18.81 3.74 64.11
CA ARG A 144 19.38 2.59 63.34
C ARG A 144 20.56 3.06 62.48
N GLY A 145 21.16 2.16 61.74
CA GLY A 145 22.31 2.56 60.88
C GLY A 145 21.88 2.57 59.42
N PRO A 146 22.57 3.34 58.62
CA PRO A 146 22.25 3.44 57.17
C PRO A 146 22.67 2.14 56.45
N PHE A 147 21.97 1.78 55.41
CA PHE A 147 22.33 0.55 54.66
C PHE A 147 21.64 0.55 53.29
N LEU A 148 22.40 0.64 52.23
CA LEU A 148 21.79 0.65 50.87
C LEU A 148 21.56 -0.78 50.37
N GLY A 149 20.51 -1.00 49.64
CA GLY A 149 20.23 -2.38 49.13
C GLY A 149 18.75 -2.72 49.35
N ASN A 150 18.14 -2.13 50.34
CA ASN A 150 16.70 -2.42 50.61
C ASN A 150 15.81 -1.41 49.88
N ASN A 151 16.19 -0.17 49.85
CA ASN A 151 15.37 0.86 49.16
C ASN A 151 15.70 0.88 47.66
N ALA A 152 16.88 0.47 47.30
CA ALA A 152 17.27 0.48 45.85
C ALA A 152 16.34 -0.44 45.05
N GLY A 153 15.71 -1.39 45.70
CA GLY A 153 14.79 -2.31 44.97
C GLY A 153 13.56 -1.54 44.49
N ILE A 154 12.93 -0.80 45.36
CA ILE A 154 11.72 -0.02 44.95
C ILE A 154 12.07 0.97 43.83
N LEU A 155 13.31 1.35 43.72
CA LEU A 155 13.71 2.31 42.66
C LEU A 155 13.51 1.70 41.27
N ALA A 156 13.63 0.40 41.16
CA ALA A 156 13.45 -0.26 39.83
C ALA A 156 11.98 -0.21 39.41
N LEU A 157 11.10 0.17 40.29
CA LEU A 157 9.65 0.23 39.93
C LEU A 157 9.31 1.60 39.31
N SER A 158 9.56 2.66 40.03
CA SER A 158 9.26 4.02 39.48
C SER A 158 10.00 4.26 38.17
N TYR A 159 11.14 3.65 38.00
CA TYR A 159 11.91 3.83 36.74
C TYR A 159 11.10 3.36 35.53
N ASN A 160 10.15 2.48 35.75
CA ASN A 160 9.32 1.97 34.62
C ASN A 160 8.08 2.86 34.43
N ILE A 161 7.71 3.60 35.43
CA ILE A 161 6.51 4.48 35.30
C ILE A 161 6.91 5.85 34.75
N ILE A 162 8.12 6.27 35.00
CA ILE A 162 8.58 7.60 34.50
C ILE A 162 8.96 7.51 33.02
N ASN A 163 9.35 6.35 32.57
CA ASN A 163 9.73 6.19 31.14
C ASN A 163 8.51 5.90 30.28
N SER A 164 7.44 5.42 30.88
CA SER A 164 6.21 5.12 30.09
C SER A 164 5.71 6.36 29.34
N THR A 165 6.10 7.52 29.79
CA THR A 165 5.66 8.77 29.10
C THR A 165 6.31 8.90 27.72
N ILE A 166 7.56 8.57 27.61
CA ILE A 166 8.24 8.66 26.29
C ILE A 166 7.64 7.63 25.33
N ASP A 167 7.22 6.51 25.85
CA ASP A 167 6.62 5.45 24.96
C ASP A 167 5.11 5.64 24.86
N ALA A 168 4.48 6.18 25.86
CA ALA A 168 3.00 6.38 25.81
C ALA A 168 2.61 7.16 24.56
N LEU A 169 3.38 8.15 24.20
CA LEU A 169 3.06 8.96 22.98
C LEU A 169 3.61 8.27 21.71
N ARG A 170 3.87 6.99 21.77
CA ARG A 170 4.41 6.29 20.56
C ARG A 170 3.41 6.39 19.40
N GLY A 171 2.22 5.88 19.57
CA GLY A 171 1.22 5.96 18.46
C GLY A 171 0.09 4.96 18.72
N LYS A 172 -0.57 4.51 17.68
CA LYS A 172 -1.70 3.55 17.85
C LYS A 172 -1.16 2.14 18.14
N HIS A 173 -1.74 1.47 19.11
CA HIS A 173 -1.25 0.09 19.44
C HIS A 173 -2.32 -0.95 19.06
N ASP A 174 -1.89 -2.08 18.58
CA ASP A 174 -2.86 -3.15 18.19
C ASP A 174 -2.45 -4.48 18.84
N THR A 175 -1.95 -4.41 20.04
CA THR A 175 -1.50 -5.65 20.75
C THR A 175 -2.70 -6.49 21.20
N ALA A 176 -2.69 -6.97 22.42
CA ALA A 176 -3.81 -7.81 22.92
C ALA A 176 -4.15 -7.47 24.38
N GLY A 177 -5.24 -6.80 24.60
CA GLY A 177 -5.65 -6.46 26.00
C GLY A 177 -6.34 -7.67 26.63
N SER A 178 -6.80 -8.59 25.82
CA SER A 178 -7.49 -9.80 26.34
C SER A 178 -6.45 -10.84 26.79
N ILE A 179 -5.23 -10.73 26.33
CA ILE A 179 -4.18 -11.72 26.73
C ILE A 179 -3.61 -11.35 28.10
N GLY A 180 -3.80 -10.15 28.55
CA GLY A 180 -3.27 -9.71 29.87
C GLY A 180 -3.63 -10.73 30.96
N ALA A 181 -4.69 -11.48 30.77
CA ALA A 181 -5.08 -12.48 31.82
C ALA A 181 -4.12 -13.68 31.82
N GLY A 182 -4.00 -14.35 30.71
CA GLY A 182 -3.11 -15.55 30.63
C GLY A 182 -1.71 -15.22 31.18
N ALA A 183 -1.32 -13.97 31.15
CA ALA A 183 0.03 -13.59 31.66
C ALA A 183 0.00 -13.39 33.18
N LEU A 184 -1.16 -13.24 33.76
CA LEU A 184 -1.24 -13.02 35.23
C LEU A 184 -0.85 -14.29 35.99
N THR A 185 -1.61 -15.35 35.86
CA THR A 185 -1.27 -16.61 36.59
C THR A 185 0.12 -17.11 36.19
N GLY A 186 0.55 -16.79 35.00
CA GLY A 186 1.90 -17.24 34.56
C GLY A 186 2.97 -16.74 35.54
N ALA A 187 2.77 -15.58 36.10
CA ALA A 187 3.76 -15.03 37.07
C ALA A 187 3.40 -15.48 38.50
N LEU A 188 2.15 -15.74 38.74
CA LEU A 188 1.73 -16.19 40.10
C LEU A 188 2.44 -17.48 40.50
N PHE A 189 2.50 -18.43 39.60
CA PHE A 189 3.18 -19.72 39.91
C PHE A 189 4.69 -19.49 40.11
N LYS A 190 5.22 -18.43 39.56
CA LYS A 190 6.68 -18.16 39.70
C LYS A 190 7.02 -17.90 41.17
N SER A 191 6.28 -17.04 41.82
CA SER A 191 6.55 -16.73 43.26
C SER A 191 8.01 -16.32 43.44
N SER A 192 8.51 -16.37 44.64
CA SER A 192 9.93 -15.98 44.89
C SER A 192 10.48 -16.74 46.11
N LYS A 193 11.61 -16.31 46.62
CA LYS A 193 12.21 -17.01 47.80
C LYS A 193 11.73 -16.35 49.10
N GLY A 194 11.71 -15.04 49.14
CA GLY A 194 11.25 -14.34 50.37
C GLY A 194 9.83 -13.83 50.18
N LEU A 195 9.58 -12.59 50.49
CA LEU A 195 8.20 -12.04 50.32
C LEU A 195 7.77 -12.12 48.86
N LYS A 196 6.63 -12.71 48.60
CA LYS A 196 6.14 -12.82 47.19
C LYS A 196 6.09 -11.44 46.53
N PRO A 197 6.97 -11.22 45.59
CA PRO A 197 7.00 -9.91 44.88
C PRO A 197 5.81 -9.78 43.93
N MET A 198 5.31 -10.88 43.43
CA MET A 198 4.15 -10.82 42.50
C MET A 198 2.98 -10.06 43.13
N GLY A 199 2.93 -9.99 44.44
CA GLY A 199 1.83 -9.28 45.12
C GLY A 199 1.88 -7.79 44.74
N TYR A 200 2.97 -7.14 45.02
CA TYR A 200 3.08 -5.69 44.67
C TYR A 200 3.62 -5.51 43.25
N SER A 201 4.40 -6.44 42.78
CA SER A 201 4.95 -6.33 41.40
C SER A 201 3.81 -6.24 40.38
N SER A 202 2.64 -6.68 40.73
CA SER A 202 1.49 -6.61 39.78
C SER A 202 1.21 -5.15 39.42
N ALA A 203 1.34 -4.26 40.37
CA ALA A 203 1.09 -2.81 40.09
C ALA A 203 1.97 -2.35 38.94
N MET A 204 3.08 -3.02 38.72
CA MET A 204 3.98 -2.62 37.60
C MET A 204 3.40 -3.10 36.27
N VAL A 205 2.99 -4.33 36.20
CA VAL A 205 2.40 -4.86 34.93
C VAL A 205 1.01 -4.26 34.72
N ALA A 206 0.32 -3.96 35.79
CA ALA A 206 -1.04 -3.36 35.66
C ALA A 206 -0.95 -2.03 34.91
N ALA A 207 0.06 -1.26 35.19
CA ALA A 207 0.23 0.06 34.49
C ALA A 207 0.38 -0.18 32.99
N ALA A 208 0.99 -1.28 32.62
CA ALA A 208 1.16 -1.59 31.17
C ALA A 208 -0.20 -1.68 30.48
N CYS A 209 -1.20 -2.14 31.19
CA CYS A 209 -2.56 -2.25 30.59
C CYS A 209 -3.02 -0.87 30.10
N ALA A 210 -2.69 0.17 30.82
CA ALA A 210 -3.11 1.54 30.40
C ALA A 210 -2.37 1.96 29.13
N VAL A 211 -1.06 1.91 29.13
CA VAL A 211 -0.28 2.31 27.92
C VAL A 211 -0.73 1.49 26.72
N TRP A 212 -1.03 0.23 26.92
CA TRP A 212 -1.48 -0.64 25.80
C TRP A 212 -2.96 -0.39 25.52
N CYS A 213 -3.77 -0.38 26.54
CA CYS A 213 -5.23 -0.13 26.35
C CYS A 213 -5.41 1.28 25.75
N SER A 214 -4.38 2.10 25.83
CA SER A 214 -4.47 3.49 25.27
C SER A 214 -5.14 3.48 23.89
N VAL A 215 -5.20 2.33 23.23
CA VAL A 215 -5.84 2.24 21.88
C VAL A 215 -7.16 3.01 21.86
N LYS A 216 -7.82 3.13 22.99
CA LYS A 216 -9.12 3.87 23.03
C LYS A 216 -8.89 5.30 23.52
N LYS A 217 -9.95 6.05 23.69
CA LYS A 217 -9.81 7.46 24.16
C LYS A 217 -8.81 8.23 23.29
N ARG A 218 -8.63 7.82 22.06
CA ARG A 218 -7.67 8.51 21.16
C ARG A 218 -8.43 9.38 20.16
N LEU A 219 -9.50 8.89 19.61
CA LEU A 219 -10.29 9.69 18.63
C LEU A 219 -11.05 10.80 19.34
N LEU A 220 -11.39 10.60 20.59
CA LEU A 220 -12.14 11.65 21.34
C LEU A 220 -11.33 12.95 21.40
N GLU A 221 -10.06 12.85 21.70
CA GLU A 221 -9.20 14.07 21.76
C GLU A 221 -8.51 14.31 20.42
N LYS A 222 -8.13 15.53 20.13
CA LYS A 222 -7.46 15.82 18.85
C LYS A 222 -5.94 15.64 18.99
N MET B 1 -26.22 95.02 -74.08
CA MET B 1 -27.16 94.00 -73.56
C MET B 1 -26.62 92.59 -73.85
N SER B 2 -26.64 91.72 -72.88
CA SER B 2 -26.12 90.33 -73.10
C SER B 2 -27.25 89.31 -72.87
N TRP B 3 -27.88 89.36 -71.72
CA TRP B 3 -28.98 88.39 -71.44
C TRP B 3 -30.21 88.74 -72.28
N LEU B 4 -30.50 90.01 -72.42
CA LEU B 4 -31.69 90.43 -73.23
C LEU B 4 -31.46 90.11 -74.71
N PHE B 5 -30.27 90.34 -75.19
CA PHE B 5 -29.97 90.04 -76.63
C PHE B 5 -30.20 88.56 -76.94
N GLY B 6 -30.20 87.73 -75.92
CA GLY B 6 -30.42 86.27 -76.17
C GLY B 6 -29.07 85.55 -76.22
N ASP B 7 -28.13 85.97 -75.41
CA ASP B 7 -26.79 85.31 -75.41
C ASP B 7 -26.77 84.13 -74.44
N LYS B 8 -26.67 82.93 -74.95
CA LYS B 8 -26.65 81.74 -74.05
C LYS B 8 -25.20 81.41 -73.63
N THR B 9 -24.98 81.18 -72.37
CA THR B 9 -23.60 80.86 -71.90
C THR B 9 -23.19 79.45 -72.35
N PRO B 10 -21.91 79.24 -72.47
CA PRO B 10 -21.39 77.92 -72.90
C PRO B 10 -21.54 76.90 -71.76
N THR B 11 -21.40 75.64 -72.06
CA THR B 11 -21.53 74.60 -71.00
C THR B 11 -20.19 74.40 -70.28
N ASP B 12 -19.10 74.69 -70.94
CA ASP B 12 -17.78 74.51 -70.29
C ASP B 12 -17.68 75.39 -69.03
N ASP B 13 -17.97 76.66 -69.16
CA ASP B 13 -17.90 77.56 -67.97
C ASP B 13 -18.93 77.13 -66.92
N ALA B 14 -20.08 76.69 -67.35
CA ALA B 14 -21.12 76.25 -66.38
C ALA B 14 -20.73 74.92 -65.75
N ASN B 15 -19.96 74.12 -66.44
CA ASN B 15 -19.54 72.81 -65.89
C ASN B 15 -18.67 73.00 -64.63
N ALA B 16 -18.15 74.18 -64.44
CA ALA B 16 -17.29 74.43 -63.24
C ALA B 16 -18.06 74.11 -61.96
N ALA B 17 -19.36 74.22 -61.99
CA ALA B 17 -20.17 73.91 -60.77
C ALA B 17 -21.15 72.77 -61.06
N VAL B 18 -21.10 71.73 -60.28
CA VAL B 18 -22.03 70.58 -60.50
C VAL B 18 -23.38 70.86 -59.82
N GLY B 19 -23.39 70.91 -58.52
CA GLY B 19 -24.66 71.18 -57.79
C GLY B 19 -25.47 69.88 -57.69
N GLY B 20 -25.21 69.08 -56.70
CA GLY B 20 -25.96 67.80 -56.53
C GLY B 20 -24.97 66.63 -56.49
N GLN B 21 -24.08 66.64 -55.55
CA GLN B 21 -23.09 65.53 -55.44
C GLN B 21 -22.51 65.46 -54.03
N ASP B 22 -22.70 64.35 -53.35
CA ASP B 22 -22.15 64.22 -51.97
C ASP B 22 -20.67 63.87 -52.00
N THR B 23 -20.32 62.79 -52.66
CA THR B 23 -18.87 62.41 -52.73
C THR B 23 -18.17 63.20 -53.84
N THR B 24 -16.92 63.53 -53.65
CA THR B 24 -16.18 64.30 -54.69
C THR B 24 -15.70 63.36 -55.79
N LYS B 25 -15.42 62.12 -55.46
CA LYS B 25 -14.94 61.15 -56.48
C LYS B 25 -15.98 61.00 -57.59
N PRO B 26 -15.65 61.46 -58.78
CA PRO B 26 -16.58 61.36 -59.93
C PRO B 26 -16.68 59.92 -60.41
N LYS B 27 -15.64 59.15 -60.24
CA LYS B 27 -15.68 57.73 -60.69
C LYS B 27 -16.69 56.95 -59.85
N GLU B 28 -17.67 56.35 -60.48
CA GLU B 28 -18.70 55.57 -59.74
C GLU B 28 -18.07 54.30 -59.13
N LEU B 29 -17.15 53.70 -59.84
CA LEU B 29 -16.51 52.46 -59.30
C LEU B 29 -15.69 52.79 -58.05
N SER B 30 -15.23 54.00 -57.93
CA SER B 30 -14.43 54.39 -56.73
C SER B 30 -15.29 54.27 -55.47
N LEU B 31 -16.58 54.41 -55.60
CA LEU B 31 -17.47 54.30 -54.40
C LEU B 31 -17.59 52.84 -53.97
N LYS B 32 -17.76 51.95 -54.91
CA LYS B 32 -17.89 50.50 -54.55
C LYS B 32 -16.60 50.00 -53.90
N GLN B 33 -15.48 50.55 -54.28
CA GLN B 33 -14.19 50.11 -53.68
C GLN B 33 -14.17 50.39 -52.17
N SER B 34 -14.92 51.37 -51.74
CA SER B 34 -14.95 51.70 -50.28
C SER B 34 -15.60 50.54 -49.51
N LEU B 35 -16.57 49.89 -50.09
CA LEU B 35 -17.25 48.76 -49.38
C LEU B 35 -16.48 47.46 -49.62
N GLY B 36 -16.01 47.24 -50.81
CA GLY B 36 -15.25 45.99 -51.12
C GLY B 36 -16.20 44.93 -51.68
N PHE B 37 -17.49 45.08 -51.45
CA PHE B 37 -18.46 44.07 -51.97
C PHE B 37 -18.57 44.18 -53.49
N GLU B 38 -18.60 43.08 -54.19
CA GLU B 38 -18.71 43.11 -55.67
C GLU B 38 -19.50 41.90 -56.18
N PRO B 39 -20.09 42.05 -57.34
CA PRO B 39 -20.89 40.95 -57.93
C PRO B 39 -19.96 39.84 -58.45
N ASN B 40 -18.75 40.17 -58.79
CA ASN B 40 -17.80 39.14 -59.30
C ASN B 40 -17.45 38.15 -58.19
N ILE B 41 -17.35 38.62 -56.97
CA ILE B 41 -17.01 37.70 -55.85
C ILE B 41 -18.29 37.18 -55.17
N ASN B 42 -19.42 37.33 -55.80
CA ASN B 42 -20.69 36.85 -55.20
C ASN B 42 -20.96 35.41 -55.62
N ASN B 43 -20.45 35.00 -56.74
CA ASN B 43 -20.68 33.60 -57.21
C ASN B 43 -19.70 32.64 -56.52
N ILE B 44 -18.57 33.14 -56.08
CA ILE B 44 -17.57 32.26 -55.40
C ILE B 44 -18.10 31.83 -54.03
N ILE B 45 -18.53 32.78 -53.23
CA ILE B 45 -19.05 32.43 -51.87
C ILE B 45 -20.27 31.52 -52.00
N SER B 46 -21.03 31.64 -53.05
CA SER B 46 -22.22 30.78 -53.24
C SER B 46 -21.89 29.61 -54.17
N GLY B 47 -20.64 29.21 -54.22
CA GLY B 47 -20.25 28.09 -55.10
C GLY B 47 -20.78 26.77 -54.52
N PRO B 48 -20.01 25.72 -54.70
CA PRO B 48 -20.41 24.39 -54.19
C PRO B 48 -20.28 24.35 -52.66
N GLY B 49 -21.04 23.51 -52.01
CA GLY B 49 -20.96 23.42 -50.53
C GLY B 49 -21.58 22.09 -50.07
N GLY B 50 -21.09 21.55 -48.99
CA GLY B 50 -21.65 20.26 -48.48
C GLY B 50 -22.99 20.52 -47.79
N MET B 51 -23.22 19.89 -46.67
CA MET B 51 -24.52 20.09 -45.95
C MET B 51 -24.30 20.98 -44.72
N HIS B 52 -23.54 20.51 -43.76
CA HIS B 52 -23.29 21.32 -42.54
C HIS B 52 -21.87 21.08 -42.03
N VAL B 53 -21.33 22.01 -41.28
CA VAL B 53 -19.94 21.82 -40.76
C VAL B 53 -19.95 21.85 -39.22
N ASP B 54 -19.45 20.82 -38.60
CA ASP B 54 -19.44 20.79 -37.11
C ASP B 54 -18.00 20.72 -36.60
N THR B 55 -17.57 21.70 -35.87
CA THR B 55 -16.17 21.70 -35.35
C THR B 55 -15.98 20.55 -34.35
N ALA B 56 -17.06 20.09 -33.75
CA ALA B 56 -16.94 18.97 -32.77
C ALA B 56 -16.35 17.73 -33.45
N ARG B 57 -16.50 17.61 -34.73
CA ARG B 57 -15.93 16.43 -35.45
C ARG B 57 -14.41 16.37 -35.29
N LEU B 58 -13.78 17.51 -35.18
CA LEU B 58 -12.30 17.53 -35.02
C LEU B 58 -11.92 17.17 -33.58
N HIS B 59 -12.62 17.72 -32.62
CA HIS B 59 -12.30 17.42 -31.19
C HIS B 59 -12.87 16.05 -30.81
N PRO B 60 -12.24 15.41 -29.86
CA PRO B 60 -12.70 14.08 -29.41
C PRO B 60 -13.97 14.22 -28.56
N LEU B 61 -15.01 13.50 -28.90
CA LEU B 61 -16.27 13.59 -28.10
C LEU B 61 -16.17 12.72 -26.85
N ALA B 62 -16.02 11.44 -27.01
CA ALA B 62 -15.91 10.54 -25.83
C ALA B 62 -14.53 9.87 -25.80
N GLY B 63 -13.53 10.53 -26.30
CA GLY B 63 -12.16 9.94 -26.29
C GLY B 63 -11.28 10.68 -25.27
N LEU B 64 -11.50 11.95 -25.11
CA LEU B 64 -10.68 12.73 -24.14
C LEU B 64 -10.89 12.18 -22.72
N ASP B 65 -12.05 11.67 -22.44
CA ASP B 65 -12.32 11.12 -21.08
C ASP B 65 -11.63 9.76 -20.91
N LYS B 66 -11.41 9.06 -22.00
CA LYS B 66 -10.74 7.73 -21.91
C LYS B 66 -9.30 7.90 -21.42
N GLY B 67 -8.64 8.94 -21.84
CA GLY B 67 -7.23 9.17 -21.40
C GLY B 67 -7.20 9.48 -19.91
N VAL B 68 -8.14 10.26 -19.45
CA VAL B 68 -8.17 10.61 -18.00
C VAL B 68 -8.80 9.48 -17.19
N GLU B 69 -9.73 8.76 -17.78
CA GLU B 69 -10.38 7.64 -17.05
C GLU B 69 -9.35 6.59 -16.66
N TYR B 70 -8.64 6.07 -17.62
CA TYR B 70 -7.61 5.03 -17.31
C TYR B 70 -6.52 5.60 -16.39
N LEU B 71 -6.40 6.91 -16.35
CA LEU B 71 -5.36 7.53 -15.48
C LEU B 71 -5.54 7.10 -14.02
N ASP B 72 -6.69 7.37 -13.46
CA ASP B 72 -6.94 6.98 -12.03
C ASP B 72 -7.54 5.57 -11.95
N LEU B 73 -7.94 5.01 -13.07
CA LEU B 73 -8.55 3.65 -13.04
C LEU B 73 -7.47 2.58 -13.20
N GLU B 74 -6.48 2.83 -14.01
CA GLU B 74 -5.39 1.82 -14.21
C GLU B 74 -4.55 1.68 -12.94
N GLU B 75 -4.29 2.76 -12.26
CA GLU B 75 -3.48 2.68 -11.01
C GLU B 75 -4.17 1.77 -9.98
N GLU B 76 -5.46 1.59 -10.10
CA GLU B 76 -6.18 0.71 -9.15
C GLU B 76 -6.20 -0.74 -9.65
N GLN B 77 -5.97 -0.94 -10.92
CA GLN B 77 -5.97 -2.33 -11.46
C GLN B 77 -4.95 -3.19 -10.74
N LEU B 78 -3.71 -2.78 -10.72
CA LEU B 78 -2.65 -3.57 -10.02
C LEU B 78 -2.89 -3.56 -8.51
N SER B 79 -3.51 -2.53 -8.00
CA SER B 79 -3.77 -2.46 -6.53
C SER B 79 -4.67 -3.62 -6.09
N SER B 80 -5.66 -3.94 -6.90
CA SER B 80 -6.57 -5.07 -6.54
C SER B 80 -5.83 -6.41 -6.64
N LEU B 81 -4.80 -6.47 -7.44
CA LEU B 81 -4.04 -7.75 -7.57
C LEU B 81 -3.46 -8.16 -6.22
N GLU B 82 -2.56 -7.37 -5.68
CA GLU B 82 -1.95 -7.72 -4.37
C GLU B 82 -2.82 -7.17 -3.21
N GLY B 83 -3.61 -6.17 -3.49
CA GLY B 83 -4.48 -5.60 -2.41
C GLY B 83 -5.93 -5.96 -2.68
N SER B 84 -6.33 -7.16 -2.32
CA SER B 84 -7.75 -7.57 -2.56
C SER B 84 -8.57 -7.38 -1.28
N GLN B 85 -8.20 -8.05 -0.22
CA GLN B 85 -8.95 -7.91 1.06
C GLN B 85 -8.14 -7.12 2.09
N GLY B 86 -7.10 -6.46 1.66
CA GLY B 86 -6.27 -5.68 2.61
C GLY B 86 -4.99 -6.45 2.93
N LEU B 87 -3.89 -5.76 3.11
CA LEU B 87 -2.62 -6.47 3.42
C LEU B 87 -2.38 -6.49 4.94
N ILE B 88 -2.35 -7.66 5.52
CA ILE B 88 -2.13 -7.76 7.00
C ILE B 88 -3.14 -6.86 7.75
N PRO B 89 -4.40 -7.07 7.48
CA PRO B 89 -5.45 -6.28 8.15
C PRO B 89 -5.61 -6.71 9.61
N SER B 90 -5.33 -7.95 9.91
CA SER B 90 -5.46 -8.43 11.32
C SER B 90 -4.50 -7.66 12.24
N ARG B 91 -3.30 -7.44 11.79
CA ARG B 91 -2.31 -6.70 12.64
C ARG B 91 -2.14 -7.38 13.99
N GLY B 92 -1.24 -6.91 14.81
CA GLY B 92 -1.03 -7.53 16.14
C GLY B 92 0.30 -8.29 16.16
N TRP B 93 1.37 -7.66 15.72
CA TRP B 93 2.70 -8.34 15.70
C TRP B 93 2.57 -9.74 15.10
N THR B 94 1.62 -9.93 14.21
CA THR B 94 1.42 -11.26 13.59
C THR B 94 2.41 -11.49 12.45
N ASP B 95 3.68 -11.33 12.68
CA ASP B 95 4.67 -11.54 11.60
C ASP B 95 4.63 -13.01 11.14
N ASP B 96 4.05 -13.87 11.93
CA ASP B 96 3.98 -15.31 11.55
C ASP B 96 2.70 -15.61 10.74
N LEU B 97 1.75 -14.72 10.77
CA LEU B 97 0.48 -14.96 10.01
C LEU B 97 0.79 -15.30 8.55
N CYS B 98 1.92 -14.88 8.04
CA CYS B 98 2.28 -15.18 6.64
C CYS B 98 2.25 -16.69 6.39
N TYR B 99 2.53 -17.46 7.41
CA TYR B 99 2.52 -18.96 7.25
C TYR B 99 1.37 -19.56 8.06
N GLY B 100 1.01 -18.93 9.14
CA GLY B 100 -0.11 -19.47 9.98
C GLY B 100 0.47 -20.36 11.08
N THR B 101 1.18 -19.77 12.01
CA THR B 101 1.78 -20.58 13.12
C THR B 101 1.12 -20.22 14.45
N GLY B 102 0.98 -18.95 14.72
CA GLY B 102 0.34 -18.53 16.01
C GLY B 102 1.26 -18.90 17.18
N ALA B 103 2.54 -18.89 16.97
CA ALA B 103 3.49 -19.25 18.07
C ALA B 103 4.02 -17.97 18.75
N VAL B 104 3.71 -16.83 18.21
CA VAL B 104 4.20 -15.56 18.84
C VAL B 104 3.20 -15.06 19.88
N TYR B 105 2.02 -14.68 19.46
CA TYR B 105 0.99 -14.19 20.41
C TYR B 105 0.33 -15.36 21.14
N LEU B 106 -0.26 -16.27 20.41
CA LEU B 106 -0.94 -17.45 21.04
C LEU B 106 -0.02 -18.14 22.05
N LEU B 107 1.00 -18.80 21.59
CA LEU B 107 1.92 -19.52 22.53
C LEU B 107 2.40 -18.55 23.63
N GLY B 108 2.40 -17.27 23.35
CA GLY B 108 2.84 -16.28 24.38
C GLY B 108 1.89 -16.33 25.58
N LEU B 109 0.70 -16.85 25.38
CA LEU B 109 -0.27 -16.92 26.52
C LEU B 109 -0.11 -18.24 27.28
N GLY B 110 -0.11 -19.35 26.58
CA GLY B 110 0.04 -20.67 27.25
C GLY B 110 1.42 -20.79 27.88
N ILE B 111 2.39 -20.08 27.37
CA ILE B 111 3.77 -20.16 27.93
C ILE B 111 3.76 -19.83 29.43
N GLY B 112 2.85 -19.00 29.85
CA GLY B 112 2.77 -18.63 31.30
C GLY B 112 2.45 -19.87 32.12
N GLY B 113 1.67 -20.76 31.58
CA GLY B 113 1.31 -22.00 32.33
C GLY B 113 2.54 -22.90 32.48
N PHE B 114 3.28 -23.07 31.41
CA PHE B 114 4.49 -23.94 31.49
C PHE B 114 5.57 -23.27 32.35
N SER B 115 6.00 -22.10 31.98
CA SER B 115 7.05 -21.40 32.77
C SER B 115 6.55 -21.13 34.20
N GLY B 116 5.25 -21.04 34.37
CA GLY B 116 4.70 -20.78 35.73
C GLY B 116 4.73 -22.08 36.56
N MET B 117 4.28 -23.16 35.99
CA MET B 117 4.29 -24.46 36.75
C MET B 117 5.70 -24.79 37.23
N MET B 118 6.71 -24.23 36.62
CA MET B 118 8.11 -24.52 37.06
C MET B 118 8.26 -24.30 38.56
N GLN B 119 7.88 -23.15 39.05
CA GLN B 119 8.00 -22.89 40.51
C GLN B 119 6.76 -23.41 41.25
N GLY B 120 5.64 -23.44 40.59
CA GLY B 120 4.40 -23.95 41.24
C GLY B 120 4.56 -25.43 41.58
N LEU B 121 5.44 -26.12 40.89
CA LEU B 121 5.63 -27.57 41.16
C LEU B 121 5.92 -27.81 42.65
N GLN B 122 6.45 -26.82 43.32
CA GLN B 122 6.76 -26.98 44.78
C GLN B 122 5.47 -27.12 45.58
N ASN B 123 4.37 -26.64 45.05
CA ASN B 123 3.07 -26.74 45.78
C ASN B 123 2.77 -28.20 46.16
N ILE B 124 3.33 -29.13 45.42
CA ILE B 124 3.07 -30.57 45.73
C ILE B 124 4.32 -31.19 46.38
N PRO B 125 4.28 -31.30 47.69
CA PRO B 125 5.42 -31.89 48.43
C PRO B 125 5.47 -33.40 48.23
N PRO B 126 6.66 -33.93 48.03
CA PRO B 126 6.83 -35.38 47.83
C PRO B 126 6.65 -36.13 49.15
N ASN B 127 5.66 -36.98 49.24
CA ASN B 127 5.43 -37.73 50.50
C ASN B 127 5.65 -39.23 50.27
N SER B 128 5.59 -39.67 49.04
CA SER B 128 5.79 -41.12 48.76
C SER B 128 7.29 -41.47 48.83
N PRO B 129 7.58 -42.69 49.20
CA PRO B 129 8.99 -43.14 49.29
C PRO B 129 9.59 -43.34 47.91
N GLY B 130 10.89 -43.29 47.79
CA GLY B 130 11.54 -43.47 46.46
C GLY B 130 11.32 -44.91 45.98
N LYS B 131 10.25 -45.14 45.25
CA LYS B 131 9.97 -46.51 44.75
C LYS B 131 10.14 -46.57 43.23
N LEU B 132 9.85 -45.49 42.55
CA LEU B 132 10.00 -45.49 41.07
C LEU B 132 11.05 -44.47 40.63
N GLN B 133 11.43 -43.57 41.51
CA GLN B 133 12.46 -42.55 41.13
C GLN B 133 13.87 -43.04 41.49
N LEU B 134 14.03 -44.32 41.67
CA LEU B 134 15.38 -44.86 42.04
C LEU B 134 16.16 -45.23 40.76
N ASN B 135 15.47 -45.51 39.69
CA ASN B 135 16.17 -45.88 38.43
C ASN B 135 17.04 -44.72 37.94
N THR B 136 16.48 -43.54 37.89
CA THR B 136 17.26 -42.36 37.42
C THR B 136 18.45 -42.10 38.34
N VAL B 137 18.33 -42.47 39.59
CA VAL B 137 19.46 -42.25 40.55
C VAL B 137 20.48 -43.39 40.43
N LEU B 138 20.05 -44.54 40.02
CA LEU B 138 21.00 -45.70 39.88
C LEU B 138 21.90 -45.49 38.65
N ASN B 139 21.32 -45.19 37.52
CA ASN B 139 22.13 -44.99 36.29
C ASN B 139 22.97 -43.71 36.41
N HIS B 140 22.44 -42.72 37.08
CA HIS B 140 23.19 -41.44 37.24
C HIS B 140 24.22 -41.57 38.37
N ILE B 141 25.37 -40.97 38.21
CA ILE B 141 26.41 -41.06 39.27
C ILE B 141 26.80 -39.65 39.74
N THR B 142 26.83 -39.44 41.03
CA THR B 142 27.20 -38.09 41.56
C THR B 142 27.81 -38.22 42.96
N LYS B 143 27.00 -38.51 43.94
CA LYS B 143 27.53 -38.65 45.33
C LYS B 143 26.49 -39.32 46.23
N ARG B 144 25.43 -38.63 46.53
CA ARG B 144 24.37 -39.22 47.40
C ARG B 144 22.99 -39.05 46.75
N GLY B 145 21.94 -39.01 47.54
CA GLY B 145 20.58 -38.85 46.96
C GLY B 145 20.52 -37.59 46.09
N PRO B 146 19.46 -37.47 45.33
CA PRO B 146 19.30 -36.29 44.43
C PRO B 146 18.96 -35.04 45.26
N PHE B 147 19.33 -33.89 44.77
CA PHE B 147 19.05 -32.63 45.51
C PHE B 147 17.74 -32.01 45.02
N LEU B 148 16.99 -31.40 45.90
CA LEU B 148 15.70 -30.77 45.48
C LEU B 148 15.75 -29.26 45.71
N GLY B 149 15.50 -28.49 44.68
CA GLY B 149 15.52 -27.01 44.83
C GLY B 149 16.40 -26.40 43.74
N ASN B 150 17.49 -27.05 43.42
CA ASN B 150 18.40 -26.51 42.36
C ASN B 150 18.33 -27.39 41.11
N ASN B 151 17.31 -28.18 40.97
CA ASN B 151 17.19 -29.06 39.78
C ASN B 151 16.19 -28.47 38.78
N ALA B 152 15.03 -28.06 39.24
CA ALA B 152 14.01 -27.48 38.31
C ALA B 152 14.51 -26.14 37.77
N GLY B 153 15.41 -25.49 38.47
CA GLY B 153 15.92 -24.17 38.01
C GLY B 153 16.58 -24.35 36.63
N ILE B 154 17.27 -25.43 36.42
CA ILE B 154 17.94 -25.65 35.10
C ILE B 154 16.89 -26.04 34.05
N LEU B 155 15.81 -26.63 34.47
CA LEU B 155 14.74 -27.03 33.49
C LEU B 155 14.22 -25.80 32.74
N ALA B 156 14.20 -24.67 33.38
CA ALA B 156 13.70 -23.44 32.71
C ALA B 156 14.58 -23.09 31.50
N LEU B 157 15.78 -23.61 31.46
CA LEU B 157 16.68 -23.31 30.31
C LEU B 157 16.37 -24.25 29.13
N SER B 158 16.20 -25.52 29.41
CA SER B 158 15.90 -26.49 28.31
C SER B 158 14.51 -26.23 27.73
N TYR B 159 13.70 -25.44 28.39
CA TYR B 159 12.34 -25.16 27.88
C TYR B 159 12.38 -24.00 26.87
N ASN B 160 13.41 -23.21 26.90
CA ASN B 160 13.50 -22.07 25.94
C ASN B 160 14.18 -22.51 24.65
N ILE B 161 15.15 -23.37 24.73
CA ILE B 161 15.86 -23.85 23.50
C ILE B 161 14.99 -24.83 22.72
N ILE B 162 14.00 -25.41 23.35
CA ILE B 162 13.13 -26.39 22.63
C ILE B 162 11.98 -25.66 21.93
N ASN B 163 11.58 -24.52 22.45
CA ASN B 163 10.45 -23.77 21.83
C ASN B 163 10.99 -22.79 20.77
N SER B 164 12.25 -22.44 20.85
CA SER B 164 12.82 -21.49 19.85
C SER B 164 12.69 -22.05 18.44
N THR B 165 12.62 -23.35 18.31
CA THR B 165 12.49 -23.96 16.95
C THR B 165 11.15 -23.56 16.32
N ILE B 166 10.10 -23.59 17.09
CA ILE B 166 8.76 -23.20 16.53
C ILE B 166 8.83 -21.79 15.96
N ASP B 167 9.59 -20.93 16.59
CA ASP B 167 9.70 -19.52 16.10
C ASP B 167 10.86 -19.39 15.12
N ALA B 168 11.91 -20.15 15.30
CA ALA B 168 13.08 -20.07 14.38
C ALA B 168 12.64 -20.21 12.92
N LEU B 169 11.57 -20.94 12.69
CA LEU B 169 11.07 -21.14 11.30
C LEU B 169 11.02 -19.81 10.53
N ARG B 170 10.87 -18.70 11.22
CA ARG B 170 10.82 -17.39 10.52
C ARG B 170 12.17 -16.67 10.60
N GLY B 171 12.63 -16.36 11.79
CA GLY B 171 13.94 -15.67 11.95
C GLY B 171 13.98 -14.42 11.06
N LYS B 172 13.59 -13.28 11.59
CA LYS B 172 13.61 -12.03 10.78
C LYS B 172 13.85 -10.81 11.67
N HIS B 173 15.04 -10.27 11.66
CA HIS B 173 15.32 -9.07 12.51
C HIS B 173 15.46 -7.82 11.63
N ASP B 174 15.53 -6.66 12.23
CA ASP B 174 15.66 -5.41 11.42
C ASP B 174 17.14 -5.08 11.20
N THR B 175 17.87 -4.84 12.26
CA THR B 175 19.33 -4.51 12.11
C THR B 175 19.94 -4.20 13.49
N ALA B 176 19.73 -5.06 14.46
CA ALA B 176 20.30 -4.79 15.81
C ALA B 176 21.14 -5.98 16.29
N GLY B 177 21.59 -6.81 15.39
CA GLY B 177 22.43 -7.98 15.82
C GLY B 177 23.65 -7.45 16.58
N SER B 178 24.00 -6.22 16.36
CA SER B 178 25.16 -5.60 17.06
C SER B 178 24.72 -5.14 18.46
N ILE B 179 23.42 -5.01 18.67
CA ILE B 179 22.91 -4.56 20.01
C ILE B 179 23.15 -5.66 21.05
N GLY B 180 23.38 -6.87 20.63
CA GLY B 180 23.60 -7.99 21.59
C GLY B 180 24.62 -7.59 22.66
N ALA B 181 25.48 -6.64 22.37
CA ALA B 181 26.49 -6.23 23.40
C ALA B 181 25.88 -5.29 24.44
N GLY B 182 25.26 -4.23 24.01
CA GLY B 182 24.66 -3.25 24.97
C GLY B 182 23.78 -3.98 25.99
N ALA B 183 23.26 -5.13 25.65
CA ALA B 183 22.38 -5.86 26.61
C ALA B 183 23.20 -6.81 27.49
N LEU B 184 24.41 -7.12 27.11
CA LEU B 184 25.24 -8.05 27.93
C LEU B 184 25.57 -7.42 29.29
N THR B 185 26.30 -6.33 29.31
CA THR B 185 26.65 -5.70 30.61
C THR B 185 25.38 -5.36 31.41
N GLY B 186 24.26 -5.24 30.74
CA GLY B 186 23.00 -4.91 31.46
C GLY B 186 22.62 -6.07 32.39
N ALA B 187 23.01 -7.27 32.04
CA ALA B 187 22.69 -8.44 32.91
C ALA B 187 23.67 -8.53 34.08
N LEU B 188 24.89 -8.10 33.88
CA LEU B 188 25.90 -8.15 34.98
C LEU B 188 25.44 -7.30 36.16
N PHE B 189 25.24 -6.02 35.94
CA PHE B 189 24.80 -5.14 37.05
C PHE B 189 23.36 -5.48 37.47
N LYS B 190 22.64 -6.21 36.65
CA LYS B 190 21.24 -6.57 36.99
C LYS B 190 21.20 -7.31 38.34
N SER B 191 21.99 -8.34 38.49
CA SER B 191 22.00 -9.10 39.77
C SER B 191 23.27 -9.95 39.89
N SER B 192 24.03 -9.76 40.93
CA SER B 192 25.28 -10.55 41.10
C SER B 192 25.82 -10.38 42.52
N LYS B 193 25.76 -11.41 43.32
CA LYS B 193 26.28 -11.32 44.71
C LYS B 193 27.31 -12.41 44.98
N GLY B 194 26.98 -13.64 44.67
CA GLY B 194 27.94 -14.75 44.90
C GLY B 194 28.14 -15.53 43.60
N LEU B 195 27.43 -16.63 43.45
CA LEU B 195 27.57 -17.44 42.20
C LEU B 195 27.17 -16.60 40.98
N LYS B 196 28.07 -16.44 40.04
CA LYS B 196 27.75 -15.64 38.82
C LYS B 196 26.44 -16.11 38.18
N PRO B 197 25.41 -15.31 38.31
CA PRO B 197 24.10 -15.68 37.72
C PRO B 197 24.12 -15.48 36.21
N MET B 198 24.54 -14.32 35.77
CA MET B 198 24.59 -14.05 34.29
C MET B 198 25.60 -14.97 33.61
N GLY B 199 26.54 -15.51 34.36
CA GLY B 199 27.57 -16.40 33.76
C GLY B 199 26.88 -17.53 32.98
N TYR B 200 26.17 -18.39 33.67
CA TYR B 200 25.48 -19.52 32.97
C TYR B 200 24.24 -19.00 32.23
N SER B 201 23.67 -17.92 32.69
CA SER B 201 22.45 -17.38 32.00
C SER B 201 22.84 -16.77 30.65
N SER B 202 24.09 -16.42 30.47
CA SER B 202 24.51 -15.83 29.17
C SER B 202 24.22 -16.80 28.03
N ALA B 203 24.46 -18.07 28.25
CA ALA B 203 24.19 -19.08 27.18
C ALA B 203 22.72 -18.99 26.74
N MET B 204 21.86 -18.50 27.60
CA MET B 204 20.43 -18.37 27.23
C MET B 204 20.25 -17.22 26.23
N VAL B 205 20.79 -16.07 26.53
CA VAL B 205 20.67 -14.91 25.60
C VAL B 205 21.62 -15.12 24.41
N ALA B 206 22.70 -15.82 24.62
CA ALA B 206 23.67 -16.07 23.51
C ALA B 206 22.95 -16.77 22.35
N ALA B 207 22.18 -17.79 22.64
CA ALA B 207 21.46 -18.50 21.56
C ALA B 207 20.53 -17.53 20.83
N ALA B 208 20.07 -16.51 21.52
CA ALA B 208 19.16 -15.52 20.87
C ALA B 208 19.89 -14.86 19.69
N CYS B 209 21.19 -14.75 19.77
CA CYS B 209 21.96 -14.13 18.65
C CYS B 209 21.75 -14.94 17.38
N ALA B 210 21.78 -16.25 17.48
CA ALA B 210 21.58 -17.10 16.27
C ALA B 210 20.17 -16.90 15.71
N VAL B 211 19.17 -16.93 16.55
CA VAL B 211 17.77 -16.74 16.07
C VAL B 211 17.67 -15.43 15.28
N TRP B 212 18.11 -14.35 15.85
CA TRP B 212 18.07 -13.04 15.12
C TRP B 212 19.09 -13.05 13.99
N CYS B 213 20.29 -13.49 14.26
CA CYS B 213 21.33 -13.55 13.19
C CYS B 213 20.82 -14.44 12.04
N SER B 214 19.81 -15.24 12.31
CA SER B 214 19.25 -16.12 11.24
C SER B 214 19.00 -15.30 9.97
N VAL B 215 18.96 -13.98 10.09
CA VAL B 215 18.75 -13.11 8.90
C VAL B 215 19.63 -13.55 7.73
N LYS B 216 20.77 -14.14 8.02
CA LYS B 216 21.67 -14.60 6.93
C LYS B 216 21.36 -16.05 6.56
N LYS B 217 20.68 -16.26 5.46
CA LYS B 217 20.35 -17.65 5.04
C LYS B 217 20.79 -17.90 3.60
N ARG B 218 21.87 -17.29 3.19
CA ARG B 218 22.36 -17.48 1.79
C ARG B 218 22.66 -18.96 1.54
N LEU B 219 23.17 -19.65 2.52
CA LEU B 219 23.48 -21.10 2.35
C LEU B 219 22.57 -21.95 3.22
N LEU B 220 22.11 -21.40 4.32
CA LEU B 220 21.21 -22.18 5.22
C LEU B 220 19.82 -22.34 4.60
N GLU B 221 19.40 -21.39 3.81
CA GLU B 221 18.06 -21.49 3.18
C GLU B 221 18.00 -22.70 2.24
N LYS B 222 18.90 -22.78 1.30
CA LYS B 222 18.90 -23.95 0.37
C LYS B 222 19.26 -25.23 1.12
N MET C 1 -0.87 1.10 9.43
CA MET C 1 0.50 1.28 8.83
C MET C 1 0.47 2.40 7.78
N LEU C 2 1.56 2.60 7.11
CA LEU C 2 1.61 3.68 6.07
C LEU C 2 1.49 3.06 4.66
N SER C 3 0.33 2.54 4.33
CA SER C 3 0.15 1.93 2.98
C SER C 3 -1.24 2.23 2.44
N LEU C 4 -2.26 1.82 3.15
CA LEU C 4 -3.66 2.09 2.70
C LEU C 4 -3.85 1.60 1.25
N ARG C 5 -3.75 0.31 1.04
CA ARG C 5 -3.92 -0.24 -0.34
C ARG C 5 -5.32 -0.85 -0.49
N GLN C 6 -6.32 -0.22 0.06
CA GLN C 6 -7.71 -0.76 -0.05
C GLN C 6 -8.60 0.22 -0.81
N SER C 7 -8.65 0.11 -2.12
CA SER C 7 -9.51 1.04 -2.90
C SER C 7 -10.98 0.84 -2.54
N ILE C 8 -11.85 1.66 -3.07
CA ILE C 8 -13.30 1.53 -2.76
C ILE C 8 -14.07 1.03 -3.99
N ARG C 9 -13.52 1.22 -5.16
CA ARG C 9 -14.22 0.76 -6.39
C ARG C 9 -14.41 -0.76 -6.36
N PHE C 10 -14.79 -1.36 -7.46
CA PHE C 10 -14.98 -2.83 -7.48
C PHE C 10 -14.51 -3.41 -8.83
N PHE C 11 -13.54 -2.79 -9.44
CA PHE C 11 -13.03 -3.29 -10.75
C PHE C 11 -11.77 -4.13 -10.55
N LYS C 12 -11.81 -5.39 -10.89
CA LYS C 12 -10.62 -6.26 -10.72
C LYS C 12 -10.74 -7.51 -11.59
N PRO C 13 -10.93 -7.30 -12.87
CA PRO C 13 -11.06 -8.44 -13.81
C PRO C 13 -9.71 -9.10 -14.05
N ALA C 14 -9.61 -9.93 -15.06
CA ALA C 14 -8.31 -10.62 -15.34
C ALA C 14 -8.21 -10.95 -16.83
N THR C 15 -8.30 -9.96 -17.68
CA THR C 15 -8.21 -10.23 -19.15
C THR C 15 -7.20 -9.27 -19.79
N ARG C 16 -6.29 -9.80 -20.56
CA ARG C 16 -5.27 -8.92 -21.22
C ARG C 16 -5.27 -9.16 -22.74
N THR C 17 -5.25 -8.11 -23.51
CA THR C 17 -5.24 -8.28 -24.99
C THR C 17 -4.60 -7.05 -25.66
N LEU C 18 -3.66 -6.43 -24.99
CA LEU C 18 -3.00 -5.23 -25.59
C LEU C 18 -1.47 -5.36 -25.49
N CYS C 19 -0.77 -4.94 -26.51
CA CYS C 19 0.72 -5.04 -26.48
C CYS C 19 1.31 -3.85 -25.72
N SER C 20 1.35 -2.70 -26.33
CA SER C 20 1.92 -1.50 -25.65
C SER C 20 1.60 -0.24 -26.45
N SER C 21 1.33 0.84 -25.78
CA SER C 21 1.02 2.12 -26.50
C SER C 21 2.28 2.67 -27.16
N ARG C 22 2.17 3.80 -27.82
CA ARG C 22 3.35 4.40 -28.49
C ARG C 22 3.22 5.92 -28.55
N TYR C 23 2.66 6.52 -27.54
CA TYR C 23 2.50 8.00 -27.55
C TYR C 23 2.46 8.54 -26.10
N LEU C 24 2.19 9.80 -25.94
CA LEU C 24 2.14 10.38 -24.56
C LEU C 24 1.23 11.62 -24.54
N LEU C 25 0.42 11.74 -23.53
CA LEU C 25 -0.49 12.92 -23.45
C LEU C 25 -0.37 13.59 -22.09
N MET A 1 -53.77 -33.62 -67.08
CA MET A 1 -54.19 -33.00 -65.79
C MET A 1 -55.71 -32.87 -65.74
N SER A 2 -56.28 -31.98 -66.50
CA SER A 2 -57.76 -31.82 -66.49
C SER A 2 -58.21 -30.92 -67.64
N TRP A 3 -57.69 -29.72 -67.71
CA TRP A 3 -58.10 -28.80 -68.82
C TRP A 3 -57.31 -29.13 -70.09
N LEU A 4 -56.08 -29.54 -69.94
CA LEU A 4 -55.26 -29.87 -71.15
C LEU A 4 -55.70 -31.23 -71.73
N PHE A 5 -56.15 -32.13 -70.89
CA PHE A 5 -56.61 -33.46 -71.39
C PHE A 5 -57.79 -33.29 -72.34
N GLY A 6 -58.49 -32.17 -72.27
CA GLY A 6 -59.66 -31.95 -73.16
C GLY A 6 -60.95 -32.08 -72.36
N ASP A 7 -60.98 -31.53 -71.17
CA ASP A 7 -62.21 -31.62 -70.34
C ASP A 7 -62.88 -30.25 -70.23
N LYS A 8 -64.18 -30.21 -70.09
CA LYS A 8 -64.89 -28.91 -69.98
C LYS A 8 -64.97 -28.47 -68.51
N THR A 9 -65.56 -27.34 -68.25
CA THR A 9 -65.68 -26.86 -66.84
C THR A 9 -66.61 -27.78 -66.05
N PRO A 10 -66.21 -28.11 -64.85
CA PRO A 10 -67.03 -29.01 -63.99
C PRO A 10 -68.25 -28.24 -63.44
N THR A 11 -69.08 -28.91 -62.69
CA THR A 11 -70.28 -28.22 -62.13
C THR A 11 -70.06 -27.91 -60.63
N ASP A 12 -69.20 -28.66 -59.99
CA ASP A 12 -68.93 -28.39 -58.54
C ASP A 12 -68.51 -26.94 -58.32
N ASP A 13 -67.92 -26.34 -59.32
CA ASP A 13 -67.48 -24.91 -59.17
C ASP A 13 -68.70 -23.98 -59.25
N ALA A 14 -69.69 -24.35 -60.01
CA ALA A 14 -70.92 -23.50 -60.13
C ALA A 14 -71.61 -23.40 -58.77
N ASN A 15 -71.62 -24.46 -58.01
CA ASN A 15 -72.29 -24.43 -56.68
C ASN A 15 -71.49 -23.54 -55.71
N ALA A 16 -70.21 -23.38 -55.96
CA ALA A 16 -69.38 -22.52 -55.06
C ALA A 16 -69.96 -21.10 -54.99
N ALA A 17 -70.65 -20.69 -56.02
CA ALA A 17 -71.24 -19.32 -56.03
C ALA A 17 -70.17 -18.26 -55.79
N VAL A 18 -69.71 -17.61 -56.83
CA VAL A 18 -68.66 -16.56 -56.65
C VAL A 18 -69.13 -15.50 -55.64
N GLY A 19 -68.32 -14.50 -55.40
CA GLY A 19 -68.72 -13.44 -54.43
C GLY A 19 -67.47 -12.68 -53.96
N GLY A 20 -67.25 -11.51 -54.50
CA GLY A 20 -66.06 -10.72 -54.08
C GLY A 20 -65.44 -10.05 -55.31
N GLN A 21 -66.16 -9.16 -55.94
CA GLN A 21 -65.61 -8.48 -57.15
C GLN A 21 -65.26 -7.03 -56.80
N ASP A 22 -64.05 -6.63 -57.09
CA ASP A 22 -63.63 -5.22 -56.79
C ASP A 22 -63.16 -4.52 -58.07
N THR A 23 -62.13 -5.04 -58.68
CA THR A 23 -61.62 -4.41 -59.93
C THR A 23 -62.46 -4.84 -61.13
N THR A 24 -62.46 -4.07 -62.19
CA THR A 24 -63.26 -4.44 -63.39
C THR A 24 -62.38 -5.19 -64.40
N LYS A 25 -61.13 -4.82 -64.51
CA LYS A 25 -60.23 -5.51 -65.47
C LYS A 25 -60.06 -6.99 -65.07
N PRO A 26 -60.20 -7.86 -66.04
CA PRO A 26 -60.06 -9.31 -65.77
C PRO A 26 -58.59 -9.67 -65.54
N LYS A 27 -57.70 -8.94 -66.16
CA LYS A 27 -56.24 -9.25 -66.00
C LYS A 27 -55.79 -8.90 -64.57
N GLU A 28 -55.71 -9.87 -63.71
CA GLU A 28 -55.28 -9.61 -62.31
C GLU A 28 -53.75 -9.74 -62.18
N LEU A 29 -53.13 -10.43 -63.11
CA LEU A 29 -51.65 -10.59 -63.04
C LEU A 29 -50.95 -9.26 -63.36
N SER A 30 -51.61 -8.40 -64.09
CA SER A 30 -50.98 -7.09 -64.44
C SER A 30 -51.43 -6.00 -63.46
N LEU A 31 -51.82 -6.38 -62.27
CA LEU A 31 -52.26 -5.36 -61.27
C LEU A 31 -51.08 -4.48 -60.85
N LYS A 32 -49.88 -4.99 -60.95
CA LYS A 32 -48.68 -4.18 -60.56
C LYS A 32 -48.62 -2.90 -61.39
N GLN A 33 -49.13 -2.94 -62.60
CA GLN A 33 -49.11 -1.73 -63.46
C GLN A 33 -50.04 -0.65 -62.89
N SER A 34 -51.25 -1.00 -62.60
CA SER A 34 -52.21 0.00 -62.04
C SER A 34 -51.72 0.49 -60.67
N LEU A 35 -51.00 -0.34 -59.96
CA LEU A 35 -50.49 0.06 -58.62
C LEU A 35 -49.33 1.06 -58.77
N GLY A 36 -48.62 0.98 -59.86
CA GLY A 36 -47.47 1.92 -60.07
C GLY A 36 -46.29 1.47 -59.21
N PHE A 37 -45.96 0.21 -59.25
CA PHE A 37 -44.81 -0.29 -58.44
C PHE A 37 -43.53 -0.26 -59.27
N GLU A 38 -42.40 -0.07 -58.63
CA GLU A 38 -41.12 -0.03 -59.38
C GLU A 38 -40.15 -1.10 -58.86
N PRO A 39 -40.16 -2.24 -59.49
CA PRO A 39 -39.28 -3.36 -59.08
C PRO A 39 -37.83 -3.06 -59.46
N ASN A 40 -37.61 -2.18 -60.40
CA ASN A 40 -36.21 -1.84 -60.81
C ASN A 40 -35.40 -1.35 -59.61
N ILE A 41 -35.81 -0.27 -59.00
CA ILE A 41 -35.07 0.26 -57.82
C ILE A 41 -35.06 -0.77 -56.69
N ASN A 42 -36.05 -1.62 -56.65
CA ASN A 42 -36.10 -2.66 -55.57
C ASN A 42 -34.85 -3.54 -55.61
N ASN A 43 -34.24 -3.67 -56.75
CA ASN A 43 -33.01 -4.51 -56.87
C ASN A 43 -31.85 -3.85 -56.11
N ILE A 44 -31.86 -2.54 -56.02
CA ILE A 44 -30.76 -1.84 -55.31
C ILE A 44 -30.98 -1.91 -53.80
N ILE A 45 -32.22 -1.94 -53.37
CA ILE A 45 -32.51 -2.00 -51.92
C ILE A 45 -32.65 -3.46 -51.47
N SER A 46 -33.04 -4.32 -52.36
CA SER A 46 -33.20 -5.76 -51.98
C SER A 46 -32.31 -6.64 -52.85
N GLY A 47 -31.03 -6.62 -52.63
CA GLY A 47 -30.11 -7.46 -53.45
C GLY A 47 -28.91 -7.89 -52.60
N PRO A 48 -27.79 -7.25 -52.82
CA PRO A 48 -26.56 -7.58 -52.05
C PRO A 48 -26.68 -7.06 -50.62
N GLY A 49 -26.14 -7.80 -49.66
CA GLY A 49 -26.23 -7.36 -48.25
C GLY A 49 -24.88 -7.60 -47.56
N GLY A 50 -24.47 -6.69 -46.71
CA GLY A 50 -23.16 -6.86 -46.01
C GLY A 50 -23.27 -8.02 -45.00
N MET A 51 -22.48 -9.04 -45.17
CA MET A 51 -22.53 -10.19 -44.23
C MET A 51 -22.06 -9.75 -42.83
N HIS A 52 -20.88 -9.21 -42.74
CA HIS A 52 -20.36 -8.76 -41.41
C HIS A 52 -19.52 -7.49 -41.57
N VAL A 53 -19.37 -6.72 -40.52
CA VAL A 53 -18.56 -5.48 -40.61
C VAL A 53 -17.77 -5.26 -39.32
N ASP A 54 -16.50 -5.00 -39.43
CA ASP A 54 -15.68 -4.78 -38.20
C ASP A 54 -14.30 -4.23 -38.57
N THR A 55 -14.25 -3.37 -39.57
CA THR A 55 -12.93 -2.80 -39.98
C THR A 55 -12.50 -1.69 -39.01
N ALA A 56 -13.35 -1.31 -38.11
CA ALA A 56 -12.98 -0.24 -37.13
C ALA A 56 -11.82 -0.69 -36.26
N ARG A 57 -11.71 -1.98 -36.01
CA ARG A 57 -10.59 -2.49 -35.16
C ARG A 57 -9.36 -2.77 -36.02
N LEU A 58 -9.55 -3.06 -37.28
CA LEU A 58 -8.39 -3.35 -38.17
C LEU A 58 -7.46 -2.15 -38.23
N HIS A 59 -7.92 -1.03 -38.75
CA HIS A 59 -7.05 0.18 -38.83
C HIS A 59 -6.62 0.62 -37.43
N PRO A 60 -5.43 1.14 -37.34
CA PRO A 60 -4.90 1.60 -36.02
C PRO A 60 -5.58 2.91 -35.61
N LEU A 61 -5.81 3.09 -34.34
CA LEU A 61 -6.47 4.35 -33.87
C LEU A 61 -5.45 5.26 -33.19
N ALA A 62 -5.23 6.44 -33.71
CA ALA A 62 -4.24 7.37 -33.09
C ALA A 62 -4.83 8.00 -31.83
N GLY A 63 -6.13 8.00 -31.70
CA GLY A 63 -6.77 8.62 -30.50
C GLY A 63 -6.29 7.90 -29.24
N LEU A 64 -5.96 6.64 -29.35
CA LEU A 64 -5.48 5.87 -28.17
C LEU A 64 -4.05 6.28 -27.80
N ASP A 65 -3.37 6.96 -28.69
CA ASP A 65 -1.97 7.40 -28.39
C ASP A 65 -1.93 8.25 -27.12
N LYS A 66 -3.04 8.83 -26.74
CA LYS A 66 -3.06 9.67 -25.51
C LYS A 66 -3.35 8.82 -24.28
N GLY A 67 -4.04 7.71 -24.47
CA GLY A 67 -4.35 6.83 -23.31
C GLY A 67 -3.15 5.94 -23.00
N VAL A 68 -2.47 5.46 -24.01
CA VAL A 68 -1.28 4.58 -23.77
C VAL A 68 -0.23 5.32 -22.94
N GLU A 69 -0.09 6.60 -23.16
CA GLU A 69 0.92 7.39 -22.39
C GLU A 69 0.55 7.43 -20.90
N TYR A 70 -0.66 7.85 -20.59
CA TYR A 70 -1.09 7.91 -19.17
C TYR A 70 -1.42 6.51 -18.64
N LEU A 71 -1.43 5.51 -19.50
CA LEU A 71 -1.75 4.14 -19.04
C LEU A 71 -0.77 3.70 -17.95
N ASP A 72 0.50 3.68 -18.26
CA ASP A 72 1.51 3.26 -17.25
C ASP A 72 2.00 4.47 -16.45
N LEU A 73 2.02 5.63 -17.04
CA LEU A 73 2.49 6.84 -16.31
C LEU A 73 1.59 7.13 -15.11
N GLU A 74 0.32 6.79 -15.21
CA GLU A 74 -0.61 7.04 -14.07
C GLU A 74 -0.59 5.86 -13.10
N GLU A 75 -0.32 4.68 -13.60
CA GLU A 75 -0.29 3.48 -12.70
C GLU A 75 0.87 3.61 -11.70
N GLU A 76 2.05 3.91 -12.18
CA GLU A 76 3.22 4.04 -11.26
C GLU A 76 3.17 5.37 -10.51
N GLN A 77 2.25 6.23 -10.88
CA GLN A 77 2.16 7.56 -10.18
C GLN A 77 1.89 7.36 -8.69
N LEU A 78 0.88 6.59 -8.35
CA LEU A 78 0.57 6.37 -6.91
C LEU A 78 1.63 5.45 -6.28
N SER A 79 2.26 4.62 -7.06
CA SER A 79 3.30 3.71 -6.50
C SER A 79 4.55 4.51 -6.10
N SER A 80 4.79 5.61 -6.76
CA SER A 80 5.99 6.43 -6.43
C SER A 80 5.77 7.19 -5.11
N LEU A 81 4.56 7.25 -4.64
CA LEU A 81 4.27 7.98 -3.37
C LEU A 81 4.65 7.11 -2.16
N GLU A 82 4.43 5.83 -2.25
CA GLU A 82 4.77 4.93 -1.10
C GLU A 82 6.28 4.96 -0.84
N GLY A 83 7.07 4.59 -1.80
CA GLY A 83 8.55 4.59 -1.60
C GLY A 83 8.92 3.61 -0.49
N SER A 84 9.38 2.44 -0.85
CA SER A 84 9.76 1.44 0.19
C SER A 84 11.28 1.36 0.33
N GLN A 85 12.00 1.73 -0.69
CA GLN A 85 13.48 1.67 -0.62
C GLN A 85 14.00 2.60 0.49
N GLY A 86 13.56 3.83 0.50
CA GLY A 86 14.01 4.79 1.55
C GLY A 86 13.49 4.32 2.91
N LEU A 87 12.21 4.35 3.11
CA LEU A 87 11.64 3.90 4.43
C LEU A 87 12.00 2.44 4.68
N ILE A 88 12.22 2.08 5.92
CA ILE A 88 12.58 0.66 6.23
C ILE A 88 11.72 0.15 7.40
N PRO A 89 10.42 0.19 7.22
CA PRO A 89 9.49 -0.28 8.28
C PRO A 89 9.50 -1.81 8.37
N SER A 90 10.19 -2.47 7.48
CA SER A 90 10.24 -3.96 7.52
C SER A 90 10.74 -4.45 8.90
N ARG A 91 11.43 -3.62 9.62
CA ARG A 91 11.94 -4.03 10.97
C ARG A 91 10.81 -4.62 11.82
N GLY A 92 9.63 -4.08 11.70
CA GLY A 92 8.47 -4.60 12.49
C GLY A 92 8.29 -3.76 13.76
N TRP A 93 9.34 -3.11 14.22
CA TRP A 93 9.21 -2.28 15.45
C TRP A 93 9.49 -0.80 15.12
N THR A 94 9.30 -0.42 13.88
CA THR A 94 9.56 1.01 13.51
C THR A 94 8.24 1.77 13.39
N ASP A 95 7.31 1.48 14.26
CA ASP A 95 6.00 2.20 14.21
C ASP A 95 6.07 3.49 15.02
N ASP A 96 6.95 3.55 15.97
CA ASP A 96 7.07 4.79 16.81
C ASP A 96 8.02 5.79 16.13
N LEU A 97 8.99 5.30 15.39
CA LEU A 97 9.93 6.22 14.70
C LEU A 97 9.19 7.13 13.72
N CYS A 98 8.04 6.71 13.25
CA CYS A 98 7.26 7.55 12.30
C CYS A 98 6.95 8.91 12.91
N TYR A 99 6.30 8.93 14.05
CA TYR A 99 5.97 10.24 14.70
C TYR A 99 6.63 10.31 16.07
N GLY A 100 7.73 9.63 16.26
CA GLY A 100 8.42 9.67 17.58
C GLY A 100 9.93 9.83 17.36
N THR A 101 10.70 9.67 18.40
CA THR A 101 12.18 9.81 18.25
C THR A 101 12.85 8.43 18.24
N GLY A 102 12.11 7.40 17.94
CA GLY A 102 12.70 6.03 17.91
C GLY A 102 13.30 5.70 19.28
N ALA A 103 12.57 5.94 20.33
CA ALA A 103 13.10 5.64 21.69
C ALA A 103 12.92 4.15 22.02
N VAL A 104 12.03 3.48 21.33
CA VAL A 104 11.81 2.03 21.60
C VAL A 104 13.12 1.25 21.42
N TYR A 105 13.77 1.41 20.29
CA TYR A 105 15.05 0.69 20.04
C TYR A 105 16.21 1.40 20.77
N LEU A 106 16.40 2.66 20.46
CA LEU A 106 17.52 3.42 21.12
C LEU A 106 17.47 3.29 22.64
N LEU A 107 16.48 3.88 23.27
CA LEU A 107 16.38 3.78 24.76
C LEU A 107 16.48 2.32 25.21
N GLY A 108 16.11 1.41 24.35
CA GLY A 108 16.20 -0.04 24.72
C GLY A 108 17.65 -0.41 25.01
N LEU A 109 18.58 0.37 24.54
CA LEU A 109 20.03 0.06 24.79
C LEU A 109 20.50 0.73 26.08
N GLY A 110 20.33 2.02 26.19
CA GLY A 110 20.78 2.74 27.42
C GLY A 110 20.03 2.22 28.64
N ILE A 111 18.85 1.69 28.46
CA ILE A 111 18.07 1.17 29.63
C ILE A 111 18.88 0.09 30.36
N GLY A 112 19.69 -0.64 29.66
CA GLY A 112 20.50 -1.71 30.31
C GLY A 112 21.45 -1.08 31.33
N GLY A 113 21.89 0.11 31.08
CA GLY A 113 22.82 0.78 32.04
C GLY A 113 22.04 1.28 33.25
N PHE A 114 20.96 2.00 33.04
CA PHE A 114 20.15 2.51 34.18
C PHE A 114 19.57 1.34 34.98
N SER A 115 19.06 0.35 34.30
CA SER A 115 18.47 -0.83 35.02
C SER A 115 19.58 -1.79 35.47
N GLY A 116 20.71 -1.76 34.80
CA GLY A 116 21.82 -2.67 35.19
C GLY A 116 22.60 -2.07 36.37
N MET A 117 22.95 -0.81 36.29
CA MET A 117 23.70 -0.17 37.42
C MET A 117 22.91 -0.25 38.72
N MET A 118 21.62 -0.51 38.64
CA MET A 118 20.79 -0.60 39.88
C MET A 118 21.43 -1.55 40.89
N GLN A 119 21.63 -2.78 40.51
CA GLN A 119 22.25 -3.77 41.45
C GLN A 119 23.78 -3.61 41.46
N GLY A 120 24.31 -2.91 40.49
CA GLY A 120 25.79 -2.73 40.44
C GLY A 120 26.19 -1.45 41.19
N LEU A 121 25.25 -0.81 41.84
CA LEU A 121 25.58 0.44 42.60
C LEU A 121 26.66 0.15 43.64
N GLN A 122 26.76 -1.07 44.10
CA GLN A 122 27.79 -1.41 45.13
C GLN A 122 29.18 -1.46 44.49
N ASN A 123 29.26 -1.88 43.25
CA ASN A 123 30.58 -1.94 42.56
C ASN A 123 31.12 -0.54 42.31
N ILE A 124 30.28 0.33 41.78
CA ILE A 124 30.74 1.73 41.50
C ILE A 124 30.41 2.64 42.69
N PRO A 125 31.44 3.05 43.39
CA PRO A 125 31.24 3.95 44.56
C PRO A 125 30.84 5.36 44.11
N PRO A 126 30.31 6.11 45.03
CA PRO A 126 29.88 7.50 44.72
C PRO A 126 31.09 8.41 44.52
N ASN A 127 30.88 9.62 44.10
CA ASN A 127 32.02 10.57 43.89
C ASN A 127 32.13 11.53 45.08
N SER A 128 31.73 11.10 46.25
CA SER A 128 31.81 11.99 47.44
C SER A 128 33.27 12.09 47.93
N PRO A 129 33.63 13.25 48.41
CA PRO A 129 35.01 13.46 48.92
C PRO A 129 35.20 12.75 50.27
N GLY A 130 36.27 12.01 50.41
CA GLY A 130 36.51 11.30 51.70
C GLY A 130 35.75 9.97 51.71
N LYS A 131 36.43 8.89 51.43
CA LYS A 131 35.76 7.55 51.43
C LYS A 131 35.30 7.18 52.84
N LEU A 132 35.96 7.70 53.84
CA LEU A 132 35.58 7.37 55.24
C LEU A 132 35.00 8.61 55.93
N GLN A 133 34.55 9.58 55.18
CA GLN A 133 33.98 10.81 55.79
C GLN A 133 32.44 10.73 55.82
N LEU A 134 31.90 9.55 55.69
CA LEU A 134 30.41 9.41 55.71
C LEU A 134 29.92 8.99 57.10
N ASN A 135 30.82 8.67 57.99
CA ASN A 135 30.41 8.25 59.37
C ASN A 135 29.69 9.41 60.08
N THR A 136 30.16 10.62 59.88
CA THR A 136 29.53 11.78 60.55
C THR A 136 28.08 11.96 60.06
N VAL A 137 27.80 11.50 58.86
CA VAL A 137 26.41 11.65 58.32
C VAL A 137 25.52 10.52 58.85
N LEU A 138 26.03 9.32 58.93
CA LEU A 138 25.21 8.18 59.44
C LEU A 138 24.87 8.40 60.92
N ASN A 139 25.80 8.88 61.69
CA ASN A 139 25.54 9.10 63.15
C ASN A 139 24.44 10.17 63.32
N HIS A 140 24.35 11.09 62.40
CA HIS A 140 23.31 12.16 62.51
C HIS A 140 22.03 11.73 61.77
N ILE A 141 21.20 12.67 61.43
CA ILE A 141 19.93 12.32 60.71
C ILE A 141 20.16 12.40 59.19
N THR A 142 19.62 11.47 58.46
CA THR A 142 19.80 11.49 56.97
C THR A 142 18.48 11.11 56.27
N LYS A 143 18.47 11.15 54.97
CA LYS A 143 17.22 10.80 54.23
C LYS A 143 17.40 9.48 53.48
N ARG A 144 17.79 8.44 54.17
CA ARG A 144 17.98 7.12 53.50
C ARG A 144 17.76 5.99 54.50
N GLY A 145 17.33 4.84 54.04
CA GLY A 145 17.10 3.70 54.96
C GLY A 145 18.43 3.14 55.45
N PRO A 146 18.41 2.55 56.62
CA PRO A 146 19.65 1.98 57.20
C PRO A 146 20.04 0.70 56.46
N PHE A 147 21.32 0.44 56.34
CA PHE A 147 21.77 -0.80 55.62
C PHE A 147 21.11 -0.90 54.25
N LEU A 148 21.78 -0.41 53.23
CA LEU A 148 21.19 -0.48 51.86
C LEU A 148 20.92 -1.94 51.46
N GLY A 149 19.74 -2.23 50.98
CA GLY A 149 19.41 -3.62 50.59
C GLY A 149 18.04 -3.66 49.92
N ASN A 150 17.00 -3.37 50.65
CA ASN A 150 15.64 -3.38 50.05
C ASN A 150 15.27 -1.99 49.52
N ASN A 151 15.84 -0.96 50.08
CA ASN A 151 15.52 0.41 49.61
C ASN A 151 16.00 0.61 48.17
N ALA A 152 16.86 -0.25 47.70
CA ALA A 152 17.37 -0.11 46.30
C ALA A 152 16.45 -0.88 45.33
N GLY A 153 15.79 -1.90 45.82
CA GLY A 153 14.90 -2.70 44.93
C GLY A 153 13.67 -1.86 44.56
N ILE A 154 13.13 -1.14 45.50
CA ILE A 154 11.93 -0.30 45.20
C ILE A 154 12.25 0.74 44.12
N LEU A 155 13.50 1.10 43.99
CA LEU A 155 13.89 2.09 42.96
C LEU A 155 13.60 1.54 41.56
N ALA A 156 13.69 0.25 41.39
CA ALA A 156 13.44 -0.37 40.06
C ALA A 156 11.93 -0.38 39.75
N LEU A 157 11.11 -0.14 40.75
CA LEU A 157 9.64 -0.14 40.51
C LEU A 157 9.20 1.21 39.92
N SER A 158 9.74 2.28 40.43
CA SER A 158 9.36 3.63 39.90
C SER A 158 10.13 3.94 38.62
N TYR A 159 11.29 3.37 38.46
CA TYR A 159 12.08 3.62 37.22
C TYR A 159 11.31 3.19 35.97
N ASN A 160 10.34 2.32 36.13
CA ASN A 160 9.54 1.86 34.95
C ASN A 160 8.36 2.79 34.72
N ILE A 161 7.86 3.42 35.75
CA ILE A 161 6.69 4.34 35.57
C ILE A 161 7.17 5.65 34.91
N ILE A 162 8.27 6.20 35.36
CA ILE A 162 8.76 7.48 34.77
C ILE A 162 9.08 7.28 33.28
N ASN A 163 9.36 6.07 32.88
CA ASN A 163 9.68 5.82 31.44
C ASN A 163 8.40 5.54 30.65
N SER A 164 7.35 5.17 31.32
CA SER A 164 6.06 4.88 30.61
C SER A 164 5.57 6.12 29.86
N THR A 165 6.01 7.29 30.26
CA THR A 165 5.56 8.54 29.58
C THR A 165 6.18 8.63 28.19
N ILE A 166 7.48 8.57 28.10
CA ILE A 166 8.15 8.67 26.76
C ILE A 166 7.58 7.61 25.82
N ASP A 167 7.17 6.49 26.36
CA ASP A 167 6.61 5.41 25.50
C ASP A 167 5.09 5.56 25.36
N ALA A 168 4.43 6.01 26.40
CA ALA A 168 2.94 6.18 26.33
C ALA A 168 2.55 7.02 25.11
N LEU A 169 3.37 7.96 24.75
CA LEU A 169 3.06 8.83 23.58
C LEU A 169 3.54 8.17 22.27
N ARG A 170 3.76 6.88 22.28
CA ARG A 170 4.22 6.19 21.04
C ARG A 170 3.15 6.22 19.96
N GLY A 171 2.00 5.65 20.22
CA GLY A 171 0.92 5.66 19.17
C GLY A 171 -0.21 4.69 19.58
N LYS A 172 -0.90 4.15 18.60
CA LYS A 172 -2.02 3.22 18.91
C LYS A 172 -1.52 2.00 19.70
N HIS A 173 -1.91 1.89 20.94
CA HIS A 173 -1.47 0.73 21.76
C HIS A 173 -2.64 -0.20 22.08
N ASP A 174 -2.75 -1.32 21.41
CA ASP A 174 -3.88 -2.25 21.69
C ASP A 174 -3.36 -3.68 21.89
N THR A 175 -2.75 -4.23 20.87
CA THR A 175 -2.20 -5.62 20.94
C THR A 175 -3.21 -6.60 21.57
N ALA A 176 -3.13 -6.84 22.87
CA ALA A 176 -4.08 -7.82 23.49
C ALA A 176 -4.30 -7.54 24.98
N GLY A 177 -5.40 -6.91 25.31
CA GLY A 177 -5.69 -6.63 26.74
C GLY A 177 -6.32 -7.87 27.40
N SER A 178 -6.81 -8.79 26.60
CA SER A 178 -7.46 -10.01 27.15
C SER A 178 -6.40 -11.06 27.56
N ILE A 179 -5.19 -10.94 27.07
CA ILE A 179 -4.13 -11.93 27.45
C ILE A 179 -3.55 -11.61 28.83
N GLY A 180 -3.74 -10.41 29.30
CA GLY A 180 -3.19 -10.02 30.63
C GLY A 180 -3.57 -11.06 31.69
N ALA A 181 -4.64 -11.77 31.48
CA ALA A 181 -5.05 -12.79 32.50
C ALA A 181 -4.07 -13.97 32.55
N GLY A 182 -3.87 -14.64 31.45
CA GLY A 182 -2.93 -15.81 31.43
C GLY A 182 -1.54 -15.40 31.92
N ALA A 183 -1.21 -14.14 31.85
CA ALA A 183 0.14 -13.69 32.30
C ALA A 183 0.17 -13.50 33.83
N LEU A 184 -0.97 -13.39 34.45
CA LEU A 184 -1.01 -13.18 35.92
C LEU A 184 -0.55 -14.46 36.66
N THR A 185 -1.30 -15.52 36.55
CA THR A 185 -0.91 -16.78 37.26
C THR A 185 0.48 -17.24 36.81
N GLY A 186 0.91 -16.83 35.65
CA GLY A 186 2.25 -17.24 35.16
C GLY A 186 3.32 -16.77 36.14
N ALA A 187 3.12 -15.64 36.75
CA ALA A 187 4.14 -15.12 37.73
C ALA A 187 3.84 -15.63 39.14
N LEU A 188 2.61 -16.03 39.40
CA LEU A 188 2.26 -16.54 40.76
C LEU A 188 3.10 -17.76 41.10
N PHE A 189 3.07 -18.78 40.29
CA PHE A 189 3.88 -20.01 40.57
C PHE A 189 5.37 -19.67 40.64
N LYS A 190 5.76 -18.56 40.07
CA LYS A 190 7.21 -18.18 40.10
C LYS A 190 7.70 -18.04 41.55
N SER A 191 6.80 -17.74 42.45
CA SER A 191 7.21 -17.59 43.89
C SER A 191 6.06 -18.01 44.81
N SER A 192 6.36 -18.77 45.82
CA SER A 192 5.29 -19.22 46.76
C SER A 192 5.91 -19.82 48.03
N LYS A 193 6.72 -19.06 48.72
CA LYS A 193 7.36 -19.58 49.97
C LYS A 193 6.62 -19.04 51.19
N GLY A 194 6.14 -17.83 51.12
CA GLY A 194 5.41 -17.24 52.28
C GLY A 194 4.72 -15.95 51.84
N LEU A 195 5.32 -14.82 52.13
CA LEU A 195 4.70 -13.53 51.71
C LEU A 195 4.73 -13.39 50.20
N LYS A 196 3.59 -13.39 49.57
CA LYS A 196 3.54 -13.27 48.07
C LYS A 196 4.36 -12.05 47.61
N PRO A 197 5.48 -12.31 47.00
CA PRO A 197 6.35 -11.21 46.51
C PRO A 197 5.73 -10.56 45.27
N MET A 198 5.02 -11.32 44.48
CA MET A 198 4.39 -10.75 43.26
C MET A 198 3.25 -9.80 43.63
N GLY A 199 2.73 -9.92 44.83
CA GLY A 199 1.62 -9.02 45.27
C GLY A 199 2.01 -7.57 45.03
N TYR A 200 3.23 -7.22 45.35
CA TYR A 200 3.69 -5.81 45.14
C TYR A 200 4.20 -5.63 43.72
N SER A 201 4.68 -6.69 43.11
CA SER A 201 5.20 -6.57 41.71
C SER A 201 4.03 -6.47 40.73
N SER A 202 2.89 -7.03 41.08
CA SER A 202 1.72 -6.95 40.15
C SER A 202 1.43 -5.50 39.79
N ALA A 203 1.57 -4.60 40.73
CA ALA A 203 1.32 -3.16 40.44
C ALA A 203 2.19 -2.71 39.27
N MET A 204 3.31 -3.36 39.07
CA MET A 204 4.20 -2.98 37.94
C MET A 204 3.58 -3.45 36.61
N VAL A 205 3.17 -4.70 36.55
CA VAL A 205 2.55 -5.21 35.30
C VAL A 205 1.13 -4.65 35.16
N ALA A 206 0.49 -4.37 36.27
CA ALA A 206 -0.88 -3.81 36.22
C ALA A 206 -0.87 -2.45 35.50
N ALA A 207 0.08 -1.62 35.82
CA ALA A 207 0.17 -0.29 35.16
C ALA A 207 0.31 -0.48 33.65
N ALA A 208 0.91 -1.56 33.23
CA ALA A 208 1.07 -1.82 31.77
C ALA A 208 -0.30 -1.92 31.11
N CYS A 209 -1.30 -2.34 31.85
CA CYS A 209 -2.66 -2.46 31.28
C CYS A 209 -3.15 -1.08 30.83
N ALA A 210 -2.82 -0.05 31.58
CA ALA A 210 -3.26 1.33 31.20
C ALA A 210 -2.55 1.77 29.91
N VAL A 211 -1.26 1.61 29.84
CA VAL A 211 -0.52 2.01 28.61
C VAL A 211 -1.04 1.23 27.40
N TRP A 212 -1.32 -0.03 27.59
CA TRP A 212 -1.84 -0.86 26.46
C TRP A 212 -3.33 -0.57 26.26
N CYS A 213 -4.07 -0.41 27.33
CA CYS A 213 -5.51 -0.09 27.18
C CYS A 213 -5.65 1.28 26.51
N SER A 214 -4.59 2.04 26.51
CA SER A 214 -4.61 3.40 25.88
C SER A 214 -5.27 3.34 24.49
N VAL A 215 -5.40 2.16 23.91
CA VAL A 215 -6.05 2.04 22.56
C VAL A 215 -7.33 2.90 22.50
N LYS A 216 -7.97 3.11 23.62
CA LYS A 216 -9.21 3.94 23.63
C LYS A 216 -9.23 4.82 24.88
N LYS A 217 -9.03 6.10 24.71
CA LYS A 217 -9.02 7.02 25.90
C LYS A 217 -10.33 6.87 26.69
N ARG A 218 -10.25 6.40 27.90
CA ARG A 218 -11.48 6.23 28.73
C ARG A 218 -11.90 7.56 29.35
N LEU A 219 -11.16 8.62 29.11
CA LEU A 219 -11.52 9.94 29.69
C LEU A 219 -12.43 10.72 28.72
N LEU A 220 -13.01 10.05 27.76
CA LEU A 220 -13.90 10.75 26.78
C LEU A 220 -15.25 10.04 26.69
N GLU A 221 -15.58 9.23 27.66
CA GLU A 221 -16.89 8.51 27.61
C GLU A 221 -17.29 8.06 29.03
N LYS A 222 -16.37 7.48 29.76
CA LYS A 222 -16.71 7.02 31.14
C LYS A 222 -15.48 7.15 32.05
N MET B 1 -77.36 43.38 -27.35
CA MET B 1 -75.92 43.59 -27.03
C MET B 1 -75.55 42.86 -25.74
N SER B 2 -74.83 41.77 -25.85
CA SER B 2 -74.44 41.00 -24.63
C SER B 2 -72.98 41.28 -24.28
N TRP B 3 -72.62 42.52 -24.11
CA TRP B 3 -71.20 42.86 -23.77
C TRP B 3 -71.06 43.10 -22.26
N LEU B 4 -72.15 43.28 -21.56
CA LEU B 4 -72.08 43.52 -20.10
C LEU B 4 -72.18 42.20 -19.33
N PHE B 5 -71.95 41.09 -19.99
CA PHE B 5 -72.03 39.77 -19.29
C PHE B 5 -70.66 39.07 -19.30
N GLY B 6 -69.61 39.80 -19.61
CA GLY B 6 -68.26 39.17 -19.63
C GLY B 6 -68.22 38.08 -20.70
N ASP B 7 -68.92 38.27 -21.79
CA ASP B 7 -68.92 37.24 -22.87
C ASP B 7 -68.38 37.84 -24.17
N LYS B 8 -67.60 37.09 -24.90
CA LYS B 8 -67.05 37.61 -26.18
C LYS B 8 -68.18 37.90 -27.17
N THR B 9 -67.84 38.23 -28.39
CA THR B 9 -68.90 38.53 -29.40
C THR B 9 -69.79 37.29 -29.61
N PRO B 10 -71.06 37.55 -29.83
CA PRO B 10 -72.02 36.43 -30.05
C PRO B 10 -71.83 35.83 -31.44
N THR B 11 -72.23 34.59 -31.62
CA THR B 11 -72.07 33.94 -32.96
C THR B 11 -73.40 33.97 -33.72
N ASP B 12 -74.22 34.95 -33.46
CA ASP B 12 -75.54 35.03 -34.17
C ASP B 12 -75.33 35.51 -35.61
N ASP B 13 -74.53 36.53 -35.78
CA ASP B 13 -74.28 37.05 -37.16
C ASP B 13 -73.50 36.03 -37.98
N ALA B 14 -72.80 35.14 -37.35
CA ALA B 14 -72.01 34.11 -38.10
C ALA B 14 -72.95 33.27 -38.99
N ASN B 15 -74.19 33.16 -38.61
CA ASN B 15 -75.14 32.36 -39.44
C ASN B 15 -75.77 33.22 -40.53
N ALA B 16 -75.56 34.52 -40.49
CA ALA B 16 -76.16 35.41 -41.53
C ALA B 16 -75.16 35.63 -42.67
N ALA B 17 -74.18 34.79 -42.79
CA ALA B 17 -73.17 34.96 -43.89
C ALA B 17 -73.03 33.66 -44.68
N VAL B 18 -73.53 33.64 -45.89
CA VAL B 18 -73.42 32.39 -46.71
C VAL B 18 -72.78 32.71 -48.08
N GLY B 19 -72.22 31.72 -48.72
CA GLY B 19 -71.59 31.97 -50.05
C GLY B 19 -72.66 31.99 -51.14
N GLY B 20 -72.45 32.75 -52.18
CA GLY B 20 -73.46 32.81 -53.27
C GLY B 20 -72.87 33.55 -54.48
N GLN B 21 -73.65 33.72 -55.51
CA GLN B 21 -73.13 34.44 -56.72
C GLN B 21 -74.06 35.60 -57.08
N ASP B 22 -74.48 36.35 -56.10
CA ASP B 22 -75.39 37.51 -56.38
C ASP B 22 -74.56 38.78 -56.61
N THR B 23 -73.37 38.83 -56.07
CA THR B 23 -72.52 40.05 -56.26
C THR B 23 -72.23 40.27 -57.74
N THR B 24 -72.13 41.50 -58.17
CA THR B 24 -71.85 41.77 -59.60
C THR B 24 -70.50 42.47 -59.76
N LYS B 25 -70.08 43.21 -58.76
CA LYS B 25 -68.77 43.92 -58.86
C LYS B 25 -67.63 42.96 -58.52
N PRO B 26 -66.43 43.36 -58.88
CA PRO B 26 -65.25 42.50 -58.61
C PRO B 26 -64.88 42.55 -57.12
N LYS B 27 -64.65 43.72 -56.59
CA LYS B 27 -64.29 43.84 -55.14
C LYS B 27 -63.12 42.90 -54.80
N GLU B 28 -61.91 43.36 -54.92
CA GLU B 28 -60.75 42.49 -54.61
C GLU B 28 -60.09 42.92 -53.29
N LEU B 29 -60.30 44.14 -52.88
CA LEU B 29 -59.69 44.62 -51.61
C LEU B 29 -60.28 43.85 -50.42
N SER B 30 -61.57 43.79 -50.31
CA SER B 30 -62.20 43.05 -49.18
C SER B 30 -62.02 41.54 -49.36
N LEU B 31 -61.96 41.09 -50.59
CA LEU B 31 -61.79 39.63 -50.83
C LEU B 31 -60.31 39.24 -50.69
N LYS B 32 -59.42 40.20 -50.68
CA LYS B 32 -57.97 39.88 -50.53
C LYS B 32 -57.72 39.11 -49.24
N GLN B 33 -58.54 39.34 -48.24
CA GLN B 33 -58.35 38.62 -46.94
C GLN B 33 -59.11 37.29 -46.96
N SER B 34 -60.22 37.23 -47.65
CA SER B 34 -61.00 35.96 -47.71
C SER B 34 -60.23 34.91 -48.52
N LEU B 35 -59.43 35.33 -49.46
CA LEU B 35 -58.65 34.35 -50.28
C LEU B 35 -57.72 33.53 -49.38
N GLY B 36 -57.40 34.03 -48.21
CA GLY B 36 -56.49 33.27 -47.30
C GLY B 36 -55.07 33.85 -47.41
N PHE B 37 -54.96 35.14 -47.54
CA PHE B 37 -53.60 35.76 -47.64
C PHE B 37 -53.27 36.53 -46.37
N GLU B 38 -52.42 35.99 -45.53
CA GLU B 38 -52.06 36.69 -44.27
C GLU B 38 -50.56 36.98 -44.23
N PRO B 39 -50.18 38.14 -44.71
CA PRO B 39 -48.75 38.52 -44.72
C PRO B 39 -48.27 38.88 -43.31
N ASN B 40 -49.16 38.93 -42.35
CA ASN B 40 -48.75 39.27 -40.95
C ASN B 40 -47.63 38.35 -40.48
N ILE B 41 -47.63 37.12 -40.94
CA ILE B 41 -46.56 36.17 -40.52
C ILE B 41 -45.27 36.44 -41.29
N ASN B 42 -45.36 37.11 -42.41
CA ASN B 42 -44.14 37.41 -43.21
C ASN B 42 -43.39 38.62 -42.63
N ASN B 43 -43.98 39.31 -41.70
CA ASN B 43 -43.30 40.49 -41.10
C ASN B 43 -42.21 40.04 -40.12
N ILE B 44 -42.23 38.80 -39.71
CA ILE B 44 -41.21 38.30 -38.76
C ILE B 44 -39.83 38.24 -39.43
N ILE B 45 -39.79 38.38 -40.73
CA ILE B 45 -38.47 38.32 -41.45
C ILE B 45 -37.53 39.42 -40.92
N SER B 46 -38.08 40.48 -40.38
CA SER B 46 -37.22 41.58 -39.86
C SER B 46 -36.98 41.39 -38.36
N GLY B 47 -36.68 40.19 -37.94
CA GLY B 47 -36.43 39.94 -36.49
C GLY B 47 -35.06 39.29 -36.31
N PRO B 48 -34.53 39.40 -35.12
CA PRO B 48 -33.21 38.79 -34.81
C PRO B 48 -33.33 37.27 -34.71
N GLY B 49 -32.21 36.59 -34.63
CA GLY B 49 -32.24 35.10 -34.55
C GLY B 49 -30.83 34.57 -34.30
N GLY B 50 -30.51 34.24 -33.08
CA GLY B 50 -29.15 33.72 -32.79
C GLY B 50 -29.15 33.00 -31.43
N MET B 51 -29.65 31.80 -31.38
CA MET B 51 -29.69 31.06 -30.09
C MET B 51 -29.36 29.58 -30.31
N HIS B 52 -28.11 29.24 -30.35
CA HIS B 52 -27.72 27.81 -30.57
C HIS B 52 -26.26 27.59 -30.16
N VAL B 53 -26.01 26.58 -29.37
CA VAL B 53 -24.60 26.31 -28.94
C VAL B 53 -24.22 24.87 -29.26
N ASP B 54 -22.95 24.60 -29.41
CA ASP B 54 -22.51 23.21 -29.73
C ASP B 54 -21.57 22.70 -28.64
N THR B 55 -22.04 21.83 -27.79
CA THR B 55 -21.16 21.30 -26.70
C THR B 55 -20.02 20.47 -27.31
N ALA B 56 -20.28 19.78 -28.38
CA ALA B 56 -19.22 18.95 -29.01
C ALA B 56 -18.13 19.85 -29.62
N ARG B 57 -18.49 21.03 -30.04
CA ARG B 57 -17.49 21.96 -30.63
C ARG B 57 -16.45 22.35 -29.57
N LEU B 58 -16.82 22.32 -28.32
CA LEU B 58 -15.86 22.70 -27.25
C LEU B 58 -15.15 21.45 -26.71
N HIS B 59 -15.90 20.44 -26.35
CA HIS B 59 -15.28 19.19 -25.81
C HIS B 59 -14.44 18.51 -26.89
N PRO B 60 -13.46 17.75 -26.47
CA PRO B 60 -12.56 17.05 -27.42
C PRO B 60 -13.30 15.86 -28.05
N LEU B 61 -13.02 15.59 -29.30
CA LEU B 61 -13.70 14.44 -29.98
C LEU B 61 -12.76 13.82 -31.02
N ALA B 62 -11.47 13.85 -30.77
CA ALA B 62 -10.50 13.26 -31.74
C ALA B 62 -9.80 12.05 -31.11
N GLY B 63 -9.81 11.93 -29.81
CA GLY B 63 -9.14 10.78 -29.15
C GLY B 63 -8.54 11.22 -27.82
N LEU B 64 -8.37 12.50 -27.62
CA LEU B 64 -7.78 12.99 -26.33
C LEU B 64 -8.55 12.42 -25.14
N ASP B 65 -9.78 12.05 -25.33
CA ASP B 65 -10.59 11.48 -24.20
C ASP B 65 -9.86 10.29 -23.57
N LYS B 66 -9.00 9.65 -24.32
CA LYS B 66 -8.26 8.48 -23.77
C LYS B 66 -7.17 8.94 -22.79
N GLY B 67 -6.63 10.11 -23.02
CA GLY B 67 -5.56 10.62 -22.11
C GLY B 67 -6.17 10.97 -20.75
N VAL B 68 -7.39 11.43 -20.73
CA VAL B 68 -8.04 11.79 -19.44
C VAL B 68 -8.70 10.55 -18.82
N GLU B 69 -9.15 9.63 -19.64
CA GLU B 69 -9.81 8.41 -19.11
C GLU B 69 -8.80 7.55 -18.33
N TYR B 70 -7.66 7.27 -18.93
CA TYR B 70 -6.64 6.43 -18.23
C TYR B 70 -5.97 7.23 -17.10
N LEU B 71 -6.24 8.51 -17.01
CA LEU B 71 -5.62 9.33 -15.93
C LEU B 71 -5.98 8.77 -14.55
N ASP B 72 -7.25 8.74 -14.22
CA ASP B 72 -7.67 8.22 -12.89
C ASP B 72 -7.93 6.70 -12.96
N LEU B 73 -8.27 6.20 -14.12
CA LEU B 73 -8.54 4.74 -14.26
C LEU B 73 -7.31 3.93 -13.84
N GLU B 74 -6.15 4.31 -14.31
CA GLU B 74 -4.91 3.56 -13.94
C GLU B 74 -4.40 4.01 -12.57
N GLU B 75 -4.68 5.22 -12.20
CA GLU B 75 -4.20 5.73 -10.88
C GLU B 75 -4.88 4.95 -9.75
N GLU B 76 -6.19 4.84 -9.78
CA GLU B 76 -6.91 4.10 -8.70
C GLU B 76 -6.59 2.60 -8.78
N GLN B 77 -6.06 2.15 -9.89
CA GLN B 77 -5.73 0.69 -10.02
C GLN B 77 -4.80 0.24 -8.89
N LEU B 78 -3.68 0.90 -8.74
CA LEU B 78 -2.73 0.51 -7.65
C LEU B 78 -3.26 0.99 -6.30
N SER B 79 -4.12 1.97 -6.29
CA SER B 79 -4.67 2.47 -5.00
C SER B 79 -5.41 1.36 -4.27
N SER B 80 -6.28 0.66 -4.95
CA SER B 80 -7.04 -0.45 -4.29
C SER B 80 -6.09 -1.58 -3.88
N LEU B 81 -4.98 -1.71 -4.55
CA LEU B 81 -4.01 -2.78 -4.19
C LEU B 81 -3.54 -2.63 -2.75
N GLU B 82 -3.54 -1.42 -2.24
CA GLU B 82 -3.09 -1.19 -0.84
C GLU B 82 -4.15 -1.70 0.14
N GLY B 83 -5.39 -1.67 -0.25
CA GLY B 83 -6.48 -2.15 0.67
C GLY B 83 -7.82 -2.10 -0.07
N SER B 84 -8.59 -3.15 0.02
CA SER B 84 -9.92 -3.17 -0.67
C SER B 84 -11.04 -3.08 0.36
N GLN B 85 -11.12 -4.00 1.27
CA GLN B 85 -12.20 -3.97 2.29
C GLN B 85 -12.05 -2.72 3.18
N GLY B 86 -10.90 -2.54 3.78
CA GLY B 86 -10.69 -1.36 4.65
C GLY B 86 -10.56 -1.81 6.11
N LEU B 87 -10.05 -2.99 6.33
CA LEU B 87 -9.91 -3.49 7.73
C LEU B 87 -8.47 -3.25 8.22
N ILE B 88 -8.12 -3.84 9.34
CA ILE B 88 -6.73 -3.65 9.87
C ILE B 88 -6.07 -5.01 10.13
N PRO B 89 -5.92 -5.78 9.07
CA PRO B 89 -5.29 -7.12 9.20
C PRO B 89 -3.78 -6.99 9.40
N SER B 90 -3.24 -5.81 9.31
CA SER B 90 -1.77 -5.64 9.50
C SER B 90 -1.45 -5.26 10.95
N ARG B 91 -2.27 -5.69 11.87
CA ARG B 91 -2.01 -5.37 13.31
C ARG B 91 -1.98 -6.66 14.15
N GLY B 92 -1.45 -6.59 15.33
CA GLY B 92 -1.39 -7.80 16.20
C GLY B 92 0.04 -8.35 16.22
N TRP B 93 1.01 -7.52 15.89
CA TRP B 93 2.43 -7.99 15.89
C TRP B 93 2.57 -9.27 15.08
N THR B 94 1.98 -9.32 13.91
CA THR B 94 2.08 -10.54 13.07
C THR B 94 2.18 -10.17 11.58
N ASP B 95 3.06 -9.28 11.23
CA ASP B 95 3.19 -8.88 9.80
C ASP B 95 3.45 -10.11 8.92
N ASP B 96 4.00 -11.14 9.50
CA ASP B 96 4.28 -12.39 8.72
C ASP B 96 2.97 -13.19 8.52
N LEU B 97 1.95 -12.88 9.26
CA LEU B 97 0.65 -13.63 9.13
C LEU B 97 0.27 -13.78 7.65
N CYS B 98 0.69 -12.87 6.80
CA CYS B 98 0.34 -12.97 5.36
C CYS B 98 0.79 -14.33 4.80
N TYR B 99 1.77 -14.94 5.43
CA TYR B 99 2.26 -16.27 4.93
C TYR B 99 1.57 -17.39 5.70
N GLY B 100 1.21 -17.16 6.93
CA GLY B 100 0.54 -18.22 7.73
C GLY B 100 1.18 -18.31 9.12
N THR B 101 0.82 -17.43 10.01
CA THR B 101 1.42 -17.47 11.38
C THR B 101 0.44 -16.85 12.39
N GLY B 102 0.93 -16.09 13.34
CA GLY B 102 0.02 -15.47 14.34
C GLY B 102 0.04 -16.27 15.64
N ALA B 103 0.94 -17.22 15.76
CA ALA B 103 1.02 -18.03 17.00
C ALA B 103 1.84 -17.29 18.07
N VAL B 104 2.60 -16.31 17.66
CA VAL B 104 3.42 -15.54 18.65
C VAL B 104 2.54 -15.01 19.79
N TYR B 105 1.36 -14.53 19.46
CA TYR B 105 0.44 -14.01 20.52
C TYR B 105 -0.15 -15.18 21.32
N LEU B 106 -0.85 -16.06 20.65
CA LEU B 106 -1.47 -17.22 21.34
C LEU B 106 -0.40 -18.08 22.04
N LEU B 107 0.54 -18.60 21.29
CA LEU B 107 1.60 -19.44 21.91
C LEU B 107 2.24 -18.73 23.10
N GLY B 108 2.21 -17.42 23.09
CA GLY B 108 2.81 -16.66 24.23
C GLY B 108 1.92 -16.78 25.47
N LEU B 109 0.67 -17.09 25.27
CA LEU B 109 -0.26 -17.22 26.43
C LEU B 109 -0.04 -18.56 27.14
N GLY B 110 0.04 -19.63 26.40
CA GLY B 110 0.26 -20.97 27.03
C GLY B 110 1.59 -20.98 27.78
N ILE B 111 2.54 -20.21 27.33
CA ILE B 111 3.87 -20.18 28.01
C ILE B 111 3.70 -19.70 29.46
N GLY B 112 2.67 -18.95 29.74
CA GLY B 112 2.46 -18.44 31.12
C GLY B 112 2.23 -19.63 32.07
N GLY B 113 1.72 -20.71 31.57
CA GLY B 113 1.47 -21.89 32.44
C GLY B 113 2.78 -22.64 32.68
N PHE B 114 3.47 -23.01 31.63
CA PHE B 114 4.76 -23.74 31.79
C PHE B 114 5.76 -22.91 32.61
N SER B 115 5.94 -21.67 32.25
CA SER B 115 6.91 -20.81 32.99
C SER B 115 6.51 -20.70 34.47
N GLY B 116 5.27 -20.96 34.78
CA GLY B 116 4.82 -20.87 36.20
C GLY B 116 5.00 -22.22 36.89
N MET B 117 4.46 -23.27 36.33
CA MET B 117 4.61 -24.62 36.95
C MET B 117 6.08 -24.93 37.29
N MET B 118 6.99 -24.31 36.58
CA MET B 118 8.44 -24.56 36.86
C MET B 118 8.76 -24.30 38.34
N GLN B 119 8.53 -23.11 38.80
CA GLN B 119 8.83 -22.79 40.23
C GLN B 119 7.72 -23.35 41.14
N GLY B 120 6.56 -23.61 40.59
CA GLY B 120 5.44 -24.14 41.42
C GLY B 120 5.72 -25.61 41.80
N LEU B 121 6.66 -26.24 41.14
CA LEU B 121 6.97 -27.66 41.46
C LEU B 121 8.05 -27.74 42.55
N GLN B 122 8.31 -26.68 43.25
CA GLN B 122 9.35 -26.71 44.31
C GLN B 122 8.73 -27.10 45.67
N ASN B 123 7.44 -27.03 45.79
CA ASN B 123 6.78 -27.40 47.09
C ASN B 123 7.08 -28.86 47.43
N ILE B 124 6.87 -29.76 46.51
CA ILE B 124 7.14 -31.20 46.79
C ILE B 124 8.65 -31.46 46.83
N PRO B 125 9.03 -32.49 47.53
CA PRO B 125 10.47 -32.84 47.65
C PRO B 125 10.98 -33.43 46.33
N PRO B 126 12.27 -33.31 46.11
CA PRO B 126 12.88 -33.84 44.88
C PRO B 126 12.97 -35.38 44.93
N ASN B 127 11.88 -36.04 44.66
CA ASN B 127 11.89 -37.54 44.70
C ASN B 127 11.76 -38.10 43.29
N SER B 128 12.21 -37.37 42.30
CA SER B 128 12.12 -37.86 40.90
C SER B 128 13.01 -39.10 40.70
N PRO B 129 12.62 -39.95 39.80
CA PRO B 129 13.40 -41.18 39.53
C PRO B 129 14.66 -40.84 38.74
N GLY B 130 15.65 -41.70 38.78
CA GLY B 130 16.92 -41.44 38.05
C GLY B 130 17.99 -40.94 39.02
N LYS B 131 18.99 -41.75 39.26
CA LYS B 131 20.07 -41.33 40.21
C LYS B 131 21.43 -41.37 39.51
N LEU B 132 21.46 -41.30 38.21
CA LEU B 132 22.75 -41.34 37.48
C LEU B 132 23.10 -39.94 36.94
N GLN B 133 22.11 -39.20 36.52
CA GLN B 133 22.38 -37.83 35.98
C GLN B 133 22.95 -36.94 37.09
N LEU B 134 22.64 -37.23 38.33
CA LEU B 134 23.16 -36.40 39.46
C LEU B 134 24.47 -36.99 39.99
N ASN B 135 25.05 -37.92 39.28
CA ASN B 135 26.33 -38.53 39.75
C ASN B 135 27.42 -37.47 39.88
N THR B 136 27.30 -36.40 39.13
CA THR B 136 28.33 -35.32 39.21
C THR B 136 28.38 -34.74 40.62
N VAL B 137 27.30 -34.80 41.35
CA VAL B 137 27.29 -34.26 42.74
C VAL B 137 27.71 -35.34 43.74
N LEU B 138 27.71 -36.58 43.33
CA LEU B 138 28.10 -37.68 44.26
C LEU B 138 29.52 -37.44 44.79
N ASN B 139 30.39 -36.93 43.98
CA ASN B 139 31.79 -36.67 44.44
C ASN B 139 31.80 -35.61 45.54
N HIS B 140 30.81 -34.75 45.55
CA HIS B 140 30.75 -33.69 46.60
C HIS B 140 30.16 -34.26 47.90
N ILE B 141 29.34 -35.26 47.80
CA ILE B 141 28.74 -35.86 49.02
C ILE B 141 29.75 -36.76 49.73
N THR B 142 29.71 -36.80 51.03
CA THR B 142 30.67 -37.66 51.78
C THR B 142 29.95 -38.45 52.88
N LYS B 143 29.18 -37.79 53.69
CA LYS B 143 28.45 -38.50 54.78
C LYS B 143 27.00 -38.00 54.87
N ARG B 144 26.20 -38.33 53.90
CA ARG B 144 24.77 -37.88 53.91
C ARG B 144 24.69 -36.36 54.13
N GLY B 145 25.00 -35.59 53.11
CA GLY B 145 24.94 -34.11 53.27
C GLY B 145 23.57 -33.60 52.79
N PRO B 146 23.40 -32.31 52.84
CA PRO B 146 22.12 -31.70 52.41
C PRO B 146 21.98 -31.77 50.89
N PHE B 147 20.80 -31.53 50.37
CA PHE B 147 20.60 -31.58 48.89
C PHE B 147 19.96 -30.28 48.40
N LEU B 148 20.21 -29.92 47.17
CA LEU B 148 19.62 -28.66 46.62
C LEU B 148 18.94 -28.94 45.28
N GLY B 149 18.00 -28.11 44.89
CA GLY B 149 17.30 -28.32 43.60
C GLY B 149 18.13 -27.71 42.46
N ASN B 150 18.85 -28.53 41.75
CA ASN B 150 19.68 -28.00 40.62
C ASN B 150 19.09 -28.44 39.27
N ASN B 151 18.40 -29.55 39.25
CA ASN B 151 17.80 -30.03 37.97
C ASN B 151 16.49 -29.29 37.68
N ALA B 152 15.93 -28.64 38.67
CA ALA B 152 14.66 -27.90 38.45
C ALA B 152 14.94 -26.50 37.89
N GLY B 153 16.11 -25.97 38.16
CA GLY B 153 16.44 -24.61 37.66
C GLY B 153 17.02 -24.70 36.25
N ILE B 154 17.77 -25.74 35.97
CA ILE B 154 18.36 -25.88 34.61
C ILE B 154 17.26 -26.21 33.57
N LEU B 155 16.14 -26.70 34.01
CA LEU B 155 15.05 -27.05 33.07
C LEU B 155 14.52 -25.79 32.38
N ALA B 156 14.54 -24.67 33.05
CA ALA B 156 14.05 -23.40 32.44
C ALA B 156 14.98 -22.95 31.32
N LEU B 157 16.14 -23.55 31.19
CA LEU B 157 17.08 -23.14 30.11
C LEU B 157 16.82 -23.94 28.83
N SER B 158 16.68 -25.23 28.95
CA SER B 158 16.43 -26.07 27.74
C SER B 158 15.01 -25.84 27.21
N TYR B 159 14.11 -25.40 28.06
CA TYR B 159 12.71 -25.17 27.61
C TYR B 159 12.65 -24.01 26.61
N ASN B 160 13.62 -23.13 26.64
CA ASN B 160 13.63 -21.97 25.70
C ASN B 160 14.24 -22.39 24.36
N ILE B 161 15.04 -23.42 24.34
CA ILE B 161 15.67 -23.86 23.05
C ILE B 161 14.68 -24.71 22.24
N ILE B 162 13.76 -25.35 22.90
CA ILE B 162 12.77 -26.19 22.16
C ILE B 162 11.73 -25.31 21.46
N ASN B 163 11.13 -24.40 22.18
CA ASN B 163 10.11 -23.50 21.57
C ASN B 163 10.76 -22.57 20.55
N SER B 164 12.06 -22.38 20.62
CA SER B 164 12.75 -21.47 19.66
C SER B 164 12.54 -21.97 18.22
N THR B 165 12.31 -23.24 18.05
CA THR B 165 12.08 -23.78 16.67
C THR B 165 10.75 -23.30 16.12
N ILE B 166 9.69 -23.47 16.86
CA ILE B 166 8.35 -23.02 16.38
C ILE B 166 8.41 -21.54 16.01
N ASP B 167 9.26 -20.79 16.68
CA ASP B 167 9.37 -19.34 16.38
C ASP B 167 10.45 -19.09 15.32
N ALA B 168 11.50 -19.87 15.32
CA ALA B 168 12.59 -19.66 14.31
C ALA B 168 12.00 -19.61 12.90
N LEU B 169 11.01 -20.40 12.62
CA LEU B 169 10.40 -20.40 11.26
C LEU B 169 9.31 -19.31 11.16
N ARG B 170 9.34 -18.33 12.03
CA ARG B 170 8.31 -17.25 11.97
C ARG B 170 8.43 -16.46 10.67
N GLY B 171 9.55 -15.83 10.44
CA GLY B 171 9.70 -15.04 9.18
C GLY B 171 11.05 -14.28 9.19
N LYS B 172 11.09 -13.15 8.52
CA LYS B 172 12.37 -12.36 8.45
C LYS B 172 12.74 -11.83 9.84
N HIS B 173 13.86 -12.26 10.35
CA HIS B 173 14.31 -11.78 11.70
C HIS B 173 15.55 -10.88 11.56
N ASP B 174 15.39 -9.59 11.69
CA ASP B 174 16.58 -8.68 11.57
C ASP B 174 16.67 -7.76 12.79
N THR B 175 15.68 -6.93 12.99
CA THR B 175 15.69 -5.98 14.15
C THR B 175 17.07 -5.36 14.39
N ALA B 176 17.88 -5.93 15.25
CA ALA B 176 19.22 -5.32 15.52
C ALA B 176 20.22 -6.34 16.06
N GLY B 177 21.14 -6.77 15.23
CA GLY B 177 22.17 -7.75 15.70
C GLY B 177 23.30 -6.99 16.42
N SER B 178 23.44 -5.72 16.15
CA SER B 178 24.52 -4.91 16.79
C SER B 178 24.09 -4.46 18.20
N ILE B 179 22.81 -4.49 18.49
CA ILE B 179 22.33 -4.05 19.83
C ILE B 179 22.59 -5.14 20.88
N GLY B 180 22.82 -6.36 20.43
CA GLY B 180 23.06 -7.48 21.40
C GLY B 180 24.14 -7.10 22.41
N ALA B 181 25.00 -6.17 22.08
CA ALA B 181 26.08 -5.78 23.05
C ALA B 181 25.54 -4.89 24.16
N GLY B 182 24.86 -3.82 23.82
CA GLY B 182 24.32 -2.90 24.85
C GLY B 182 23.47 -3.66 25.88
N ALA B 183 22.97 -4.81 25.52
CA ALA B 183 22.13 -5.59 26.47
C ALA B 183 22.99 -6.53 27.33
N LEU B 184 24.20 -6.79 26.92
CA LEU B 184 25.08 -7.70 27.72
C LEU B 184 25.44 -7.07 29.08
N THR B 185 26.09 -5.93 29.08
CA THR B 185 26.47 -5.29 30.37
C THR B 185 25.23 -4.95 31.19
N GLY B 186 24.11 -4.74 30.54
CA GLY B 186 22.87 -4.41 31.29
C GLY B 186 22.51 -5.56 32.23
N ALA B 187 22.85 -6.76 31.87
CA ALA B 187 22.54 -7.94 32.73
C ALA B 187 23.67 -8.19 33.72
N LEU B 188 24.88 -7.83 33.36
CA LEU B 188 26.03 -8.06 34.28
C LEU B 188 25.81 -7.34 35.62
N PHE B 189 25.59 -6.05 35.58
CA PHE B 189 25.36 -5.30 36.84
C PHE B 189 24.10 -5.80 37.56
N LYS B 190 23.19 -6.38 36.82
CA LYS B 190 21.93 -6.89 37.45
C LYS B 190 22.26 -7.90 38.56
N SER B 191 23.38 -8.57 38.45
CA SER B 191 23.75 -9.58 39.49
C SER B 191 23.95 -8.89 40.84
N SER B 192 23.94 -9.65 41.91
CA SER B 192 24.12 -9.05 43.26
C SER B 192 25.40 -9.59 43.91
N LYS B 193 25.54 -9.44 45.19
CA LYS B 193 26.75 -9.95 45.89
C LYS B 193 26.85 -11.47 45.73
N GLY B 194 25.74 -12.15 45.67
CA GLY B 194 25.78 -13.63 45.50
C GLY B 194 26.46 -13.98 44.18
N LEU B 195 26.43 -15.23 43.81
CA LEU B 195 27.09 -15.64 42.52
C LEU B 195 26.37 -15.00 41.34
N LYS B 196 27.09 -14.76 40.27
CA LYS B 196 26.45 -14.13 39.07
C LYS B 196 25.88 -15.21 38.14
N PRO B 197 24.57 -15.27 38.05
CA PRO B 197 23.92 -16.28 37.18
C PRO B 197 24.10 -15.90 35.70
N MET B 198 24.36 -14.65 35.43
CA MET B 198 24.55 -14.22 34.00
C MET B 198 25.68 -15.01 33.35
N GLY B 199 26.56 -15.58 34.13
CA GLY B 199 27.69 -16.36 33.56
C GLY B 199 27.15 -17.49 32.69
N TYR B 200 26.36 -18.36 33.26
CA TYR B 200 25.79 -19.49 32.46
C TYR B 200 24.52 -19.04 31.74
N SER B 201 23.84 -18.06 32.28
CA SER B 201 22.59 -17.57 31.62
C SER B 201 22.91 -16.88 30.30
N SER B 202 24.12 -16.42 30.13
CA SER B 202 24.49 -15.74 28.86
C SER B 202 24.23 -16.67 27.66
N ALA B 203 24.51 -17.93 27.81
CA ALA B 203 24.27 -18.89 26.69
C ALA B 203 22.80 -18.82 26.26
N MET B 204 21.93 -18.46 27.18
CA MET B 204 20.48 -18.38 26.82
C MET B 204 20.25 -17.19 25.88
N VAL B 205 20.75 -16.04 26.22
CA VAL B 205 20.57 -14.85 25.34
C VAL B 205 21.45 -15.00 24.09
N ALA B 206 22.57 -15.66 24.22
CA ALA B 206 23.47 -15.85 23.05
C ALA B 206 22.72 -16.59 21.94
N ALA B 207 21.97 -17.61 22.28
CA ALA B 207 21.21 -18.36 21.25
C ALA B 207 20.25 -17.42 20.54
N ALA B 208 19.77 -16.41 21.21
CA ALA B 208 18.83 -15.44 20.58
C ALA B 208 19.52 -14.74 19.41
N CYS B 209 20.82 -14.59 19.49
CA CYS B 209 21.56 -13.93 18.38
C CYS B 209 21.38 -14.73 17.09
N ALA B 210 21.32 -16.03 17.19
CA ALA B 210 21.14 -16.87 15.98
C ALA B 210 19.74 -16.68 15.40
N VAL B 211 18.72 -16.80 16.22
CA VAL B 211 17.33 -16.61 15.72
C VAL B 211 17.19 -15.23 15.06
N TRP B 212 17.81 -14.23 15.65
CA TRP B 212 17.73 -12.86 15.07
C TRP B 212 18.71 -12.74 13.90
N CYS B 213 19.91 -13.22 14.07
CA CYS B 213 20.89 -13.17 12.95
C CYS B 213 20.36 -13.99 11.77
N SER B 214 19.40 -14.85 12.03
CA SER B 214 18.81 -15.68 10.93
C SER B 214 18.53 -14.84 9.68
N VAL B 215 18.51 -13.53 9.81
CA VAL B 215 18.26 -12.64 8.62
C VAL B 215 19.08 -13.12 7.41
N LYS B 216 20.22 -13.71 7.64
CA LYS B 216 21.06 -14.20 6.51
C LYS B 216 21.32 -15.70 6.66
N LYS B 217 22.24 -16.23 5.91
CA LYS B 217 22.54 -17.69 6.00
C LYS B 217 24.06 -17.91 6.04
N ARG B 218 24.55 -18.50 7.10
CA ARG B 218 26.02 -18.75 7.20
C ARG B 218 26.33 -20.22 6.90
N LEU B 219 25.42 -20.92 6.27
CA LEU B 219 25.67 -22.36 5.96
C LEU B 219 26.76 -22.48 4.90
N LEU B 220 26.89 -21.50 4.04
CA LEU B 220 27.95 -21.57 2.98
C LEU B 220 29.30 -21.16 3.56
N GLU B 221 29.31 -20.29 4.54
CA GLU B 221 30.60 -19.85 5.14
C GLU B 221 30.93 -20.72 6.36
N LYS B 222 30.92 -22.02 6.20
CA LYS B 222 31.23 -22.91 7.34
C LYS B 222 32.71 -22.83 7.70
N MET C 1 3.48 1.70 10.87
CA MET C 1 3.44 0.32 10.33
C MET C 1 2.57 0.27 9.07
N LEU C 2 2.54 1.33 8.31
CA LEU C 2 1.70 1.35 7.07
C LEU C 2 0.26 0.93 7.39
N SER C 3 -0.40 1.66 8.25
CA SER C 3 -1.81 1.30 8.60
C SER C 3 -2.54 2.54 9.13
N LEU C 4 -2.61 3.57 8.34
CA LEU C 4 -3.32 4.81 8.78
C LEU C 4 -4.14 5.39 7.63
N ARG C 5 -3.51 5.73 6.54
CA ARG C 5 -4.25 6.30 5.38
C ARG C 5 -4.77 5.17 4.48
N GLN C 6 -5.74 5.48 3.64
CA GLN C 6 -6.28 4.43 2.73
C GLN C 6 -7.16 5.08 1.65
N SER C 7 -7.65 4.32 0.72
CA SER C 7 -8.51 4.89 -0.36
C SER C 7 -9.42 3.82 -0.94
N ILE C 8 -10.53 3.56 -0.30
CA ILE C 8 -11.48 2.52 -0.82
C ILE C 8 -12.04 2.95 -2.19
N ARG C 9 -11.62 2.29 -3.23
CA ARG C 9 -12.12 2.64 -4.59
C ARG C 9 -12.16 1.41 -5.49
N PHE C 10 -13.17 1.27 -6.29
CA PHE C 10 -13.27 0.08 -7.19
C PHE C 10 -14.37 0.29 -8.24
N PHE C 11 -14.12 -0.10 -9.45
CA PHE C 11 -15.15 0.07 -10.53
C PHE C 11 -15.30 -1.23 -11.32
N LYS C 12 -14.38 -1.52 -12.19
CA LYS C 12 -14.47 -2.77 -13.00
C LYS C 12 -13.07 -3.31 -13.30
N PRO C 13 -13.01 -4.59 -13.60
CA PRO C 13 -11.71 -5.23 -13.91
C PRO C 13 -11.21 -4.79 -15.28
N ALA C 14 -9.92 -4.69 -15.45
CA ALA C 14 -9.37 -4.27 -16.77
C ALA C 14 -8.30 -5.26 -17.24
N THR C 15 -7.70 -5.00 -18.38
CA THR C 15 -6.65 -5.92 -18.90
C THR C 15 -5.39 -5.13 -19.26
N ARG C 16 -4.54 -4.90 -18.30
CA ARG C 16 -3.28 -4.13 -18.58
C ARG C 16 -2.37 -4.95 -19.50
N THR C 17 -2.25 -4.56 -20.74
CA THR C 17 -1.37 -5.31 -21.68
C THR C 17 -0.85 -4.36 -22.77
N LEU C 18 -0.71 -3.10 -22.46
CA LEU C 18 -0.20 -2.14 -23.47
C LEU C 18 1.10 -1.50 -22.99
N CYS C 19 2.14 -1.57 -23.77
CA CYS C 19 3.44 -0.97 -23.34
C CYS C 19 4.13 -0.27 -24.54
N SER C 20 3.72 0.93 -24.85
CA SER C 20 4.33 1.67 -25.98
C SER C 20 4.33 3.17 -25.72
N SER C 21 5.17 3.63 -24.83
CA SER C 21 5.23 5.08 -24.52
C SER C 21 6.01 5.82 -25.61
N ARG C 22 5.35 6.65 -26.38
CA ARG C 22 6.08 7.40 -27.45
C ARG C 22 5.57 8.84 -27.51
N TYR C 23 4.30 9.03 -27.74
CA TYR C 23 3.76 10.42 -27.82
C TYR C 23 3.42 10.95 -26.41
N LEU C 24 3.83 12.14 -26.11
CA LEU C 24 3.54 12.71 -24.75
C LEU C 24 2.35 13.69 -24.84
N LEU C 25 1.69 13.91 -23.74
CA LEU C 25 0.53 14.85 -23.75
C LEU C 25 1.01 16.30 -23.69
#